data_6BNV
#
_entry.id   6BNV
#
loop_
_entity.id
_entity.type
_entity.pdbx_description
1 polymer 'Unconventional myosin-VI'
2 polymer 'Actin, alpha skeletal muscle'
3 polymer Calmodulin
#
loop_
_entity_poly.entity_id
_entity_poly.type
_entity_poly.pdbx_seq_one_letter_code
_entity_poly.pdbx_strand_id
1 'polypeptide(L)'
;EDGKPVWAPHPTDGFQVGNIVDIGPDSLTIEPLNQKGKTFLALINQVFPAEEDSKKDVEDNCSLMYLNEATLLHNIKVRY
SKDRIYTYVANILIAVNPYFDIPKIYSSETIKSYQGKSLGTMPPHVFAIADKAFRDMKVLKLSQSIIVSGESGAGKTENT
KFVLRYLTESYGTGQDIDDRIVEANPLLEAFGNAKTVRNNNSSRFGKFVEIHFNEKSSVVGGFVSHYLLEKSRICVQGKE
ERNYHIFYRLCAGASEDIRERLHLSSPDNFRYLNRGCTRYFANKETDKQILQNRKSPEYLKAGSLKDPLLDDHGDFIRMC
TAMKKIGLDDEEKLDLFRVVAGVLHLGNIDFEEAGSTSGGCNLKNKSTQALEYCAELLGLDQDDLRVSLTTRVMLTTAGG
AKGTVIKVPLKVEQANNARDALAKTVYSHLFDHVVNRVNQCFPFETSSYFIGVLDIAGFEYFEHNSFEQFCINYCNEKLQ
QFFNERILKEEQELYQKEGLGVNEVHYVDNQDCIDLIEARLVGILDILDEENRLPQPSDQHFTSAVHQKHKDHFRLSIPR
KSKLAIHRNIRDDEGFIIRHFAGAVCYETTQFVEKNNDALHMSLESLICESRDKFIRELFESSTNNNKDTKQKAGKLSFI
SVGNKFKTQLNLLLDKLRSTGASFIRCIKPNLKMTSHHFEGAQILSQLQCSGMVSVLDLMQGGFPSRASFHELYNMYKKY
MPDKLARLDPRLFCKALFKALGLNEIDYKFGLTKVFFRPGKFAEFDQIMKSDPDHLAELVKRVNHWLICSRWKKVQWCSL
SVIKLKNKIKYRAEAC
;
I,J,K,L,M,N
2 'polypeptide(L)'
;MCDEDETTALVCDNGSGLVKAGFAGDDAPRAVFPSIVGRPRHQGVMVGMGQKDSYVGDEAQSKRGILTLKYPIEHGIITN
WDDMEKIWHHTFYNELRVAPEEHPTLLTEAPLNPKANREKMTQIMFETFNVPAMYVAIQAVLSLYASGRTTGIVLDSGDG
VTHNVPIYEGYALPHAIMRLDLAGRDLTDYLMKILTERGYSFVTTAEREIVRDIKEKLCYVALDFENEMATAASSSSLEK
SYELPDGQVITIGNERFRCPETLFQPSFIGMESAGIHETTYNSIMKCDIDIRKDLYANNVMSGGTTMYPGIADRMQKEIT
ALAPSTMKIKIIAPPERKYSVWIGGSILASLSTFQQMWITKQEYDEAGPSIVH
;
A,B,C,D,E,F,G,H
3 'polypeptide(L)'
;QLTEEQIAEFKEAFSLFDKDGDGTITTKELGTVMRSLGQNPTEAELQDMINEVDADGNGTIDFPEFLTMMARKMKDTDSE
EEIREAFRVFDKDGNGYISAAELRHVMTNLGEKLTDEEVDEMIREADIDGDGQVNYEEFVQMMTA
;
O,P,Q,R,S,T
#
# COMPACT_ATOMS: atom_id res chain seq x y z
N GLU A 1 -75.12 -98.50 20.28
CA GLU A 1 -75.64 -99.58 20.86
C GLU A 1 -75.52 -100.72 20.12
N ASP A 2 -75.60 -101.82 20.72
CA ASP A 2 -75.45 -102.99 20.13
C ASP A 2 -76.47 -103.28 19.23
N GLY A 3 -76.09 -103.73 18.13
CA GLY A 3 -76.93 -104.07 17.15
C GLY A 3 -77.40 -103.00 16.34
N LYS A 4 -77.11 -101.91 16.55
CA LYS A 4 -77.50 -100.79 15.82
C LYS A 4 -76.58 -100.43 14.69
N PRO A 5 -77.01 -100.06 13.52
CA PRO A 5 -76.18 -99.71 12.41
C PRO A 5 -75.33 -98.48 12.60
N VAL A 6 -74.09 -98.53 12.13
CA VAL A 6 -73.20 -97.40 12.09
C VAL A 6 -72.80 -97.20 10.64
N TRP A 7 -72.21 -96.05 10.32
CA TRP A 7 -71.65 -95.82 9.00
C TRP A 7 -70.24 -96.36 8.95
N ALA A 8 -69.86 -96.98 7.82
CA ALA A 8 -68.57 -97.58 7.63
C ALA A 8 -67.82 -96.90 6.47
N PRO A 9 -66.54 -96.57 6.60
CA PRO A 9 -65.71 -96.00 5.53
C PRO A 9 -65.53 -96.87 4.29
N HIS A 10 -66.28 -96.66 3.19
CA HIS A 10 -66.10 -97.45 1.99
C HIS A 10 -65.44 -96.58 0.93
N PRO A 11 -64.30 -96.91 0.34
CA PRO A 11 -63.61 -96.04 -0.58
C PRO A 11 -64.37 -95.50 -1.76
N THR A 12 -65.25 -96.27 -2.39
CA THR A 12 -65.96 -95.85 -3.59
C THR A 12 -67.19 -95.04 -3.31
N ASP A 13 -67.75 -95.06 -2.12
CA ASP A 13 -68.99 -94.41 -1.77
C ASP A 13 -68.85 -93.45 -0.61
N GLY A 14 -67.67 -93.38 0.02
CA GLY A 14 -67.43 -92.56 1.20
C GLY A 14 -67.83 -93.30 2.44
N PHE A 15 -69.14 -93.45 2.66
CA PHE A 15 -69.67 -94.19 3.78
C PHE A 15 -70.75 -95.16 3.30
N GLN A 16 -70.82 -96.37 3.88
CA GLN A 16 -71.89 -97.31 3.64
C GLN A 16 -72.38 -97.86 4.97
N VAL A 17 -73.49 -98.61 4.99
CA VAL A 17 -74.01 -99.28 6.18
C VAL A 17 -73.12 -100.40 6.71
N GLY A 18 -73.17 -100.69 8.02
CA GLY A 18 -72.31 -101.70 8.61
C GLY A 18 -72.50 -101.87 10.09
N ASN A 19 -71.98 -102.97 10.64
CA ASN A 19 -72.14 -103.35 12.02
C ASN A 19 -70.79 -103.68 12.62
N ILE A 20 -70.71 -103.71 13.95
CA ILE A 20 -69.49 -103.93 14.71
C ILE A 20 -69.59 -105.28 15.36
N VAL A 21 -68.67 -106.20 15.01
CA VAL A 21 -68.72 -107.57 15.48
C VAL A 21 -67.53 -107.92 16.36
N ASP A 22 -66.57 -107.00 16.51
CA ASP A 22 -65.47 -107.15 17.43
C ASP A 22 -64.88 -105.75 17.60
N ILE A 23 -64.05 -105.55 18.63
CA ILE A 23 -63.52 -104.24 18.95
C ILE A 23 -62.23 -104.37 19.73
N GLY A 24 -61.37 -103.35 19.67
CA GLY A 24 -60.13 -103.28 20.38
C GLY A 24 -59.96 -101.89 20.96
N PRO A 25 -58.85 -101.56 21.53
CA PRO A 25 -58.60 -100.25 22.07
C PRO A 25 -58.68 -99.08 21.16
N ASP A 26 -58.23 -99.19 19.93
CA ASP A 26 -58.24 -98.12 19.00
C ASP A 26 -59.03 -98.46 17.74
N SER A 27 -59.36 -99.69 17.50
CA SER A 27 -60.01 -100.13 16.28
C SER A 27 -61.30 -100.88 16.50
N LEU A 28 -62.17 -100.84 15.47
CA LEU A 28 -63.44 -101.51 15.42
C LEU A 28 -63.42 -102.43 14.22
N THR A 29 -63.80 -103.71 14.43
CA THR A 29 -63.89 -104.71 13.38
C THR A 29 -65.24 -104.61 12.69
N ILE A 30 -65.31 -103.84 11.59
CA ILE A 30 -66.55 -103.51 10.89
C ILE A 30 -66.96 -104.55 9.86
N GLU A 31 -68.15 -105.16 10.03
CA GLU A 31 -68.74 -106.04 9.05
C GLU A 31 -69.77 -105.28 8.23
N PRO A 32 -69.66 -105.07 6.92
CA PRO A 32 -70.70 -104.39 6.13
C PRO A 32 -72.03 -105.10 6.13
N LEU A 33 -73.14 -104.37 5.94
CA LEU A 33 -74.47 -104.91 5.93
C LEU A 33 -74.79 -105.58 4.61
N ASN A 34 -74.42 -104.95 3.51
CA ASN A 34 -74.65 -105.46 2.20
C ASN A 34 -73.59 -106.43 1.71
N GLN A 35 -72.37 -106.34 2.18
CA GLN A 35 -71.27 -107.20 1.82
C GLN A 35 -70.77 -107.97 3.02
N LYS A 36 -71.47 -108.90 3.47
CA LYS A 36 -71.11 -109.74 4.59
C LYS A 36 -69.92 -110.61 4.27
N GLY A 37 -68.99 -110.76 5.23
CA GLY A 37 -67.78 -111.51 5.06
C GLY A 37 -66.63 -110.71 4.57
N LYS A 38 -66.84 -109.45 4.24
CA LYS A 38 -65.80 -108.57 3.82
C LYS A 38 -65.05 -107.99 4.98
N THR A 39 -65.56 -107.99 6.15
CA THR A 39 -65.10 -107.60 7.48
C THR A 39 -63.76 -106.90 7.60
N PHE A 40 -63.74 -105.55 7.53
CA PHE A 40 -62.51 -104.78 7.62
C PHE A 40 -62.29 -104.16 8.99
N LEU A 41 -61.25 -103.32 9.12
CA LEU A 41 -60.89 -102.64 10.35
C LEU A 41 -61.04 -101.14 10.15
N ALA A 42 -61.46 -100.41 11.18
CA ALA A 42 -61.62 -98.98 11.12
C ALA A 42 -61.37 -98.38 12.48
N LEU A 43 -60.89 -97.13 12.54
CA LEU A 43 -60.55 -96.47 13.79
C LEU A 43 -61.72 -95.76 14.43
N ILE A 44 -61.60 -95.42 15.73
CA ILE A 44 -62.60 -94.78 16.56
C ILE A 44 -63.17 -93.49 16.01
N ASN A 45 -62.36 -92.72 15.29
CA ASN A 45 -62.73 -91.46 14.70
C ASN A 45 -63.22 -91.60 13.28
N GLN A 46 -63.28 -92.80 12.73
CA GLN A 46 -63.70 -93.03 11.36
C GLN A 46 -65.10 -93.60 11.25
N VAL A 47 -65.76 -93.88 12.37
CA VAL A 47 -67.10 -94.46 12.41
C VAL A 47 -68.09 -93.44 12.93
N PHE A 48 -69.36 -93.53 12.50
CA PHE A 48 -70.38 -92.57 12.90
C PHE A 48 -71.71 -93.29 13.11
N PRO A 49 -72.54 -92.93 14.08
CA PRO A 49 -73.84 -93.56 14.28
C PRO A 49 -74.83 -93.22 13.17
N ALA A 50 -75.63 -94.20 12.74
CA ALA A 50 -76.60 -94.04 11.69
C ALA A 50 -78.01 -94.10 12.26
N GLU A 51 -78.97 -93.48 11.57
CA GLU A 51 -80.37 -93.49 11.96
C GLU A 51 -81.08 -94.78 11.59
N GLU A 52 -82.17 -95.11 12.31
CA GLU A 52 -82.95 -96.30 12.08
C GLU A 52 -83.65 -96.30 10.74
N ASP A 53 -84.27 -95.18 10.34
CA ASP A 53 -84.89 -95.04 9.06
C ASP A 53 -83.96 -94.26 8.15
N SER A 54 -83.29 -94.93 7.24
CA SER A 54 -82.35 -94.33 6.34
C SER A 54 -82.94 -94.07 4.99
N LYS A 55 -84.13 -94.54 4.73
CA LYS A 55 -84.81 -94.34 3.48
C LYS A 55 -85.50 -93.03 3.38
N LYS A 56 -85.57 -92.20 4.23
CA LYS A 56 -86.18 -90.90 4.28
C LYS A 56 -85.17 -89.80 4.18
N ASP A 57 -85.51 -88.66 3.60
CA ASP A 57 -84.67 -87.50 3.49
C ASP A 57 -85.29 -86.36 4.28
N VAL A 58 -84.50 -85.34 4.61
CA VAL A 58 -84.97 -84.19 5.36
C VAL A 58 -84.56 -82.92 4.66
N GLU A 59 -85.48 -81.94 4.59
CA GLU A 59 -85.25 -80.63 3.99
C GLU A 59 -84.34 -79.81 4.86
N ASP A 60 -84.60 -79.91 6.18
CA ASP A 60 -83.89 -79.27 7.25
C ASP A 60 -83.07 -80.35 7.95
N ASN A 61 -81.76 -80.14 8.07
CA ASN A 61 -80.87 -81.14 8.61
C ASN A 61 -80.82 -81.17 10.12
N CYS A 62 -81.49 -80.24 10.80
CA CYS A 62 -81.58 -80.26 12.26
C CYS A 62 -82.65 -81.22 12.73
N SER A 63 -83.42 -81.81 11.80
CA SER A 63 -84.43 -82.80 12.10
C SER A 63 -83.88 -84.21 12.12
N LEU A 64 -82.57 -84.39 11.98
CA LEU A 64 -81.91 -85.69 12.07
C LEU A 64 -81.66 -86.07 13.52
N MET A 65 -81.73 -87.37 13.84
CA MET A 65 -81.47 -87.87 15.18
C MET A 65 -79.97 -87.95 15.44
N TYR A 66 -79.19 -88.16 14.38
CA TYR A 66 -77.75 -88.15 14.41
C TYR A 66 -77.28 -87.19 13.34
N LEU A 67 -76.69 -86.04 13.74
CA LEU A 67 -76.20 -85.05 12.80
C LEU A 67 -74.70 -85.17 12.71
N ASN A 68 -74.21 -85.65 11.57
CA ASN A 68 -72.80 -85.85 11.32
C ASN A 68 -72.62 -85.77 9.83
N GLU A 69 -71.41 -86.03 9.33
CA GLU A 69 -71.12 -85.82 7.93
C GLU A 69 -71.47 -87.04 7.12
N ALA A 70 -71.56 -88.22 7.76
CA ALA A 70 -72.05 -89.40 7.12
C ALA A 70 -73.56 -89.38 6.93
N THR A 71 -74.34 -88.78 7.87
CA THR A 71 -75.78 -88.68 7.65
C THR A 71 -76.13 -87.49 6.79
N LEU A 72 -75.24 -86.50 6.68
CA LEU A 72 -75.42 -85.42 5.73
C LEU A 72 -75.13 -85.89 4.31
N LEU A 73 -74.14 -86.78 4.13
CA LEU A 73 -73.80 -87.33 2.83
C LEU A 73 -74.90 -88.24 2.31
N HIS A 74 -75.56 -88.99 3.21
CA HIS A 74 -76.68 -89.82 2.83
C HIS A 74 -77.92 -89.00 2.57
N ASN A 75 -78.08 -87.83 3.21
CA ASN A 75 -79.22 -86.97 2.95
C ASN A 75 -79.12 -86.34 1.57
N ILE A 76 -77.91 -86.00 1.09
CA ILE A 76 -77.76 -85.43 -0.24
C ILE A 76 -77.52 -86.48 -1.31
N LYS A 77 -77.62 -87.77 -0.94
CA LYS A 77 -77.55 -88.86 -1.89
C LYS A 77 -78.97 -89.24 -2.27
N VAL A 78 -79.88 -89.28 -1.28
CA VAL A 78 -81.30 -89.54 -1.48
C VAL A 78 -81.95 -88.37 -2.18
N ARG A 79 -81.60 -87.12 -1.82
CA ARG A 79 -82.16 -85.96 -2.46
C ARG A 79 -81.70 -85.76 -3.90
N TYR A 80 -80.53 -86.32 -4.28
CA TYR A 80 -80.04 -86.24 -5.64
C TYR A 80 -80.88 -87.06 -6.62
N SER A 81 -81.48 -88.19 -6.18
CA SER A 81 -82.33 -88.97 -7.07
C SER A 81 -83.79 -88.59 -6.96
N LYS A 82 -84.11 -87.58 -6.14
CA LYS A 82 -85.43 -86.98 -6.07
C LYS A 82 -85.40 -85.61 -6.71
N ASP A 83 -84.25 -85.24 -7.30
CA ASP A 83 -83.99 -83.98 -7.95
C ASP A 83 -84.18 -82.77 -7.02
N ARG A 84 -83.83 -82.91 -5.75
CA ARG A 84 -83.91 -81.84 -4.77
C ARG A 84 -82.52 -81.32 -4.49
N ILE A 85 -82.08 -80.36 -5.26
CA ILE A 85 -80.72 -79.86 -5.30
C ILE A 85 -80.37 -78.83 -4.25
N TYR A 86 -81.36 -78.28 -3.51
CA TYR A 86 -81.12 -77.32 -2.45
C TYR A 86 -81.42 -77.95 -1.11
N THR A 87 -80.55 -77.72 -0.10
CA THR A 87 -80.64 -78.35 1.22
C THR A 87 -80.36 -77.36 2.35
N TYR A 88 -81.30 -77.17 3.30
CA TYR A 88 -81.22 -76.20 4.38
C TYR A 88 -80.44 -76.68 5.60
N VAL A 89 -79.24 -76.14 5.86
CA VAL A 89 -78.54 -76.38 7.11
C VAL A 89 -78.44 -75.06 7.83
N ALA A 90 -79.39 -74.75 8.72
CA ALA A 90 -79.45 -73.50 9.45
C ALA A 90 -79.40 -72.22 8.63
N ASN A 91 -78.28 -71.54 8.57
CA ASN A 91 -78.04 -70.33 7.84
C ASN A 91 -77.10 -70.61 6.66
N ILE A 92 -76.92 -71.89 6.31
CA ILE A 92 -76.06 -72.37 5.26
C ILE A 92 -76.88 -73.08 4.22
N LEU A 93 -76.74 -72.70 2.94
CA LEU A 93 -77.43 -73.35 1.86
C LEU A 93 -76.43 -74.20 1.10
N ILE A 94 -76.77 -75.49 0.95
CA ILE A 94 -75.99 -76.48 0.23
C ILE A 94 -76.71 -76.72 -1.08
N ALA A 95 -76.10 -76.29 -2.19
CA ALA A 95 -76.65 -76.41 -3.51
C ALA A 95 -75.78 -77.34 -4.33
N VAL A 96 -76.37 -78.33 -5.01
CA VAL A 96 -75.67 -79.34 -5.78
C VAL A 96 -76.01 -79.20 -7.25
N ASN A 97 -75.04 -78.97 -8.15
CA ASN A 97 -75.32 -78.75 -9.56
C ASN A 97 -75.80 -79.99 -10.29
N PRO A 98 -76.93 -80.05 -10.96
CA PRO A 98 -77.36 -81.24 -11.61
C PRO A 98 -76.93 -81.31 -13.04
N TYR A 99 -76.45 -80.22 -13.62
CA TYR A 99 -76.05 -80.09 -15.00
C TYR A 99 -77.20 -80.29 -15.97
N PHE A 100 -78.41 -79.93 -15.56
CA PHE A 100 -79.58 -80.04 -16.34
C PHE A 100 -80.59 -79.04 -15.82
N ASP A 101 -81.46 -78.51 -16.65
CA ASP A 101 -82.44 -77.53 -16.26
C ASP A 101 -83.68 -78.18 -15.70
N ILE A 102 -83.95 -78.10 -14.44
CA ILE A 102 -85.09 -78.64 -13.74
C ILE A 102 -86.35 -77.84 -14.06
N PRO A 103 -87.49 -78.42 -14.38
CA PRO A 103 -88.69 -77.67 -14.71
C PRO A 103 -89.25 -76.84 -13.58
N LYS A 104 -89.85 -75.68 -13.90
CA LYS A 104 -90.59 -74.78 -13.06
C LYS A 104 -89.87 -74.10 -11.93
N ILE A 105 -88.66 -74.47 -11.62
CA ILE A 105 -87.94 -73.86 -10.57
C ILE A 105 -87.44 -72.48 -10.82
N TYR A 106 -87.25 -72.09 -12.03
CA TYR A 106 -86.80 -70.76 -12.34
C TYR A 106 -87.90 -69.87 -12.80
N SER A 107 -89.12 -70.37 -12.77
CA SER A 107 -90.33 -69.69 -13.16
C SER A 107 -90.65 -68.43 -12.37
N SER A 108 -91.24 -67.43 -13.03
CA SER A 108 -91.63 -66.17 -12.40
C SER A 108 -92.82 -66.34 -11.48
N GLU A 109 -93.62 -67.40 -11.69
CA GLU A 109 -94.69 -67.73 -10.77
C GLU A 109 -94.14 -68.30 -9.49
N THR A 110 -93.04 -69.05 -9.58
CA THR A 110 -92.30 -69.60 -8.46
C THR A 110 -91.64 -68.52 -7.65
N ILE A 111 -91.11 -67.50 -8.33
CA ILE A 111 -90.49 -66.34 -7.71
C ILE A 111 -91.48 -65.54 -6.87
N LYS A 112 -92.71 -65.34 -7.36
CA LYS A 112 -93.70 -64.59 -6.61
C LYS A 112 -94.42 -65.47 -5.61
N SER A 113 -94.14 -66.78 -5.60
CA SER A 113 -94.67 -67.68 -4.59
C SER A 113 -93.85 -67.58 -3.32
N TYR A 114 -92.52 -67.56 -3.45
CA TYR A 114 -91.61 -67.41 -2.34
C TYR A 114 -91.70 -66.06 -1.66
N GLN A 115 -91.90 -64.99 -2.43
CA GLN A 115 -91.98 -63.62 -1.98
C GLN A 115 -92.76 -63.37 -0.69
N GLY A 116 -92.06 -62.96 0.37
CA GLY A 116 -92.63 -62.60 1.65
C GLY A 116 -93.02 -63.71 2.56
N LYS A 117 -92.79 -64.98 2.18
CA LYS A 117 -93.16 -66.11 3.00
C LYS A 117 -92.19 -66.41 4.09
N SER A 118 -92.46 -66.74 5.11
CA SER A 118 -91.66 -67.04 6.27
C SER A 118 -90.49 -67.96 6.03
N LEU A 119 -89.71 -68.16 6.63
CA LEU A 119 -88.54 -68.95 6.46
C LEU A 119 -88.67 -70.31 7.00
N GLY A 120 -88.28 -71.33 6.24
CA GLY A 120 -88.33 -72.68 6.63
C GLY A 120 -89.61 -73.34 6.35
N THR A 121 -90.65 -72.62 6.10
CA THR A 121 -91.93 -73.14 5.76
C THR A 121 -92.08 -73.37 4.30
N MET A 122 -91.33 -72.87 3.47
CA MET A 122 -91.27 -73.07 2.06
C MET A 122 -90.10 -73.97 1.73
N PRO A 123 -90.16 -74.84 0.72
CA PRO A 123 -89.06 -75.70 0.32
C PRO A 123 -87.74 -75.00 0.09
N PRO A 124 -86.57 -75.57 0.32
CA PRO A 124 -85.31 -74.91 0.08
C PRO A 124 -85.08 -74.55 -1.36
N HIS A 125 -84.70 -73.29 -1.64
CA HIS A 125 -84.43 -72.82 -2.96
C HIS A 125 -83.55 -71.62 -2.80
N VAL A 126 -82.93 -71.14 -3.88
CA VAL A 126 -82.00 -70.02 -3.80
C VAL A 126 -82.76 -68.70 -3.71
N PHE A 127 -84.03 -68.71 -4.10
CA PHE A 127 -84.90 -67.56 -3.95
C PHE A 127 -85.38 -67.40 -2.53
N ALA A 128 -85.20 -68.40 -1.65
CA ALA A 128 -85.59 -68.25 -0.26
C ALA A 128 -84.50 -67.61 0.56
N ILE A 129 -83.31 -67.47 -0.03
CA ILE A 129 -82.19 -66.81 0.59
C ILE A 129 -82.22 -65.36 0.19
N ALA A 130 -82.49 -65.09 -1.10
CA ALA A 130 -82.58 -63.74 -1.61
C ALA A 130 -83.75 -62.95 -1.03
N ASP A 131 -84.88 -63.62 -0.74
CA ASP A 131 -86.00 -62.95 -0.12
C ASP A 131 -85.74 -62.67 1.36
N LYS A 132 -84.99 -63.56 2.04
CA LYS A 132 -84.59 -63.35 3.42
C LYS A 132 -83.60 -62.22 3.53
N ALA A 133 -82.68 -62.08 2.57
CA ALA A 133 -81.68 -61.04 2.62
C ALA A 133 -82.24 -59.65 2.35
N PHE A 134 -83.38 -59.53 1.64
CA PHE A 134 -84.03 -58.24 1.52
C PHE A 134 -84.75 -57.88 2.82
N ARG A 135 -85.33 -58.87 3.50
CA ARG A 135 -86.02 -58.63 4.74
C ARG A 135 -85.08 -58.42 5.91
N ASP A 136 -83.90 -59.03 5.90
CA ASP A 136 -82.88 -58.75 6.88
C ASP A 136 -81.91 -57.71 6.33
N MET A 137 -82.47 -56.71 5.67
CA MET A 137 -81.80 -55.51 5.23
C MET A 137 -82.65 -54.38 5.74
N LYS A 138 -83.86 -54.23 5.17
CA LYS A 138 -84.79 -53.17 5.55
C LYS A 138 -85.24 -53.19 7.01
N VAL A 139 -85.56 -54.37 7.58
CA VAL A 139 -85.93 -54.50 8.98
C VAL A 139 -84.76 -54.26 9.90
N LEU A 140 -83.60 -54.84 9.56
CA LEU A 140 -82.38 -54.78 10.33
C LEU A 140 -81.68 -53.45 10.31
N LYS A 141 -81.82 -52.67 9.22
CA LYS A 141 -81.19 -51.40 8.97
C LYS A 141 -79.69 -51.56 8.78
N LEU A 142 -79.31 -52.59 8.00
CA LEU A 142 -77.94 -52.93 7.77
C LEU A 142 -77.83 -53.56 6.40
N SER A 143 -76.68 -53.46 5.74
CA SER A 143 -76.45 -54.03 4.42
C SER A 143 -76.12 -55.51 4.46
N GLN A 144 -76.31 -56.22 3.33
CA GLN A 144 -76.21 -57.67 3.27
C GLN A 144 -75.17 -58.18 2.29
N SER A 145 -74.77 -59.45 2.45
CA SER A 145 -73.79 -60.07 1.59
C SER A 145 -74.08 -61.54 1.41
N ILE A 146 -73.98 -62.02 0.15
CA ILE A 146 -74.19 -63.39 -0.23
C ILE A 146 -72.82 -63.93 -0.54
N ILE A 147 -72.39 -65.01 0.14
CA ILE A 147 -71.04 -65.52 0.00
C ILE A 147 -71.09 -66.83 -0.74
N VAL A 148 -70.44 -66.92 -1.91
CA VAL A 148 -70.47 -68.09 -2.77
C VAL A 148 -69.07 -68.69 -2.90
N SER A 149 -68.91 -69.95 -2.46
CA SER A 149 -67.65 -70.67 -2.50
C SER A 149 -67.68 -71.79 -3.52
N GLY A 150 -66.90 -72.87 -3.28
CA GLY A 150 -66.79 -74.02 -4.17
C GLY A 150 -65.77 -73.90 -5.26
N GLU A 151 -65.51 -75.04 -5.90
CA GLU A 151 -64.58 -75.18 -6.99
C GLU A 151 -65.28 -74.99 -8.31
N SER A 152 -64.54 -74.85 -9.42
CA SER A 152 -65.12 -74.65 -10.73
C SER A 152 -66.00 -75.78 -11.18
N GLY A 153 -67.14 -75.45 -11.80
CA GLY A 153 -68.12 -76.43 -12.24
C GLY A 153 -69.09 -76.86 -11.19
N ALA A 154 -69.07 -76.23 -10.01
CA ALA A 154 -69.96 -76.56 -8.93
C ALA A 154 -71.25 -75.76 -8.95
N GLY A 155 -71.44 -74.86 -9.93
CA GLY A 155 -72.67 -74.08 -10.09
C GLY A 155 -72.63 -72.73 -9.47
N LYS A 156 -71.43 -72.21 -9.16
CA LYS A 156 -71.28 -70.93 -8.49
C LYS A 156 -71.54 -69.75 -9.40
N THR A 157 -71.38 -69.94 -10.71
CA THR A 157 -71.76 -68.95 -11.70
C THR A 157 -73.26 -68.88 -11.85
N GLU A 158 -73.92 -70.04 -11.96
CA GLU A 158 -75.35 -70.12 -12.12
C GLU A 158 -76.13 -69.68 -10.90
N ASN A 159 -75.64 -69.97 -9.68
CA ASN A 159 -76.30 -69.51 -8.46
C ASN A 159 -76.23 -68.01 -8.30
N THR A 160 -75.17 -67.37 -8.81
CA THR A 160 -75.02 -65.92 -8.77
C THR A 160 -76.05 -65.25 -9.65
N LYS A 161 -76.33 -65.82 -10.84
CA LYS A 161 -77.30 -65.25 -11.75
C LYS A 161 -78.73 -65.34 -11.26
N PHE A 162 -79.08 -66.36 -10.45
CA PHE A 162 -80.40 -66.47 -9.86
C PHE A 162 -80.64 -65.46 -8.75
N VAL A 163 -79.57 -65.03 -8.07
CA VAL A 163 -79.68 -63.98 -7.06
C VAL A 163 -79.98 -62.65 -7.72
N LEU A 164 -79.25 -62.31 -8.80
CA LEU A 164 -79.48 -61.04 -9.46
C LEU A 164 -80.80 -61.00 -10.24
N ARG A 165 -81.32 -62.18 -10.63
CA ARG A 165 -82.62 -62.31 -11.24
C ARG A 165 -83.73 -62.04 -10.24
N TYR A 166 -83.60 -62.53 -8.99
CA TYR A 166 -84.62 -62.34 -8.00
C TYR A 166 -84.73 -60.89 -7.52
N LEU A 167 -83.62 -60.15 -7.52
CA LEU A 167 -83.67 -58.78 -7.06
C LEU A 167 -84.23 -57.81 -8.10
N THR A 168 -84.18 -58.14 -9.40
CA THR A 168 -84.74 -57.28 -10.45
C THR A 168 -86.04 -57.82 -10.97
N GLU A 169 -86.71 -58.67 -10.17
CA GLU A 169 -88.02 -59.20 -10.50
C GLU A 169 -88.91 -59.07 -9.30
N SER A 170 -88.51 -59.61 -8.13
CA SER A 170 -89.35 -59.59 -6.94
C SER A 170 -89.46 -58.24 -6.30
N TYR A 171 -88.37 -57.47 -6.22
CA TYR A 171 -88.41 -56.17 -5.58
C TYR A 171 -88.04 -55.02 -6.50
N GLY A 172 -87.09 -55.19 -7.43
CA GLY A 172 -86.75 -54.14 -8.39
C GLY A 172 -87.70 -54.02 -9.51
N THR A 173 -88.32 -52.96 -9.71
CA THR A 173 -89.23 -52.66 -10.78
C THR A 173 -88.70 -52.34 -11.97
N GLY A 174 -87.81 -52.13 -12.49
CA GLY A 174 -87.21 -51.84 -13.62
C GLY A 174 -85.77 -51.87 -13.61
N GLN A 175 -84.96 -51.72 -13.79
CA GLN A 175 -83.54 -51.65 -13.86
C GLN A 175 -82.92 -52.88 -14.43
N ASP A 176 -82.50 -52.86 -15.68
CA ASP A 176 -81.90 -53.93 -16.40
C ASP A 176 -80.40 -54.03 -16.22
N ILE A 177 -79.97 -54.20 -14.97
CA ILE A 177 -78.58 -54.31 -14.61
C ILE A 177 -78.14 -55.75 -14.50
N ASP A 178 -79.08 -56.67 -14.23
CA ASP A 178 -78.88 -58.08 -14.04
C ASP A 178 -78.03 -58.80 -15.07
N ASP A 179 -78.27 -58.57 -16.36
CA ASP A 179 -77.54 -59.24 -17.40
C ASP A 179 -76.41 -58.42 -17.96
N ARG A 180 -76.07 -57.25 -17.39
CA ARG A 180 -74.89 -56.55 -17.89
C ARG A 180 -73.62 -57.17 -17.35
N ILE A 181 -73.71 -57.90 -16.22
CA ILE A 181 -72.64 -58.71 -15.69
C ILE A 181 -72.45 -59.94 -16.54
N VAL A 182 -73.57 -60.60 -16.89
CA VAL A 182 -73.60 -61.79 -17.71
C VAL A 182 -73.11 -61.53 -19.12
N GLU A 183 -73.49 -60.40 -19.74
CA GLU A 183 -73.05 -60.03 -21.07
C GLU A 183 -71.58 -59.71 -21.14
N ALA A 184 -70.95 -59.18 -20.07
CA ALA A 184 -69.52 -58.93 -20.09
C ALA A 184 -68.73 -59.94 -19.25
N ASN A 185 -69.28 -61.15 -19.11
CA ASN A 185 -68.60 -62.29 -18.54
C ASN A 185 -67.39 -62.74 -19.38
N PRO A 186 -67.37 -62.76 -20.72
CA PRO A 186 -66.17 -63.18 -21.44
C PRO A 186 -64.98 -62.26 -21.27
N LEU A 187 -65.17 -60.99 -20.86
CA LEU A 187 -64.06 -60.12 -20.56
C LEU A 187 -63.33 -60.60 -19.31
N LEU A 188 -64.07 -61.08 -18.30
CA LEU A 188 -63.45 -61.56 -17.09
C LEU A 188 -62.99 -63.00 -17.21
N GLU A 189 -63.46 -63.72 -18.25
CA GLU A 189 -62.99 -65.05 -18.58
C GLU A 189 -61.64 -65.00 -19.27
N ALA A 190 -61.26 -63.82 -19.79
CA ALA A 190 -59.99 -63.61 -20.43
C ALA A 190 -59.00 -62.99 -19.46
N PHE A 191 -59.34 -61.83 -18.88
CA PHE A 191 -58.47 -61.11 -17.97
C PHE A 191 -58.23 -61.75 -16.61
N GLY A 192 -59.27 -62.30 -15.95
CA GLY A 192 -59.17 -62.82 -14.59
C GLY A 192 -59.10 -64.32 -14.47
N ASN A 193 -59.90 -65.05 -15.23
CA ASN A 193 -59.90 -66.51 -15.25
C ASN A 193 -58.65 -67.13 -15.88
N ALA A 194 -58.01 -68.12 -15.21
CA ALA A 194 -56.87 -68.81 -15.77
C ALA A 194 -57.10 -70.32 -15.78
N LYS A 195 -56.01 -71.13 -15.91
CA LYS A 195 -56.06 -72.58 -15.89
C LYS A 195 -55.17 -73.09 -14.78
N THR A 196 -55.70 -73.95 -13.90
CA THR A 196 -54.94 -74.54 -12.79
C THR A 196 -54.92 -76.04 -12.97
N VAL A 197 -54.14 -76.78 -12.18
CA VAL A 197 -53.98 -78.22 -12.34
C VAL A 197 -55.27 -79.00 -12.25
N ARG A 198 -56.18 -78.63 -11.34
CA ARG A 198 -57.45 -79.32 -11.18
C ARG A 198 -58.65 -78.59 -11.76
N ASN A 199 -58.47 -77.42 -12.41
CA ASN A 199 -59.59 -76.68 -12.97
C ASN A 199 -59.19 -76.06 -14.28
N ASN A 200 -60.04 -76.16 -15.32
CA ASN A 200 -59.73 -75.59 -16.61
C ASN A 200 -60.09 -74.12 -16.70
N ASN A 201 -61.15 -73.70 -16.00
CA ASN A 201 -61.59 -72.33 -15.97
C ASN A 201 -61.78 -71.95 -14.51
N SER A 202 -60.78 -71.31 -13.87
CA SER A 202 -60.86 -70.95 -12.47
C SER A 202 -60.75 -69.45 -12.33
N SER A 203 -61.62 -68.83 -11.52
CA SER A 203 -61.54 -67.43 -11.18
C SER A 203 -60.46 -67.23 -10.15
N ARG A 204 -59.57 -66.26 -10.35
CA ARG A 204 -58.45 -66.06 -9.46
C ARG A 204 -58.53 -64.76 -8.71
N PHE A 205 -59.75 -64.21 -8.57
CA PHE A 205 -59.96 -62.94 -7.90
C PHE A 205 -61.25 -62.94 -7.10
N GLY A 206 -61.33 -62.03 -6.11
CA GLY A 206 -62.47 -61.82 -5.25
C GLY A 206 -63.47 -60.90 -5.90
N LYS A 207 -64.41 -61.49 -6.65
CA LYS A 207 -65.47 -60.79 -7.35
C LYS A 207 -66.55 -60.29 -6.38
N PHE A 208 -66.75 -58.98 -6.24
CA PHE A 208 -67.75 -58.45 -5.33
C PHE A 208 -68.73 -57.56 -6.07
N VAL A 209 -69.69 -58.20 -6.77
CA VAL A 209 -70.76 -57.52 -7.50
C VAL A 209 -71.79 -57.02 -6.51
N GLU A 210 -71.89 -55.70 -6.26
CA GLU A 210 -72.83 -55.18 -5.28
C GLU A 210 -74.01 -54.51 -5.95
N ILE A 211 -75.20 -54.59 -5.32
CA ILE A 211 -76.44 -54.00 -5.81
C ILE A 211 -76.94 -52.98 -4.81
N HIS A 212 -76.90 -51.70 -5.18
CA HIS A 212 -77.32 -50.58 -4.37
C HIS A 212 -78.83 -50.48 -4.24
N PHE A 213 -79.33 -50.30 -3.00
CA PHE A 213 -80.72 -50.07 -2.71
C PHE A 213 -80.86 -48.74 -1.98
N ASN A 214 -81.86 -47.92 -2.35
CA ASN A 214 -82.12 -46.67 -1.67
C ASN A 214 -83.06 -46.87 -0.48
N GLU A 215 -83.35 -45.81 0.28
CA GLU A 215 -84.23 -45.84 1.44
C GLU A 215 -85.68 -46.12 1.08
N LYS A 216 -86.07 -45.89 -0.18
CA LYS A 216 -87.38 -46.17 -0.69
C LYS A 216 -87.46 -47.58 -1.26
N SER A 217 -86.42 -48.39 -1.07
CA SER A 217 -86.33 -49.79 -1.43
C SER A 217 -86.37 -50.10 -2.89
N SER A 218 -85.69 -49.30 -3.70
CA SER A 218 -85.57 -49.52 -5.12
C SER A 218 -84.14 -49.71 -5.52
N VAL A 219 -83.90 -50.52 -6.57
CA VAL A 219 -82.59 -50.77 -7.12
C VAL A 219 -82.09 -49.53 -7.84
N VAL A 220 -81.12 -48.82 -7.27
CA VAL A 220 -80.61 -47.57 -7.83
C VAL A 220 -79.30 -47.74 -8.59
N GLY A 221 -78.68 -48.93 -8.53
CA GLY A 221 -77.45 -49.12 -9.28
C GLY A 221 -76.71 -50.32 -8.83
N GLY A 222 -75.64 -50.68 -9.53
CA GLY A 222 -74.76 -51.75 -9.11
C GLY A 222 -73.33 -51.32 -9.29
N PHE A 223 -72.40 -52.09 -8.73
CA PHE A 223 -70.99 -51.80 -8.85
C PHE A 223 -70.23 -53.10 -8.75
N VAL A 224 -69.17 -53.29 -9.55
CA VAL A 224 -68.37 -54.50 -9.49
C VAL A 224 -67.02 -54.15 -8.91
N SER A 225 -66.62 -54.80 -7.81
CA SER A 225 -65.30 -54.57 -7.21
C SER A 225 -64.49 -55.85 -7.29
N HIS A 226 -63.16 -55.73 -7.43
CA HIS A 226 -62.26 -56.87 -7.52
C HIS A 226 -61.17 -56.78 -6.47
N TYR A 227 -60.81 -57.91 -5.86
CA TYR A 227 -59.78 -57.97 -4.84
C TYR A 227 -58.91 -59.17 -5.17
N LEU A 228 -57.60 -59.08 -4.91
CA LEU A 228 -56.59 -60.11 -5.15
C LEU A 228 -56.32 -60.42 -6.63
N LEU A 229 -55.15 -60.93 -6.93
CA LEU A 229 -54.69 -61.31 -8.25
C LEU A 229 -53.41 -62.06 -8.04
N GLU A 230 -53.08 -63.06 -8.87
CA GLU A 230 -51.85 -63.80 -8.70
C GLU A 230 -50.75 -63.09 -9.46
N LYS A 231 -49.98 -62.26 -8.75
CA LYS A 231 -48.90 -61.48 -9.32
C LYS A 231 -47.84 -62.34 -10.00
N SER A 232 -47.51 -63.48 -9.40
CA SER A 232 -46.57 -64.44 -9.93
C SER A 232 -46.97 -65.06 -11.25
N ARG A 233 -48.26 -65.44 -11.42
CA ARG A 233 -48.76 -66.11 -12.60
C ARG A 233 -48.57 -65.32 -13.88
N ILE A 234 -48.58 -63.98 -13.76
CA ILE A 234 -48.34 -63.05 -14.86
C ILE A 234 -46.99 -63.30 -15.53
N CYS A 235 -45.94 -63.60 -14.74
CA CYS A 235 -44.61 -63.79 -15.30
C CYS A 235 -44.11 -65.22 -15.26
N VAL A 236 -44.50 -66.04 -14.26
CA VAL A 236 -44.00 -67.39 -14.13
C VAL A 236 -45.10 -68.32 -13.69
N GLN A 237 -45.23 -69.47 -14.36
CA GLN A 237 -46.29 -70.42 -14.11
C GLN A 237 -45.75 -71.73 -13.71
N GLY A 238 -46.56 -72.61 -13.13
CA GLY A 238 -46.21 -73.95 -12.76
C GLY A 238 -46.32 -74.92 -13.81
N LYS A 239 -46.11 -76.17 -13.61
CA LYS A 239 -46.22 -77.24 -14.50
C LYS A 239 -47.49 -77.52 -14.96
N GLU A 240 -47.72 -77.37 -16.17
CA GLU A 240 -48.87 -77.56 -16.82
C GLU A 240 -49.97 -76.61 -16.58
N GLU A 241 -49.70 -75.48 -16.08
CA GLU A 241 -50.64 -74.47 -15.89
C GLU A 241 -50.53 -73.44 -16.98
N ARG A 242 -51.44 -72.50 -17.08
CA ARG A 242 -51.40 -71.44 -18.06
C ARG A 242 -51.28 -70.12 -17.33
N ASN A 243 -51.12 -69.02 -18.09
CA ASN A 243 -51.08 -67.68 -17.53
C ASN A 243 -52.55 -67.22 -17.49
N TYR A 244 -52.90 -65.95 -17.71
CA TYR A 244 -54.30 -65.59 -17.84
C TYR A 244 -54.75 -65.86 -19.26
N HIS A 245 -56.07 -65.94 -19.48
CA HIS A 245 -56.61 -66.37 -20.75
C HIS A 245 -56.56 -65.36 -21.87
N ILE A 246 -56.32 -64.08 -21.57
CA ILE A 246 -56.17 -63.05 -22.60
C ILE A 246 -54.83 -63.17 -23.31
N PHE A 247 -53.86 -63.91 -22.72
CA PHE A 247 -52.56 -64.12 -23.34
C PHE A 247 -52.56 -65.38 -24.20
N TYR A 248 -53.73 -65.96 -24.46
CA TYR A 248 -53.85 -67.10 -25.34
C TYR A 248 -54.96 -66.80 -26.31
N ARG A 249 -56.05 -66.17 -25.86
CA ARG A 249 -57.14 -65.80 -26.73
C ARG A 249 -56.78 -64.68 -27.68
N LEU A 250 -55.85 -63.78 -27.32
CA LEU A 250 -55.38 -62.78 -28.25
C LEU A 250 -54.43 -63.39 -29.26
N CYS A 251 -53.62 -64.38 -28.84
CA CYS A 251 -52.72 -65.08 -29.73
C CYS A 251 -53.48 -65.97 -30.70
N ALA A 252 -54.45 -66.74 -30.22
CA ALA A 252 -55.28 -67.61 -31.04
C ALA A 252 -56.25 -66.89 -31.96
N GLY A 253 -56.97 -65.87 -31.45
CA GLY A 253 -58.01 -65.19 -32.21
C GLY A 253 -57.60 -64.02 -33.05
N ALA A 254 -56.36 -63.53 -32.97
CA ALA A 254 -55.93 -62.39 -33.77
C ALA A 254 -55.81 -62.64 -35.26
N SER A 255 -56.30 -61.70 -36.06
CA SER A 255 -56.19 -61.68 -37.50
C SER A 255 -54.83 -61.19 -37.95
N GLU A 256 -54.54 -61.17 -39.26
CA GLU A 256 -53.24 -60.80 -39.77
C GLU A 256 -53.14 -59.31 -40.03
N ASP A 257 -54.28 -58.58 -39.93
CA ASP A 257 -54.31 -57.13 -40.03
C ASP A 257 -54.23 -56.53 -38.63
N ILE A 258 -54.23 -57.40 -37.61
CA ILE A 258 -53.99 -57.07 -36.23
C ILE A 258 -52.60 -57.54 -35.87
N ARG A 259 -52.16 -58.72 -36.36
CA ARG A 259 -50.85 -59.25 -36.04
C ARG A 259 -49.72 -58.41 -36.58
N GLU A 260 -49.90 -57.72 -37.72
CA GLU A 260 -48.89 -56.80 -38.22
C GLU A 260 -48.75 -55.54 -37.39
N ARG A 261 -49.78 -55.19 -36.60
CA ARG A 261 -49.77 -53.99 -35.80
C ARG A 261 -49.29 -54.24 -34.40
N LEU A 262 -49.37 -55.46 -33.90
CA LEU A 262 -48.93 -55.81 -32.58
C LEU A 262 -47.68 -56.66 -32.58
N HIS A 263 -47.24 -57.11 -33.75
CA HIS A 263 -46.08 -57.95 -33.97
C HIS A 263 -46.13 -59.26 -33.21
N LEU A 264 -47.30 -59.88 -33.12
CA LEU A 264 -47.49 -61.13 -32.42
C LEU A 264 -46.83 -62.33 -33.06
N SER A 265 -46.39 -63.28 -32.34
CA SER A 265 -45.74 -64.49 -32.77
C SER A 265 -46.25 -65.60 -31.90
N SER A 266 -45.87 -66.86 -32.18
CA SER A 266 -46.31 -68.02 -31.44
C SER A 266 -45.82 -68.06 -30.00
N PRO A 267 -46.57 -68.57 -29.03
CA PRO A 267 -46.24 -68.58 -27.60
C PRO A 267 -44.89 -69.10 -27.15
N ASP A 268 -44.19 -69.92 -27.95
CA ASP A 268 -42.89 -70.44 -27.61
C ASP A 268 -41.82 -69.40 -27.47
N ASN A 269 -41.92 -68.33 -28.26
CA ASN A 269 -41.06 -67.21 -28.21
C ASN A 269 -41.07 -66.49 -26.88
N PHE A 270 -42.24 -66.30 -26.27
CA PHE A 270 -42.43 -65.46 -25.11
C PHE A 270 -42.18 -66.17 -23.78
N ARG A 271 -41.26 -65.63 -22.96
CA ARG A 271 -40.86 -66.19 -21.67
C ARG A 271 -41.98 -66.22 -20.63
N TYR A 272 -42.98 -65.34 -20.76
CA TYR A 272 -44.10 -65.35 -19.84
C TYR A 272 -45.20 -66.30 -20.27
N LEU A 273 -44.95 -67.13 -21.30
CA LEU A 273 -45.89 -68.14 -21.76
C LEU A 273 -45.22 -69.49 -21.91
N ASN A 274 -43.93 -69.56 -22.29
CA ASN A 274 -43.27 -70.83 -22.49
C ASN A 274 -42.91 -71.60 -21.22
N ARG A 275 -42.95 -70.95 -20.04
CA ARG A 275 -42.72 -71.62 -18.78
C ARG A 275 -43.76 -72.68 -18.43
N GLY A 276 -45.05 -72.39 -18.70
CA GLY A 276 -46.15 -73.31 -18.47
C GLY A 276 -46.61 -73.99 -19.74
N CYS A 277 -47.94 -74.14 -19.89
CA CYS A 277 -48.55 -74.75 -21.05
C CYS A 277 -48.89 -73.71 -22.11
N THR A 278 -48.51 -73.99 -23.37
CA THR A 278 -48.73 -73.08 -24.48
C THR A 278 -49.94 -73.44 -25.31
N ARG A 279 -50.55 -74.62 -25.06
CA ARG A 279 -51.69 -75.11 -25.79
C ARG A 279 -52.97 -74.28 -25.63
N TYR A 280 -53.76 -74.18 -26.71
CA TYR A 280 -55.02 -73.48 -26.74
C TYR A 280 -56.17 -74.46 -26.48
N PHE A 281 -57.31 -73.99 -25.94
CA PHE A 281 -58.48 -74.85 -25.87
C PHE A 281 -59.20 -74.70 -27.19
N ALA A 282 -59.71 -75.80 -27.76
CA ALA A 282 -60.42 -75.74 -29.02
C ALA A 282 -61.25 -76.98 -29.23
N ASN A 283 -62.03 -76.99 -30.32
CA ASN A 283 -62.82 -78.12 -30.76
C ASN A 283 -62.44 -78.39 -32.20
N LYS A 284 -62.89 -79.48 -32.79
CA LYS A 284 -62.51 -79.88 -34.13
C LYS A 284 -62.72 -78.82 -35.20
N GLU A 285 -63.86 -78.13 -35.16
CA GLU A 285 -64.17 -77.05 -36.08
C GLU A 285 -63.27 -75.85 -35.94
N THR A 286 -62.97 -75.41 -34.70
CA THR A 286 -62.11 -74.26 -34.51
C THR A 286 -60.64 -74.58 -34.63
N ASP A 287 -60.23 -75.85 -34.47
CA ASP A 287 -58.89 -76.30 -34.73
C ASP A 287 -58.45 -76.07 -36.19
N LYS A 288 -59.41 -76.06 -37.13
CA LYS A 288 -59.17 -75.75 -38.51
C LYS A 288 -59.01 -74.26 -38.78
N GLN A 289 -59.48 -73.41 -37.87
CA GLN A 289 -59.46 -71.97 -38.05
C GLN A 289 -58.25 -71.29 -37.44
N ILE A 290 -57.46 -72.00 -36.65
CA ILE A 290 -56.23 -71.47 -36.06
C ILE A 290 -55.10 -71.49 -37.07
N LEU A 291 -54.49 -70.32 -37.33
CA LEU A 291 -53.42 -70.16 -38.30
C LEU A 291 -52.13 -70.84 -37.91
N GLN A 292 -51.35 -71.28 -38.91
CA GLN A 292 -50.11 -72.01 -38.75
C GLN A 292 -49.05 -71.30 -37.94
N ASN A 293 -48.91 -69.99 -38.10
CA ASN A 293 -47.95 -69.18 -37.37
C ASN A 293 -48.34 -68.88 -35.93
N ARG A 294 -49.56 -69.25 -35.49
CA ARG A 294 -49.97 -69.12 -34.10
C ARG A 294 -49.68 -70.39 -33.32
N LYS A 295 -49.31 -71.49 -34.01
CA LYS A 295 -49.07 -72.77 -33.40
C LYS A 295 -47.64 -72.90 -32.88
N SER A 296 -47.47 -73.37 -31.64
CA SER A 296 -46.19 -73.61 -31.02
C SER A 296 -45.76 -75.05 -31.27
N PRO A 297 -44.51 -75.46 -31.04
CA PRO A 297 -44.10 -76.86 -31.17
C PRO A 297 -44.90 -77.78 -30.29
N GLU A 298 -45.22 -77.37 -29.05
CA GLU A 298 -46.07 -78.11 -28.13
C GLU A 298 -47.48 -78.30 -28.69
N TYR A 299 -48.05 -77.28 -29.35
CA TYR A 299 -49.31 -77.38 -30.06
C TYR A 299 -49.24 -78.36 -31.23
N LEU A 300 -48.15 -78.37 -32.00
CA LEU A 300 -47.97 -79.34 -33.07
C LEU A 300 -47.88 -80.78 -32.56
N LYS A 301 -47.12 -81.00 -31.49
CA LYS A 301 -46.97 -82.29 -30.85
C LYS A 301 -48.22 -82.84 -30.14
N ALA A 302 -48.87 -82.02 -29.29
CA ALA A 302 -49.97 -82.48 -28.46
C ALA A 302 -51.34 -81.91 -28.80
N GLY A 303 -51.45 -80.99 -29.76
CA GLY A 303 -52.72 -80.42 -30.20
C GLY A 303 -53.49 -79.61 -29.18
N SER A 304 -54.72 -79.26 -29.52
CA SER A 304 -55.61 -78.48 -28.68
C SER A 304 -56.03 -79.15 -27.40
N LEU A 305 -56.33 -78.34 -26.37
CA LEU A 305 -56.81 -78.79 -25.09
C LEU A 305 -58.32 -79.02 -25.18
N LYS A 306 -58.79 -80.13 -24.60
CA LYS A 306 -60.17 -80.56 -24.64
C LYS A 306 -61.00 -80.04 -23.48
N ASP A 307 -62.06 -79.26 -23.76
CA ASP A 307 -63.01 -78.80 -22.77
C ASP A 307 -64.36 -78.68 -23.46
N PRO A 308 -65.51 -78.98 -22.87
CA PRO A 308 -66.79 -78.89 -23.54
C PRO A 308 -67.25 -77.47 -23.75
N LEU A 309 -66.69 -76.47 -23.06
CA LEU A 309 -67.15 -75.11 -23.17
C LEU A 309 -66.06 -74.16 -23.64
N LEU A 310 -64.83 -74.29 -23.13
CA LEU A 310 -63.74 -73.40 -23.52
C LEU A 310 -63.28 -73.55 -24.96
N ASP A 311 -63.16 -72.43 -25.67
CA ASP A 311 -62.67 -72.38 -27.02
C ASP A 311 -61.87 -71.09 -27.12
N ASP A 312 -60.52 -71.14 -27.14
CA ASP A 312 -59.74 -69.92 -27.13
C ASP A 312 -59.82 -69.13 -28.44
N HIS A 313 -60.17 -69.79 -29.56
CA HIS A 313 -60.35 -69.10 -30.83
C HIS A 313 -61.73 -68.51 -30.93
N GLY A 314 -62.77 -69.28 -30.54
CA GLY A 314 -64.16 -68.84 -30.65
C GLY A 314 -64.60 -67.93 -29.55
N ASP A 315 -64.04 -68.03 -28.34
CA ASP A 315 -64.45 -67.14 -27.28
C ASP A 315 -63.76 -65.79 -27.42
N PHE A 316 -62.73 -65.65 -28.29
CA PHE A 316 -62.16 -64.35 -28.58
C PHE A 316 -63.12 -63.52 -29.44
N ILE A 317 -63.92 -64.20 -30.25
CA ILE A 317 -64.96 -63.60 -31.06
C ILE A 317 -66.09 -63.18 -30.15
N ARG A 318 -66.50 -64.05 -29.20
CA ARG A 318 -67.58 -63.70 -28.31
C ARG A 318 -67.16 -62.72 -27.22
N MET A 319 -65.84 -62.53 -27.03
CA MET A 319 -65.29 -61.44 -26.24
C MET A 319 -65.41 -60.11 -26.97
N CYS A 320 -65.09 -60.07 -28.28
CA CYS A 320 -65.14 -58.83 -29.02
C CYS A 320 -66.55 -58.40 -29.38
N THR A 321 -67.50 -59.36 -29.38
CA THR A 321 -68.93 -59.06 -29.47
C THR A 321 -69.40 -58.40 -28.19
N ALA A 322 -68.92 -58.89 -27.03
CA ALA A 322 -69.27 -58.33 -25.75
C ALA A 322 -68.62 -56.98 -25.49
N MET A 323 -67.47 -56.66 -26.13
CA MET A 323 -66.90 -55.34 -25.99
C MET A 323 -67.64 -54.31 -26.83
N LYS A 324 -68.36 -54.75 -27.87
CA LYS A 324 -69.21 -53.90 -28.66
C LYS A 324 -70.50 -53.60 -27.93
N LYS A 325 -71.05 -54.59 -27.21
CA LYS A 325 -72.25 -54.42 -26.41
C LYS A 325 -72.03 -53.58 -25.17
N ILE A 326 -70.94 -53.81 -24.41
CA ILE A 326 -70.67 -53.09 -23.18
C ILE A 326 -70.43 -51.60 -23.38
N GLY A 327 -69.53 -51.20 -24.29
CA GLY A 327 -69.30 -49.79 -24.55
C GLY A 327 -67.97 -49.44 -25.10
N LEU A 328 -67.28 -50.36 -25.79
CA LEU A 328 -65.96 -50.12 -26.31
C LEU A 328 -65.95 -50.09 -27.82
N ASP A 329 -65.34 -49.06 -28.41
CA ASP A 329 -65.17 -48.93 -29.84
C ASP A 329 -63.94 -49.70 -30.31
N ASP A 330 -63.66 -49.73 -31.62
CA ASP A 330 -62.60 -50.55 -32.15
C ASP A 330 -61.23 -49.93 -31.92
N GLU A 331 -61.13 -48.59 -31.84
CA GLU A 331 -59.89 -47.93 -31.49
C GLU A 331 -59.55 -48.18 -30.02
N GLU A 332 -60.53 -48.09 -29.11
CA GLU A 332 -60.28 -48.37 -27.70
C GLU A 332 -60.06 -49.86 -27.42
N LYS A 333 -60.67 -50.76 -28.23
CA LYS A 333 -60.40 -52.18 -28.18
C LYS A 333 -58.97 -52.51 -28.60
N LEU A 334 -58.41 -51.80 -29.59
CA LEU A 334 -57.03 -51.97 -30.01
C LEU A 334 -56.04 -51.50 -28.96
N ASP A 335 -56.36 -50.45 -28.18
CA ASP A 335 -55.48 -49.99 -27.12
C ASP A 335 -55.47 -50.96 -25.94
N LEU A 336 -56.48 -51.85 -25.82
CA LEU A 336 -56.47 -52.89 -24.81
C LEU A 336 -55.73 -54.12 -25.31
N PHE A 337 -55.22 -54.08 -26.55
CA PHE A 337 -54.39 -55.14 -27.09
C PHE A 337 -52.95 -54.66 -27.17
N ARG A 338 -52.68 -53.34 -27.25
CA ARG A 338 -51.32 -52.84 -27.29
C ARG A 338 -50.60 -53.01 -25.97
N VAL A 339 -51.34 -52.89 -24.85
CA VAL A 339 -50.77 -53.09 -23.53
C VAL A 339 -50.44 -54.55 -23.29
N VAL A 340 -51.33 -55.48 -23.71
CA VAL A 340 -51.09 -56.91 -23.56
C VAL A 340 -49.89 -57.37 -24.38
N ALA A 341 -49.75 -56.88 -25.62
CA ALA A 341 -48.60 -57.22 -26.45
C ALA A 341 -47.30 -56.61 -25.97
N GLY A 342 -47.35 -55.48 -25.23
CA GLY A 342 -46.16 -54.88 -24.64
C GLY A 342 -45.61 -55.66 -23.49
N VAL A 343 -46.45 -56.46 -22.82
CA VAL A 343 -46.02 -57.32 -21.73
C VAL A 343 -45.28 -58.52 -22.28
N LEU A 344 -45.75 -59.06 -23.42
CA LEU A 344 -45.13 -60.17 -24.08
C LEU A 344 -43.73 -59.86 -24.59
N HIS A 345 -43.50 -58.63 -25.04
CA HIS A 345 -42.19 -58.26 -25.53
C HIS A 345 -41.30 -57.66 -24.45
N LEU A 346 -41.76 -57.66 -23.19
CA LEU A 346 -40.94 -57.22 -22.08
C LEU A 346 -40.20 -58.37 -21.45
N GLY A 347 -40.83 -59.55 -21.38
CA GLY A 347 -40.28 -60.72 -20.72
C GLY A 347 -39.10 -61.37 -21.33
N ASN A 348 -38.76 -61.03 -22.57
CA ASN A 348 -37.63 -61.61 -23.25
C ASN A 348 -36.37 -60.78 -23.08
N ILE A 349 -36.39 -59.70 -22.31
CA ILE A 349 -35.22 -58.85 -22.08
C ILE A 349 -34.32 -59.44 -21.00
N ASP A 350 -33.05 -59.76 -21.35
CA ASP A 350 -32.08 -60.32 -20.42
C ASP A 350 -30.99 -59.32 -20.02
N PHE A 351 -30.36 -59.61 -18.88
CA PHE A 351 -29.40 -58.76 -18.22
C PHE A 351 -28.13 -59.50 -17.87
N GLU A 352 -26.99 -59.10 -18.44
CA GLU A 352 -25.70 -59.66 -18.11
C GLU A 352 -24.99 -58.81 -17.07
N GLU A 353 -23.73 -59.12 -16.75
CA GLU A 353 -22.94 -58.38 -15.79
C GLU A 353 -22.07 -57.34 -16.48
N ALA A 354 -22.05 -56.10 -15.98
CA ALA A 354 -21.25 -55.02 -16.53
C ALA A 354 -19.75 -55.25 -16.49
N GLY A 355 -18.99 -54.69 -17.39
CA GLY A 355 -17.54 -54.87 -17.52
C GLY A 355 -16.69 -54.14 -16.59
N SER A 356 -16.94 -54.13 -15.34
CA SER A 356 -16.22 -53.54 -14.29
C SER A 356 -16.17 -52.14 -14.26
N THR A 357 -16.71 -51.33 -14.75
CA THR A 357 -16.81 -49.96 -14.78
C THR A 357 -17.71 -49.42 -14.00
N SER A 358 -18.12 -49.22 -13.33
CA SER A 358 -18.98 -48.74 -12.47
C SER A 358 -19.95 -49.65 -11.82
N GLY A 359 -19.66 -50.93 -11.76
CA GLY A 359 -20.53 -51.94 -11.24
C GLY A 359 -21.77 -52.21 -12.02
N GLY A 360 -22.71 -52.89 -11.45
CA GLY A 360 -23.98 -53.20 -12.05
C GLY A 360 -24.12 -54.14 -13.18
N CYS A 361 -25.26 -54.01 -13.88
CA CYS A 361 -25.68 -54.86 -14.96
C CYS A 361 -25.92 -54.08 -16.25
N ASN A 362 -25.86 -54.78 -17.39
CA ASN A 362 -26.16 -54.21 -18.69
C ASN A 362 -27.09 -55.19 -19.39
N LEU A 363 -27.75 -54.80 -20.49
CA LEU A 363 -28.62 -55.69 -21.23
C LEU A 363 -27.80 -56.58 -22.15
N LYS A 364 -28.36 -57.74 -22.56
CA LYS A 364 -27.70 -58.62 -23.51
C LYS A 364 -27.85 -58.12 -24.94
N ASN A 365 -26.90 -58.43 -25.82
CA ASN A 365 -26.90 -58.01 -27.21
C ASN A 365 -27.97 -58.68 -28.02
N LYS A 366 -28.43 -59.87 -27.61
CA LYS A 366 -29.55 -60.57 -28.20
C LYS A 366 -30.88 -59.94 -27.84
N SER A 367 -30.88 -59.01 -26.89
CA SER A 367 -32.06 -58.33 -26.42
C SER A 367 -32.17 -56.93 -26.94
N THR A 368 -31.50 -56.60 -28.05
CA THR A 368 -31.47 -55.24 -28.55
C THR A 368 -32.63 -54.96 -29.46
N GLN A 369 -32.91 -55.83 -30.43
CA GLN A 369 -34.05 -55.62 -31.32
C GLN A 369 -35.35 -55.90 -30.62
N ALA A 370 -35.29 -56.66 -29.52
CA ALA A 370 -36.42 -56.96 -28.69
C ALA A 370 -36.83 -55.78 -27.82
N LEU A 371 -35.95 -54.81 -27.63
CA LEU A 371 -36.25 -53.64 -26.87
C LEU A 371 -36.82 -52.58 -27.79
N GLU A 372 -36.36 -52.54 -29.03
CA GLU A 372 -36.85 -51.62 -30.04
C GLU A 372 -38.29 -51.88 -30.41
N TYR A 373 -38.71 -53.15 -30.44
CA TYR A 373 -40.07 -53.51 -30.74
C TYR A 373 -40.96 -53.49 -29.52
N CYS A 374 -40.43 -53.16 -28.34
CA CYS A 374 -41.21 -53.08 -27.12
C CYS A 374 -41.44 -51.65 -26.70
N ALA A 375 -40.47 -50.76 -26.95
CA ALA A 375 -40.58 -49.40 -26.48
C ALA A 375 -41.59 -48.54 -27.21
N GLU A 376 -41.98 -48.92 -28.44
CA GLU A 376 -43.02 -48.21 -29.13
C GLU A 376 -44.41 -48.66 -28.72
N LEU A 377 -44.53 -49.81 -28.03
CA LEU A 377 -45.79 -50.26 -27.48
C LEU A 377 -46.01 -49.62 -26.14
N LEU A 378 -44.94 -49.25 -25.42
CA LEU A 378 -45.02 -48.59 -24.13
C LEU A 378 -44.94 -47.08 -24.23
N GLY A 379 -44.62 -46.50 -25.38
CA GLY A 379 -44.56 -45.06 -25.59
C GLY A 379 -43.41 -44.37 -24.93
N LEU A 380 -42.25 -45.04 -24.88
CA LEU A 380 -41.07 -44.56 -24.20
C LEU A 380 -39.86 -44.67 -25.12
N ASP A 381 -38.76 -44.04 -24.78
CA ASP A 381 -37.52 -44.08 -25.53
C ASP A 381 -36.63 -45.23 -25.09
N GLN A 382 -35.97 -45.89 -26.04
CA GLN A 382 -35.16 -47.06 -25.79
C GLN A 382 -33.88 -46.79 -25.03
N ASP A 383 -33.36 -45.55 -25.07
CA ASP A 383 -32.16 -45.22 -24.36
C ASP A 383 -32.48 -44.82 -22.94
N ASP A 384 -33.65 -44.22 -22.70
CA ASP A 384 -34.08 -43.87 -21.36
C ASP A 384 -34.61 -45.11 -20.63
N LEU A 385 -35.21 -46.07 -21.34
CA LEU A 385 -35.69 -47.28 -20.74
C LEU A 385 -34.55 -48.20 -20.31
N ARG A 386 -33.43 -48.21 -21.05
CA ARG A 386 -32.26 -48.98 -20.68
C ARG A 386 -31.61 -48.51 -19.38
N VAL A 387 -31.57 -47.18 -19.15
CA VAL A 387 -31.09 -46.62 -17.89
C VAL A 387 -31.99 -46.97 -16.74
N SER A 388 -33.31 -46.87 -16.95
CA SER A 388 -34.32 -47.10 -15.94
C SER A 388 -34.47 -48.53 -15.51
N LEU A 389 -34.07 -49.49 -16.35
CA LEU A 389 -34.12 -50.90 -15.98
C LEU A 389 -32.80 -51.35 -15.38
N THR A 390 -31.79 -50.46 -15.28
CA THR A 390 -30.48 -50.84 -14.74
C THR A 390 -30.02 -50.00 -13.57
N THR A 391 -30.56 -48.79 -13.36
CA THR A 391 -30.12 -47.88 -12.31
C THR A 391 -31.13 -47.56 -11.23
N ARG A 392 -30.61 -47.07 -10.09
CA ARG A 392 -31.33 -46.56 -8.96
C ARG A 392 -31.04 -45.07 -8.93
N VAL A 393 -32.03 -44.28 -9.35
CA VAL A 393 -31.97 -42.84 -9.42
C VAL A 393 -32.21 -42.21 -8.08
N MET A 394 -31.28 -41.40 -7.57
CA MET A 394 -31.51 -40.67 -6.35
C MET A 394 -30.86 -39.32 -6.44
N LEU A 395 -30.98 -38.48 -5.42
CA LEU A 395 -30.40 -37.17 -5.39
C LEU A 395 -29.50 -37.00 -4.25
N THR A 396 -28.60 -36.05 -4.33
CA THR A 396 -27.71 -35.72 -3.28
C THR A 396 -28.03 -34.38 -2.70
N THR A 397 -29.08 -33.76 -3.12
CA THR A 397 -29.52 -32.47 -2.67
C THR A 397 -30.06 -32.46 -1.39
N THR A 404 -26.98 -32.93 -6.92
CA THR A 404 -27.33 -33.34 -8.22
C THR A 404 -28.08 -34.65 -8.14
N VAL A 405 -28.60 -35.13 -9.28
CA VAL A 405 -29.35 -36.36 -9.39
C VAL A 405 -28.45 -37.41 -9.99
N ILE A 406 -28.07 -38.42 -9.20
CA ILE A 406 -27.15 -39.46 -9.64
C ILE A 406 -27.87 -40.73 -10.03
N LYS A 407 -27.17 -41.60 -10.77
CA LYS A 407 -27.67 -42.87 -11.22
C LYS A 407 -26.71 -43.92 -10.70
N VAL A 408 -27.20 -44.81 -9.82
CA VAL A 408 -26.39 -45.83 -9.18
C VAL A 408 -26.83 -47.21 -9.67
N PRO A 409 -26.09 -47.97 -10.47
CA PRO A 409 -26.56 -49.23 -11.02
C PRO A 409 -26.96 -50.32 -10.04
N LEU A 410 -27.85 -51.22 -10.48
CA LEU A 410 -28.37 -52.33 -9.72
C LEU A 410 -27.68 -53.62 -10.08
N LYS A 411 -27.81 -54.67 -9.25
CA LYS A 411 -27.28 -55.99 -9.51
C LYS A 411 -28.14 -56.74 -10.51
N VAL A 412 -27.58 -57.80 -11.13
CA VAL A 412 -28.25 -58.60 -12.14
C VAL A 412 -29.55 -59.23 -11.66
N GLU A 413 -29.57 -59.83 -10.46
CA GLU A 413 -30.79 -60.41 -9.94
C GLU A 413 -31.85 -59.38 -9.58
N GLN A 414 -31.43 -58.17 -9.21
CA GLN A 414 -32.37 -57.10 -8.92
C GLN A 414 -32.96 -56.48 -10.16
N ALA A 415 -32.33 -56.66 -11.33
CA ALA A 415 -32.84 -56.14 -12.57
C ALA A 415 -33.78 -57.11 -13.23
N ASN A 416 -33.58 -58.42 -13.00
CA ASN A 416 -34.53 -59.43 -13.47
C ASN A 416 -35.82 -59.32 -12.66
N ASN A 417 -35.71 -59.03 -11.35
CA ASN A 417 -36.87 -58.83 -10.52
C ASN A 417 -37.55 -57.50 -10.77
N ALA A 418 -36.82 -56.47 -11.22
CA ALA A 418 -37.42 -55.19 -11.54
C ALA A 418 -38.12 -55.20 -12.89
N ARG A 419 -37.61 -55.98 -13.85
CA ARG A 419 -38.24 -56.09 -15.15
C ARG A 419 -39.54 -56.86 -15.05
N ASP A 420 -39.58 -57.91 -14.21
CA ASP A 420 -40.84 -58.59 -13.99
C ASP A 420 -41.75 -57.80 -13.07
N ALA A 421 -41.23 -56.86 -12.26
CA ALA A 421 -42.08 -56.01 -11.45
C ALA A 421 -42.81 -54.97 -12.27
N LEU A 422 -42.26 -54.58 -13.43
CA LEU A 422 -42.96 -53.70 -14.33
C LEU A 422 -44.12 -54.42 -14.99
N ALA A 423 -43.96 -55.72 -15.32
CA ALA A 423 -45.06 -56.49 -15.86
C ALA A 423 -46.13 -56.83 -14.83
N LYS A 424 -45.78 -56.85 -13.54
CA LYS A 424 -46.73 -57.10 -12.47
C LYS A 424 -47.31 -55.82 -11.93
N THR A 425 -47.07 -54.71 -12.64
CA THR A 425 -47.60 -53.42 -12.28
C THR A 425 -48.45 -52.96 -13.43
N VAL A 426 -47.98 -53.08 -14.68
CA VAL A 426 -48.76 -52.71 -15.84
C VAL A 426 -49.98 -53.60 -16.00
N TYR A 427 -49.86 -54.95 -15.89
CA TYR A 427 -51.04 -55.78 -16.00
C TYR A 427 -51.96 -55.66 -14.80
N SER A 428 -51.43 -55.30 -13.61
CA SER A 428 -52.25 -55.08 -12.43
C SER A 428 -53.13 -53.86 -12.55
N HIS A 429 -52.62 -52.78 -13.16
CA HIS A 429 -53.42 -51.59 -13.39
C HIS A 429 -54.26 -51.70 -14.63
N LEU A 430 -53.95 -52.65 -15.55
CA LEU A 430 -54.79 -52.89 -16.70
C LEU A 430 -56.08 -53.60 -16.33
N PHE A 431 -56.04 -54.58 -15.41
CA PHE A 431 -57.25 -55.25 -14.98
C PHE A 431 -58.13 -54.35 -14.11
N ASP A 432 -57.52 -53.39 -13.38
CA ASP A 432 -58.25 -52.40 -12.64
C ASP A 432 -58.85 -51.34 -13.55
N HIS A 433 -58.33 -51.20 -14.79
CA HIS A 433 -58.88 -50.27 -15.76
C HIS A 433 -60.02 -50.89 -16.50
N VAL A 434 -60.02 -52.23 -16.69
CA VAL A 434 -61.10 -52.93 -17.35
C VAL A 434 -62.32 -52.93 -16.45
N VAL A 435 -62.15 -53.21 -15.13
CA VAL A 435 -63.24 -53.18 -14.18
C VAL A 435 -63.81 -51.78 -14.02
N ASN A 436 -62.97 -50.74 -13.93
CA ASN A 436 -63.46 -49.38 -13.86
C ASN A 436 -64.16 -48.91 -15.14
N ARG A 437 -63.72 -49.39 -16.33
CA ARG A 437 -64.40 -49.08 -17.57
C ARG A 437 -65.77 -49.73 -17.65
N VAL A 438 -65.91 -50.96 -17.14
CA VAL A 438 -67.19 -51.65 -17.07
C VAL A 438 -68.16 -50.98 -16.09
N ASN A 439 -67.67 -50.47 -14.95
CA ASN A 439 -68.52 -49.75 -14.01
C ASN A 439 -68.94 -48.39 -14.52
N GLN A 440 -68.30 -47.87 -15.57
CA GLN A 440 -68.70 -46.62 -16.20
C GLN A 440 -69.65 -46.87 -17.33
N CYS A 441 -69.98 -48.14 -17.62
CA CYS A 441 -70.99 -48.49 -18.60
C CYS A 441 -72.34 -48.63 -17.94
N PHE A 442 -72.41 -48.60 -16.63
CA PHE A 442 -73.65 -48.59 -15.86
C PHE A 442 -73.50 -47.78 -14.58
N PRO A 443 -73.29 -46.47 -14.60
CA PRO A 443 -73.10 -45.68 -13.40
C PRO A 443 -74.29 -45.66 -12.46
N PHE A 444 -74.06 -45.94 -11.16
CA PHE A 444 -75.10 -45.92 -10.15
C PHE A 444 -75.73 -44.55 -9.94
N GLU A 445 -77.05 -44.50 -9.70
CA GLU A 445 -77.74 -43.25 -9.49
C GLU A 445 -77.44 -42.63 -8.12
N THR A 446 -77.40 -43.45 -7.07
CA THR A 446 -77.13 -43.02 -5.72
C THR A 446 -76.71 -44.23 -4.92
N SER A 447 -76.35 -44.06 -3.64
CA SER A 447 -75.90 -45.13 -2.77
C SER A 447 -76.52 -44.97 -1.40
N SER A 448 -76.79 -46.09 -0.73
CA SER A 448 -77.37 -46.09 0.60
C SER A 448 -77.17 -47.45 1.24
N TYR A 449 -78.07 -48.43 0.98
CA TYR A 449 -77.95 -49.80 1.44
C TYR A 449 -77.46 -50.66 0.29
N PHE A 450 -76.98 -51.89 0.55
CA PHE A 450 -76.49 -52.73 -0.51
C PHE A 450 -76.63 -54.21 -0.22
N ILE A 451 -76.91 -55.00 -1.28
CA ILE A 451 -76.94 -56.43 -1.21
C ILE A 451 -75.95 -56.89 -2.24
N GLY A 452 -74.81 -57.48 -1.84
CA GLY A 452 -73.80 -57.91 -2.82
C GLY A 452 -73.56 -59.37 -2.78
N VAL A 453 -72.86 -59.88 -3.81
CA VAL A 453 -72.47 -61.26 -3.96
C VAL A 453 -70.96 -61.34 -4.00
N LEU A 454 -70.35 -62.01 -3.02
CA LEU A 454 -68.93 -62.28 -3.02
C LEU A 454 -68.73 -63.68 -3.57
N ASP A 455 -68.04 -63.82 -4.70
CA ASP A 455 -67.73 -65.10 -5.29
C ASP A 455 -66.21 -65.17 -5.39
N ILE A 456 -65.65 -66.31 -4.98
CA ILE A 456 -64.23 -66.54 -4.97
C ILE A 456 -64.03 -68.04 -5.00
N ALA A 457 -62.82 -68.51 -5.34
CA ALA A 457 -62.48 -69.91 -5.36
C ALA A 457 -62.40 -70.50 -3.96
N GLY A 458 -62.83 -71.75 -3.79
CA GLY A 458 -62.79 -72.44 -2.51
C GLY A 458 -61.42 -72.92 -2.12
N PHE A 459 -61.32 -73.86 -1.19
CA PHE A 459 -60.07 -74.44 -0.76
C PHE A 459 -59.53 -75.34 -1.85
N GLU A 460 -58.61 -74.90 -2.61
CA GLU A 460 -58.06 -75.57 -3.76
C GLU A 460 -56.62 -75.92 -3.47
N TYR A 461 -56.23 -77.17 -3.74
CA TYR A 461 -54.88 -77.62 -3.50
C TYR A 461 -54.55 -78.78 -4.41
N PHE A 462 -53.25 -79.00 -4.66
CA PHE A 462 -52.75 -79.99 -5.57
C PHE A 462 -51.78 -80.87 -4.81
N GLU A 463 -51.12 -81.80 -5.48
CA GLU A 463 -50.16 -82.69 -4.88
C GLU A 463 -48.94 -81.96 -4.35
N HIS A 464 -48.42 -81.02 -5.10
CA HIS A 464 -47.36 -80.14 -4.68
C HIS A 464 -47.88 -78.75 -4.79
N ASN A 465 -48.02 -78.04 -3.68
CA ASN A 465 -48.62 -76.74 -3.66
C ASN A 465 -47.64 -75.60 -3.80
N SER A 466 -48.05 -74.57 -4.49
CA SER A 466 -47.28 -73.40 -4.84
C SER A 466 -47.62 -72.20 -3.97
N PHE A 467 -46.98 -71.05 -4.26
CA PHE A 467 -47.20 -69.80 -3.57
C PHE A 467 -48.56 -69.21 -3.93
N GLU A 468 -49.07 -69.52 -5.14
CA GLU A 468 -50.38 -69.09 -5.56
C GLU A 468 -51.47 -69.77 -4.76
N GLN A 469 -51.27 -71.05 -4.39
CA GLN A 469 -52.26 -71.74 -3.59
C GLN A 469 -52.09 -71.44 -2.11
N PHE A 470 -50.93 -70.88 -1.70
CA PHE A 470 -50.73 -70.49 -0.32
C PHE A 470 -51.56 -69.26 0.00
N CYS A 471 -51.74 -68.33 -0.96
CA CYS A 471 -52.55 -67.17 -0.70
C CYS A 471 -54.04 -67.46 -0.80
N ILE A 472 -54.45 -68.52 -1.53
CA ILE A 472 -55.84 -68.93 -1.61
C ILE A 472 -56.28 -69.60 -0.33
N ASN A 473 -55.46 -70.52 0.21
CA ASN A 473 -55.81 -71.22 1.41
C ASN A 473 -55.69 -70.33 2.65
N TYR A 474 -54.84 -69.29 2.60
CA TYR A 474 -54.78 -68.28 3.64
C TYR A 474 -55.99 -67.36 3.59
N CYS A 475 -56.52 -67.09 2.38
CA CYS A 475 -57.74 -66.31 2.26
C CYS A 475 -58.95 -67.10 2.72
N ASN A 476 -58.99 -68.42 2.44
CA ASN A 476 -60.11 -69.23 2.91
C ASN A 476 -60.06 -69.50 4.41
N GLU A 477 -58.89 -69.45 5.07
CA GLU A 477 -58.81 -69.60 6.52
C GLU A 477 -59.37 -68.38 7.24
N LYS A 478 -59.13 -67.16 6.71
CA LYS A 478 -59.71 -65.95 7.28
C LYS A 478 -61.22 -65.90 7.06
N LEU A 479 -61.69 -66.40 5.89
CA LEU A 479 -63.12 -66.49 5.64
C LEU A 479 -63.75 -67.61 6.46
N GLN A 480 -62.98 -68.64 6.85
CA GLN A 480 -63.47 -69.69 7.72
C GLN A 480 -63.63 -69.19 9.15
N GLN A 481 -62.79 -68.23 9.58
CA GLN A 481 -62.94 -67.59 10.88
C GLN A 481 -64.23 -66.80 10.95
N PHE A 482 -64.51 -65.97 9.92
CA PHE A 482 -65.75 -65.21 9.89
C PHE A 482 -66.99 -66.08 9.66
N PHE A 483 -66.84 -67.25 9.01
CA PHE A 483 -67.94 -68.17 8.81
C PHE A 483 -68.43 -68.75 10.13
N ASN A 484 -67.53 -69.26 10.97
CA ASN A 484 -67.92 -69.81 12.25
C ASN A 484 -68.35 -68.75 13.26
N GLU A 485 -67.90 -67.50 13.06
CA GLU A 485 -68.28 -66.37 13.90
C GLU A 485 -69.73 -65.97 13.67
N ARG A 486 -70.21 -66.08 12.42
CA ARG A 486 -71.58 -65.78 12.09
C ARG A 486 -72.53 -66.92 12.44
N ILE A 487 -72.05 -68.17 12.43
CA ILE A 487 -72.86 -69.31 12.81
C ILE A 487 -73.14 -69.31 14.28
N LEU A 488 -72.13 -69.03 15.13
CA LEU A 488 -72.34 -68.96 16.56
C LEU A 488 -73.28 -67.84 16.95
N LYS A 489 -73.22 -66.68 16.26
CA LYS A 489 -74.15 -65.61 16.54
C LYS A 489 -75.59 -65.94 16.15
N GLU A 490 -75.82 -66.69 15.05
CA GLU A 490 -77.16 -67.10 14.69
C GLU A 490 -77.79 -68.07 15.69
N GLU A 491 -77.01 -69.03 16.21
CA GLU A 491 -77.47 -69.99 17.18
C GLU A 491 -77.75 -69.37 18.53
N GLN A 492 -76.99 -68.32 18.94
CA GLN A 492 -77.25 -67.67 20.20
C GLN A 492 -78.49 -66.81 20.17
N GLU A 493 -78.92 -66.35 18.98
CA GLU A 493 -80.15 -65.58 18.89
C GLU A 493 -81.30 -66.44 18.42
N LEU A 494 -81.09 -67.75 18.26
CA LEU A 494 -82.13 -68.71 18.02
C LEU A 494 -82.65 -69.20 19.35
N TYR A 495 -81.73 -69.53 20.27
CA TYR A 495 -82.05 -70.00 21.60
C TYR A 495 -82.82 -68.96 22.39
N GLN A 496 -82.44 -67.67 22.28
CA GLN A 496 -83.17 -66.57 22.86
C GLN A 496 -84.56 -66.39 22.25
N LYS A 497 -84.69 -66.50 20.91
CA LYS A 497 -85.96 -66.39 20.22
C LYS A 497 -86.96 -67.48 20.57
N GLU A 498 -86.51 -68.71 20.84
CA GLU A 498 -87.36 -69.81 21.26
C GLU A 498 -87.59 -69.82 22.77
N GLY A 499 -87.00 -68.88 23.49
CA GLY A 499 -87.21 -68.72 24.93
C GLY A 499 -86.39 -69.62 25.79
N LEU A 500 -85.32 -70.21 25.28
CA LEU A 500 -84.45 -71.10 26.00
C LEU A 500 -83.38 -70.35 26.74
N GLY A 501 -83.17 -69.14 26.37
CA GLY A 501 -82.18 -68.30 26.95
C GLY A 501 -80.79 -68.63 26.70
N VAL A 502 -79.84 -68.04 27.30
CA VAL A 502 -78.44 -68.23 27.15
C VAL A 502 -77.90 -69.46 27.72
N ASN A 503 -76.92 -70.08 27.08
CA ASN A 503 -76.30 -71.26 27.48
C ASN A 503 -74.86 -71.25 27.03
N GLU A 504 -74.01 -72.08 27.62
CA GLU A 504 -72.61 -72.15 27.33
C GLU A 504 -72.30 -73.05 26.18
N VAL A 505 -71.51 -72.64 25.23
CA VAL A 505 -71.11 -73.39 24.08
C VAL A 505 -69.64 -73.19 23.87
N HIS A 506 -68.90 -74.17 23.45
CA HIS A 506 -67.49 -74.11 23.24
C HIS A 506 -67.13 -73.67 21.83
N TYR A 507 -66.28 -72.71 21.68
CA TYR A 507 -65.89 -72.19 20.39
C TYR A 507 -64.51 -72.63 20.03
N VAL A 508 -64.30 -72.94 18.77
CA VAL A 508 -63.05 -73.34 18.25
C VAL A 508 -62.27 -72.28 17.62
N ASP A 509 -61.11 -72.02 17.99
CA ASP A 509 -60.31 -71.00 17.50
C ASP A 509 -59.34 -71.44 16.42
N ASN A 510 -59.02 -70.54 15.48
CA ASN A 510 -58.05 -70.77 14.42
C ASN A 510 -57.09 -69.61 14.33
N GLN A 511 -57.05 -68.77 15.37
CA GLN A 511 -56.22 -67.59 15.44
C GLN A 511 -54.74 -67.94 15.50
N ASP A 512 -54.40 -69.09 16.09
CA ASP A 512 -53.05 -69.58 16.14
C ASP A 512 -52.51 -69.96 14.75
N CYS A 513 -53.37 -70.34 13.80
CA CYS A 513 -52.96 -70.61 12.43
C CYS A 513 -52.75 -69.30 11.68
N ILE A 514 -53.55 -68.27 12.01
CA ILE A 514 -53.44 -66.95 11.43
C ILE A 514 -52.18 -66.28 11.90
N ASP A 515 -51.90 -66.26 13.22
CA ASP A 515 -50.68 -65.73 13.78
C ASP A 515 -49.43 -66.42 13.21
N LEU A 516 -49.49 -67.74 12.96
CA LEU A 516 -48.40 -68.48 12.33
C LEU A 516 -48.07 -67.92 10.94
N ILE A 517 -49.08 -67.72 10.10
CA ILE A 517 -48.87 -67.20 8.76
C ILE A 517 -48.54 -65.70 8.72
N GLU A 518 -49.29 -64.84 9.44
CA GLU A 518 -49.15 -63.40 9.26
C GLU A 518 -48.71 -62.54 10.44
N ALA A 519 -48.35 -63.08 11.61
CA ALA A 519 -47.93 -62.23 12.73
C ALA A 519 -46.66 -61.40 12.50
N ARG A 520 -46.61 -60.19 13.09
CA ARG A 520 -45.48 -59.30 12.95
C ARG A 520 -44.20 -59.87 13.48
N LEU A 521 -43.15 -59.84 12.66
CA LEU A 521 -41.82 -60.30 12.93
C LEU A 521 -41.64 -61.77 12.97
N VAL A 522 -42.55 -62.56 13.49
CA VAL A 522 -42.48 -63.99 13.64
C VAL A 522 -43.26 -64.78 12.62
N GLY A 523 -44.24 -64.19 11.92
CA GLY A 523 -45.04 -64.87 10.93
C GLY A 523 -44.29 -65.34 9.72
N ILE A 524 -44.89 -66.23 8.91
CA ILE A 524 -44.26 -66.79 7.73
C ILE A 524 -44.16 -65.73 6.65
N LEU A 525 -45.22 -64.92 6.44
CA LEU A 525 -45.12 -63.85 5.47
C LEU A 525 -44.17 -62.75 5.92
N ASP A 526 -43.97 -62.54 7.23
CA ASP A 526 -43.03 -61.56 7.73
C ASP A 526 -41.57 -61.96 7.57
N ILE A 527 -41.26 -63.26 7.62
CA ILE A 527 -39.90 -63.74 7.38
C ILE A 527 -39.57 -63.68 5.91
N LEU A 528 -40.57 -63.98 5.07
CA LEU A 528 -40.46 -63.97 3.63
C LEU A 528 -40.15 -62.59 3.06
N ASP A 529 -40.78 -61.55 3.63
CA ASP A 529 -40.55 -60.19 3.20
C ASP A 529 -39.22 -59.64 3.74
N GLU A 530 -38.70 -60.22 4.83
CA GLU A 530 -37.41 -59.85 5.38
C GLU A 530 -36.27 -60.44 4.59
N GLU A 531 -36.47 -61.64 4.01
CA GLU A 531 -35.46 -62.33 3.23
C GLU A 531 -35.12 -61.60 1.96
N ASN A 532 -36.07 -60.85 1.41
CA ASN A 532 -35.87 -59.99 0.27
C ASN A 532 -34.90 -58.84 0.58
N ARG A 533 -34.90 -58.35 1.84
CA ARG A 533 -34.02 -57.28 2.25
C ARG A 533 -32.57 -57.70 2.42
N LEU A 534 -32.28 -58.99 2.63
CA LEU A 534 -30.93 -59.49 2.79
C LEU A 534 -30.04 -59.29 1.57
N PRO A 535 -28.73 -59.11 1.70
CA PRO A 535 -27.83 -58.92 0.55
C PRO A 535 -27.76 -60.14 -0.32
N GLN A 536 -28.12 -61.32 0.12
CA GLN A 536 -28.16 -62.52 -0.65
C GLN A 536 -29.37 -63.32 -0.23
N PRO A 537 -30.50 -63.29 -0.89
CA PRO A 537 -31.67 -64.05 -0.49
C PRO A 537 -31.51 -65.53 -0.74
N SER A 538 -32.11 -66.40 0.08
CA SER A 538 -32.03 -67.83 -0.07
C SER A 538 -33.38 -68.43 0.26
N ASP A 539 -33.63 -69.68 -0.16
CA ASP A 539 -34.87 -70.37 0.07
C ASP A 539 -34.61 -71.43 1.13
N GLN A 540 -33.34 -71.85 1.26
CA GLN A 540 -32.93 -72.72 2.33
C GLN A 540 -32.85 -71.94 3.62
N HIS A 541 -32.50 -70.63 3.56
CA HIS A 541 -32.50 -69.83 4.76
C HIS A 541 -33.90 -69.43 5.17
N PHE A 542 -34.85 -69.34 4.22
CA PHE A 542 -36.24 -69.08 4.53
C PHE A 542 -36.89 -70.26 5.21
N THR A 543 -36.60 -71.50 4.77
CA THR A 543 -37.25 -72.66 5.35
C THR A 543 -36.78 -72.94 6.75
N SER A 544 -35.47 -72.79 6.99
CA SER A 544 -34.88 -72.98 8.29
C SER A 544 -35.27 -71.89 9.27
N ALA A 545 -35.60 -70.68 8.79
CA ALA A 545 -36.04 -69.61 9.65
C ALA A 545 -37.46 -69.77 10.15
N VAL A 546 -38.30 -70.52 9.42
CA VAL A 546 -39.65 -70.81 9.84
C VAL A 546 -39.64 -71.73 11.03
N HIS A 547 -38.81 -72.80 10.99
CA HIS A 547 -38.73 -73.68 12.12
C HIS A 547 -37.70 -73.21 13.14
N GLN A 548 -37.04 -72.07 12.90
CA GLN A 548 -36.25 -71.38 13.89
C GLN A 548 -37.15 -70.66 14.88
N LYS A 549 -38.07 -69.81 14.35
CA LYS A 549 -38.94 -69.03 15.19
C LYS A 549 -40.16 -69.79 15.67
N HIS A 550 -40.66 -70.75 14.89
CA HIS A 550 -41.78 -71.58 15.29
C HIS A 550 -41.33 -73.01 15.45
N LYS A 551 -40.69 -73.33 16.53
CA LYS A 551 -40.20 -74.67 16.80
C LYS A 551 -41.23 -75.59 17.36
N ASP A 552 -42.23 -75.09 18.04
CA ASP A 552 -43.27 -75.86 18.61
C ASP A 552 -44.55 -75.72 17.97
N HIS A 553 -45.52 -75.83 18.06
CA HIS A 553 -46.83 -75.72 17.57
C HIS A 553 -47.31 -76.85 16.77
N PHE A 554 -48.54 -77.12 16.84
CA PHE A 554 -49.14 -78.20 16.19
C PHE A 554 -49.60 -77.93 14.78
N ARG A 555 -49.76 -76.68 14.39
CA ARG A 555 -50.18 -76.30 13.07
C ARG A 555 -49.07 -76.37 12.04
N LEU A 556 -47.87 -76.86 12.39
CA LEU A 556 -46.72 -76.84 11.52
C LEU A 556 -45.80 -77.99 11.86
N SER A 557 -45.40 -78.78 10.85
CA SER A 557 -44.46 -79.88 11.03
C SER A 557 -43.51 -79.97 9.87
N ILE A 558 -42.51 -80.86 9.98
CA ILE A 558 -41.56 -81.16 8.91
C ILE A 558 -42.19 -82.07 7.86
N PRO A 559 -41.77 -82.08 6.60
CA PRO A 559 -42.41 -82.91 5.58
C PRO A 559 -42.34 -84.40 5.82
N ARG A 560 -41.28 -84.89 6.46
CA ARG A 560 -41.07 -86.30 6.73
C ARG A 560 -41.99 -86.87 7.77
N LYS A 561 -42.66 -86.01 8.56
CA LYS A 561 -43.62 -86.44 9.53
C LYS A 561 -44.93 -86.89 8.90
N SER A 562 -45.19 -86.49 7.65
CA SER A 562 -46.35 -86.88 6.88
C SER A 562 -46.43 -88.36 6.56
N LYS A 563 -47.63 -88.91 6.48
CA LYS A 563 -47.88 -90.27 6.14
C LYS A 563 -47.74 -90.51 4.65
N LEU A 564 -47.93 -89.50 3.82
CA LEU A 564 -47.84 -89.63 2.38
C LEU A 564 -46.43 -89.70 1.88
N ALA A 565 -46.16 -90.73 1.06
CA ALA A 565 -44.87 -91.03 0.48
C ALA A 565 -44.29 -89.90 -0.35
N ILE A 566 -45.13 -89.23 -1.16
CA ILE A 566 -44.71 -88.10 -1.97
C ILE A 566 -44.18 -86.95 -1.14
N HIS A 567 -44.80 -86.70 0.04
CA HIS A 567 -44.36 -85.66 0.94
C HIS A 567 -43.15 -86.07 1.74
N ARG A 568 -42.94 -87.38 1.96
CA ARG A 568 -41.76 -87.87 2.62
C ARG A 568 -40.51 -87.79 1.76
N ASN A 569 -40.63 -87.59 0.45
CA ASN A 569 -39.48 -87.42 -0.43
C ASN A 569 -38.95 -85.99 -0.41
N ILE A 570 -39.68 -85.05 0.20
CA ILE A 570 -39.28 -83.66 0.32
C ILE A 570 -38.28 -83.48 1.46
N ARG A 571 -37.14 -82.83 1.22
CA ARG A 571 -36.14 -82.59 2.23
C ARG A 571 -36.53 -81.45 3.15
N ASP A 572 -35.98 -81.43 4.37
CA ASP A 572 -36.31 -80.50 5.43
C ASP A 572 -36.24 -79.04 5.03
N ASP A 573 -35.28 -78.67 4.19
CA ASP A 573 -35.07 -77.32 3.74
C ASP A 573 -35.74 -77.04 2.41
N GLU A 574 -36.60 -77.95 1.91
CA GLU A 574 -37.29 -77.81 0.65
C GLU A 574 -38.80 -77.65 0.79
N GLY A 575 -39.35 -77.67 2.02
CA GLY A 575 -40.79 -77.48 2.19
C GLY A 575 -41.27 -77.56 3.61
N PHE A 576 -42.57 -77.37 3.83
CA PHE A 576 -43.19 -77.41 5.13
C PHE A 576 -44.67 -77.76 5.03
N ILE A 577 -45.26 -78.25 6.14
CA ILE A 577 -46.66 -78.67 6.19
C ILE A 577 -47.37 -77.80 7.19
N ILE A 578 -48.44 -77.12 6.75
CA ILE A 578 -49.23 -76.20 7.54
C ILE A 578 -50.64 -76.76 7.65
N ARG A 579 -51.12 -77.02 8.88
CA ARG A 579 -52.46 -77.53 9.06
C ARG A 579 -53.48 -76.40 9.01
N HIS A 580 -54.51 -76.56 8.16
CA HIS A 580 -55.58 -75.61 7.96
C HIS A 580 -56.87 -76.32 8.33
N PHE A 581 -58.03 -75.64 8.21
CA PHE A 581 -59.33 -76.23 8.49
C PHE A 581 -59.65 -77.48 7.68
N ALA A 582 -59.14 -77.54 6.44
CA ALA A 582 -59.30 -78.66 5.55
C ALA A 582 -58.19 -79.69 5.68
N GLY A 583 -57.34 -79.58 6.73
CA GLY A 583 -56.30 -80.57 7.01
C GLY A 583 -54.90 -80.10 6.79
N ALA A 584 -53.98 -81.06 6.68
CA ALA A 584 -52.56 -80.85 6.54
C ALA A 584 -52.14 -80.69 5.09
N VAL A 585 -51.73 -79.47 4.70
CA VAL A 585 -51.38 -79.14 3.34
C VAL A 585 -49.91 -78.83 3.26
N CYS A 586 -49.15 -79.56 2.43
CA CYS A 586 -47.73 -79.31 2.27
C CYS A 586 -47.49 -78.28 1.19
N TYR A 587 -46.44 -77.47 1.33
CA TYR A 587 -46.04 -76.49 0.36
C TYR A 587 -44.55 -76.66 0.15
N GLU A 588 -44.06 -76.56 -1.10
CA GLU A 588 -42.63 -76.59 -1.34
C GLU A 588 -42.10 -75.17 -1.28
N THR A 589 -40.82 -74.96 -0.95
CA THR A 589 -40.29 -73.60 -0.80
C THR A 589 -39.46 -73.16 -1.96
N THR A 590 -39.19 -74.04 -2.94
CA THR A 590 -38.48 -73.63 -4.14
C THR A 590 -39.28 -72.65 -4.94
N GLN A 591 -38.66 -71.54 -5.30
CA GLN A 591 -39.20 -70.39 -5.99
C GLN A 591 -40.18 -69.53 -5.19
N PHE A 592 -40.39 -69.81 -3.90
CA PHE A 592 -41.31 -69.06 -3.04
C PHE A 592 -40.88 -67.62 -2.86
N VAL A 593 -39.58 -67.38 -2.59
CA VAL A 593 -39.07 -66.04 -2.39
C VAL A 593 -39.01 -65.30 -3.72
N GLU A 594 -38.64 -66.00 -4.80
CA GLU A 594 -38.59 -65.43 -6.12
C GLU A 594 -39.93 -64.97 -6.62
N LYS A 595 -40.99 -65.71 -6.33
CA LYS A 595 -42.33 -65.31 -6.64
C LYS A 595 -42.87 -64.19 -5.77
N ASN A 596 -42.32 -64.01 -4.56
CA ASN A 596 -42.73 -62.93 -3.69
C ASN A 596 -41.99 -61.65 -4.01
N ASN A 597 -40.72 -61.75 -4.40
CA ASN A 597 -39.91 -60.60 -4.67
C ASN A 597 -40.36 -59.75 -5.83
N ASP A 598 -40.64 -58.55 -5.64
CA ASP A 598 -41.03 -57.57 -6.59
C ASP A 598 -40.18 -56.37 -6.35
N ALA A 599 -39.66 -55.68 -7.07
CA ALA A 599 -38.79 -54.55 -6.91
C ALA A 599 -39.11 -53.39 -7.78
N LEU A 600 -40.26 -52.83 -7.77
CA LEU A 600 -40.58 -51.68 -8.52
C LEU A 600 -40.06 -50.45 -7.83
N HIS A 601 -39.12 -49.82 -8.27
CA HIS A 601 -38.50 -48.68 -7.67
C HIS A 601 -38.69 -47.42 -8.46
N MET A 602 -38.39 -46.28 -7.82
CA MET A 602 -38.53 -44.93 -8.30
C MET A 602 -38.15 -44.71 -9.73
N SER A 603 -36.96 -45.18 -10.13
CA SER A 603 -36.44 -45.06 -11.48
C SER A 603 -37.24 -45.70 -12.57
N LEU A 604 -38.25 -46.49 -12.23
CA LEU A 604 -39.03 -47.19 -13.21
C LEU A 604 -40.49 -46.91 -12.98
N GLU A 605 -40.91 -46.68 -11.72
CA GLU A 605 -42.26 -46.26 -11.44
C GLU A 605 -42.53 -44.85 -11.97
N SER A 606 -41.54 -43.95 -11.90
CA SER A 606 -41.65 -42.61 -12.46
C SER A 606 -41.11 -42.54 -13.87
N LEU A 607 -41.36 -43.59 -14.66
CA LEU A 607 -41.05 -43.59 -16.07
C LEU A 607 -42.25 -44.10 -16.82
N ILE A 608 -42.94 -45.14 -16.30
CA ILE A 608 -44.12 -45.65 -16.98
C ILE A 608 -45.31 -44.74 -16.77
N CYS A 609 -45.28 -43.91 -15.71
CA CYS A 609 -46.26 -42.87 -15.51
C CYS A 609 -46.01 -41.68 -16.42
N GLU A 610 -44.76 -41.53 -16.90
CA GLU A 610 -44.36 -40.42 -17.74
C GLU A 610 -44.46 -40.71 -19.22
N SER A 611 -45.04 -41.82 -19.64
CA SER A 611 -45.23 -42.24 -21.03
C SER A 611 -45.77 -41.19 -22.00
N ARG A 612 -45.35 -41.25 -23.27
CA ARG A 612 -45.81 -40.37 -24.33
C ARG A 612 -47.17 -40.80 -24.85
N ASP A 613 -47.62 -42.02 -24.54
CA ASP A 613 -48.92 -42.55 -24.87
C ASP A 613 -49.94 -42.09 -23.85
N LYS A 614 -51.19 -41.86 -24.26
CA LYS A 614 -52.20 -41.28 -23.39
C LYS A 614 -52.98 -42.35 -22.68
N PHE A 615 -53.21 -43.51 -23.34
CA PHE A 615 -53.92 -44.61 -22.72
C PHE A 615 -53.15 -45.21 -21.57
N ILE A 616 -51.80 -45.19 -21.66
CA ILE A 616 -50.92 -45.67 -20.61
C ILE A 616 -50.94 -44.76 -19.39
N ARG A 617 -50.94 -43.43 -19.56
CA ARG A 617 -51.01 -42.53 -18.42
C ARG A 617 -52.33 -42.60 -17.68
N GLU A 618 -53.41 -42.99 -18.36
CA GLU A 618 -54.70 -43.18 -17.75
C GLU A 618 -54.76 -44.41 -16.85
N LEU A 619 -53.88 -45.40 -17.07
CA LEU A 619 -53.81 -46.59 -16.25
C LEU A 619 -53.27 -46.32 -14.87
N PHE A 620 -52.38 -45.32 -14.73
CA PHE A 620 -51.73 -45.02 -13.48
C PHE A 620 -52.31 -43.82 -12.79
N GLU A 621 -53.62 -43.59 -12.97
CA GLU A 621 -54.42 -42.59 -12.31
C GLU A 621 -53.95 -41.15 -12.48
N GLY A 635 -39.51 -40.59 -2.27
CA GLY A 635 -38.60 -41.29 -1.81
C GLY A 635 -38.64 -41.56 -0.37
N LYS A 636 -38.18 -42.70 0.08
CA LYS A 636 -38.94 -43.88 0.27
C LYS A 636 -39.67 -44.52 -0.91
N LEU A 637 -39.91 -45.83 -0.95
CA LEU A 637 -39.64 -46.90 -0.02
C LEU A 637 -38.70 -47.93 -0.60
N SER A 638 -38.17 -47.74 -1.76
CA SER A 638 -37.28 -48.61 -2.49
C SER A 638 -37.89 -49.86 -2.91
N PHE A 639 -37.65 -50.92 -2.30
CA PHE A 639 -38.15 -52.18 -2.65
C PHE A 639 -39.52 -52.51 -2.21
N ILE A 640 -40.09 -51.75 -1.41
CA ILE A 640 -41.40 -51.87 -0.92
C ILE A 640 -41.72 -53.10 -0.14
N SER A 641 -42.78 -53.35 0.26
CA SER A 641 -43.24 -54.45 1.03
C SER A 641 -44.21 -55.30 0.25
N VAL A 642 -43.83 -56.32 -0.30
CA VAL A 642 -44.54 -57.19 -1.18
C VAL A 642 -45.41 -58.21 -0.47
N GLY A 643 -44.92 -58.77 0.65
CA GLY A 643 -45.63 -59.73 1.47
C GLY A 643 -46.65 -59.12 2.36
N ASN A 644 -46.81 -57.80 2.30
CA ASN A 644 -47.71 -57.04 3.12
C ASN A 644 -48.90 -56.66 2.28
N LYS A 645 -48.75 -56.53 0.95
CA LYS A 645 -49.86 -56.18 0.08
C LYS A 645 -50.91 -57.27 0.03
N PHE A 646 -50.50 -58.54 0.26
CA PHE A 646 -51.43 -59.64 0.35
C PHE A 646 -52.20 -59.65 1.66
N LYS A 647 -51.68 -59.04 2.73
CA LYS A 647 -52.41 -59.00 3.99
C LYS A 647 -53.28 -57.77 4.03
N THR A 648 -52.75 -56.62 3.57
CA THR A 648 -53.43 -55.34 3.57
C THR A 648 -54.66 -55.32 2.70
N GLN A 649 -54.59 -55.86 1.47
CA GLN A 649 -55.77 -55.87 0.63
C GLN A 649 -56.87 -56.78 1.13
N LEU A 650 -56.53 -57.89 1.79
CA LEU A 650 -57.52 -58.79 2.36
C LEU A 650 -58.24 -58.21 3.56
N ASN A 651 -57.56 -57.37 4.36
CA ASN A 651 -58.20 -56.72 5.49
C ASN A 651 -59.22 -55.67 5.09
N LEU A 652 -59.18 -55.19 3.84
CA LEU A 652 -60.16 -54.26 3.33
C LEU A 652 -61.46 -54.94 2.94
N LEU A 653 -61.46 -56.28 2.89
CA LEU A 653 -62.62 -57.05 2.55
C LEU A 653 -63.17 -57.71 3.78
N LEU A 654 -62.32 -58.17 4.72
CA LEU A 654 -62.78 -58.83 5.93
C LEU A 654 -63.53 -57.91 6.87
N ASP A 655 -63.10 -56.65 7.01
CA ASP A 655 -63.84 -55.72 7.84
C ASP A 655 -65.08 -55.21 7.13
N LYS A 656 -65.17 -55.31 5.79
CA LYS A 656 -66.39 -55.01 5.09
C LYS A 656 -67.40 -56.12 5.28
N LEU A 657 -66.95 -57.39 5.33
CA LEU A 657 -67.82 -58.51 5.61
C LEU A 657 -68.33 -58.53 7.04
N ARG A 658 -67.53 -58.02 7.99
CA ARG A 658 -67.96 -57.88 9.37
C ARG A 658 -68.99 -56.77 9.55
N SER A 659 -69.00 -55.77 8.65
CA SER A 659 -69.91 -54.65 8.71
C SER A 659 -71.26 -54.93 8.09
N THR A 660 -71.41 -56.04 7.38
CA THR A 660 -72.66 -56.43 6.73
C THR A 660 -73.18 -57.74 7.30
N GLY A 661 -74.44 -58.10 6.97
CA GLY A 661 -74.97 -59.43 7.29
C GLY A 661 -74.39 -60.47 6.34
N ALA A 662 -74.72 -61.75 6.50
CA ALA A 662 -74.14 -62.77 5.62
C ALA A 662 -75.08 -63.92 5.31
N SER A 663 -74.94 -64.45 4.09
CA SER A 663 -75.76 -65.49 3.49
C SER A 663 -74.91 -66.50 2.74
N PHE A 664 -74.30 -67.45 3.48
CA PHE A 664 -73.35 -68.43 3.00
C PHE A 664 -73.92 -69.54 2.11
N ILE A 665 -73.63 -69.52 0.80
CA ILE A 665 -74.07 -70.52 -0.16
C ILE A 665 -72.88 -71.35 -0.62
N ARG A 666 -72.80 -72.60 -0.13
CA ARG A 666 -71.73 -73.52 -0.46
C ARG A 666 -72.15 -74.34 -1.69
N CYS A 667 -71.30 -74.39 -2.74
CA CYS A 667 -71.62 -75.06 -4.00
C CYS A 667 -70.86 -76.37 -4.21
N ILE A 668 -71.60 -77.48 -4.39
CA ILE A 668 -71.11 -78.85 -4.54
C ILE A 668 -71.09 -79.33 -6.00
N LYS A 669 -69.93 -79.85 -6.45
CA LYS A 669 -69.75 -80.51 -7.74
C LYS A 669 -69.97 -82.01 -7.53
N PRO A 670 -70.94 -82.71 -8.09
CA PRO A 670 -71.18 -84.11 -7.74
C PRO A 670 -70.32 -85.14 -8.42
N ASN A 671 -69.62 -84.82 -9.52
CA ASN A 671 -68.83 -85.81 -10.22
C ASN A 671 -67.75 -85.14 -11.04
N LEU A 672 -66.69 -85.88 -11.36
CA LEU A 672 -65.52 -85.36 -12.06
C LEU A 672 -65.76 -85.01 -13.51
N LYS A 673 -66.61 -85.77 -14.20
CA LYS A 673 -66.92 -85.56 -15.59
C LYS A 673 -67.80 -84.37 -15.87
N MET A 674 -68.60 -83.96 -14.88
CA MET A 674 -69.56 -82.89 -14.93
C MET A 674 -70.72 -83.22 -15.84
N THR A 675 -71.27 -84.43 -15.65
CA THR A 675 -72.37 -84.98 -16.41
C THR A 675 -73.54 -85.27 -15.53
N SER A 676 -74.74 -85.16 -16.07
CA SER A 676 -75.98 -85.33 -15.35
C SER A 676 -76.23 -86.71 -14.81
N HIS A 677 -76.90 -86.78 -13.64
CA HIS A 677 -77.28 -87.99 -12.95
C HIS A 677 -76.17 -88.93 -12.56
N HIS A 678 -75.09 -88.41 -12.00
CA HIS A 678 -73.97 -89.21 -11.49
C HIS A 678 -73.55 -88.65 -10.15
N PHE A 679 -73.47 -89.53 -9.14
CA PHE A 679 -73.09 -89.15 -7.79
C PHE A 679 -71.81 -89.86 -7.42
N GLU A 680 -70.75 -89.11 -7.02
CA GLU A 680 -69.51 -89.68 -6.59
C GLU A 680 -69.26 -89.33 -5.13
N GLY A 681 -69.41 -90.30 -4.20
CA GLY A 681 -69.31 -90.02 -2.77
C GLY A 681 -67.91 -90.05 -2.22
N ALA A 682 -66.91 -90.18 -3.10
CA ALA A 682 -65.51 -90.07 -2.79
C ALA A 682 -64.99 -88.72 -3.23
N GLN A 683 -65.86 -87.87 -3.82
CA GLN A 683 -65.52 -86.56 -4.31
C GLN A 683 -66.43 -85.54 -3.66
N ILE A 684 -67.69 -85.92 -3.35
CA ILE A 684 -68.61 -85.07 -2.61
C ILE A 684 -68.16 -84.95 -1.15
N LEU A 685 -67.78 -86.06 -0.49
CA LEU A 685 -67.33 -86.02 0.89
C LEU A 685 -66.08 -85.19 1.06
N SER A 686 -65.18 -85.17 0.07
CA SER A 686 -64.00 -84.31 0.10
C SER A 686 -64.35 -82.84 -0.01
N GLN A 687 -65.50 -82.49 -0.60
CA GLN A 687 -65.92 -81.11 -0.65
C GLN A 687 -66.72 -80.72 0.58
N LEU A 688 -67.23 -81.68 1.37
CA LEU A 688 -67.87 -81.35 2.63
C LEU A 688 -66.82 -81.02 3.67
N GLN A 689 -65.65 -81.65 3.57
CA GLN A 689 -64.55 -81.43 4.47
C GLN A 689 -63.64 -80.31 3.99
N CYS A 690 -63.83 -79.80 2.76
CA CYS A 690 -63.07 -78.68 2.23
C CYS A 690 -63.94 -77.45 2.07
N SER A 691 -65.20 -77.50 2.51
CA SER A 691 -66.08 -76.33 2.47
C SER A 691 -66.18 -75.67 3.83
N GLY A 692 -65.55 -76.27 4.86
CA GLY A 692 -65.87 -76.02 6.24
C GLY A 692 -67.18 -76.49 6.77
N MET A 693 -67.92 -77.35 6.06
CA MET A 693 -69.21 -77.82 6.53
C MET A 693 -69.09 -78.73 7.73
N VAL A 694 -68.13 -79.66 7.72
CA VAL A 694 -67.90 -80.59 8.80
C VAL A 694 -67.46 -79.88 10.08
N SER A 695 -66.64 -78.82 9.95
CA SER A 695 -66.28 -77.97 11.07
C SER A 695 -67.45 -77.30 11.75
N VAL A 696 -68.43 -76.79 10.98
CA VAL A 696 -69.63 -76.20 11.56
C VAL A 696 -70.52 -77.24 12.23
N LEU A 697 -70.60 -78.47 11.70
CA LEU A 697 -71.31 -79.53 12.39
C LEU A 697 -70.67 -79.96 13.70
N ASP A 698 -69.35 -79.78 13.85
CA ASP A 698 -68.64 -79.99 15.10
C ASP A 698 -69.02 -78.93 16.13
N LEU A 699 -69.15 -77.67 15.69
CA LEU A 699 -69.57 -76.54 16.50
C LEU A 699 -70.97 -76.77 17.06
N MET A 700 -71.91 -77.26 16.24
CA MET A 700 -73.28 -77.44 16.63
C MET A 700 -73.50 -78.58 17.61
N GLN A 701 -72.56 -79.54 17.75
CA GLN A 701 -72.64 -80.54 18.81
C GLN A 701 -72.51 -79.95 20.21
N GLY A 702 -71.79 -78.82 20.35
CA GLY A 702 -71.70 -78.06 21.59
C GLY A 702 -73.00 -77.49 22.09
N GLY A 703 -73.94 -77.21 21.18
CA GLY A 703 -75.25 -76.67 21.50
C GLY A 703 -76.31 -77.73 21.55
N PHE A 704 -77.37 -77.53 20.78
CA PHE A 704 -78.47 -78.46 20.64
C PHE A 704 -78.63 -78.75 19.15
N PRO A 705 -77.99 -79.75 18.55
CA PRO A 705 -77.94 -79.90 17.10
C PRO A 705 -79.21 -80.48 16.52
N SER A 706 -80.01 -81.18 17.33
CA SER A 706 -81.21 -81.85 16.90
C SER A 706 -82.39 -81.11 17.45
N ARG A 707 -83.33 -80.72 16.57
CA ARG A 707 -84.52 -80.01 16.96
C ARG A 707 -85.64 -80.40 16.02
N ALA A 708 -86.85 -80.62 16.55
CA ALA A 708 -87.99 -81.04 15.79
C ALA A 708 -89.20 -80.22 16.19
N SER A 709 -89.95 -79.67 15.22
CA SER A 709 -91.20 -78.98 15.52
C SER A 709 -92.26 -79.86 16.15
N PHE A 710 -93.31 -79.25 16.74
CA PHE A 710 -94.37 -80.00 17.39
C PHE A 710 -95.18 -80.85 16.41
N HIS A 711 -95.38 -80.36 15.19
CA HIS A 711 -96.07 -81.09 14.14
C HIS A 711 -95.26 -82.26 13.59
N GLU A 712 -93.92 -82.19 13.68
CA GLU A 712 -93.05 -83.29 13.30
C GLU A 712 -93.13 -84.42 14.31
N LEU A 713 -93.04 -84.10 15.61
CA LEU A 713 -93.18 -85.07 16.67
C LEU A 713 -94.57 -85.67 16.82
N TYR A 714 -95.61 -84.97 16.32
CA TYR A 714 -96.96 -85.51 16.29
C TYR A 714 -97.12 -86.55 15.19
N ASN A 715 -96.58 -86.29 13.98
CA ASN A 715 -96.64 -87.24 12.90
C ASN A 715 -95.79 -88.49 13.15
N MET A 716 -94.69 -88.37 13.90
CA MET A 716 -93.84 -89.50 14.18
C MET A 716 -94.41 -90.43 15.24
N TYR A 717 -94.86 -89.89 16.39
CA TYR A 717 -95.09 -90.71 17.56
C TYR A 717 -96.53 -90.92 17.97
N LYS A 718 -97.53 -90.42 17.23
CA LYS A 718 -98.93 -90.62 17.59
C LYS A 718 -99.40 -92.08 17.59
N LYS A 719 -98.84 -92.94 16.71
CA LYS A 719 -99.23 -94.33 16.64
C LYS A 719 -98.86 -95.16 17.85
N TYR A 720 -97.81 -94.79 18.59
CA TYR A 720 -97.41 -95.48 19.80
C TYR A 720 -98.18 -95.05 21.03
N MET A 721 -98.85 -93.89 20.99
CA MET A 721 -99.61 -93.39 22.11
C MET A 721 -101.03 -93.92 22.24
N PRO A 722 -101.64 -93.90 23.44
CA PRO A 722 -103.05 -94.19 23.62
C PRO A 722 -103.97 -93.25 22.86
N ASP A 723 -105.19 -93.69 22.51
CA ASP A 723 -106.15 -92.92 21.75
C ASP A 723 -106.56 -91.60 22.39
N LYS A 724 -106.61 -91.54 23.72
CA LYS A 724 -106.87 -90.32 24.46
C LYS A 724 -105.81 -89.25 24.29
N LEU A 725 -104.53 -89.64 24.35
CA LEU A 725 -103.43 -88.72 24.16
C LEU A 725 -103.28 -88.31 22.71
N ALA A 726 -103.64 -89.20 21.78
CA ALA A 726 -103.61 -88.96 20.36
C ALA A 726 -104.58 -87.89 19.88
N ARG A 727 -105.73 -87.72 20.54
CA ARG A 727 -106.71 -86.72 20.21
C ARG A 727 -106.25 -85.27 20.35
N LEU A 728 -105.31 -85.00 21.26
CA LEU A 728 -104.73 -83.70 21.51
C LEU A 728 -104.06 -82.99 20.33
N ASP A 729 -104.02 -81.66 20.36
CA ASP A 729 -103.27 -80.81 19.47
C ASP A 729 -101.74 -80.97 19.60
N PRO A 730 -100.94 -80.86 18.54
CA PRO A 730 -99.49 -81.06 18.60
C PRO A 730 -98.70 -80.43 19.75
N ARG A 731 -98.99 -79.20 20.20
CA ARG A 731 -98.25 -78.61 21.31
C ARG A 731 -98.59 -79.23 22.66
N LEU A 732 -99.87 -79.55 22.91
CA LEU A 732 -100.27 -80.19 24.15
C LEU A 732 -99.95 -81.66 24.16
N PHE A 733 -99.96 -82.32 22.99
CA PHE A 733 -99.45 -83.66 22.83
C PHE A 733 -97.99 -83.76 23.25
N CYS A 734 -97.13 -82.83 22.78
CA CYS A 734 -95.74 -82.81 23.16
C CYS A 734 -95.49 -82.36 24.60
N LYS A 735 -96.32 -81.45 25.14
CA LYS A 735 -96.18 -80.97 26.51
C LYS A 735 -96.52 -82.04 27.53
N ALA A 736 -97.59 -82.81 27.27
CA ALA A 736 -98.02 -83.93 28.07
C ALA A 736 -97.02 -85.06 28.03
N LEU A 737 -96.43 -85.32 26.86
CA LEU A 737 -95.44 -86.36 26.65
C LEU A 737 -94.12 -86.04 27.34
N PHE A 738 -93.70 -84.78 27.34
CA PHE A 738 -92.51 -84.34 28.05
C PHE A 738 -92.69 -84.44 29.57
N LYS A 739 -93.88 -84.07 30.08
CA LYS A 739 -94.19 -84.11 31.49
C LYS A 739 -94.36 -85.54 32.00
N ALA A 740 -95.04 -86.41 31.24
CA ALA A 740 -95.21 -87.82 31.56
C ALA A 740 -93.89 -88.56 31.79
N LEU A 741 -92.96 -88.45 30.83
CA LEU A 741 -91.67 -89.10 30.86
C LEU A 741 -90.73 -88.54 31.91
N GLY A 742 -90.86 -87.24 32.24
CA GLY A 742 -90.12 -86.62 33.34
C GLY A 742 -88.71 -86.26 32.97
N LEU A 743 -88.47 -85.99 31.69
CA LEU A 743 -87.18 -85.77 31.06
C LEU A 743 -86.30 -84.70 31.69
N ASN A 744 -84.99 -84.97 31.76
CA ASN A 744 -84.01 -84.07 32.32
C ASN A 744 -83.89 -82.73 31.61
N GLU A 745 -83.96 -81.64 32.39
CA GLU A 745 -84.00 -80.28 31.91
C GLU A 745 -82.77 -79.78 31.17
N ILE A 746 -81.58 -80.34 31.44
CA ILE A 746 -80.37 -79.92 30.77
C ILE A 746 -80.13 -80.68 29.48
N ASP A 747 -80.80 -81.83 29.29
CA ASP A 747 -80.68 -82.64 28.09
C ASP A 747 -81.78 -82.35 27.08
N TYR A 748 -83.02 -82.17 27.56
CA TYR A 748 -84.18 -81.92 26.75
C TYR A 748 -84.71 -80.54 27.07
N LYS A 749 -85.11 -79.73 26.05
CA LYS A 749 -85.60 -78.38 26.27
C LYS A 749 -86.85 -78.08 25.46
N PHE A 750 -87.93 -77.64 26.11
CA PHE A 750 -89.19 -77.30 25.50
C PHE A 750 -89.24 -75.87 24.97
N GLY A 751 -89.11 -75.65 23.65
CA GLY A 751 -89.09 -74.32 23.05
C GLY A 751 -90.46 -73.75 22.76
N LEU A 752 -90.54 -72.89 21.74
CA LEU A 752 -91.74 -72.14 21.41
C LEU A 752 -92.42 -72.78 20.22
N THR A 753 -91.64 -73.21 19.23
CA THR A 753 -92.15 -73.93 18.06
C THR A 753 -91.51 -75.29 17.92
N LYS A 754 -90.40 -75.55 18.63
CA LYS A 754 -89.66 -76.78 18.51
C LYS A 754 -89.22 -77.31 19.86
N VAL A 755 -88.99 -78.63 19.93
CA VAL A 755 -88.36 -79.29 21.06
C VAL A 755 -86.89 -79.44 20.69
N PHE A 756 -85.96 -79.04 21.57
CA PHE A 756 -84.55 -79.04 21.30
C PHE A 756 -83.92 -80.18 22.08
N PHE A 757 -82.86 -80.80 21.53
CA PHE A 757 -82.24 -81.96 22.13
C PHE A 757 -80.73 -81.81 22.14
N ARG A 758 -80.06 -82.35 23.16
CA ARG A 758 -78.63 -82.56 23.18
C ARG A 758 -78.22 -83.70 22.24
N PRO A 759 -76.96 -83.89 21.86
CA PRO A 759 -76.54 -84.97 20.97
C PRO A 759 -76.92 -86.35 21.42
N GLY A 760 -77.55 -87.15 20.55
CA GLY A 760 -77.96 -88.51 20.84
C GLY A 760 -79.13 -88.66 21.77
N LYS A 761 -79.94 -87.61 21.96
CA LYS A 761 -81.06 -87.66 22.88
C LYS A 761 -82.39 -87.62 22.15
N PHE A 762 -82.44 -87.12 20.91
CA PHE A 762 -83.54 -87.40 20.00
C PHE A 762 -83.58 -88.89 19.64
N ALA A 763 -82.40 -89.52 19.55
CA ALA A 763 -82.27 -90.93 19.33
C ALA A 763 -82.67 -91.74 20.56
N GLU A 764 -82.31 -91.26 21.76
CA GLU A 764 -82.72 -91.86 23.03
C GLU A 764 -84.23 -91.76 23.24
N PHE A 765 -84.81 -90.60 22.90
CA PHE A 765 -86.25 -90.35 22.89
C PHE A 765 -87.01 -91.31 22.00
N ASP A 766 -86.51 -91.59 20.78
CA ASP A 766 -87.12 -92.50 19.85
C ASP A 766 -87.16 -93.95 20.36
N GLN A 767 -86.22 -94.36 21.23
CA GLN A 767 -86.23 -95.68 21.82
C GLN A 767 -87.14 -95.80 23.02
N ILE A 768 -87.43 -94.69 23.74
CA ILE A 768 -88.42 -94.70 24.82
C ILE A 768 -89.81 -94.93 24.28
N MET A 769 -90.12 -94.43 23.07
CA MET A 769 -91.42 -94.61 22.46
C MET A 769 -91.60 -96.00 21.89
N LYS A 770 -90.49 -96.70 21.61
CA LYS A 770 -90.50 -98.03 21.07
C LYS A 770 -90.34 -99.08 22.16
N SER A 771 -90.49 -98.71 23.41
CA SER A 771 -90.33 -99.59 24.54
C SER A 771 -91.57 -100.03 25.12
N ASP A 772 -91.96 -100.64 25.95
CA ASP A 772 -93.06 -101.24 26.60
C ASP A 772 -94.40 -100.48 26.56
N PRO A 773 -95.39 -100.90 25.76
CA PRO A 773 -96.63 -100.17 25.62
C PRO A 773 -97.45 -100.06 26.89
N ASP A 774 -97.35 -101.03 27.81
CA ASP A 774 -98.08 -101.04 29.05
C ASP A 774 -97.50 -100.05 30.05
N HIS A 775 -96.16 -99.96 30.10
CA HIS A 775 -95.45 -99.00 30.92
C HIS A 775 -95.73 -97.56 30.51
N LEU A 776 -95.73 -97.29 29.19
CA LEU A 776 -96.09 -95.99 28.62
C LEU A 776 -97.53 -95.60 28.91
N ALA A 777 -98.48 -96.56 28.81
CA ALA A 777 -99.87 -96.35 29.13
C ALA A 777 -100.12 -95.99 30.59
N GLU A 778 -99.30 -96.55 31.51
CA GLU A 778 -99.40 -96.30 32.93
C GLU A 778 -98.87 -94.92 33.29
N LEU A 779 -97.83 -94.43 32.59
CA LEU A 779 -97.32 -93.08 32.78
C LEU A 779 -98.29 -92.01 32.26
N VAL A 780 -99.08 -92.32 31.22
CA VAL A 780 -100.14 -91.45 30.73
C VAL A 780 -101.33 -91.40 31.68
N LYS A 781 -101.67 -92.52 32.34
CA LYS A 781 -102.65 -92.55 33.43
C LYS A 781 -102.26 -91.67 34.60
N ARG A 782 -100.97 -91.64 34.97
CA ARG A 782 -100.48 -90.86 36.09
C ARG A 782 -100.44 -89.36 35.87
N VAL A 783 -100.52 -88.88 34.61
CA VAL A 783 -100.51 -87.46 34.31
C VAL A 783 -101.89 -86.96 33.88
N ASN A 784 -102.93 -87.81 34.03
CA ASN A 784 -104.28 -87.51 33.57
C ASN A 784 -104.97 -86.34 34.29
N HIS A 785 -104.68 -86.10 35.57
CA HIS A 785 -105.24 -84.96 36.29
C HIS A 785 -104.67 -83.63 35.80
N TRP A 786 -103.33 -83.55 35.70
CA TRP A 786 -102.63 -82.41 35.14
C TRP A 786 -103.06 -82.07 33.71
N LEU A 787 -103.38 -83.10 32.90
CA LEU A 787 -103.77 -82.94 31.53
C LEU A 787 -105.17 -82.38 31.37
N ILE A 788 -106.14 -82.79 32.22
CA ILE A 788 -107.42 -82.14 32.33
C ILE A 788 -107.33 -80.69 32.80
N CYS A 789 -106.49 -80.40 33.81
CA CYS A 789 -106.25 -79.05 34.28
C CYS A 789 -105.58 -78.15 33.25
N SER A 790 -104.66 -78.70 32.43
CA SER A 790 -104.02 -77.98 31.35
C SER A 790 -104.98 -77.67 30.22
N ARG A 791 -105.91 -78.59 29.90
CA ARG A 791 -106.86 -78.42 28.82
C ARG A 791 -107.98 -77.46 29.19
N TRP A 792 -108.26 -77.31 30.51
CA TRP A 792 -109.16 -76.30 31.03
C TRP A 792 -108.54 -74.91 30.90
N LYS A 793 -107.32 -74.71 31.43
CA LYS A 793 -106.63 -73.44 31.38
C LYS A 793 -106.30 -72.99 29.96
N LYS A 794 -106.21 -73.92 28.99
CA LYS A 794 -105.97 -73.58 27.60
C LYS A 794 -107.17 -72.86 27.00
N VAL A 795 -108.41 -73.35 27.21
CA VAL A 795 -109.59 -72.69 26.68
C VAL A 795 -110.04 -71.52 27.54
N GLN A 796 -109.70 -71.49 28.84
CA GLN A 796 -110.01 -70.36 29.70
C GLN A 796 -109.13 -69.15 29.42
N TRP A 797 -107.81 -69.32 29.28
CA TRP A 797 -106.93 -68.20 28.96
C TRP A 797 -106.99 -67.79 27.50
N CYS A 798 -107.52 -68.64 26.60
CA CYS A 798 -107.78 -68.25 25.22
C CYS A 798 -109.04 -67.40 25.10
N SER A 799 -110.05 -67.63 25.96
CA SER A 799 -111.24 -66.79 25.98
C SER A 799 -110.97 -65.47 26.64
N LEU A 800 -110.10 -65.43 27.67
CA LEU A 800 -109.59 -64.21 28.24
C LEU A 800 -108.64 -63.46 27.32
N SER A 801 -108.05 -64.13 26.32
CA SER A 801 -107.24 -63.46 25.31
C SER A 801 -108.10 -62.68 24.34
N VAL A 802 -109.24 -63.26 23.90
CA VAL A 802 -110.16 -62.58 23.00
C VAL A 802 -110.83 -61.38 23.67
N ILE A 803 -111.14 -61.47 24.98
CA ILE A 803 -111.66 -60.36 25.76
C ILE A 803 -110.62 -59.27 26.01
N LYS A 804 -109.32 -59.60 26.18
CA LYS A 804 -108.30 -58.57 26.30
C LYS A 804 -107.98 -57.89 24.97
N LEU A 805 -108.24 -58.55 23.82
CA LEU A 805 -108.11 -57.91 22.52
C LEU A 805 -109.37 -57.15 22.15
N LYS A 806 -110.51 -57.45 22.77
CA LYS A 806 -111.71 -56.62 22.69
C LYS A 806 -111.54 -55.35 23.51
N ASN A 807 -110.93 -55.46 24.71
CA ASN A 807 -110.59 -54.32 25.53
C ASN A 807 -109.46 -53.48 24.95
N LYS A 808 -108.62 -54.00 24.05
CA LYS A 808 -107.60 -53.23 23.35
C LYS A 808 -108.20 -52.39 22.24
N ILE A 809 -109.16 -52.92 21.46
CA ILE A 809 -109.85 -52.20 20.39
C ILE A 809 -110.61 -50.99 20.92
N LYS A 810 -111.18 -51.10 22.13
CA LYS A 810 -111.88 -50.02 22.79
C LYS A 810 -110.95 -48.99 23.40
N TYR A 811 -109.89 -49.44 24.12
CA TYR A 811 -108.85 -48.60 24.70
C TYR A 811 -108.12 -47.74 23.67
N ARG A 812 -107.79 -48.33 22.51
CA ARG A 812 -107.15 -47.65 21.41
C ARG A 812 -108.08 -46.64 20.75
N ALA A 813 -109.35 -47.03 20.48
CA ALA A 813 -110.32 -46.12 19.92
C ALA A 813 -110.86 -45.06 20.89
N GLU A 814 -110.41 -45.08 22.16
CA GLU A 814 -110.69 -44.04 23.14
C GLU A 814 -109.76 -42.87 22.99
N ALA A 815 -108.63 -43.06 22.31
CA ALA A 815 -107.70 -42.03 21.96
C ALA A 815 -107.64 -41.66 20.54
N CYS A 816 -108.50 -41.79 19.80
CA CYS A 816 -108.57 -41.41 18.47
C CYS A 816 -109.11 -40.25 18.43
N GLU B 1 73.53 -75.06 -14.60
CA GLU B 1 73.88 -76.22 -15.13
C GLU B 1 73.92 -77.24 -14.21
N ASP B 2 73.85 -78.43 -14.65
CA ASP B 2 73.84 -79.49 -13.87
C ASP B 2 75.05 -79.69 -13.20
N GLY B 3 74.93 -79.96 -11.98
CA GLY B 3 75.97 -80.20 -11.19
C GLY B 3 76.62 -79.04 -10.68
N LYS B 4 76.31 -77.99 -10.96
CA LYS B 4 76.87 -76.79 -10.53
C LYS B 4 76.24 -76.23 -9.29
N PRO B 5 76.94 -75.73 -8.31
CA PRO B 5 76.40 -75.19 -7.09
C PRO B 5 75.55 -73.96 -7.27
N VAL B 6 74.44 -73.88 -6.52
CA VAL B 6 73.59 -72.72 -6.44
C VAL B 6 73.56 -72.31 -5.00
N TRP B 7 73.07 -71.09 -4.70
CA TRP B 7 72.84 -70.66 -3.35
C TRP B 7 71.47 -71.13 -2.90
N ALA B 8 71.36 -71.56 -1.63
CA ALA B 8 70.15 -72.06 -1.05
C ALA B 8 69.70 -71.21 0.13
N PRO B 9 68.43 -70.83 0.25
CA PRO B 9 67.88 -70.09 1.39
C PRO B 9 67.99 -70.76 2.76
N HIS B 10 68.98 -70.43 3.60
CA HIS B 10 69.09 -71.04 4.92
C HIS B 10 68.70 -69.99 5.96
N PRO B 11 67.73 -70.19 6.84
CA PRO B 11 67.28 -69.16 7.76
C PRO B 11 68.31 -68.49 8.64
N THR B 12 69.30 -69.20 9.16
CA THR B 12 70.27 -68.65 10.08
C THR B 12 71.41 -67.94 9.40
N ASP B 13 71.67 -68.17 8.13
CA ASP B 13 72.80 -67.61 7.42
C ASP B 13 72.39 -66.82 6.19
N GLY B 14 71.11 -66.80 5.84
CA GLY B 14 70.60 -66.13 4.65
C GLY B 14 70.69 -67.07 3.48
N PHE B 15 71.91 -67.30 2.97
CA PHE B 15 72.17 -68.22 1.90
C PHE B 15 73.31 -69.14 2.25
N GLN B 16 73.23 -70.42 1.84
CA GLN B 16 74.32 -71.37 1.97
C GLN B 16 74.48 -72.13 0.66
N VAL B 17 75.54 -72.93 0.49
CA VAL B 17 75.76 -73.79 -0.67
C VAL B 17 74.76 -74.93 -0.82
N GLY B 18 74.49 -75.40 -2.04
CA GLY B 18 73.51 -76.45 -2.25
C GLY B 18 73.35 -76.82 -3.69
N ASN B 19 72.71 -77.98 -3.94
CA ASN B 19 72.54 -78.55 -5.25
C ASN B 19 71.08 -78.90 -5.47
N ILE B 20 70.69 -79.12 -6.73
CA ILE B 20 69.32 -79.39 -7.13
C ILE B 20 69.25 -80.82 -7.59
N VAL B 21 68.43 -81.64 -6.90
CA VAL B 21 68.35 -83.08 -7.16
C VAL B 21 66.99 -83.48 -7.67
N ASP B 22 66.02 -82.55 -7.73
CA ASP B 22 64.73 -82.79 -8.34
C ASP B 22 64.14 -81.41 -8.57
N ILE B 23 63.09 -81.31 -9.41
CA ILE B 23 62.51 -80.04 -9.77
C ILE B 23 61.08 -80.23 -10.21
N GLY B 24 60.26 -79.17 -10.10
CA GLY B 24 58.89 -79.15 -10.51
C GLY B 24 58.60 -77.86 -11.22
N PRO B 25 57.40 -77.56 -11.56
CA PRO B 25 57.03 -76.32 -12.23
C PRO B 25 57.34 -75.04 -11.54
N ASP B 26 57.18 -74.96 -10.24
CA ASP B 26 57.42 -73.77 -9.51
C ASP B 26 58.48 -73.95 -8.43
N SER B 27 58.85 -75.16 -8.09
CA SER B 27 59.77 -75.45 -7.01
C SER B 27 60.98 -76.28 -7.40
N LEU B 28 62.05 -76.13 -6.63
CA LEU B 28 63.30 -76.83 -6.77
C LEU B 28 63.55 -77.58 -5.48
N THR B 29 63.86 -78.89 -5.58
CA THR B 29 64.18 -79.73 -4.44
C THR B 29 65.65 -79.60 -4.11
N ILE B 30 66.00 -78.68 -3.19
CA ILE B 30 67.36 -78.31 -2.84
C ILE B 30 68.00 -79.21 -1.79
N GLU B 31 69.11 -79.89 -2.15
CA GLU B 31 69.90 -80.65 -1.20
C GLU B 31 71.11 -79.81 -0.77
N PRO B 32 71.32 -79.42 0.48
CA PRO B 32 72.51 -78.68 0.90
C PRO B 32 73.81 -79.45 0.70
N LEU B 33 74.92 -78.73 0.51
CA LEU B 33 76.23 -79.34 0.30
C LEU B 33 76.84 -79.82 1.58
N ASN B 34 76.74 -79.03 2.64
CA ASN B 34 77.27 -79.36 3.93
C ASN B 34 76.35 -80.19 4.78
N GLN B 35 75.05 -80.13 4.60
CA GLN B 35 74.06 -80.87 5.34
C GLN B 35 73.29 -81.78 4.40
N LYS B 36 73.85 -82.80 3.94
CA LYS B 36 73.23 -83.77 3.08
C LYS B 36 72.15 -84.54 3.79
N GLY B 37 71.01 -84.78 3.12
CA GLY B 37 69.87 -85.43 3.66
C GLY B 37 68.88 -84.53 4.29
N LYS B 38 69.17 -83.25 4.37
CA LYS B 38 68.26 -82.27 4.88
C LYS B 38 67.26 -81.84 3.85
N THR B 39 67.48 -82.03 2.60
CA THR B 39 66.73 -81.81 1.38
C THR B 39 65.41 -81.07 1.48
N PHE B 40 65.41 -79.73 1.36
CA PHE B 40 64.20 -78.92 1.44
C PHE B 40 63.67 -78.49 0.07
N LEU B 41 62.63 -77.63 0.07
CA LEU B 41 62.01 -77.13 -1.14
C LEU B 41 62.20 -75.62 -1.20
N ALA B 42 62.38 -75.07 -2.40
CA ALA B 42 62.56 -73.64 -2.59
C ALA B 42 62.00 -73.24 -3.93
N LEU B 43 61.54 -71.98 -4.06
CA LEU B 43 60.91 -71.49 -5.28
C LEU B 43 61.90 -70.93 -6.28
N ILE B 44 61.47 -70.78 -7.54
CA ILE B 44 62.27 -70.31 -8.67
C ILE B 44 62.96 -68.97 -8.47
N ASN B 45 62.35 -68.08 -7.70
CA ASN B 45 62.86 -66.77 -7.40
C ASN B 45 63.68 -66.72 -6.13
N GLN B 46 63.85 -67.83 -5.44
CA GLN B 46 64.58 -67.88 -4.19
C GLN B 46 65.96 -68.49 -4.32
N VAL B 47 66.34 -68.96 -5.52
CA VAL B 47 67.62 -69.59 -5.76
C VAL B 47 68.47 -68.71 -6.66
N PHE B 48 69.80 -68.78 -6.52
CA PHE B 48 70.71 -67.95 -7.28
C PHE B 48 71.94 -68.74 -7.69
N PRO B 49 72.52 -68.56 -8.87
CA PRO B 49 73.74 -69.26 -9.27
C PRO B 49 74.97 -68.81 -8.48
N ALA B 50 75.84 -69.76 -8.11
CA ALA B 50 77.03 -69.50 -7.35
C ALA B 50 78.27 -69.70 -8.21
N GLU B 51 79.37 -69.03 -7.86
CA GLU B 51 80.62 -69.15 -8.56
C GLU B 51 81.39 -70.39 -8.19
N GLU B 52 82.28 -70.88 -9.08
CA GLU B 52 83.09 -72.05 -8.86
C GLU B 52 84.09 -71.89 -7.74
N ASP B 53 84.79 -70.76 -7.66
CA ASP B 53 85.69 -70.47 -6.58
C ASP B 53 85.01 -69.52 -5.62
N SER B 54 84.57 -70.04 -4.50
CA SER B 54 83.87 -69.27 -3.49
C SER B 54 84.77 -68.84 -2.37
N LYS B 55 85.99 -69.32 -2.33
CA LYS B 55 86.94 -68.97 -1.32
C LYS B 55 87.65 -67.70 -1.57
N LYS B 56 87.52 -67.00 -2.53
CA LYS B 56 88.10 -65.75 -2.92
C LYS B 56 87.15 -64.60 -2.75
N ASP B 57 87.64 -63.42 -2.44
CA ASP B 57 86.86 -62.20 -2.31
C ASP B 57 87.28 -61.22 -3.39
N VAL B 58 86.45 -60.22 -3.66
CA VAL B 58 86.74 -59.22 -4.67
C VAL B 58 86.52 -57.83 -4.09
N GLU B 59 87.44 -56.89 -4.38
CA GLU B 59 87.37 -55.52 -3.94
C GLU B 59 86.28 -54.78 -4.70
N ASP B 60 86.22 -55.09 -6.00
CA ASP B 60 85.28 -54.58 -6.96
C ASP B 60 84.32 -55.69 -7.29
N ASN B 61 83.02 -55.45 -7.13
CA ASN B 61 82.02 -56.49 -7.29
C ASN B 61 81.62 -56.72 -8.72
N CYS B 62 82.11 -55.93 -9.68
CA CYS B 62 81.85 -56.16 -11.09
C CYS B 62 82.77 -57.21 -11.65
N SER B 63 83.73 -57.71 -10.85
CA SER B 63 84.63 -58.78 -11.22
C SER B 63 84.09 -60.15 -10.90
N LEU B 64 82.84 -60.25 -10.43
CA LEU B 64 82.17 -61.51 -10.19
C LEU B 64 81.58 -62.09 -11.47
N MET B 65 81.55 -63.42 -11.60
CA MET B 65 80.98 -64.10 -12.75
C MET B 65 79.47 -64.16 -12.64
N TYR B 66 78.96 -64.17 -11.40
CA TYR B 66 77.55 -64.10 -11.11
C TYR B 66 77.36 -62.97 -10.11
N LEU B 67 76.69 -61.88 -10.52
CA LEU B 67 76.46 -60.75 -9.65
C LEU B 67 75.01 -60.78 -9.20
N ASN B 68 74.80 -61.07 -7.92
CA ASN B 68 73.50 -61.17 -7.33
C ASN B 68 73.66 -60.87 -5.86
N GLU B 69 72.61 -61.02 -5.05
CA GLU B 69 72.66 -60.59 -3.67
C GLU B 69 73.18 -61.70 -2.80
N ALA B 70 73.11 -62.95 -3.27
CA ALA B 70 73.72 -64.06 -2.58
C ALA B 70 75.24 -64.08 -2.76
N THR B 71 75.78 -63.65 -3.92
CA THR B 71 77.23 -63.58 -4.07
C THR B 71 77.79 -62.31 -3.50
N LEU B 72 76.96 -61.26 -3.33
CA LEU B 72 77.36 -60.06 -2.62
C LEU B 72 77.42 -60.32 -1.13
N LEU B 73 76.48 -61.13 -0.58
CA LEU B 73 76.46 -61.49 0.82
C LEU B 73 77.64 -62.35 1.20
N HIS B 74 78.07 -63.24 0.29
CA HIS B 74 79.24 -64.06 0.53
C HIS B 74 80.51 -63.26 0.37
N ASN B 75 80.52 -62.21 -0.46
CA ASN B 75 81.69 -61.37 -0.61
C ASN B 75 81.94 -60.56 0.66
N ILE B 76 80.87 -60.09 1.35
CA ILE B 76 81.05 -59.32 2.58
C ILE B 76 81.05 -60.21 3.81
N LYS B 77 81.05 -61.53 3.63
CA LYS B 77 81.21 -62.48 4.72
C LYS B 77 82.67 -62.86 4.80
N VAL B 78 83.32 -63.09 3.65
CA VAL B 78 84.74 -63.38 3.55
C VAL B 78 85.56 -62.14 3.90
N ARG B 79 85.13 -60.95 3.45
CA ARG B 79 85.84 -59.73 3.77
C ARG B 79 85.73 -59.31 5.22
N TYR B 80 84.68 -59.76 5.94
CA TYR B 80 84.53 -59.46 7.35
C TYR B 80 85.57 -60.18 8.22
N SER B 81 86.05 -61.37 7.83
CA SER B 81 87.07 -62.07 8.60
C SER B 81 88.46 -61.76 8.11
N LYS B 82 88.58 -60.90 7.09
CA LYS B 82 89.86 -60.37 6.63
C LYS B 82 89.99 -58.92 7.04
N ASP B 83 89.02 -58.42 7.83
CA ASP B 83 88.93 -57.07 8.33
C ASP B 83 88.91 -56.02 7.21
N ARG B 84 88.26 -56.32 6.08
CA ARG B 84 88.12 -55.41 4.96
C ARG B 84 86.71 -54.87 4.96
N ILE B 85 86.47 -53.80 5.66
CA ILE B 85 85.16 -53.23 5.92
C ILE B 85 84.58 -52.35 4.84
N TYR B 86 85.38 -51.96 3.83
CA TYR B 86 84.91 -51.15 2.72
C TYR B 86 84.87 -51.97 1.44
N THR B 87 83.78 -51.84 0.65
CA THR B 87 83.56 -52.65 -0.54
C THR B 87 83.03 -51.83 -1.71
N TYR B 88 83.72 -51.82 -2.87
CA TYR B 88 83.39 -51.01 -4.04
C TYR B 88 82.36 -51.63 -4.96
N VAL B 89 81.12 -51.08 -5.00
CA VAL B 89 80.15 -51.46 -6.01
C VAL B 89 79.90 -50.26 -6.88
N ALA B 90 80.60 -50.12 -8.00
CA ALA B 90 80.51 -48.98 -8.90
C ALA B 90 80.66 -47.61 -8.29
N ASN B 91 79.59 -46.88 -8.08
CA ASN B 91 79.53 -45.56 -7.49
C ASN B 91 78.91 -45.63 -6.10
N ILE B 92 78.81 -46.84 -5.53
CA ILE B 92 78.20 -47.12 -4.25
C ILE B 92 79.24 -47.72 -3.33
N LEU B 93 79.42 -47.14 -2.13
CA LEU B 93 80.33 -47.68 -1.16
C LEU B 93 79.54 -48.37 -0.08
N ILE B 94 79.88 -49.63 0.19
CA ILE B 94 79.30 -50.47 1.21
C ILE B 94 80.29 -50.56 2.34
N ALA B 95 79.98 -49.95 3.49
CA ALA B 95 80.83 -49.90 4.65
C ALA B 95 80.15 -50.67 5.76
N VAL B 96 80.88 -51.58 6.43
CA VAL B 96 80.37 -52.44 7.48
C VAL B 96 81.06 -52.10 8.80
N ASN B 97 80.32 -51.70 9.85
CA ASN B 97 80.93 -51.29 11.11
C ASN B 97 81.56 -52.44 11.89
N PRO B 98 82.81 -52.46 12.27
CA PRO B 98 83.37 -53.56 12.98
C PRO B 98 83.29 -53.40 14.47
N TYR B 99 82.98 -52.22 14.97
CA TYR B 99 82.91 -51.88 16.37
C TYR B 99 84.26 -51.99 17.06
N PHE B 100 85.33 -51.74 16.34
CA PHE B 100 86.67 -51.78 16.83
C PHE B 100 87.52 -50.92 15.95
N ASP B 101 88.58 -50.32 16.47
CA ASP B 101 89.44 -49.45 15.71
C ASP B 101 90.51 -50.21 14.98
N ILE B 102 90.47 -50.33 13.70
CA ILE B 102 91.41 -51.02 12.85
C ILE B 102 92.72 -50.24 12.74
N PRO B 103 93.90 -50.81 12.87
CA PRO B 103 95.15 -50.08 12.79
C PRO B 103 95.44 -49.44 11.46
N LYS B 104 96.09 -48.28 11.45
CA LYS B 104 96.63 -47.53 10.34
C LYS B 104 95.67 -46.99 9.32
N ILE B 105 94.42 -47.35 9.36
CA ILE B 105 93.48 -46.86 8.43
C ILE B 105 93.06 -45.44 8.58
N TYR B 106 93.15 -44.87 9.73
CA TYR B 106 92.82 -43.50 9.94
C TYR B 106 94.00 -42.60 10.00
N SER B 107 95.17 -43.16 9.74
CA SER B 107 96.44 -42.47 9.74
C SER B 107 96.58 -41.36 8.73
N SER B 108 97.32 -40.30 9.07
CA SER B 108 97.57 -39.17 8.19
C SER B 108 98.49 -39.51 7.06
N GLU B 109 99.32 -40.56 7.23
CA GLU B 109 100.14 -41.06 6.15
C GLU B 109 99.30 -41.79 5.12
N THR B 110 98.23 -42.47 5.58
CA THR B 110 97.26 -43.15 4.75
C THR B 110 96.43 -42.16 3.98
N ILE B 111 96.08 -41.03 4.59
CA ILE B 111 95.34 -39.94 3.96
C ILE B 111 96.11 -39.31 2.81
N LYS B 112 97.43 -39.10 2.97
CA LYS B 112 98.22 -38.51 1.91
C LYS B 112 98.68 -39.54 0.90
N SER B 113 98.38 -40.84 1.16
CA SER B 113 98.66 -41.89 0.20
C SER B 113 97.56 -41.94 -0.84
N TYR B 114 96.30 -41.84 -0.42
CA TYR B 114 95.15 -41.82 -1.30
C TYR B 114 95.09 -40.58 -2.17
N GLN B 115 95.48 -39.42 -1.62
CA GLN B 115 95.47 -38.13 -2.29
C GLN B 115 95.93 -38.10 -3.75
N GLY B 116 94.99 -37.82 -4.66
CA GLY B 116 95.24 -37.67 -6.09
C GLY B 116 95.40 -38.92 -6.88
N LYS B 117 95.26 -40.10 -6.28
CA LYS B 117 95.41 -41.35 -6.97
C LYS B 117 94.21 -41.77 -7.76
N SER B 118 94.22 -42.25 -8.75
CA SER B 118 93.16 -42.67 -9.63
C SER B 118 92.09 -43.49 -8.99
N LEU B 119 91.18 -43.75 -9.36
CA LEU B 119 90.08 -44.45 -8.81
C LEU B 119 90.06 -45.88 -9.16
N GLY B 120 89.86 -46.76 -8.19
CA GLY B 120 89.81 -48.16 -8.38
C GLY B 120 91.11 -48.83 -8.30
N THR B 121 92.19 -48.13 -8.41
CA THR B 121 93.51 -48.65 -8.31
C THR B 121 93.99 -48.68 -6.90
N MET B 122 93.45 -48.03 -6.01
CA MET B 122 93.73 -48.02 -4.60
C MET B 122 92.67 -48.81 -3.88
N PRO B 123 92.96 -49.53 -2.80
CA PRO B 123 91.98 -50.28 -2.04
C PRO B 123 90.75 -49.49 -1.60
N PRO B 124 89.56 -50.04 -1.47
CA PRO B 124 88.39 -49.31 -1.04
C PRO B 124 88.52 -48.72 0.34
N HIS B 125 88.22 -47.43 0.50
CA HIS B 125 88.28 -46.77 1.78
C HIS B 125 87.40 -45.56 1.65
N VAL B 126 87.05 -44.91 2.76
CA VAL B 126 86.15 -43.78 2.73
C VAL B 126 86.87 -42.51 2.27
N PHE B 127 88.20 -42.52 2.34
CA PHE B 127 89.01 -41.44 1.84
C PHE B 127 89.14 -41.50 0.33
N ALA B 128 88.76 -42.61 -0.33
CA ALA B 128 88.81 -42.68 -1.76
C ALA B 128 87.55 -42.12 -2.40
N ILE B 129 86.54 -41.84 -1.58
CA ILE B 129 85.30 -41.22 -2.02
C ILE B 129 85.45 -39.74 -1.85
N ALA B 130 86.02 -39.30 -0.72
CA ALA B 130 86.23 -37.90 -0.45
C ALA B 130 87.25 -37.25 -1.39
N ASP B 131 88.28 -38.00 -1.83
CA ASP B 131 89.21 -37.49 -2.80
C ASP B 131 88.62 -37.41 -4.19
N LYS B 132 87.72 -38.34 -4.54
CA LYS B 132 87.01 -38.32 -5.80
C LYS B 132 86.04 -37.17 -5.85
N ALA B 133 85.36 -36.86 -4.73
CA ALA B 133 84.39 -35.79 -4.70
C ALA B 133 85.01 -34.40 -4.78
N PHE B 134 86.29 -34.23 -4.37
CA PHE B 134 86.97 -32.97 -4.61
C PHE B 134 87.35 -32.82 -6.08
N ARG B 135 87.75 -33.92 -6.72
CA ARG B 135 88.12 -33.90 -8.11
C ARG B 135 86.95 -33.81 -9.04
N ASP B 136 85.79 -34.37 -8.66
CA ASP B 136 84.57 -34.18 -9.42
C ASP B 136 83.77 -33.04 -8.82
N MET B 137 84.48 -31.97 -8.46
CA MET B 137 83.94 -30.70 -8.07
C MET B 137 84.66 -29.69 -8.92
N LYS B 138 85.96 -29.51 -8.68
CA LYS B 138 86.79 -28.56 -9.41
C LYS B 138 86.89 -28.81 -10.92
N VAL B 139 87.04 -30.07 -11.35
CA VAL B 139 87.08 -30.41 -12.77
C VAL B 139 85.72 -30.24 -13.42
N LEU B 140 84.67 -30.73 -12.73
CA LEU B 140 83.31 -30.72 -13.20
C LEU B 140 82.64 -29.37 -13.21
N LYS B 141 83.05 -28.46 -12.32
CA LYS B 141 82.50 -27.13 -12.12
C LYS B 141 81.09 -27.21 -11.57
N LEU B 142 80.89 -28.08 -10.58
CA LEU B 142 79.61 -28.33 -9.99
C LEU B 142 79.82 -28.77 -8.55
N SER B 143 78.86 -28.52 -7.67
CA SER B 143 78.95 -28.88 -6.25
C SER B 143 78.60 -30.34 -6.00
N GLN B 144 79.04 -30.89 -4.86
CA GLN B 144 78.95 -32.31 -4.56
C GLN B 144 78.18 -32.63 -3.30
N SER B 145 77.73 -33.90 -3.17
CA SER B 145 76.97 -34.35 -2.02
C SER B 145 77.28 -35.79 -1.69
N ILE B 146 77.47 -36.07 -0.40
CA ILE B 146 77.76 -37.39 0.11
C ILE B 146 76.50 -37.82 0.82
N ILE B 147 75.91 -38.96 0.43
CA ILE B 147 74.63 -39.38 0.95
C ILE B 147 74.85 -40.58 1.85
N VAL B 148 74.49 -40.47 3.14
CA VAL B 148 74.71 -41.50 4.13
C VAL B 148 73.38 -42.02 4.67
N SER B 149 73.11 -43.32 4.46
CA SER B 149 71.88 -43.97 4.91
C SER B 149 72.14 -44.94 6.04
N GLY B 150 71.32 -46.00 6.16
CA GLY B 150 71.41 -47.01 7.21
C GLY B 150 70.69 -46.70 8.47
N GLU B 151 70.56 -47.72 9.32
CA GLU B 151 69.92 -47.67 10.61
C GLU B 151 70.92 -47.32 11.68
N SER B 152 70.45 -46.99 12.89
CA SER B 152 71.33 -46.63 13.99
C SER B 152 72.29 -47.73 14.39
N GLY B 153 73.54 -47.36 14.68
CA GLY B 153 74.59 -48.31 15.02
C GLY B 153 75.28 -48.92 13.84
N ALA B 154 74.98 -48.46 12.62
CA ALA B 154 75.59 -48.99 11.43
C ALA B 154 76.86 -48.25 11.02
N GLY B 155 77.28 -47.23 11.78
CA GLY B 155 78.52 -46.50 11.55
C GLY B 155 78.35 -45.24 10.76
N LYS B 156 77.11 -44.71 10.66
CA LYS B 156 76.82 -43.55 9.86
C LYS B 156 77.30 -42.26 10.50
N THR B 157 77.45 -42.25 11.83
CA THR B 157 78.06 -41.14 12.54
C THR B 157 79.55 -41.12 12.33
N GLU B 158 80.21 -42.27 12.46
CA GLU B 158 81.64 -42.41 12.29
C GLU B 158 82.11 -42.17 10.87
N ASN B 159 81.35 -42.62 9.85
CA ASN B 159 81.70 -42.36 8.45
C ASN B 159 81.61 -40.89 8.09
N THR B 160 80.70 -40.14 8.75
CA THR B 160 80.57 -38.71 8.52
C THR B 160 81.78 -37.96 9.03
N LYS B 161 82.32 -38.38 10.18
CA LYS B 161 83.48 -37.72 10.75
C LYS B 161 84.76 -37.95 9.96
N PHE B 162 84.90 -39.08 9.26
CA PHE B 162 86.05 -39.33 8.40
C PHE B 162 86.02 -38.51 7.13
N VAL B 163 84.83 -38.12 6.65
CA VAL B 163 84.70 -37.24 5.50
C VAL B 163 85.16 -35.85 5.87
N LEU B 164 84.71 -35.32 7.03
CA LEU B 164 85.11 -33.98 7.42
C LEU B 164 86.56 -33.89 7.86
N ARG B 165 87.15 -35.01 8.29
CA ARG B 165 88.57 -35.12 8.59
C ARG B 165 89.41 -35.04 7.33
N TYR B 166 88.98 -35.70 6.24
CA TYR B 166 89.75 -35.69 5.01
C TYR B 166 89.75 -34.34 4.32
N LEU B 167 88.67 -33.55 4.45
CA LEU B 167 88.63 -32.26 3.81
C LEU B 167 89.42 -31.19 4.53
N THR B 168 89.69 -31.32 5.84
CA THR B 168 90.47 -30.35 6.59
C THR B 168 91.86 -30.86 6.87
N GLU B 169 92.32 -31.84 6.08
CA GLU B 169 93.65 -32.38 6.16
C GLU B 169 94.26 -32.46 4.78
N SER B 170 93.58 -33.15 3.84
CA SER B 170 94.10 -33.34 2.50
C SER B 170 94.08 -32.09 1.65
N TYR B 171 93.01 -31.28 1.71
CA TYR B 171 92.91 -30.10 0.90
C TYR B 171 92.77 -28.82 1.69
N GLY B 172 92.08 -28.81 2.84
CA GLY B 172 91.97 -27.62 3.68
C GLY B 172 93.17 -27.39 4.52
N THR B 173 93.82 -26.33 4.42
CA THR B 173 94.96 -25.92 5.18
C THR B 173 94.72 -25.42 6.40
N GLY B 174 93.99 -25.10 7.08
CA GLY B 174 93.68 -24.63 8.26
C GLY B 174 92.26 -24.59 8.58
N GLN B 175 91.54 -24.38 8.93
CA GLN B 175 90.17 -24.24 9.31
C GLN B 175 89.69 -25.36 10.19
N ASP B 176 89.58 -25.14 11.48
CA ASP B 176 89.15 -26.06 12.47
C ASP B 176 87.66 -26.12 12.67
N ILE B 177 86.93 -26.46 11.60
CA ILE B 177 85.50 -26.55 11.59
C ILE B 177 85.03 -27.97 11.78
N ASP B 178 85.89 -28.96 11.46
CA ASP B 178 85.62 -30.38 11.52
C ASP B 178 85.04 -30.90 12.82
N ASP B 179 85.59 -30.50 13.98
CA ASP B 179 85.12 -30.99 15.24
C ASP B 179 84.14 -30.04 15.91
N ARG B 180 83.69 -28.96 15.27
CA ARG B 180 82.68 -28.14 15.92
C ARG B 180 81.30 -28.78 15.79
N ILE B 181 81.13 -29.67 14.79
CA ILE B 181 79.94 -30.49 14.65
C ILE B 181 79.95 -31.58 15.69
N VAL B 182 81.11 -32.23 15.87
CA VAL B 182 81.33 -33.29 16.83
C VAL B 182 81.18 -32.81 18.26
N GLU B 183 81.71 -31.62 18.60
CA GLU B 183 81.61 -31.05 19.93
C GLU B 183 80.19 -30.66 20.28
N ALA B 184 79.34 -30.26 19.32
CA ALA B 184 77.95 -29.95 19.65
C ALA B 184 76.99 -31.02 19.16
N ASN B 185 77.48 -32.28 19.08
CA ASN B 185 76.66 -33.45 18.87
C ASN B 185 75.69 -33.73 20.01
N PRO B 186 75.97 -33.55 21.32
CA PRO B 186 74.98 -33.81 22.35
C PRO B 186 73.79 -32.88 22.33
N LEU B 187 73.90 -31.70 21.69
CA LEU B 187 72.75 -30.82 21.54
C LEU B 187 71.75 -31.44 20.58
N LEU B 188 72.22 -32.09 19.50
CA LEU B 188 71.33 -32.72 18.55
C LEU B 188 70.89 -34.10 18.98
N GLU B 189 71.59 -34.68 19.98
CA GLU B 189 71.20 -35.94 20.61
C GLU B 189 70.05 -35.73 21.58
N ALA B 190 69.82 -34.47 21.99
CA ALA B 190 68.73 -34.12 22.87
C ALA B 190 67.55 -33.59 22.07
N PHE B 191 67.75 -32.55 21.27
CA PHE B 191 66.70 -31.92 20.49
C PHE B 191 66.13 -32.75 19.34
N GLY B 192 66.98 -33.43 18.54
CA GLY B 192 66.56 -34.13 17.33
C GLY B 192 66.45 -35.62 17.46
N ASN B 193 67.41 -36.28 18.11
CA ASN B 193 67.39 -37.72 18.34
C ASN B 193 66.32 -38.19 19.33
N ALA B 194 65.54 -39.23 18.98
CA ALA B 194 64.55 -39.78 19.89
C ALA B 194 64.77 -41.29 20.07
N LYS B 195 63.74 -42.02 20.57
CA LYS B 195 63.76 -43.46 20.75
C LYS B 195 62.64 -44.08 19.97
N THR B 196 62.93 -45.09 19.13
CA THR B 196 61.94 -45.79 18.33
C THR B 196 61.95 -47.25 18.73
N VAL B 197 60.98 -48.06 18.25
CA VAL B 197 60.86 -49.44 18.67
C VAL B 197 62.09 -50.29 18.39
N ARG B 198 62.76 -50.10 17.25
CA ARG B 198 63.95 -50.86 16.91
C ARG B 198 65.25 -50.10 17.07
N ASN B 199 65.24 -48.84 17.56
CA ASN B 199 66.46 -48.10 17.72
C ASN B 199 66.39 -47.26 19.00
N ASN B 200 67.46 -47.26 19.81
CA ASN B 200 67.48 -46.50 21.04
C ASN B 200 67.85 -45.05 20.83
N ASN B 201 68.72 -44.78 19.84
CA ASN B 201 69.17 -43.45 19.50
C ASN B 201 69.00 -43.28 18.01
N SER B 202 67.88 -42.70 17.53
CA SER B 202 67.64 -42.54 16.11
C SER B 202 67.50 -41.08 15.77
N SER B 203 68.17 -40.62 14.70
CA SER B 203 68.02 -39.27 14.19
C SER B 203 66.73 -39.17 13.41
N ARG B 204 65.93 -38.15 13.68
CA ARG B 204 64.62 -38.03 13.06
C ARG B 204 64.54 -36.86 12.11
N PHE B 205 65.69 -36.38 11.61
CA PHE B 205 65.75 -35.23 10.74
C PHE B 205 66.82 -35.40 9.67
N GLY B 206 66.66 -34.65 8.56
CA GLY B 206 67.57 -34.61 7.43
C GLY B 206 68.70 -33.66 7.70
N LYS B 207 69.80 -34.17 8.29
CA LYS B 207 71.00 -33.42 8.61
C LYS B 207 71.81 -33.12 7.36
N PHE B 208 71.99 -31.84 6.98
CA PHE B 208 72.75 -31.49 5.78
C PHE B 208 73.89 -30.56 6.15
N VAL B 209 74.98 -31.13 6.70
CA VAL B 209 76.19 -30.41 7.03
C VAL B 209 76.98 -30.09 5.77
N GLU B 210 77.01 -28.83 5.31
CA GLU B 210 77.70 -28.49 4.08
C GLU B 210 79.02 -27.78 4.35
N ILE B 211 80.02 -27.99 3.47
CA ILE B 211 81.35 -27.41 3.56
C ILE B 211 81.61 -26.56 2.35
N HIS B 212 81.66 -25.24 2.53
CA HIS B 212 81.89 -24.26 1.47
C HIS B 212 83.33 -24.25 0.99
N PHE B 213 83.53 -24.27 -0.34
CA PHE B 213 84.81 -24.15 -0.99
C PHE B 213 84.79 -22.94 -1.90
N ASN B 214 85.85 -22.12 -1.91
CA ASN B 214 85.96 -20.99 -2.82
C ASN B 214 86.59 -21.39 -4.14
N GLU B 215 86.69 -20.46 -5.10
CA GLU B 215 87.27 -20.70 -6.41
C GLU B 215 88.77 -20.99 -6.37
N LYS B 216 89.44 -20.60 -5.27
CA LYS B 216 90.84 -20.87 -5.04
C LYS B 216 91.04 -22.18 -4.31
N SER B 217 89.98 -22.96 -4.13
CA SER B 217 89.96 -24.30 -3.56
C SER B 217 90.33 -24.39 -2.11
N SER B 218 89.88 -23.45 -1.30
CA SER B 218 90.10 -23.46 0.13
C SER B 218 88.80 -23.53 0.87
N VAL B 219 88.81 -24.17 2.06
CA VAL B 219 87.65 -24.29 2.93
C VAL B 219 87.36 -22.94 3.56
N VAL B 220 86.29 -22.26 3.12
CA VAL B 220 85.93 -20.94 3.60
C VAL B 220 84.85 -20.95 4.65
N GLY B 221 84.21 -22.09 4.92
CA GLY B 221 83.20 -22.13 5.95
C GLY B 221 82.36 -23.35 5.86
N GLY B 222 81.48 -23.55 6.85
CA GLY B 222 80.52 -24.63 6.80
C GLY B 222 79.17 -24.12 7.24
N PHE B 223 78.13 -24.93 7.05
CA PHE B 223 76.80 -24.56 7.44
C PHE B 223 76.02 -25.83 7.71
N VAL B 224 75.17 -25.86 8.75
CA VAL B 224 74.37 -27.02 9.06
C VAL B 224 72.93 -26.70 8.77
N SER B 225 72.27 -27.48 7.89
CA SER B 225 70.85 -27.30 7.59
C SER B 225 70.07 -28.50 8.05
N HIS B 226 68.81 -28.31 8.48
CA HIS B 226 67.94 -29.37 8.94
C HIS B 226 66.64 -29.39 8.17
N TYR B 227 66.14 -30.59 7.83
CA TYR B 227 64.90 -30.74 7.11
C TYR B 227 64.12 -31.85 7.79
N LEU B 228 62.79 -31.74 7.83
CA LEU B 228 61.86 -32.68 8.46
C LEU B 228 61.95 -32.76 9.99
N LEU B 229 60.87 -33.17 10.62
CA LEU B 229 60.73 -33.34 12.06
C LEU B 229 59.43 -34.07 12.26
N GLU B 230 59.29 -34.92 13.29
CA GLU B 230 58.05 -35.62 13.53
C GLU B 230 57.17 -34.76 14.40
N LYS B 231 56.26 -34.00 13.78
CA LYS B 231 55.34 -33.11 14.45
C LYS B 231 54.48 -33.80 15.48
N SER B 232 54.01 -35.01 15.15
CA SER B 232 53.20 -35.85 16.02
C SER B 232 53.89 -36.29 17.29
N ARG B 233 55.18 -36.69 17.21
CA ARG B 233 55.96 -37.21 18.33
C ARG B 233 56.07 -36.24 19.47
N ILE B 234 56.06 -34.93 19.17
CA ILE B 234 56.10 -33.85 20.14
C ILE B 234 54.94 -33.95 21.13
N CYS B 235 53.73 -34.31 20.67
CA CYS B 235 52.58 -34.36 21.53
C CYS B 235 52.07 -35.75 21.83
N VAL B 236 52.21 -36.71 20.90
CA VAL B 236 51.68 -38.06 21.09
C VAL B 236 52.63 -39.09 20.56
N GLN B 237 52.90 -40.13 21.33
CA GLN B 237 53.87 -41.15 20.99
C GLN B 237 53.23 -42.48 20.93
N GLY B 238 53.87 -43.48 20.32
CA GLY B 238 53.44 -44.83 20.23
C GLY B 238 53.79 -45.65 21.37
N LYS B 239 53.53 -46.90 21.41
CA LYS B 239 53.83 -47.84 22.39
C LYS B 239 55.18 -48.11 22.59
N GLU B 240 55.69 -47.80 23.67
CA GLU B 240 56.96 -47.94 24.05
C GLU B 240 57.98 -47.09 23.42
N GLU B 241 57.60 -46.03 22.84
CA GLU B 241 58.49 -45.10 22.28
C GLU B 241 58.64 -43.92 23.22
N ARG B 242 59.56 -43.02 22.96
CA ARG B 242 59.75 -41.82 23.76
C ARG B 242 59.49 -40.62 22.88
N ASN B 243 59.51 -39.41 23.49
CA ASN B 243 59.36 -38.17 22.76
C ASN B 243 60.79 -37.79 22.31
N TYR B 244 61.18 -36.51 22.25
CA TYR B 244 62.57 -36.19 22.00
C TYR B 244 63.34 -36.28 23.30
N HIS B 245 64.67 -36.39 23.21
CA HIS B 245 65.49 -36.66 24.37
C HIS B 245 65.72 -35.49 25.31
N ILE B 246 65.44 -34.26 24.89
CA ILE B 246 65.54 -33.09 25.76
C ILE B 246 64.40 -33.05 26.77
N PHE B 247 63.32 -33.83 26.55
CA PHE B 247 62.20 -33.88 27.47
C PHE B 247 62.38 -35.01 28.48
N TYR B 248 63.58 -35.59 28.55
CA TYR B 248 63.90 -36.61 29.54
C TYR B 248 65.20 -36.22 30.17
N ARG B 249 66.16 -35.71 29.39
CA ARG B 249 67.43 -35.26 29.92
C ARG B 249 67.32 -34.00 30.75
N LEU B 250 66.34 -33.12 30.48
CA LEU B 250 66.11 -31.98 31.34
C LEU B 250 65.41 -32.40 32.61
N CYS B 251 64.52 -33.41 32.55
CA CYS B 251 63.85 -33.92 33.72
C CYS B 251 64.81 -34.71 34.61
N ALA B 252 65.64 -35.58 34.04
CA ALA B 252 66.62 -36.36 34.76
C ALA B 252 67.79 -35.56 35.31
N GLY B 253 68.37 -34.66 34.50
CA GLY B 253 69.57 -33.91 34.88
C GLY B 253 69.38 -32.62 35.62
N ALA B 254 68.16 -32.10 35.76
CA ALA B 254 67.94 -30.84 36.45
C ALA B 254 68.19 -30.87 37.96
N SER B 255 68.85 -29.84 38.47
CA SER B 255 69.08 -29.62 39.89
C SER B 255 67.87 -29.01 40.56
N GLU B 256 67.92 -28.79 41.88
CA GLU B 256 66.77 -28.30 42.61
C GLU B 256 66.75 -26.78 42.67
N ASP B 257 67.82 -26.13 42.21
CA ASP B 257 67.90 -24.68 42.07
C ASP B 257 67.50 -24.28 40.65
N ILE B 258 67.24 -25.29 39.81
CA ILE B 258 66.70 -25.14 38.48
C ILE B 258 65.25 -25.60 38.53
N ARG B 259 64.93 -26.67 39.28
CA ARG B 259 63.58 -27.19 39.36
C ARG B 259 62.61 -26.23 40.02
N GLU B 260 63.05 -25.39 40.96
CA GLU B 260 62.21 -24.38 41.55
C GLU B 260 61.88 -23.24 40.59
N ARG B 261 62.70 -23.04 39.54
CA ARG B 261 62.51 -21.98 38.60
C ARG B 261 61.72 -22.40 37.39
N LEU B 262 61.66 -23.69 37.08
CA LEU B 262 60.92 -24.20 35.96
C LEU B 262 59.69 -24.98 36.38
N HIS B 263 59.54 -25.24 37.68
CA HIS B 263 58.46 -25.99 38.28
C HIS B 263 58.31 -27.40 37.73
N LEU B 264 59.43 -28.08 37.48
CA LEU B 264 59.44 -29.42 36.93
C LEU B 264 58.94 -30.49 37.88
N SER B 265 58.34 -31.50 37.44
CA SER B 265 57.79 -32.62 38.18
C SER B 265 58.07 -33.87 37.39
N SER B 266 57.77 -35.05 37.93
CA SER B 266 58.00 -36.32 37.28
C SER B 266 57.17 -36.55 36.01
N PRO B 267 57.68 -37.21 34.99
CA PRO B 267 57.02 -37.41 33.69
C PRO B 267 55.60 -37.93 33.66
N ASP B 268 55.10 -38.61 34.70
CA ASP B 268 53.75 -39.11 34.77
C ASP B 268 52.69 -38.05 34.73
N ASN B 269 52.98 -36.88 35.29
CA ASN B 269 52.14 -35.76 35.28
C ASN B 269 51.84 -35.23 33.90
N PHE B 270 52.85 -35.18 33.01
CA PHE B 270 52.76 -34.52 31.72
C PHE B 270 52.20 -35.39 30.61
N ARG B 271 51.10 -34.94 29.95
CA ARG B 271 50.42 -35.66 28.89
C ARG B 271 51.25 -35.89 27.64
N TYR B 272 52.26 -35.04 27.39
CA TYR B 272 53.14 -35.23 26.25
C TYR B 272 54.30 -36.16 26.56
N LEU B 273 54.29 -36.83 27.73
CA LEU B 273 55.30 -37.79 28.11
C LEU B 273 54.68 -39.08 28.61
N ASN B 274 53.52 -39.03 29.27
CA ASN B 274 52.91 -40.24 29.81
C ASN B 274 52.26 -41.16 28.79
N ARG B 275 52.02 -40.70 27.55
CA ARG B 275 51.49 -41.52 26.48
C ARG B 275 52.42 -42.67 26.07
N GLY B 276 53.73 -42.40 25.98
CA GLY B 276 54.74 -43.39 25.65
C GLY B 276 55.48 -43.89 26.86
N CYS B 277 56.80 -44.09 26.72
CA CYS B 277 57.66 -44.56 27.78
C CYS B 277 58.25 -43.40 28.55
N THR B 278 58.18 -43.46 29.90
CA THR B 278 58.67 -42.41 30.79
C THR B 278 60.03 -42.71 31.36
N ARG B 279 60.55 -43.93 31.16
CA ARG B 279 61.84 -44.36 31.66
C ARG B 279 63.04 -43.63 31.08
N TYR B 280 64.07 -43.41 31.92
CA TYR B 280 65.32 -42.76 31.55
C TYR B 280 66.35 -43.82 31.19
N PHE B 281 67.34 -43.49 30.33
CA PHE B 281 68.45 -44.39 30.13
C PHE B 281 69.47 -44.09 31.21
N ALA B 282 70.08 -45.12 31.79
CA ALA B 282 71.07 -44.91 32.83
C ALA B 282 71.92 -46.14 33.02
N ASN B 283 72.93 -46.03 33.89
CA ASN B 283 73.79 -47.12 34.29
C ASN B 283 73.76 -47.16 35.80
N LYS B 284 74.34 -48.19 36.44
CA LYS B 284 74.27 -48.37 37.88
C LYS B 284 74.74 -47.17 38.69
N GLU B 285 75.85 -46.54 38.29
CA GLU B 285 76.36 -45.37 38.94
C GLU B 285 75.47 -44.17 38.83
N THR B 286 74.89 -43.89 37.65
CA THR B 286 74.02 -42.74 37.50
C THR B 286 72.63 -42.98 38.00
N ASP B 287 72.17 -44.24 38.13
CA ASP B 287 70.92 -44.60 38.76
C ASP B 287 70.85 -44.14 40.23
N LYS B 288 72.00 -44.04 40.90
CA LYS B 288 72.09 -43.52 42.25
C LYS B 288 72.01 -42.00 42.33
N GLN B 289 72.27 -41.30 41.21
CA GLN B 289 72.30 -39.85 41.18
C GLN B 289 70.98 -39.22 40.78
N ILE B 290 70.03 -39.99 40.29
CA ILE B 290 68.71 -39.51 39.93
C ILE B 290 67.84 -39.34 41.18
N LEU B 291 67.32 -38.11 41.39
CA LEU B 291 66.52 -37.77 42.54
C LEU B 291 65.15 -38.43 42.58
N GLN B 292 64.63 -38.70 43.78
CA GLN B 292 63.39 -39.40 44.03
C GLN B 292 62.16 -38.76 43.38
N ASN B 293 62.08 -37.43 43.38
CA ASN B 293 60.98 -36.70 42.78
C ASN B 293 61.03 -36.62 41.26
N ARG B 294 62.10 -37.11 40.61
CA ARG B 294 62.17 -37.18 39.16
C ARG B 294 61.71 -38.54 38.67
N LYS B 295 61.49 -39.51 39.58
CA LYS B 295 61.09 -40.86 39.23
C LYS B 295 59.59 -41.00 39.09
N SER B 296 59.13 -41.63 38.01
CA SER B 296 57.73 -41.91 37.74
C SER B 296 57.37 -43.27 38.29
N PRO B 297 56.09 -43.66 38.43
CA PRO B 297 55.71 -45.00 38.85
C PRO B 297 56.27 -46.08 37.95
N GLU B 298 56.30 -45.85 36.63
CA GLU B 298 56.91 -46.76 35.66
C GLU B 298 58.40 -46.93 35.91
N TYR B 299 59.11 -45.85 36.26
CA TYR B 299 60.51 -45.90 36.65
C TYR B 299 60.70 -46.70 37.94
N LEU B 300 59.82 -46.56 38.94
CA LEU B 300 59.90 -47.35 40.15
C LEU B 300 59.69 -48.84 39.89
N LYS B 301 58.69 -49.19 39.07
CA LYS B 301 58.38 -50.56 38.69
C LYS B 301 59.42 -51.24 37.79
N ALA B 302 59.86 -50.59 36.70
CA ALA B 302 60.72 -51.20 35.72
C ALA B 302 62.14 -50.66 35.65
N GLY B 303 62.49 -49.60 36.41
CA GLY B 303 63.83 -49.03 36.44
C GLY B 303 64.34 -48.42 35.17
N SER B 304 65.62 -48.07 35.16
CA SER B 304 66.30 -47.46 34.03
C SER B 304 66.39 -48.32 32.79
N LEU B 305 66.45 -47.68 31.62
CA LEU B 305 66.62 -48.33 30.34
C LEU B 305 68.10 -48.61 30.11
N LYS B 306 68.40 -49.81 29.62
CA LYS B 306 69.75 -50.28 29.39
C LYS B 306 70.29 -49.98 28.00
N ASP B 307 71.40 -49.22 27.92
CA ASP B 307 72.08 -48.93 26.67
C ASP B 307 73.56 -48.78 27.01
N PRO B 308 74.53 -49.21 26.22
CA PRO B 308 75.94 -49.08 26.55
C PRO B 308 76.44 -47.66 26.44
N LEU B 309 75.75 -46.76 25.75
CA LEU B 309 76.24 -45.40 25.55
C LEU B 309 75.30 -44.37 26.11
N LEU B 310 73.98 -44.50 25.93
CA LEU B 310 73.02 -43.52 26.42
C LEU B 310 72.91 -43.44 27.94
N ASP B 311 72.98 -42.23 28.48
CA ASP B 311 72.82 -41.97 29.88
C ASP B 311 72.07 -40.65 29.98
N ASP B 312 70.77 -40.64 30.31
CA ASP B 312 70.01 -39.40 30.32
C ASP B 312 70.41 -38.43 31.44
N HIS B 313 71.01 -38.93 32.53
CA HIS B 313 71.48 -38.08 33.60
C HIS B 313 72.87 -37.54 33.29
N GLY B 314 73.78 -38.40 32.79
CA GLY B 314 75.14 -38.01 32.51
C GLY B 314 75.33 -37.30 31.21
N ASP B 315 74.50 -37.55 30.18
CA ASP B 315 74.65 -36.83 28.94
C ASP B 315 74.03 -35.44 29.04
N PHE B 316 73.23 -35.13 30.10
CA PHE B 316 72.76 -33.77 30.31
C PHE B 316 73.90 -32.88 30.79
N ILE B 317 74.87 -33.48 31.50
CA ILE B 317 76.07 -32.80 31.93
C ILE B 317 76.97 -32.57 30.74
N ARG B 318 77.13 -33.58 29.86
CA ARG B 318 77.96 -33.41 28.69
C ARG B 318 77.30 -32.58 27.61
N MET B 319 75.98 -32.35 27.70
CA MET B 319 75.27 -31.37 26.91
C MET B 319 75.58 -29.96 27.38
N CYS B 320 75.56 -29.72 28.71
CA CYS B 320 75.81 -28.38 29.22
C CYS B 320 77.26 -27.98 29.18
N THR B 321 78.18 -28.97 29.10
CA THR B 321 79.59 -28.72 28.82
C THR B 321 79.75 -28.27 27.38
N ALA B 322 79.01 -28.91 26.44
CA ALA B 322 79.05 -28.54 25.05
C ALA B 322 78.36 -27.21 24.74
N MET B 323 77.41 -26.76 25.58
CA MET B 323 76.84 -25.44 25.39
C MET B 323 77.76 -24.34 25.87
N LYS B 324 78.70 -24.67 26.77
CA LYS B 324 79.72 -23.75 27.21
C LYS B 324 80.80 -23.61 26.16
N LYS B 325 81.16 -24.73 25.48
CA LYS B 325 82.13 -24.71 24.42
C LYS B 325 81.63 -24.05 23.14
N ILE B 326 80.40 -24.34 22.71
CA ILE B 326 79.85 -23.79 21.48
C ILE B 326 79.68 -22.27 21.50
N GLY B 327 79.01 -21.71 22.53
CA GLY B 327 78.87 -20.26 22.62
C GLY B 327 77.72 -19.79 23.41
N LEU B 328 77.20 -20.57 24.37
CA LEU B 328 76.04 -20.19 25.14
C LEU B 328 76.39 -19.95 26.59
N ASP B 329 75.94 -18.83 27.15
CA ASP B 329 76.12 -18.49 28.54
C ASP B 329 75.02 -19.12 29.39
N ASP B 330 75.07 -18.96 30.72
CA ASP B 330 74.14 -19.65 31.60
C ASP B 330 72.77 -19.00 31.61
N GLU B 331 72.66 -17.70 31.35
CA GLU B 331 71.38 -17.04 31.19
C GLU B 331 70.70 -17.48 29.91
N GLU B 332 71.45 -17.56 28.79
CA GLU B 332 70.86 -18.02 27.53
C GLU B 332 70.57 -19.52 27.54
N LYS B 333 71.34 -20.32 28.31
CA LYS B 333 71.06 -21.73 28.54
C LYS B 333 69.76 -21.94 29.32
N LEU B 334 69.47 -21.06 30.30
CA LEU B 334 68.23 -21.12 31.04
C LEU B 334 67.01 -20.76 30.20
N ASP B 335 67.15 -19.84 29.22
CA ASP B 335 66.05 -19.50 28.34
C ASP B 335 65.75 -20.63 27.35
N LEU B 336 66.69 -21.57 27.13
CA LEU B 336 66.45 -22.74 26.32
C LEU B 336 65.82 -23.84 27.14
N PHE B 337 65.63 -23.63 28.45
CA PHE B 337 64.93 -24.55 29.32
C PHE B 337 63.56 -24.01 29.67
N ARG B 338 63.33 -22.68 29.61
CA ARG B 338 62.02 -22.12 29.90
C ARG B 338 61.02 -22.43 28.81
N VAL B 339 61.47 -22.51 27.54
CA VAL B 339 60.60 -22.87 26.43
C VAL B 339 60.21 -24.34 26.50
N VAL B 340 61.16 -25.23 26.83
CA VAL B 340 60.88 -26.65 26.96
C VAL B 340 59.90 -26.94 28.09
N ALA B 341 60.07 -26.29 29.25
CA ALA B 341 59.14 -26.45 30.35
C ALA B 341 57.76 -25.85 30.11
N GLY B 342 57.66 -24.84 29.23
CA GLY B 342 56.37 -24.29 28.84
C GLY B 342 55.55 -25.19 27.97
N VAL B 343 56.20 -26.12 27.26
CA VAL B 343 55.53 -27.11 26.44
C VAL B 343 54.92 -28.19 27.31
N LEU B 344 55.65 -28.57 28.37
CA LEU B 344 55.19 -29.56 29.32
C LEU B 344 53.95 -29.11 30.08
N HIS B 345 53.84 -27.81 30.40
CA HIS B 345 52.67 -27.33 31.12
C HIS B 345 51.58 -26.86 30.19
N LEU B 346 51.72 -27.04 28.88
CA LEU B 346 50.67 -26.74 27.94
C LEU B 346 49.79 -27.93 27.67
N GLY B 347 50.38 -29.14 27.63
CA GLY B 347 49.67 -30.37 27.30
C GLY B 347 48.67 -30.87 28.26
N ASN B 348 48.63 -30.34 29.47
CA ASN B 348 47.69 -30.76 30.47
C ASN B 348 46.43 -29.91 30.50
N ILE B 349 46.27 -28.95 29.58
CA ILE B 349 45.09 -28.10 29.50
C ILE B 349 43.96 -28.79 28.77
N ASP B 350 42.80 -29.00 29.43
CA ASP B 350 41.63 -29.65 28.86
C ASP B 350 40.50 -28.68 28.59
N PHE B 351 39.61 -29.10 27.67
CA PHE B 351 38.52 -28.30 27.13
C PHE B 351 37.20 -29.04 27.20
N GLU B 352 36.23 -28.50 27.96
CA GLU B 352 34.89 -29.06 28.02
C GLU B 352 33.98 -28.33 27.06
N GLU B 353 32.67 -28.62 27.09
CA GLU B 353 31.68 -27.99 26.24
C GLU B 353 31.01 -26.83 26.95
N ALA B 354 30.89 -25.67 26.30
CA ALA B 354 30.25 -24.50 26.85
C ALA B 354 28.78 -24.67 27.19
N GLY B 355 28.25 -23.94 28.15
CA GLY B 355 26.88 -24.04 28.63
C GLY B 355 25.84 -23.42 27.82
N SER B 356 25.78 -23.59 26.58
CA SER B 356 24.84 -23.14 25.64
C SER B 356 24.80 -21.75 25.41
N THR B 357 25.44 -20.91 25.64
CA THR B 357 25.56 -19.54 25.45
C THR B 357 26.25 -19.16 24.40
N SER B 358 26.50 -19.07 23.63
CA SER B 358 27.14 -18.77 22.55
C SER B 358 27.91 -19.79 21.83
N GLY B 359 27.62 -21.06 22.02
CA GLY B 359 28.31 -22.17 21.47
C GLY B 359 29.70 -22.38 21.97
N GLY B 360 30.49 -23.18 21.31
CA GLY B 360 31.86 -23.45 21.63
C GLY B 360 32.25 -24.23 22.84
N CYS B 361 33.52 -24.05 23.22
CA CYS B 361 34.17 -24.75 24.29
C CYS B 361 34.72 -23.81 25.35
N ASN B 362 34.93 -24.34 26.57
CA ASN B 362 35.54 -23.61 27.67
C ASN B 362 36.59 -24.51 28.26
N LEU B 363 37.49 -23.99 29.11
CA LEU B 363 38.50 -24.82 29.76
C LEU B 363 37.92 -25.53 30.96
N LYS B 364 38.55 -26.63 31.40
CA LYS B 364 38.13 -27.34 32.59
C LYS B 364 38.62 -26.65 33.85
N ASN B 365 37.89 -26.79 34.97
CA ASN B 365 38.24 -26.18 36.24
C ASN B 365 39.45 -26.78 36.88
N LYS B 366 39.80 -28.03 36.54
CA LYS B 366 41.01 -28.68 36.96
C LYS B 366 42.22 -28.18 36.21
N SER B 367 42.02 -27.39 35.16
CA SER B 367 43.06 -26.83 34.33
C SER B 367 43.30 -25.38 34.60
N THR B 368 42.90 -24.87 35.77
CA THR B 368 43.00 -23.45 36.07
C THR B 368 44.35 -23.09 36.63
N GLN B 369 44.85 -23.83 37.62
CA GLN B 369 46.16 -23.55 38.18
C GLN B 369 47.27 -23.99 37.24
N ALA B 370 46.93 -24.88 36.31
CA ALA B 370 47.83 -25.34 35.29
C ALA B 370 48.03 -24.33 34.19
N LEU B 371 47.15 -23.35 34.07
CA LEU B 371 47.27 -22.31 33.10
C LEU B 371 48.05 -21.16 33.69
N GLU B 372 47.89 -20.92 34.99
CA GLU B 372 48.62 -19.90 35.70
C GLU B 372 50.12 -20.15 35.76
N TYR B 373 50.51 -21.42 35.90
CA TYR B 373 51.90 -21.79 35.92
C TYR B 373 52.48 -21.99 34.53
N CYS B 374 51.68 -21.81 33.47
CA CYS B 374 52.16 -21.95 32.11
C CYS B 374 52.28 -20.59 31.44
N ALA B 375 51.41 -19.64 31.76
CA ALA B 375 51.42 -18.35 31.09
C ALA B 375 52.59 -17.46 31.43
N GLU B 376 53.25 -17.67 32.58
CA GLU B 376 54.44 -16.91 32.89
C GLU B 376 55.68 -17.49 32.24
N LEU B 377 55.62 -18.72 31.73
CA LEU B 377 56.71 -19.29 30.97
C LEU B 377 56.62 -18.86 29.52
N LEU B 378 55.41 -18.55 29.03
CA LEU B 378 55.19 -18.09 27.69
C LEU B 378 55.15 -16.58 27.56
N GLY B 379 55.12 -15.83 28.67
CA GLY B 379 55.12 -14.37 28.66
C GLY B 379 53.85 -13.74 28.20
N LEU B 380 52.71 -14.35 28.51
CA LEU B 380 51.40 -13.91 28.07
C LEU B 380 50.44 -13.85 29.25
N ASP B 381 49.29 -13.22 29.08
CA ASP B 381 48.28 -13.10 30.10
C ASP B 381 47.30 -14.26 30.05
N GLN B 382 46.87 -14.76 31.22
CA GLN B 382 46.02 -15.92 31.34
C GLN B 382 44.59 -15.69 30.87
N ASP B 383 44.11 -14.44 30.85
CA ASP B 383 42.77 -14.15 30.39
C ASP B 383 42.75 -13.98 28.89
N ASP B 384 43.84 -13.47 28.29
CA ASP B 384 43.95 -13.34 26.85
C ASP B 384 44.28 -14.68 26.22
N LEU B 385 45.02 -15.56 26.91
CA LEU B 385 45.34 -16.87 26.38
C LEU B 385 44.12 -17.79 26.38
N ARG B 386 43.20 -17.65 27.35
CA ARG B 386 41.96 -18.42 27.38
C ARG B 386 41.03 -18.11 26.22
N VAL B 387 40.95 -16.82 25.80
CA VAL B 387 40.19 -16.41 24.63
C VAL B 387 40.80 -16.97 23.36
N SER B 388 42.12 -16.90 23.24
CA SER B 388 42.86 -17.32 22.07
C SER B 388 42.90 -18.80 21.83
N LEU B 389 42.71 -19.61 22.88
CA LEU B 389 42.65 -21.06 22.73
C LEU B 389 41.22 -21.53 22.51
N THR B 390 40.22 -20.62 22.52
CA THR B 390 38.82 -21.03 22.36
C THR B 390 38.10 -20.33 21.22
N THR B 391 38.60 -19.19 20.72
CA THR B 391 37.94 -18.42 19.67
C THR B 391 38.65 -18.30 18.35
N ARG B 392 37.88 -17.95 17.31
CA ARG B 392 38.32 -17.63 15.97
C ARG B 392 38.05 -16.16 15.80
N VAL B 393 39.12 -15.36 15.85
CA VAL B 393 39.09 -13.92 15.72
C VAL B 393 39.02 -13.50 14.28
N MET B 394 37.99 -12.74 13.89
CA MET B 394 37.93 -12.20 12.55
C MET B 394 37.34 -10.81 12.59
N LEU B 395 37.22 -10.14 11.45
CA LEU B 395 36.67 -8.82 11.37
C LEU B 395 35.52 -8.78 10.44
N THR B 396 34.67 -7.79 10.60
CA THR B 396 33.56 -7.57 9.74
C THR B 396 33.74 -6.34 8.91
N THR B 397 34.86 -5.71 8.99
CA THR B 397 35.20 -4.52 8.25
C THR B 397 35.43 -4.72 6.90
N THR B 404 33.73 -4.26 13.00
CA THR B 404 34.37 -4.50 14.23
C THR B 404 35.08 -5.83 14.18
N VAL B 405 35.85 -6.17 15.22
CA VAL B 405 36.59 -7.40 15.32
C VAL B 405 35.84 -8.32 16.27
N ILE B 406 35.28 -9.41 15.76
CA ILE B 406 34.48 -10.34 16.55
C ILE B 406 35.26 -11.58 16.94
N LYS B 407 34.75 -12.30 17.94
CA LYS B 407 35.34 -13.51 18.46
C LYS B 407 34.27 -14.58 18.32
N VAL B 408 34.53 -15.62 17.50
CA VAL B 408 33.58 -16.67 17.22
C VAL B 408 34.11 -17.98 17.80
N PRO B 409 33.57 -18.58 18.85
CA PRO B 409 34.16 -19.78 19.45
C PRO B 409 34.30 -21.01 18.57
N LEU B 410 35.26 -21.88 18.93
CA LEU B 410 35.58 -23.12 18.25
C LEU B 410 34.97 -24.31 18.95
N LYS B 411 34.91 -25.46 18.27
CA LYS B 411 34.43 -26.71 18.84
C LYS B 411 35.50 -27.35 19.72
N VAL B 412 35.10 -28.28 20.60
CA VAL B 412 35.98 -28.96 21.54
C VAL B 412 37.13 -29.70 20.86
N GLU B 413 36.85 -30.47 19.79
CA GLU B 413 37.91 -31.18 19.09
C GLU B 413 38.87 -30.26 18.36
N GLN B 414 38.38 -29.09 17.91
CA GLN B 414 39.23 -28.11 17.25
C GLN B 414 40.11 -27.36 18.22
N ALA B 415 39.77 -27.34 19.51
CA ALA B 415 40.55 -26.67 20.52
C ALA B 415 41.62 -27.58 21.08
N ASN B 416 41.36 -28.90 21.10
CA ASN B 416 42.38 -29.86 21.46
C ASN B 416 43.45 -29.93 20.37
N ASN B 417 43.03 -29.81 19.11
CA ASN B 417 43.98 -29.80 18.01
C ASN B 417 44.70 -28.47 17.89
N ALA B 418 44.11 -27.35 18.35
CA ALA B 418 44.78 -26.07 18.32
C ALA B 418 45.77 -25.92 19.45
N ARG B 419 45.50 -26.53 20.62
CA ARG B 419 46.42 -26.48 21.73
C ARG B 419 47.65 -27.32 21.45
N ASP B 420 47.49 -28.47 20.78
CA ASP B 420 48.65 -29.24 20.39
C ASP B 420 49.32 -28.62 19.17
N ALA B 421 48.64 -27.78 18.37
CA ALA B 421 49.27 -27.10 17.27
C ALA B 421 50.19 -25.98 17.73
N LEU B 422 49.93 -25.41 18.92
CA LEU B 422 50.84 -24.44 19.49
C LEU B 422 52.11 -25.11 19.97
N ALA B 423 52.02 -26.34 20.51
CA ALA B 423 53.21 -27.06 20.89
C ALA B 423 54.01 -27.60 19.71
N LYS B 424 53.35 -27.79 18.55
CA LYS B 424 54.03 -28.24 17.34
C LYS B 424 54.47 -27.07 16.50
N THR B 425 54.42 -25.86 17.07
CA THR B 425 54.86 -24.65 16.40
C THR B 425 55.97 -24.08 17.24
N VAL B 426 55.80 -24.00 18.57
CA VAL B 426 56.83 -23.50 19.46
C VAL B 426 58.05 -24.41 19.46
N TYR B 427 57.89 -25.75 19.58
CA TYR B 427 59.06 -26.61 19.55
C TYR B 427 59.68 -26.70 18.14
N SER B 428 58.87 -26.50 17.08
CA SER B 428 59.39 -26.47 15.72
C SER B 428 60.29 -25.29 15.45
N HIS B 429 59.95 -24.11 15.99
CA HIS B 429 60.79 -22.94 15.85
C HIS B 429 61.91 -22.92 16.87
N LEU B 430 61.81 -23.71 17.96
CA LEU B 430 62.89 -23.82 18.90
C LEU B 430 64.05 -24.62 18.36
N PHE B 431 63.78 -25.73 17.62
CA PHE B 431 64.85 -26.51 17.02
C PHE B 431 65.52 -25.78 15.87
N ASP B 432 64.76 -24.91 15.16
CA ASP B 432 65.31 -24.06 14.12
C ASP B 432 66.12 -22.91 14.71
N HIS B 433 65.90 -22.56 15.99
CA HIS B 433 66.66 -21.53 16.66
C HIS B 433 67.95 -22.11 17.20
N VAL B 434 67.97 -23.39 17.59
CA VAL B 434 69.17 -24.05 18.06
C VAL B 434 70.15 -24.22 16.91
N VAL B 435 69.67 -24.68 15.74
CA VAL B 435 70.51 -24.83 14.56
C VAL B 435 71.04 -23.50 14.07
N ASN B 436 70.20 -22.44 14.03
CA ASN B 436 70.68 -21.13 13.65
C ASN B 436 71.66 -20.52 14.65
N ARG B 437 71.52 -20.80 15.95
CA ARG B 437 72.47 -20.34 16.95
C ARG B 437 73.82 -21.03 16.80
N VAL B 438 73.82 -22.33 16.46
CA VAL B 438 75.05 -23.07 16.20
C VAL B 438 75.75 -22.59 14.93
N ASN B 439 75.02 -22.23 13.87
CA ASN B 439 75.62 -21.69 12.66
C ASN B 439 76.17 -20.29 12.85
N GLN B 440 75.80 -19.60 13.93
CA GLN B 440 76.34 -18.30 14.26
C GLN B 440 77.54 -18.43 15.17
N CYS B 441 77.91 -19.65 15.56
CA CYS B 441 79.11 -19.90 16.32
C CYS B 441 80.28 -20.20 15.39
N PHE B 442 80.03 -20.35 14.10
CA PHE B 442 81.06 -20.50 13.09
C PHE B 442 80.62 -19.88 11.77
N PRO B 443 80.44 -18.57 11.64
CA PRO B 443 79.96 -17.95 10.42
C PRO B 443 80.89 -18.12 9.23
N PHE B 444 80.37 -18.57 8.07
CA PHE B 444 81.14 -18.73 6.86
C PHE B 444 81.72 -17.44 6.30
N GLU B 445 82.94 -17.47 5.77
CA GLU B 445 83.57 -16.30 5.21
C GLU B 445 82.96 -15.87 3.88
N THR B 446 82.68 -16.84 3.00
CA THR B 446 82.09 -16.59 1.70
C THR B 446 81.49 -17.89 1.21
N SER B 447 80.84 -17.88 0.04
CA SER B 447 80.18 -19.04 -0.54
C SER B 447 80.46 -19.11 -2.02
N SER B 448 80.56 -20.32 -2.56
CA SER B 448 80.81 -20.53 -3.98
C SER B 448 80.46 -21.97 -4.34
N TYR B 449 81.38 -22.93 -4.16
CA TYR B 449 81.15 -24.35 -4.38
C TYR B 449 80.93 -25.01 -3.03
N PHE B 450 80.39 -26.24 -2.99
CA PHE B 450 80.16 -26.90 -1.72
C PHE B 450 80.21 -28.41 -1.82
N ILE B 451 80.72 -29.05 -0.75
CA ILE B 451 80.73 -30.49 -0.61
C ILE B 451 80.00 -30.75 0.69
N GLY B 452 78.80 -31.33 0.65
CA GLY B 452 78.04 -31.58 1.89
C GLY B 452 77.78 -33.02 2.14
N VAL B 453 77.34 -33.35 3.36
CA VAL B 453 76.99 -34.67 3.80
C VAL B 453 75.54 -34.68 4.20
N LEU B 454 74.70 -35.46 3.50
CA LEU B 454 73.32 -35.66 3.87
C LEU B 454 73.26 -36.96 4.64
N ASP B 455 72.84 -36.91 5.92
CA ASP B 455 72.66 -38.07 6.74
C ASP B 455 71.21 -38.07 7.20
N ILE B 456 70.56 -39.23 7.10
CA ILE B 456 69.18 -39.40 7.46
C ILE B 456 68.98 -40.86 7.76
N ALA B 457 67.88 -41.23 8.44
CA ALA B 457 67.53 -42.60 8.75
C ALA B 457 67.13 -43.37 7.50
N GLY B 458 67.48 -44.65 7.43
CA GLY B 458 67.15 -45.52 6.31
C GLY B 458 65.72 -45.99 6.32
N PHE B 459 65.39 -47.04 5.59
CA PHE B 459 64.07 -47.64 5.56
C PHE B 459 63.80 -48.34 6.87
N GLU B 460 63.08 -47.75 7.74
CA GLU B 460 62.81 -48.22 9.07
C GLU B 460 61.34 -48.55 9.19
N TYR B 461 61.01 -49.73 9.72
CA TYR B 461 59.65 -50.15 9.86
C TYR B 461 59.53 -51.15 10.98
N PHE B 462 58.33 -51.28 11.55
CA PHE B 462 58.04 -52.10 12.70
C PHE B 462 56.91 -53.05 12.32
N GLU B 463 56.42 -53.84 13.26
CA GLU B 463 55.34 -54.77 13.03
C GLU B 463 54.04 -54.07 12.71
N HIS B 464 53.72 -53.00 13.41
CA HIS B 464 52.60 -52.15 13.11
C HIS B 464 53.15 -50.78 12.89
N ASN B 465 53.01 -50.25 11.69
CA ASN B 465 53.61 -49.00 11.34
C ASN B 465 52.71 -47.81 11.53
N SER B 466 53.27 -46.70 11.95
CA SER B 466 52.62 -45.46 12.28
C SER B 466 52.76 -44.41 11.20
N PHE B 467 52.21 -43.20 11.46
CA PHE B 467 52.27 -42.08 10.56
C PHE B 467 53.68 -41.51 10.50
N GLU B 468 54.46 -41.66 11.58
CA GLU B 468 55.83 -41.23 11.62
C GLU B 468 56.70 -42.07 10.70
N GLN B 469 56.41 -43.38 10.59
CA GLN B 469 57.17 -44.20 9.69
C GLN B 469 56.66 -44.12 8.26
N PHE B 470 55.45 -43.57 8.05
CA PHE B 470 54.94 -43.37 6.71
C PHE B 470 55.67 -42.24 6.03
N CYS B 471 56.08 -41.20 6.77
CA CYS B 471 56.81 -40.12 6.16
C CYS B 471 58.28 -40.45 5.96
N ILE B 472 58.84 -41.42 6.71
CA ILE B 472 60.22 -41.88 6.53
C ILE B 472 60.33 -42.74 5.30
N ASN B 473 59.40 -43.69 5.11
CA ASN B 473 59.45 -44.56 3.97
C ASN B 473 59.04 -43.86 2.69
N TYR B 474 58.25 -42.78 2.77
CA TYR B 474 57.94 -41.92 1.64
C TYR B 474 59.15 -41.06 1.27
N CYS B 475 59.95 -40.65 2.26
CA CYS B 475 61.17 -39.92 2.00
C CYS B 475 62.22 -40.82 1.38
N ASN B 476 62.33 -42.08 1.84
CA ASN B 476 63.28 -42.99 1.25
C ASN B 476 62.89 -43.47 -0.15
N GLU B 477 61.60 -43.47 -0.52
CA GLU B 477 61.18 -43.81 -1.87
C GLU B 477 61.56 -42.74 -2.87
N LYS B 478 61.46 -41.44 -2.50
CA LYS B 478 61.90 -40.36 -3.36
C LYS B 478 63.42 -40.34 -3.49
N LEU B 479 64.14 -40.69 -2.42
CA LEU B 479 65.59 -40.81 -2.49
C LEU B 479 66.01 -42.05 -3.25
N GLN B 480 65.16 -43.09 -3.31
CA GLN B 480 65.41 -44.27 -4.10
C GLN B 480 65.24 -43.99 -5.58
N GLN B 481 64.33 -43.07 -5.94
CA GLN B 481 64.17 -42.63 -7.31
C GLN B 481 65.42 -41.91 -7.80
N PHE B 482 65.95 -40.96 -7.00
CA PHE B 482 67.15 -40.25 -7.37
C PHE B 482 68.41 -41.14 -7.31
N PHE B 483 68.40 -42.20 -6.48
CA PHE B 483 69.51 -43.13 -6.40
C PHE B 483 69.68 -43.90 -7.70
N ASN B 484 68.59 -44.49 -8.23
CA ASN B 484 68.67 -45.24 -9.47
C ASN B 484 68.86 -44.35 -10.68
N GLU B 485 68.48 -43.06 -10.59
CA GLU B 485 68.66 -42.09 -11.64
C GLU B 485 70.12 -41.71 -11.82
N ARG B 486 70.89 -41.67 -10.70
CA ARG B 486 72.30 -41.39 -10.75
C ARG B 486 73.13 -42.59 -11.15
N ILE B 487 72.66 -43.82 -10.84
CA ILE B 487 73.35 -45.04 -11.22
C ILE B 487 73.27 -45.26 -12.71
N LEU B 488 72.09 -45.05 -13.32
CA LEU B 488 71.95 -45.20 -14.76
C LEU B 488 72.79 -44.18 -15.52
N LYS B 489 72.90 -42.94 -15.01
CA LYS B 489 73.75 -41.96 -15.66
C LYS B 489 75.23 -42.28 -15.56
N GLU B 490 75.70 -42.88 -14.46
CA GLU B 490 77.10 -43.30 -14.36
C GLU B 490 77.47 -44.42 -15.31
N GLU B 491 76.58 -45.42 -15.50
CA GLU B 491 76.79 -46.53 -16.39
C GLU B 491 76.74 -46.12 -17.86
N GLN B 492 75.92 -45.11 -18.21
CA GLN B 492 75.87 -44.65 -19.58
C GLN B 492 77.10 -43.85 -19.98
N GLU B 493 77.79 -43.24 -19.00
CA GLU B 493 79.02 -42.53 -19.32
C GLU B 493 80.25 -43.35 -19.00
N LEU B 494 80.06 -44.63 -18.61
CA LEU B 494 81.13 -45.59 -18.47
C LEU B 494 81.31 -46.28 -19.80
N TYR B 495 80.19 -46.70 -20.42
CA TYR B 495 80.19 -47.37 -21.71
C TYR B 495 80.77 -46.48 -22.81
N GLN B 496 80.43 -45.18 -22.79
CA GLN B 496 81.01 -44.20 -23.68
C GLN B 496 82.51 -43.99 -23.45
N LYS B 497 82.95 -43.92 -22.18
CA LYS B 497 84.35 -43.77 -21.82
C LYS B 497 85.23 -44.94 -22.23
N GLU B 498 84.71 -46.17 -22.20
CA GLU B 498 85.42 -47.36 -22.64
C GLU B 498 85.30 -47.59 -24.14
N GLY B 499 84.56 -46.73 -24.84
CA GLY B 499 84.43 -46.79 -26.29
C GLY B 499 83.43 -47.77 -26.80
N LEU B 500 82.50 -48.23 -25.97
CA LEU B 500 81.47 -49.18 -26.33
C LEU B 500 80.27 -48.50 -26.90
N GLY B 501 80.17 -47.24 -26.68
CA GLY B 501 79.07 -46.44 -27.13
C GLY B 501 77.77 -46.67 -26.52
N VAL B 502 76.72 -46.14 -26.96
CA VAL B 502 75.39 -46.24 -26.47
C VAL B 502 74.72 -47.52 -26.70
N ASN B 503 73.92 -48.00 -25.76
CA ASN B 503 73.20 -49.20 -25.83
C ASN B 503 71.91 -49.06 -25.07
N GLU B 504 70.94 -49.93 -25.32
CA GLU B 504 69.64 -49.89 -24.70
C GLU B 504 69.61 -50.61 -23.38
N VAL B 505 69.07 -50.02 -22.36
CA VAL B 505 68.94 -50.59 -21.04
C VAL B 505 67.57 -50.30 -20.53
N HIS B 506 66.95 -51.18 -19.81
CA HIS B 506 65.62 -51.02 -19.29
C HIS B 506 65.61 -50.37 -17.93
N TYR B 507 64.82 -49.38 -17.72
CA TYR B 507 64.75 -48.65 -16.47
C TYR B 507 63.50 -48.98 -15.74
N VAL B 508 63.58 -49.09 -14.43
CA VAL B 508 62.50 -49.36 -13.58
C VAL B 508 61.90 -48.19 -12.94
N ASP B 509 60.68 -47.94 -13.07
CA ASP B 509 60.02 -46.83 -12.57
C ASP B 509 59.32 -47.07 -11.24
N ASN B 510 59.25 -46.04 -10.39
CA ASN B 510 58.56 -46.08 -9.11
C ASN B 510 57.65 -44.86 -8.98
N GLN B 511 57.39 -44.17 -10.09
CA GLN B 511 56.56 -42.98 -10.14
C GLN B 511 55.12 -43.27 -9.81
N ASP B 512 54.64 -44.49 -10.11
CA ASP B 512 53.31 -44.91 -9.78
C ASP B 512 53.10 -45.06 -8.27
N CYS B 513 54.16 -45.35 -7.50
CA CYS B 513 54.08 -45.40 -6.04
C CYS B 513 54.07 -44.00 -5.47
N ILE B 514 54.77 -43.06 -6.12
CA ILE B 514 54.83 -41.67 -5.73
C ILE B 514 53.48 -41.01 -5.99
N ASP B 515 52.92 -41.16 -7.20
CA ASP B 515 51.59 -40.67 -7.53
C ASP B 515 50.51 -41.22 -6.60
N LEU B 516 50.60 -42.49 -6.18
CA LEU B 516 49.69 -43.07 -5.20
C LEU B 516 49.70 -42.33 -3.88
N ILE B 517 50.89 -42.05 -3.33
CA ILE B 517 51.01 -41.32 -2.08
C ILE B 517 50.71 -39.83 -2.18
N GLU B 518 51.28 -39.11 -3.17
CA GLU B 518 51.19 -37.66 -3.18
C GLU B 518 50.49 -36.96 -4.34
N ALA B 519 49.85 -37.64 -5.31
CA ALA B 519 49.20 -36.93 -6.40
C ALA B 519 48.03 -36.04 -6.02
N ARG B 520 47.85 -34.91 -6.74
CA ARG B 520 46.80 -33.97 -6.49
C ARG B 520 45.41 -34.55 -6.62
N LEU B 521 44.60 -34.36 -5.59
CA LEU B 521 43.22 -34.78 -5.46
C LEU B 521 43.04 -36.25 -5.25
N VAL B 522 43.79 -37.15 -5.84
CA VAL B 522 43.67 -38.57 -5.76
C VAL B 522 44.66 -39.24 -4.84
N GLY B 523 45.78 -38.60 -4.48
CA GLY B 523 46.79 -39.18 -3.61
C GLY B 523 46.35 -39.43 -2.20
N ILE B 524 47.12 -40.23 -1.44
CA ILE B 524 46.78 -40.58 -0.07
C ILE B 524 46.94 -39.37 0.83
N LEU B 525 48.03 -38.59 0.67
CA LEU B 525 48.16 -37.38 1.46
C LEU B 525 47.14 -36.32 1.10
N ASP B 526 46.65 -36.29 -0.15
CA ASP B 526 45.62 -35.35 -0.56
C ASP B 526 44.24 -35.66 -0.01
N ILE B 527 43.90 -36.95 0.21
CA ILE B 527 42.65 -37.33 0.83
C ILE B 527 42.68 -37.04 2.30
N LEU B 528 43.83 -37.26 2.93
CA LEU B 528 44.07 -37.05 4.34
C LEU B 528 43.93 -35.59 4.75
N ASP B 529 44.40 -34.65 3.91
CA ASP B 529 44.29 -33.24 4.16
C ASP B 529 42.88 -32.72 3.88
N GLU B 530 42.11 -33.42 3.03
CA GLU B 530 40.73 -33.08 2.75
C GLU B 530 39.80 -33.51 3.86
N GLU B 531 40.12 -34.62 4.55
CA GLU B 531 39.33 -35.15 5.62
C GLU B 531 39.30 -34.23 6.82
N ASN B 532 40.37 -33.45 7.02
CA ASN B 532 40.44 -32.43 8.05
C ASN B 532 39.44 -31.30 7.79
N ARG B 533 39.14 -30.98 6.52
CA ARG B 533 38.19 -29.95 6.16
C ARG B 533 36.74 -30.33 6.40
N LEU B 534 36.41 -31.63 6.46
CA LEU B 534 35.05 -32.08 6.69
C LEU B 534 34.47 -31.67 8.03
N PRO B 535 33.16 -31.46 8.19
CA PRO B 535 32.57 -31.07 9.47
C PRO B 535 32.69 -32.15 10.52
N GLN B 536 32.94 -33.38 10.17
CA GLN B 536 33.14 -34.46 11.09
C GLN B 536 34.21 -35.37 10.52
N PRO B 537 35.47 -35.30 10.89
CA PRO B 537 36.50 -36.16 10.34
C PRO B 537 36.39 -37.58 10.85
N SER B 538 36.79 -38.57 10.05
CA SER B 538 36.73 -39.98 10.42
C SER B 538 37.94 -40.67 9.87
N ASP B 539 38.28 -41.85 10.41
CA ASP B 539 39.42 -42.62 9.99
C ASP B 539 38.92 -43.81 9.21
N GLN B 540 37.65 -44.19 9.43
CA GLN B 540 36.98 -45.18 8.63
C GLN B 540 36.61 -44.59 7.30
N HIS B 541 36.29 -43.28 7.24
CA HIS B 541 36.02 -42.65 5.97
C HIS B 541 37.29 -42.38 5.18
N PHE B 542 38.43 -42.19 5.86
CA PHE B 542 39.70 -42.04 5.21
C PHE B 542 40.18 -43.34 4.58
N THR B 543 39.99 -44.48 5.25
CA THR B 543 40.47 -45.75 4.72
C THR B 543 39.68 -46.20 3.51
N SER B 544 38.35 -46.03 3.58
CA SER B 544 37.48 -46.37 2.48
C SER B 544 37.62 -45.45 1.30
N ALA B 545 38.07 -44.19 1.50
CA ALA B 545 38.30 -43.28 0.41
C ALA B 545 39.57 -43.57 -0.39
N VAL B 546 40.55 -44.26 0.24
CA VAL B 546 41.77 -44.65 -0.43
C VAL B 546 41.46 -45.74 -1.44
N HIS B 547 40.67 -46.74 -1.04
CA HIS B 547 40.30 -47.78 -1.99
C HIS B 547 39.07 -47.41 -2.80
N GLN B 548 38.49 -46.22 -2.57
CA GLN B 548 37.49 -45.65 -3.46
C GLN B 548 38.15 -45.12 -4.72
N LYS B 549 39.16 -44.25 -4.55
CA LYS B 549 39.82 -43.62 -5.68
C LYS B 549 40.88 -44.50 -6.31
N HIS B 550 41.55 -45.36 -5.53
CA HIS B 550 42.54 -46.28 -6.05
C HIS B 550 42.04 -47.69 -5.89
N LYS B 551 41.16 -48.14 -6.73
CA LYS B 551 40.62 -49.48 -6.68
C LYS B 551 41.48 -50.51 -7.32
N ASP B 552 42.30 -50.16 -8.27
CA ASP B 552 43.17 -51.04 -8.95
C ASP B 552 44.56 -50.87 -8.66
N HIS B 553 45.48 -51.04 -8.96
CA HIS B 553 46.87 -50.93 -8.81
C HIS B 553 47.51 -51.94 -7.98
N PHE B 554 48.69 -52.27 -8.29
CA PHE B 554 49.43 -53.27 -7.65
C PHE B 554 50.20 -52.83 -6.44
N ARG B 555 50.46 -51.54 -6.29
CA ARG B 555 51.18 -51.00 -5.17
C ARG B 555 50.35 -50.87 -3.91
N LEU B 556 49.10 -51.35 -3.90
CA LEU B 556 48.18 -51.17 -2.80
C LEU B 556 47.19 -52.30 -2.74
N SER B 557 47.04 -52.93 -1.56
CA SER B 557 46.09 -53.99 -1.35
C SER B 557 45.42 -53.89 0.01
N ILE B 558 44.42 -54.74 0.27
CA ILE B 558 43.75 -54.85 1.54
C ILE B 558 44.59 -55.62 2.55
N PRO B 559 44.48 -55.44 3.86
CA PRO B 559 45.34 -56.13 4.82
C PRO B 559 45.21 -57.64 4.82
N ARG B 560 44.02 -58.17 4.52
CA ARG B 560 43.73 -59.59 4.53
C ARG B 560 44.38 -60.35 3.40
N LYS B 561 44.86 -59.64 2.36
CA LYS B 561 45.56 -60.25 1.25
C LYS B 561 46.97 -60.65 1.62
N SER B 562 47.52 -60.09 2.71
CA SER B 562 48.84 -60.42 3.24
C SER B 562 48.96 -61.83 3.74
N LYS B 563 50.15 -62.41 3.62
CA LYS B 563 50.45 -63.73 4.11
C LYS B 563 50.67 -63.75 5.60
N LEU B 564 51.07 -62.64 6.21
CA LEU B 564 51.32 -62.56 7.62
C LEU B 564 50.06 -62.50 8.45
N ALA B 565 49.98 -63.39 9.46
CA ALA B 565 48.86 -63.55 10.35
C ALA B 565 48.51 -62.28 11.11
N ILE B 566 49.52 -61.54 11.60
CA ILE B 566 49.32 -60.30 12.31
C ILE B 566 48.61 -59.26 11.45
N HIS B 567 48.94 -59.19 10.15
CA HIS B 567 48.31 -58.28 9.23
C HIS B 567 46.94 -58.75 8.81
N ARG B 568 46.67 -60.06 8.84
CA ARG B 568 45.36 -60.60 8.55
C ARG B 568 44.34 -60.33 9.65
N ASN B 569 44.77 -59.95 10.86
CA ASN B 569 43.88 -59.61 11.95
C ASN B 569 43.36 -58.18 11.84
N ILE B 570 43.94 -57.37 10.93
CA ILE B 570 43.53 -56.00 10.71
C ILE B 570 42.30 -55.94 9.81
N ARG B 571 41.26 -55.20 10.23
CA ARG B 571 40.04 -55.07 9.44
C ARG B 571 40.21 -54.10 8.30
N ASP B 572 39.39 -54.23 7.24
CA ASP B 572 39.47 -53.47 6.02
C ASP B 572 39.51 -51.97 6.20
N ASP B 573 38.77 -51.44 7.18
CA ASP B 573 38.70 -50.02 7.46
C ASP B 573 39.66 -49.59 8.54
N GLU B 574 40.60 -50.45 8.96
CA GLU B 574 41.57 -50.17 9.98
C GLU B 574 43.00 -50.09 9.47
N GLY B 575 43.26 -50.32 8.16
CA GLY B 575 44.62 -50.21 7.65
C GLY B 575 44.74 -50.51 6.19
N PHE B 576 45.97 -50.41 5.65
CA PHE B 576 46.26 -50.66 4.24
C PHE B 576 47.71 -51.07 4.05
N ILE B 577 48.03 -51.72 2.92
CA ILE B 577 49.37 -52.21 2.61
C ILE B 577 49.83 -51.53 1.36
N ILE B 578 50.98 -50.83 1.44
CA ILE B 578 51.57 -50.08 0.35
C ILE B 578 52.90 -50.71 0.00
N ARG B 579 53.09 -51.15 -1.26
CA ARG B 579 54.34 -51.75 -1.67
C ARG B 579 55.35 -50.67 -2.01
N HIS B 580 56.55 -50.75 -1.42
CA HIS B 580 57.64 -49.83 -1.62
C HIS B 580 58.80 -50.63 -2.17
N PHE B 581 59.96 -50.00 -2.42
CA PHE B 581 61.15 -50.67 -2.91
C PHE B 581 61.64 -51.81 -2.01
N ALA B 582 61.45 -51.67 -0.70
CA ALA B 582 61.80 -52.66 0.29
C ALA B 582 60.67 -53.65 0.57
N GLY B 583 59.60 -53.65 -0.25
CA GLY B 583 58.52 -54.63 -0.14
C GLY B 583 57.22 -54.07 0.34
N ALA B 584 56.34 -54.96 0.80
CA ALA B 584 54.99 -54.67 1.22
C ALA B 584 54.94 -54.29 2.69
N VAL B 585 54.64 -53.02 2.99
CA VAL B 585 54.62 -52.48 4.34
C VAL B 585 53.21 -52.09 4.70
N CYS B 586 52.66 -52.67 5.79
CA CYS B 586 51.32 -52.34 6.22
C CYS B 586 51.36 -51.15 7.16
N TYR B 587 50.31 -50.33 7.15
CA TYR B 587 50.15 -49.20 8.04
C TYR B 587 48.76 -49.27 8.61
N GLU B 588 48.58 -48.98 9.91
CA GLU B 588 47.24 -48.92 10.48
C GLU B 588 46.73 -47.50 10.32
N THR B 589 45.41 -47.27 10.27
CA THR B 589 44.87 -45.93 10.07
C THR B 589 44.34 -45.30 11.31
N THR B 590 44.30 -46.02 12.44
CA THR B 590 43.90 -45.41 13.70
C THR B 590 44.87 -44.35 14.13
N GLN B 591 44.37 -43.18 14.45
CA GLN B 591 45.07 -41.97 14.81
C GLN B 591 45.83 -41.28 13.70
N PHE B 592 45.73 -41.75 12.45
CA PHE B 592 46.42 -41.17 11.30
C PHE B 592 45.98 -39.75 11.01
N VAL B 593 44.66 -39.50 11.02
CA VAL B 593 44.13 -38.18 10.76
C VAL B 593 44.38 -37.26 11.93
N GLU B 594 44.27 -37.77 13.15
CA GLU B 594 44.54 -37.02 14.36
C GLU B 594 45.97 -36.55 14.45
N LYS B 595 46.92 -37.37 14.04
CA LYS B 595 48.31 -36.99 13.97
C LYS B 595 48.63 -36.03 12.84
N ASN B 596 47.81 -36.00 11.77
CA ASN B 596 48.01 -35.08 10.68
C ASN B 596 47.38 -33.73 10.98
N ASN B 597 46.24 -33.72 11.65
CA ASN B 597 45.52 -32.50 11.94
C ASN B 597 46.24 -31.53 12.83
N ASP B 598 46.49 -30.37 12.40
CA ASP B 598 47.10 -29.29 13.08
C ASP B 598 46.22 -28.10 12.87
N ALA B 599 45.89 -27.29 13.57
CA ALA B 599 45.03 -26.15 13.46
C ALA B 599 45.54 -24.89 14.04
N LEU B 600 46.67 -24.40 13.68
CA LEU B 600 47.16 -23.16 14.17
C LEU B 600 46.50 -22.02 13.44
N HIS B 601 45.71 -21.29 13.99
CA HIS B 601 44.97 -20.23 13.39
C HIS B 601 45.36 -18.89 13.91
N MET B 602 44.92 -17.84 13.20
CA MET B 602 45.19 -16.44 13.42
C MET B 602 45.15 -16.00 14.87
N SER B 603 44.09 -16.35 15.59
CA SER B 603 43.90 -16.02 16.99
C SER B 603 44.93 -16.53 17.94
N LEU B 604 45.82 -17.41 17.51
CA LEU B 604 46.81 -18.00 18.37
C LEU B 604 48.18 -17.81 17.76
N GLU B 605 48.28 -17.78 16.43
CA GLU B 605 49.54 -17.46 15.78
C GLU B 605 49.94 -16.00 16.02
N SER B 606 48.96 -15.09 16.04
CA SER B 606 49.21 -13.68 16.35
C SER B 606 49.02 -13.40 17.83
N LEU B 607 49.44 -14.33 18.69
CA LEU B 607 49.48 -14.11 20.11
C LEU B 607 50.81 -14.57 20.63
N ILE B 608 51.34 -15.70 20.13
CA ILE B 608 52.65 -16.16 20.58
C ILE B 608 53.77 -15.34 19.96
N CYS B 609 53.49 -14.67 18.83
CA CYS B 609 54.40 -13.71 18.25
C CYS B 609 54.39 -12.40 19.01
N GLU B 610 53.30 -12.12 19.74
CA GLU B 610 53.11 -10.88 20.47
C GLU B 610 53.55 -10.96 21.93
N SER B 611 54.21 -12.03 22.35
CA SER B 611 54.72 -12.26 23.71
C SER B 611 55.49 -11.11 24.35
N ARG B 612 55.37 -10.96 25.69
CA ARG B 612 56.08 -9.96 26.47
C ARG B 612 57.51 -10.38 26.70
N ASP B 613 57.86 -11.64 26.49
CA ASP B 613 59.20 -12.18 26.59
C ASP B 613 59.96 -11.91 25.30
N LYS B 614 61.28 -11.68 25.37
CA LYS B 614 62.05 -11.27 24.22
C LYS B 614 62.64 -12.48 23.51
N PHE B 615 63.01 -13.53 24.26
CA PHE B 615 63.54 -14.72 23.67
C PHE B 615 62.51 -15.46 22.83
N ILE B 616 61.22 -15.37 23.23
CA ILE B 616 60.12 -15.96 22.49
C ILE B 616 59.85 -15.24 21.18
N ARG B 617 59.91 -13.89 21.15
CA ARG B 617 59.71 -13.16 19.91
C ARG B 617 60.81 -13.39 18.90
N GLU B 618 62.03 -13.73 19.35
CA GLU B 618 63.14 -14.05 18.49
C GLU B 618 62.96 -15.40 17.80
N LEU B 619 62.17 -16.32 18.37
CA LEU B 619 61.90 -17.62 17.77
C LEU B 619 61.04 -17.51 16.53
N PHE B 620 60.15 -16.51 16.45
CA PHE B 620 59.22 -16.37 15.36
C PHE B 620 59.63 -15.30 14.38
N GLU B 621 60.95 -15.10 14.21
CA GLU B 621 61.59 -14.25 13.24
C GLU B 621 61.19 -12.77 13.31
N GLY B 635 44.75 -13.04 6.75
CA GLY B 635 43.74 -13.76 6.63
C GLY B 635 43.44 -14.23 5.28
N LYS B 636 42.89 -15.40 5.12
CA LYS B 636 43.56 -16.64 4.93
C LYS B 636 44.54 -17.12 5.99
N LEU B 637 44.78 -18.44 6.18
CA LEU B 637 44.29 -19.61 5.50
C LEU B 637 43.50 -20.51 6.42
N SER B 638 43.25 -20.12 7.64
CA SER B 638 42.56 -20.84 8.67
C SER B 638 43.24 -22.04 9.12
N PHE B 639 42.86 -23.18 8.75
CA PHE B 639 43.42 -24.39 9.16
C PHE B 639 44.64 -24.84 8.46
N ILE B 640 45.01 -24.22 7.45
CA ILE B 640 46.16 -24.46 6.70
C ILE B 640 46.28 -25.81 6.05
N SER B 641 47.21 -26.16 5.46
CA SER B 641 47.47 -27.38 4.78
C SER B 641 48.59 -28.15 5.43
N VAL B 642 48.34 -29.06 6.19
CA VAL B 642 49.24 -29.84 7.00
C VAL B 642 49.90 -30.98 6.27
N GLY B 643 49.15 -31.67 5.39
CA GLY B 643 49.63 -32.78 4.58
C GLY B 643 50.44 -32.34 3.39
N ASN B 644 50.61 -31.03 3.22
CA ASN B 644 51.30 -30.43 2.11
C ASN B 644 52.66 -30.00 2.59
N LYS B 645 52.82 -29.66 3.89
CA LYS B 645 54.12 -29.24 4.41
C LYS B 645 55.14 -30.37 4.38
N PHE B 646 54.68 -31.63 4.44
CA PHE B 646 55.55 -32.77 4.30
C PHE B 646 55.99 -32.99 2.86
N LYS B 647 55.22 -32.52 1.85
CA LYS B 647 55.63 -32.70 0.48
C LYS B 647 56.49 -31.52 0.05
N THR B 648 56.09 -30.31 0.45
CA THR B 648 56.76 -29.07 0.10
C THR B 648 58.16 -28.97 0.65
N GLN B 649 58.38 -29.32 1.92
CA GLN B 649 59.73 -29.26 2.47
C GLN B 649 60.68 -30.29 1.86
N LEU B 650 60.17 -31.47 1.46
CA LEU B 650 60.99 -32.48 0.83
C LEU B 650 61.42 -32.11 -0.58
N ASN B 651 60.58 -31.36 -1.32
CA ASN B 651 60.93 -30.91 -2.65
C ASN B 651 62.03 -29.86 -2.66
N LEU B 652 62.29 -29.19 -1.51
CA LEU B 652 63.38 -28.25 -1.39
C LEU B 652 64.72 -28.93 -1.22
N LEU B 653 64.72 -30.24 -0.96
CA LEU B 653 65.93 -31.00 -0.80
C LEU B 653 66.15 -31.86 -2.02
N LEU B 654 65.10 -32.41 -2.65
CA LEU B 654 65.26 -33.25 -3.82
C LEU B 654 65.77 -32.51 -5.03
N ASP B 655 65.34 -31.26 -5.26
CA ASP B 655 65.87 -30.49 -6.36
C ASP B 655 67.25 -29.94 -6.05
N LYS B 656 67.64 -29.85 -4.76
CA LYS B 656 69.01 -29.51 -4.43
C LYS B 656 69.93 -30.68 -4.66
N LEU B 657 69.47 -31.92 -4.42
CA LEU B 657 70.24 -33.11 -4.73
C LEU B 657 70.39 -33.35 -6.22
N ARG B 658 69.39 -32.96 -7.03
CA ARG B 658 69.50 -33.02 -8.47
C ARG B 658 70.45 -31.99 -9.05
N SER B 659 70.68 -30.88 -8.33
CA SER B 659 71.57 -29.82 -8.78
C SER B 659 73.03 -30.07 -8.44
N THR B 660 73.34 -31.08 -7.63
CA THR B 660 74.70 -31.43 -7.24
C THR B 660 75.06 -32.82 -7.72
N GLY B 661 76.35 -33.19 -7.64
CA GLY B 661 76.77 -34.57 -7.87
C GLY B 661 76.43 -35.43 -6.67
N ALA B 662 76.70 -36.75 -6.70
CA ALA B 662 76.34 -37.60 -5.58
C ALA B 662 77.31 -38.74 -5.33
N SER B 663 77.47 -39.08 -4.03
CA SER B 663 78.40 -40.06 -3.50
C SER B 663 77.73 -40.91 -2.44
N PHE B 664 76.96 -41.93 -2.87
CA PHE B 664 76.14 -42.79 -2.03
C PHE B 664 76.91 -43.79 -1.16
N ILE B 665 76.92 -43.57 0.17
CA ILE B 665 77.57 -44.44 1.14
C ILE B 665 76.52 -45.14 1.99
N ARG B 666 76.32 -46.44 1.72
CA ARG B 666 75.35 -47.27 2.43
C ARG B 666 76.03 -47.91 3.62
N CYS B 667 75.45 -47.78 4.84
CA CYS B 667 76.05 -48.27 6.08
C CYS B 667 75.36 -49.51 6.64
N ILE B 668 76.10 -50.62 6.82
CA ILE B 668 75.66 -51.92 7.28
C ILE B 668 75.98 -52.19 8.75
N LYS B 669 74.95 -52.59 9.54
CA LYS B 669 75.07 -53.06 10.91
C LYS B 669 75.22 -54.58 10.88
N PRO B 670 76.30 -55.23 11.31
CA PRO B 670 76.44 -56.68 11.11
C PRO B 670 75.74 -57.56 12.13
N ASN B 671 75.34 -57.05 13.30
CA ASN B 671 74.72 -57.90 14.30
C ASN B 671 73.86 -57.07 15.23
N LEU B 672 72.90 -57.71 15.91
CA LEU B 672 71.94 -57.05 16.76
C LEU B 672 72.52 -56.51 18.05
N LYS B 673 73.50 -57.20 18.63
CA LYS B 673 74.13 -56.81 19.86
C LYS B 673 75.07 -55.64 19.76
N MET B 674 75.61 -55.40 18.56
CA MET B 674 76.56 -54.37 18.22
C MET B 674 77.90 -54.63 18.88
N THR B 675 78.38 -55.87 18.74
CA THR B 675 79.63 -56.34 19.32
C THR B 675 80.54 -56.82 18.23
N SER B 676 81.85 -56.68 18.45
CA SER B 676 82.88 -57.01 17.50
C SER B 676 82.99 -58.46 17.12
N HIS B 677 83.36 -58.72 15.86
CA HIS B 677 83.57 -60.03 15.28
C HIS B 677 82.37 -60.97 15.31
N HIS B 678 81.20 -60.49 14.94
CA HIS B 678 79.99 -61.30 14.84
C HIS B 678 79.26 -60.93 13.56
N PHE B 679 78.94 -61.93 12.73
CA PHE B 679 78.26 -61.74 11.46
C PHE B 679 76.91 -62.44 11.52
N GLU B 680 75.81 -61.72 11.26
CA GLU B 680 74.48 -62.28 11.22
C GLU B 680 73.90 -62.12 9.82
N GLY B 681 73.82 -63.22 9.05
CA GLY B 681 73.38 -63.15 7.66
C GLY B 681 71.90 -63.18 7.45
N ALA B 682 71.14 -63.16 8.55
CA ALA B 682 69.70 -63.02 8.55
C ALA B 682 69.31 -61.60 8.91
N GLN B 683 70.31 -60.73 9.14
CA GLN B 683 70.10 -59.34 9.49
C GLN B 683 70.84 -58.46 8.51
N ILE B 684 71.99 -58.94 7.97
CA ILE B 684 72.70 -58.24 6.92
C ILE B 684 71.94 -58.31 5.62
N LEU B 685 71.39 -59.49 5.23
CA LEU B 685 70.64 -59.62 4.00
C LEU B 685 69.39 -58.77 3.99
N SER B 686 68.76 -58.57 5.16
CA SER B 686 67.61 -57.68 5.28
C SER B 686 67.97 -56.23 5.09
N GLN B 687 69.24 -55.84 5.33
CA GLN B 687 69.67 -54.49 5.08
C GLN B 687 70.16 -54.31 3.65
N LEU B 688 70.47 -55.40 2.92
CA LEU B 688 70.79 -55.28 1.51
C LEU B 688 69.53 -55.05 0.70
N GLN B 689 68.41 -55.62 1.16
CA GLN B 689 67.13 -55.47 0.53
C GLN B 689 66.36 -54.26 1.03
N CYS B 690 66.86 -53.59 2.08
CA CYS B 690 66.25 -52.38 2.61
C CYS B 690 67.14 -51.18 2.38
N SER B 691 68.27 -51.33 1.67
CA SER B 691 69.13 -50.22 1.33
C SER B 691 68.92 -49.75 -0.09
N GLY B 692 68.06 -50.47 -0.84
CA GLY B 692 68.04 -50.43 -2.29
C GLY B 692 69.19 -51.03 -3.04
N MET B 693 70.07 -51.82 -2.39
CA MET B 693 71.19 -52.40 -3.09
C MET B 693 70.79 -53.47 -4.07
N VAL B 694 69.85 -54.33 -3.69
CA VAL B 694 69.37 -55.40 -4.54
C VAL B 694 68.64 -54.86 -5.77
N SER B 695 67.89 -53.76 -5.62
CA SER B 695 67.27 -53.07 -6.74
C SER B 695 68.26 -52.55 -7.77
N VAL B 696 69.41 -51.98 -7.32
CA VAL B 696 70.43 -51.53 -8.24
C VAL B 696 71.13 -52.68 -8.95
N LEU B 697 71.33 -53.83 -8.28
CA LEU B 697 71.85 -55.01 -8.95
C LEU B 697 70.91 -55.59 -9.99
N ASP B 698 69.58 -55.39 -9.86
CA ASP B 698 68.60 -55.74 -10.87
C ASP B 698 68.74 -54.85 -12.10
N LEU B 699 68.99 -53.54 -11.89
CA LEU B 699 69.22 -52.57 -12.93
C LEU B 699 70.43 -52.93 -13.77
N MET B 700 71.54 -53.34 -13.11
CA MET B 700 72.78 -53.64 -13.79
C MET B 700 72.76 -54.91 -14.61
N GLN B 701 71.79 -55.85 -14.39
CA GLN B 701 71.62 -56.98 -15.28
C GLN B 701 71.16 -56.59 -16.67
N GLY B 702 70.44 -55.46 -16.81
CA GLY B 702 70.06 -54.87 -18.08
C GLY B 702 71.22 -54.45 -18.97
N GLY B 703 72.35 -54.08 -18.35
CA GLY B 703 73.55 -53.65 -19.04
C GLY B 703 74.55 -54.75 -19.17
N PHE B 704 75.78 -54.49 -18.72
CA PHE B 704 76.86 -55.44 -18.69
C PHE B 704 77.36 -55.52 -17.26
N PRO B 705 76.88 -56.39 -16.38
CA PRO B 705 77.18 -56.34 -14.95
C PRO B 705 78.54 -56.89 -14.60
N SER B 706 79.12 -57.71 -15.47
CA SER B 706 80.39 -58.38 -15.24
C SER B 706 81.41 -57.78 -16.15
N ARG B 707 82.53 -57.31 -15.58
CA ARG B 707 83.59 -56.70 -16.34
C ARG B 707 84.90 -57.01 -15.64
N ALA B 708 85.95 -57.36 -16.39
CA ALA B 708 87.24 -57.72 -15.87
C ALA B 708 88.32 -57.02 -16.64
N SER B 709 89.29 -56.36 -15.97
CA SER B 709 90.44 -55.78 -16.66
C SER B 709 91.32 -56.78 -17.38
N PHE B 710 92.19 -56.32 -18.28
CA PHE B 710 93.07 -57.20 -19.04
C PHE B 710 94.08 -57.93 -18.16
N HIS B 711 94.57 -57.27 -17.09
CA HIS B 711 95.48 -57.88 -16.15
C HIS B 711 94.81 -58.92 -15.25
N GLU B 712 93.49 -58.80 -15.03
CA GLU B 712 92.73 -59.80 -14.30
C GLU B 712 92.55 -61.06 -15.13
N LEU B 713 92.16 -60.93 -16.41
CA LEU B 713 92.04 -62.05 -17.32
C LEU B 713 93.35 -62.72 -17.69
N TYR B 714 94.49 -62.01 -17.57
CA TYR B 714 95.80 -62.58 -17.77
C TYR B 714 96.21 -63.47 -16.60
N ASN B 715 95.97 -63.01 -15.35
CA ASN B 715 96.27 -63.81 -14.17
C ASN B 715 95.38 -65.04 -14.03
N MET B 716 94.13 -64.98 -14.50
CA MET B 716 93.22 -66.11 -14.42
C MET B 716 93.53 -67.19 -15.43
N TYR B 717 93.71 -66.85 -16.72
CA TYR B 717 93.63 -67.83 -17.78
C TYR B 717 94.94 -68.16 -18.47
N LYS B 718 96.09 -67.60 -18.07
CA LYS B 718 97.36 -67.92 -18.72
C LYS B 718 97.80 -69.38 -18.60
N LYS B 719 97.45 -70.09 -17.50
CA LYS B 719 97.84 -71.47 -17.31
C LYS B 719 97.19 -72.44 -18.28
N TYR B 720 95.99 -72.13 -18.80
CA TYR B 720 95.32 -72.96 -19.76
C TYR B 720 95.78 -72.75 -21.19
N MET B 721 96.45 -71.63 -21.48
CA MET B 721 96.93 -71.32 -22.80
C MET B 721 98.27 -71.93 -23.18
N PRO B 722 98.59 -72.11 -24.48
CA PRO B 722 99.91 -72.49 -24.94
C PRO B 722 101.00 -71.49 -24.56
N ASP B 723 102.25 -71.92 -24.44
CA ASP B 723 103.38 -71.09 -24.05
C ASP B 723 103.64 -69.90 -24.95
N LYS B 724 103.36 -70.02 -26.26
CA LYS B 724 103.45 -68.94 -27.21
C LYS B 724 102.48 -67.81 -26.95
N LEU B 725 101.21 -68.15 -26.66
CA LEU B 725 100.20 -67.17 -26.35
C LEU B 725 100.40 -66.55 -24.98
N ALA B 726 100.97 -67.32 -24.05
CA ALA B 726 101.27 -66.87 -22.71
C ALA B 726 102.33 -65.79 -22.63
N ARG B 727 103.30 -65.76 -23.56
CA ARG B 727 104.34 -64.78 -23.62
C ARG B 727 103.87 -63.34 -23.86
N LEU B 728 102.74 -63.16 -24.55
CA LEU B 728 102.13 -61.87 -24.85
C LEU B 728 101.77 -60.98 -23.66
N ASP B 729 101.73 -59.66 -23.89
CA ASP B 729 101.22 -58.67 -22.98
C ASP B 729 99.71 -58.79 -22.72
N PRO B 730 99.17 -58.49 -21.54
CA PRO B 730 97.75 -58.63 -21.24
C PRO B 730 96.71 -58.14 -22.24
N ARG B 731 96.90 -57.00 -22.93
CA ARG B 731 95.92 -56.53 -23.91
C ARG B 731 95.93 -57.36 -25.20
N LEU B 732 97.12 -57.77 -25.69
CA LEU B 732 97.21 -58.59 -26.87
C LEU B 732 96.87 -60.03 -26.60
N PHE B 733 97.17 -60.52 -25.37
CA PHE B 733 96.69 -61.81 -24.89
C PHE B 733 95.17 -61.89 -24.95
N CYS B 734 94.46 -60.87 -24.45
CA CYS B 734 93.01 -60.85 -24.49
C CYS B 734 92.44 -60.59 -25.88
N LYS B 735 93.12 -59.80 -26.73
CA LYS B 735 92.67 -59.51 -28.07
C LYS B 735 92.74 -60.73 -28.98
N ALA B 736 93.84 -61.51 -28.86
CA ALA B 736 94.06 -62.75 -29.58
C ALA B 736 93.09 -63.82 -29.14
N LEU B 737 92.78 -63.89 -27.82
CA LEU B 737 91.87 -64.83 -27.24
C LEU B 737 90.43 -64.57 -27.64
N PHE B 738 90.02 -63.30 -27.74
CA PHE B 738 88.71 -62.91 -28.21
C PHE B 738 88.52 -63.24 -29.69
N LYS B 739 89.56 -62.99 -30.51
CA LYS B 739 89.52 -63.25 -31.94
C LYS B 739 89.56 -64.74 -32.26
N ALA B 740 90.40 -65.53 -31.56
CA ALA B 740 90.47 -66.98 -31.69
C ALA B 740 89.14 -67.68 -31.50
N LEU B 741 88.45 -67.39 -30.37
CA LEU B 741 87.19 -67.98 -30.02
C LEU B 741 86.04 -67.54 -30.89
N GLY B 742 86.08 -66.30 -31.42
CA GLY B 742 85.12 -65.82 -32.39
C GLY B 742 83.84 -65.35 -31.77
N LEU B 743 83.91 -64.88 -30.51
CA LEU B 743 82.81 -64.52 -29.65
C LEU B 743 81.81 -63.53 -30.22
N ASN B 744 80.52 -63.74 -29.93
CA ASN B 744 79.44 -62.88 -30.38
C ASN B 744 79.50 -61.45 -29.87
N GLU B 745 79.40 -60.49 -30.79
CA GLU B 745 79.56 -59.08 -30.54
C GLU B 745 78.54 -58.43 -29.63
N ILE B 746 77.32 -58.96 -29.52
CA ILE B 746 76.30 -58.40 -28.66
C ILE B 746 76.38 -58.97 -27.26
N ASP B 747 77.06 -60.09 -27.04
CA ASP B 747 77.22 -60.72 -25.75
C ASP B 747 78.52 -60.35 -25.08
N TYR B 748 79.62 -60.28 -25.86
CA TYR B 748 80.95 -59.97 -25.38
C TYR B 748 81.40 -58.67 -26.02
N LYS B 749 82.03 -57.75 -25.25
CA LYS B 749 82.47 -56.47 -25.78
C LYS B 749 83.88 -56.11 -25.33
N PHE B 750 84.77 -55.81 -26.28
CA PHE B 750 86.15 -55.45 -26.03
C PHE B 750 86.33 -53.96 -25.75
N GLY B 751 86.52 -53.55 -24.48
CA GLY B 751 86.66 -52.15 -24.09
C GLY B 751 88.06 -51.60 -24.22
N LEU B 752 88.39 -50.61 -23.39
CA LEU B 752 89.63 -49.87 -23.46
C LEU B 752 90.57 -50.36 -22.38
N THR B 753 90.04 -50.62 -21.17
CA THR B 753 90.80 -51.18 -20.07
C THR B 753 90.20 -52.48 -19.58
N LYS B 754 88.95 -52.78 -19.96
CA LYS B 754 88.25 -53.96 -19.49
C LYS B 754 87.50 -54.66 -20.61
N VAL B 755 87.25 -55.96 -20.43
CA VAL B 755 86.36 -56.74 -21.26
C VAL B 755 85.03 -56.78 -20.56
N PHE B 756 83.93 -56.47 -21.24
CA PHE B 756 82.61 -56.37 -20.65
C PHE B 756 81.81 -57.57 -21.09
N PHE B 757 80.91 -58.06 -20.22
CA PHE B 757 80.14 -59.27 -20.49
C PHE B 757 78.68 -59.06 -20.17
N ARG B 758 77.78 -59.72 -20.91
CA ARG B 758 76.38 -59.86 -20.57
C ARG B 758 76.20 -60.84 -19.40
N PRO B 759 75.06 -60.90 -18.70
CA PRO B 759 74.85 -61.84 -17.60
C PRO B 759 75.12 -63.29 -17.92
N GLY B 760 75.92 -63.97 -17.11
CA GLY B 760 76.23 -65.37 -17.29
C GLY B 760 77.16 -65.72 -18.43
N LYS B 761 77.90 -64.73 -18.95
CA LYS B 761 78.78 -64.97 -20.09
C LYS B 761 80.23 -64.88 -19.71
N PHE B 762 80.59 -64.21 -18.59
CA PHE B 762 81.87 -64.41 -17.93
C PHE B 762 81.98 -65.83 -17.38
N ALA B 763 80.85 -66.39 -16.91
CA ALA B 763 80.75 -67.75 -16.47
C ALA B 763 80.85 -68.73 -17.62
N GLU B 764 80.22 -68.42 -18.77
CA GLU B 764 80.32 -69.21 -19.98
C GLU B 764 81.73 -69.21 -20.56
N PHE B 765 82.40 -68.04 -20.54
CA PHE B 765 83.79 -67.85 -20.90
C PHE B 765 84.73 -68.71 -20.08
N ASP B 766 84.53 -68.79 -18.76
CA ASP B 766 85.34 -69.59 -17.87
C ASP B 766 85.24 -71.09 -18.14
N GLN B 767 84.12 -71.57 -18.70
CA GLN B 767 83.98 -72.97 -19.08
C GLN B 767 84.58 -73.30 -20.43
N ILE B 768 84.70 -72.32 -21.35
CA ILE B 768 85.41 -72.51 -22.61
C ILE B 768 86.89 -72.73 -22.38
N MET B 769 87.47 -72.07 -21.36
CA MET B 769 88.88 -72.23 -21.05
C MET B 769 89.17 -73.53 -20.34
N LYS B 770 88.16 -74.13 -19.72
CA LYS B 770 88.29 -75.37 -19.00
C LYS B 770 87.87 -76.55 -19.86
N SER B 771 87.71 -76.38 -21.14
CA SER B 771 87.27 -77.40 -22.06
C SER B 771 88.34 -77.98 -22.85
N ASP B 772 88.52 -78.72 -23.64
CA ASP B 772 89.44 -79.45 -24.43
C ASP B 772 90.75 -78.75 -24.81
N PRO B 773 91.90 -79.09 -24.22
CA PRO B 773 93.16 -78.40 -24.48
C PRO B 773 93.64 -78.50 -25.91
N ASP B 774 93.32 -79.59 -26.62
CA ASP B 774 93.74 -79.81 -27.99
C ASP B 774 92.95 -78.95 -28.95
N HIS B 775 91.64 -78.80 -28.71
CA HIS B 775 90.76 -77.93 -29.47
C HIS B 775 91.14 -76.48 -29.36
N LEU B 776 91.46 -76.02 -28.13
CA LEU B 776 91.95 -74.68 -27.87
C LEU B 776 93.29 -74.39 -28.53
N ALA B 777 94.22 -75.36 -28.50
CA ALA B 777 95.50 -75.26 -29.17
C ALA B 777 95.39 -75.13 -30.69
N GLU B 778 94.39 -75.77 -31.30
CA GLU B 778 94.16 -75.73 -32.72
C GLU B 778 93.56 -74.39 -33.16
N LEU B 779 92.72 -73.77 -32.31
CA LEU B 779 92.19 -72.44 -32.58
C LEU B 779 93.26 -71.35 -32.46
N VAL B 780 94.28 -71.54 -31.60
CA VAL B 780 95.43 -70.66 -31.50
C VAL B 780 96.36 -70.79 -32.70
N LYS B 781 96.53 -72.01 -33.25
CA LYS B 781 97.21 -72.23 -34.51
C LYS B 781 96.57 -71.51 -35.69
N ARG B 782 95.23 -71.47 -35.74
CA ARG B 782 94.50 -70.86 -36.82
C ARG B 782 94.53 -69.33 -36.82
N VAL B 783 94.91 -68.68 -35.69
CA VAL B 783 94.98 -67.23 -35.62
C VAL B 783 96.42 -66.74 -35.60
N ASN B 784 97.40 -67.64 -35.86
CA ASN B 784 98.82 -67.34 -35.77
C ASN B 784 99.33 -66.33 -36.80
N HIS B 785 98.75 -66.25 -38.00
CA HIS B 785 99.14 -65.25 -38.98
C HIS B 785 98.70 -63.85 -38.59
N TRP B 786 97.43 -63.69 -38.18
CA TRP B 786 96.88 -62.45 -37.66
C TRP B 786 97.64 -61.93 -36.43
N LEU B 787 98.14 -62.84 -35.59
CA LEU B 787 98.85 -62.52 -34.37
C LEU B 787 100.24 -61.99 -34.63
N ILE B 788 100.98 -62.56 -35.61
CA ILE B 788 102.21 -61.99 -36.11
C ILE B 788 102.02 -60.63 -36.76
N CYS B 789 100.96 -60.44 -37.57
CA CYS B 789 100.63 -59.15 -38.16
C CYS B 789 100.24 -58.10 -37.15
N SER B 790 99.53 -58.49 -36.08
CA SER B 790 99.17 -57.58 -34.99
C SER B 790 100.37 -57.16 -34.18
N ARG B 791 101.34 -58.07 -33.94
CA ARG B 791 102.52 -57.79 -33.15
C ARG B 791 103.53 -56.95 -33.92
N TRP B 792 103.50 -56.99 -35.27
CA TRP B 792 104.25 -56.10 -36.13
C TRP B 792 103.70 -54.70 -36.06
N LYS B 793 102.39 -54.52 -36.33
CA LYS B 793 101.74 -53.22 -36.30
C LYS B 793 101.76 -52.56 -34.92
N LYS B 794 101.88 -53.34 -33.84
CA LYS B 794 101.99 -52.80 -32.50
C LYS B 794 103.30 -52.05 -32.30
N VAL B 795 104.45 -52.62 -32.72
CA VAL B 795 105.73 -51.94 -32.58
C VAL B 795 105.98 -50.92 -33.68
N GLN B 796 105.34 -51.06 -34.87
CA GLN B 796 105.45 -50.08 -35.93
C GLN B 796 104.66 -48.80 -35.63
N TRP B 797 103.41 -48.89 -35.17
CA TRP B 797 102.65 -47.70 -34.83
C TRP B 797 103.05 -47.09 -33.49
N CYS B 798 103.77 -47.83 -32.63
CA CYS B 798 104.36 -47.27 -31.42
C CYS B 798 105.61 -46.46 -31.73
N SER B 799 106.39 -46.86 -32.75
CA SER B 799 107.54 -46.08 -33.16
C SER B 799 107.14 -44.85 -33.94
N LEU B 800 106.05 -44.92 -34.73
CA LEU B 800 105.43 -43.77 -35.35
C LEU B 800 104.73 -42.86 -34.35
N SER B 801 104.39 -43.36 -33.14
CA SER B 801 103.85 -42.51 -32.09
C SER B 801 104.93 -41.65 -31.47
N VAL B 802 106.12 -42.20 -31.22
CA VAL B 802 107.25 -41.44 -30.67
C VAL B 802 107.74 -40.38 -31.65
N ILE B 803 107.73 -40.67 -32.98
CA ILE B 803 108.06 -39.70 -34.00
C ILE B 803 107.00 -38.62 -34.17
N LYS B 804 105.70 -38.90 -33.98
CA LYS B 804 104.68 -37.87 -34.00
C LYS B 804 104.70 -36.99 -32.76
N LEU B 805 105.22 -37.49 -31.62
CA LEU B 805 105.39 -36.67 -30.44
C LEU B 805 106.71 -35.91 -30.48
N LYS B 806 107.68 -36.35 -31.30
CA LYS B 806 108.87 -35.57 -31.62
C LYS B 806 108.52 -34.43 -32.56
N ASN B 807 107.64 -34.68 -33.55
CA ASN B 807 107.13 -33.65 -34.44
C ASN B 807 106.18 -32.69 -33.74
N LYS B 808 105.56 -33.05 -32.60
CA LYS B 808 104.75 -32.14 -31.81
C LYS B 808 105.60 -31.17 -31.00
N ILE B 809 106.72 -31.63 -30.39
CA ILE B 809 107.64 -30.79 -29.64
C ILE B 809 108.27 -29.70 -30.50
N LYS B 810 108.54 -30.01 -31.78
CA LYS B 810 109.08 -29.06 -32.74
C LYS B 810 108.02 -28.10 -33.27
N TYR B 811 106.82 -28.59 -33.64
CA TYR B 811 105.69 -27.80 -34.08
C TYR B 811 105.23 -26.78 -33.05
N ARG B 812 105.17 -27.18 -31.76
CA ARG B 812 104.82 -26.31 -30.66
C ARG B 812 105.88 -25.28 -30.39
N ALA B 813 107.18 -25.67 -30.38
CA ALA B 813 108.27 -24.74 -30.19
C ALA B 813 108.57 -23.85 -31.42
N GLU B 814 107.83 -24.02 -32.52
CA GLU B 814 107.88 -23.15 -33.68
C GLU B 814 107.02 -21.93 -33.49
N ALA B 815 106.08 -21.97 -32.55
CA ALA B 815 105.28 -20.86 -32.16
C ALA B 815 105.55 -20.30 -30.82
N CYS B 816 106.57 -20.36 -30.30
CA CYS B 816 106.95 -19.80 -29.10
C CYS B 816 107.49 -18.67 -29.36
N GLU C 1 -62.72 -40.49 49.17
CA GLU C 1 -62.95 -41.55 49.92
C GLU C 1 -63.22 -42.67 49.20
N ASP C 2 -63.07 -43.80 49.77
CA ASP C 2 -63.26 -44.95 49.17
C ASP C 2 -64.59 -45.19 48.82
N GLY C 3 -64.75 -45.63 47.66
CA GLY C 3 -65.96 -45.93 47.17
C GLY C 3 -66.69 -44.82 46.66
N LYS C 4 -66.30 -43.74 46.71
CA LYS C 4 -66.93 -42.59 46.25
C LYS C 4 -66.60 -42.23 44.83
N PRO C 5 -67.51 -41.84 43.99
CA PRO C 5 -67.25 -41.49 42.61
C PRO C 5 -66.36 -40.29 42.40
N VAL C 6 -65.46 -40.37 41.43
CA VAL C 6 -64.64 -39.28 41.00
C VAL C 6 -64.94 -39.05 39.53
N TRP C 7 -64.51 -37.91 38.97
CA TRP C 7 -64.60 -37.68 37.54
C TRP C 7 -63.38 -38.27 36.86
N ALA C 8 -63.57 -38.88 35.68
CA ALA C 8 -62.53 -39.50 34.93
C ALA C 8 -62.35 -38.84 33.56
N PRO C 9 -61.15 -38.54 33.10
CA PRO C 9 -60.87 -37.98 31.77
C PRO C 9 -61.30 -38.83 30.58
N HIS C 10 -62.45 -38.57 29.93
CA HIS C 10 -62.87 -39.34 28.78
C HIS C 10 -62.72 -38.48 27.55
N PRO C 11 -61.99 -38.83 26.51
CA PRO C 11 -61.74 -37.96 25.37
C PRO C 11 -62.93 -37.37 24.66
N THR C 12 -64.03 -38.10 24.49
CA THR C 12 -65.19 -37.63 23.74
C THR C 12 -66.12 -36.79 24.55
N ASP C 13 -66.08 -36.82 25.87
CA ASP C 13 -67.01 -36.12 26.73
C ASP C 13 -66.32 -35.20 27.71
N GLY C 14 -64.98 -35.18 27.75
CA GLY C 14 -64.20 -34.39 28.68
C GLY C 14 -64.04 -35.15 29.97
N PHE C 15 -65.11 -35.26 30.76
CA PHE C 15 -65.12 -36.00 32.00
C PHE C 15 -66.33 -36.92 32.05
N GLN C 16 -66.18 -38.14 32.60
CA GLN C 16 -67.28 -39.05 32.86
C GLN C 16 -67.14 -39.61 34.26
N VAL C 17 -68.14 -40.32 34.78
CA VAL C 17 -68.10 -41.00 36.07
C VAL C 17 -67.11 -42.16 36.15
N GLY C 18 -66.57 -42.48 37.34
CA GLY C 18 -65.59 -43.52 37.47
C GLY C 18 -65.09 -43.71 38.87
N ASN C 19 -64.44 -44.85 39.13
CA ASN C 19 -63.96 -45.25 40.43
C ASN C 19 -62.51 -45.64 40.36
N ILE C 20 -61.84 -45.70 41.51
CA ILE C 20 -60.42 -45.97 41.63
C ILE C 20 -60.27 -47.33 42.25
N VAL C 21 -59.64 -48.27 41.53
CA VAL C 21 -59.52 -49.66 41.96
C VAL C 21 -58.08 -50.06 42.21
N ASP C 22 -57.11 -49.18 41.91
CA ASP C 22 -55.72 -49.38 42.24
C ASP C 22 -55.07 -48.02 42.14
N ILE C 23 -53.86 -47.85 42.68
CA ILE C 23 -53.20 -46.58 42.72
C ILE C 23 -51.70 -46.77 42.85
N GLY C 24 -50.92 -45.77 42.40
CA GLY C 24 -49.47 -45.76 42.48
C GLY C 24 -49.02 -44.40 42.91
N PRO C 25 -47.77 -44.11 42.92
CA PRO C 25 -47.24 -42.81 43.31
C PRO C 25 -47.68 -41.62 42.54
N ASP C 26 -47.83 -41.73 41.24
CA ASP C 26 -48.22 -40.64 40.40
C ASP C 26 -49.50 -40.91 39.64
N SER C 27 -49.95 -42.14 39.57
CA SER C 27 -51.10 -42.53 38.79
C SER C 27 -52.19 -43.24 39.55
N LEU C 28 -53.42 -43.15 39.03
CA LEU C 28 -54.61 -43.77 39.55
C LEU C 28 -55.16 -44.68 38.47
N THR C 29 -55.46 -45.93 38.81
CA THR C 29 -56.05 -46.91 37.92
C THR C 29 -57.56 -46.76 37.91
N ILE C 30 -58.08 -45.95 36.98
CA ILE C 30 -59.49 -45.57 36.90
C ILE C 30 -60.37 -46.57 36.16
N GLU C 31 -61.38 -47.15 36.85
CA GLU C 31 -62.37 -47.99 36.23
C GLU C 31 -63.64 -47.17 35.98
N PRO C 32 -64.13 -46.94 34.76
CA PRO C 32 -65.37 -46.21 34.52
C PRO C 32 -66.60 -46.88 35.12
N LEU C 33 -67.63 -46.10 35.45
CA LEU C 33 -68.85 -46.61 36.04
C LEU C 33 -69.76 -47.23 35.00
N ASN C 34 -69.89 -46.60 33.85
CA ASN C 34 -70.71 -47.07 32.78
C ASN C 34 -70.02 -48.05 31.86
N GLN C 35 -68.72 -48.03 31.74
CA GLN C 35 -67.93 -48.91 30.92
C GLN C 35 -66.98 -49.72 31.77
N LYS C 36 -67.44 -50.64 32.48
CA LYS C 36 -66.64 -51.51 33.31
C LYS C 36 -65.77 -52.41 32.49
N GLY C 37 -64.51 -52.61 32.91
CA GLY C 37 -63.53 -53.39 32.22
C GLY C 37 -62.70 -52.63 31.26
N LYS C 38 -62.98 -51.36 31.06
CA LYS C 38 -62.21 -50.50 30.23
C LYS C 38 -61.00 -49.98 30.93
N THR C 39 -60.92 -49.98 32.21
CA THR C 39 -59.90 -49.64 33.19
C THR C 39 -58.62 -48.99 32.70
N PHE C 40 -58.58 -47.64 32.62
CA PHE C 40 -57.42 -46.91 32.15
C PHE C 40 -56.57 -46.32 33.28
N LEU C 41 -55.56 -45.52 32.93
CA LEU C 41 -54.65 -44.88 33.88
C LEU C 41 -54.81 -43.37 33.76
N ALA C 42 -54.70 -42.65 34.89
CA ALA C 42 -54.82 -41.22 34.90
C ALA C 42 -53.95 -40.65 36.01
N LEU C 43 -53.45 -39.41 35.85
CA LEU C 43 -52.55 -38.80 36.80
C LEU C 43 -53.28 -38.06 37.91
N ILE C 44 -52.57 -37.76 39.02
CA ILE C 44 -53.08 -37.10 40.21
C ILE C 44 -53.77 -35.78 39.99
N ASN C 45 -53.36 -35.02 38.98
CA ASN C 45 -53.90 -33.73 38.63
C ASN C 45 -54.98 -33.82 37.57
N GLN C 46 -55.34 -35.02 37.11
CA GLN C 46 -56.33 -35.20 36.08
C GLN C 46 -57.65 -35.72 36.60
N VAL C 47 -57.75 -36.01 37.91
CA VAL C 47 -58.94 -36.54 38.54
C VAL C 47 -59.55 -35.51 39.47
N PHE C 48 -60.89 -35.54 39.64
CA PHE C 48 -61.58 -34.56 40.46
C PHE C 48 -62.69 -35.24 41.25
N PRO C 49 -62.98 -34.87 42.49
CA PRO C 49 -64.07 -35.45 43.25
C PRO C 49 -65.44 -35.06 42.71
N ALA C 50 -66.40 -36.00 42.68
CA ALA C 50 -67.73 -35.79 42.18
C ALA C 50 -68.74 -35.82 43.32
N GLU C 51 -69.89 -35.16 43.14
CA GLU C 51 -70.94 -35.12 44.12
C GLU C 51 -71.80 -36.37 44.12
N GLU C 52 -72.45 -36.68 45.24
CA GLU C 52 -73.31 -37.84 45.38
C GLU C 52 -74.54 -37.79 44.51
N ASP C 53 -75.22 -36.64 44.44
CA ASP C 53 -76.34 -36.46 43.56
C ASP C 53 -75.89 -35.68 42.34
N SER C 54 -75.72 -36.36 41.23
CA SER C 54 -75.27 -35.78 40.00
C SER C 54 -76.40 -35.46 39.06
N LYS C 55 -77.60 -35.89 39.37
CA LYS C 55 -78.76 -35.64 38.55
C LYS C 55 -79.37 -34.31 38.78
N LYS C 56 -79.02 -33.49 39.57
CA LYS C 56 -79.49 -32.18 39.90
C LYS C 56 -78.58 -31.11 39.36
N ASP C 57 -79.10 -29.94 38.99
CA ASP C 57 -78.36 -28.81 38.53
C ASP C 57 -78.51 -27.67 39.52
N VAL C 58 -77.62 -26.67 39.46
CA VAL C 58 -77.66 -25.54 40.35
C VAL C 58 -77.55 -24.25 39.54
N GLU C 59 -78.37 -23.24 39.89
CA GLU C 59 -78.39 -21.95 39.26
C GLU C 59 -77.15 -21.16 39.64
N ASP C 60 -76.78 -21.29 40.93
CA ASP C 60 -75.65 -20.70 41.56
C ASP C 60 -74.64 -21.81 41.82
N ASN C 61 -73.41 -21.65 41.34
CA ASN C 61 -72.41 -22.70 41.41
C ASN C 61 -71.69 -22.76 42.74
N CYS C 62 -71.95 -21.82 43.66
CA CYS C 62 -71.37 -21.87 44.99
C CYS C 62 -72.14 -22.80 45.89
N SER C 63 -73.27 -23.35 45.40
CA SER C 63 -74.08 -24.31 46.12
C SER C 63 -73.64 -25.73 45.88
N LEU C 64 -72.54 -25.95 45.17
CA LEU C 64 -71.96 -27.27 44.95
C LEU C 64 -71.10 -27.70 46.14
N MET C 65 -71.06 -29.00 46.45
CA MET C 65 -70.25 -29.54 47.51
C MET C 65 -68.80 -29.68 47.08
N TYR C 66 -68.59 -29.88 45.77
CA TYR C 66 -67.29 -29.92 45.16
C TYR C 66 -67.32 -28.95 44.00
N LEU C 67 -66.57 -27.85 44.08
CA LEU C 67 -66.52 -26.85 43.02
C LEU C 67 -65.22 -27.01 42.27
N ASN C 68 -65.32 -27.48 41.03
CA ASN C 68 -64.19 -27.73 40.18
C ASN C 68 -64.69 -27.61 38.75
N GLU C 69 -63.84 -27.92 37.76
CA GLU C 69 -64.21 -27.68 36.39
C GLU C 69 -64.93 -28.87 35.82
N ALA C 70 -64.77 -30.05 36.43
CA ALA C 70 -65.54 -31.21 36.07
C ALA C 70 -66.97 -31.13 36.59
N THR C 71 -67.22 -30.53 37.77
CA THR C 71 -68.60 -30.37 38.23
C THR C 71 -69.26 -29.16 37.63
N LEU C 72 -68.48 -28.19 37.13
CA LEU C 72 -69.02 -27.09 36.36
C LEU C 72 -69.42 -27.53 34.97
N LEU C 73 -68.64 -28.45 34.35
CA LEU C 73 -68.95 -29.00 33.04
C LEU C 73 -70.20 -29.84 33.07
N HIS C 74 -70.42 -30.60 34.17
CA HIS C 74 -71.63 -31.38 34.32
C HIS C 74 -72.82 -30.52 34.66
N ASN C 75 -72.62 -29.36 35.32
CA ASN C 75 -73.72 -28.45 35.59
C ASN C 75 -74.22 -27.80 34.31
N ILE C 76 -73.35 -27.48 33.34
CA ILE C 76 -73.81 -26.88 32.09
C ILE C 76 -74.10 -27.93 31.03
N LYS C 77 -74.07 -29.22 31.39
CA LYS C 77 -74.49 -30.30 30.52
C LYS C 77 -75.94 -30.61 30.81
N VAL C 78 -76.31 -30.66 32.10
CA VAL C 78 -77.67 -30.86 32.56
C VAL C 78 -78.53 -29.64 32.23
N ARG C 79 -77.99 -28.43 32.40
CA ARG C 79 -78.74 -27.22 32.09
C ARG C 79 -78.96 -27.02 30.60
N TYR C 80 -78.13 -27.60 29.73
CA TYR C 80 -78.30 -27.51 28.30
C TYR C 80 -79.51 -28.28 27.80
N SER C 81 -79.90 -29.39 28.45
CA SER C 81 -81.09 -30.14 28.04
C SER C 81 -82.32 -29.70 28.79
N LYS C 82 -82.20 -28.71 29.68
CA LYS C 82 -83.32 -28.06 30.34
C LYS C 82 -83.53 -26.68 29.76
N ASP C 83 -82.76 -26.33 28.71
CA ASP C 83 -82.77 -25.07 28.02
C ASP C 83 -82.48 -23.88 28.94
N ARG C 84 -81.58 -24.05 29.92
CA ARG C 84 -81.18 -23.01 30.84
C ARG C 84 -79.79 -22.54 30.45
N ILE C 85 -79.71 -21.58 29.58
CA ILE C 85 -78.49 -21.12 28.93
C ILE C 85 -77.66 -20.13 29.72
N TYR C 86 -78.19 -19.56 30.83
CA TYR C 86 -77.47 -18.63 31.66
C TYR C 86 -77.15 -19.28 33.00
N THR C 87 -75.92 -19.09 33.50
CA THR C 87 -75.43 -19.75 34.71
C THR C 87 -74.63 -18.80 35.60
N TYR C 88 -75.04 -18.59 36.87
CA TYR C 88 -74.44 -17.65 37.81
C TYR C 88 -73.21 -18.19 38.55
N VAL C 89 -72.01 -17.70 38.24
CA VAL C 89 -70.83 -17.98 39.04
C VAL C 89 -70.36 -16.68 39.65
N ALA C 90 -70.79 -16.36 40.87
CA ALA C 90 -70.47 -15.12 41.56
C ALA C 90 -70.74 -13.83 40.80
N ASN C 91 -69.74 -13.19 40.25
CA ASN C 91 -69.81 -11.98 39.48
C ASN C 91 -69.52 -12.26 38.01
N ILE C 92 -69.57 -13.54 37.61
CA ILE C 92 -69.28 -14.02 36.29
C ILE C 92 -70.52 -14.68 35.72
N LEU C 93 -70.95 -14.27 34.52
CA LEU C 93 -72.08 -14.88 33.87
C LEU C 93 -71.56 -15.75 32.74
N ILE C 94 -71.98 -17.03 32.74
CA ILE C 94 -71.66 -18.02 31.74
C ILE C 94 -72.89 -18.21 30.91
N ALA C 95 -72.83 -17.78 29.64
CA ALA C 95 -73.93 -17.85 28.71
C ALA C 95 -73.55 -18.79 27.58
N VAL C 96 -74.43 -19.75 27.24
CA VAL C 96 -74.17 -20.76 26.22
C VAL C 96 -75.15 -20.58 25.07
N ASN C 97 -74.67 -20.35 23.83
CA ASN C 97 -75.55 -20.10 22.69
C ASN C 97 -76.35 -21.31 22.26
N PRO C 98 -77.66 -21.32 22.18
CA PRO C 98 -78.39 -22.48 21.78
C PRO C 98 -78.65 -22.53 20.30
N TYR C 99 -78.44 -21.44 19.57
CA TYR C 99 -78.71 -21.31 18.16
C TYR C 99 -80.17 -21.44 17.82
N PHE C 100 -81.05 -21.04 18.73
CA PHE C 100 -82.46 -21.10 18.56
C PHE C 100 -83.08 -20.08 19.48
N ASP C 101 -84.22 -19.51 19.13
CA ASP C 101 -84.86 -18.51 19.94
C ASP C 101 -85.76 -19.11 20.99
N ILE C 102 -85.43 -19.07 22.23
CA ILE C 102 -86.15 -19.58 23.37
C ILE C 102 -87.39 -18.73 23.66
N PRO C 103 -88.57 -19.26 23.89
CA PRO C 103 -89.75 -18.47 24.15
C PRO C 103 -89.71 -17.65 25.40
N LYS C 104 -90.34 -16.46 25.39
CA LYS C 104 -90.60 -15.54 26.47
C LYS C 104 -89.41 -14.92 27.16
N ILE C 105 -88.21 -15.34 26.89
CA ILE C 105 -87.07 -14.77 27.51
C ILE C 105 -86.69 -13.40 27.07
N TYR C 106 -87.03 -12.99 25.91
CA TYR C 106 -86.73 -11.68 25.42
C TYR C 106 -87.88 -10.74 25.51
N SER C 107 -88.98 -11.20 26.10
CA SER C 107 -90.20 -10.47 26.29
C SER C 107 -90.08 -9.22 27.14
N SER C 108 -90.86 -8.18 26.82
CA SER C 108 -90.89 -6.94 27.56
C SER C 108 -91.53 -7.08 28.92
N GLU C 109 -92.39 -8.10 29.10
CA GLU C 109 -92.95 -8.41 30.39
C GLU C 109 -91.90 -9.03 31.29
N THR C 110 -90.98 -9.82 30.70
CA THR C 110 -89.85 -10.42 31.38
C THR C 110 -88.85 -9.37 31.80
N ILE C 111 -88.64 -8.35 30.97
CA ILE C 111 -87.75 -7.23 31.24
C ILE C 111 -88.23 -6.42 32.44
N LYS C 112 -89.54 -6.17 32.55
CA LYS C 112 -90.06 -5.40 33.67
C LYS C 112 -90.28 -6.27 34.89
N SER C 113 -90.09 -7.60 34.77
CA SER C 113 -90.13 -8.50 35.90
C SER C 113 -88.84 -8.45 36.66
N TYR C 114 -87.70 -8.47 35.95
CA TYR C 114 -86.38 -8.38 36.54
C TYR C 114 -86.10 -7.04 37.19
N GLN C 115 -86.59 -5.95 36.58
CA GLN C 115 -86.40 -4.59 37.04
C GLN C 115 -86.51 -4.34 38.53
N GLY C 116 -85.39 -3.98 39.17
CA GLY C 116 -85.30 -3.62 40.58
C GLY C 116 -85.29 -4.75 41.56
N LYS C 117 -85.31 -6.00 41.11
CA LYS C 117 -85.31 -7.14 42.00
C LYS C 117 -83.97 -7.50 42.53
N SER C 118 -83.75 -7.84 43.57
CA SER C 118 -82.53 -8.20 44.24
C SER C 118 -81.64 -9.14 43.49
N LEU C 119 -80.67 -9.39 43.68
CA LEU C 119 -79.74 -10.21 42.99
C LEU C 119 -79.67 -11.58 43.54
N GLY C 120 -79.70 -12.59 42.69
CA GLY C 120 -79.63 -13.95 43.04
C GLY C 120 -80.92 -14.56 43.36
N THR C 121 -81.94 -13.80 43.61
CA THR C 121 -83.25 -14.27 43.89
C THR C 121 -84.05 -14.46 42.65
N MET C 122 -83.73 -13.97 41.57
CA MET C 122 -84.33 -14.14 40.28
C MET C 122 -83.46 -15.07 39.45
N PRO C 123 -84.00 -15.92 38.59
CA PRO C 123 -83.23 -16.80 37.73
C PRO C 123 -82.13 -16.14 36.93
N PRO C 124 -81.01 -16.75 36.60
CA PRO C 124 -79.97 -16.14 35.82
C PRO C 124 -80.40 -15.74 34.42
N HIS C 125 -80.13 -14.50 34.03
CA HIS C 125 -80.47 -14.02 32.72
C HIS C 125 -79.57 -12.85 32.46
N VAL C 126 -79.49 -12.37 31.23
CA VAL C 126 -78.57 -11.28 30.89
C VAL C 126 -79.16 -9.94 31.32
N PHE C 127 -80.47 -9.89 31.54
CA PHE C 127 -81.13 -8.72 32.07
C PHE C 127 -80.92 -8.57 33.55
N ALA C 128 -80.39 -9.60 34.26
CA ALA C 128 -80.11 -9.47 35.67
C ALA C 128 -78.74 -8.88 35.92
N ILE C 129 -77.93 -8.76 34.85
CA ILE C 129 -76.63 -8.15 34.91
C ILE C 129 -76.78 -6.70 34.56
N ALA C 130 -77.60 -6.39 33.54
CA ALA C 130 -77.84 -5.02 33.13
C ALA C 130 -78.61 -4.22 34.18
N ASP C 131 -79.52 -4.85 34.94
CA ASP C 131 -80.20 -4.17 36.01
C ASP C 131 -79.30 -3.93 37.21
N LYS C 132 -78.35 -4.85 37.48
CA LYS C 132 -77.38 -4.69 38.52
C LYS C 132 -76.39 -3.58 38.19
N ALA C 133 -75.99 -3.46 36.91
CA ALA C 133 -75.04 -2.45 36.50
C ALA C 133 -75.61 -1.03 36.53
N PHE C 134 -76.94 -0.86 36.40
CA PHE C 134 -77.53 0.44 36.59
C PHE C 134 -77.56 0.81 38.07
N ARG C 135 -77.82 -0.18 38.95
CA ARG C 135 -77.86 0.05 40.37
C ARG C 135 -76.49 0.21 41.00
N ASP C 136 -75.46 -0.44 40.44
CA ASP C 136 -74.10 -0.22 40.87
C ASP C 136 -73.44 0.80 39.94
N MET C 137 -74.21 1.84 39.61
CA MET C 137 -73.76 3.02 38.92
C MET C 137 -74.24 4.16 39.76
N LYS C 138 -75.56 4.38 39.80
CA LYS C 138 -76.18 5.45 40.56
C LYS C 138 -75.93 5.41 42.06
N VAL C 139 -76.01 4.23 42.71
CA VAL C 139 -75.71 4.09 44.13
C VAL C 139 -74.23 4.27 44.42
N LEU C 140 -73.38 3.66 43.59
CA LEU C 140 -71.95 3.66 43.73
C LEU C 140 -71.27 4.98 43.39
N LYS C 141 -71.87 5.76 42.50
CA LYS C 141 -71.37 7.03 41.99
C LYS C 141 -70.13 6.82 41.16
N LEU C 142 -70.17 5.80 40.28
CA LEU C 142 -69.07 5.42 39.45
C LEU C 142 -69.61 4.81 38.18
N SER C 143 -68.88 4.89 37.07
CA SER C 143 -69.29 4.35 35.79
C SER C 143 -69.04 2.85 35.66
N GLN C 144 -69.74 2.17 34.74
CA GLN C 144 -69.74 0.72 34.63
C GLN C 144 -69.27 0.20 33.29
N SER C 145 -68.89 -1.09 33.26
CA SER C 145 -68.43 -1.73 32.04
C SER C 145 -68.83 -3.19 31.99
N ILE C 146 -69.32 -3.64 30.83
CA ILE C 146 -69.74 -4.99 30.58
C ILE C 146 -68.68 -5.57 29.68
N ILE C 147 -68.03 -6.68 30.09
CA ILE C 147 -66.90 -7.23 29.36
C ILE C 147 -67.34 -8.52 28.71
N VAL C 148 -67.28 -8.61 27.37
CA VAL C 148 -67.74 -9.76 26.62
C VAL C 148 -66.59 -10.40 25.87
N SER C 149 -66.29 -11.67 26.19
CA SER C 149 -65.21 -12.43 25.57
C SER C 149 -65.74 -13.53 24.68
N GLY C 150 -64.99 -14.64 24.52
CA GLY C 150 -65.33 -15.77 23.69
C GLY C 150 -64.91 -15.67 22.25
N GLU C 151 -65.00 -16.80 21.56
CA GLU C 151 -64.68 -16.96 20.17
C GLU C 151 -65.89 -16.71 19.30
N SER C 152 -65.71 -16.57 17.99
CA SER C 152 -66.82 -16.31 17.08
C SER C 152 -67.85 -17.41 17.06
N GLY C 153 -69.13 -17.04 17.02
CA GLY C 153 -70.24 -17.97 17.06
C GLY C 153 -70.65 -18.39 18.44
N ALA C 154 -70.08 -17.77 19.48
CA ALA C 154 -70.40 -18.11 20.86
C ALA C 154 -71.53 -17.26 21.42
N GLY C 155 -72.11 -16.34 20.64
CA GLY C 155 -73.24 -15.52 21.04
C GLY C 155 -72.87 -14.17 21.59
N LYS C 156 -71.65 -13.71 21.33
CA LYS C 156 -71.16 -12.45 21.87
C LYS C 156 -71.76 -11.24 21.18
N THR C 157 -72.21 -11.40 19.93
CA THR C 157 -72.95 -10.38 19.21
C THR C 157 -74.35 -10.26 19.76
N GLU C 158 -75.04 -11.39 19.95
CA GLU C 158 -76.40 -11.42 20.46
C GLU C 158 -76.52 -10.99 21.90
N ASN C 159 -75.55 -11.32 22.78
CA ASN C 159 -75.56 -10.87 24.17
C ASN C 159 -75.37 -9.37 24.28
N THR C 160 -74.63 -8.76 23.34
CA THR C 160 -74.42 -7.31 23.32
C THR C 160 -75.71 -6.58 23.00
N LYS C 161 -76.52 -7.12 22.07
CA LYS C 161 -77.77 -6.50 21.69
C LYS C 161 -78.82 -6.55 22.78
N PHE C 162 -78.81 -7.58 23.64
CA PHE C 162 -79.73 -7.66 24.76
C PHE C 162 -79.41 -6.66 25.87
N VAL C 163 -78.13 -6.28 26.01
CA VAL C 163 -77.73 -5.26 26.95
C VAL C 163 -78.24 -3.91 26.51
N LEU C 164 -78.07 -3.56 25.21
CA LEU C 164 -78.52 -2.26 24.74
C LEU C 164 -80.04 -2.17 24.63
N ARG C 165 -80.73 -3.32 24.52
CA ARG C 165 -82.17 -3.40 24.56
C ARG C 165 -82.71 -3.11 25.94
N TYR C 166 -82.04 -3.63 27.00
CA TYR C 166 -82.50 -3.42 28.36
C TYR C 166 -82.32 -1.99 28.83
N LEU C 167 -81.29 -1.28 28.34
CA LEU C 167 -81.08 0.08 28.78
C LEU C 167 -82.01 1.08 28.10
N THR C 168 -82.57 0.79 26.92
CA THR C 168 -83.50 1.69 26.25
C THR C 168 -84.93 1.20 26.36
N GLU C 169 -85.20 0.37 27.37
CA GLU C 169 -86.52 -0.13 27.66
C GLU C 169 -86.79 0.01 29.14
N SER C 170 -85.92 -0.57 30.00
CA SER C 170 -86.13 -0.55 31.44
C SER C 170 -85.89 0.80 32.07
N TYR C 171 -84.84 1.53 31.64
CA TYR C 171 -84.55 2.82 32.24
C TYR C 171 -84.58 3.97 31.27
N GLY C 172 -84.17 3.79 30.00
CA GLY C 172 -84.24 4.84 29.00
C GLY C 172 -85.60 5.02 28.43
N THR C 173 -86.19 6.11 28.52
CA THR C 173 -87.48 6.46 27.99
C THR C 173 -87.53 6.78 26.68
N GLY C 174 -86.96 6.98 25.82
CA GLY C 174 -86.93 7.27 24.55
C GLY C 174 -85.63 7.19 23.90
N GLN C 175 -85.00 7.32 23.38
CA GLN C 175 -83.75 7.34 22.68
C GLN C 175 -83.50 6.11 21.89
N ASP C 176 -83.69 6.14 20.59
CA ASP C 176 -83.53 5.07 19.66
C ASP C 176 -82.11 4.91 19.15
N ILE C 177 -81.17 4.69 20.06
CA ILE C 177 -79.76 4.53 19.75
C ILE C 177 -79.38 3.07 19.66
N ASP C 178 -80.15 2.19 20.31
CA ASP C 178 -79.92 0.76 20.39
C ASP C 178 -79.67 0.04 19.08
N ASP C 179 -80.46 0.31 18.03
CA ASP C 179 -80.31 -0.37 16.78
C ASP C 179 -79.50 0.43 15.77
N ARG C 180 -78.89 1.57 16.14
CA ARG C 180 -78.05 2.25 15.16
C ARG C 180 -76.69 1.56 15.07
N ILE C 181 -76.29 0.82 16.11
CA ILE C 181 -75.13 -0.03 16.10
C ILE C 181 -75.40 -1.25 15.25
N VAL C 182 -76.58 -1.86 15.44
CA VAL C 182 -77.01 -3.04 14.71
C VAL C 182 -77.20 -2.76 13.23
N GLU C 183 -77.78 -1.61 12.86
CA GLU C 183 -77.97 -1.23 11.48
C GLU C 183 -76.67 -0.95 10.75
N ALA C 184 -75.61 -0.48 11.43
CA ALA C 184 -74.34 -0.27 10.76
C ALA C 184 -73.30 -1.31 11.16
N ASN C 185 -73.78 -2.51 11.52
CA ASN C 185 -72.96 -3.69 11.71
C ASN C 185 -72.28 -4.17 10.42
N PRO C 186 -72.85 -4.15 9.21
CA PRO C 186 -72.12 -4.60 8.03
C PRO C 186 -70.95 -3.72 7.65
N LEU C 187 -70.89 -2.47 8.11
CA LEU C 187 -69.73 -1.63 7.87
C LEU C 187 -68.54 -2.15 8.65
N LEU C 188 -68.76 -2.63 9.90
CA LEU C 188 -67.67 -3.16 10.70
C LEU C 188 -67.37 -4.62 10.38
N GLU C 189 -68.29 -5.29 9.66
CA GLU C 189 -68.07 -6.63 9.15
C GLU C 189 -67.18 -6.62 7.92
N ALA C 190 -67.04 -5.44 7.29
CA ALA C 190 -66.17 -5.25 6.15
C ALA C 190 -64.83 -4.69 6.57
N PHE C 191 -64.83 -3.53 7.24
CA PHE C 191 -63.62 -2.85 7.67
C PHE C 191 -62.81 -3.54 8.77
N GLY C 192 -63.47 -4.07 9.83
CA GLY C 192 -62.77 -4.62 10.99
C GLY C 192 -62.73 -6.11 11.06
N ASN C 193 -63.81 -6.81 10.74
CA ASN C 193 -63.87 -8.27 10.72
C ASN C 193 -63.07 -8.92 9.59
N ALA C 194 -62.24 -9.93 9.90
CA ALA C 194 -61.49 -10.65 8.87
C ALA C 194 -61.76 -12.16 8.96
N LYS C 195 -60.90 -12.99 8.36
CA LYS C 195 -60.98 -14.45 8.39
C LYS C 195 -59.71 -15.00 8.97
N THR C 196 -59.81 -15.87 10.00
CA THR C 196 -58.67 -16.51 10.65
C THR C 196 -58.79 -18.01 10.47
N VAL C 197 -57.76 -18.79 10.81
CA VAL C 197 -57.75 -20.22 10.60
C VAL C 197 -58.89 -20.97 11.26
N ARG C 198 -59.28 -20.59 12.48
CA ARG C 198 -60.36 -21.23 13.19
C ARG C 198 -61.66 -20.44 13.22
N ASN C 199 -61.75 -19.28 12.56
CA ASN C 199 -62.97 -18.50 12.57
C ASN C 199 -63.18 -17.85 11.23
N ASN C 200 -64.42 -17.91 10.68
CA ASN C 200 -64.70 -17.31 9.39
C ASN C 200 -65.00 -15.83 9.47
N ASN C 201 -65.61 -15.39 10.58
CA ASN C 201 -65.94 -14.01 10.82
C ASN C 201 -65.43 -13.65 12.20
N SER C 202 -64.23 -13.06 12.32
CA SER C 202 -63.66 -12.73 13.61
C SER C 202 -63.42 -11.24 13.70
N SER C 203 -63.82 -10.60 14.81
CA SER C 203 -63.54 -9.22 15.09
C SER C 203 -62.11 -9.07 15.52
N ARG C 204 -61.37 -8.13 14.94
CA ARG C 204 -59.96 -7.99 15.23
C ARG C 204 -59.64 -6.70 15.95
N PHE C 205 -60.65 -6.11 16.62
CA PHE C 205 -60.48 -4.86 17.31
C PHE C 205 -61.27 -4.83 18.60
N GLY C 206 -60.86 -3.94 19.53
CA GLY C 206 -61.48 -3.70 20.82
C GLY C 206 -62.63 -2.75 20.70
N LYS C 207 -63.84 -3.28 20.45
CA LYS C 207 -65.06 -2.53 20.31
C LYS C 207 -65.57 -2.02 21.65
N PHE C 208 -65.63 -0.70 21.88
CA PHE C 208 -66.09 -0.15 23.14
C PHE C 208 -67.27 0.77 22.93
N VAL C 209 -68.47 0.18 22.72
CA VAL C 209 -69.71 0.90 22.57
C VAL C 209 -70.18 1.43 23.92
N GLU C 210 -70.09 2.74 24.20
CA GLU C 210 -70.47 3.28 25.48
C GLU C 210 -71.81 3.99 25.43
N ILE C 211 -72.58 3.95 26.53
CA ILE C 211 -73.88 4.58 26.66
C ILE C 211 -73.84 5.59 27.77
N HIS C 212 -73.92 6.88 27.42
CA HIS C 212 -73.89 8.00 28.35
C HIS C 212 -75.17 8.15 29.14
N PHE C 213 -75.05 8.32 30.48
CA PHE C 213 -76.16 8.59 31.37
C PHE C 213 -75.89 9.90 32.08
N ASN C 214 -76.92 10.77 32.21
CA ASN C 214 -76.79 12.01 32.94
C ASN C 214 -77.11 11.82 34.41
N GLU C 215 -76.98 12.88 35.23
CA GLU C 215 -77.25 12.85 36.66
C GLU C 215 -78.71 12.63 37.00
N LYS C 216 -79.61 12.90 36.05
CA LYS C 216 -81.03 12.66 36.18
C LYS C 216 -81.42 11.27 35.71
N SER C 217 -80.44 10.43 35.40
CA SER C 217 -80.57 9.03 35.04
C SER C 217 -81.27 8.75 33.74
N SER C 218 -81.00 9.55 32.72
CA SER C 218 -81.54 9.35 31.40
C SER C 218 -80.45 9.13 30.40
N VAL C 219 -80.75 8.33 29.35
CA VAL C 219 -79.83 8.05 28.26
C VAL C 219 -79.66 9.28 27.40
N VAL C 220 -78.51 9.95 27.48
CA VAL C 220 -78.26 11.19 26.75
C VAL C 220 -77.45 10.99 25.49
N GLY C 221 -76.91 9.79 25.24
CA GLY C 221 -76.16 9.57 24.03
C GLY C 221 -75.34 8.33 24.09
N GLY C 222 -74.72 7.95 22.97
CA GLY C 222 -73.79 6.85 22.95
C GLY C 222 -72.58 7.23 22.16
N PHE C 223 -71.52 6.41 22.23
CA PHE C 223 -70.31 6.66 21.48
C PHE C 223 -69.63 5.34 21.22
N VAL C 224 -69.06 5.12 20.04
CA VAL C 224 -68.36 3.90 19.73
C VAL C 224 -66.88 4.19 19.63
N SER C 225 -66.05 3.51 20.44
CA SER C 225 -64.61 3.67 20.38
C SER C 225 -63.97 2.37 19.94
N HIS C 226 -62.84 2.45 19.21
CA HIS C 226 -62.12 1.29 18.71
C HIS C 226 -60.67 1.32 19.17
N TYR C 227 -60.12 0.16 19.54
CA TYR C 227 -58.74 0.04 19.98
C TYR C 227 -58.18 -1.18 19.30
N LEU C 228 -56.88 -1.15 18.94
CA LEU C 228 -56.13 -2.20 18.26
C LEU C 228 -56.57 -2.48 16.83
N LEU C 229 -55.68 -3.03 16.03
CA LEU C 229 -55.88 -3.39 14.64
C LEU C 229 -54.67 -4.20 14.24
N GLU C 230 -54.78 -5.18 13.34
CA GLU C 230 -53.64 -5.97 12.94
C GLU C 230 -52.97 -5.28 11.77
N LYS C 231 -51.93 -4.49 12.05
CA LYS C 231 -51.19 -3.73 11.07
C LYS C 231 -50.59 -4.61 9.98
N SER C 232 -50.08 -5.78 10.37
CA SER C 232 -49.51 -6.76 9.47
C SER C 232 -50.48 -7.34 8.47
N ARG C 233 -51.72 -7.66 8.89
CA ARG C 233 -52.74 -8.29 8.06
C ARG C 233 -53.11 -7.48 6.84
N ILE C 234 -53.01 -6.14 6.95
CA ILE C 234 -53.25 -5.20 5.87
C ILE C 234 -52.37 -5.49 4.66
N CYS C 235 -51.09 -5.84 4.89
CA CYS C 235 -50.15 -6.06 3.80
C CYS C 235 -49.74 -7.51 3.60
N VAL C 236 -49.67 -8.32 4.65
CA VAL C 236 -49.23 -9.70 4.54
C VAL C 236 -50.04 -10.61 5.42
N GLN C 237 -50.51 -11.73 4.89
CA GLN C 237 -51.38 -12.66 5.58
C GLN C 237 -50.76 -13.99 5.69
N GLY C 238 -51.26 -14.86 6.56
CA GLY C 238 -50.84 -16.21 6.73
C GLY C 238 -51.45 -17.16 5.84
N LYS C 239 -51.23 -18.42 5.93
CA LYS C 239 -51.76 -19.46 5.18
C LYS C 239 -53.12 -19.69 5.33
N GLU C 240 -53.86 -19.50 4.36
CA GLU C 240 -55.18 -19.64 4.30
C GLU C 240 -56.02 -18.66 5.02
N GLU C 241 -55.50 -17.55 5.34
CA GLU C 241 -56.23 -16.51 5.94
C GLU C 241 -56.57 -15.47 4.92
N ARG C 242 -57.40 -14.50 5.24
CA ARG C 242 -57.75 -13.42 4.35
C ARG C 242 -57.27 -12.12 4.96
N ASN C 243 -57.42 -11.00 4.21
CA ASN C 243 -57.09 -9.68 4.70
C ASN C 243 -58.36 -9.18 5.41
N TYR C 244 -58.71 -7.88 5.36
CA TYR C 244 -60.01 -7.48 5.89
C TYR C 244 -61.06 -7.71 4.83
N HIS C 245 -62.33 -7.73 5.22
CA HIS C 245 -63.41 -8.13 4.32
C HIS C 245 -63.84 -7.09 3.31
N ILE C 246 -63.44 -5.82 3.47
CA ILE C 246 -63.73 -4.79 2.49
C ILE C 246 -62.85 -4.93 1.25
N PHE C 247 -61.75 -5.71 1.34
CA PHE C 247 -60.89 -5.95 0.20
C PHE C 247 -61.31 -7.20 -0.58
N TYR C 248 -62.50 -7.72 -0.29
CA TYR C 248 -63.04 -8.85 -1.01
C TYR C 248 -64.46 -8.49 -1.39
N ARG C 249 -65.20 -7.83 -0.48
CA ARG C 249 -66.56 -7.40 -0.78
C ARG C 249 -66.62 -6.27 -1.78
N LEU C 250 -65.60 -5.41 -1.87
CA LEU C 250 -65.56 -4.40 -2.90
C LEU C 250 -65.18 -5.03 -4.23
N CYS C 251 -64.31 -6.05 -4.23
CA CYS C 251 -63.95 -6.76 -5.44
C CYS C 251 -65.08 -7.61 -5.98
N ALA C 252 -65.77 -8.36 -5.10
CA ALA C 252 -66.90 -9.18 -5.47
C ALA C 252 -68.16 -8.41 -5.84
N GLY C 253 -68.53 -7.38 -5.06
CA GLY C 253 -69.77 -6.65 -5.26
C GLY C 253 -69.74 -5.47 -6.20
N ALA C 254 -68.58 -5.02 -6.69
CA ALA C 254 -68.51 -3.89 -7.58
C ALA C 254 -69.09 -4.11 -8.97
N SER C 255 -69.85 -3.12 -9.46
CA SER C 255 -70.40 -3.09 -10.80
C SER C 255 -69.36 -2.64 -11.81
N GLU C 256 -69.71 -2.59 -13.11
CA GLU C 256 -68.76 -2.26 -14.15
C GLU C 256 -68.73 -0.77 -14.42
N ASP C 257 -69.66 -0.01 -13.83
CA ASP C 257 -69.68 1.44 -13.89
C ASP C 257 -68.97 2.01 -12.66
N ILE C 258 -68.53 1.13 -11.76
CA ILE C 258 -67.68 1.42 -10.63
C ILE C 258 -66.30 0.89 -10.93
N ARG C 259 -66.18 -0.29 -11.58
CA ARG C 259 -64.89 -0.87 -11.90
C ARG C 259 -64.08 -0.05 -12.89
N GLU C 260 -64.72 0.66 -13.82
CA GLU C 260 -64.02 1.55 -14.72
C GLU C 260 -63.47 2.79 -14.03
N ARG C 261 -64.01 3.17 -12.86
CA ARG C 261 -63.59 4.35 -12.14
C ARG C 261 -62.56 4.04 -11.11
N LEU C 262 -62.45 2.81 -10.64
CA LEU C 262 -61.46 2.44 -9.65
C LEU C 262 -60.39 1.54 -10.22
N HIS C 263 -60.55 1.10 -11.47
CA HIS C 263 -59.65 0.22 -12.19
C HIS C 263 -59.39 -1.10 -11.50
N LEU C 264 -60.43 -1.69 -10.89
CA LEU C 264 -60.33 -2.94 -10.18
C LEU C 264 -60.07 -4.14 -11.06
N SER C 265 -59.40 -5.12 -10.62
CA SER C 265 -59.06 -6.35 -11.30
C SER C 265 -59.16 -7.47 -10.29
N SER C 266 -59.00 -8.72 -10.72
CA SER C 266 -59.11 -9.88 -9.86
C SER C 266 -58.02 -9.97 -8.79
N PRO C 267 -58.28 -10.48 -7.60
CA PRO C 267 -57.33 -10.52 -6.47
C PRO C 267 -55.95 -11.10 -6.69
N ASP C 268 -55.72 -11.94 -7.71
CA ASP C 268 -54.43 -12.50 -8.01
C ASP C 268 -53.37 -11.49 -8.36
N ASN C 269 -53.77 -10.40 -9.00
CA ASN C 269 -52.94 -9.33 -9.34
C ASN C 269 -52.31 -8.63 -8.15
N PHE C 270 -53.09 -8.41 -7.09
CA PHE C 270 -52.69 -7.58 -5.95
C PHE C 270 -51.90 -8.33 -4.88
N ARG C 271 -50.69 -7.84 -4.57
CA ARG C 271 -49.78 -8.44 -3.59
C ARG C 271 -50.30 -8.46 -2.17
N TYR C 272 -51.22 -7.54 -1.82
CA TYR C 272 -51.81 -7.54 -0.49
C TYR C 272 -53.02 -8.45 -0.39
N LEU C 273 -53.29 -9.27 -1.43
CA LEU C 273 -54.37 -10.22 -1.42
C LEU C 273 -53.91 -11.60 -1.86
N ASN C 274 -52.93 -11.70 -2.78
CA ASN C 274 -52.47 -12.98 -3.26
C ASN C 274 -51.62 -13.78 -2.29
N ARG C 275 -51.09 -13.17 -1.22
CA ARG C 275 -50.35 -13.87 -0.20
C ARG C 275 -51.16 -14.90 0.57
N GLY C 276 -52.42 -14.57 0.92
CA GLY C 276 -53.33 -15.46 1.61
C GLY C 276 -54.34 -16.08 0.69
N CYS C 277 -55.60 -16.19 1.15
CA CYS C 277 -56.69 -16.76 0.40
C CYS C 277 -57.43 -15.69 -0.39
N THR C 278 -57.66 -15.94 -1.69
CA THR C 278 -58.33 -15.00 -2.58
C THR C 278 -59.80 -15.32 -2.78
N ARG C 279 -60.27 -16.47 -2.29
CA ARG C 279 -61.65 -16.91 -2.42
C ARG C 279 -62.67 -16.04 -1.70
N TYR C 280 -63.86 -15.90 -2.31
CA TYR C 280 -64.98 -15.15 -1.75
C TYR C 280 -65.92 -16.09 -1.03
N PHE C 281 -66.67 -15.61 -0.03
CA PHE C 281 -67.72 -16.42 0.57
C PHE C 281 -68.96 -16.22 -0.29
N ALA C 282 -69.71 -17.29 -0.57
CA ALA C 282 -70.90 -17.18 -1.38
C ALA C 282 -71.79 -18.39 -1.19
N ASN C 283 -72.98 -18.34 -1.81
CA ASN C 283 -73.93 -19.44 -1.85
C ASN C 283 -74.24 -19.69 -3.31
N LYS C 284 -74.96 -20.75 -3.64
CA LYS C 284 -75.24 -21.14 -5.01
C LYS C 284 -75.87 -20.05 -5.87
N GLU C 285 -76.84 -19.32 -5.31
CA GLU C 285 -77.48 -18.22 -5.99
C GLU C 285 -76.56 -17.05 -6.26
N THR C 286 -75.73 -16.65 -5.30
CA THR C 286 -74.83 -15.53 -5.51
C THR C 286 -73.59 -15.90 -6.28
N ASP C 287 -73.20 -17.18 -6.32
CA ASP C 287 -72.13 -17.68 -7.16
C ASP C 287 -72.40 -17.43 -8.66
N LYS C 288 -73.67 -17.37 -9.06
CA LYS C 288 -74.06 -17.04 -10.41
C LYS C 288 -73.98 -15.55 -10.72
N GLN C 289 -73.96 -14.69 -9.70
CA GLN C 289 -73.97 -13.25 -9.86
C GLN C 289 -72.58 -12.63 -9.86
N ILE C 290 -71.55 -13.37 -9.50
CA ILE C 290 -70.17 -12.90 -9.53
C ILE C 290 -69.62 -12.94 -10.94
N LEU C 291 -69.15 -11.79 -11.45
CA LEU C 291 -68.63 -11.64 -12.79
C LEU C 291 -67.31 -12.37 -13.03
N GLN C 292 -67.10 -12.82 -14.27
CA GLN C 292 -65.95 -13.59 -14.70
C GLN C 292 -64.60 -12.94 -14.44
N ASN C 293 -64.51 -11.62 -14.65
CA ASN C 293 -63.29 -10.86 -14.42
C ASN C 293 -62.98 -10.58 -12.96
N ARG C 294 -63.87 -10.92 -12.02
CA ARG C 294 -63.61 -10.80 -10.60
C ARG C 294 -63.06 -12.11 -10.03
N LYS C 295 -63.08 -13.19 -10.83
CA LYS C 295 -62.63 -14.49 -10.39
C LYS C 295 -61.14 -14.69 -10.57
N SER C 296 -60.44 -15.19 -9.55
CA SER C 296 -59.03 -15.49 -9.56
C SER C 296 -58.82 -16.93 -9.99
N PRO C 297 -57.62 -17.39 -10.35
CA PRO C 297 -57.37 -18.80 -10.66
C PRO C 297 -57.72 -19.72 -9.51
N GLU C 298 -57.43 -19.31 -8.26
CA GLU C 298 -57.81 -20.05 -7.06
C GLU C 298 -59.32 -20.18 -6.93
N TYR C 299 -60.08 -19.12 -7.26
CA TYR C 299 -61.53 -19.16 -7.33
C TYR C 299 -62.02 -20.13 -8.40
N LEU C 300 -61.40 -20.16 -9.58
CA LEU C 300 -61.77 -21.10 -10.62
C LEU C 300 -61.52 -22.55 -10.20
N LYS C 301 -60.36 -22.83 -9.59
CA LYS C 301 -60.00 -24.14 -9.09
C LYS C 301 -60.80 -24.65 -7.91
N ALA C 302 -60.97 -23.83 -6.85
CA ALA C 302 -61.60 -24.27 -5.61
C ALA C 302 -62.96 -23.65 -5.30
N GLY C 303 -63.45 -22.71 -6.11
CA GLY C 303 -64.75 -22.08 -5.91
C GLY C 303 -64.94 -21.28 -4.66
N SER C 304 -66.19 -20.87 -4.41
CA SER C 304 -66.57 -20.09 -3.25
C SER C 304 -66.39 -20.76 -1.92
N LEU C 305 -66.17 -19.97 -0.87
CA LEU C 305 -66.04 -20.44 0.49
C LEU C 305 -67.43 -20.60 1.09
N LYS C 306 -67.63 -21.72 1.82
CA LYS C 306 -68.90 -22.09 2.40
C LYS C 306 -69.10 -21.57 3.82
N ASP C 307 -70.14 -20.76 4.04
CA ASP C 307 -70.51 -20.29 5.36
C ASP C 307 -72.03 -20.10 5.35
N PRO C 308 -72.79 -20.38 6.40
CA PRO C 308 -74.24 -20.23 6.37
C PRO C 308 -74.68 -18.79 6.40
N LEU C 309 -73.84 -17.82 6.77
CA LEU C 309 -74.25 -16.44 6.88
C LEU C 309 -73.46 -15.54 5.98
N LEU C 310 -72.13 -15.70 5.88
CA LEU C 310 -71.31 -14.84 5.04
C LEU C 310 -71.55 -14.98 3.55
N ASP C 311 -71.71 -13.85 2.87
CA ASP C 311 -71.87 -13.79 1.44
C ASP C 311 -71.16 -12.53 0.99
N ASP C 312 -69.98 -12.63 0.37
CA ASP C 312 -69.22 -11.43 0.02
C ASP C 312 -69.85 -10.61 -1.10
N HIS C 313 -70.69 -11.23 -1.95
CA HIS C 313 -71.40 -10.51 -3.00
C HIS C 313 -72.66 -9.86 -2.46
N GLY C 314 -73.43 -10.61 -1.65
CA GLY C 314 -74.70 -10.12 -1.12
C GLY C 314 -74.58 -9.22 0.07
N ASP C 315 -73.53 -9.37 0.90
CA ASP C 315 -73.37 -8.48 2.03
C ASP C 315 -72.77 -7.16 1.59
N PHE C 316 -72.24 -7.03 0.36
CA PHE C 316 -71.81 -5.74 -0.15
C PHE C 316 -73.02 -4.86 -0.48
N ILE C 317 -74.13 -5.51 -0.86
CA ILE C 317 -75.39 -4.85 -1.09
C ILE C 317 -75.98 -4.41 0.22
N ARG C 318 -75.95 -5.28 1.25
CA ARG C 318 -76.50 -4.92 2.54
C ARG C 318 -75.59 -3.98 3.32
N MET C 319 -74.32 -3.83 2.90
CA MET C 319 -73.43 -2.78 3.35
C MET C 319 -73.82 -1.44 2.77
N CYS C 320 -74.12 -1.38 1.44
CA CYS C 320 -74.45 -0.12 0.82
C CYS C 320 -75.85 0.36 1.13
N THR C 321 -76.73 -0.56 1.56
CA THR C 321 -78.04 -0.21 2.12
C THR C 321 -77.86 0.43 3.48
N ALA C 322 -76.93 -0.10 4.30
CA ALA C 322 -76.63 0.44 5.60
C ALA C 322 -75.89 1.76 5.55
N MET C 323 -75.15 2.06 4.46
CA MET C 323 -74.52 3.36 4.33
C MET C 323 -75.52 4.43 3.92
N LYS C 324 -76.64 4.03 3.31
CA LYS C 324 -77.73 4.93 2.99
C LYS C 324 -78.54 5.26 4.23
N LYS C 325 -78.75 4.26 5.11
CA LYS C 325 -79.44 4.46 6.37
C LYS C 325 -78.65 5.27 7.38
N ILE C 326 -77.35 4.98 7.56
CA ILE C 326 -76.53 5.68 8.55
C ILE C 326 -76.34 7.16 8.27
N GLY C 327 -75.93 7.55 7.04
CA GLY C 327 -75.80 8.95 6.72
C GLY C 327 -74.84 9.26 5.63
N LEU C 328 -74.57 8.34 4.70
CA LEU C 328 -73.62 8.55 3.64
C LEU C 328 -74.30 8.61 2.29
N ASP C 329 -73.96 9.63 1.49
CA ASP C 329 -74.46 9.79 0.14
C ASP C 329 -73.60 8.99 -0.84
N ASP C 330 -73.95 8.98 -2.13
CA ASP C 330 -73.26 8.13 -3.09
C ASP C 330 -71.92 8.70 -3.50
N GLU C 331 -71.74 10.03 -3.46
CA GLU C 331 -70.45 10.64 -3.70
C GLU C 331 -69.50 10.35 -2.55
N GLU C 332 -69.95 10.45 -1.29
CA GLU C 332 -69.11 10.13 -0.15
C GLU C 332 -68.85 8.64 -0.02
N LYS C 333 -69.79 7.78 -0.46
CA LYS C 333 -69.59 6.34 -0.55
C LYS C 333 -68.50 5.97 -1.56
N LEU C 334 -68.43 6.68 -2.70
CA LEU C 334 -67.39 6.48 -3.69
C LEU C 334 -66.02 6.89 -3.20
N ASP C 335 -65.91 7.93 -2.36
CA ASP C 335 -64.63 8.35 -1.80
C ASP C 335 -64.12 7.35 -0.77
N LEU C 336 -65.00 6.50 -0.21
CA LEU C 336 -64.59 5.43 0.68
C LEU C 336 -64.20 4.19 -0.10
N PHE C 337 -64.31 4.23 -1.43
CA PHE C 337 -63.85 3.17 -2.29
C PHE C 337 -62.58 3.59 -3.02
N ARG C 338 -62.33 4.90 -3.20
CA ARG C 338 -61.11 5.36 -3.86
C ARG C 338 -59.89 5.14 -2.99
N VAL C 339 -60.04 5.26 -1.66
CA VAL C 339 -58.94 5.02 -0.73
C VAL C 339 -58.59 3.55 -0.68
N VAL C 340 -59.60 2.65 -0.66
CA VAL C 340 -59.38 1.21 -0.64
C VAL C 340 -58.69 0.73 -1.91
N ALA C 341 -59.12 1.23 -3.09
CA ALA C 341 -58.49 0.88 -4.33
C ALA C 341 -57.08 1.44 -4.50
N GLY C 342 -56.75 2.55 -3.81
CA GLY C 342 -55.40 3.10 -3.81
C GLY C 342 -54.41 2.28 -3.03
N VAL C 343 -54.89 1.49 -2.07
CA VAL C 343 -54.06 0.59 -1.29
C VAL C 343 -53.69 -0.62 -2.12
N LEU C 344 -54.64 -1.11 -2.92
CA LEU C 344 -54.42 -2.24 -3.79
C LEU C 344 -53.41 -1.96 -4.88
N HIS C 345 -53.35 -0.73 -5.39
CA HIS C 345 -52.38 -0.39 -6.41
C HIS C 345 -51.08 0.14 -5.84
N LEU C 346 -50.92 0.14 -4.51
CA LEU C 346 -49.68 0.53 -3.89
C LEU C 346 -48.78 -0.66 -3.67
N GLY C 347 -49.36 -1.82 -3.31
CA GLY C 347 -48.61 -3.02 -2.98
C GLY C 347 -47.86 -3.71 -4.07
N ASN C 348 -48.10 -3.34 -5.32
CA ASN C 348 -47.42 -3.94 -6.44
C ASN C 348 -46.19 -3.16 -6.87
N ILE C 349 -45.82 -2.09 -6.16
CA ILE C 349 -44.64 -1.29 -6.47
C ILE C 349 -43.37 -1.93 -5.92
N ASP C 350 -42.40 -2.29 -6.81
CA ASP C 350 -41.15 -2.90 -6.43
C ASP C 350 -39.97 -1.95 -6.55
N PHE C 351 -38.89 -2.29 -5.82
CA PHE C 351 -37.71 -1.47 -5.65
C PHE C 351 -36.44 -2.27 -5.92
N GLU C 352 -35.67 -1.89 -6.95
CA GLU C 352 -34.39 -2.51 -7.23
C GLU C 352 -33.26 -1.71 -6.61
N GLU C 353 -32.00 -2.06 -6.90
CA GLU C 353 -30.83 -1.35 -6.39
C GLU C 353 -30.32 -0.34 -7.40
N ALA C 354 -30.04 0.89 -6.96
CA ALA C 354 -29.53 1.95 -7.81
C ALA C 354 -28.18 1.66 -8.44
N GLY C 355 -27.88 2.24 -9.59
CA GLY C 355 -26.66 2.00 -10.35
C GLY C 355 -25.45 2.68 -9.90
N SER C 356 -25.12 2.67 -8.69
CA SER C 356 -23.97 3.21 -8.07
C SER C 356 -23.87 4.61 -8.06
N THR C 357 -24.53 5.44 -8.24
CA THR C 357 -24.58 6.83 -8.22
C THR C 357 -25.01 7.37 -7.11
N SER C 358 -25.06 7.58 -6.33
CA SER C 358 -25.44 8.06 -5.18
C SER C 358 -26.03 7.18 -4.17
N GLY C 359 -25.81 5.89 -4.25
CA GLY C 359 -26.37 4.89 -3.39
C GLY C 359 -27.84 4.68 -3.54
N GLY C 360 -28.45 4.03 -2.61
CA GLY C 360 -29.87 3.76 -2.56
C GLY C 360 -30.55 2.86 -3.52
N CYS C 361 -31.86 3.04 -3.63
CA CYS C 361 -32.76 2.23 -4.41
C CYS C 361 -33.52 3.03 -5.44
N ASN C 362 -34.02 2.36 -6.49
CA ASN C 362 -34.85 2.97 -7.52
C ASN C 362 -36.03 2.04 -7.72
N LEU C 363 -37.10 2.47 -8.41
CA LEU C 363 -38.25 1.62 -8.68
C LEU C 363 -37.96 0.73 -9.88
N LYS C 364 -38.70 -0.40 -9.99
CA LYS C 364 -38.57 -1.28 -11.14
C LYS C 364 -39.32 -0.74 -12.34
N ASN C 365 -38.87 -1.07 -13.57
CA ASN C 365 -39.49 -0.62 -14.80
C ASN C 365 -40.85 -1.24 -15.05
N LYS C 366 -41.11 -2.42 -14.47
CA LYS C 366 -42.40 -3.07 -14.50
C LYS C 366 -43.40 -2.41 -13.58
N SER C 367 -42.95 -1.50 -12.72
CA SER C 367 -43.76 -0.78 -11.76
C SER C 367 -44.03 0.63 -12.19
N THR C 368 -43.92 0.96 -13.48
CA THR C 368 -44.06 2.32 -13.93
C THR C 368 -45.49 2.67 -14.22
N GLN C 369 -46.22 1.83 -14.96
CA GLN C 369 -47.62 2.09 -15.24
C GLN C 369 -48.48 1.84 -14.03
N ALA C 370 -47.96 1.05 -13.08
CA ALA C 370 -48.60 0.78 -11.82
C ALA C 370 -48.54 1.94 -10.86
N LEU C 371 -47.63 2.89 -11.09
CA LEU C 371 -47.51 4.06 -10.27
C LEU C 371 -48.39 5.14 -10.83
N GLU C 372 -48.53 5.20 -12.15
CA GLU C 372 -49.39 6.16 -12.81
C GLU C 372 -50.86 5.95 -12.49
N TYR C 373 -51.29 4.70 -12.35
CA TYR C 373 -52.65 4.40 -12.00
C TYR C 373 -52.91 4.42 -10.51
N CYS C 374 -51.88 4.69 -9.69
CA CYS C 374 -52.02 4.78 -8.25
C CYS C 374 -51.98 6.20 -7.77
N ALA C 375 -51.19 7.08 -8.43
CA ALA C 375 -51.02 8.43 -7.95
C ALA C 375 -52.23 9.33 -8.14
N GLU C 376 -53.13 8.99 -9.07
CA GLU C 376 -54.35 9.75 -9.21
C GLU C 376 -55.42 9.34 -8.22
N LEU C 377 -55.26 8.18 -7.56
CA LEU C 377 -56.16 7.77 -6.49
C LEU C 377 -55.72 8.39 -5.19
N LEU C 378 -54.43 8.70 -5.04
CA LEU C 378 -53.90 9.33 -3.85
C LEU C 378 -53.81 10.84 -3.96
N GLY C 379 -54.03 11.43 -5.14
CA GLY C 379 -54.01 12.87 -5.34
C GLY C 379 -52.65 13.51 -5.27
N LEU C 380 -51.62 12.80 -5.75
CA LEU C 380 -50.25 13.24 -5.69
C LEU C 380 -49.59 13.10 -7.04
N ASP C 381 -48.42 13.69 -7.23
CA ASP C 381 -47.66 13.62 -8.47
C ASP C 381 -46.71 12.43 -8.47
N GLN C 382 -46.57 11.77 -9.62
CA GLN C 382 -45.80 10.56 -9.78
C GLN C 382 -44.30 10.78 -9.67
N ASP C 383 -43.81 12.00 -9.94
CA ASP C 383 -42.40 12.28 -9.84
C ASP C 383 -42.02 12.66 -8.42
N ASP C 384 -42.94 13.30 -7.68
CA ASP C 384 -42.71 13.61 -6.29
C ASP C 384 -42.90 12.40 -5.41
N LEU C 385 -43.79 11.47 -5.78
CA LEU C 385 -43.99 10.25 -5.02
C LEU C 385 -42.82 9.29 -5.15
N ARG C 386 -42.15 9.26 -6.32
CA ARG C 386 -40.97 8.44 -6.52
C ARG C 386 -39.80 8.86 -5.66
N VAL C 387 -39.60 10.18 -5.46
CA VAL C 387 -38.59 10.71 -4.56
C VAL C 387 -38.88 10.36 -3.12
N SER C 388 -40.15 10.51 -2.71
CA SER C 388 -40.60 10.29 -1.35
C SER C 388 -40.60 8.85 -0.92
N LEU C 389 -40.67 7.90 -1.84
CA LEU C 389 -40.59 6.50 -1.50
C LEU C 389 -39.16 5.98 -1.56
N THR C 390 -38.18 6.83 -1.92
CA THR C 390 -36.79 6.39 -2.02
C THR C 390 -35.81 7.20 -1.19
N THR C 391 -36.16 8.42 -0.76
CA THR C 391 -35.26 9.29 -0.01
C THR C 391 -35.66 9.62 1.41
N ARG C 392 -34.66 10.07 2.18
CA ARG C 392 -34.77 10.58 3.53
C ARG C 392 -34.45 12.06 3.43
N VAL C 393 -35.48 12.88 3.50
CA VAL C 393 -35.41 14.33 3.42
C VAL C 393 -35.00 14.94 4.73
N MET C 394 -33.90 15.70 4.76
CA MET C 394 -33.52 16.41 5.96
C MET C 394 -32.93 17.75 5.59
N LEU C 395 -32.55 18.56 6.56
CA LEU C 395 -31.97 19.85 6.33
C LEU C 395 -30.65 19.97 6.96
N THR C 396 -29.84 20.90 6.47
CA THR C 396 -28.56 21.18 7.01
C THR C 396 -28.53 22.51 7.68
N THR C 397 -29.63 23.17 7.77
CA THR C 397 -29.77 24.47 8.38
C THR C 397 -29.68 24.46 9.77
N THR C 404 -29.44 24.01 3.44
CA THR C 404 -30.35 23.64 2.44
C THR C 404 -31.04 22.36 2.84
N VAL C 405 -32.03 21.92 2.06
CA VAL C 405 -32.80 20.72 2.30
C VAL C 405 -32.30 19.65 1.35
N ILE C 406 -31.65 18.61 1.87
CA ILE C 406 -31.07 17.55 1.07
C ILE C 406 -31.93 16.32 1.03
N LYS C 407 -31.68 15.43 0.06
CA LYS C 407 -32.38 14.20 -0.13
C LYS C 407 -31.34 13.10 -0.09
N VAL C 408 -31.41 12.21 0.90
CA VAL C 408 -30.44 11.15 1.11
C VAL C 408 -31.10 9.81 0.87
N PRO C 409 -30.83 9.03 -0.19
CA PRO C 409 -31.55 7.80 -0.47
C PRO C 409 -31.51 6.70 0.59
N LEU C 410 -32.54 5.85 0.59
CA LEU C 410 -32.71 4.73 1.49
C LEU C 410 -32.30 3.43 0.85
N LYS C 411 -32.09 2.37 1.66
CA LYS C 411 -31.78 1.03 1.18
C LYS C 411 -33.02 0.33 0.66
N VAL C 412 -32.85 -0.72 -0.15
CA VAL C 412 -33.93 -1.49 -0.75
C VAL C 412 -34.90 -2.07 0.27
N GLU C 413 -34.40 -2.71 1.34
CA GLU C 413 -35.27 -3.26 2.37
C GLU C 413 -36.03 -2.20 3.16
N GLN C 414 -35.44 -1.01 3.31
CA GLN C 414 -36.09 0.08 4.00
C GLN C 414 -37.16 0.75 3.16
N ALA C 415 -37.13 0.57 1.83
CA ALA C 415 -38.12 1.13 0.94
C ALA C 415 -39.30 0.20 0.77
N ASN C 416 -39.07 -1.12 0.90
CA ASN C 416 -40.16 -2.07 0.90
C ASN C 416 -40.94 -1.94 2.20
N ASN C 417 -40.25 -1.68 3.32
CA ASN C 417 -40.91 -1.47 4.59
C ASN C 417 -41.58 -0.11 4.68
N ALA C 418 -41.08 0.92 3.94
CA ALA C 418 -41.71 2.22 3.93
C ALA C 418 -42.94 2.26 3.05
N ARG C 419 -42.95 1.48 1.95
CA ARG C 419 -44.10 1.42 1.09
C ARG C 419 -45.24 0.69 1.76
N ASP C 420 -44.95 -0.37 2.52
CA ASP C 420 -46.00 -1.02 3.28
C ASP C 420 -46.36 -0.21 4.53
N ALA C 421 -45.50 0.69 5.01
CA ALA C 421 -45.86 1.55 6.12
C ALA C 421 -46.84 2.63 5.72
N LEU C 422 -46.85 3.02 4.44
CA LEU C 422 -47.84 3.95 3.95
C LEU C 422 -49.21 3.28 3.88
N ALA C 423 -49.27 1.99 3.52
CA ALA C 423 -50.52 1.27 3.51
C ALA C 423 -51.03 0.94 4.92
N LYS C 424 -50.13 0.88 5.91
CA LYS C 424 -50.51 0.63 7.29
C LYS C 424 -50.72 1.93 8.04
N THR C 425 -50.80 3.04 7.31
CA THR C 425 -51.05 4.35 7.87
C THR C 425 -52.31 4.86 7.23
N VAL C 426 -52.46 4.75 5.90
CA VAL C 426 -53.67 5.16 5.22
C VAL C 426 -54.86 4.32 5.62
N TYR C 427 -54.75 2.97 5.66
CA TYR C 427 -55.89 2.17 6.09
C TYR C 427 -56.17 2.31 7.59
N SER C 428 -55.15 2.62 8.40
CA SER C 428 -55.34 2.84 9.83
C SER C 428 -56.13 4.10 10.12
N HIS C 429 -55.90 5.17 9.35
CA HIS C 429 -56.67 6.39 9.51
C HIS C 429 -57.99 6.33 8.78
N LEU C 430 -58.16 5.39 7.83
CA LEU C 430 -59.44 5.20 7.17
C LEU C 430 -60.44 4.53 8.08
N PHE C 431 -60.03 3.53 8.88
CA PHE C 431 -60.94 2.88 9.81
C PHE C 431 -61.31 3.81 10.98
N ASP C 432 -60.40 4.72 11.36
CA ASP C 432 -60.68 5.72 12.36
C ASP C 432 -61.59 6.83 11.81
N HIS C 433 -61.66 6.97 10.49
CA HIS C 433 -62.56 7.93 9.87
C HIS C 433 -63.94 7.36 9.72
N VAL C 434 -64.07 6.04 9.54
CA VAL C 434 -65.36 5.38 9.44
C VAL C 434 -66.04 5.40 10.80
N VAL C 435 -65.31 5.10 11.89
CA VAL C 435 -65.85 5.14 13.24
C VAL C 435 -66.23 6.55 13.64
N ASN C 436 -65.40 7.57 13.34
CA ASN C 436 -65.75 8.94 13.63
C ASN C 436 -66.93 9.45 12.80
N ARG C 437 -67.10 8.98 11.55
CA ARG C 437 -68.25 9.34 10.74
C ARG C 437 -69.54 8.75 11.29
N VAL C 438 -69.49 7.51 11.80
CA VAL C 438 -70.62 6.87 12.44
C VAL C 438 -71.01 7.55 13.74
N ASN C 439 -70.04 8.02 14.55
CA ASN C 439 -70.35 8.74 15.77
C ASN C 439 -70.90 10.13 15.52
N GLN C 440 -70.78 10.65 14.29
CA GLN C 440 -71.36 11.92 13.91
C GLN C 440 -72.74 11.73 13.33
N CYS C 441 -73.21 10.47 13.22
CA CYS C 441 -74.56 10.18 12.79
C CYS C 441 -75.49 10.07 13.99
N PHE C 442 -74.96 10.09 15.20
CA PHE C 442 -75.72 10.11 16.44
C PHE C 442 -74.96 10.89 17.52
N PRO C 443 -74.75 12.19 17.41
CA PRO C 443 -73.99 12.95 18.40
C PRO C 443 -74.63 12.99 19.78
N PHE C 444 -73.85 12.67 20.83
CA PHE C 444 -74.32 12.70 22.21
C PHE C 444 -74.74 14.09 22.68
N GLU C 445 -75.80 14.18 23.49
CA GLU C 445 -76.27 15.46 24.00
C GLU C 445 -75.37 16.03 25.08
N THR C 446 -74.90 15.18 26.01
CA THR C 446 -74.02 15.58 27.08
C THR C 446 -73.34 14.34 27.60
N SER C 447 -72.44 14.47 28.58
CA SER C 447 -71.69 13.37 29.15
C SER C 447 -71.62 13.52 30.65
N SER C 448 -71.59 12.40 31.37
CA SER C 448 -71.51 12.38 32.82
C SER C 448 -71.11 10.99 33.30
N TYR C 449 -72.06 10.07 33.47
CA TYR C 449 -71.80 8.67 33.83
C TYR C 449 -71.91 7.82 32.58
N PHE C 450 -71.42 6.58 32.59
CA PHE C 450 -71.51 5.74 31.41
C PHE C 450 -71.55 4.27 31.73
N ILE C 451 -72.30 3.51 30.91
CA ILE C 451 -72.36 2.07 30.98
C ILE C 451 -71.96 1.61 29.60
N GLY C 452 -70.77 0.97 29.44
CA GLY C 452 -70.33 0.54 28.12
C GLY C 452 -70.16 -0.95 28.03
N VAL C 453 -70.02 -1.45 26.79
CA VAL C 453 -69.80 -2.84 26.48
C VAL C 453 -68.48 -2.98 25.77
N LEU C 454 -67.51 -3.68 26.36
CA LEU C 454 -66.27 -4.00 25.72
C LEU C 454 -66.39 -5.39 25.14
N ASP C 455 -66.28 -5.54 23.81
CA ASP C 455 -66.32 -6.81 23.14
C ASP C 455 -65.01 -6.93 22.37
N ILE C 456 -64.37 -8.09 22.49
CA ILE C 456 -63.11 -8.38 21.84
C ILE C 456 -63.01 -9.88 21.72
N ALA C 457 -62.10 -10.38 20.87
CA ALA C 457 -61.85 -11.79 20.69
C ALA C 457 -61.18 -12.41 21.90
N GLY C 458 -61.53 -13.66 22.24
CA GLY C 458 -60.95 -14.37 23.37
C GLY C 458 -59.58 -14.90 23.10
N PHE C 459 -59.10 -15.86 23.88
CA PHE C 459 -57.82 -16.50 23.69
C PHE C 459 -57.87 -17.38 22.46
N GLU C 460 -57.36 -16.96 21.39
CA GLU C 460 -57.41 -17.62 20.11
C GLU C 460 -56.01 -18.03 19.70
N TYR C 461 -55.84 -19.28 19.29
CA TYR C 461 -54.54 -19.78 18.90
C TYR C 461 -54.71 -20.94 17.93
N PHE C 462 -53.68 -21.19 17.13
CA PHE C 462 -53.66 -22.17 16.08
C PHE C 462 -52.50 -23.10 16.32
N GLU C 463 -52.24 -24.04 15.42
CA GLU C 463 -51.15 -24.97 15.52
C GLU C 463 -49.80 -24.30 15.45
N HIS C 464 -49.64 -23.36 14.54
CA HIS C 464 -48.47 -22.52 14.45
C HIS C 464 -48.93 -21.12 14.59
N ASN C 465 -48.52 -20.43 15.63
CA ASN C 465 -49.00 -19.11 15.93
C ASN C 465 -48.14 -18.01 15.38
N SER C 466 -48.77 -16.95 14.95
CA SER C 466 -48.20 -15.79 14.30
C SER C 466 -48.07 -14.59 15.22
N PHE C 467 -47.58 -13.47 14.67
CA PHE C 467 -47.42 -12.22 15.39
C PHE C 467 -48.77 -11.59 15.70
N GLU C 468 -49.78 -11.85 14.85
CA GLU C 468 -51.12 -11.37 15.06
C GLU C 468 -51.76 -12.03 16.26
N GLN C 469 -51.47 -13.32 16.50
CA GLN C 469 -52.01 -13.99 17.66
C GLN C 469 -51.18 -13.73 18.90
N PHE C 470 -49.95 -13.22 18.76
CA PHE C 470 -49.14 -12.86 19.90
C PHE C 470 -49.68 -11.61 20.56
N CYS C 471 -50.23 -10.67 19.78
CA CYS C 471 -50.80 -9.48 20.39
C CYS C 471 -52.18 -9.71 20.96
N ILE C 472 -52.91 -10.75 20.50
CA ILE C 472 -54.22 -11.11 21.06
C ILE C 472 -54.05 -11.80 22.40
N ASN C 473 -53.12 -12.76 22.49
CA ASN C 473 -52.91 -13.46 23.73
C ASN C 473 -52.20 -12.62 24.78
N TYR C 474 -51.44 -11.59 24.36
CA TYR C 474 -50.87 -10.61 25.26
C TYR C 474 -51.94 -9.65 25.76
N CYS C 475 -52.95 -9.34 24.93
CA CYS C 475 -54.07 -8.52 25.36
C CYS C 475 -54.96 -9.27 26.32
N ASN C 476 -55.18 -10.58 26.09
CA ASN C 476 -55.99 -11.36 27.01
C ASN C 476 -55.29 -11.67 28.33
N GLU C 477 -53.94 -11.67 28.38
CA GLU C 477 -53.22 -11.86 29.64
C GLU C 477 -53.36 -10.63 30.54
N LYS C 478 -53.32 -9.40 29.98
CA LYS C 478 -53.54 -8.20 30.74
C LYS C 478 -54.98 -8.09 31.22
N LEU C 479 -55.95 -8.54 30.40
CA LEU C 479 -57.34 -8.58 30.81
C LEU C 479 -57.58 -9.69 31.82
N GLN C 480 -56.76 -10.76 31.83
CA GLN C 480 -56.84 -11.81 32.82
C GLN C 480 -56.32 -11.34 34.17
N GLN C 481 -55.34 -10.42 34.18
CA GLN C 481 -54.87 -9.80 35.39
C GLN C 481 -55.96 -8.96 36.04
N PHE C 482 -56.63 -8.11 35.26
CA PHE C 482 -57.72 -7.30 35.80
C PHE C 482 -58.97 -8.13 36.15
N PHE C 483 -59.17 -9.29 35.50
CA PHE C 483 -60.28 -10.17 35.81
C PHE C 483 -60.15 -10.75 37.21
N ASN C 484 -58.97 -11.32 37.55
CA ASN C 484 -58.77 -11.89 38.87
C ASN C 484 -58.66 -10.83 39.96
N GLU C 485 -58.29 -9.59 39.59
CA GLU C 485 -58.22 -8.47 40.52
C GLU C 485 -59.60 -8.01 40.96
N ARG C 486 -60.59 -8.09 40.06
CA ARG C 486 -61.96 -7.72 40.38
C ARG C 486 -62.68 -8.83 41.13
N ILE C 487 -62.31 -10.11 40.90
CA ILE C 487 -62.91 -11.23 41.59
C ILE C 487 -62.50 -11.26 43.03
N LEU C 488 -61.20 -11.01 43.34
CA LEU C 488 -60.74 -10.97 44.71
C LEU C 488 -61.36 -9.84 45.49
N LYS C 489 -61.57 -8.67 44.85
CA LYS C 489 -62.23 -7.57 45.52
C LYS C 489 -63.71 -7.83 45.82
N GLU C 490 -64.43 -8.56 44.94
CA GLU C 490 -65.82 -8.92 45.23
C GLU C 490 -65.97 -9.89 46.38
N GLU C 491 -65.07 -10.88 46.50
CA GLU C 491 -65.08 -11.85 47.58
C GLU C 491 -64.68 -11.25 48.91
N GLN C 492 -63.80 -10.24 48.92
CA GLN C 492 -63.43 -9.59 50.17
C GLN C 492 -64.53 -8.70 50.71
N GLU C 493 -65.42 -8.19 49.85
CA GLU C 493 -66.53 -7.39 50.33
C GLU C 493 -67.80 -8.20 50.42
N LEU C 494 -67.73 -9.51 50.17
CA LEU C 494 -68.82 -10.43 50.43
C LEU C 494 -68.69 -10.94 51.85
N TYR C 495 -67.47 -11.32 52.25
CA TYR C 495 -67.18 -11.80 53.59
C TYR C 495 -67.47 -10.75 54.64
N GLN C 496 -67.12 -9.48 54.37
CA GLN C 496 -67.48 -8.36 55.22
C GLN C 496 -68.97 -8.12 55.30
N LYS C 497 -69.70 -8.19 54.17
CA LYS C 497 -71.14 -8.03 54.13
C LYS C 497 -71.92 -9.09 54.89
N GLU C 498 -71.45 -10.34 54.92
CA GLU C 498 -72.05 -11.42 55.66
C GLU C 498 -71.58 -11.46 57.12
N GLY C 499 -70.69 -10.55 57.51
CA GLY C 499 -70.23 -10.42 58.88
C GLY C 499 -69.14 -11.36 59.28
N LEU C 500 -68.44 -11.97 58.34
CA LEU C 500 -67.37 -12.91 58.59
C LEU C 500 -66.06 -12.21 58.76
N GLY C 501 -66.00 -11.01 58.35
CA GLY C 501 -64.82 -10.21 58.42
C GLY C 501 -63.70 -10.58 57.57
N VAL C 502 -62.56 -10.03 57.68
CA VAL C 502 -61.39 -10.26 56.92
C VAL C 502 -60.70 -11.53 57.17
N ASN C 503 -60.14 -12.16 56.16
CA ASN C 503 -59.46 -13.38 56.22
C ASN C 503 -58.37 -13.40 55.17
N GLU C 504 -57.38 -14.27 55.33
CA GLU C 504 -56.26 -14.39 54.43
C GLU C 504 -56.54 -15.27 53.26
N VAL C 505 -56.24 -14.86 52.06
CA VAL C 505 -56.43 -15.60 50.85
C VAL C 505 -55.21 -15.45 50.00
N HIS C 506 -54.78 -16.45 49.29
CA HIS C 506 -53.62 -16.42 48.46
C HIS C 506 -53.91 -15.97 47.05
N TYR C 507 -53.18 -15.03 46.53
CA TYR C 507 -53.39 -14.50 45.21
C TYR C 507 -52.34 -14.97 44.26
N VAL C 508 -52.73 -15.27 43.04
CA VAL C 508 -51.88 -15.70 42.01
C VAL C 508 -51.42 -14.65 41.10
N ASP C 509 -50.22 -14.44 40.91
CA ASP C 509 -49.67 -13.45 40.12
C ASP C 509 -49.30 -13.89 38.71
N ASN C 510 -49.41 -12.98 37.72
CA ASN C 510 -49.04 -13.22 36.34
C ASN C 510 -48.17 -12.09 35.84
N GLN C 511 -47.64 -11.26 36.75
CA GLN C 511 -46.81 -10.12 36.45
C GLN C 511 -45.49 -10.51 35.83
N ASP C 512 -44.97 -11.70 36.19
CA ASP C 512 -43.75 -12.23 35.63
C ASP C 512 -43.90 -12.59 34.15
N CYS C 513 -45.12 -12.94 33.68
CA CYS C 513 -45.38 -13.18 32.28
C CYS C 513 -45.48 -11.86 31.52
N ILE C 514 -46.00 -10.83 32.17
CA ILE C 514 -46.12 -9.49 31.61
C ILE C 514 -44.75 -8.87 31.46
N ASP C 515 -43.92 -8.89 32.52
CA ASP C 515 -42.55 -8.42 32.48
C ASP C 515 -41.73 -9.13 31.40
N LEU C 516 -41.93 -10.44 31.20
CA LEU C 516 -41.28 -11.20 30.14
C LEU C 516 -41.58 -10.63 28.76
N ILE C 517 -42.86 -10.38 28.46
CA ILE C 517 -43.25 -9.83 27.18
C ILE C 517 -42.92 -8.35 26.99
N GLU C 518 -43.24 -7.48 27.97
CA GLU C 518 -43.12 -6.04 27.76
C GLU C 518 -42.17 -5.22 28.61
N ALA C 519 -41.33 -5.79 29.50
CA ALA C 519 -40.42 -4.98 30.31
C ALA C 519 -39.37 -4.19 29.54
N ARG C 520 -39.01 -3.00 30.04
CA ARG C 520 -38.03 -2.14 29.43
C ARG C 520 -36.67 -2.76 29.32
N LEU C 521 -36.11 -2.75 28.10
CA LEU C 521 -34.81 -3.25 27.73
C LEU C 521 -34.69 -4.74 27.69
N VAL C 522 -35.31 -5.51 28.57
CA VAL C 522 -35.23 -6.94 28.66
C VAL C 522 -36.41 -7.69 28.10
N GLY C 523 -37.57 -7.05 27.92
CA GLY C 523 -38.76 -7.69 27.39
C GLY C 523 -38.67 -8.15 25.97
N ILE C 524 -39.60 -9.01 25.53
CA ILE C 524 -39.58 -9.56 24.18
C ILE C 524 -39.94 -8.48 23.18
N LEU C 525 -40.95 -7.63 23.46
CA LEU C 525 -41.26 -6.54 22.55
C LEU C 525 -40.16 -5.48 22.53
N ASP C 526 -39.39 -5.31 23.62
CA ASP C 526 -38.28 -4.38 23.65
C ASP C 526 -37.08 -4.81 22.83
N ILE C 527 -36.81 -6.13 22.73
CA ILE C 527 -35.73 -6.64 21.92
C ILE C 527 -36.11 -6.56 20.44
N LEU C 528 -37.38 -6.82 20.13
CA LEU C 528 -37.94 -6.78 18.81
C LEU C 528 -37.86 -5.41 18.17
N ASP C 529 -38.12 -4.34 18.96
CA ASP C 529 -38.05 -2.98 18.49
C ASP C 529 -36.62 -2.50 18.36
N GLU C 530 -35.67 -3.11 19.11
CA GLU C 530 -34.27 -2.80 19.01
C GLU C 530 -33.62 -3.42 17.80
N GLU C 531 -34.11 -4.60 17.37
CA GLU C 531 -33.59 -5.31 16.23
C GLU C 531 -33.82 -4.55 14.93
N ASN C 532 -34.90 -3.76 14.87
CA ASN C 532 -35.20 -2.88 13.76
C ASN C 532 -34.15 -1.77 13.61
N ARG C 533 -33.57 -1.31 14.73
CA ARG C 533 -32.54 -0.28 14.70
C ARG C 533 -31.19 -0.75 14.20
N LEU C 534 -30.90 -2.07 14.26
CA LEU C 534 -29.63 -2.61 13.79
C LEU C 534 -29.38 -2.41 12.30
N PRO C 535 -28.14 -2.28 11.81
CA PRO C 535 -27.86 -2.09 10.39
C PRO C 535 -28.23 -3.29 9.57
N GLN C 536 -28.40 -4.46 10.13
CA GLN C 536 -28.83 -5.65 9.45
C GLN C 536 -29.75 -6.42 10.37
N PRO C 537 -31.06 -6.34 10.29
CA PRO C 537 -31.95 -7.06 11.18
C PRO C 537 -31.98 -8.55 10.87
N SER C 538 -32.19 -9.41 11.87
CA SER C 538 -32.24 -10.84 11.69
C SER C 538 -33.31 -11.40 12.60
N ASP C 539 -33.77 -12.63 12.33
CA ASP C 539 -34.80 -13.28 13.10
C ASP C 539 -34.14 -14.38 13.91
N GLN C 540 -32.96 -14.84 13.46
CA GLN C 540 -32.15 -15.75 14.22
C GLN C 540 -31.47 -15.00 15.34
N HIS C 541 -31.13 -13.70 15.14
CA HIS C 541 -30.56 -12.92 16.21
C HIS C 541 -31.60 -12.49 17.21
N PHE C 542 -32.87 -12.34 16.79
CA PHE C 542 -33.96 -12.04 17.69
C PHE C 542 -34.29 -13.22 18.58
N THR C 543 -34.28 -14.46 18.06
CA THR C 543 -34.64 -15.61 18.88
C THR C 543 -33.59 -15.93 19.91
N SER C 544 -32.32 -15.83 19.52
CA SER C 544 -31.22 -16.07 20.43
C SER C 544 -31.08 -14.98 21.47
N ALA C 545 -31.54 -13.75 21.20
CA ALA C 545 -31.51 -12.68 22.17
C ALA C 545 -32.55 -12.82 23.26
N VAL C 546 -33.66 -13.53 22.98
CA VAL C 546 -34.70 -13.77 23.96
C VAL C 546 -34.17 -14.73 25.02
N HIS C 547 -33.51 -15.81 24.60
CA HIS C 547 -32.94 -16.73 25.58
C HIS C 547 -31.55 -16.31 26.03
N GLN C 548 -31.03 -15.18 25.51
CA GLN C 548 -29.84 -14.55 26.06
C GLN C 548 -30.18 -13.82 27.33
N LYS C 549 -31.19 -12.93 27.29
CA LYS C 549 -31.57 -12.14 28.43
C LYS C 549 -32.47 -12.86 29.40
N HIS C 550 -33.31 -13.79 28.93
CA HIS C 550 -34.17 -14.59 29.79
C HIS C 550 -33.75 -16.03 29.72
N LYS C 551 -32.70 -16.40 30.39
CA LYS C 551 -32.19 -17.76 30.41
C LYS C 551 -32.90 -18.65 31.37
N ASP C 552 -33.47 -18.14 32.43
CA ASP C 552 -34.17 -18.88 33.40
C ASP C 552 -35.58 -18.68 33.42
N HIS C 553 -36.42 -18.76 33.93
CA HIS C 553 -37.79 -18.61 34.09
C HIS C 553 -38.64 -19.70 33.58
N PHE C 554 -39.71 -19.93 34.19
CA PHE C 554 -40.58 -20.97 33.88
C PHE C 554 -41.62 -20.66 32.83
N ARG C 555 -41.89 -19.40 32.56
CA ARG C 555 -42.83 -18.98 31.58
C ARG C 555 -42.32 -19.06 30.14
N LEU C 556 -41.10 -19.60 29.93
CA LEU C 556 -40.47 -19.60 28.63
C LEU C 556 -39.54 -20.79 28.51
N SER C 557 -39.67 -21.56 27.43
CA SER C 557 -38.80 -22.70 27.16
C SER C 557 -38.48 -22.80 25.69
N ILE C 558 -37.56 -23.72 25.33
CA ILE C 558 -37.21 -24.03 23.96
C ILE C 558 -38.29 -24.90 23.30
N PRO C 559 -38.48 -24.91 21.98
CA PRO C 559 -39.54 -25.68 21.36
C PRO C 559 -39.44 -27.18 21.54
N ARG C 560 -38.22 -27.71 21.63
CA ARG C 560 -37.96 -29.13 21.76
C ARG C 560 -38.34 -29.70 23.11
N LYS C 561 -38.54 -28.83 24.12
CA LYS C 561 -38.98 -29.26 25.43
C LYS C 561 -40.46 -29.64 25.45
N SER C 562 -41.23 -29.21 24.44
CA SER C 562 -42.64 -29.55 24.28
C SER C 562 -42.89 -31.00 24.03
N LYS C 563 -44.03 -31.52 24.50
CA LYS C 563 -44.45 -32.87 24.28
C LYS C 563 -45.01 -33.08 22.90
N LEU C 564 -45.52 -32.05 22.25
CA LEU C 564 -46.09 -32.14 20.93
C LEU C 564 -45.07 -32.25 19.84
N ALA C 565 -45.24 -33.28 18.98
CA ALA C 565 -44.36 -33.60 17.88
C ALA C 565 -44.16 -32.48 16.89
N ILE C 566 -45.25 -31.76 16.54
CA ILE C 566 -45.20 -30.63 15.64
C ILE C 566 -44.30 -29.52 16.15
N HIS C 567 -44.31 -29.27 17.48
CA HIS C 567 -43.48 -28.26 18.08
C HIS C 567 -42.05 -28.73 18.25
N ARG C 568 -41.83 -30.05 18.34
CA ARG C 568 -40.49 -30.60 18.40
C ARG C 568 -39.75 -30.54 17.07
N ASN C 569 -40.45 -30.31 15.95
CA ASN C 569 -39.82 -30.15 14.66
C ASN C 569 -39.27 -28.74 14.44
N ILE C 570 -39.61 -27.79 15.32
CA ILE C 570 -39.14 -26.42 15.25
C ILE C 570 -37.74 -26.30 15.82
N ARG C 571 -36.81 -25.68 15.08
CA ARG C 571 -35.45 -25.50 15.54
C ARG C 571 -35.33 -24.38 16.54
N ASP C 572 -34.29 -24.39 17.39
CA ASP C 572 -34.07 -23.48 18.48
C ASP C 572 -34.13 -22.01 18.10
N ASP C 573 -33.64 -21.65 16.92
CA ASP C 573 -33.61 -20.30 16.44
C ASP C 573 -34.79 -19.97 15.54
N GLU C 574 -35.81 -20.84 15.49
CA GLU C 574 -36.99 -20.66 14.67
C GLU C 574 -38.27 -20.44 15.48
N GLY C 575 -38.21 -20.48 16.83
CA GLY C 575 -39.41 -20.23 17.62
C GLY C 575 -39.19 -20.33 19.10
N PHE C 576 -40.26 -20.10 19.89
CA PHE C 576 -40.23 -20.15 21.34
C PHE C 576 -41.61 -20.45 21.91
N ILE C 577 -41.66 -20.94 23.16
CA ILE C 577 -42.89 -21.31 23.83
C ILE C 577 -43.05 -20.44 25.06
N ILE C 578 -44.17 -19.72 25.13
CA ILE C 578 -44.48 -18.79 26.21
C ILE C 578 -45.70 -19.31 26.94
N ARG C 579 -45.59 -19.58 28.25
CA ARG C 579 -46.73 -20.05 29.02
C ARG C 579 -47.61 -18.88 29.44
N HIS C 580 -48.92 -18.98 29.14
CA HIS C 580 -49.92 -18.00 29.46
C HIS C 580 -50.94 -18.67 30.36
N PHE C 581 -52.01 -17.95 30.78
CA PHE C 581 -53.06 -18.51 31.62
C PHE C 581 -53.76 -19.72 31.03
N ALA C 582 -53.87 -19.77 29.70
CA ALA C 582 -54.46 -20.87 28.96
C ALA C 582 -53.44 -21.95 28.57
N GLY C 583 -52.20 -21.88 29.12
CA GLY C 583 -51.20 -22.91 28.91
C GLY C 583 -50.02 -22.48 28.08
N ALA C 584 -49.30 -23.47 27.56
CA ALA C 584 -48.07 -23.30 26.80
C ALA C 584 -48.36 -23.12 25.32
N VAL C 585 -48.11 -21.91 24.79
CA VAL C 585 -48.41 -21.56 23.41
C VAL C 585 -47.11 -21.30 22.68
N CYS C 586 -46.84 -22.05 21.60
CA CYS C 586 -45.63 -21.84 20.82
C CYS C 586 -45.86 -20.79 19.76
N TYR C 587 -44.83 -20.02 19.41
CA TYR C 587 -44.87 -19.04 18.35
C TYR C 587 -43.65 -19.25 17.50
N GLU C 588 -43.76 -19.14 16.17
CA GLU C 588 -42.60 -19.22 15.31
C GLU C 588 -42.06 -17.81 15.14
N THR C 589 -40.75 -17.64 14.85
CA THR C 589 -40.16 -16.32 14.75
C THR C 589 -39.92 -15.89 13.33
N THR C 590 -40.15 -16.75 12.33
CA THR C 590 -40.05 -16.34 10.94
C THR C 590 -41.08 -15.30 10.60
N GLN C 591 -40.65 -14.21 10.00
CA GLN C 591 -41.40 -13.03 9.65
C GLN C 591 -41.87 -12.16 10.80
N PHE C 592 -41.49 -12.46 12.05
CA PHE C 592 -41.89 -11.70 13.21
C PHE C 592 -41.37 -10.27 13.20
N VAL C 593 -40.09 -10.08 12.85
CA VAL C 593 -39.49 -8.77 12.80
C VAL C 593 -39.99 -8.01 11.60
N GLU C 594 -40.18 -8.69 10.46
CA GLU C 594 -40.72 -8.10 9.27
C GLU C 594 -42.12 -7.57 9.43
N LYS C 595 -42.96 -8.29 10.17
CA LYS C 595 -44.29 -7.84 10.48
C LYS C 595 -44.32 -6.72 11.51
N ASN C 596 -43.29 -6.59 12.35
CA ASN C 596 -43.22 -5.52 13.31
C ASN C 596 -42.64 -4.25 12.69
N ASN C 597 -41.69 -4.37 11.78
CA ASN C 597 -41.04 -3.25 11.17
C ASN C 597 -41.93 -2.37 10.34
N ASP C 598 -42.05 -1.16 10.64
CA ASP C 598 -42.80 -0.14 9.98
C ASP C 598 -41.87 1.01 9.80
N ALA C 599 -41.71 1.71 8.93
CA ALA C 599 -40.82 2.81 8.69
C ALA C 599 -41.44 3.99 8.07
N LEU C 600 -42.45 4.60 8.60
CA LEU C 600 -43.02 5.76 8.07
C LEU C 600 -42.19 6.97 8.45
N HIS C 601 -41.54 7.57 7.64
CA HIS C 601 -40.68 8.68 7.91
C HIS C 601 -41.15 9.96 7.30
N MET C 602 -40.55 11.06 7.74
CA MET C 602 -40.84 12.44 7.37
C MET C 602 -41.13 12.68 5.91
N SER C 603 -40.27 12.18 5.03
CA SER C 603 -40.41 12.31 3.59
C SER C 603 -41.64 11.72 2.98
N LEU C 604 -42.42 10.95 3.72
CA LEU C 604 -43.58 10.29 3.21
C LEU C 604 -44.78 10.62 4.07
N GLU C 605 -44.57 10.84 5.38
CA GLU C 605 -45.63 11.30 6.24
C GLU C 605 -46.05 12.73 5.90
N SER C 606 -45.10 13.59 5.52
CA SER C 606 -45.40 14.95 5.08
C SER C 606 -45.56 15.03 3.58
N LEU C 607 -46.18 14.00 2.97
CA LEU C 607 -46.54 14.03 1.57
C LEU C 607 -47.96 13.57 1.44
N ILE C 608 -48.38 12.54 2.21
CA ILE C 608 -49.76 12.08 2.15
C ILE C 608 -50.70 13.03 2.87
N CYS C 609 -50.15 13.83 3.80
CA CYS C 609 -50.89 14.91 4.43
C CYS C 609 -51.04 16.10 3.51
N GLU C 610 -50.14 16.23 2.51
CA GLU C 610 -50.10 17.34 1.60
C GLU C 610 -50.87 17.08 0.31
N SER C 611 -51.63 16.01 0.19
CA SER C 611 -52.43 15.62 -0.96
C SER C 611 -53.32 16.70 -1.57
N ARG C 612 -53.52 16.66 -2.90
CA ARG C 612 -54.37 17.57 -3.63
C ARG C 612 -55.83 17.20 -3.49
N ASP C 613 -56.14 16.00 -3.02
CA ASP C 613 -57.47 15.51 -2.74
C ASP C 613 -57.90 15.99 -1.35
N LYS C 614 -59.20 16.26 -1.15
CA LYS C 614 -59.67 16.86 0.08
C LYS C 614 -60.09 15.80 1.06
N PHE C 615 -60.65 14.67 0.58
CA PHE C 615 -61.05 13.59 1.44
C PHE C 615 -59.86 12.93 2.11
N ILE C 616 -58.70 12.90 1.43
CA ILE C 616 -57.46 12.37 1.96
C ILE C 616 -56.89 13.25 3.07
N ARG C 617 -56.92 14.59 2.92
CA ARG C 617 -56.43 15.47 3.97
C ARG C 617 -57.27 15.43 5.22
N GLU C 618 -58.57 15.09 5.11
CA GLU C 618 -59.45 14.93 6.24
C GLU C 618 -59.14 13.69 7.05
N LEU C 619 -58.50 12.67 6.46
CA LEU C 619 -58.12 11.45 7.16
C LEU C 619 -57.00 11.68 8.14
N PHE C 620 -56.10 12.64 7.87
CA PHE C 620 -54.94 12.89 8.69
C PHE C 620 -55.10 14.10 9.58
N GLU C 621 -56.34 14.37 10.01
CA GLU C 621 -56.72 15.39 10.97
C GLU C 621 -56.33 16.81 10.60
N GLY C 635 -38.83 16.68 13.21
CA GLY C 635 -37.83 15.94 13.20
C GLY C 635 -37.24 15.64 14.52
N LYS C 636 -36.66 14.48 14.70
CA LYS C 636 -37.29 13.31 15.21
C LYS C 636 -38.50 12.73 14.49
N LEU C 637 -38.79 11.42 14.55
CA LEU C 637 -38.17 10.32 15.26
C LEU C 637 -37.63 9.28 14.32
N SER C 638 -37.67 9.48 13.04
CA SER C 638 -37.24 8.59 11.98
C SER C 638 -38.03 7.37 11.88
N PHE C 639 -37.59 6.28 12.31
CA PHE C 639 -38.24 5.06 12.22
C PHE C 639 -39.27 4.76 13.23
N ILE C 640 -39.38 5.53 14.19
CA ILE C 640 -40.35 5.45 15.22
C ILE C 640 -40.32 4.20 16.06
N SER C 641 -41.10 3.98 16.89
CA SER C 641 -41.21 2.89 17.77
C SER C 641 -42.45 2.08 17.52
N VAL C 642 -42.40 1.06 16.86
CA VAL C 642 -43.47 0.23 16.39
C VAL C 642 -43.96 -0.77 17.41
N GLY C 643 -43.05 -1.37 18.18
CA GLY C 643 -43.35 -2.33 19.23
C GLY C 643 -43.84 -1.70 20.50
N ASN C 644 -43.95 -0.38 20.51
CA ASN C 644 -44.36 0.40 21.65
C ASN C 644 -45.78 0.84 21.44
N LYS C 645 -46.25 0.99 20.19
CA LYS C 645 -47.61 1.39 19.92
C LYS C 645 -48.61 0.33 20.34
N PHE C 646 -48.21 -0.94 20.35
CA PHE C 646 -49.02 -2.02 20.86
C PHE C 646 -49.12 -2.03 22.37
N LYS C 647 -48.15 -1.46 23.10
CA LYS C 647 -48.23 -1.42 24.54
C LYS C 647 -48.95 -0.16 24.98
N THR C 648 -48.63 0.97 24.32
CA THR C 648 -49.19 2.28 24.65
C THR C 648 -50.67 2.36 24.42
N GLN C 649 -51.20 1.85 23.28
CA GLN C 649 -52.62 1.89 23.07
C GLN C 649 -53.42 1.01 24.01
N LEU C 650 -52.85 -0.13 24.44
CA LEU C 650 -53.52 -1.01 25.39
C LEU C 650 -53.60 -0.43 26.79
N ASN C 651 -52.61 0.37 27.21
CA ASN C 651 -52.63 1.02 28.51
C ASN C 651 -53.69 2.10 28.61
N LEU C 652 -54.19 2.62 27.47
CA LEU C 652 -55.26 3.59 27.47
C LEU C 652 -56.62 2.95 27.71
N LEU C 653 -56.69 1.62 27.65
CA LEU C 653 -57.93 0.91 27.87
C LEU C 653 -57.87 0.22 29.22
N LEU C 654 -56.71 -0.28 29.66
CA LEU C 654 -56.60 -0.95 30.95
C LEU C 654 -56.82 -0.02 32.12
N ASP C 655 -56.31 1.23 32.06
CA ASP C 655 -56.56 2.16 33.14
C ASP C 655 -57.98 2.73 33.08
N LYS C 656 -58.65 2.65 31.91
CA LYS C 656 -60.06 3.01 31.85
C LYS C 656 -60.91 1.93 32.46
N LEU C 657 -60.53 0.65 32.30
CA LEU C 657 -61.23 -0.45 32.93
C LEU C 657 -61.04 -0.48 34.44
N ARG C 658 -59.87 -0.02 34.94
CA ARG C 658 -59.64 0.11 36.35
C ARG C 658 -60.43 1.25 36.99
N SER C 659 -60.80 2.27 36.19
CA SER C 659 -61.55 3.41 36.66
C SER C 659 -63.05 3.19 36.72
N THR C 660 -63.54 2.09 36.14
CA THR C 660 -64.96 1.76 36.13
C THR C 660 -65.23 0.46 36.87
N GLY C 661 -66.50 0.14 37.14
CA GLY C 661 -66.88 -1.17 37.66
C GLY C 661 -66.84 -2.20 36.54
N ALA C 662 -67.11 -3.48 36.83
CA ALA C 662 -67.03 -4.49 35.78
C ALA C 662 -68.05 -5.61 35.92
N SER C 663 -68.51 -6.12 34.76
CA SER C 663 -69.55 -7.12 34.59
C SER C 663 -69.15 -8.14 33.54
N PHE C 664 -68.32 -9.13 33.93
CA PHE C 664 -67.73 -10.13 33.06
C PHE C 664 -68.69 -11.20 32.53
N ILE C 665 -69.01 -11.16 31.23
CA ILE C 665 -69.88 -12.12 30.56
C ILE C 665 -69.06 -12.98 29.60
N ARG C 666 -68.81 -14.24 30.00
CA ARG C 666 -68.06 -15.19 29.22
C ARG C 666 -69.00 -15.96 28.31
N CYS C 667 -68.72 -16.03 26.99
CA CYS C 667 -69.60 -16.66 26.00
C CYS C 667 -69.07 -17.98 25.47
N ILE C 668 -69.85 -19.07 25.64
CA ILE C 668 -69.54 -20.44 25.27
C ILE C 668 -70.20 -20.90 23.97
N LYS C 669 -69.39 -21.45 23.04
CA LYS C 669 -69.83 -22.09 21.81
C LYS C 669 -69.98 -23.58 22.09
N PRO C 670 -71.14 -24.24 22.02
CA PRO C 670 -71.25 -25.63 22.44
C PRO C 670 -70.83 -26.67 21.44
N ASN C 671 -70.69 -26.36 20.14
CA ASN C 671 -70.34 -27.35 19.16
C ASN C 671 -69.72 -26.71 17.94
N LEU C 672 -68.94 -27.48 17.16
CA LEU C 672 -68.20 -26.98 16.03
C LEU C 672 -69.05 -26.59 14.84
N LYS C 673 -70.16 -27.30 14.60
CA LYS C 673 -71.05 -27.06 13.51
C LYS C 673 -71.91 -25.84 13.65
N MET C 674 -72.16 -25.42 14.91
CA MET C 674 -72.99 -24.31 15.29
C MET C 674 -74.45 -24.58 15.00
N THR C 675 -74.90 -25.78 15.41
CA THR C 675 -76.25 -26.28 15.22
C THR C 675 -76.90 -26.55 16.54
N SER C 676 -78.22 -26.38 16.61
CA SER C 676 -79.01 -26.53 17.80
C SER C 676 -79.04 -27.92 18.40
N HIS C 677 -79.11 -27.99 19.73
CA HIS C 677 -79.19 -29.20 20.52
C HIS C 677 -78.06 -30.19 20.36
N HIS C 678 -76.82 -29.71 20.38
CA HIS C 678 -75.64 -30.54 20.32
C HIS C 678 -74.63 -30.05 21.34
N PHE C 679 -74.13 -30.93 22.20
CA PHE C 679 -73.17 -30.61 23.24
C PHE C 679 -71.89 -31.36 22.98
N GLU C 680 -70.74 -30.66 22.86
CA GLU C 680 -69.45 -31.29 22.69
C GLU C 680 -68.57 -30.96 23.88
N GLY C 681 -68.32 -31.96 24.77
CA GLY C 681 -67.57 -31.71 26.01
C GLY C 681 -66.08 -31.79 25.86
N ALA C 682 -65.60 -31.95 24.63
CA ALA C 682 -64.20 -31.88 24.28
C ALA C 682 -63.88 -30.54 23.65
N GLN C 683 -64.90 -29.66 23.52
CA GLN C 683 -64.76 -28.34 22.94
C GLN C 683 -65.24 -27.31 23.94
N ILE C 684 -66.23 -27.66 24.78
CA ILE C 684 -66.67 -26.79 25.86
C ILE C 684 -65.63 -26.72 26.95
N LEU C 685 -65.03 -27.85 27.36
CA LEU C 685 -64.01 -27.86 28.39
C LEU C 685 -62.78 -27.06 28.00
N SER C 686 -62.43 -27.05 26.70
CA SER C 686 -61.32 -26.25 26.20
C SER C 686 -61.62 -24.77 26.26
N GLN C 687 -62.90 -24.35 26.25
CA GLN C 687 -63.24 -22.96 26.40
C GLN C 687 -63.38 -22.57 27.86
N LEU C 688 -63.54 -23.53 28.79
CA LEU C 688 -63.52 -23.21 30.20
C LEU C 688 -62.10 -22.93 30.66
N GLN C 689 -61.12 -23.61 30.05
CA GLN C 689 -59.74 -23.43 30.36
C GLN C 689 -59.09 -22.34 29.52
N CYS C 690 -59.79 -21.80 28.52
CA CYS C 690 -59.31 -20.70 27.70
C CYS C 690 -60.12 -19.44 27.95
N SER C 691 -61.05 -19.44 28.92
CA SER C 691 -61.79 -18.25 29.28
C SER C 691 -61.25 -17.61 30.53
N GLY C 692 -60.25 -18.25 31.17
CA GLY C 692 -59.89 -18.02 32.55
C GLY C 692 -60.84 -18.47 33.62
N MET C 693 -61.86 -19.29 33.31
CA MET C 693 -62.81 -19.72 34.31
C MET C 693 -62.20 -20.67 35.32
N VAL C 694 -61.39 -21.62 34.87
CA VAL C 694 -60.73 -22.57 35.74
C VAL C 694 -59.74 -21.91 36.68
N SER C 695 -59.03 -20.88 36.20
CA SER C 695 -58.16 -20.07 37.05
C SER C 695 -58.88 -19.37 38.18
N VAL C 696 -60.07 -18.82 37.94
CA VAL C 696 -60.87 -18.20 38.99
C VAL C 696 -61.39 -19.21 39.99
N LEU C 697 -61.77 -20.43 39.56
CA LEU C 697 -62.12 -21.48 40.48
C LEU C 697 -60.98 -21.96 41.36
N ASP C 698 -59.71 -21.84 40.90
CA ASP C 698 -58.54 -22.09 41.70
C ASP C 698 -58.37 -21.04 42.79
N LEU C 699 -58.64 -19.77 42.46
CA LEU C 699 -58.61 -18.65 43.37
C LEU C 699 -59.60 -18.83 44.51
N MET C 700 -60.83 -19.28 44.19
CA MET C 700 -61.89 -19.43 45.16
C MET C 700 -61.69 -20.58 46.13
N GLN C 701 -60.82 -21.57 45.83
CA GLN C 701 -60.46 -22.59 46.81
C GLN C 701 -59.69 -22.03 48.00
N GLY C 702 -58.93 -20.93 47.81
CA GLY C 702 -58.27 -20.19 48.87
C GLY C 702 -59.17 -19.60 49.91
N GLY C 703 -60.41 -19.26 49.52
CA GLY C 703 -61.41 -18.69 50.40
C GLY C 703 -62.39 -19.71 50.92
N PHE C 704 -63.67 -19.46 50.71
CA PHE C 704 -64.75 -20.35 51.08
C PHE C 704 -65.57 -20.61 49.82
N PRO C 705 -65.30 -21.61 48.98
CA PRO C 705 -65.93 -21.73 47.67
C PRO C 705 -67.34 -22.26 47.72
N SER C 706 -67.72 -22.94 48.81
CA SER C 706 -69.01 -23.56 48.96
C SER C 706 -69.79 -22.80 49.99
N ARG C 707 -71.01 -22.37 49.63
CA ARG C 707 -71.86 -21.61 50.51
C ARG C 707 -73.30 -21.95 50.18
N ALA C 708 -74.14 -22.15 51.20
CA ALA C 708 -75.53 -22.51 51.03
C ALA C 708 -76.39 -21.66 51.94
N SER C 709 -77.48 -21.06 51.42
CA SER C 709 -78.43 -20.34 52.25
C SER C 709 -79.13 -21.20 53.28
N PHE C 710 -79.77 -20.57 54.28
CA PHE C 710 -80.46 -21.30 55.34
C PHE C 710 -81.65 -22.09 54.83
N HIS C 711 -82.37 -21.57 53.82
CA HIS C 711 -83.48 -22.25 53.20
C HIS C 711 -83.05 -23.43 52.34
N GLU C 712 -81.81 -23.41 51.81
CA GLU C 712 -81.25 -24.53 51.08
C GLU C 712 -80.91 -25.68 52.01
N LEU C 713 -80.23 -25.39 53.14
CA LEU C 713 -79.92 -26.39 54.14
C LEU C 713 -81.11 -26.94 54.90
N TYR C 714 -82.24 -26.20 54.93
CA TYR C 714 -83.48 -26.68 55.51
C TYR C 714 -84.16 -27.69 54.60
N ASN C 715 -84.22 -27.42 53.28
CA ASN C 715 -84.79 -28.35 52.32
C ASN C 715 -83.97 -29.63 52.15
N MET C 716 -82.64 -29.56 52.33
CA MET C 716 -81.79 -30.74 52.20
C MET C 716 -81.87 -31.66 53.40
N TYR C 717 -81.74 -31.13 54.63
CA TYR C 717 -81.44 -31.96 55.77
C TYR C 717 -82.56 -32.14 56.79
N LYS C 718 -83.76 -31.59 56.58
CA LYS C 718 -84.85 -31.76 57.54
C LYS C 718 -85.33 -33.19 57.73
N LYS C 719 -85.25 -34.06 56.70
CA LYS C 719 -85.69 -35.44 56.80
C LYS C 719 -84.85 -36.30 57.73
N TYR C 720 -83.56 -35.97 57.90
CA TYR C 720 -82.69 -36.70 58.80
C TYR C 720 -82.81 -36.28 60.25
N MET C 721 -83.37 -35.10 60.53
CA MET C 721 -83.53 -34.59 61.87
C MET C 721 -84.75 -35.08 62.62
N PRO C 722 -84.76 -35.07 63.96
CA PRO C 722 -85.96 -35.32 64.76
C PRO C 722 -87.08 -34.33 64.50
N ASP C 723 -88.34 -34.72 64.73
CA ASP C 723 -89.51 -33.90 64.49
C ASP C 723 -89.54 -32.58 65.25
N LYS C 724 -88.98 -32.55 66.47
CA LYS C 724 -88.83 -31.34 67.25
C LYS C 724 -87.93 -30.29 66.61
N LEU C 725 -86.76 -30.73 66.09
CA LEU C 725 -85.83 -29.85 65.43
C LEU C 725 -86.33 -29.41 64.07
N ALA C 726 -87.11 -30.26 63.40
CA ALA C 726 -87.71 -30.00 62.12
C ALA C 726 -88.76 -28.89 62.13
N ARG C 727 -89.47 -28.69 63.24
CA ARG C 727 -90.46 -27.66 63.39
C ARG C 727 -89.92 -26.23 63.32
N LEU C 728 -88.67 -26.01 63.70
CA LEU C 728 -87.99 -24.73 63.67
C LEU C 728 -87.90 -24.01 62.32
N ASP C 729 -87.80 -22.68 62.34
CA ASP C 729 -87.50 -21.84 61.20
C ASP C 729 -86.09 -22.06 60.63
N PRO C 730 -85.82 -21.95 59.32
CA PRO C 730 -84.52 -22.19 58.72
C PRO C 730 -83.27 -21.63 59.39
N ARG C 731 -83.27 -20.39 59.94
CA ARG C 731 -82.09 -19.86 60.59
C ARG C 731 -81.81 -20.49 61.95
N LEU C 732 -82.86 -20.78 62.75
CA LEU C 732 -82.68 -21.42 64.04
C LEU C 732 -82.45 -22.91 63.89
N PHE C 733 -83.01 -23.54 62.85
CA PHE C 733 -82.68 -24.89 62.46
C PHE C 733 -81.19 -25.05 62.19
N CYS C 734 -80.60 -24.14 61.39
CA CYS C 734 -79.18 -24.18 61.10
C CYS C 734 -78.31 -23.76 62.27
N LYS C 735 -78.76 -22.83 63.13
CA LYS C 735 -78.00 -22.39 64.29
C LYS C 735 -77.89 -23.47 65.35
N ALA C 736 -78.99 -24.20 65.59
CA ALA C 736 -79.05 -25.32 66.50
C ALA C 736 -78.22 -26.49 66.01
N LEU C 737 -78.24 -26.74 64.70
CA LEU C 737 -77.50 -27.80 64.06
C LEU C 737 -76.00 -27.56 64.09
N PHE C 738 -75.57 -26.30 63.90
CA PHE C 738 -74.17 -25.92 64.00
C PHE C 738 -73.64 -26.04 65.43
N LYS C 739 -74.46 -25.64 66.42
CA LYS C 739 -74.10 -25.71 67.83
C LYS C 739 -74.09 -27.13 68.35
N ALA C 740 -75.07 -27.98 67.98
CA ALA C 740 -75.12 -29.38 68.33
C ALA C 740 -73.88 -30.16 67.95
N LEU C 741 -73.48 -30.07 66.67
CA LEU C 741 -72.34 -30.76 66.12
C LEU C 741 -71.01 -30.25 66.63
N GLY C 742 -70.92 -28.95 66.98
CA GLY C 742 -69.75 -28.38 67.63
C GLY C 742 -68.64 -28.07 66.67
N LEU C 743 -68.99 -27.77 65.41
CA LEU C 743 -68.11 -27.58 64.27
C LEU C 743 -67.00 -26.57 64.44
N ASN C 744 -65.81 -26.88 63.92
CA ASN C 744 -64.64 -26.02 63.98
C ASN C 744 -64.80 -24.67 63.29
N GLU C 745 -64.48 -23.60 64.03
CA GLU C 745 -64.67 -22.22 63.62
C GLU C 745 -63.89 -21.75 62.41
N ILE C 746 -62.74 -22.36 62.11
CA ILE C 746 -61.94 -21.96 60.97
C ILE C 746 -62.33 -22.70 59.71
N ASP C 747 -63.06 -23.82 59.83
CA ASP C 747 -63.52 -24.60 58.71
C ASP C 747 -64.95 -24.26 58.30
N TYR C 748 -65.83 -24.05 59.30
CA TYR C 748 -67.23 -23.74 59.09
C TYR C 748 -67.51 -22.35 59.62
N LYS C 749 -68.28 -21.51 58.90
CA LYS C 749 -68.57 -20.16 59.32
C LYS C 749 -70.04 -19.80 59.16
N PHE C 750 -70.68 -19.33 60.24
CA PHE C 750 -72.08 -18.95 60.24
C PHE C 750 -72.30 -17.49 59.82
N GLY C 751 -72.78 -17.26 58.58
CA GLY C 751 -72.98 -15.91 58.04
C GLY C 751 -74.31 -15.29 58.39
N LEU C 752 -74.81 -14.41 57.53
CA LEU C 752 -75.99 -13.61 57.77
C LEU C 752 -77.15 -14.20 57.02
N THR C 753 -76.93 -14.64 55.78
CA THR C 753 -77.93 -15.32 54.97
C THR C 753 -77.48 -16.69 54.54
N LYS C 754 -76.18 -17.00 54.67
CA LYS C 754 -75.62 -18.26 54.23
C LYS C 754 -74.64 -18.83 55.23
N VAL C 755 -74.46 -20.16 55.18
CA VAL C 755 -73.41 -20.85 55.90
C VAL C 755 -72.28 -21.05 54.91
N PHE C 756 -71.04 -20.71 55.29
CA PHE C 756 -69.90 -20.75 54.40
C PHE C 756 -69.03 -21.91 54.81
N PHE C 757 -68.35 -22.55 53.84
CA PHE C 757 -67.58 -23.75 54.09
C PHE C 757 -66.23 -23.65 53.42
N ARG C 758 -65.18 -24.24 54.03
CA ARG C 758 -63.90 -24.50 53.40
C ARG C 758 -64.01 -25.63 52.38
N PRO C 759 -63.07 -25.84 51.46
CA PRO C 759 -63.13 -26.92 50.47
C PRO C 759 -63.33 -28.31 51.06
N GLY C 760 -64.32 -29.05 50.55
CA GLY C 760 -64.59 -30.41 50.99
C GLY C 760 -65.23 -30.55 52.34
N LYS C 761 -65.82 -29.47 52.89
CA LYS C 761 -66.41 -29.52 54.21
C LYS C 761 -67.92 -29.40 54.16
N PHE C 762 -68.51 -28.87 53.07
CA PHE C 762 -69.91 -29.11 52.76
C PHE C 762 -70.17 -30.58 52.45
N ALA C 763 -69.18 -31.24 51.83
CA ALA C 763 -69.21 -32.66 51.57
C ALA C 763 -69.05 -33.47 52.84
N GLU C 764 -68.17 -33.04 53.76
CA GLU C 764 -68.00 -33.65 55.06
C GLU C 764 -69.24 -33.51 55.94
N PHE C 765 -69.87 -32.32 55.90
CA PHE C 765 -71.14 -32.02 56.54
C PHE C 765 -72.26 -32.95 56.08
N ASP C 766 -72.37 -33.20 54.77
CA ASP C 766 -73.38 -34.08 54.22
C ASP C 766 -73.24 -35.53 54.68
N GLN C 767 -72.02 -35.98 55.03
CA GLN C 767 -71.82 -37.32 55.56
C GLN C 767 -72.10 -37.43 57.04
N ILE C 768 -71.98 -36.34 57.82
CA ILE C 768 -72.38 -36.33 59.23
C ILE C 768 -73.88 -36.51 59.38
N MET C 769 -74.68 -35.97 58.44
CA MET C 769 -76.11 -36.10 58.46
C MET C 769 -76.59 -37.47 58.04
N LYS C 770 -75.75 -38.19 57.29
CA LYS C 770 -76.06 -39.52 56.81
C LYS C 770 -75.47 -40.59 57.70
N SER C 771 -75.01 -40.25 58.88
CA SER C 771 -74.40 -41.15 59.82
C SER C 771 -75.27 -41.56 60.90
N ASP C 772 -75.27 -42.18 61.81
CA ASP C 772 -75.97 -42.76 62.87
C ASP C 772 -77.16 -41.96 63.45
N PRO C 773 -78.42 -42.32 63.19
CA PRO C 773 -79.57 -41.54 63.62
C PRO C 773 -79.71 -41.43 65.13
N ASP C 774 -79.24 -42.42 65.90
CA ASP C 774 -79.34 -42.44 67.35
C ASP C 774 -78.34 -41.49 67.97
N HIS C 775 -77.11 -41.43 67.41
CA HIS C 775 -76.07 -40.52 67.82
C HIS C 775 -76.45 -39.07 67.59
N LEU C 776 -77.04 -38.77 66.41
CA LEU C 776 -77.56 -37.45 66.08
C LEU C 776 -78.71 -37.02 66.98
N ALA C 777 -79.63 -37.93 67.31
CA ALA C 777 -80.72 -37.69 68.23
C ALA C 777 -80.27 -37.36 69.65
N GLU C 778 -79.15 -37.96 70.10
CA GLU C 778 -78.59 -37.74 71.41
C GLU C 778 -77.90 -36.39 71.51
N LEU C 779 -77.27 -35.91 70.41
CA LEU C 779 -76.68 -34.59 70.36
C LEU C 779 -77.73 -33.48 70.33
N VAL C 780 -78.91 -33.74 69.76
CA VAL C 780 -80.05 -32.83 69.80
C VAL C 780 -80.68 -32.75 71.19
N LYS C 781 -80.73 -33.87 71.93
CA LYS C 781 -81.11 -33.88 73.33
C LYS C 781 -80.20 -33.04 74.22
N ARG C 782 -78.88 -33.07 73.95
CA ARG C 782 -77.91 -32.34 74.75
C ARG C 782 -77.91 -30.83 74.53
N VAL C 783 -78.54 -30.32 73.44
CA VAL C 783 -78.61 -28.90 73.18
C VAL C 783 -80.01 -28.35 73.43
N ASN C 784 -80.90 -29.16 74.02
CA ASN C 784 -82.30 -28.80 74.22
C ASN C 784 -82.55 -27.64 75.17
N HIS C 785 -81.70 -27.43 76.20
CA HIS C 785 -81.85 -26.28 77.09
C HIS C 785 -81.50 -24.98 76.41
N TRP C 786 -80.34 -24.92 75.70
CA TRP C 786 -79.93 -23.79 74.90
C TRP C 786 -80.93 -23.41 73.82
N LEU C 787 -81.62 -24.42 73.24
CA LEU C 787 -82.59 -24.22 72.19
C LEU C 787 -83.89 -23.60 72.68
N ILE C 788 -84.38 -23.99 73.87
CA ILE C 788 -85.46 -23.31 74.55
C ILE C 788 -85.11 -21.87 74.94
N CYS C 789 -83.88 -21.63 75.45
CA CYS C 789 -83.41 -20.30 75.77
C CYS C 789 -83.24 -19.40 74.56
N SER C 790 -82.81 -19.97 73.42
CA SER C 790 -82.70 -19.24 72.16
C SER C 790 -84.05 -18.88 71.58
N ARG C 791 -85.06 -19.77 71.71
CA ARG C 791 -86.39 -19.53 71.17
C ARG C 791 -87.18 -18.55 72.02
N TRP C 792 -86.83 -18.42 73.32
CA TRP C 792 -87.35 -17.39 74.20
C TRP C 792 -86.82 -16.02 73.81
N LYS C 793 -85.47 -15.88 73.73
CA LYS C 793 -84.84 -14.63 73.38
C LYS C 793 -85.16 -14.15 71.97
N LYS C 794 -85.55 -15.06 71.06
CA LYS C 794 -85.95 -14.71 69.71
C LYS C 794 -87.27 -13.93 69.72
N VAL C 795 -88.29 -14.39 70.45
CA VAL C 795 -89.56 -13.68 70.52
C VAL C 795 -89.53 -12.51 71.50
N GLN C 796 -88.63 -12.52 72.51
CA GLN C 796 -88.48 -11.39 73.42
C GLN C 796 -87.78 -10.21 72.77
N TRP C 797 -86.66 -10.41 72.05
CA TRP C 797 -85.98 -9.33 71.38
C TRP C 797 -86.68 -8.89 70.10
N CYS C 798 -87.60 -9.70 69.53
CA CYS C 798 -88.43 -9.26 68.42
C CYS C 798 -89.57 -8.37 68.88
N SER C 799 -90.10 -8.59 70.10
CA SER C 799 -91.11 -7.71 70.66
C SER C 799 -90.52 -6.40 71.13
N LEU C 800 -89.28 -6.42 71.66
CA LEU C 800 -88.52 -5.23 71.95
C LEU C 800 -88.06 -4.49 70.70
N SER C 801 -88.00 -5.17 69.53
CA SER C 801 -87.72 -4.50 68.27
C SER C 801 -88.89 -3.68 67.80
N VAL C 802 -90.13 -4.20 67.92
CA VAL C 802 -91.33 -3.48 67.54
C VAL C 802 -91.57 -2.27 68.43
N ILE C 803 -91.26 -2.38 69.75
CA ILE C 803 -91.33 -1.26 70.68
C ILE C 803 -90.25 -0.22 70.45
N LYS C 804 -89.03 -0.59 70.01
CA LYS C 804 -88.03 0.40 69.65
C LYS C 804 -88.31 1.10 68.32
N LEU C 805 -89.09 0.47 67.42
CA LEU C 805 -89.52 1.13 66.20
C LEU C 805 -90.78 1.95 66.43
N LYS C 806 -91.54 1.68 67.51
CA LYS C 806 -92.62 2.54 67.98
C LYS C 806 -92.05 3.78 68.64
N ASN C 807 -90.97 3.63 69.43
CA ASN C 807 -90.24 4.73 70.01
C ASN C 807 -89.46 5.56 68.99
N LYS C 808 -89.13 5.01 67.81
CA LYS C 808 -88.52 5.78 66.73
C LYS C 808 -89.51 6.66 66.01
N ILE C 809 -90.75 6.17 65.75
CA ILE C 809 -91.81 6.94 65.10
C ILE C 809 -92.21 8.17 65.92
N LYS C 810 -92.17 8.05 67.26
CA LYS C 810 -92.47 9.15 68.17
C LYS C 810 -91.30 10.12 68.30
N TYR C 811 -90.06 9.62 68.46
CA TYR C 811 -88.84 10.42 68.51
C TYR C 811 -88.62 11.27 67.27
N ARG C 812 -88.87 10.69 66.08
CA ARG C 812 -88.76 11.39 64.81
C ARG C 812 -89.85 12.43 64.65
N ALA C 813 -91.11 12.10 64.98
CA ALA C 813 -92.21 13.04 64.93
C ALA C 813 -92.20 14.09 66.04
N GLU C 814 -91.24 14.05 66.97
CA GLU C 814 -91.01 15.07 67.96
C GLU C 814 -90.20 16.21 67.41
N ALA C 815 -89.51 16.00 66.30
CA ALA C 815 -88.79 17.01 65.58
C ALA C 815 -89.36 17.40 64.28
N CYS C 816 -90.47 17.31 64.02
CA CYS C 816 -91.11 17.72 62.86
C CYS C 816 -91.57 18.90 63.08
N GLU D 1 55.74 -20.97 -48.20
CA GLU D 1 55.79 -22.14 -48.83
C GLU D 1 56.20 -23.17 -48.04
N ASP D 2 55.92 -24.35 -48.40
CA ASP D 2 56.22 -25.41 -47.68
C ASP D 2 57.59 -25.66 -47.62
N GLY D 3 58.02 -25.94 -46.48
CA GLY D 3 59.31 -26.21 -46.24
C GLY D 3 60.14 -25.08 -46.08
N LYS D 4 59.77 -24.00 -46.19
CA LYS D 4 60.50 -22.84 -46.06
C LYS D 4 60.51 -22.27 -44.66
N PRO D 5 61.58 -21.80 -44.11
CA PRO D 5 61.66 -21.26 -42.77
C PRO D 5 60.85 -20.01 -42.55
N VAL D 6 60.20 -19.92 -41.39
CA VAL D 6 59.50 -18.73 -40.94
C VAL D 6 60.14 -18.32 -39.63
N TRP D 7 59.86 -17.10 -39.16
CA TRP D 7 60.28 -16.69 -37.84
C TRP D 7 59.25 -17.13 -36.83
N ALA D 8 59.70 -17.57 -35.64
CA ALA D 8 58.85 -18.05 -34.58
C ALA D 8 59.01 -17.19 -33.32
N PRO D 9 57.94 -16.78 -32.64
CA PRO D 9 57.98 -16.04 -31.38
C PRO D 9 58.67 -16.74 -30.21
N HIS D 10 59.94 -16.43 -29.88
CA HIS D 10 60.60 -17.06 -28.76
C HIS D 10 60.76 -16.03 -27.66
N PRO D 11 60.27 -16.20 -26.44
CA PRO D 11 60.31 -15.18 -25.41
C PRO D 11 61.64 -14.54 -25.09
N THR D 12 62.74 -15.29 -25.08
CA THR D 12 64.04 -14.78 -24.68
C THR D 12 64.77 -14.09 -25.79
N ASP D 13 64.43 -14.30 -27.05
CA ASP D 13 65.14 -13.76 -28.19
C ASP D 13 64.25 -12.95 -29.11
N GLY D 14 62.94 -12.88 -28.84
CA GLY D 14 61.98 -12.20 -29.68
C GLY D 14 61.50 -13.12 -30.78
N PHE D 15 62.37 -13.38 -31.77
CA PHE D 15 62.09 -14.29 -32.85
C PHE D 15 63.24 -15.25 -33.05
N GLN D 16 62.96 -16.53 -33.37
CA GLN D 16 63.96 -17.51 -33.74
C GLN D 16 63.49 -18.25 -34.97
N VAL D 17 64.34 -19.07 -35.60
CA VAL D 17 64.00 -19.92 -36.74
C VAL D 17 63.01 -21.04 -36.42
N GLY D 18 62.21 -21.49 -37.41
CA GLY D 18 61.21 -22.51 -37.16
C GLY D 18 60.40 -22.85 -38.37
N ASN D 19 59.69 -23.99 -38.30
CA ASN D 19 58.93 -24.55 -39.40
C ASN D 19 57.52 -24.85 -38.93
N ILE D 20 56.61 -25.05 -39.89
CA ILE D 20 55.19 -25.27 -39.64
C ILE D 20 54.89 -26.70 -40.01
N VAL D 21 54.44 -27.51 -39.04
CA VAL D 21 54.21 -28.93 -39.23
C VAL D 21 52.74 -29.31 -39.09
N ASP D 22 51.88 -28.35 -38.70
CA ASP D 22 50.45 -28.53 -38.68
C ASP D 22 49.85 -27.14 -38.61
N ILE D 23 48.55 -27.01 -38.89
CA ILE D 23 47.90 -25.72 -38.97
C ILE D 23 46.43 -25.86 -38.71
N GLY D 24 45.77 -24.79 -38.25
CA GLY D 24 44.35 -24.72 -38.00
C GLY D 24 43.82 -23.41 -38.51
N PRO D 25 42.59 -23.08 -38.28
CA PRO D 25 42.02 -21.83 -38.72
C PRO D 25 42.64 -20.56 -38.24
N ASP D 26 43.08 -20.50 -37.00
CA ASP D 26 43.65 -19.31 -36.45
C ASP D 26 45.08 -19.54 -35.97
N SER D 27 45.52 -20.76 -35.83
CA SER D 27 46.81 -21.09 -35.28
C SER D 27 47.70 -21.94 -36.16
N LEU D 28 49.01 -21.83 -35.94
CA LEU D 28 50.03 -22.57 -36.62
C LEU D 28 50.82 -23.34 -35.59
N THR D 29 51.01 -24.65 -35.81
CA THR D 29 51.79 -25.51 -34.94
C THR D 29 53.26 -25.43 -35.29
N ILE D 30 54.01 -24.53 -34.62
CA ILE D 30 55.38 -24.20 -34.92
C ILE D 30 56.41 -25.12 -34.28
N GLU D 31 57.21 -25.83 -35.09
CA GLU D 31 58.33 -26.62 -34.60
C GLU D 31 59.62 -25.82 -34.75
N PRO D 32 60.37 -25.45 -33.72
CA PRO D 32 61.65 -24.75 -33.88
C PRO D 32 62.70 -25.54 -34.64
N LEU D 33 63.64 -24.86 -35.30
CA LEU D 33 64.68 -25.49 -36.08
C LEU D 33 65.79 -26.00 -35.20
N ASN D 34 66.21 -25.23 -34.22
CA ASN D 34 67.23 -25.59 -33.30
C ASN D 34 66.77 -26.41 -32.11
N GLN D 35 65.53 -26.30 -31.71
CA GLN D 35 64.95 -27.04 -30.60
C GLN D 35 63.82 -27.91 -31.09
N LYS D 36 64.09 -28.94 -31.75
CA LYS D 36 63.11 -29.88 -32.24
C LYS D 36 62.44 -30.63 -31.13
N GLY D 37 61.12 -30.82 -31.23
CA GLY D 37 60.33 -31.46 -30.22
C GLY D 37 59.74 -30.54 -29.21
N LYS D 38 60.08 -29.27 -29.27
CA LYS D 38 59.53 -28.27 -28.42
C LYS D 38 58.18 -27.81 -28.89
N THR D 39 57.82 -27.98 -30.11
CA THR D 39 56.60 -27.73 -30.86
C THR D 39 55.48 -26.96 -30.19
N PHE D 40 55.47 -25.61 -30.30
CA PHE D 40 54.45 -24.78 -29.69
C PHE D 40 53.38 -24.32 -30.66
N LEU D 41 52.47 -23.43 -30.22
CA LEU D 41 51.39 -22.89 -31.02
C LEU D 41 51.59 -21.40 -31.16
N ALA D 42 51.22 -20.82 -32.31
CA ALA D 42 51.35 -19.41 -32.56
C ALA D 42 50.25 -18.97 -33.51
N LEU D 43 49.81 -17.70 -33.43
CA LEU D 43 48.72 -17.18 -34.23
C LEU D 43 49.18 -16.63 -35.57
N ILE D 44 48.24 -16.46 -36.51
CA ILE D 44 48.46 -16.00 -37.87
C ILE D 44 49.21 -14.68 -38.00
N ASN D 45 49.04 -13.78 -37.04
CA ASN D 45 49.65 -12.48 -37.02
C ASN D 45 50.96 -12.48 -36.24
N GLN D 46 51.39 -13.60 -35.69
CA GLN D 46 52.60 -13.69 -34.90
C GLN D 46 53.75 -14.33 -35.64
N VAL D 47 53.55 -14.79 -36.87
CA VAL D 47 54.56 -15.46 -37.67
C VAL D 47 54.95 -14.58 -38.84
N PHE D 48 56.20 -14.69 -39.32
CA PHE D 48 56.70 -13.87 -40.40
C PHE D 48 57.59 -14.69 -41.32
N PRO D 49 57.59 -14.51 -42.63
CA PRO D 49 58.48 -15.24 -43.53
C PRO D 49 59.94 -14.83 -43.38
N ALA D 50 60.86 -15.81 -43.44
CA ALA D 50 62.27 -15.58 -43.28
C ALA D 50 62.99 -15.80 -44.61
N GLU D 51 64.15 -15.17 -44.80
CA GLU D 51 64.96 -15.32 -45.98
C GLU D 51 65.78 -16.58 -45.99
N GLU D 52 66.15 -17.09 -47.18
CA GLU D 52 66.94 -18.28 -47.35
C GLU D 52 68.35 -18.16 -46.79
N ASP D 53 69.03 -17.05 -47.03
CA ASP D 53 70.33 -16.79 -46.47
C ASP D 53 70.18 -15.84 -45.31
N SER D 54 70.26 -16.35 -44.10
CA SER D 54 70.12 -15.58 -42.89
C SER D 54 71.44 -15.19 -42.29
N LYS D 55 72.53 -15.70 -42.80
CA LYS D 55 73.85 -15.40 -42.31
C LYS D 55 74.40 -14.14 -42.87
N LYS D 56 73.88 -13.43 -43.67
CA LYS D 56 74.27 -12.18 -44.28
C LYS D 56 73.52 -11.01 -43.71
N ASP D 57 74.13 -9.84 -43.63
CA ASP D 57 73.53 -8.61 -43.18
C ASP D 57 73.45 -7.63 -44.33
N VAL D 58 72.61 -6.60 -44.21
CA VAL D 58 72.45 -5.60 -45.23
C VAL D 58 72.55 -4.21 -44.62
N GLU D 59 73.27 -3.30 -45.29
CA GLU D 59 73.45 -1.93 -44.87
C GLU D 59 72.16 -1.15 -45.06
N ASP D 60 71.51 -1.43 -46.20
CA ASP D 60 70.26 -0.89 -46.64
C ASP D 60 69.22 -1.98 -46.50
N ASN D 61 68.13 -1.71 -45.77
CA ASN D 61 67.13 -2.72 -45.47
C ASN D 61 66.12 -2.91 -46.58
N CYS D 62 66.17 -2.13 -47.66
CA CYS D 62 65.30 -2.34 -48.80
C CYS D 62 65.84 -3.41 -49.72
N SER D 63 67.04 -3.94 -49.43
CA SER D 63 67.65 -5.03 -50.16
C SER D 63 67.27 -6.39 -49.63
N LEU D 64 66.36 -6.45 -48.65
CA LEU D 64 65.83 -7.70 -48.13
C LEU D 64 64.72 -8.25 -49.01
N MET D 65 64.59 -9.58 -49.12
CA MET D 65 63.56 -10.22 -49.89
C MET D 65 62.25 -10.24 -49.12
N TYR D 66 62.34 -10.27 -47.79
CA TYR D 66 61.22 -10.16 -46.89
C TYR D 66 61.53 -9.04 -45.92
N LEU D 67 60.78 -7.93 -45.99
CA LEU D 67 60.99 -6.80 -45.10
C LEU D 67 59.89 -6.80 -44.06
N ASN D 68 60.27 -7.10 -42.81
CA ASN D 68 59.36 -7.18 -41.69
C ASN D 68 60.17 -6.89 -40.46
N GLU D 69 59.59 -7.02 -39.27
CA GLU D 69 60.26 -6.61 -38.07
C GLU D 69 61.09 -7.75 -37.51
N ALA D 70 60.78 -9.00 -37.89
CA ALA D 70 61.60 -10.12 -37.56
C ALA D 70 62.87 -10.18 -38.39
N THR D 71 62.85 -9.75 -39.67
CA THR D 71 64.08 -9.72 -40.45
C THR D 71 64.87 -8.46 -40.19
N LEU D 72 64.24 -7.40 -39.67
CA LEU D 72 64.95 -6.22 -39.21
C LEU D 72 65.67 -6.49 -37.90
N LEU D 73 65.05 -7.29 -37.00
CA LEU D 73 65.64 -7.66 -35.74
C LEU D 73 66.84 -8.56 -35.92
N HIS D 74 66.79 -9.45 -36.92
CA HIS D 74 67.92 -10.31 -37.23
C HIS D 74 69.01 -9.54 -37.94
N ASN D 75 68.67 -8.48 -38.71
CA ASN D 75 69.69 -7.67 -39.35
C ASN D 75 70.49 -6.87 -38.31
N ILE D 76 69.87 -6.39 -37.23
CA ILE D 76 70.60 -5.65 -36.21
C ILE D 76 71.12 -6.54 -35.11
N LYS D 77 71.00 -7.86 -35.27
CA LYS D 77 71.59 -8.83 -34.37
C LYS D 77 72.93 -9.24 -34.94
N VAL D 78 73.00 -9.48 -36.26
CA VAL D 78 74.21 -9.80 -36.98
C VAL D 78 75.13 -8.59 -37.04
N ARG D 79 74.58 -7.39 -37.25
CA ARG D 79 75.40 -6.19 -37.28
C ARG D 79 75.96 -5.79 -35.93
N TYR D 80 75.34 -6.21 -34.82
CA TYR D 80 75.83 -5.93 -33.49
C TYR D 80 77.13 -6.68 -33.18
N SER D 81 77.35 -7.89 -33.73
CA SER D 81 78.58 -8.61 -33.50
C SER D 81 79.62 -8.34 -34.57
N LYS D 82 79.31 -7.46 -35.54
CA LYS D 82 80.25 -6.96 -36.52
C LYS D 82 80.60 -5.53 -36.21
N ASP D 83 80.09 -5.01 -35.07
CA ASP D 83 80.27 -3.67 -34.59
C ASP D 83 79.79 -2.60 -35.58
N ARG D 84 78.69 -2.86 -36.29
CA ARG D 84 78.10 -1.94 -37.24
C ARG D 84 76.84 -1.38 -36.62
N ILE D 85 76.97 -0.29 -35.89
CA ILE D 85 75.94 0.30 -35.06
C ILE D 85 74.97 1.21 -35.77
N TYR D 86 75.23 1.59 -37.03
CA TYR D 86 74.34 2.43 -37.82
C TYR D 86 73.72 1.62 -38.94
N THR D 87 72.40 1.78 -39.16
CA THR D 87 71.64 0.99 -40.13
C THR D 87 70.66 1.84 -40.94
N TYR D 88 70.77 1.86 -42.29
CA TYR D 88 69.98 2.69 -43.19
C TYR D 88 68.61 2.11 -43.54
N VAL D 89 67.51 2.69 -43.04
CA VAL D 89 66.18 2.35 -43.50
C VAL D 89 65.60 3.57 -44.17
N ALA D 90 65.74 3.71 -45.49
CA ALA D 90 65.28 4.85 -46.26
C ALA D 90 65.73 6.21 -45.77
N ASN D 91 64.89 6.96 -45.11
CA ASN D 91 65.14 8.27 -44.55
C ASN D 91 65.20 8.20 -43.03
N ILE D 92 65.33 6.99 -42.47
CA ILE D 92 65.35 6.71 -41.06
C ILE D 92 66.67 6.08 -40.71
N LEU D 93 67.38 6.63 -39.71
CA LEU D 93 68.62 6.06 -39.25
C LEU D 93 68.37 5.38 -37.92
N ILE D 94 68.77 4.10 -37.84
CA ILE D 94 68.67 3.27 -36.66
C ILE D 94 70.07 3.15 -36.11
N ALA D 95 70.31 3.75 -34.93
CA ALA D 95 71.59 3.76 -34.27
C ALA D 95 71.47 2.99 -32.97
N VAL D 96 72.39 2.06 -32.70
CA VAL D 96 72.38 1.21 -31.53
C VAL D 96 73.58 1.50 -30.66
N ASN D 97 73.41 1.92 -29.39
CA ASN D 97 74.53 2.28 -28.52
C ASN D 97 75.40 1.10 -28.12
N PRO D 98 76.69 1.06 -28.33
CA PRO D 98 77.48 -0.07 -27.95
C PRO D 98 78.08 0.07 -26.58
N TYR D 99 78.05 1.26 -25.99
CA TYR D 99 78.63 1.58 -24.71
C TYR D 99 80.14 1.43 -24.70
N PHE D 100 80.79 1.66 -25.82
CA PHE D 100 82.21 1.57 -25.98
C PHE D 100 82.60 2.42 -27.15
N ASP D 101 83.79 3.00 -27.16
CA ASP D 101 84.24 3.85 -28.21
C ASP D 101 84.86 3.07 -29.35
N ILE D 102 84.25 2.96 -30.47
CA ILE D 102 84.69 2.27 -31.66
C ILE D 102 85.83 3.02 -32.34
N PRO D 103 86.92 2.40 -32.75
CA PRO D 103 88.03 3.10 -33.39
C PRO D 103 87.71 3.76 -34.70
N LYS D 104 88.33 4.90 -35.00
CA LYS D 104 88.34 5.64 -36.24
C LYS D 104 87.04 6.22 -36.72
N ILE D 105 85.93 5.90 -36.13
CA ILE D 105 84.67 6.42 -36.54
C ILE D 105 84.42 7.86 -36.23
N TYR D 106 85.03 8.40 -35.24
CA TYR D 106 84.85 9.78 -34.90
C TYR D 106 85.97 10.64 -35.38
N SER D 107 86.89 10.06 -36.13
CA SER D 107 88.04 10.71 -36.69
C SER D 107 87.74 11.84 -37.66
N SER D 108 88.59 12.88 -37.68
CA SER D 108 88.44 14.01 -38.58
C SER D 108 88.76 13.65 -40.02
N GLU D 109 89.55 12.58 -40.24
CA GLU D 109 89.79 12.07 -41.56
C GLU D 109 88.55 11.38 -42.10
N THR D 110 87.79 10.72 -41.21
CA THR D 110 86.53 10.07 -41.52
C THR D 110 85.47 11.10 -41.85
N ILE D 111 85.46 12.23 -41.14
CA ILE D 111 84.56 13.34 -41.37
C ILE D 111 84.74 13.96 -42.74
N LYS D 112 86.00 14.13 -43.20
CA LYS D 112 86.25 14.72 -44.49
C LYS D 112 86.19 13.68 -45.60
N SER D 113 85.99 12.40 -45.25
CA SER D 113 85.78 11.34 -46.22
C SER D 113 84.34 11.34 -46.67
N TYR D 114 83.40 11.48 -45.71
CA TYR D 114 81.98 11.54 -45.99
C TYR D 114 81.57 12.78 -46.74
N GLN D 115 82.19 13.93 -46.44
CA GLN D 115 81.92 15.22 -47.03
C GLN D 115 81.68 15.25 -48.53
N GLY D 116 80.44 15.57 -48.94
CA GLY D 116 80.05 15.74 -50.32
C GLY D 116 79.79 14.49 -51.11
N LYS D 117 79.90 13.31 -50.50
CA LYS D 117 79.69 12.06 -51.19
C LYS D 117 78.26 11.68 -51.35
N SER D 118 77.81 11.21 -52.25
CA SER D 118 76.46 10.83 -52.57
C SER D 118 75.75 10.03 -51.52
N LEU D 119 74.77 9.80 -51.43
CA LEU D 119 74.01 9.12 -50.45
C LEU D 119 73.80 7.70 -50.76
N GLY D 120 74.03 6.81 -49.80
CA GLY D 120 73.86 5.42 -49.93
C GLY D 120 75.03 4.71 -50.45
N THR D 121 75.98 5.39 -51.03
CA THR D 121 77.18 4.83 -51.53
C THR D 121 78.25 4.78 -50.49
N MET D 122 78.18 5.43 -49.44
CA MET D 122 79.06 5.41 -48.32
C MET D 122 78.41 4.63 -47.19
N PRO D 123 79.12 3.90 -46.35
CA PRO D 123 78.56 3.17 -45.23
C PRO D 123 77.68 3.98 -44.30
N PRO D 124 76.66 3.46 -43.65
CA PRO D 124 75.83 4.22 -42.73
C PRO D 124 76.58 4.78 -41.56
N HIS D 125 76.43 6.08 -41.29
CA HIS D 125 77.06 6.73 -40.18
C HIS D 125 76.25 7.95 -39.89
N VAL D 126 76.46 8.61 -38.74
CA VAL D 126 75.67 9.76 -38.37
C VAL D 126 76.14 11.01 -39.10
N PHE D 127 77.37 10.96 -39.63
CA PHE D 127 77.89 12.03 -40.45
C PHE D 127 77.35 11.99 -41.86
N ALA D 128 76.68 10.90 -42.27
CA ALA D 128 76.08 10.84 -43.59
C ALA D 128 74.68 11.44 -43.58
N ILE D 129 74.15 11.74 -42.41
CA ILE D 129 72.87 12.39 -42.24
C ILE D 129 73.12 13.87 -42.16
N ALA D 130 74.15 14.28 -41.40
CA ALA D 130 74.50 15.68 -41.26
C ALA D 130 75.00 16.30 -42.55
N ASP D 131 75.70 15.54 -43.40
CA ASP D 131 76.13 16.04 -44.69
C ASP D 131 74.98 16.15 -45.66
N LYS D 132 73.99 15.24 -45.58
CA LYS D 132 72.80 15.30 -46.39
C LYS D 132 71.92 16.48 -46.00
N ALA D 133 71.83 16.79 -44.70
CA ALA D 133 71.01 17.89 -44.24
C ALA D 133 71.58 19.26 -44.59
N PHE D 134 72.90 19.38 -44.80
CA PHE D 134 73.44 20.63 -45.31
C PHE D 134 73.13 20.79 -46.79
N ARG D 135 73.17 19.68 -47.55
CA ARG D 135 72.89 19.72 -48.95
C ARG D 135 71.41 19.85 -49.27
N ASP D 136 70.53 19.32 -48.40
CA ASP D 136 69.11 19.54 -48.54
C ASP D 136 68.69 20.69 -47.64
N MET D 137 69.52 21.74 -47.65
CA MET D 137 69.26 23.02 -47.05
C MET D 137 69.54 24.02 -48.14
N LYS D 138 70.83 24.17 -48.51
CA LYS D 138 71.26 25.11 -49.52
C LYS D 138 70.67 24.87 -50.91
N VAL D 139 70.58 23.61 -51.38
CA VAL D 139 69.96 23.29 -52.67
C VAL D 139 68.46 23.49 -52.64
N LEU D 140 67.82 23.03 -51.56
CA LEU D 140 66.39 23.07 -51.37
C LEU D 140 65.82 24.45 -51.07
N LYS D 141 66.62 25.34 -50.46
CA LYS D 141 66.25 26.68 -50.04
C LYS D 141 65.24 26.63 -48.92
N LEU D 142 65.48 25.74 -47.94
CA LEU D 142 64.59 25.52 -46.84
C LEU D 142 65.41 25.08 -45.65
N SER D 143 64.96 25.33 -44.43
CA SER D 143 65.65 24.96 -43.20
C SER D 143 65.41 23.49 -42.82
N GLN D 144 66.30 22.92 -41.99
CA GLN D 144 66.31 21.50 -41.67
C GLN D 144 66.17 21.19 -40.20
N SER D 145 65.79 19.93 -39.90
CA SER D 145 65.61 19.49 -38.53
C SER D 145 66.00 18.04 -38.37
N ILE D 146 66.74 17.73 -37.30
CA ILE D 146 67.19 16.39 -36.96
C ILE D 146 66.36 16.00 -35.77
N ILE D 147 65.62 14.88 -35.86
CA ILE D 147 64.70 14.47 -34.82
C ILE D 147 65.26 13.27 -34.11
N VAL D 148 65.51 13.37 -32.79
CA VAL D 148 66.13 12.31 -32.01
C VAL D 148 65.17 11.83 -30.94
N SER D 149 64.79 10.54 -30.99
CA SER D 149 63.87 9.92 -30.04
C SER D 149 64.59 8.93 -29.15
N GLY D 150 63.88 7.88 -28.67
CA GLY D 150 64.40 6.86 -27.78
C GLY D 150 64.32 7.18 -26.32
N GLU D 151 64.56 6.15 -25.51
CA GLU D 151 64.56 6.20 -24.07
C GLU D 151 65.94 6.51 -23.55
N SER D 152 66.08 6.84 -22.26
CA SER D 152 67.36 7.17 -21.67
C SER D 152 68.36 6.03 -21.74
N GLY D 153 69.63 6.36 -22.04
CA GLY D 153 70.68 5.38 -22.21
C GLY D 153 70.76 4.76 -23.57
N ALA D 154 69.97 5.25 -24.53
CA ALA D 154 69.96 4.73 -25.86
C ALA D 154 70.94 5.43 -26.80
N GLY D 155 71.69 6.43 -26.30
CA GLY D 155 72.71 7.14 -27.07
C GLY D 155 72.23 8.42 -27.70
N LYS D 156 71.10 8.96 -27.23
CA LYS D 156 70.52 10.15 -27.83
C LYS D 156 71.26 11.42 -27.47
N THR D 157 72.00 11.42 -26.35
CA THR D 157 72.89 12.49 -25.97
C THR D 157 74.13 12.47 -26.83
N GLU D 158 74.74 11.30 -27.01
CA GLU D 158 75.95 11.14 -27.80
C GLU D 158 75.74 11.37 -29.28
N ASN D 159 74.59 10.96 -29.86
CA ASN D 159 74.29 11.22 -31.26
C ASN D 159 74.09 12.70 -31.54
N THR D 160 73.59 13.47 -30.56
CA THR D 160 73.41 14.91 -30.70
C THR D 160 74.74 15.61 -30.79
N LYS D 161 75.73 15.17 -29.99
CA LYS D 161 77.04 15.79 -30.00
C LYS D 161 77.83 15.54 -31.29
N PHE D 162 77.60 14.41 -31.97
CA PHE D 162 78.24 14.14 -33.25
C PHE D 162 77.67 14.98 -34.39
N VAL D 163 76.40 15.41 -34.27
CA VAL D 163 75.80 16.30 -35.25
C VAL D 163 76.42 17.69 -35.12
N LEU D 164 76.55 18.21 -33.89
CA LEU D 164 77.12 19.53 -33.72
C LEU D 164 78.62 19.57 -33.97
N ARG D 165 79.31 18.43 -33.85
CA ARG D 165 80.70 18.28 -34.21
C ARG D 165 80.90 18.35 -35.71
N TYR D 166 80.00 17.73 -36.50
CA TYR D 166 80.14 17.72 -37.94
C TYR D 166 79.87 19.08 -38.56
N LEU D 167 78.99 19.89 -37.96
CA LEU D 167 78.70 21.20 -38.53
C LEU D 167 79.76 22.24 -38.23
N THR D 168 80.58 22.08 -37.17
CA THR D 168 81.65 23.02 -36.86
C THR D 168 83.01 22.47 -37.23
N GLU D 169 83.03 21.50 -38.15
CA GLU D 169 84.25 20.91 -38.66
C GLU D 169 84.16 20.83 -40.16
N SER D 170 83.12 20.19 -40.71
CA SER D 170 82.99 20.00 -42.13
C SER D 170 82.62 21.25 -42.88
N TYR D 171 81.71 22.08 -42.35
CA TYR D 171 81.29 23.29 -43.04
C TYR D 171 81.56 24.55 -42.27
N GLY D 172 81.45 24.57 -40.93
CA GLY D 172 81.77 25.74 -40.14
C GLY D 172 83.23 25.94 -39.92
N THR D 173 83.78 26.98 -40.30
CA THR D 173 85.17 27.35 -40.13
C THR D 173 85.51 27.84 -38.92
N GLY D 174 85.16 28.18 -38.00
CA GLY D 174 85.43 28.65 -36.80
C GLY D 174 84.31 28.71 -35.89
N GLN D 175 83.82 28.93 -35.24
CA GLN D 175 82.76 29.10 -34.29
C GLN D 175 82.69 27.99 -33.29
N ASP D 176 83.18 28.19 -32.08
CA ASP D 176 83.22 27.28 -31.01
C ASP D 176 81.96 27.25 -30.17
N ILE D 177 80.84 26.94 -30.81
CA ILE D 177 79.54 26.89 -30.17
C ILE D 177 79.17 25.48 -29.78
N ASP D 178 79.75 24.48 -30.46
CA ASP D 178 79.50 23.07 -30.28
C ASP D 178 79.56 22.54 -28.86
N ASP D 179 80.57 22.92 -28.07
CA ASP D 179 80.71 22.42 -26.73
C ASP D 179 80.16 23.38 -25.69
N ARG D 180 79.50 24.49 -26.07
CA ARG D 180 78.91 25.33 -25.03
C ARG D 180 77.60 24.72 -24.54
N ILE D 181 76.97 23.86 -25.35
CA ILE D 181 75.83 23.06 -24.95
C ILE D 181 76.27 21.96 -24.01
N VAL D 182 77.37 21.29 -24.38
CA VAL D 182 77.95 20.20 -23.61
C VAL D 182 78.48 20.67 -22.26
N GLU D 183 79.14 21.84 -22.20
CA GLU D 183 79.66 22.39 -20.97
C GLU D 183 78.55 22.82 -20.01
N ALA D 184 77.38 23.25 -20.49
CA ALA D 184 76.29 23.60 -19.58
C ALA D 184 75.18 22.55 -19.59
N ASN D 185 75.55 21.29 -19.87
CA ASN D 185 74.70 20.13 -19.70
C ASN D 185 74.32 19.87 -18.24
N PRO D 186 75.16 20.03 -17.20
CA PRO D 186 74.72 19.78 -15.84
C PRO D 186 73.68 20.74 -15.32
N LEU D 187 73.53 21.93 -15.94
CA LEU D 187 72.46 22.84 -15.56
C LEU D 187 71.12 22.26 -15.97
N LEU D 188 71.04 21.60 -17.15
CA LEU D 188 69.79 21.02 -17.60
C LEU D 188 69.57 19.64 -17.02
N GLU D 189 70.62 19.02 -16.44
CA GLU D 189 70.51 17.78 -15.70
C GLU D 189 69.93 18.00 -14.31
N ALA D 190 69.93 19.27 -13.84
CA ALA D 190 69.36 19.64 -12.58
C ALA D 190 67.96 20.19 -12.76
N PHE D 191 67.82 21.24 -13.58
CA PHE D 191 66.55 21.92 -13.80
C PHE D 191 65.51 21.11 -14.58
N GLY D 192 65.90 20.42 -15.68
CA GLY D 192 64.95 19.75 -16.56
C GLY D 192 64.87 18.26 -16.40
N ASN D 193 66.00 17.57 -16.24
CA ASN D 193 66.04 16.13 -16.03
C ASN D 193 65.52 15.66 -14.66
N ALA D 194 64.63 14.66 -14.62
CA ALA D 194 64.14 14.11 -13.37
C ALA D 194 64.36 12.60 -13.30
N LYS D 195 63.64 11.89 -12.41
CA LYS D 195 63.71 10.45 -12.25
C LYS D 195 62.33 9.87 -12.44
N THR D 196 62.19 8.87 -13.33
CA THR D 196 60.92 8.20 -13.59
C THR D 196 61.07 6.73 -13.24
N VAL D 197 59.97 5.96 -13.23
CA VAL D 197 60.00 4.56 -12.80
C VAL D 197 60.96 3.69 -13.60
N ARG D 198 61.05 3.88 -14.92
CA ARG D 198 61.94 3.10 -15.76
C ARG D 198 63.19 3.82 -16.20
N ASN D 199 63.45 5.07 -15.76
CA ASN D 199 64.64 5.78 -16.15
C ASN D 199 65.17 6.60 -14.99
N ASN D 200 66.48 6.57 -14.74
CA ASN D 200 67.07 7.31 -13.64
C ASN D 200 67.35 8.75 -14.00
N ASN D 201 67.70 9.02 -15.27
CA ASN D 201 67.98 10.33 -15.78
C ASN D 201 67.16 10.53 -17.04
N SER D 202 65.97 11.14 -16.97
CA SER D 202 65.13 11.32 -18.13
C SER D 202 64.89 12.79 -18.37
N SER D 203 65.03 13.25 -19.62
CA SER D 203 64.70 14.60 -20.02
C SER D 203 63.22 14.74 -20.14
N ARG D 204 62.63 15.79 -19.55
CA ARG D 204 61.19 15.95 -19.51
C ARG D 204 60.73 17.13 -20.33
N PHE D 205 61.56 17.58 -21.29
CA PHE D 205 61.24 18.74 -22.10
C PHE D 205 61.72 18.55 -23.53
N GLY D 206 61.12 19.33 -24.45
CA GLY D 206 61.42 19.35 -25.87
C GLY D 206 62.58 20.27 -26.14
N LYS D 207 63.81 19.72 -26.10
CA LYS D 207 65.04 20.44 -26.35
C LYS D 207 65.23 20.73 -27.83
N PHE D 208 65.25 22.02 -28.26
CA PHE D 208 65.40 22.37 -29.66
C PHE D 208 66.61 23.26 -29.85
N VAL D 209 67.82 22.66 -29.85
CA VAL D 209 69.08 23.33 -30.08
C VAL D 209 69.22 23.65 -31.57
N GLU D 210 69.08 24.91 -31.99
CA GLU D 210 69.16 25.25 -33.40
C GLU D 210 70.48 25.92 -33.74
N ILE D 211 70.99 25.69 -34.97
CA ILE D 211 72.23 26.24 -35.49
C ILE D 211 71.93 27.09 -36.70
N HIS D 212 72.10 28.42 -36.57
CA HIS D 212 71.86 29.40 -37.60
C HIS D 212 72.94 29.37 -38.69
N PHE D 213 72.51 29.37 -39.96
CA PHE D 213 73.39 29.46 -41.11
C PHE D 213 72.98 30.68 -41.93
N ASN D 214 73.95 31.48 -42.41
CA ASN D 214 73.68 32.62 -43.26
C ASN D 214 73.64 32.21 -44.73
N GLU D 215 73.33 33.15 -45.64
CA GLU D 215 73.26 32.91 -47.07
C GLU D 215 74.61 32.59 -47.69
N LYS D 216 75.71 32.94 -47.02
CA LYS D 216 77.05 32.64 -47.44
C LYS D 216 77.53 31.31 -46.88
N SER D 217 76.63 30.56 -46.24
CA SER D 217 76.84 29.22 -45.72
C SER D 217 77.81 29.09 -44.59
N SER D 218 77.80 30.03 -43.65
CA SER D 218 78.62 29.99 -42.48
C SER D 218 77.80 29.95 -41.23
N VAL D 219 78.32 29.30 -40.18
CA VAL D 219 77.67 29.20 -38.88
C VAL D 219 77.72 30.55 -38.19
N VAL D 220 76.58 31.26 -38.09
CA VAL D 220 76.53 32.58 -37.51
C VAL D 220 76.03 32.59 -36.09
N GLY D 221 75.54 31.46 -35.56
CA GLY D 221 75.09 31.44 -34.18
C GLY D 221 74.27 30.24 -33.89
N GLY D 222 73.93 30.05 -32.62
CA GLY D 222 73.00 29.00 -32.23
C GLY D 222 72.02 29.54 -31.24
N PHE D 223 70.97 28.76 -30.94
CA PHE D 223 69.96 29.16 -30.00
C PHE D 223 69.35 27.91 -29.40
N VAL D 224 69.07 27.89 -28.09
CA VAL D 224 68.45 26.74 -27.45
C VAL D 224 67.04 27.11 -27.08
N SER D 225 66.03 26.36 -27.57
CA SER D 225 64.64 26.58 -27.20
C SER D 225 64.10 25.39 -26.45
N HIS D 226 63.18 25.61 -25.50
CA HIS D 226 62.57 24.57 -24.69
C HIS D 226 61.07 24.59 -24.80
N TYR D 227 60.44 23.41 -24.87
CA TYR D 227 58.99 23.29 -24.97
C TYR D 227 58.58 22.20 -24.01
N LEU D 228 57.40 22.35 -23.37
CA LEU D 228 56.83 21.43 -22.40
C LEU D 228 57.58 21.32 -21.07
N LEU D 229 56.90 20.93 -20.02
CA LEU D 229 57.40 20.75 -18.68
C LEU D 229 56.31 20.06 -17.91
N GLU D 230 56.62 19.19 -16.93
CA GLU D 230 55.59 18.53 -16.17
C GLU D 230 55.23 19.39 -14.99
N LYS D 231 54.16 20.18 -15.14
CA LYS D 231 53.67 21.10 -14.13
C LYS D 231 53.32 20.40 -12.82
N SER D 232 52.73 19.21 -12.90
CA SER D 232 52.37 18.39 -11.77
C SER D 232 53.55 17.92 -10.94
N ARG D 233 54.65 17.48 -11.59
CA ARG D 233 55.83 16.93 -10.93
C ARG D 233 56.47 17.88 -9.96
N ILE D 234 56.37 19.20 -10.22
CA ILE D 234 56.86 20.27 -9.38
C ILE D 234 56.27 20.18 -7.97
N CYS D 235 54.97 19.86 -7.85
CA CYS D 235 54.32 19.82 -6.55
C CYS D 235 53.95 18.45 -6.06
N VAL D 236 53.63 17.49 -6.96
CA VAL D 236 53.21 16.17 -6.54
C VAL D 236 53.79 15.11 -7.46
N GLN D 237 54.36 14.05 -6.88
CA GLN D 237 55.04 13.01 -7.61
C GLN D 237 54.39 11.70 -7.39
N GLY D 238 54.67 10.69 -8.22
CA GLY D 238 54.21 9.36 -8.10
C GLY D 238 55.00 8.51 -7.23
N LYS D 239 54.75 7.26 -7.09
CA LYS D 239 55.43 6.32 -6.34
C LYS D 239 56.71 6.01 -6.77
N GLU D 240 57.66 6.30 -6.02
CA GLU D 240 58.96 6.11 -6.24
C GLU D 240 59.63 6.94 -7.27
N GLU D 241 59.06 8.03 -7.63
CA GLU D 241 59.63 8.94 -8.52
C GLU D 241 60.22 10.10 -7.75
N ARG D 242 60.95 10.97 -8.39
CA ARG D 242 61.51 12.15 -7.76
C ARG D 242 60.91 13.38 -8.43
N ASN D 243 61.23 14.57 -7.90
CA ASN D 243 60.82 15.83 -8.49
C ASN D 243 61.90 16.17 -9.52
N TYR D 244 62.26 17.45 -9.75
CA TYR D 244 63.40 17.73 -10.61
C TYR D 244 64.68 17.61 -9.79
N HIS D 245 65.82 17.46 -10.46
CA HIS D 245 67.07 17.16 -9.78
C HIS D 245 67.72 18.31 -9.04
N ILE D 246 67.31 19.56 -9.29
CA ILE D 246 67.84 20.71 -8.56
C ILE D 246 67.27 20.76 -7.15
N PHE D 247 66.18 20.03 -6.87
CA PHE D 247 65.59 19.97 -5.55
C PHE D 247 66.16 18.84 -4.71
N TYR D 248 67.25 18.23 -5.20
CA TYR D 248 67.94 17.19 -4.45
C TYR D 248 69.41 17.53 -4.46
N ARG D 249 69.93 18.02 -5.60
CA ARG D 249 71.32 18.43 -5.69
C ARG D 249 71.63 19.69 -4.89
N LEU D 250 70.65 20.60 -4.71
CA LEU D 250 70.86 21.74 -3.84
C LEU D 250 70.80 21.31 -2.38
N CYS D 251 69.94 20.34 -2.05
CA CYS D 251 69.86 19.82 -0.69
C CYS D 251 71.08 19.01 -0.32
N ALA D 252 71.55 18.11 -1.21
CA ALA D 252 72.72 17.30 -1.00
C ALA D 252 74.04 18.07 -1.03
N GLY D 253 74.23 18.97 -2.01
CA GLY D 253 75.49 19.67 -2.20
C GLY D 253 75.69 20.96 -1.46
N ALA D 254 74.67 21.51 -0.79
CA ALA D 254 74.82 22.76 -0.08
C ALA D 254 75.71 22.71 1.16
N SER D 255 76.57 23.72 1.32
CA SER D 255 77.41 23.91 2.48
C SER D 255 76.64 24.55 3.63
N GLU D 256 77.27 24.75 4.79
CA GLU D 256 76.60 25.26 5.97
C GLU D 256 76.64 26.77 6.02
N ASP D 257 77.42 27.41 5.12
CA ASP D 257 77.46 28.85 4.97
C ASP D 257 76.49 29.28 3.88
N ILE D 258 75.85 28.29 3.23
CA ILE D 258 74.77 28.47 2.29
C ILE D 258 73.49 28.04 2.98
N ARG D 259 73.51 26.97 3.80
CA ARG D 259 72.32 26.49 4.47
C ARG D 259 71.77 27.47 5.50
N GLU D 260 72.62 28.28 6.14
CA GLU D 260 72.15 29.32 7.04
C GLU D 260 71.47 30.47 6.33
N ARG D 261 71.73 30.65 5.03
CA ARG D 261 71.17 31.74 4.26
C ARG D 261 69.92 31.36 3.55
N LEU D 262 69.69 30.07 3.29
CA LEU D 262 68.51 29.59 2.61
C LEU D 262 67.58 28.84 3.54
N HIS D 263 68.02 28.56 4.77
CA HIS D 263 67.30 27.83 5.78
C HIS D 263 66.87 26.44 5.37
N LEU D 264 67.74 25.74 4.64
CA LEU D 264 67.48 24.41 4.15
C LEU D 264 67.41 23.34 5.23
N SER D 265 66.64 22.34 5.10
CA SER D 265 66.46 21.23 6.00
C SER D 265 66.32 19.98 5.18
N SER D 266 66.25 18.81 5.80
CA SER D 266 66.14 17.54 5.12
C SER D 266 64.83 17.35 4.35
N PRO D 267 64.81 16.68 3.20
CA PRO D 267 63.63 16.52 2.33
C PRO D 267 62.33 16.04 2.95
N ASP D 268 62.33 15.36 4.11
CA ASP D 268 61.14 14.89 4.76
C ASP D 268 60.19 15.97 5.20
N ASN D 269 60.75 17.12 5.57
CA ASN D 269 60.03 18.28 5.93
C ASN D 269 59.15 18.83 4.83
N PHE D 270 59.66 18.86 3.60
CA PHE D 270 59.02 19.55 2.48
C PHE D 270 58.00 18.69 1.73
N ARG D 271 56.74 19.19 1.63
CA ARG D 271 55.64 18.50 0.99
C ARG D 271 55.81 18.27 -0.50
N TYR D 272 56.64 19.09 -1.18
CA TYR D 272 56.90 18.88 -2.59
C TYR D 272 58.05 17.92 -2.83
N LEU D 273 58.54 17.24 -1.78
CA LEU D 273 59.58 16.25 -1.89
C LEU D 273 59.22 14.97 -1.16
N ASN D 274 58.48 15.04 -0.05
CA ASN D 274 58.13 13.85 0.71
C ASN D 274 57.07 12.96 0.08
N ARG D 275 56.32 13.44 -0.93
CA ARG D 275 55.34 12.64 -1.64
C ARG D 275 55.96 11.48 -2.42
N GLY D 276 57.10 11.71 -3.09
CA GLY D 276 57.82 10.70 -3.84
C GLY D 276 59.01 10.16 -3.09
N CYS D 277 60.12 9.94 -3.80
CA CYS D 277 61.36 9.43 -3.23
C CYS D 277 62.27 10.57 -2.80
N THR D 278 62.80 10.48 -1.57
CA THR D 278 63.67 11.51 -0.99
C THR D 278 65.13 11.17 -1.09
N ARG D 279 65.46 9.93 -1.50
CA ARG D 279 66.83 9.46 -1.62
C ARG D 279 67.67 10.17 -2.68
N TYR D 280 68.97 10.36 -2.39
CA TYR D 280 69.93 10.97 -3.28
C TYR D 280 70.67 9.90 -4.06
N PHE D 281 71.18 10.21 -5.27
CA PHE D 281 72.06 9.28 -5.95
C PHE D 281 73.46 9.55 -5.44
N ALA D 282 74.25 8.49 -5.19
CA ALA D 282 75.59 8.66 -4.69
C ALA D 282 76.40 7.41 -4.91
N ASN D 283 77.70 7.48 -4.58
CA ASN D 283 78.62 6.36 -4.61
C ASN D 283 79.27 6.31 -3.25
N LYS D 284 80.03 5.26 -2.93
CA LYS D 284 80.62 5.06 -1.62
C LYS D 284 81.43 6.23 -1.10
N GLU D 285 82.26 6.83 -1.95
CA GLU D 285 83.05 7.99 -1.59
C GLU D 285 82.23 9.22 -1.30
N THR D 286 81.19 9.52 -2.10
CA THR D 286 80.38 10.69 -1.84
C THR D 286 79.35 10.49 -0.78
N ASP D 287 78.97 9.24 -0.45
CA ASP D 287 78.12 8.91 0.67
C ASP D 287 78.72 9.35 2.00
N LYS D 288 80.06 9.42 2.10
CA LYS D 288 80.76 9.91 3.26
C LYS D 288 80.76 11.42 3.37
N GLN D 289 80.52 12.14 2.26
CA GLN D 289 80.58 13.58 2.22
C GLN D 289 79.23 14.26 2.44
N ILE D 290 78.13 13.51 2.44
CA ILE D 290 76.81 14.04 2.70
C ILE D 290 76.60 14.22 4.20
N LEU D 291 76.26 15.45 4.62
CA LEU D 291 76.06 15.80 6.02
C LEU D 291 74.83 15.17 6.66
N GLN D 292 74.91 14.90 7.96
CA GLN D 292 73.88 14.24 8.74
C GLN D 292 72.52 14.91 8.72
N ASN D 293 72.49 16.25 8.74
CA ASN D 293 71.25 17.01 8.69
C ASN D 293 70.61 17.11 7.31
N ARG D 294 71.27 16.61 6.25
CA ARG D 294 70.68 16.54 4.93
C ARG D 294 70.01 15.20 4.70
N LYS D 295 70.20 14.23 5.61
CA LYS D 295 69.65 12.90 5.48
C LYS D 295 68.24 12.80 6.02
N SER D 296 67.32 12.19 5.26
CA SER D 296 65.95 11.95 5.65
C SER D 296 65.83 10.60 6.30
N PRO D 297 64.74 10.23 6.99
CA PRO D 297 64.55 8.90 7.54
C PRO D 297 64.61 7.82 6.49
N GLU D 298 64.05 8.06 5.30
CA GLU D 298 64.14 7.15 4.16
C GLU D 298 65.57 6.94 3.71
N TYR D 299 66.41 8.00 3.70
CA TYR D 299 67.83 7.91 3.44
C TYR D 299 68.56 7.08 4.50
N LEU D 300 68.21 7.24 5.79
CA LEU D 300 68.81 6.43 6.84
C LEU D 300 68.45 4.94 6.70
N LYS D 301 67.18 4.64 6.42
CA LYS D 301 66.69 3.29 6.20
C LYS D 301 67.20 2.59 4.95
N ALA D 302 67.13 3.24 3.78
CA ALA D 302 67.45 2.61 2.51
C ALA D 302 68.71 3.13 1.82
N GLY D 303 69.38 4.16 2.33
CA GLY D 303 70.61 4.69 1.77
C GLY D 303 70.52 5.30 0.40
N SER D 304 71.67 5.62 -0.19
CA SER D 304 71.79 6.21 -1.50
C SER D 304 71.30 5.38 -2.65
N LEU D 305 70.84 6.03 -3.72
CA LEU D 305 70.40 5.39 -4.94
C LEU D 305 71.61 5.08 -5.81
N LYS D 306 71.63 3.87 -6.39
CA LYS D 306 72.73 3.37 -7.18
C LYS D 306 72.59 3.67 -8.67
N ASP D 307 73.56 4.41 -9.24
CA ASP D 307 73.62 4.68 -10.66
C ASP D 307 75.11 4.79 -11.02
N PRO D 308 75.61 4.35 -12.16
CA PRO D 308 77.01 4.44 -12.49
C PRO D 308 77.46 5.85 -12.82
N LEU D 309 76.56 6.79 -13.13
CA LEU D 309 76.95 8.12 -13.52
C LEU D 309 76.40 9.17 -12.61
N LEU D 310 75.13 9.08 -12.17
CA LEU D 310 74.52 10.08 -11.31
C LEU D 310 75.10 10.14 -9.91
N ASP D 311 75.43 11.35 -9.45
CA ASP D 311 75.93 11.60 -8.12
C ASP D 311 75.33 12.93 -7.70
N ASP D 312 74.32 12.97 -6.82
CA ASP D 312 73.69 14.23 -6.48
C ASP D 312 74.57 15.17 -5.66
N HIS D 313 75.57 14.64 -4.95
CA HIS D 313 76.51 15.47 -4.21
C HIS D 313 77.62 15.98 -5.10
N GLY D 314 78.18 15.10 -5.95
CA GLY D 314 79.30 15.45 -6.81
C GLY D 314 78.91 16.19 -8.06
N ASP D 315 77.69 15.97 -8.61
CA ASP D 315 77.30 16.70 -9.78
C ASP D 315 76.81 18.10 -9.42
N PHE D 316 76.58 18.41 -8.12
CA PHE D 316 76.30 19.78 -7.72
C PHE D 316 77.56 20.64 -7.80
N ILE D 317 78.72 20.01 -7.60
CA ILE D 317 80.02 20.64 -7.75
C ILE D 317 80.29 20.87 -9.21
N ARG D 318 80.01 19.86 -10.08
CA ARG D 318 80.25 20.03 -11.49
C ARG D 318 79.19 20.89 -12.17
N MET D 319 78.05 21.14 -11.50
CA MET D 319 77.10 22.16 -11.89
C MET D 319 77.62 23.55 -11.60
N CYS D 320 78.22 23.77 -10.41
CA CYS D 320 78.70 25.09 -10.05
C CYS D 320 79.99 25.46 -10.75
N THR D 321 80.75 24.46 -11.23
CA THR D 321 81.89 24.67 -12.11
C THR D 321 81.40 25.13 -13.47
N ALA D 322 80.30 24.53 -13.97
CA ALA D 322 79.72 24.91 -15.23
C ALA D 322 79.02 26.26 -15.21
N MET D 323 78.55 26.73 -14.03
CA MET D 323 77.99 28.06 -13.96
C MET D 323 79.06 29.13 -13.93
N LYS D 324 80.29 28.77 -13.54
CA LYS D 324 81.43 29.66 -13.62
C LYS D 324 81.94 29.78 -15.04
N LYS D 325 81.93 28.67 -15.79
CA LYS D 325 82.31 28.66 -17.19
C LYS D 325 81.32 29.36 -18.10
N ILE D 326 80.00 29.10 -17.94
CA ILE D 326 78.98 29.68 -18.80
C ILE D 326 78.88 31.20 -18.70
N GLY D 327 78.77 31.77 -17.49
CA GLY D 327 78.73 33.22 -17.34
C GLY D 327 78.06 33.71 -16.12
N LEU D 328 78.00 32.94 -15.03
CA LEU D 328 77.32 33.33 -13.82
C LEU D 328 78.29 33.54 -12.68
N ASP D 329 78.16 34.68 -11.99
CA ASP D 329 78.95 34.99 -10.82
C ASP D 329 78.33 34.37 -9.57
N ASP D 330 78.98 34.52 -8.40
CA ASP D 330 78.52 33.85 -7.20
C ASP D 330 77.31 34.53 -6.57
N GLU D 331 77.15 35.84 -6.77
CA GLU D 331 75.95 36.53 -6.32
C GLU D 331 74.75 36.13 -7.18
N GLU D 332 74.91 36.04 -8.51
CA GLU D 332 73.82 35.60 -9.37
C GLU D 332 73.51 34.11 -9.23
N LYS D 333 74.53 33.29 -8.89
CA LYS D 333 74.33 31.88 -8.55
C LYS D 333 73.52 31.69 -7.28
N LEU D 334 73.71 32.57 -6.27
CA LEU D 334 72.93 32.54 -5.05
C LEU D 334 71.49 32.94 -5.27
N ASP D 335 71.20 33.86 -6.20
CA ASP D 335 69.83 34.24 -6.51
C ASP D 335 69.08 33.13 -7.25
N LEU D 336 69.81 32.18 -7.86
CA LEU D 336 69.19 31.03 -8.48
C LEU D 336 68.97 29.92 -7.46
N PHE D 337 69.38 30.14 -6.20
CA PHE D 337 69.12 29.22 -5.12
C PHE D 337 68.07 29.79 -4.20
N ARG D 338 67.88 31.13 -4.15
CA ARG D 338 66.85 31.71 -3.31
C ARG D 338 65.45 31.44 -3.83
N VAL D 339 65.30 31.36 -5.16
CA VAL D 339 64.01 31.05 -5.77
C VAL D 339 63.65 29.60 -5.53
N VAL D 340 64.62 28.66 -5.65
CA VAL D 340 64.39 27.25 -5.42
C VAL D 340 64.00 26.97 -3.97
N ALA D 341 64.69 27.61 -3.00
CA ALA D 341 64.36 27.46 -1.60
C ALA D 341 63.03 28.09 -1.21
N GLY D 342 62.57 29.11 -1.95
CA GLY D 342 61.26 29.71 -1.72
C GLY D 342 60.11 28.84 -2.13
N VAL D 343 60.35 27.89 -3.06
CA VAL D 343 59.35 26.94 -3.50
C VAL D 343 59.18 25.87 -2.44
N LEU D 344 60.28 25.45 -1.81
CA LEU D 344 60.26 24.47 -0.76
C LEU D 344 59.51 24.93 0.48
N HIS D 345 59.59 26.23 0.81
CA HIS D 345 58.89 26.74 1.96
C HIS D 345 57.50 27.25 1.63
N LEU D 346 57.04 27.08 0.39
CA LEU D 346 55.69 27.43 0.01
C LEU D 346 54.75 26.25 0.18
N GLY D 347 55.22 25.03 -0.13
CA GLY D 347 54.40 23.83 -0.10
C GLY D 347 53.92 23.34 1.21
N ASN D 348 54.44 23.85 2.31
CA ASN D 348 54.05 23.44 3.62
C ASN D 348 52.95 24.33 4.20
N ILE D 349 52.43 25.30 3.45
CA ILE D 349 51.37 26.18 3.91
C ILE D 349 50.00 25.53 3.76
N ASP D 350 49.26 25.34 4.87
CA ASP D 350 47.94 24.73 4.88
C ASP D 350 46.83 25.74 5.14
N PHE D 351 45.61 25.35 4.72
CA PHE D 351 44.43 26.18 4.72
C PHE D 351 43.25 25.48 5.38
N GLU D 352 42.73 26.03 6.49
CA GLU D 352 41.56 25.51 7.14
C GLU D 352 40.32 26.27 6.69
N GLU D 353 39.15 26.02 7.31
CA GLU D 353 37.91 26.69 6.98
C GLU D 353 37.66 27.85 7.92
N ALA D 354 37.29 29.02 7.39
CA ALA D 354 37.00 30.21 8.17
C ALA D 354 35.84 30.07 9.13
N GLY D 355 35.81 30.80 10.22
CA GLY D 355 34.80 30.73 11.26
C GLY D 355 33.53 31.39 11.01
N SER D 356 32.91 31.22 9.92
CA SER D 356 31.67 31.73 9.50
C SER D 356 31.57 33.12 9.32
N THR D 357 32.27 33.94 9.23
CA THR D 357 32.32 35.30 9.00
C THR D 357 32.49 35.67 7.75
N SER D 358 32.37 35.77 6.95
CA SER D 358 32.47 36.07 5.69
C SER D 358 32.81 35.03 4.71
N GLY D 359 32.60 33.77 5.02
CA GLY D 359 32.93 32.65 4.21
C GLY D 359 34.40 32.40 4.04
N GLY D 360 34.78 31.59 3.10
CA GLY D 360 36.14 31.27 2.77
C GLY D 360 37.01 30.48 3.67
N CYS D 361 38.32 30.62 3.45
CA CYS D 361 39.37 29.88 4.12
C CYS D 361 40.36 30.79 4.82
N ASN D 362 41.07 30.25 5.82
CA ASN D 362 42.12 30.95 6.54
C ASN D 362 43.32 30.01 6.59
N LEU D 363 44.51 30.49 6.95
CA LEU D 363 45.68 29.64 7.07
C LEU D 363 45.68 28.92 8.42
N LYS D 364 46.39 27.80 8.52
CA LYS D 364 46.54 27.10 9.79
C LYS D 364 47.56 27.76 10.69
N ASN D 365 47.40 27.61 12.02
CA ASN D 365 48.29 28.20 13.00
C ASN D 365 49.65 27.56 13.02
N LYS D 366 49.77 26.30 12.58
CA LYS D 366 51.02 25.62 12.41
C LYS D 366 51.78 26.10 11.20
N SER D 367 51.16 26.91 10.35
CA SER D 367 51.73 27.44 9.13
C SER D 367 52.11 28.89 9.28
N THR D 368 52.30 29.40 10.50
CA THR D 368 52.56 30.81 10.71
C THR D 368 54.02 31.13 10.61
N GLN D 369 54.90 30.37 11.28
CA GLN D 369 56.32 30.60 11.19
C GLN D 369 56.88 30.15 9.86
N ALA D 370 56.14 29.27 9.18
CA ALA D 370 56.47 28.81 7.86
C ALA D 370 56.20 29.82 6.79
N LEU D 371 55.38 30.82 7.07
CA LEU D 371 55.09 31.88 6.15
C LEU D 371 56.08 32.99 6.33
N GLU D 372 56.52 33.22 7.57
CA GLU D 372 57.52 34.22 7.88
C GLU D 372 58.87 33.92 7.26
N TYR D 373 59.25 32.64 7.21
CA TYR D 373 60.49 32.23 6.60
C TYR D 373 60.39 32.04 5.10
N CYS D 374 59.20 32.24 4.51
CA CYS D 374 59.02 32.12 3.08
C CYS D 374 58.88 33.48 2.42
N ALA D 375 58.27 34.46 3.10
CA ALA D 375 58.01 35.74 2.49
C ALA D 375 59.23 36.60 2.28
N GLU D 376 60.33 36.37 3.01
CA GLU D 376 61.55 37.09 2.76
C GLU D 376 62.35 36.49 1.63
N LEU D 377 62.04 35.26 1.18
CA LEU D 377 62.66 34.67 0.02
C LEU D 377 61.94 35.12 -1.23
N LEU D 378 60.66 35.47 -1.13
CA LEU D 378 59.87 35.95 -2.24
C LEU D 378 59.82 37.47 -2.32
N GLY D 379 60.31 38.20 -1.33
CA GLY D 379 60.35 39.66 -1.33
C GLY D 379 59.02 40.33 -1.18
N LEU D 380 58.12 39.74 -0.39
CA LEU D 380 56.78 40.22 -0.20
C LEU D 380 56.45 40.29 1.28
N ASP D 381 55.36 40.96 1.64
CA ASP D 381 54.92 41.09 3.01
C ASP D 381 53.98 39.95 3.40
N GLN D 382 54.11 39.46 4.64
CA GLN D 382 53.36 38.32 5.14
C GLN D 382 51.88 38.58 5.34
N ASP D 383 51.48 39.85 5.53
CA ASP D 383 50.09 40.17 5.73
C ASP D 383 49.40 40.37 4.39
N ASP D 384 50.13 40.86 3.38
CA ASP D 384 49.58 41.00 2.05
C ASP D 384 49.55 39.65 1.32
N LEU D 385 50.50 38.76 1.61
CA LEU D 385 50.51 37.44 1.01
C LEU D 385 49.40 36.55 1.54
N ARG D 386 49.00 36.71 2.82
CA ARG D 386 47.90 35.97 3.40
C ARG D 386 46.56 36.32 2.77
N VAL D 387 46.34 37.61 2.43
CA VAL D 387 45.14 38.05 1.73
C VAL D 387 45.10 37.49 0.32
N SER D 388 46.23 37.53 -0.37
CA SER D 388 46.36 37.11 -1.75
C SER D 388 46.24 35.64 -1.98
N LEU D 389 46.51 34.81 -0.96
CA LEU D 389 46.35 33.38 -1.08
C LEU D 389 44.96 32.94 -0.62
N THR D 390 44.11 33.87 -0.16
CA THR D 390 42.77 33.51 0.31
C THR D 390 41.64 34.23 -0.38
N THR D 391 41.89 35.37 -1.06
CA THR D 391 40.85 36.17 -1.70
C THR D 391 40.91 36.29 -3.21
N ARG D 392 39.76 36.66 -3.79
CA ARG D 392 39.57 36.99 -5.18
C ARG D 392 39.28 38.47 -5.22
N VAL D 393 40.29 39.24 -5.64
CA VAL D 393 40.25 40.68 -5.75
C VAL D 393 39.54 41.12 -7.01
N MET D 394 38.48 41.91 -6.91
CA MET D 394 37.84 42.47 -8.07
C MET D 394 37.37 43.87 -7.77
N LEU D 395 36.78 44.56 -8.74
CA LEU D 395 36.28 45.90 -8.56
C LEU D 395 34.85 45.98 -8.88
N THR D 396 34.19 46.99 -8.37
CA THR D 396 32.82 47.25 -8.63
C THR D 396 32.64 48.48 -9.46
N THR D 397 33.70 49.08 -9.90
CA THR D 397 33.71 50.27 -10.70
C THR D 397 33.29 50.08 -12.02
N THR D 404 34.51 50.51 -5.80
CA THR D 404 35.65 50.24 -4.99
C THR D 404 36.21 48.89 -5.35
N VAL D 405 37.34 48.52 -4.75
CA VAL D 405 38.02 47.27 -4.99
C VAL D 405 37.76 46.37 -3.81
N ILE D 406 36.99 45.28 -4.02
CA ILE D 406 36.60 44.38 -2.96
C ILE D 406 37.44 43.11 -2.95
N LYS D 407 37.40 42.39 -1.82
CA LYS D 407 38.12 41.15 -1.63
C LYS D 407 37.09 40.11 -1.27
N VAL D 408 36.91 39.09 -2.12
CA VAL D 408 35.91 38.05 -1.94
C VAL D 408 36.61 36.73 -1.66
N PRO D 409 36.57 36.12 -0.48
CA PRO D 409 37.33 34.91 -0.20
C PRO D 409 37.03 33.68 -1.05
N LEU D 410 38.02 32.78 -1.16
CA LEU D 410 37.97 31.56 -1.92
C LEU D 410 37.71 30.37 -1.01
N LYS D 411 37.32 29.22 -1.59
CA LYS D 411 37.11 27.99 -0.87
C LYS D 411 38.43 27.31 -0.56
N VAL D 412 38.44 26.38 0.41
CA VAL D 412 39.63 25.66 0.85
C VAL D 412 40.33 24.89 -0.26
N GLU D 413 39.59 24.15 -1.10
CA GLU D 413 40.19 23.43 -2.19
C GLU D 413 40.76 24.33 -3.28
N GLN D 414 40.16 25.51 -3.46
CA GLN D 414 40.64 26.47 -4.44
C GLN D 414 41.89 27.20 -3.96
N ALA D 415 42.16 27.20 -2.65
CA ALA D 415 43.34 27.85 -2.10
C ALA D 415 44.50 26.90 -2.07
N ASN D 416 44.24 25.59 -1.95
CA ASN D 416 45.30 24.59 -2.07
C ASN D 416 45.76 24.51 -3.51
N ASN D 417 44.83 24.65 -4.48
CA ASN D 417 45.18 24.65 -5.87
C ASN D 417 45.82 25.97 -6.30
N ALA D 418 45.52 27.09 -5.63
CA ALA D 418 46.14 28.35 -5.96
C ALA D 418 47.54 28.47 -5.38
N ARG D 419 47.80 27.85 -4.22
CA ARG D 419 49.12 27.86 -3.64
C ARG D 419 50.07 26.99 -4.43
N ASP D 420 49.59 25.85 -4.96
CA ASP D 420 50.43 25.07 -5.83
C ASP D 420 50.52 25.67 -7.22
N ALA D 421 49.56 26.54 -7.63
CA ALA D 421 49.67 27.23 -8.90
C ALA D 421 50.73 28.31 -8.90
N LEU D 422 51.04 28.87 -7.72
CA LEU D 422 52.13 29.80 -7.61
C LEU D 422 53.46 29.10 -7.75
N ALA D 423 53.59 27.87 -7.23
CA ALA D 423 54.80 27.11 -7.41
C ALA D 423 54.98 26.57 -8.83
N LYS D 424 53.87 26.40 -9.58
CA LYS D 424 53.92 25.96 -10.96
C LYS D 424 53.97 27.13 -11.91
N THR D 425 54.22 28.32 -11.39
CA THR D 425 54.35 29.54 -12.18
C THR D 425 55.72 30.08 -11.92
N VAL D 426 56.17 30.14 -10.66
CA VAL D 426 57.51 30.60 -10.33
C VAL D 426 58.57 29.65 -10.86
N TYR D 427 58.44 28.32 -10.69
CA TYR D 427 59.44 27.42 -11.25
C TYR D 427 59.37 27.34 -12.77
N SER D 428 58.19 27.58 -13.36
CA SER D 428 58.04 27.60 -14.82
C SER D 428 58.76 28.77 -15.46
N HIS D 429 58.72 29.95 -14.81
CA HIS D 429 59.45 31.09 -15.32
C HIS D 429 60.91 31.07 -14.91
N LEU D 430 61.28 30.28 -13.89
CA LEU D 430 62.68 30.12 -13.52
C LEU D 430 63.44 29.30 -14.53
N PHE D 431 62.85 28.22 -15.07
CA PHE D 431 63.50 27.41 -16.08
C PHE D 431 63.61 28.15 -17.42
N ASP D 432 62.63 29.03 -17.71
CA ASP D 432 62.69 29.88 -18.89
C ASP D 432 63.71 31.00 -18.72
N HIS D 433 64.10 31.33 -17.47
CA HIS D 433 65.11 32.33 -17.22
C HIS D 433 66.48 31.73 -17.31
N VAL D 434 66.64 30.44 -16.98
CA VAL D 434 67.91 29.74 -17.09
C VAL D 434 68.26 29.55 -18.55
N VAL D 435 67.30 29.13 -19.38
CA VAL D 435 67.51 28.96 -20.81
C VAL D 435 67.80 30.29 -21.49
N ASN D 436 67.08 31.37 -21.16
CA ASN D 436 67.36 32.68 -21.71
C ASN D 436 68.71 33.24 -21.26
N ARG D 437 69.15 32.95 -20.02
CA ARG D 437 70.47 33.37 -19.56
C ARG D 437 71.58 32.65 -20.29
N VAL D 438 71.40 31.36 -20.59
CA VAL D 438 72.35 30.59 -21.38
C VAL D 438 72.44 31.06 -22.82
N ASN D 439 71.31 31.46 -23.44
CA ASN D 439 71.33 31.99 -24.80
C ASN D 439 71.95 33.38 -24.88
N GLN D 440 72.12 34.07 -23.74
CA GLN D 440 72.79 35.35 -23.69
C GLN D 440 74.25 35.19 -23.41
N CYS D 441 74.73 33.94 -23.23
CA CYS D 441 76.14 33.65 -23.09
C CYS D 441 76.75 33.33 -24.44
N PHE D 442 75.96 33.21 -25.49
CA PHE D 442 76.41 33.03 -26.85
C PHE D 442 75.45 33.68 -27.83
N PRO D 443 75.26 34.99 -27.87
CA PRO D 443 74.32 35.65 -28.75
C PRO D 443 74.61 35.47 -30.23
N PHE D 444 73.62 35.04 -31.03
CA PHE D 444 73.75 34.88 -32.46
C PHE D 444 74.06 36.16 -33.21
N GLU D 445 74.92 36.10 -34.24
CA GLU D 445 75.27 37.26 -35.02
C GLU D 445 74.14 37.72 -35.94
N THR D 446 73.47 36.78 -36.61
CA THR D 446 72.36 37.07 -37.50
C THR D 446 71.57 35.79 -37.67
N SER D 447 70.47 35.82 -38.43
CA SER D 447 69.59 34.69 -38.64
C SER D 447 69.17 34.63 -40.10
N SER D 448 68.98 33.42 -40.63
CA SER D 448 68.57 33.22 -42.01
C SER D 448 68.05 31.80 -42.18
N TYR D 449 68.93 30.81 -42.42
CA TYR D 449 68.59 29.40 -42.51
C TYR D 449 68.97 28.73 -41.20
N PHE D 450 68.47 27.51 -40.93
CA PHE D 450 68.82 26.84 -39.69
C PHE D 450 68.77 25.33 -39.79
N ILE D 451 69.69 24.67 -39.07
CA ILE D 451 69.72 23.23 -38.95
C ILE D 451 69.64 22.97 -37.46
N GLY D 452 68.53 22.41 -36.95
CA GLY D 452 68.40 22.19 -35.51
C GLY D 452 68.23 20.74 -35.17
N VAL D 453 68.38 20.42 -33.88
CA VAL D 453 68.22 19.08 -33.34
C VAL D 453 67.10 19.11 -32.32
N LEU D 454 66.01 18.37 -32.58
CA LEU D 454 64.94 18.20 -31.63
C LEU D 454 65.19 16.90 -30.90
N ASP D 455 65.39 16.94 -29.57
CA ASP D 455 65.57 15.77 -28.76
C ASP D 455 64.48 15.81 -27.70
N ILE D 456 63.81 14.66 -27.49
CA ILE D 456 62.73 14.52 -26.56
C ILE D 456 62.65 13.06 -26.20
N ALA D 457 61.95 12.71 -25.10
CA ALA D 457 61.74 11.35 -24.68
C ALA D 457 60.80 10.61 -25.60
N GLY D 458 61.05 9.32 -25.83
CA GLY D 458 60.22 8.48 -26.67
C GLY D 458 58.94 8.05 -26.03
N PHE D 459 58.30 7.01 -26.54
CA PHE D 459 57.08 6.46 -25.98
C PHE D 459 57.40 5.74 -24.68
N GLU D 460 57.17 6.33 -23.58
CA GLU D 460 57.50 5.85 -22.27
C GLU D 460 56.23 5.56 -21.51
N TYR D 461 56.14 4.39 -20.88
CA TYR D 461 54.96 3.99 -20.14
C TYR D 461 55.34 2.98 -19.09
N PHE D 462 54.53 2.89 -18.04
CA PHE D 462 54.74 2.05 -16.88
C PHE D 462 53.55 1.15 -16.72
N GLU D 463 53.50 0.35 -15.66
CA GLU D 463 52.41 -0.54 -15.38
C GLU D 463 51.11 0.20 -15.09
N HIS D 464 51.17 1.27 -14.32
CA HIS D 464 50.06 2.15 -14.08
C HIS D 464 50.49 3.50 -14.52
N ASN D 465 49.85 4.06 -15.54
CA ASN D 465 50.27 5.30 -16.12
C ASN D 465 49.58 6.51 -15.54
N SER D 466 50.30 7.59 -15.43
CA SER D 466 49.90 8.85 -14.84
C SER D 466 49.57 9.90 -15.87
N PHE D 467 49.23 11.11 -15.40
CA PHE D 467 48.92 12.26 -16.23
C PHE D 467 50.17 12.80 -16.91
N GLU D 468 51.35 12.60 -16.29
CA GLU D 468 52.61 12.99 -16.87
C GLU D 468 52.94 12.15 -18.07
N GLN D 469 52.59 10.84 -18.06
CA GLN D 469 52.85 10.01 -19.20
C GLN D 469 51.76 10.13 -20.25
N PHE D 470 50.60 10.70 -19.89
CA PHE D 470 49.54 10.94 -20.86
C PHE D 470 49.93 12.06 -21.81
N CYS D 471 50.65 13.08 -21.32
CA CYS D 471 51.07 14.15 -22.20
C CYS D 471 52.29 13.77 -23.03
N ILE D 472 53.09 12.79 -22.61
CA ILE D 472 54.23 12.30 -23.38
C ILE D 472 53.76 11.44 -24.54
N ASN D 473 52.82 10.52 -24.29
CA ASN D 473 52.32 9.66 -25.33
C ASN D 473 51.41 10.38 -26.30
N TYR D 474 50.76 11.50 -25.87
CA TYR D 474 50.01 12.37 -26.75
C TYR D 474 50.95 13.19 -27.62
N CYS D 475 52.13 13.58 -27.08
CA CYS D 475 53.12 14.29 -27.87
C CYS D 475 53.76 13.36 -28.89
N ASN D 476 54.01 12.09 -28.53
CA ASN D 476 54.58 11.16 -29.48
C ASN D 476 53.59 10.71 -30.55
N GLU D 477 52.27 10.76 -30.31
CA GLU D 477 51.28 10.43 -31.32
C GLU D 477 51.20 11.52 -32.40
N LYS D 478 51.33 12.81 -32.01
CA LYS D 478 51.36 13.88 -32.98
C LYS D 478 52.67 13.87 -33.79
N LEU D 479 53.78 13.49 -33.14
CA LEU D 479 55.04 13.33 -33.85
C LEU D 479 55.04 12.09 -34.73
N GLN D 480 54.23 11.07 -34.40
CA GLN D 480 54.07 9.89 -35.21
C GLN D 480 53.26 10.19 -36.46
N GLN D 481 52.31 11.15 -36.38
CA GLN D 481 51.57 11.61 -37.53
C GLN D 481 52.49 12.30 -38.52
N PHE D 482 53.33 13.23 -38.05
CA PHE D 482 54.28 13.90 -38.92
C PHE D 482 55.40 12.99 -39.43
N PHE D 483 55.74 11.92 -38.69
CA PHE D 483 56.73 10.96 -39.11
C PHE D 483 56.28 10.20 -40.34
N ASN D 484 55.06 9.64 -40.33
CA ASN D 484 54.55 8.91 -41.47
C ASN D 484 54.20 9.81 -42.65
N GLU D 485 53.94 11.11 -42.38
CA GLU D 485 53.66 12.08 -43.41
C GLU D 485 54.91 12.42 -44.23
N ARG D 486 56.08 12.43 -43.58
CA ARG D 486 57.34 12.68 -44.25
C ARG D 486 57.86 11.45 -44.96
N ILE D 487 57.54 10.24 -44.48
CA ILE D 487 57.95 9.01 -45.12
C ILE D 487 57.22 8.81 -46.42
N LEU D 488 55.90 9.05 -46.45
CA LEU D 488 55.13 8.93 -47.67
C LEU D 488 55.56 9.93 -48.73
N LYS D 489 55.93 11.16 -48.33
CA LYS D 489 56.43 12.13 -49.28
C LYS D 489 57.79 11.76 -49.86
N GLU D 490 58.68 11.13 -49.08
CA GLU D 490 59.95 10.68 -49.62
C GLU D 490 59.83 9.56 -50.64
N GLU D 491 58.93 8.60 -50.40
CA GLU D 491 58.68 7.49 -51.30
C GLU D 491 57.99 7.91 -52.58
N GLN D 492 57.13 8.95 -52.54
CA GLN D 492 56.49 9.44 -53.74
C GLN D 492 57.44 10.20 -54.63
N GLU D 493 58.52 10.79 -54.09
CA GLU D 493 59.49 11.47 -54.91
C GLU D 493 60.71 10.60 -55.17
N LEU D 494 60.68 9.34 -54.73
CA LEU D 494 61.66 8.34 -55.10
C LEU D 494 61.21 7.66 -56.36
N TYR D 495 59.93 7.27 -56.42
CA TYR D 495 59.32 6.63 -57.57
C TYR D 495 59.38 7.51 -58.81
N GLN D 496 59.12 8.82 -58.64
CA GLN D 496 59.27 9.79 -59.70
C GLN D 496 60.71 9.95 -60.16
N LYS D 497 61.69 10.00 -59.22
CA LYS D 497 63.10 10.12 -59.53
C LYS D 497 63.67 8.93 -60.29
N GLU D 498 63.19 7.71 -60.03
CA GLU D 498 63.59 6.51 -60.74
C GLU D 498 62.80 6.29 -62.03
N GLY D 499 61.85 7.18 -62.32
CA GLY D 499 61.08 7.15 -63.56
C GLY D 499 59.93 6.20 -63.56
N LEU D 500 59.46 5.76 -62.41
CA LEU D 500 58.35 4.83 -62.27
C LEU D 500 57.04 5.55 -62.24
N GLY D 501 57.09 6.81 -62.00
CA GLY D 501 55.93 7.64 -61.92
C GLY D 501 55.04 7.44 -60.79
N VAL D 502 53.91 8.00 -60.72
CA VAL D 502 52.94 7.93 -59.68
C VAL D 502 52.20 6.68 -59.59
N ASN D 503 51.88 6.21 -58.39
CA ASN D 503 51.18 5.02 -58.13
C ASN D 503 50.38 5.19 -56.87
N GLU D 504 49.38 4.36 -56.66
CA GLU D 504 48.48 4.41 -55.53
C GLU D 504 49.03 3.68 -54.34
N VAL D 505 49.01 4.27 -53.17
CA VAL D 505 49.48 3.69 -51.95
C VAL D 505 48.48 4.01 -50.88
N HIS D 506 48.22 3.14 -49.96
CA HIS D 506 47.27 3.32 -48.89
C HIS D 506 47.89 3.95 -47.67
N TYR D 507 47.31 4.98 -47.13
CA TYR D 507 47.82 5.67 -45.98
C TYR D 507 47.03 5.38 -44.76
N VAL D 508 47.68 5.24 -43.63
CA VAL D 508 47.08 5.00 -42.39
C VAL D 508 46.86 6.17 -41.56
N ASP D 509 45.72 6.45 -41.12
CA ASP D 509 45.39 7.58 -40.38
C ASP D 509 45.35 7.34 -38.88
N ASN D 510 45.70 8.37 -38.09
CA ASN D 510 45.64 8.34 -36.64
C ASN D 510 44.93 9.57 -36.11
N GLN D 511 44.21 10.28 -36.99
CA GLN D 511 43.49 11.49 -36.68
C GLN D 511 42.34 11.24 -35.73
N ASP D 512 41.73 10.04 -35.78
CA ASP D 512 40.68 9.64 -34.89
C ASP D 512 41.17 9.47 -33.45
N CYS D 513 42.45 9.15 -33.22
CA CYS D 513 43.03 9.08 -31.89
C CYS D 513 43.31 10.49 -31.37
N ILE D 514 43.68 11.41 -32.28
CA ILE D 514 43.94 12.80 -31.95
C ILE D 514 42.64 13.49 -31.59
N ASP D 515 41.60 13.37 -32.41
CA ASP D 515 40.27 13.90 -32.12
C ASP D 515 39.71 13.37 -30.80
N LEU D 516 39.95 12.09 -30.46
CA LEU D 516 39.55 11.51 -29.18
C LEU D 516 40.17 12.25 -28.00
N ILE D 517 41.49 12.49 -28.04
CA ILE D 517 42.17 13.19 -26.97
C ILE D 517 41.90 14.70 -26.93
N GLU D 518 41.99 15.42 -28.08
CA GLU D 518 41.94 16.87 -28.05
C GLU D 518 40.82 17.60 -28.77
N ALA D 519 39.81 16.94 -29.36
CA ALA D 519 38.74 17.68 -30.05
C ALA D 519 37.89 18.61 -29.17
N ARG D 520 37.45 19.74 -29.74
CA ARG D 520 36.64 20.71 -29.05
C ARG D 520 35.34 20.16 -28.54
N LEU D 521 35.07 20.37 -27.25
CA LEU D 521 33.88 19.98 -26.53
C LEU D 521 33.76 18.51 -26.25
N VAL D 522 34.15 17.60 -27.13
CA VAL D 522 34.04 16.18 -26.98
C VAL D 522 35.32 15.47 -26.61
N GLY D 523 36.49 16.08 -26.79
CA GLY D 523 37.77 15.47 -26.47
C GLY D 523 38.00 15.21 -25.00
N ILE D 524 39.00 14.39 -24.67
CA ILE D 524 39.30 14.03 -23.29
C ILE D 524 39.88 15.21 -22.56
N LEU D 525 40.81 15.97 -23.19
CA LEU D 525 41.32 17.17 -22.54
C LEU D 525 40.27 18.26 -22.41
N ASP D 526 39.27 18.31 -23.31
CA ASP D 526 38.20 19.29 -23.23
C ASP D 526 37.20 19.01 -22.11
N ILE D 527 36.97 17.74 -21.75
CA ILE D 527 36.10 17.38 -20.64
C ILE D 527 36.79 17.64 -19.33
N LEU D 528 38.11 17.38 -19.29
CA LEU D 528 38.95 17.57 -18.14
C LEU D 528 39.05 19.04 -17.71
N ASP D 529 39.12 19.96 -18.67
CA ASP D 529 39.18 21.37 -18.40
C ASP D 529 37.80 21.93 -18.02
N GLU D 530 36.72 21.26 -18.44
CA GLU D 530 35.38 21.64 -18.07
C GLU D 530 35.02 21.22 -16.67
N GLU D 531 35.59 20.10 -16.19
CA GLU D 531 35.34 19.57 -14.87
C GLU D 531 35.87 20.49 -13.78
N ASN D 532 36.94 21.23 -14.08
CA ASN D 532 37.49 22.24 -13.21
C ASN D 532 36.51 23.40 -12.99
N ARG D 533 35.70 23.73 -13.99
CA ARG D 533 34.72 24.80 -13.88
C ARG D 533 33.51 24.46 -13.03
N LEU D 534 33.20 23.17 -12.82
CA LEU D 534 32.07 22.74 -12.02
C LEU D 534 32.17 23.16 -10.54
N PRO D 535 31.08 23.40 -9.82
CA PRO D 535 31.13 23.78 -8.42
C PRO D 535 31.68 22.70 -7.53
N GLN D 536 31.71 21.45 -7.94
CA GLN D 536 32.27 20.36 -7.22
C GLN D 536 32.94 19.43 -8.21
N PRO D 537 34.24 19.47 -8.43
CA PRO D 537 34.90 18.59 -9.39
C PRO D 537 34.97 17.16 -8.89
N SER D 538 34.94 16.17 -9.77
CA SER D 538 35.02 14.77 -9.42
C SER D 538 35.84 14.05 -10.45
N ASP D 539 36.34 12.85 -10.11
CA ASP D 539 37.16 12.05 -10.99
C ASP D 539 36.32 10.89 -11.48
N GLN D 540 35.28 10.55 -10.71
CA GLN D 540 34.30 9.58 -11.12
C GLN D 540 33.39 10.20 -12.15
N HIS D 541 33.11 11.51 -12.07
CA HIS D 541 32.32 12.16 -13.08
C HIS D 541 33.11 12.41 -14.35
N PHE D 542 34.44 12.56 -14.25
CA PHE D 542 35.30 12.69 -15.41
C PHE D 542 35.40 11.39 -16.18
N THR D 543 35.50 10.23 -15.49
CA THR D 543 35.65 8.97 -16.19
C THR D 543 34.39 8.55 -16.91
N SER D 544 33.23 8.76 -16.26
CA SER D 544 31.96 8.45 -16.85
C SER D 544 31.59 9.38 -17.97
N ALA D 545 32.12 10.62 -17.99
CA ALA D 545 31.86 11.54 -19.07
C ALA D 545 32.63 11.22 -20.35
N VAL D 546 33.77 10.51 -20.23
CA VAL D 546 34.54 10.09 -21.38
C VAL D 546 33.79 9.02 -22.14
N HIS D 547 33.22 8.04 -21.42
CA HIS D 547 32.45 7.02 -22.11
C HIS D 547 30.99 7.43 -22.29
N GLN D 548 30.61 8.64 -21.83
CA GLN D 548 29.34 9.24 -22.17
C GLN D 548 29.38 9.77 -23.58
N LYS D 549 30.38 10.61 -23.89
CA LYS D 549 30.49 11.23 -25.20
C LYS D 549 31.14 10.34 -26.24
N HIS D 550 32.06 9.44 -25.83
CA HIS D 550 32.68 8.51 -26.74
C HIS D 550 32.27 7.11 -26.38
N LYS D 551 31.09 6.69 -26.73
CA LYS D 551 30.59 5.37 -26.45
C LYS D 551 31.05 4.31 -27.40
N ASP D 552 31.35 4.66 -28.63
CA ASP D 552 31.81 3.76 -29.61
C ASP D 552 33.19 3.90 -29.98
N HIS D 553 33.87 3.71 -30.65
CA HIS D 553 35.18 3.79 -31.13
C HIS D 553 36.11 2.75 -30.69
N PHE D 554 37.00 2.39 -31.49
CA PHE D 554 37.92 1.36 -31.24
C PHE D 554 39.17 1.77 -30.51
N ARG D 555 39.50 3.04 -30.48
CA ARG D 555 40.66 3.56 -29.82
C ARG D 555 40.49 3.69 -28.31
N LEU D 556 39.36 3.24 -27.74
CA LEU D 556 39.04 3.44 -26.35
C LEU D 556 38.15 2.33 -25.85
N SER D 557 38.51 1.69 -24.72
CA SER D 557 37.72 0.64 -24.11
C SER D 557 37.75 0.76 -22.60
N ILE D 558 36.93 -0.07 -21.92
CA ILE D 558 36.89 -0.17 -20.48
C ILE D 558 38.08 -0.98 -19.97
N PRO D 559 38.58 -0.82 -18.73
CA PRO D 559 39.75 -1.55 -18.26
C PRO D 559 39.59 -3.04 -18.20
N ARG D 560 38.38 -3.54 -17.93
CA ARG D 560 38.09 -4.95 -17.80
C ARG D 560 38.14 -5.71 -19.10
N LYS D 561 38.11 -5.00 -20.25
CA LYS D 561 38.24 -5.62 -21.54
C LYS D 561 39.66 -6.06 -21.85
N SER D 562 40.65 -5.53 -21.11
CA SER D 562 42.05 -5.90 -21.23
C SER D 562 42.35 -7.32 -20.84
N LYS D 563 43.34 -7.93 -21.48
CA LYS D 563 43.79 -9.26 -21.18
C LYS D 563 44.65 -9.31 -19.94
N LEU D 564 45.31 -8.22 -19.57
CA LEU D 564 46.17 -8.16 -18.42
C LEU D 564 45.41 -8.07 -17.11
N ALA D 565 45.76 -8.97 -16.18
CA ALA D 565 45.16 -9.10 -14.88
C ALA D 565 45.22 -7.85 -14.04
N ILE D 566 46.36 -7.15 -14.05
CA ILE D 566 46.53 -5.90 -13.33
C ILE D 566 45.55 -4.83 -13.78
N HIS D 567 45.26 -4.76 -15.10
CA HIS D 567 44.31 -3.82 -15.63
C HIS D 567 42.88 -4.25 -15.40
N ARG D 568 42.62 -5.56 -15.25
CA ARG D 568 41.31 -6.05 -14.93
C ARG D 568 40.90 -5.78 -13.49
N ASN D 569 41.84 -5.42 -12.60
CA ASN D 569 41.52 -5.07 -11.23
C ASN D 569 41.06 -3.62 -11.10
N ILE D 570 41.19 -2.81 -12.16
CA ILE D 570 40.77 -1.43 -12.18
C ILE D 570 39.27 -1.33 -12.44
N ARG D 571 38.54 -0.57 -11.60
CA ARG D 571 37.11 -0.39 -11.76
C ARG D 571 36.78 0.59 -12.86
N ASP D 572 35.57 0.49 -13.43
CA ASP D 572 35.12 1.26 -14.56
C ASP D 572 35.27 2.76 -14.42
N ASP D 573 35.07 3.30 -13.22
CA ASP D 573 35.17 4.70 -12.94
C ASP D 573 36.53 5.10 -12.40
N GLU D 574 37.53 4.20 -12.44
CA GLU D 574 38.87 4.45 -11.96
C GLU D 574 39.91 4.50 -13.06
N GLY D 575 39.56 4.28 -14.34
CA GLY D 575 40.54 4.36 -15.41
C GLY D 575 39.98 4.07 -16.78
N PHE D 576 40.84 4.15 -17.81
CA PHE D 576 40.48 3.91 -19.19
C PHE D 576 41.67 3.47 -20.01
N ILE D 577 41.44 2.81 -21.16
CA ILE D 577 42.48 2.30 -22.03
C ILE D 577 42.36 2.98 -23.37
N ILE D 578 43.44 3.65 -23.80
CA ILE D 578 43.51 4.40 -25.04
C ILE D 578 44.52 3.74 -25.95
N ARG D 579 44.11 3.30 -27.16
CA ARG D 579 45.03 2.68 -28.08
C ARG D 579 45.80 3.74 -28.85
N HIS D 580 47.14 3.62 -28.85
CA HIS D 580 48.06 4.52 -29.52
C HIS D 580 48.82 3.68 -30.52
N PHE D 581 49.77 4.29 -31.26
CA PHE D 581 50.61 3.59 -32.24
C PHE D 581 51.41 2.43 -31.66
N ALA D 582 51.82 2.56 -30.39
CA ALA D 582 52.56 1.56 -29.67
C ALA D 582 51.64 0.59 -28.91
N GLY D 583 50.32 0.62 -29.16
CA GLY D 583 49.37 -0.33 -28.58
C GLY D 583 48.43 0.26 -27.57
N ALA D 584 47.83 -0.62 -26.77
CA ALA D 584 46.82 -0.29 -25.79
C ALA D 584 47.44 0.07 -24.44
N VAL D 585 47.33 1.35 -24.05
CA VAL D 585 47.94 1.87 -22.84
C VAL D 585 46.85 2.29 -21.89
N CYS D 586 46.82 1.72 -20.66
CA CYS D 586 45.83 2.07 -19.68
C CYS D 586 46.33 3.25 -18.85
N TYR D 587 45.40 4.11 -18.40
CA TYR D 587 45.69 5.22 -17.53
C TYR D 587 44.69 5.18 -16.40
N GLU D 588 45.12 5.45 -15.16
CA GLU D 588 44.19 5.55 -14.05
C GLU D 588 43.71 6.99 -13.96
N THR D 589 42.51 7.24 -13.41
CA THR D 589 41.97 8.61 -13.37
C THR D 589 42.06 9.23 -12.01
N THR D 590 42.52 8.51 -10.99
CA THR D 590 42.73 9.11 -9.68
C THR D 590 43.83 10.13 -9.73
N GLN D 591 43.56 11.32 -9.22
CA GLN D 591 44.38 12.50 -9.20
C GLN D 591 44.59 13.18 -10.55
N PHE D 592 43.92 12.73 -11.62
CA PHE D 592 44.04 13.31 -12.95
C PHE D 592 43.56 14.74 -13.02
N VAL D 593 42.40 15.03 -12.42
CA VAL D 593 41.84 16.37 -12.42
C VAL D 593 42.62 17.26 -11.49
N GLU D 594 43.05 16.74 -10.34
CA GLU D 594 43.85 17.46 -9.39
C GLU D 594 45.18 17.90 -9.93
N LYS D 595 45.82 17.06 -10.74
CA LYS D 595 47.04 17.40 -11.41
C LYS D 595 46.85 18.36 -12.56
N ASN D 596 45.66 18.43 -13.16
CA ASN D 596 45.37 19.36 -14.23
C ASN D 596 44.98 20.71 -13.68
N ASN D 597 44.25 20.76 -12.56
CA ASN D 597 43.77 21.98 -11.99
C ASN D 597 44.85 22.93 -11.52
N ASP D 598 44.91 24.08 -12.01
CA ASP D 598 45.79 25.14 -11.68
C ASP D 598 44.94 26.35 -11.48
N ALA D 599 44.98 27.17 -10.70
CA ALA D 599 44.19 28.33 -10.41
C ALA D 599 44.96 29.56 -10.13
N LEU D 600 45.81 30.04 -10.95
CA LEU D 600 46.51 31.25 -10.74
C LEU D 600 45.62 32.42 -11.09
N HIS D 601 45.17 33.16 -10.25
CA HIS D 601 44.28 34.26 -10.47
C HIS D 601 44.89 35.58 -10.18
N MET D 602 44.22 36.64 -10.62
CA MET D 602 44.60 38.04 -10.53
C MET D 602 45.22 38.46 -9.22
N SER D 603 44.59 38.13 -8.10
CA SER D 603 45.05 38.45 -6.77
C SER D 603 46.38 37.90 -6.38
N LEU D 604 46.97 37.00 -7.15
CA LEU D 604 48.21 36.37 -6.84
C LEU D 604 49.18 36.53 -7.98
N GLU D 605 48.68 36.58 -9.23
CA GLU D 605 49.51 36.88 -10.36
C GLU D 605 50.02 38.31 -10.34
N SER D 606 49.18 39.26 -9.87
CA SER D 606 49.58 40.64 -9.71
C SER D 606 50.09 40.92 -8.31
N LEU D 607 50.82 39.96 -7.72
CA LEU D 607 51.50 40.17 -6.46
C LEU D 607 52.90 39.67 -6.59
N ILE D 608 53.12 38.53 -7.28
CA ILE D 608 54.48 38.03 -7.46
C ILE D 608 55.23 38.83 -8.51
N CYS D 609 54.50 39.52 -9.40
CA CYS D 609 55.08 40.46 -10.32
C CYS D 609 55.45 41.76 -9.64
N GLU D 610 54.80 42.06 -8.50
CA GLU D 610 55.00 43.30 -7.76
C GLU D 610 56.04 43.18 -6.66
N SER D 611 56.79 42.10 -6.57
CA SER D 611 57.84 41.84 -5.58
C SER D 611 58.85 42.96 -5.35
N ARG D 612 59.35 43.09 -4.11
CA ARG D 612 60.35 44.06 -3.73
C ARG D 612 61.74 43.61 -4.15
N ASP D 613 61.92 42.34 -4.50
CA ASP D 613 63.14 41.77 -5.01
C ASP D 613 63.25 42.03 -6.51
N LYS D 614 64.47 42.22 -7.04
CA LYS D 614 64.65 42.62 -8.41
C LYS D 614 64.83 41.42 -9.30
N PHE D 615 65.46 40.35 -8.79
CA PHE D 615 65.64 39.13 -9.57
C PHE D 615 64.32 38.44 -9.84
N ILE D 616 63.35 38.56 -8.92
CA ILE D 616 62.02 38.02 -9.09
C ILE D 616 61.22 38.76 -10.13
N ARG D 617 61.29 40.11 -10.20
CA ARG D 617 60.58 40.85 -11.22
C ARG D 617 61.11 40.61 -12.62
N GLU D 618 62.39 40.23 -12.75
CA GLU D 618 62.99 39.89 -14.01
C GLU D 618 62.49 38.55 -14.56
N LEU D 619 62.00 37.65 -13.69
CA LEU D 619 61.45 36.37 -14.10
C LEU D 619 60.14 36.51 -14.83
N PHE D 620 59.34 37.54 -14.51
CA PHE D 620 58.02 37.71 -15.06
C PHE D 620 57.98 38.79 -16.13
N GLU D 621 59.10 38.94 -16.87
CA GLU D 621 59.25 39.80 -18.02
C GLU D 621 58.96 41.28 -17.79
N GLY D 635 41.34 41.52 -16.30
CA GLY D 635 40.36 40.83 -15.95
C GLY D 635 39.47 40.38 -17.04
N LYS D 636 38.86 39.24 -16.92
CA LYS D 636 39.35 37.98 -17.40
C LYS D 636 40.69 37.45 -16.89
N LEU D 637 40.94 36.14 -16.82
CA LEU D 637 40.16 34.98 -17.21
C LEU D 637 39.85 34.09 -16.03
N SER D 638 40.18 34.47 -14.84
CA SER D 638 40.01 33.75 -13.60
C SER D 638 40.78 32.53 -13.50
N PHE D 639 40.24 31.41 -13.66
CA PHE D 639 40.88 30.19 -13.55
C PHE D 639 41.65 29.71 -14.71
N ILE D 640 41.55 30.33 -15.78
CA ILE D 640 42.24 30.06 -16.97
C ILE D 640 42.02 28.73 -17.60
N SER D 641 42.58 28.36 -18.56
CA SER D 641 42.46 27.15 -19.27
C SER D 641 43.74 26.33 -19.20
N VAL D 642 43.83 25.43 -18.39
CA VAL D 642 44.97 24.61 -18.07
C VAL D 642 45.20 23.46 -19.01
N GLY D 643 44.12 22.80 -19.47
CA GLY D 643 44.16 21.70 -20.41
C GLY D 643 44.36 22.12 -21.84
N ASN D 644 44.48 23.43 -22.06
CA ASN D 644 44.62 24.02 -23.37
C ASN D 644 46.06 24.42 -23.55
N LYS D 645 46.79 24.73 -22.47
CA LYS D 645 48.19 25.11 -22.56
C LYS D 645 49.06 23.95 -23.06
N PHE D 646 48.64 22.71 -22.79
CA PHE D 646 49.32 21.55 -23.31
C PHE D 646 49.07 21.32 -24.79
N LYS D 647 47.95 21.83 -25.34
CA LYS D 647 47.70 21.66 -26.76
C LYS D 647 48.30 22.83 -27.53
N THR D 648 48.16 24.05 -26.99
CA THR D 648 48.64 25.27 -27.61
C THR D 648 50.14 25.33 -27.74
N GLN D 649 50.90 24.95 -26.70
CA GLN D 649 52.34 24.96 -26.82
C GLN D 649 52.90 23.92 -27.79
N LEU D 650 52.23 22.76 -27.91
CA LEU D 650 52.65 21.74 -28.84
C LEU D 650 52.41 22.12 -30.30
N ASN D 651 51.36 22.89 -30.59
CA ASN D 651 51.09 23.35 -31.93
C ASN D 651 52.10 24.37 -32.43
N LEU D 652 52.86 25.01 -31.51
CA LEU D 652 53.91 25.93 -31.90
C LEU D 652 55.17 25.21 -32.34
N LEU D 653 55.25 23.89 -32.12
CA LEU D 653 56.38 23.11 -32.50
C LEU D 653 56.02 22.25 -33.70
N LEU D 654 54.78 21.74 -33.79
CA LEU D 654 54.37 20.91 -34.90
C LEU D 654 54.31 21.66 -36.22
N ASP D 655 53.85 22.92 -36.23
CA ASP D 655 53.86 23.68 -37.45
C ASP D 655 55.24 24.19 -37.80
N LYS D 656 56.18 24.25 -36.81
CA LYS D 656 57.55 24.55 -37.12
C LYS D 656 58.24 23.37 -37.75
N LEU D 657 57.90 22.14 -37.33
CA LEU D 657 58.42 20.93 -37.94
C LEU D 657 57.88 20.71 -39.35
N ARG D 658 56.64 21.14 -39.62
CA ARG D 658 56.09 21.08 -40.96
C ARG D 658 56.71 22.10 -41.90
N SER D 659 57.27 23.19 -41.37
CA SER D 659 57.90 24.24 -42.16
C SER D 659 59.34 23.94 -42.52
N THR D 660 59.95 22.91 -41.93
CA THR D 660 61.33 22.52 -42.18
C THR D 660 61.41 21.14 -42.77
N GLY D 661 62.58 20.72 -43.28
CA GLY D 661 62.83 19.34 -43.68
C GLY D 661 63.03 18.47 -42.45
N ALA D 662 63.21 17.15 -42.60
CA ALA D 662 63.37 16.30 -41.43
C ALA D 662 64.32 15.13 -41.63
N SER D 663 65.02 14.78 -40.55
CA SER D 663 66.07 13.76 -40.48
C SER D 663 65.91 12.90 -39.23
N PHE D 664 65.01 11.92 -39.27
CA PHE D 664 64.63 11.07 -38.16
C PHE D 664 65.67 10.05 -37.71
N ILE D 665 66.28 10.23 -36.54
CA ILE D 665 67.27 9.35 -35.95
C ILE D 665 66.69 8.65 -34.73
N ARG D 666 66.34 7.36 -34.88
CA ARG D 666 65.77 6.56 -33.81
C ARG D 666 66.90 5.89 -33.04
N CYS D 667 66.92 6.02 -31.70
CA CYS D 667 68.00 5.49 -30.86
C CYS D 667 67.61 4.27 -30.04
N ILE D 668 68.32 3.14 -30.22
CA ILE D 668 68.08 1.85 -29.60
C ILE D 668 69.02 1.55 -28.43
N LYS D 669 68.45 1.17 -27.26
CA LYS D 669 69.15 0.68 -26.09
C LYS D 669 69.22 -0.84 -26.18
N PRO D 670 70.36 -1.54 -26.28
CA PRO D 670 70.36 -2.98 -26.52
C PRO D 670 70.16 -3.85 -25.31
N ASN D 671 70.33 -3.36 -24.07
CA ASN D 671 70.22 -4.19 -22.91
C ASN D 671 69.88 -3.36 -21.68
N LEU D 672 69.30 -3.98 -20.64
CA LEU D 672 68.85 -3.30 -19.46
C LEU D 672 69.96 -2.80 -18.56
N LYS D 673 71.08 -3.52 -18.48
CA LYS D 673 72.20 -3.16 -17.66
C LYS D 673 73.02 -2.01 -18.17
N MET D 674 72.97 -1.76 -19.50
CA MET D 674 73.71 -0.76 -20.22
C MET D 674 75.20 -1.06 -20.22
N THR D 675 75.52 -2.32 -20.56
CA THR D 675 76.88 -2.83 -20.61
C THR D 675 77.21 -3.32 -21.98
N SER D 676 78.48 -3.21 -22.37
CA SER D 676 78.97 -3.56 -23.69
C SER D 676 78.85 -5.01 -24.06
N HIS D 677 78.60 -5.26 -25.36
CA HIS D 677 78.49 -6.57 -25.96
C HIS D 677 77.42 -7.48 -25.41
N HIS D 678 76.21 -6.96 -25.22
CA HIS D 678 75.07 -7.74 -24.78
C HIS D 678 73.85 -7.34 -25.59
N PHE D 679 73.16 -8.31 -26.18
CA PHE D 679 72.00 -8.09 -27.02
C PHE D 679 70.79 -8.75 -26.36
N GLU D 680 69.72 -7.99 -26.09
CA GLU D 680 68.50 -8.53 -25.54
C GLU D 680 67.36 -8.34 -26.53
N GLY D 681 66.90 -9.43 -27.20
CA GLY D 681 65.89 -9.32 -28.25
C GLY D 681 64.48 -9.32 -27.76
N ALA D 682 64.29 -9.28 -26.44
CA ALA D 682 63.01 -9.12 -25.80
C ALA D 682 62.86 -7.69 -25.30
N GLN D 683 63.87 -6.85 -25.54
CA GLN D 683 63.90 -5.45 -25.13
C GLN D 683 64.14 -4.59 -26.36
N ILE D 684 64.91 -5.08 -27.34
CA ILE D 684 65.11 -4.40 -28.60
C ILE D 684 63.83 -4.43 -29.43
N LEU D 685 63.14 -5.59 -29.52
CA LEU D 685 61.92 -5.69 -30.29
C LEU D 685 60.81 -4.80 -29.73
N SER D 686 60.77 -4.60 -28.41
CA SER D 686 59.82 -3.68 -27.80
C SER D 686 60.11 -2.23 -28.13
N GLN D 687 61.36 -1.89 -28.48
CA GLN D 687 61.68 -0.54 -28.90
C GLN D 687 61.48 -0.36 -30.39
N LEU D 688 61.40 -1.44 -31.18
CA LEU D 688 61.06 -1.31 -32.59
C LEU D 688 59.58 -1.04 -32.75
N GLN D 689 58.76 -1.59 -31.84
CA GLN D 689 57.34 -1.40 -31.84
C GLN D 689 56.92 -0.18 -31.05
N CYS D 690 57.84 0.47 -30.31
CA CYS D 690 57.57 1.69 -29.58
C CYS D 690 58.30 2.87 -30.18
N SER D 691 58.98 2.69 -31.32
CA SER D 691 59.64 3.78 -32.02
C SER D 691 58.83 4.27 -33.19
N GLY D 692 57.70 3.60 -33.48
CA GLY D 692 57.04 3.65 -34.77
C GLY D 692 57.71 3.03 -35.94
N MET D 693 58.77 2.21 -35.76
CA MET D 693 59.45 1.60 -36.89
C MET D 693 58.62 0.56 -37.58
N VAL D 694 57.92 -0.29 -36.82
CA VAL D 694 57.08 -1.33 -37.37
C VAL D 694 55.90 -0.75 -38.14
N SER D 695 55.33 0.36 -37.68
CA SER D 695 54.29 1.09 -38.40
C SER D 695 54.74 1.60 -39.76
N VAL D 696 55.97 2.12 -39.88
CA VAL D 696 56.49 2.55 -41.16
C VAL D 696 56.77 1.39 -42.10
N LEU D 697 57.22 0.24 -41.59
CA LEU D 697 57.33 -0.96 -42.41
C LEU D 697 56.02 -1.50 -42.93
N ASP D 698 54.90 -1.26 -42.23
CA ASP D 698 53.56 -1.57 -42.69
C ASP D 698 53.17 -0.67 -43.85
N LEU D 699 53.52 0.63 -43.78
CA LEU D 699 53.28 1.61 -44.81
C LEU D 699 53.99 1.23 -46.10
N MET D 700 55.25 0.78 -46.01
CA MET D 700 56.06 0.46 -47.16
C MET D 700 55.63 -0.81 -47.89
N GLN D 701 54.84 -1.72 -47.26
CA GLN D 701 54.25 -2.84 -47.98
C GLN D 701 53.23 -2.42 -49.02
N GLY D 702 52.56 -1.26 -48.82
CA GLY D 702 51.67 -0.66 -49.79
C GLY D 702 52.32 -0.25 -51.09
N GLY D 703 53.62 0.08 -51.05
CA GLY D 703 54.39 0.48 -52.20
C GLY D 703 55.20 -0.64 -52.78
N PHE D 704 56.50 -0.41 -52.91
CA PHE D 704 57.47 -1.39 -53.38
C PHE D 704 58.55 -1.51 -52.31
N PRO D 705 58.48 -2.37 -51.31
CA PRO D 705 59.39 -2.34 -50.17
C PRO D 705 60.74 -2.93 -50.46
N SER D 706 60.85 -3.77 -51.50
CA SER D 706 62.08 -4.47 -51.85
C SER D 706 62.60 -3.88 -53.13
N ARG D 707 63.87 -3.45 -53.12
CA ARG D 707 64.50 -2.86 -54.27
C ARG D 707 65.97 -3.21 -54.23
N ALA D 708 66.56 -3.58 -55.37
CA ALA D 708 67.94 -3.98 -55.48
C ALA D 708 68.59 -3.30 -56.66
N SER D 709 69.77 -2.68 -56.50
CA SER D 709 70.50 -2.11 -57.62
C SER D 709 70.95 -3.13 -58.65
N PHE D 710 71.34 -2.67 -59.85
CA PHE D 710 71.76 -3.57 -60.92
C PHE D 710 73.03 -4.34 -60.58
N HIS D 711 73.96 -3.70 -59.85
CA HIS D 711 75.18 -4.35 -59.41
C HIS D 711 74.95 -5.38 -58.31
N GLU D 712 73.87 -5.24 -57.53
CA GLU D 712 73.49 -6.23 -56.54
C GLU D 712 72.93 -7.47 -57.19
N LEU D 713 72.01 -7.30 -58.16
CA LEU D 713 71.46 -8.42 -58.91
C LEU D 713 72.45 -9.12 -59.85
N TYR D 714 73.54 -8.44 -60.23
CA TYR D 714 74.60 -9.05 -61.00
C TYR D 714 75.47 -9.95 -60.14
N ASN D 715 75.82 -9.51 -58.91
CA ASN D 715 76.60 -10.33 -57.99
C ASN D 715 75.83 -11.53 -57.46
N MET D 716 74.50 -11.43 -57.34
CA MET D 716 73.69 -12.54 -56.86
C MET D 716 73.48 -13.62 -57.89
N TYR D 717 73.08 -13.25 -59.12
CA TYR D 717 72.51 -14.23 -60.04
C TYR D 717 73.36 -14.58 -61.24
N LYS D 718 74.59 -14.06 -61.39
CA LYS D 718 75.43 -14.40 -62.53
C LYS D 718 75.83 -15.87 -62.63
N LYS D 719 75.99 -16.58 -61.50
CA LYS D 719 76.37 -17.98 -61.50
C LYS D 719 75.34 -18.93 -62.07
N TYR D 720 74.05 -18.58 -62.00
CA TYR D 720 72.99 -19.38 -62.56
C TYR D 720 72.77 -19.17 -64.05
N MET D 721 73.27 -18.06 -64.60
CA MET D 721 73.11 -17.75 -66.01
C MET D 721 74.13 -18.38 -66.94
N PRO D 722 73.83 -18.56 -68.24
CA PRO D 722 74.81 -18.96 -69.25
C PRO D 722 75.97 -18.00 -69.39
N ASP D 723 77.13 -18.47 -69.85
CA ASP D 723 78.33 -17.67 -69.99
C ASP D 723 78.20 -16.48 -70.93
N LYS D 724 77.37 -16.58 -71.97
CA LYS D 724 77.06 -15.48 -72.86
C LYS D 724 76.33 -14.33 -72.20
N LEU D 725 75.32 -14.63 -71.37
CA LEU D 725 74.58 -13.64 -70.64
C LEU D 725 75.38 -13.04 -69.51
N ALA D 726 76.29 -13.83 -68.92
CA ALA D 726 77.17 -13.41 -67.86
C ALA D 726 78.19 -12.36 -68.27
N ARG D 727 78.63 -12.35 -69.53
CA ARG D 727 79.57 -11.39 -70.04
C ARG D 727 79.08 -9.94 -70.06
N LEU D 728 77.77 -9.72 -70.17
CA LEU D 728 77.13 -8.42 -70.17
C LEU D 728 77.36 -7.53 -68.94
N ASP D 729 77.26 -6.20 -69.14
CA ASP D 729 77.24 -5.20 -68.09
C ASP D 729 75.99 -5.29 -67.19
N PRO D 730 76.06 -4.99 -65.88
CA PRO D 730 74.92 -5.10 -64.98
C PRO D 730 73.56 -4.58 -65.42
N ARG D 731 73.44 -3.42 -66.11
CA ARG D 731 72.14 -2.93 -66.56
C ARG D 731 71.56 -3.73 -67.71
N LEU D 732 72.39 -4.17 -68.67
CA LEU D 732 71.92 -4.97 -69.78
C LEU D 732 71.70 -6.42 -69.38
N PHE D 733 72.49 -6.92 -68.42
CA PHE D 733 72.25 -8.19 -67.78
C PHE D 733 70.85 -8.25 -67.15
N CYS D 734 70.47 -7.22 -66.38
CA CYS D 734 69.16 -7.15 -65.77
C CYS D 734 68.04 -6.87 -66.75
N LYS D 735 68.29 -6.09 -67.83
CA LYS D 735 67.29 -5.77 -68.83
C LYS D 735 66.93 -6.98 -69.67
N ALA D 736 67.93 -7.78 -70.05
CA ALA D 736 67.77 -9.02 -70.78
C ALA D 736 67.06 -10.07 -69.96
N LEU D 737 67.38 -10.14 -68.65
CA LEU D 737 66.80 -11.08 -67.72
C LEU D 737 65.34 -10.77 -67.44
N PHE D 738 64.97 -9.48 -67.34
CA PHE D 738 63.60 -9.06 -67.17
C PHE D 738 62.75 -9.36 -68.41
N LYS D 739 63.32 -9.13 -69.61
CA LYS D 739 62.65 -9.38 -70.88
C LYS D 739 62.50 -10.85 -71.18
N ALA D 740 63.54 -11.68 -70.93
CA ALA D 740 63.50 -13.13 -71.07
C ALA D 740 62.37 -13.80 -70.30
N LEU D 741 62.27 -13.50 -69.00
CA LEU D 741 61.28 -14.07 -68.10
C LEU D 741 59.87 -13.57 -68.38
N GLY D 742 59.71 -12.33 -68.87
CA GLY D 742 58.44 -11.81 -69.31
C GLY D 742 57.58 -11.33 -68.19
N LEU D 743 58.21 -10.87 -67.10
CA LEU D 743 57.62 -10.49 -65.83
C LEU D 743 56.51 -9.47 -65.89
N ASN D 744 55.48 -9.65 -65.05
CA ASN D 744 54.34 -8.76 -64.97
C ASN D 744 54.66 -7.34 -64.55
N GLU D 745 54.18 -6.36 -65.32
CA GLU D 745 54.48 -4.95 -65.17
C GLU D 745 54.00 -4.29 -63.91
N ILE D 746 52.94 -4.80 -63.26
CA ILE D 746 52.43 -4.22 -62.04
C ILE D 746 53.10 -4.79 -60.81
N ASP D 747 53.78 -5.96 -60.93
CA ASP D 747 54.48 -6.59 -59.85
C ASP D 747 55.95 -6.26 -59.83
N TYR D 748 56.59 -6.22 -61.01
CA TYR D 748 58.00 -5.95 -61.18
C TYR D 748 58.16 -4.65 -61.96
N LYS D 749 59.09 -3.76 -61.56
CA LYS D 749 59.28 -2.49 -62.22
C LYS D 749 60.76 -2.17 -62.45
N PHE D 750 61.14 -1.88 -63.70
CA PHE D 750 62.49 -1.56 -64.08
C PHE D 750 62.82 -0.07 -63.92
N GLY D 751 63.57 0.31 -62.87
CA GLY D 751 63.92 1.70 -62.59
C GLY D 751 65.12 2.21 -63.32
N LEU D 752 65.82 3.19 -62.72
CA LEU D 752 66.92 3.89 -63.35
C LEU D 752 68.22 3.37 -62.80
N THR D 753 68.29 3.11 -61.49
CA THR D 753 69.44 2.51 -60.85
C THR D 753 69.09 1.22 -60.13
N LYS D 754 67.78 0.95 -59.92
CA LYS D 754 67.33 -0.20 -59.19
C LYS D 754 66.15 -0.87 -59.85
N VAL D 755 65.96 -2.16 -59.57
CA VAL D 755 64.78 -2.90 -59.92
C VAL D 755 63.89 -2.92 -58.69
N PHE D 756 62.61 -2.58 -58.82
CA PHE D 756 61.70 -2.45 -57.69
C PHE D 756 60.75 -3.63 -57.72
N PHE D 757 60.32 -4.10 -56.55
CA PHE D 757 59.49 -5.29 -56.44
C PHE D 757 58.33 -5.04 -55.50
N ARG D 758 57.16 -5.67 -55.77
CA ARG D 758 56.07 -5.77 -54.83
C ARG D 758 56.40 -6.76 -53.71
N PRO D 759 55.69 -6.81 -52.58
CA PRO D 759 55.96 -7.75 -51.50
C PRO D 759 56.01 -9.20 -51.89
N GLY D 760 57.08 -9.92 -51.53
CA GLY D 760 57.23 -11.32 -51.83
C GLY D 760 57.54 -11.67 -53.25
N LYS D 761 58.01 -10.71 -54.07
CA LYS D 761 58.27 -10.95 -55.46
C LYS D 761 59.75 -10.90 -55.78
N PHE D 762 60.59 -10.26 -54.94
CA PHE D 762 62.02 -10.50 -54.92
C PHE D 762 62.33 -11.93 -54.48
N ALA D 763 61.50 -12.46 -53.56
CA ALA D 763 61.58 -13.82 -53.12
C ALA D 763 61.12 -14.81 -54.19
N GLU D 764 60.06 -14.45 -54.93
CA GLU D 764 59.58 -15.24 -56.07
C GLU D 764 60.58 -15.26 -57.20
N PHE D 765 61.22 -14.11 -57.49
CA PHE D 765 62.31 -13.95 -58.43
C PHE D 765 63.50 -14.85 -58.12
N ASP D 766 63.91 -14.93 -56.84
CA ASP D 766 65.00 -15.76 -56.41
C ASP D 766 64.75 -17.27 -56.61
N GLN D 767 63.48 -17.71 -56.61
CA GLN D 767 63.15 -19.10 -56.88
C GLN D 767 63.08 -19.42 -58.36
N ILE D 768 62.80 -18.44 -59.24
CA ILE D 768 62.87 -18.64 -60.68
C ILE D 768 64.29 -18.90 -61.15
N MET D 769 65.28 -18.26 -60.49
CA MET D 769 66.66 -18.47 -60.83
C MET D 769 67.21 -19.77 -60.34
N LYS D 770 66.57 -20.36 -59.33
CA LYS D 770 66.96 -21.61 -58.74
C LYS D 770 66.17 -22.77 -59.31
N SER D 771 65.47 -22.58 -60.39
CA SER D 771 64.64 -23.59 -61.02
C SER D 771 65.22 -24.17 -62.20
N ASP D 772 65.01 -24.90 -62.99
CA ASP D 772 65.45 -25.65 -64.10
C ASP D 772 66.48 -24.98 -65.04
N PRO D 773 67.76 -25.36 -65.02
CA PRO D 773 68.79 -24.70 -65.81
C PRO D 773 68.58 -24.80 -67.31
N ASP D 774 67.94 -25.87 -67.80
CA ASP D 774 67.70 -26.09 -69.21
C ASP D 774 66.59 -25.20 -69.73
N HIS D 775 65.53 -25.01 -68.91
CA HIS D 775 64.43 -24.12 -69.21
C HIS D 775 64.87 -22.66 -69.28
N LEU D 776 65.71 -22.23 -68.32
CA LEU D 776 66.30 -20.90 -68.30
C LEU D 776 67.22 -20.65 -69.50
N ALA D 777 68.03 -21.64 -69.89
CA ALA D 777 68.88 -21.56 -71.06
C ALA D 777 68.11 -21.42 -72.37
N GLU D 778 66.92 -22.03 -72.46
CA GLU D 778 66.08 -21.96 -73.64
C GLU D 778 65.39 -20.60 -73.76
N LEU D 779 65.03 -19.97 -72.63
CA LEU D 779 64.49 -18.62 -72.63
C LEU D 779 65.53 -17.56 -73.00
N VAL D 780 66.81 -17.79 -72.69
CA VAL D 780 67.91 -16.93 -73.11
C VAL D 780 68.20 -17.09 -74.61
N LYS D 781 68.07 -18.30 -75.17
CA LYS D 781 68.12 -18.52 -76.60
C LYS D 781 67.04 -17.77 -77.37
N ARG D 782 65.82 -17.70 -76.82
CA ARG D 782 64.69 -17.05 -77.46
C ARG D 782 64.76 -15.52 -77.46
N VAL D 783 65.63 -14.90 -76.64
CA VAL D 783 65.76 -13.45 -76.61
C VAL D 783 67.07 -13.00 -77.23
N ASN D 784 67.81 -13.92 -77.90
CA ASN D 784 69.13 -13.65 -78.45
C ASN D 784 69.15 -12.64 -79.60
N HIS D 785 68.10 -12.54 -80.43
CA HIS D 785 68.04 -11.54 -81.47
C HIS D 785 67.86 -10.13 -80.92
N TRP D 786 66.91 -9.94 -80.00
CA TRP D 786 66.70 -8.69 -79.28
C TRP D 786 67.94 -8.22 -78.53
N LEU D 787 68.73 -9.15 -77.98
CA LEU D 787 69.92 -8.85 -77.22
C LEU D 787 71.06 -8.36 -78.08
N ILE D 788 71.27 -8.94 -79.28
CA ILE D 788 72.17 -8.39 -80.28
C ILE D 788 71.75 -7.02 -80.76
N CYS D 789 70.45 -6.80 -81.02
CA CYS D 789 69.93 -5.49 -81.41
C CYS D 789 70.05 -4.44 -80.33
N SER D 790 69.88 -4.82 -79.05
CA SER D 790 70.07 -3.92 -77.93
C SER D 790 71.53 -3.55 -77.73
N ARG D 791 72.46 -4.48 -77.95
CA ARG D 791 73.89 -4.24 -77.77
C ARG D 791 74.47 -3.42 -78.91
N TRP D 792 73.84 -3.44 -80.10
CA TRP D 792 74.15 -2.56 -81.21
C TRP D 792 73.73 -1.14 -80.90
N LYS D 793 72.45 -0.93 -80.55
CA LYS D 793 71.92 0.39 -80.24
C LYS D 793 72.56 1.03 -79.02
N LYS D 794 73.14 0.24 -78.11
CA LYS D 794 73.85 0.75 -76.96
C LYS D 794 75.13 1.47 -77.37
N VAL D 795 75.95 0.87 -78.25
CA VAL D 795 77.17 1.51 -78.70
C VAL D 795 76.94 2.54 -79.79
N GLN D 796 75.83 2.43 -80.57
CA GLN D 796 75.49 3.43 -81.57
C GLN D 796 74.96 4.71 -80.96
N TRP D 797 74.04 4.66 -79.98
CA TRP D 797 73.54 5.85 -79.33
C TRP D 797 74.52 6.44 -78.32
N CYS D 798 75.53 5.68 -77.87
CA CYS D 798 76.61 6.21 -77.04
C CYS D 798 77.61 6.99 -77.89
N SER D 799 77.85 6.59 -79.14
CA SER D 799 78.71 7.34 -80.04
C SER D 799 78.04 8.59 -80.55
N LEU D 800 76.72 8.55 -80.77
CA LEU D 800 75.91 9.73 -81.04
C LEU D 800 75.76 10.64 -79.84
N SER D 801 75.98 10.14 -78.62
CA SER D 801 75.99 10.98 -77.43
C SER D 801 77.25 11.80 -77.36
N VAL D 802 78.42 11.22 -77.67
CA VAL D 802 79.69 11.95 -77.69
C VAL D 802 79.72 13.01 -78.78
N ILE D 803 79.12 12.74 -79.95
CA ILE D 803 78.97 13.70 -81.03
C ILE D 803 77.99 14.82 -80.71
N LYS D 804 76.90 14.56 -79.95
CA LYS D 804 76.02 15.63 -79.52
C LYS D 804 76.61 16.49 -78.41
N LEU D 805 77.57 15.96 -77.62
CA LEU D 805 78.28 16.76 -76.65
C LEU D 805 79.46 17.48 -77.27
N LYS D 806 79.95 17.03 -78.44
CA LYS D 806 80.89 17.78 -79.26
C LYS D 806 80.19 18.95 -79.94
N ASN D 807 78.96 18.73 -80.44
CA ASN D 807 78.13 19.78 -81.00
C ASN D 807 77.62 20.77 -79.95
N LYS D 808 77.57 20.40 -78.66
CA LYS D 808 77.22 21.33 -77.59
C LYS D 808 78.37 22.26 -77.24
N ILE D 809 79.62 21.77 -77.21
CA ILE D 809 80.81 22.57 -76.94
C ILE D 809 81.02 23.66 -77.99
N LYS D 810 80.69 23.36 -79.25
CA LYS D 810 80.76 24.30 -80.35
C LYS D 810 79.61 25.29 -80.35
N TYR D 811 78.36 24.84 -80.16
CA TYR D 811 77.17 25.67 -80.04
C TYR D 811 77.25 26.69 -78.91
N ARG D 812 77.76 26.27 -77.75
CA ARG D 812 77.96 27.13 -76.60
C ARG D 812 79.07 28.14 -76.83
N ALA D 813 80.21 27.71 -77.40
CA ALA D 813 81.30 28.61 -77.73
C ALA D 813 81.05 29.50 -78.95
N GLU D 814 79.89 29.36 -79.61
CA GLU D 814 79.44 30.25 -80.67
C GLU D 814 78.79 31.49 -80.11
N ALA D 815 78.38 31.46 -78.86
CA ALA D 815 77.86 32.59 -78.14
C ALA D 815 78.72 33.13 -77.08
N CYS D 816 79.86 33.03 -77.07
CA CYS D 816 80.75 33.58 -76.15
C CYS D 816 81.16 34.69 -76.63
N GLU E 1 -36.76 16.92 69.56
CA GLU E 1 -36.67 15.85 70.34
C GLU E 1 -37.26 14.74 69.81
N ASP E 2 -36.91 13.60 70.26
CA ASP E 2 -37.37 12.47 69.80
C ASP E 2 -38.72 12.26 70.08
N GLY E 3 -39.40 11.84 69.12
CA GLY E 3 -40.71 11.59 69.22
C GLY E 3 -41.56 12.72 69.09
N LYS E 4 -41.15 13.78 68.97
CA LYS E 4 -41.89 14.95 68.82
C LYS E 4 -42.22 15.32 67.40
N PRO E 5 -43.39 15.75 67.05
CA PRO E 5 -43.76 16.11 65.71
C PRO E 5 -43.03 17.28 65.13
N VAL E 6 -42.66 17.19 63.85
CA VAL E 6 -42.08 18.27 63.10
C VAL E 6 -42.99 18.52 61.91
N TRP E 7 -42.83 19.65 61.22
CA TRP E 7 -43.54 19.92 59.99
C TRP E 7 -42.76 19.29 58.84
N ALA E 8 -43.47 18.71 57.86
CA ALA E 8 -42.91 18.06 56.72
C ALA E 8 -43.34 18.75 55.42
N PRO E 9 -42.45 19.02 54.47
CA PRO E 9 -42.77 19.58 53.15
C PRO E 9 -43.71 18.76 52.28
N HIS E 10 -45.02 19.05 52.22
CA HIS E 10 -45.93 18.30 51.36
C HIS E 10 -46.33 19.19 50.19
N PRO E 11 -46.14 18.83 48.94
CA PRO E 11 -46.40 19.70 47.81
C PRO E 11 -47.77 20.34 47.71
N THR E 12 -48.85 19.63 48.05
CA THR E 12 -50.20 20.13 47.89
C THR E 12 -50.66 20.99 49.02
N ASP E 13 -50.05 20.95 50.19
CA ASP E 13 -50.46 21.65 51.38
C ASP E 13 -49.39 22.56 51.95
N GLY E 14 -48.17 22.54 51.38
CA GLY E 14 -47.04 23.29 51.87
C GLY E 14 -46.34 22.51 52.95
N PHE E 15 -46.95 22.43 54.15
CA PHE E 15 -46.42 21.66 55.25
C PHE E 15 -47.51 20.78 55.84
N GLN E 16 -47.16 19.55 56.26
CA GLN E 16 -48.06 18.67 56.99
C GLN E 16 -47.32 18.09 58.18
N VAL E 17 -48.02 17.39 59.09
CA VAL E 17 -47.42 16.69 60.23
C VAL E 17 -46.54 15.51 59.86
N GLY E 18 -45.53 15.16 60.69
CA GLY E 18 -44.62 14.08 60.36
C GLY E 18 -43.55 13.87 61.40
N ASN E 19 -42.89 12.72 61.34
CA ASN E 19 -41.90 12.29 62.30
C ASN E 19 -40.63 11.87 61.57
N ILE E 20 -39.53 11.77 62.32
CA ILE E 20 -38.21 11.46 61.79
C ILE E 20 -37.84 10.09 62.28
N VAL E 21 -37.62 9.14 61.35
CA VAL E 21 -37.36 7.76 61.69
C VAL E 21 -35.97 7.31 61.27
N ASP E 22 -35.22 8.18 60.58
CA ASP E 22 -33.83 7.93 60.25
C ASP E 22 -33.26 9.28 59.86
N ILE E 23 -31.92 9.40 59.81
CA ILE E 23 -31.27 10.66 59.55
C ILE E 23 -29.88 10.43 59.00
N GLY E 24 -29.35 11.42 58.25
CA GLY E 24 -28.03 11.41 57.69
C GLY E 24 -27.39 12.74 57.87
N PRO E 25 -26.25 13.00 57.31
CA PRO E 25 -25.57 14.27 57.43
C PRO E 25 -26.28 15.48 56.93
N ASP E 26 -27.00 15.39 55.84
CA ASP E 26 -27.68 16.51 55.26
C ASP E 26 -29.18 16.27 55.16
N SER E 27 -29.64 15.06 55.29
CA SER E 27 -31.04 14.71 55.09
C SER E 27 -31.68 14.01 56.26
N LEU E 28 -33.02 14.15 56.34
CA LEU E 28 -33.87 13.55 57.34
C LEU E 28 -34.87 12.67 56.62
N THR E 29 -35.02 11.41 57.06
CA THR E 29 -35.98 10.46 56.52
C THR E 29 -37.32 10.65 57.19
N ILE E 30 -38.20 11.47 56.58
CA ILE E 30 -39.47 11.89 57.13
C ILE E 30 -40.61 10.93 56.87
N GLU E 31 -41.22 10.37 57.93
CA GLU E 31 -42.42 9.56 57.83
C GLU E 31 -43.64 10.42 58.16
N PRO E 32 -44.61 10.67 57.28
CA PRO E 32 -45.81 11.43 57.63
C PRO E 32 -46.65 10.80 58.71
N LEU E 33 -47.42 11.59 59.47
CA LEU E 33 -48.27 11.11 60.54
C LEU E 33 -49.55 10.52 60.02
N ASN E 34 -50.17 11.17 59.05
CA ASN E 34 -51.38 10.74 58.44
C ASN E 34 -51.21 9.74 57.32
N GLN E 35 -50.09 9.73 56.62
CA GLN E 35 -49.78 8.84 55.54
C GLN E 35 -48.57 8.01 55.88
N LYS E 36 -48.69 7.08 56.72
CA LYS E 36 -47.64 6.18 57.10
C LYS E 36 -47.24 5.27 55.98
N GLY E 37 -45.93 5.03 55.81
CA GLY E 37 -45.39 4.24 54.75
C GLY E 37 -45.05 5.00 53.52
N LYS E 38 -45.35 6.27 53.47
CA LYS E 38 -45.01 7.12 52.38
C LYS E 38 -43.59 7.60 52.47
N THR E 39 -42.96 7.58 53.58
CA THR E 39 -41.60 7.89 54.00
C THR E 39 -40.65 8.52 52.99
N PHE E 40 -40.62 9.85 52.90
CA PHE E 40 -39.76 10.57 51.96
C PHE E 40 -38.49 11.11 52.60
N LEU E 41 -37.71 11.90 51.84
CA LEU E 41 -36.47 12.51 52.28
C LEU E 41 -36.63 14.01 52.25
N ALA E 42 -36.00 14.72 53.20
CA ALA E 42 -36.06 16.16 53.27
C ALA E 42 -34.77 16.69 53.88
N LEU E 43 -34.36 17.91 53.51
CA LEU E 43 -33.12 18.49 53.98
C LEU E 43 -33.25 19.24 55.28
N ILE E 44 -32.12 19.51 55.95
CA ILE E 44 -32.02 20.17 57.25
C ILE E 44 -32.72 21.51 57.36
N ASN E 45 -32.76 22.27 56.27
CA ASN E 45 -33.36 23.57 56.20
C ASN E 45 -34.81 23.52 55.74
N GLN E 46 -35.36 22.34 55.48
CA GLN E 46 -36.72 22.20 55.00
C GLN E 46 -37.68 21.70 56.05
N VAL E 47 -37.20 21.40 57.26
CA VAL E 47 -38.00 20.89 58.36
C VAL E 47 -38.10 21.93 59.46
N PHE E 48 -39.22 21.94 60.21
CA PHE E 48 -39.45 22.92 61.26
C PHE E 48 -40.11 22.26 62.45
N PRO E 49 -39.81 22.61 63.69
CA PRO E 49 -40.47 22.05 64.87
C PRO E 49 -41.92 22.49 65.00
N ALA E 50 -42.81 21.56 65.40
CA ALA E 50 -44.23 21.82 65.54
C ALA E 50 -44.62 21.81 67.00
N GLU E 51 -45.70 22.50 67.35
CA GLU E 51 -46.22 22.54 68.71
C GLU E 51 -47.02 21.32 69.08
N GLU E 52 -47.11 21.01 70.38
CA GLU E 52 -47.85 19.87 70.89
C GLU E 52 -49.35 19.96 70.64
N ASP E 53 -49.96 21.13 70.88
CA ASP E 53 -51.35 21.35 70.60
C ASP E 53 -51.45 22.13 69.31
N SER E 54 -51.82 21.46 68.24
CA SER E 54 -51.95 22.05 66.93
C SER E 54 -53.36 22.40 66.59
N LYS E 55 -54.31 22.00 67.40
CA LYS E 55 -55.72 22.29 67.19
C LYS E 55 -56.12 23.63 67.67
N LYS E 56 -55.43 24.43 68.22
CA LYS E 56 -55.66 25.75 68.72
C LYS E 56 -55.06 26.81 67.83
N ASP E 57 -55.67 27.98 67.74
CA ASP E 57 -55.18 29.11 66.98
C ASP E 57 -54.83 30.23 67.94
N VAL E 58 -54.05 31.21 67.50
CA VAL E 58 -53.65 32.34 68.30
C VAL E 58 -53.88 33.63 67.53
N GLU E 59 -54.42 34.65 68.22
CA GLU E 59 -54.68 35.96 67.65
C GLU E 59 -53.38 36.70 67.45
N ASP E 60 -52.49 36.56 68.44
CA ASP E 60 -51.17 37.11 68.50
C ASP E 60 -50.18 35.97 68.28
N ASN E 61 -49.30 36.10 67.29
CA ASN E 61 -48.40 35.03 66.92
C ASN E 61 -47.17 34.94 67.79
N CYS E 62 -46.96 35.88 68.72
CA CYS E 62 -45.85 35.79 69.66
C CYS E 62 -46.18 34.87 70.82
N SER E 63 -47.41 34.35 70.88
CA SER E 63 -47.84 33.40 71.89
C SER E 63 -47.60 31.97 71.47
N LEU E 64 -46.93 31.73 70.34
CA LEU E 64 -46.54 30.41 69.90
C LEU E 64 -45.26 29.95 70.57
N MET E 65 -45.13 28.64 70.84
CA MET E 65 -43.93 28.07 71.43
C MET E 65 -42.85 27.90 70.39
N TYR E 66 -43.24 27.70 69.14
CA TYR E 66 -42.35 27.64 68.00
C TYR E 66 -42.87 28.63 66.98
N LEU E 67 -42.13 29.71 66.71
CA LEU E 67 -42.51 30.71 65.75
C LEU E 67 -41.70 30.53 64.49
N ASN E 68 -42.35 30.07 63.43
CA ASN E 68 -41.72 29.81 62.16
C ASN E 68 -42.80 29.95 61.10
N GLU E 69 -42.50 29.65 59.85
CA GLU E 69 -43.43 29.92 58.78
C GLU E 69 -44.36 28.74 58.59
N ALA E 70 -43.97 27.55 59.06
CA ALA E 70 -44.86 26.42 59.08
C ALA E 70 -45.91 26.51 60.19
N THR E 71 -45.58 27.11 61.36
CA THR E 71 -46.61 27.30 62.38
C THR E 71 -47.44 28.54 62.13
N LEU E 72 -46.93 29.50 61.34
CA LEU E 72 -47.72 30.62 60.89
C LEU E 72 -48.72 30.20 59.83
N LEU E 73 -48.33 29.26 58.93
CA LEU E 73 -49.19 28.74 57.90
C LEU E 73 -50.33 27.93 58.48
N HIS E 74 -50.06 27.18 59.55
CA HIS E 74 -51.09 26.42 60.22
C HIS E 74 -51.98 27.31 61.06
N ASN E 75 -51.48 28.46 61.56
CA ASN E 75 -52.31 29.38 62.29
C ASN E 75 -53.32 30.06 61.38
N ILE E 76 -52.97 30.37 60.12
CA ILE E 76 -53.90 30.99 59.20
C ILE E 76 -54.68 29.97 58.38
N LYS E 77 -54.52 28.68 58.69
CA LYS E 77 -55.31 27.62 58.10
C LYS E 77 -56.49 27.33 59.01
N VAL E 78 -56.24 27.28 60.33
CA VAL E 78 -57.26 27.12 61.34
C VAL E 78 -58.15 28.35 61.43
N ARG E 79 -57.56 29.55 61.35
CA ARG E 79 -58.33 30.78 61.39
C ARG E 79 -59.19 31.00 60.16
N TYR E 80 -58.84 30.41 59.01
CA TYR E 80 -59.63 30.52 57.80
C TYR E 80 -60.97 29.79 57.90
N SER E 81 -61.06 28.68 58.65
CA SER E 81 -62.31 27.98 58.82
C SER E 81 -63.08 28.42 60.04
N LYS E 82 -62.54 29.41 60.77
CA LYS E 82 -63.23 30.07 61.86
C LYS E 82 -63.64 31.47 61.44
N ASP E 83 -63.41 31.81 60.15
CA ASP E 83 -63.68 33.08 59.54
C ASP E 83 -62.99 34.25 60.23
N ARG E 84 -61.76 34.05 60.71
CA ARG E 84 -60.96 35.06 61.36
C ARG E 84 -59.88 35.50 60.40
N ILE E 85 -60.16 36.47 59.56
CA ILE E 85 -59.35 36.91 58.44
C ILE E 85 -58.23 37.87 58.79
N TYR E 86 -58.20 38.44 60.02
CA TYR E 86 -57.15 39.35 60.45
C TYR E 86 -56.28 38.67 61.50
N THR E 87 -54.96 38.81 61.40
CA THR E 87 -53.99 38.14 62.27
C THR E 87 -52.85 39.05 62.70
N TYR E 88 -52.65 39.25 64.03
CA TYR E 88 -51.67 40.16 64.60
C TYR E 88 -50.26 39.59 64.72
N VAL E 89 -49.30 40.06 63.90
CA VAL E 89 -47.90 39.73 64.09
C VAL E 89 -47.18 41.02 64.43
N ALA E 90 -47.02 41.34 65.72
CA ALA E 90 -46.38 42.56 66.18
C ALA E 90 -46.93 43.86 65.63
N ASN E 91 -46.26 44.48 64.69
CA ASN E 91 -46.62 45.71 64.03
C ASN E 91 -47.04 45.44 62.59
N ILE E 92 -47.28 44.17 62.25
CA ILE E 92 -47.64 43.69 60.93
C ILE E 92 -49.01 43.07 60.98
N LEU E 93 -49.92 43.50 60.10
CA LEU E 93 -51.24 42.92 60.02
C LEU E 93 -51.30 42.06 58.78
N ILE E 94 -51.70 40.80 58.97
CA ILE E 94 -51.89 39.81 57.92
C ILE E 94 -53.38 39.66 57.73
N ALA E 95 -53.88 40.10 56.56
CA ALA E 95 -55.27 40.07 56.22
C ALA E 95 -55.46 39.13 55.03
N VAL E 96 -56.43 38.20 55.12
CA VAL E 96 -56.68 37.19 54.11
C VAL E 96 -58.06 37.42 53.51
N ASN E 97 -58.18 37.64 52.18
CA ASN E 97 -59.46 37.93 51.55
C ASN E 97 -60.41 36.74 51.52
N PRO E 98 -61.62 36.77 52.03
CA PRO E 98 -62.48 35.63 52.00
C PRO E 98 -63.37 35.60 50.80
N TYR E 99 -63.48 36.70 50.05
CA TYR E 99 -64.33 36.86 48.90
C TYR E 99 -65.80 36.77 49.26
N PHE E 100 -66.17 37.17 50.45
CA PHE E 100 -67.51 37.15 50.93
C PHE E 100 -67.63 38.18 52.02
N ASP E 101 -68.79 38.79 52.23
CA ASP E 101 -68.98 39.79 53.24
C ASP E 101 -69.33 39.19 54.57
N ILE E 102 -68.47 39.22 55.53
CA ILE E 102 -68.62 38.72 56.87
C ILE E 102 -69.58 39.59 57.68
N PRO E 103 -70.56 39.08 58.41
CA PRO E 103 -71.48 39.90 59.17
C PRO E 103 -70.87 40.71 60.28
N LYS E 104 -71.40 41.91 60.55
CA LYS E 104 -71.12 42.81 61.63
C LYS E 104 -69.74 43.41 61.72
N ILE E 105 -68.80 42.96 60.95
CA ILE E 105 -67.48 43.49 60.99
C ILE E 105 -67.30 44.86 60.42
N TYR E 106 -68.12 45.29 59.54
CA TYR E 106 -68.03 46.60 58.97
C TYR E 106 -68.99 47.56 59.56
N SER E 107 -69.73 47.12 60.57
CA SER E 107 -70.70 47.88 61.28
C SER E 107 -70.19 49.11 62.00
N SER E 108 -71.01 50.18 62.06
CA SER E 108 -70.65 51.42 62.74
C SER E 108 -70.64 51.27 64.23
N GLU E 109 -71.36 50.27 64.78
CA GLU E 109 -71.29 49.96 66.18
C GLU E 109 -69.97 49.30 66.52
N THR E 110 -69.43 48.49 65.58
CA THR E 110 -68.13 47.86 65.69
C THR E 110 -67.02 48.87 65.62
N ILE E 111 -67.18 49.90 64.78
CA ILE E 111 -66.23 51.00 64.64
C ILE E 111 -66.10 51.81 65.92
N LYS E 112 -67.21 52.08 66.60
CA LYS E 112 -67.16 52.85 67.84
C LYS E 112 -66.85 51.97 69.03
N SER E 113 -66.75 50.65 68.83
CA SER E 113 -66.32 49.74 69.86
C SER E 113 -64.82 49.73 69.97
N TYR E 114 -64.12 49.70 68.83
CA TYR E 114 -62.68 49.76 68.77
C TYR E 114 -62.10 51.07 69.23
N GLN E 115 -62.78 52.18 68.90
CA GLN E 115 -62.37 53.53 69.23
C GLN E 115 -61.79 53.76 70.62
N GLY E 116 -60.49 54.09 70.68
CA GLY E 116 -59.78 54.43 71.91
C GLY E 116 -59.36 53.29 72.77
N LYS E 117 -59.61 52.04 72.39
CA LYS E 117 -59.25 50.90 73.19
C LYS E 117 -57.82 50.49 73.07
N SER E 118 -57.18 50.13 73.90
CA SER E 118 -55.80 49.74 73.95
C SER E 118 -55.36 48.79 72.88
N LEU E 119 -54.42 48.52 72.62
CA LEU E 119 -53.90 47.67 71.60
C LEU E 119 -53.64 46.30 72.05
N GLY E 120 -54.08 45.30 71.30
CA GLY E 120 -53.89 43.93 71.59
C GLY E 120 -54.92 43.35 72.45
N THR E 121 -55.70 44.14 73.13
CA THR E 121 -56.77 43.69 73.96
C THR E 121 -58.03 43.54 73.20
N MET E 122 -58.21 44.03 72.10
CA MET E 122 -59.32 43.90 71.21
C MET E 122 -58.95 42.96 70.08
N PRO E 123 -59.85 42.14 69.54
CA PRO E 123 -59.56 41.23 68.44
C PRO E 123 -58.91 41.88 67.23
N PRO E 124 -58.08 41.24 66.44
CA PRO E 124 -57.46 41.84 65.27
C PRO E 124 -58.46 42.26 64.22
N HIS E 125 -58.37 43.50 63.75
CA HIS E 125 -59.24 44.01 62.72
C HIS E 125 -58.51 45.16 62.09
N VAL E 126 -58.98 45.65 60.94
CA VAL E 126 -58.28 46.73 60.24
C VAL E 126 -58.57 48.07 60.88
N PHE E 127 -59.64 48.14 61.66
CA PHE E 127 -59.97 49.33 62.43
C PHE E 127 -59.11 49.46 63.67
N ALA E 128 -58.37 48.42 64.07
CA ALA E 128 -57.48 48.51 65.20
C ALA E 128 -56.12 49.07 64.81
N ILE E 129 -55.87 49.18 63.50
CA ILE E 129 -54.66 49.75 62.97
C ILE E 129 -54.92 51.22 62.74
N ALA E 130 -56.09 51.56 62.18
CA ALA E 130 -56.46 52.93 61.92
C ALA E 130 -56.65 53.75 63.19
N ASP E 131 -57.14 53.13 64.28
CA ASP E 131 -57.26 53.81 65.55
C ASP E 131 -55.92 54.02 66.21
N LYS E 132 -54.97 53.07 66.03
CA LYS E 132 -53.63 53.19 66.53
C LYS E 132 -52.87 54.27 65.80
N ALA E 133 -53.07 54.40 64.48
CA ALA E 133 -52.37 55.40 63.70
C ALA E 133 -52.83 56.82 63.97
N PHE E 134 -54.07 57.03 64.45
CA PHE E 134 -54.48 58.34 64.88
C PHE E 134 -53.84 58.70 66.22
N ARG E 135 -53.71 57.71 67.12
CA ARG E 135 -53.11 57.92 68.40
C ARG E 135 -51.61 58.04 68.35
N ASP E 136 -50.94 57.37 67.40
CA ASP E 136 -49.53 57.55 67.18
C ASP E 136 -49.33 58.56 66.05
N MET E 137 -50.13 59.63 66.10
CA MET E 137 -50.00 60.80 65.28
C MET E 137 -50.03 61.95 66.25
N LYS E 138 -51.20 62.20 66.88
CA LYS E 138 -51.37 63.27 67.83
C LYS E 138 -50.48 63.21 69.06
N VAL E 139 -50.29 62.02 69.68
CA VAL E 139 -49.40 61.86 70.81
C VAL E 139 -47.94 62.00 70.42
N LEU E 140 -47.57 61.38 69.29
CA LEU E 140 -46.22 61.34 68.78
C LEU E 140 -45.73 62.63 68.18
N LYS E 141 -46.64 63.46 67.64
CA LYS E 141 -46.38 64.71 66.97
C LYS E 141 -45.64 64.48 65.66
N LEU E 142 -46.10 63.48 64.90
CA LEU E 142 -45.50 63.08 63.66
C LEU E 142 -46.56 62.50 62.78
N SER E 143 -46.41 62.57 61.45
CA SER E 143 -47.35 62.06 60.48
C SER E 143 -47.22 60.56 60.27
N GLN E 144 -48.28 59.90 59.75
CA GLN E 144 -48.37 58.45 59.65
C GLN E 144 -48.57 57.93 58.24
N SER E 145 -48.27 56.64 58.04
CA SER E 145 -48.42 56.00 56.75
C SER E 145 -48.83 54.55 56.88
N ILE E 146 -49.80 54.14 56.06
CA ILE E 146 -50.32 52.79 56.03
C ILE E 146 -49.80 52.20 54.75
N ILE E 147 -49.06 51.08 54.82
CA ILE E 147 -48.40 50.50 53.67
C ILE E 147 -49.12 49.23 53.28
N VAL E 148 -49.67 49.16 52.06
CA VAL E 148 -50.44 48.03 51.59
C VAL E 148 -49.76 47.37 50.41
N SER E 149 -49.38 46.08 50.56
CA SER E 149 -48.70 45.30 49.53
C SER E 149 -49.61 44.22 48.96
N GLY E 150 -49.04 43.10 48.50
CA GLY E 150 -49.75 41.99 47.89
C GLY E 150 -50.01 42.10 46.43
N GLU E 151 -50.43 40.98 45.85
CA GLU E 151 -50.76 40.83 44.45
C GLU E 151 -52.22 41.13 44.22
N SER E 152 -52.65 41.27 42.95
CA SER E 152 -54.04 41.56 42.64
C SER E 152 -55.00 40.49 43.09
N GLY E 153 -56.15 40.90 43.62
CA GLY E 153 -57.15 40.00 44.15
C GLY E 153 -56.92 39.58 45.57
N ALA E 154 -55.93 40.15 46.25
CA ALA E 154 -55.61 39.82 47.61
C ALA E 154 -56.35 40.68 48.63
N GLY E 155 -57.19 41.63 48.19
CA GLY E 155 -58.01 42.48 49.06
C GLY E 155 -57.39 43.80 49.38
N LYS E 156 -56.39 44.25 48.59
CA LYS E 156 -55.68 45.48 48.86
C LYS E 156 -56.49 46.71 48.51
N THR E 157 -57.46 46.58 47.59
CA THR E 157 -58.41 47.63 47.28
C THR E 157 -59.42 47.77 48.39
N GLU E 158 -59.98 46.65 48.87
CA GLU E 158 -60.98 46.64 49.93
C GLU E 158 -60.43 47.07 51.27
N ASN E 159 -59.18 46.71 51.62
CA ASN E 159 -58.56 47.14 52.87
C ASN E 159 -58.30 48.64 52.89
N THR E 160 -58.03 49.24 51.72
CA THR E 160 -57.82 50.68 51.61
C THR E 160 -59.09 51.44 51.89
N LYS E 161 -60.24 50.94 51.41
CA LYS E 161 -61.52 51.59 51.64
C LYS E 161 -61.98 51.55 53.08
N PHE E 162 -61.62 50.52 53.86
CA PHE E 162 -61.94 50.45 55.27
C PHE E 162 -61.13 51.42 56.11
N VAL E 163 -59.91 51.78 55.66
CA VAL E 163 -59.11 52.77 56.34
C VAL E 163 -59.72 54.14 56.16
N LEU E 164 -60.13 54.51 54.92
CA LEU E 164 -60.72 55.80 54.70
C LEU E 164 -62.12 55.94 55.28
N ARG E 165 -62.82 54.82 55.48
CA ARG E 165 -64.10 54.77 56.17
C ARG E 165 -63.95 55.06 57.64
N TYR E 166 -62.90 54.51 58.29
CA TYR E 166 -62.71 54.70 59.71
C TYR E 166 -62.30 56.13 60.05
N LEU E 167 -61.57 56.81 59.16
CA LEU E 167 -61.15 58.17 59.46
C LEU E 167 -62.25 59.20 59.26
N THR E 168 -63.29 58.93 58.45
CA THR E 168 -64.40 59.86 58.27
C THR E 168 -65.63 59.42 59.00
N GLU E 169 -65.45 58.57 60.02
CA GLU E 169 -66.52 58.11 60.88
C GLU E 169 -66.10 58.24 62.32
N SER E 170 -64.96 57.63 62.70
CA SER E 170 -64.51 57.63 64.08
C SER E 170 -63.97 58.97 64.54
N TYR E 171 -63.20 59.68 63.70
CA TYR E 171 -62.63 60.95 64.10
C TYR E 171 -63.06 62.11 63.24
N GLY E 172 -63.26 61.94 61.92
CA GLY E 172 -63.75 63.01 61.06
C GLY E 172 -65.21 63.23 61.16
N THR E 173 -65.67 64.32 61.51
CA THR E 173 -67.05 64.72 61.60
C THR E 173 -67.66 65.06 60.45
N GLY E 174 -67.53 65.25 59.42
CA GLY E 174 -68.06 65.55 58.26
C GLY E 174 -67.18 65.45 57.12
N GLN E 175 -66.85 65.56 56.36
CA GLN E 175 -66.04 65.57 55.18
C GLN E 175 -66.22 64.33 54.36
N ASP E 176 -66.97 64.38 53.28
CA ASP E 176 -67.25 63.32 52.37
C ASP E 176 -66.22 63.14 51.29
N ILE E 177 -64.97 62.89 51.69
CA ILE E 177 -63.86 62.69 50.79
C ILE E 177 -63.60 61.23 50.53
N ASP E 178 -64.02 60.35 51.46
CA ASP E 178 -63.82 58.92 51.43
C ASP E 178 -64.20 58.21 50.15
N ASP E 179 -65.36 58.51 49.56
CA ASP E 179 -65.80 57.85 48.37
C ASP E 179 -65.51 58.63 47.11
N ARG E 180 -64.76 59.76 47.17
CA ARG E 180 -64.43 60.42 45.92
C ARG E 180 -63.27 59.71 45.22
N ILE E 181 -62.48 58.94 45.99
CA ILE E 181 -61.45 58.05 45.45
C ILE E 181 -62.11 56.85 44.82
N VAL E 182 -63.09 56.27 45.51
CA VAL E 182 -63.85 55.12 45.06
C VAL E 182 -64.67 55.41 43.81
N GLU E 183 -65.32 56.59 43.74
CA GLU E 183 -66.09 56.99 42.58
C GLU E 183 -65.24 57.24 41.35
N ALA E 184 -63.98 57.69 41.49
CA ALA E 184 -63.14 57.87 40.32
C ALA E 184 -62.06 56.79 40.22
N ASN E 185 -62.35 55.60 40.76
CA ASN E 185 -61.56 54.41 40.56
C ASN E 185 -61.55 53.93 39.10
N PRO E 186 -62.60 53.98 38.27
CA PRO E 186 -62.49 53.52 36.89
C PRO E 186 -61.58 54.36 36.04
N LEU E 187 -61.29 55.62 36.41
CA LEU E 187 -60.33 56.43 35.69
C LEU E 187 -58.92 55.86 35.86
N LEU E 188 -58.58 55.38 37.07
CA LEU E 188 -57.28 54.81 37.30
C LEU E 188 -57.19 53.35 36.89
N GLU E 189 -58.35 52.71 36.65
CA GLU E 189 -58.42 51.38 36.10
C GLU E 189 -58.17 51.38 34.59
N ALA E 190 -58.28 52.56 33.96
CA ALA E 190 -58.01 52.74 32.56
C ALA E 190 -56.60 53.27 32.34
N PHE E 191 -56.27 54.42 32.95
CA PHE E 191 -54.99 55.06 32.78
C PHE E 191 -53.80 54.33 33.41
N GLY E 192 -53.92 53.81 34.65
CA GLY E 192 -52.80 53.23 35.39
C GLY E 192 -52.76 51.73 35.42
N ASN E 193 -53.91 51.07 35.63
CA ASN E 193 -54.00 49.61 35.64
C ASN E 193 -53.81 48.95 34.26
N ALA E 194 -52.95 47.91 34.18
CA ALA E 194 -52.76 47.19 32.93
C ALA E 194 -53.00 45.69 33.12
N LYS E 195 -52.52 44.83 32.19
CA LYS E 195 -52.63 43.39 32.26
C LYS E 195 -51.23 42.79 32.22
N THR E 196 -50.90 41.91 33.18
CA THR E 196 -49.60 41.25 33.25
C THR E 196 -49.84 39.76 33.15
N VAL E 197 -48.78 38.94 33.00
CA VAL E 197 -48.91 37.52 32.80
C VAL E 197 -49.66 36.78 33.91
N ARG E 198 -49.45 37.15 35.17
CA ARG E 198 -50.12 36.54 36.29
C ARG E 198 -51.25 37.35 36.89
N ASN E 199 -51.58 38.53 36.34
CA ASN E 199 -52.66 39.35 36.90
C ASN E 199 -53.43 40.01 35.78
N ASN E 200 -54.77 39.99 35.84
CA ASN E 200 -55.59 40.60 34.81
C ASN E 200 -55.78 42.10 35.02
N ASN E 201 -55.82 42.53 36.29
CA ASN E 201 -55.97 43.92 36.64
C ASN E 201 -54.89 44.25 37.65
N SER E 202 -53.74 44.81 37.23
CA SER E 202 -52.65 45.12 38.13
C SER E 202 -52.36 46.60 38.11
N SER E 203 -52.21 47.22 39.28
CA SER E 203 -51.79 48.61 39.39
C SER E 203 -50.31 48.71 39.15
N ARG E 204 -49.88 49.63 38.30
CA ARG E 204 -48.48 49.74 37.92
C ARG E 204 -47.85 51.01 38.43
N PHE E 205 -48.42 51.61 39.48
CA PHE E 205 -47.94 52.86 40.03
C PHE E 205 -48.07 52.90 41.54
N GLY E 206 -47.26 53.75 42.18
CA GLY E 206 -47.25 53.99 43.61
C GLY E 206 -48.31 54.98 44.02
N LYS E 207 -49.50 54.48 44.33
CA LYS E 207 -50.65 55.26 44.74
C LYS E 207 -50.49 55.76 46.17
N PHE E 208 -50.41 57.09 46.40
CA PHE E 208 -50.23 57.62 47.74
C PHE E 208 -51.37 58.58 48.07
N VAL E 209 -52.54 58.03 48.42
CA VAL E 209 -53.71 58.78 48.85
C VAL E 209 -53.50 59.30 50.26
N GLU E 210 -53.27 60.61 50.47
CA GLU E 210 -53.02 61.14 51.79
C GLU E 210 -54.23 61.90 52.32
N ILE E 211 -54.43 61.85 53.66
CA ILE E 211 -55.52 62.51 54.36
C ILE E 211 -54.96 63.51 55.33
N HIS E 212 -55.16 64.81 55.06
CA HIS E 212 -54.68 65.91 55.86
C HIS E 212 -55.47 66.09 57.15
N PHE E 213 -54.77 66.23 58.29
CA PHE E 213 -55.34 66.52 59.58
C PHE E 213 -54.77 67.81 60.10
N ASN E 214 -55.60 68.71 60.68
CA ASN E 214 -55.12 69.94 61.27
C ASN E 214 -54.76 69.73 62.73
N GLU E 215 -54.24 70.78 63.41
CA GLU E 215 -53.86 70.74 64.80
C GLU E 215 -55.02 70.55 65.76
N LYS E 216 -56.24 70.85 65.31
CA LYS E 216 -57.47 70.65 66.06
C LYS E 216 -58.06 69.28 65.81
N SER E 217 -57.34 68.42 65.10
CA SER E 217 -57.65 67.03 64.84
C SER E 217 -58.86 66.79 63.99
N SER E 218 -59.06 67.59 62.95
CA SER E 218 -60.14 67.41 62.00
C SER E 218 -59.61 67.18 60.62
N VAL E 219 -60.37 66.40 59.81
CA VAL E 219 -60.03 66.11 58.44
C VAL E 219 -60.24 67.35 57.59
N VAL E 220 -59.15 68.00 57.15
CA VAL E 220 -59.22 69.23 56.38
C VAL E 220 -59.06 69.03 54.89
N GLY E 221 -58.71 67.81 54.44
CA GLY E 221 -58.59 67.59 53.02
C GLY E 221 -57.86 66.33 52.71
N GLY E 222 -57.82 65.96 51.43
CA GLY E 222 -57.02 64.83 50.99
C GLY E 222 -56.28 65.19 49.74
N PHE E 223 -55.33 64.34 49.33
CA PHE E 223 -54.56 64.57 48.13
C PHE E 223 -54.11 63.23 47.61
N VAL E 224 -54.13 63.02 46.28
CA VAL E 224 -53.68 61.78 45.68
C VAL E 224 -52.39 62.04 44.95
N SER E 225 -51.31 61.31 45.30
CA SER E 225 -50.04 61.45 44.60
C SER E 225 -49.69 60.14 43.92
N HIS E 226 -49.00 60.19 42.77
CA HIS E 226 -48.62 59.02 42.01
C HIS E 226 -47.12 59.02 41.77
N TYR E 227 -46.48 57.83 41.86
CA TYR E 227 -45.06 57.67 41.64
C TYR E 227 -44.89 56.45 40.78
N LEU E 228 -43.88 56.46 39.88
CA LEU E 228 -43.55 55.40 38.94
C LEU E 228 -44.59 55.14 37.85
N LEU E 229 -44.16 54.58 36.73
CA LEU E 229 -44.97 54.24 35.58
C LEU E 229 -44.08 53.40 34.69
N GLU E 230 -44.61 52.43 33.94
CA GLU E 230 -43.79 51.63 33.07
C GLU E 230 -43.70 52.31 31.73
N LYS E 231 -42.62 53.08 31.52
CA LYS E 231 -42.37 53.82 30.30
C LYS E 231 -42.34 52.95 29.06
N SER E 232 -41.74 51.75 29.18
CA SER E 232 -41.66 50.77 28.12
C SER E 232 -43.00 50.23 27.66
N ARG E 233 -43.93 49.94 28.58
CA ARG E 233 -45.22 49.34 28.30
C ARG E 233 -46.07 50.18 27.37
N ILE E 234 -45.89 51.52 27.42
CA ILE E 234 -46.57 52.47 26.56
C ILE E 234 -46.31 52.18 25.08
N CYS E 235 -45.07 51.78 24.72
CA CYS E 235 -44.74 51.56 23.33
C CYS E 235 -44.50 50.11 22.97
N VAL E 236 -43.99 49.27 23.89
CA VAL E 236 -43.68 47.89 23.58
C VAL E 236 -44.04 46.99 24.74
N GLN E 237 -44.73 45.89 24.47
CA GLN E 237 -45.23 44.98 25.47
C GLN E 237 -44.66 43.63 25.29
N GLY E 238 -44.74 42.76 26.30
CA GLY E 238 -44.33 41.40 26.26
C GLY E 238 -45.30 40.48 25.74
N LYS E 239 -45.09 39.21 25.71
CA LYS E 239 -45.93 38.19 25.28
C LYS E 239 -47.09 37.99 26.03
N GLU E 240 -48.18 38.21 25.49
CA GLU E 240 -49.39 38.10 26.02
C GLU E 240 -49.80 39.09 27.03
N GLU E 241 -49.17 40.19 27.09
CA GLU E 241 -49.50 41.24 27.95
C GLU E 241 -50.26 42.30 27.19
N ARG E 242 -50.82 43.29 27.85
CA ARG E 242 -51.49 44.38 27.20
C ARG E 242 -50.77 45.66 27.54
N ASN E 243 -51.19 46.80 26.93
CA ASN E 243 -50.65 48.10 27.22
C ASN E 243 -51.46 48.62 28.42
N TYR E 244 -51.75 49.93 28.54
CA TYR E 244 -52.67 50.37 29.58
C TYR E 244 -54.09 50.18 29.10
N HIS E 245 -55.06 50.17 30.02
CA HIS E 245 -56.43 49.82 29.70
C HIS E 245 -57.23 50.88 28.98
N ILE E 246 -56.77 52.13 28.95
CA ILE E 246 -57.44 53.18 28.20
C ILE E 246 -57.21 53.03 26.70
N PHE E 247 -56.21 52.23 26.28
CA PHE E 247 -55.94 51.97 24.88
C PHE E 247 -56.71 50.76 24.37
N TYR E 248 -57.65 50.25 25.17
CA TYR E 248 -58.50 49.15 24.75
C TYR E 248 -59.91 49.55 25.05
N ARG E 249 -60.17 50.21 26.20
CA ARG E 249 -61.50 50.68 26.54
C ARG E 249 -61.98 51.82 25.66
N LEU E 250 -61.06 52.67 25.13
CA LEU E 250 -61.46 53.68 24.17
C LEU E 250 -61.74 53.06 22.81
N CYS E 251 -60.98 52.02 22.44
CA CYS E 251 -61.21 51.31 21.19
C CYS E 251 -62.50 50.50 21.22
N ALA E 252 -62.75 49.75 22.31
CA ALA E 252 -63.94 48.97 22.49
C ALA E 252 -65.21 49.78 22.70
N GLY E 253 -65.16 50.81 23.57
CA GLY E 253 -66.35 51.58 23.94
C GLY E 253 -66.71 52.76 23.09
N ALA E 254 -65.87 53.18 22.14
CA ALA E 254 -66.18 54.32 21.30
C ALA E 254 -67.32 54.14 20.32
N SER E 255 -68.19 55.15 20.21
CA SER E 255 -69.27 55.20 19.26
C SER E 255 -68.79 55.65 17.89
N GLU E 256 -69.67 55.71 16.88
CA GLU E 256 -69.28 56.03 15.53
C GLU E 256 -69.33 57.53 15.27
N ASP E 257 -69.88 58.31 16.23
CA ASP E 257 -69.88 59.76 16.18
C ASP E 257 -68.67 60.29 16.95
N ILE E 258 -67.91 59.38 17.56
CA ILE E 258 -66.64 59.65 18.21
C ILE E 258 -65.55 59.09 17.31
N ARG E 259 -65.76 57.92 16.68
CA ARG E 259 -64.76 57.30 15.82
C ARG E 259 -64.46 58.11 14.59
N GLU E 260 -65.43 58.86 14.03
CA GLU E 260 -65.18 59.74 12.91
C GLU E 260 -64.34 60.95 13.28
N ARG E 261 -64.30 61.33 14.58
CA ARG E 261 -63.57 62.48 15.03
C ARG E 261 -62.20 62.15 15.49
N LEU E 262 -61.92 60.91 15.87
CA LEU E 262 -60.62 60.49 16.31
C LEU E 262 -59.93 59.58 15.33
N HIS E 263 -60.64 59.16 14.28
CA HIS E 263 -60.17 58.26 13.23
C HIS E 263 -59.67 56.93 13.74
N LEU E 264 -60.34 56.37 14.74
CA LEU E 264 -59.98 55.10 15.34
C LEU E 264 -60.18 53.90 14.43
N SER E 265 -59.40 52.90 14.53
CA SER E 265 -59.43 51.67 13.77
C SER E 265 -59.11 50.55 14.71
N SER E 266 -59.20 49.29 14.26
CA SER E 266 -58.93 48.13 15.08
C SER E 266 -57.49 47.99 15.55
N PRO E 267 -57.21 47.48 16.74
CA PRO E 267 -55.86 47.40 17.33
C PRO E 267 -54.73 46.80 16.51
N ASP E 268 -55.01 45.97 15.49
CA ASP E 268 -53.99 45.37 14.67
C ASP E 268 -53.18 46.35 13.87
N ASN E 269 -53.79 47.46 13.48
CA ASN E 269 -53.17 48.52 12.79
C ASN E 269 -52.06 49.19 13.59
N PHE E 270 -52.27 49.41 14.89
CA PHE E 270 -51.39 50.21 15.72
C PHE E 270 -50.23 49.44 16.33
N ARG E 271 -48.98 49.89 16.07
CA ARG E 271 -47.76 49.25 16.54
C ARG E 271 -47.60 49.24 18.05
N TYR E 272 -48.23 50.17 18.78
CA TYR E 272 -48.17 50.18 20.22
C TYR E 272 -49.23 49.29 20.85
N LEU E 273 -49.96 48.50 20.04
CA LEU E 273 -50.95 47.57 20.53
C LEU E 273 -50.77 46.19 19.93
N ASN E 274 -50.30 46.07 18.67
CA ASN E 274 -50.15 44.78 18.05
C ASN E 274 -48.97 43.95 18.53
N ARG E 275 -48.00 44.53 19.25
CA ARG E 275 -46.90 43.80 19.85
C ARG E 275 -47.31 42.79 20.89
N GLY E 276 -48.28 43.15 21.75
CA GLY E 276 -48.82 42.28 22.80
C GLY E 276 -50.15 41.69 22.41
N CYS E 277 -51.07 41.60 23.38
CA CYS E 277 -52.40 41.07 23.20
C CYS E 277 -53.38 42.16 22.81
N THR E 278 -54.18 41.93 21.76
CA THR E 278 -55.15 42.90 21.26
C THR E 278 -56.56 42.63 21.73
N ARG E 279 -56.80 41.48 22.38
CA ARG E 279 -58.10 41.08 22.86
C ARG E 279 -58.67 41.96 23.98
N TYR E 280 -60.00 42.14 23.97
CA TYR E 280 -60.73 42.91 24.95
C TYR E 280 -61.27 41.98 26.02
N PHE E 281 -61.49 42.48 27.26
CA PHE E 281 -62.19 41.69 28.25
C PHE E 281 -63.67 41.92 28.04
N ALA E 282 -64.50 40.87 28.12
CA ALA E 282 -65.92 41.02 27.93
C ALA E 282 -66.68 39.83 28.49
N ASN E 283 -68.01 39.91 28.46
CA ASN E 283 -68.90 38.85 28.85
C ASN E 283 -69.84 38.63 27.69
N LYS E 284 -70.66 37.58 27.71
CA LYS E 284 -71.53 37.22 26.61
C LYS E 284 -72.45 38.34 26.12
N GLU E 285 -73.05 39.08 27.04
CA GLU E 285 -73.89 40.20 26.72
C GLU E 285 -73.17 41.36 26.07
N THR E 286 -71.97 41.73 26.56
CA THR E 286 -71.23 42.82 25.98
C THR E 286 -70.47 42.44 24.74
N ASP E 287 -70.18 41.14 24.52
CA ASP E 287 -69.61 40.63 23.29
C ASP E 287 -70.50 40.90 22.07
N LYS E 288 -71.82 41.00 22.28
CA LYS E 288 -72.77 41.36 21.24
C LYS E 288 -72.79 42.85 20.93
N GLN E 289 -72.29 43.69 21.84
CA GLN E 289 -72.34 45.13 21.69
C GLN E 289 -71.08 45.71 21.08
N ILE E 290 -70.02 44.95 20.94
CA ILE E 290 -68.78 45.38 20.31
C ILE E 290 -68.92 45.35 18.80
N LEU E 291 -68.68 46.49 18.13
CA LEU E 291 -68.81 46.64 16.70
C LEU E 291 -67.76 45.89 15.89
N GLN E 292 -68.14 45.45 14.68
CA GLN E 292 -67.31 44.65 13.79
C GLN E 292 -65.97 45.27 13.42
N ASN E 293 -65.95 46.58 13.20
CA ASN E 293 -64.73 47.30 12.86
C ASN E 293 -63.80 47.56 14.03
N ARG E 294 -64.20 47.24 15.27
CA ARG E 294 -63.33 47.33 16.42
C ARG E 294 -62.61 46.01 16.69
N LYS E 295 -63.01 44.93 15.99
CA LYS E 295 -62.46 43.61 16.18
C LYS E 295 -61.20 43.39 15.35
N SER E 296 -60.14 42.86 15.96
CA SER E 296 -58.89 42.52 15.31
C SER E 296 -58.93 41.07 14.84
N PRO E 297 -58.03 40.59 13.98
CA PRO E 297 -57.98 39.18 13.60
C PRO E 297 -57.80 38.27 14.79
N GLU E 298 -56.98 38.65 15.77
CA GLU E 298 -56.81 37.90 17.01
C GLU E 298 -58.11 37.80 17.81
N TYR E 299 -58.91 38.89 17.84
CA TYR E 299 -60.23 38.87 18.43
C TYR E 299 -61.19 37.94 17.70
N LEU E 300 -61.15 37.91 16.36
CA LEU E 300 -61.97 36.99 15.59
C LEU E 300 -61.60 35.53 15.85
N LYS E 301 -60.30 35.21 15.88
CA LYS E 301 -59.78 33.89 16.16
C LYS E 301 -59.99 33.38 17.59
N ALA E 302 -59.65 34.18 18.61
CA ALA E 302 -59.67 33.75 20.00
C ALA E 302 -60.74 34.40 20.88
N GLY E 303 -61.51 35.37 20.38
CA GLY E 303 -62.57 36.02 21.14
C GLY E 303 -62.16 36.82 22.34
N SER E 304 -63.15 37.25 23.12
CA SER E 304 -62.96 38.03 24.33
C SER E 304 -62.23 37.34 25.45
N LEU E 305 -61.53 38.12 26.28
CA LEU E 305 -60.84 37.63 27.45
C LEU E 305 -61.81 37.48 28.60
N LYS E 306 -61.70 36.36 29.33
CA LYS E 306 -62.59 36.02 30.42
C LYS E 306 -62.12 36.52 31.78
N ASP E 307 -62.93 37.36 32.44
CA ASP E 307 -62.67 37.84 33.79
C ASP E 307 -64.03 38.05 34.45
N PRO E 308 -64.24 37.78 35.74
CA PRO E 308 -65.54 37.97 36.35
C PRO E 308 -65.89 39.42 36.58
N LEU E 309 -64.96 40.35 36.53
CA LEU E 309 -65.23 41.74 36.82
C LEU E 309 -64.89 42.64 35.66
N LEU E 310 -63.75 42.45 34.97
CA LEU E 310 -63.37 43.30 33.86
C LEU E 310 -64.25 43.18 32.62
N ASP E 311 -64.67 44.32 32.09
CA ASP E 311 -65.45 44.41 30.88
C ASP E 311 -64.97 45.65 30.16
N ASP E 312 -64.19 45.53 29.08
CA ASP E 312 -63.64 46.71 28.44
C ASP E 312 -64.67 47.56 27.70
N HIS E 313 -65.83 46.98 27.32
CA HIS E 313 -66.90 47.73 26.70
C HIS E 313 -67.77 48.40 27.74
N GLY E 314 -68.13 47.66 28.81
CA GLY E 314 -69.01 48.18 29.85
C GLY E 314 -68.35 49.05 30.85
N ASP E 315 -67.05 48.87 31.14
CA ASP E 315 -66.38 49.74 32.08
C ASP E 315 -65.99 51.05 31.42
N PHE E 316 -66.07 51.18 30.08
CA PHE E 316 -65.88 52.47 29.43
C PHE E 316 -67.08 53.38 29.67
N ILE E 317 -68.26 52.76 29.83
CA ILE E 317 -69.48 53.46 30.17
C ILE E 317 -69.41 53.89 31.62
N ARG E 318 -68.95 53.01 32.52
CA ARG E 318 -68.85 53.38 33.92
C ARG E 318 -67.66 54.27 34.21
N MET E 319 -66.71 54.40 33.27
CA MET E 319 -65.69 55.42 33.29
C MET E 319 -66.26 56.79 32.93
N CYS E 320 -67.11 56.87 31.88
CA CYS E 320 -67.65 58.14 31.47
C CYS E 320 -68.75 58.65 32.38
N THR E 321 -69.38 57.74 33.15
CA THR E 321 -70.29 58.11 34.24
C THR E 321 -69.50 58.74 35.36
N ALA E 322 -68.32 58.18 35.68
CA ALA E 322 -67.46 58.70 36.73
C ALA E 322 -66.78 60.01 36.34
N MET E 323 -66.59 60.29 35.04
CA MET E 323 -66.05 61.58 34.64
C MET E 323 -67.10 62.68 34.71
N LYS E 324 -68.39 62.32 34.67
CA LYS E 324 -69.47 63.24 34.87
C LYS E 324 -69.64 63.58 36.34
N LYS E 325 -69.46 62.57 37.23
CA LYS E 325 -69.52 62.78 38.66
C LYS E 325 -68.34 63.55 39.22
N ILE E 326 -67.10 63.22 38.80
CA ILE E 326 -65.91 63.88 39.31
C ILE E 326 -65.83 65.37 38.99
N GLY E 327 -66.00 65.77 37.71
CA GLY E 327 -65.98 67.17 37.35
C GLY E 327 -65.60 67.47 35.95
N LEU E 328 -65.81 66.56 34.99
CA LEU E 328 -65.41 66.75 33.62
C LEU E 328 -66.61 66.84 32.71
N ASP E 329 -66.65 67.87 31.85
CA ASP E 329 -67.69 68.05 30.86
C ASP E 329 -67.37 67.24 29.61
N ASP E 330 -68.26 67.26 28.60
CA ASP E 330 -68.10 66.41 27.44
C ASP E 330 -67.06 66.95 26.47
N GLU E 331 -66.85 68.27 26.42
CA GLU E 331 -65.78 68.85 25.63
C GLU E 331 -64.43 68.53 26.24
N GLU E 332 -64.27 68.62 27.57
CA GLU E 332 -63.02 68.27 28.22
C GLU E 332 -62.76 66.77 28.23
N LYS E 333 -63.82 65.93 28.25
CA LYS E 333 -63.73 64.50 28.07
C LYS E 333 -63.21 64.11 26.69
N LEU E 334 -63.63 64.83 25.64
CA LEU E 334 -63.16 64.61 24.29
C LEU E 334 -61.70 65.00 24.10
N ASP E 335 -61.19 66.01 24.83
CA ASP E 335 -59.80 66.39 24.74
C ASP E 335 -58.90 65.36 25.46
N LEU E 336 -59.47 64.53 26.35
CA LEU E 336 -58.73 63.45 26.96
C LEU E 336 -58.75 62.21 26.08
N PHE E 337 -59.44 62.26 24.94
CA PHE E 337 -59.45 61.20 23.96
C PHE E 337 -58.63 61.60 22.76
N ARG E 338 -58.45 62.91 22.48
CA ARG E 338 -57.64 63.34 21.35
C ARG E 338 -56.16 63.08 21.58
N VAL E 339 -55.70 63.18 22.83
CA VAL E 339 -54.31 62.91 23.17
C VAL E 339 -54.01 61.42 23.07
N VAL E 340 -54.94 60.56 23.54
CA VAL E 340 -54.78 59.11 23.45
C VAL E 340 -54.73 58.63 22.02
N ALA E 341 -55.62 59.15 21.15
CA ALA E 341 -55.62 58.80 19.75
C ALA E 341 -54.41 59.32 18.98
N GLY E 342 -53.79 60.43 19.44
CA GLY E 342 -52.57 60.93 18.83
C GLY E 342 -51.36 60.08 19.10
N VAL E 343 -51.38 59.29 20.19
CA VAL E 343 -50.32 58.36 20.51
C VAL E 343 -50.39 57.15 19.61
N LEU E 344 -51.61 56.70 19.31
CA LEU E 344 -51.83 55.57 18.43
C LEU E 344 -51.39 55.84 17.00
N HIS E 345 -51.54 57.08 16.52
CA HIS E 345 -51.12 57.40 15.17
C HIS E 345 -49.68 57.90 15.11
N LEU E 346 -48.95 57.88 16.22
CA LEU E 346 -47.55 58.23 16.23
C LEU E 346 -46.68 57.01 16.03
N GLY E 347 -47.08 55.87 16.59
CA GLY E 347 -46.29 54.64 16.57
C GLY E 347 -46.12 53.95 15.26
N ASN E 348 -46.88 54.33 14.24
CA ASN E 348 -46.79 53.73 12.94
C ASN E 348 -45.86 54.49 12.01
N ILE E 349 -45.18 55.54 12.48
CA ILE E 349 -44.24 56.32 11.67
C ILE E 349 -42.88 55.64 11.60
N ASP E 350 -42.42 55.27 10.39
CA ASP E 350 -41.14 54.62 10.16
C ASP E 350 -40.11 55.53 9.53
N PHE E 351 -38.83 55.17 9.71
CA PHE E 351 -37.67 55.94 9.32
C PHE E 351 -36.68 55.12 8.53
N GLU E 352 -36.43 55.50 7.26
CA GLU E 352 -35.44 54.84 6.44
C GLU E 352 -34.12 55.62 6.48
N GLU E 353 -33.13 55.25 5.67
CA GLU E 353 -31.85 55.89 5.60
C GLU E 353 -31.82 56.92 4.48
N ALA E 354 -31.32 58.14 4.74
CA ALA E 354 -31.22 59.19 3.75
C ALA E 354 -30.30 58.88 2.58
N GLY E 355 -30.53 59.45 1.42
CA GLY E 355 -29.78 59.21 0.20
C GLY E 355 -28.48 59.84 0.07
N SER E 356 -27.64 59.81 1.01
CA SER E 356 -26.32 60.32 1.05
C SER E 356 -26.18 61.72 1.01
N THR E 357 -26.84 62.56 1.14
CA THR E 357 -26.84 63.94 1.18
C THR E 357 -26.71 64.49 2.37
N SER E 358 -26.41 64.69 3.09
CA SER E 358 -26.21 65.16 4.28
C SER E 358 -26.32 64.28 5.45
N GLY E 359 -26.20 62.99 5.28
CA GLY E 359 -26.34 62.00 6.31
C GLY E 359 -27.73 61.83 6.83
N GLY E 360 -27.88 61.18 7.93
CA GLY E 360 -29.14 60.94 8.61
C GLY E 360 -30.19 60.08 8.05
N CYS E 361 -31.41 60.29 8.53
CA CYS E 361 -32.59 59.51 8.24
C CYS E 361 -33.71 60.35 7.66
N ASN E 362 -34.64 59.70 6.93
CA ASN E 362 -35.82 60.33 6.38
C ASN E 362 -37.00 59.44 6.73
N LEU E 363 -38.24 59.91 6.58
CA LEU E 363 -39.42 59.09 6.84
C LEU E 363 -39.72 58.20 5.66
N LYS E 364 -40.46 57.09 5.87
CA LYS E 364 -40.88 56.23 4.79
C LYS E 364 -42.08 56.79 4.05
N ASN E 365 -42.22 56.47 2.76
CA ASN E 365 -43.32 56.95 1.93
C ASN E 365 -44.65 56.37 2.31
N LYS E 366 -44.67 55.19 2.94
CA LYS E 366 -45.86 54.58 3.48
C LYS E 366 -46.32 55.25 4.76
N SER E 367 -45.51 56.14 5.32
CA SER E 367 -45.79 56.87 6.54
C SER E 367 -46.18 58.29 6.29
N THR E 368 -46.64 58.63 5.08
CA THR E 368 -46.94 60.00 4.74
C THR E 368 -48.34 60.39 5.11
N GLN E 369 -49.34 59.58 4.77
CA GLN E 369 -50.72 59.87 5.15
C GLN E 369 -50.95 59.62 6.62
N ALA E 370 -50.09 58.82 7.24
CA ALA E 370 -50.10 58.55 8.64
C ALA E 370 -49.59 59.70 9.47
N LEU E 371 -48.85 60.63 8.88
CA LEU E 371 -48.35 61.77 9.55
C LEU E 371 -49.36 62.89 9.45
N GLU E 372 -50.07 62.97 8.32
CA GLU E 372 -51.11 63.95 8.11
C GLU E 372 -52.29 63.79 9.04
N TYR E 373 -52.65 62.54 9.37
CA TYR E 373 -53.71 62.26 10.29
C TYR E 373 -53.28 62.28 11.74
N CYS E 374 -51.99 62.52 12.01
CA CYS E 374 -51.48 62.58 13.37
C CYS E 374 -51.18 64.01 13.78
N ALA E 375 -50.74 64.87 12.85
CA ALA E 375 -50.34 66.21 13.19
C ALA E 375 -51.48 67.13 13.56
N GLU E 376 -52.71 66.84 13.13
CA GLU E 376 -53.85 67.63 13.55
C GLU E 376 -54.38 67.22 14.90
N LEU E 377 -53.97 66.06 15.43
CA LEU E 377 -54.30 65.66 16.77
C LEU E 377 -53.32 66.25 17.76
N LEU E 378 -52.09 66.53 17.32
CA LEU E 378 -51.07 67.13 18.14
C LEU E 378 -50.99 68.64 18.01
N GLY E 379 -51.70 69.25 17.04
CA GLY E 379 -51.73 70.69 16.85
C GLY E 379 -50.47 71.29 16.31
N LEU E 380 -49.78 70.56 15.43
CA LEU E 380 -48.50 70.96 14.87
C LEU E 380 -48.52 70.83 13.36
N ASP E 381 -47.55 71.39 12.68
CA ASP E 381 -47.42 71.32 11.24
C ASP E 381 -46.61 70.11 10.80
N GLN E 382 -47.01 69.45 9.71
CA GLN E 382 -46.42 68.23 9.23
C GLN E 382 -45.02 68.41 8.65
N ASP E 383 -44.67 69.62 8.19
CA ASP E 383 -43.35 69.86 7.65
C ASP E 383 -42.38 70.21 8.75
N ASP E 384 -42.85 70.86 9.84
CA ASP E 384 -42.01 71.16 10.98
C ASP E 384 -41.82 69.94 11.84
N LEU E 385 -42.82 69.04 11.91
CA LEU E 385 -42.70 67.82 12.68
C LEU E 385 -41.73 66.82 12.04
N ARG E 386 -41.65 66.80 10.70
CA ARG E 386 -40.71 65.94 10.00
C ARG E 386 -39.26 66.33 10.25
N VAL E 387 -38.96 67.65 10.34
CA VAL E 387 -37.63 68.13 10.69
C VAL E 387 -37.27 67.77 12.12
N SER E 388 -38.22 67.95 13.04
CA SER E 388 -38.02 67.72 14.45
C SER E 388 -37.87 66.29 14.86
N LEU E 389 -38.37 65.33 14.05
CA LEU E 389 -38.19 63.93 14.32
C LEU E 389 -36.95 63.39 13.63
N THR E 390 -36.21 64.22 12.88
CA THR E 390 -35.02 63.75 12.16
C THR E 390 -33.76 64.51 12.47
N THR E 391 -33.84 65.74 13.02
CA THR E 391 -32.68 66.58 13.28
C THR E 391 -32.39 66.90 14.74
N ARG E 392 -31.14 67.32 14.99
CA ARG E 392 -30.63 67.81 16.23
C ARG E 392 -30.34 69.29 16.00
N VAL E 393 -31.21 70.14 16.53
CA VAL E 393 -31.15 71.58 16.42
C VAL E 393 -30.17 72.16 17.42
N MET E 394 -29.15 72.90 16.96
CA MET E 394 -28.26 73.58 17.86
C MET E 394 -27.87 74.91 17.27
N LEU E 395 -27.06 75.70 17.97
CA LEU E 395 -26.62 76.98 17.49
C LEU E 395 -25.16 77.06 17.47
N THR E 396 -24.62 77.97 16.67
CA THR E 396 -23.22 78.20 16.59
C THR E 396 -22.86 79.53 17.18
N THR E 397 -23.78 80.23 17.75
CA THR E 397 -23.61 81.51 18.35
C THR E 397 -22.90 81.49 19.56
N THR E 404 -25.52 81.11 13.78
CA THR E 404 -26.79 80.76 13.30
C THR E 404 -27.27 79.51 13.96
N VAL E 405 -28.52 79.09 13.70
CA VAL E 405 -29.13 77.92 14.25
C VAL E 405 -29.14 76.84 13.19
N ILE E 406 -28.35 75.78 13.36
CA ILE E 406 -28.22 74.72 12.38
C ILE E 406 -29.04 73.51 12.74
N LYS E 407 -29.27 72.63 11.75
CA LYS E 407 -30.02 71.41 11.90
C LYS E 407 -29.10 70.29 11.47
N VAL E 408 -28.74 69.39 12.39
CA VAL E 408 -27.81 68.29 12.15
C VAL E 408 -28.56 66.98 12.22
N PRO E 409 -28.80 66.21 11.16
CA PRO E 409 -29.60 65.00 11.23
C PRO E 409 -29.12 63.89 12.16
N LEU E 410 -30.06 63.06 12.61
CA LEU E 410 -29.85 61.93 13.49
C LEU E 410 -29.80 60.63 12.74
N LYS E 411 -29.29 59.56 13.37
CA LYS E 411 -29.26 58.23 12.80
C LYS E 411 -30.62 57.56 12.90
N VAL E 412 -30.86 56.51 12.10
CA VAL E 412 -32.11 55.78 12.04
C VAL E 412 -32.55 55.21 13.39
N GLU E 413 -31.63 54.55 14.13
CA GLU E 413 -31.98 54.01 15.42
C GLU E 413 -32.27 55.07 16.47
N GLN E 414 -31.64 56.25 16.35
CA GLN E 414 -31.90 57.35 17.25
C GLN E 414 -33.20 58.05 16.97
N ALA E 415 -33.77 57.88 15.77
CA ALA E 415 -35.04 58.49 15.41
C ALA E 415 -36.19 57.59 15.79
N ASN E 416 -35.97 56.26 15.80
CA ASN E 416 -36.97 55.33 16.29
C ASN E 416 -37.09 55.47 17.80
N ASN E 417 -35.96 55.70 18.49
CA ASN E 417 -35.99 55.91 19.92
C ASN E 417 -36.50 57.29 20.29
N ALA E 418 -36.36 58.30 19.41
CA ALA E 418 -36.89 59.62 19.69
C ALA E 418 -38.38 59.70 19.45
N ARG E 419 -38.90 58.94 18.47
CA ARG E 419 -40.32 58.91 18.20
C ARG E 419 -41.07 58.21 19.31
N ASP E 420 -40.48 57.13 19.87
CA ASP E 420 -41.11 56.51 21.01
C ASP E 420 -40.86 57.30 22.28
N ALA E 421 -39.84 58.19 22.34
CA ALA E 421 -39.64 59.04 23.48
C ALA E 421 -40.67 60.14 23.57
N LEU E 422 -41.25 60.55 22.44
CA LEU E 422 -42.33 61.51 22.43
C LEU E 422 -43.60 60.87 22.98
N ALA E 423 -43.85 59.58 22.68
CA ALA E 423 -44.99 58.90 23.23
C ALA E 423 -44.83 58.56 24.71
N LYS E 424 -43.58 58.47 25.21
CA LYS E 424 -43.31 58.21 26.61
C LYS E 424 -43.14 59.51 27.38
N THR E 425 -43.51 60.63 26.75
CA THR E 425 -43.45 61.94 27.37
C THR E 425 -44.84 62.49 27.37
N VAL E 426 -45.56 62.40 26.23
CA VAL E 426 -46.94 62.84 26.16
C VAL E 426 -47.86 62.03 27.05
N TYR E 427 -47.78 60.68 27.04
CA TYR E 427 -48.63 59.91 27.93
C TYR E 427 -48.21 60.02 29.39
N SER E 428 -46.92 60.31 29.67
CA SER E 428 -46.45 60.52 31.03
C SER E 428 -46.99 61.78 31.65
N HIS E 429 -47.11 62.86 30.85
CA HIS E 429 -47.69 64.10 31.35
C HIS E 429 -49.19 64.07 31.27
N LEU E 430 -49.80 63.15 30.49
CA LEU E 430 -51.24 63.01 30.47
C LEU E 430 -51.76 62.35 31.74
N PHE E 431 -51.06 61.33 32.27
CA PHE E 431 -51.47 60.70 33.52
C PHE E 431 -51.25 61.61 34.72
N ASP E 432 -50.25 62.49 34.66
CA ASP E 432 -50.03 63.50 35.68
C ASP E 432 -51.05 64.63 35.59
N HIS E 433 -51.71 64.80 34.43
CA HIS E 433 -52.76 65.79 34.28
C HIS E 433 -54.08 65.25 34.76
N VAL E 434 -54.30 63.94 34.66
CA VAL E 434 -55.52 63.31 35.14
C VAL E 434 -55.53 63.34 36.66
N VAL E 435 -54.40 62.99 37.31
CA VAL E 435 -54.28 63.04 38.76
C VAL E 435 -54.41 64.45 39.29
N ASN E 436 -53.76 65.45 38.65
CA ASN E 436 -53.92 66.83 39.07
C ASN E 436 -55.32 67.38 38.85
N ARG E 437 -56.05 66.93 37.81
CA ARG E 437 -57.42 67.33 37.59
C ARG E 437 -58.34 66.76 38.65
N VAL E 438 -58.10 65.51 39.09
CA VAL E 438 -58.86 64.89 40.17
C VAL E 438 -58.61 65.56 41.51
N ASN E 439 -57.37 66.00 41.80
CA ASN E 439 -57.07 66.71 43.04
C ASN E 439 -57.65 68.12 43.05
N GLN E 440 -58.08 68.65 41.90
CA GLN E 440 -58.73 69.94 41.82
C GLN E 440 -60.22 69.78 41.91
N CYS E 441 -60.74 68.55 42.02
CA CYS E 441 -62.14 68.30 42.24
C CYS E 441 -62.44 68.19 43.73
N PHE E 442 -61.42 68.17 44.57
CA PHE E 442 -61.55 68.21 46.01
C PHE E 442 -60.39 68.95 46.65
N PRO E 443 -60.19 70.25 46.46
CA PRO E 443 -59.06 70.98 47.00
C PRO E 443 -59.01 71.02 48.52
N PHE E 444 -57.87 70.67 49.13
CA PHE E 444 -57.67 70.70 50.56
C PHE E 444 -57.79 72.09 51.18
N GLU E 445 -58.39 72.20 52.37
CA GLU E 445 -58.54 73.47 53.04
C GLU E 445 -57.24 74.01 53.60
N THR E 446 -56.43 73.14 54.22
CA THR E 446 -55.15 73.51 54.79
C THR E 446 -54.34 72.24 54.96
N SER E 447 -53.10 72.34 55.43
CA SER E 447 -52.20 71.22 55.61
C SER E 447 -51.46 71.34 56.92
N SER E 448 -51.16 70.21 57.56
CA SER E 448 -50.44 70.17 58.82
C SER E 448 -49.90 68.78 59.07
N TYR E 449 -50.71 67.86 59.64
CA TYR E 449 -50.36 66.47 59.84
C TYR E 449 -51.04 65.64 58.78
N PHE E 450 -50.62 64.38 58.57
CA PHE E 450 -51.24 63.56 57.55
C PHE E 450 -51.18 62.08 57.86
N ILE E 451 -52.24 61.35 57.46
CA ILE E 451 -52.30 59.91 57.55
C ILE E 451 -52.57 59.46 56.13
N GLY E 452 -51.60 58.79 55.47
CA GLY E 452 -51.81 58.37 54.09
C GLY E 452 -51.73 56.88 53.93
N VAL E 453 -52.17 56.38 52.76
CA VAL E 453 -52.15 54.99 52.38
C VAL E 453 -51.29 54.84 51.15
N LEU E 454 -50.18 54.10 51.27
CA LEU E 454 -49.36 53.76 50.13
C LEU E 454 -49.76 52.38 49.67
N ASP E 455 -50.26 52.25 48.42
CA ASP E 455 -50.63 50.99 47.84
C ASP E 455 -49.81 50.83 46.57
N ILE E 456 -49.21 49.66 46.39
CA ILE E 456 -48.37 49.36 45.25
C ILE E 456 -48.38 47.85 45.10
N ALA E 457 -47.95 47.33 43.93
CA ALA E 457 -47.86 45.93 43.67
C ALA E 457 -46.73 45.27 44.45
N GLY E 458 -46.93 44.04 44.92
CA GLY E 458 -45.93 43.28 45.66
C GLY E 458 -44.84 42.73 44.81
N PHE E 459 -44.09 41.74 45.30
CA PHE E 459 -43.04 41.07 44.56
C PHE E 459 -43.65 40.21 43.49
N GLU E 460 -43.67 40.63 42.29
CA GLU E 460 -44.31 39.99 41.17
C GLU E 460 -43.24 39.55 40.18
N TYR E 461 -43.30 38.29 39.73
CA TYR E 461 -42.33 37.77 38.81
C TYR E 461 -42.95 36.63 38.02
N PHE E 462 -42.39 36.37 36.84
CA PHE E 462 -42.86 35.39 35.89
C PHE E 462 -41.74 34.43 35.60
N GLU E 463 -41.94 33.49 34.67
CA GLU E 463 -40.95 32.53 34.28
C GLU E 463 -39.75 33.18 33.61
N HIS E 464 -39.98 34.12 32.72
CA HIS E 464 -38.95 34.93 32.12
C HIS E 464 -39.26 36.35 32.46
N ASN E 465 -38.40 37.01 33.20
CA ASN E 465 -38.67 38.33 33.69
C ASN E 465 -38.13 39.43 32.81
N SER E 466 -38.85 40.51 32.70
CA SER E 466 -38.59 41.65 31.87
C SER E 466 -38.03 42.83 32.63
N PHE E 467 -37.81 43.96 31.93
CA PHE E 467 -37.30 45.19 32.50
C PHE E 467 -38.36 45.86 33.36
N GLU E 468 -39.65 45.63 33.06
CA GLU E 468 -40.75 46.15 33.84
C GLU E 468 -40.81 45.48 35.21
N GLN E 469 -40.48 44.18 35.29
CA GLN E 469 -40.46 43.51 36.57
C GLN E 469 -39.16 43.73 37.31
N PHE E 470 -38.11 44.22 36.64
CA PHE E 470 -36.85 44.54 37.30
C PHE E 470 -37.01 45.80 38.13
N CYS E 471 -37.83 46.77 37.68
CA CYS E 471 -38.03 47.96 38.47
C CYS E 471 -39.02 47.75 39.61
N ILE E 472 -39.91 46.74 39.51
CA ILE E 472 -40.84 46.41 40.59
C ILE E 472 -40.11 45.70 41.72
N ASN E 473 -39.26 44.72 41.39
CA ASN E 473 -38.55 43.99 42.41
C ASN E 473 -37.43 44.81 43.03
N TYR E 474 -36.90 45.82 42.32
CA TYR E 474 -35.96 46.77 42.88
C TYR E 474 -36.67 47.75 43.79
N CYS E 475 -37.94 48.11 43.50
CA CYS E 475 -38.71 48.94 44.39
C CYS E 475 -39.12 48.20 45.64
N ASN E 476 -39.45 46.90 45.53
CA ASN E 476 -39.79 46.13 46.71
C ASN E 476 -38.58 45.79 47.57
N GLU E 477 -37.35 45.74 47.04
CA GLU E 477 -36.15 45.53 47.84
C GLU E 477 -35.84 46.75 48.71
N LYS E 478 -36.03 47.97 48.18
CA LYS E 478 -35.84 49.18 48.97
C LYS E 478 -36.92 49.32 50.04
N LEU E 479 -38.17 48.91 49.73
CA LEU E 479 -39.22 48.89 50.72
C LEU E 479 -39.03 47.78 51.73
N GLN E 480 -38.32 46.69 51.38
CA GLN E 480 -37.97 45.63 52.30
C GLN E 480 -36.90 46.07 53.27
N GLN E 481 -36.00 46.97 52.85
CA GLN E 481 -35.01 47.56 53.73
C GLN E 481 -35.67 48.41 54.79
N PHE E 482 -36.60 49.30 54.39
CA PHE E 482 -37.31 50.12 55.35
C PHE E 482 -38.30 49.32 56.22
N PHE E 483 -38.80 48.17 55.73
CA PHE E 483 -39.68 47.32 56.51
C PHE E 483 -38.96 46.71 57.70
N ASN E 484 -37.77 46.12 57.49
CA ASN E 484 -37.02 45.53 58.58
C ASN E 484 -36.42 46.57 59.50
N GLU E 485 -36.21 47.80 59.01
CA GLU E 485 -35.70 48.91 59.80
C GLU E 485 -36.72 49.39 60.82
N ARG E 486 -38.02 49.36 60.45
CA ARG E 486 -39.08 49.75 61.35
C ARG E 486 -39.43 48.65 62.33
N ILE E 487 -39.24 47.37 61.96
CA ILE E 487 -39.50 46.25 62.85
C ILE E 487 -38.48 46.20 63.96
N LEU E 488 -37.19 46.41 63.65
CA LEU E 488 -36.16 46.41 64.68
C LEU E 488 -36.34 47.57 65.65
N LYS E 489 -36.78 48.74 65.18
CA LYS E 489 -37.05 49.85 66.07
C LYS E 489 -38.23 49.62 66.99
N GLU E 490 -39.29 48.93 66.53
CA GLU E 490 -40.42 48.59 67.39
C GLU E 490 -40.06 47.61 68.51
N GLU E 491 -39.23 46.60 68.21
CA GLU E 491 -38.79 45.62 69.18
C GLU E 491 -37.83 46.19 70.20
N GLN E 492 -37.00 47.18 69.82
CA GLN E 492 -36.10 47.80 70.77
C GLN E 492 -36.81 48.71 71.74
N GLU E 493 -37.98 49.25 71.36
CA GLU E 493 -38.74 50.08 72.28
C GLU E 493 -39.87 49.30 72.93
N LEU E 494 -39.94 47.99 72.69
CA LEU E 494 -40.83 47.09 73.39
C LEU E 494 -40.11 46.57 74.61
N TYR E 495 -38.84 46.15 74.43
CA TYR E 495 -37.99 45.65 75.49
C TYR E 495 -37.76 46.69 76.57
N GLN E 496 -37.54 47.95 76.17
CA GLN E 496 -37.44 49.07 77.09
C GLN E 496 -38.74 49.34 77.83
N LYS E 497 -39.89 49.30 77.14
CA LYS E 497 -41.20 49.51 77.74
C LYS E 497 -41.58 48.46 78.78
N GLU E 498 -41.18 47.20 78.58
CA GLU E 498 -41.43 46.11 79.53
C GLU E 498 -40.36 46.06 80.62
N GLY E 499 -39.36 46.94 80.57
CA GLY E 499 -38.33 47.05 81.59
C GLY E 499 -37.21 46.06 81.47
N LEU E 500 -37.02 45.46 80.32
CA LEU E 500 -35.97 44.48 80.06
C LEU E 500 -34.70 45.14 79.63
N GLY E 501 -34.80 46.36 79.24
CA GLY E 501 -33.68 47.12 78.77
C GLY E 501 -33.07 46.74 77.51
N VAL E 502 -31.99 47.25 77.11
CA VAL E 502 -31.30 47.00 75.91
C VAL E 502 -30.60 45.71 75.82
N ASN E 503 -30.56 45.08 74.66
CA ASN E 503 -29.95 43.84 74.43
C ASN E 503 -29.45 43.80 73.00
N GLU E 504 -28.52 42.91 72.69
CA GLU E 504 -27.92 42.78 71.39
C GLU E 504 -28.72 41.92 70.46
N VAL E 505 -28.97 42.33 69.26
CA VAL E 505 -29.71 41.61 68.26
C VAL E 505 -28.98 41.75 66.95
N HIS E 506 -28.94 40.75 66.14
CA HIS E 506 -28.26 40.75 64.87
C HIS E 506 -29.14 41.22 63.74
N TYR E 507 -28.70 42.15 62.95
CA TYR E 507 -29.45 42.71 61.86
C TYR E 507 -28.95 42.22 60.54
N VAL E 508 -29.85 41.95 59.62
CA VAL E 508 -29.56 41.51 58.32
C VAL E 508 -29.52 42.55 57.30
N ASP E 509 -28.52 42.74 56.59
CA ASP E 509 -28.35 43.73 55.64
C ASP E 509 -28.67 43.29 54.22
N ASN E 510 -29.18 44.21 53.38
CA ASN E 510 -29.46 43.98 51.98
C ASN E 510 -28.88 45.10 51.15
N GLN E 511 -27.97 45.90 51.73
CA GLN E 511 -27.34 47.03 51.09
C GLN E 511 -26.44 46.61 49.94
N ASP E 512 -25.84 45.40 50.03
CA ASP E 512 -25.02 44.84 48.99
C ASP E 512 -25.83 44.50 47.74
N CYS E 513 -27.14 44.20 47.85
CA CYS E 513 -28.00 43.97 46.70
C CYS E 513 -28.39 45.31 46.08
N ILE E 514 -28.53 46.35 46.90
CA ILE E 514 -28.85 47.69 46.44
C ILE E 514 -27.67 48.29 45.70
N ASP E 515 -26.46 48.23 46.28
CA ASP E 515 -25.24 48.67 45.63
C ASP E 515 -25.00 47.95 44.30
N LEU E 516 -25.31 46.64 44.21
CA LEU E 516 -25.21 45.88 42.97
C LEU E 516 -26.09 46.48 41.87
N ILE E 517 -27.36 46.77 42.18
CA ILE E 517 -28.26 47.33 41.21
C ILE E 517 -28.02 48.81 40.88
N GLU E 518 -27.83 49.68 41.90
CA GLU E 518 -27.80 51.12 41.66
C GLU E 518 -26.54 51.91 42.00
N ALA E 519 -25.41 51.30 42.43
CA ALA E 519 -24.21 52.08 42.75
C ALA E 519 -23.59 52.85 41.59
N ARG E 520 -23.01 54.03 41.87
CA ARG E 520 -22.38 54.86 40.88
C ARG E 520 -21.23 54.21 40.18
N LEU E 521 -21.26 54.22 38.84
CA LEU E 521 -20.28 53.69 37.94
C LEU E 521 -20.23 52.20 37.85
N VAL E 522 -20.41 51.44 38.90
CA VAL E 522 -20.35 50.00 38.95
C VAL E 522 -21.67 49.29 38.97
N GLY E 523 -22.78 49.97 39.34
CA GLY E 523 -24.09 49.37 39.39
C GLY E 523 -24.65 48.91 38.07
N ILE E 524 -25.71 48.09 38.10
CA ILE E 524 -26.31 47.56 36.88
C ILE E 524 -27.05 48.65 36.15
N LEU E 525 -27.79 49.52 36.84
CA LEU E 525 -28.44 50.64 36.17
C LEU E 525 -27.45 51.67 35.66
N ASP E 526 -26.26 51.81 36.29
CA ASP E 526 -25.24 52.71 35.82
C ASP E 526 -24.53 52.25 34.56
N ILE E 527 -24.38 50.93 34.35
CA ILE E 527 -23.79 50.39 33.14
C ILE E 527 -24.77 50.50 31.99
N LEU E 528 -26.05 50.28 32.28
CA LEU E 528 -27.14 50.35 31.34
C LEU E 528 -27.33 51.74 30.74
N ASP E 529 -27.17 52.79 31.56
CA ASP E 529 -27.29 54.15 31.10
C ASP E 529 -26.03 54.61 30.35
N GLU E 530 -24.89 53.96 30.59
CA GLU E 530 -23.65 54.24 29.89
C GLU E 530 -23.64 53.62 28.51
N GLU E 531 -24.30 52.46 28.34
CA GLU E 531 -24.36 51.75 27.09
C GLU E 531 -25.13 52.52 26.03
N ASN E 532 -26.10 53.35 26.46
CA ASN E 532 -26.83 54.24 25.59
C ASN E 532 -25.93 55.33 24.99
N ARG E 533 -24.90 55.77 25.73
CA ARG E 533 -23.96 56.77 25.25
C ARG E 533 -22.99 56.27 24.21
N LEU E 534 -22.74 54.95 24.12
CA LEU E 534 -21.83 54.38 23.14
C LEU E 534 -22.27 54.59 21.70
N PRO E 535 -21.36 54.70 20.71
CA PRO E 535 -21.73 54.89 19.32
C PRO E 535 -22.47 53.71 18.74
N GLN E 536 -22.41 52.54 19.32
CA GLN E 536 -23.12 51.37 18.91
C GLN E 536 -23.57 50.61 20.14
N PRO E 537 -24.77 50.73 20.65
CA PRO E 537 -25.19 50.01 21.84
C PRO E 537 -25.39 48.53 21.58
N SER E 538 -25.16 47.67 22.57
CA SER E 538 -25.32 46.24 22.44
C SER E 538 -25.89 45.69 23.71
N ASP E 539 -26.46 44.48 23.68
CA ASP E 539 -27.06 43.84 24.83
C ASP E 539 -26.14 42.73 25.26
N GLN E 540 -25.30 42.24 24.33
CA GLN E 540 -24.25 41.30 24.65
C GLN E 540 -23.13 42.03 25.35
N HIS E 541 -22.88 43.30 25.02
CA HIS E 541 -21.88 44.06 25.73
C HIS E 541 -22.35 44.51 27.09
N PHE E 542 -23.66 44.69 27.27
CA PHE E 542 -24.23 45.00 28.57
C PHE E 542 -24.16 43.82 29.52
N THR E 543 -24.41 42.60 29.05
CA THR E 543 -24.42 41.44 29.93
C THR E 543 -23.02 41.08 30.39
N SER E 544 -22.05 41.15 29.48
CA SER E 544 -20.67 40.88 29.80
C SER E 544 -20.05 41.95 30.67
N ALA E 545 -20.55 43.20 30.63
CA ALA E 545 -20.05 44.24 31.49
C ALA E 545 -20.52 44.13 32.93
N VAL E 546 -21.65 43.46 33.17
CA VAL E 546 -22.14 43.23 34.52
C VAL E 546 -21.24 42.24 35.23
N HIS E 547 -20.85 41.15 34.56
CA HIS E 547 -19.94 40.20 35.18
C HIS E 547 -18.49 40.59 34.96
N GLN E 548 -18.21 41.70 34.26
CA GLN E 548 -16.90 42.31 34.23
C GLN E 548 -16.61 43.02 35.53
N LYS E 549 -17.51 43.93 35.94
CA LYS E 549 -17.31 44.73 37.12
C LYS E 549 -17.71 44.01 38.40
N HIS E 550 -18.70 43.11 38.34
CA HIS E 550 -19.11 42.33 39.50
C HIS E 550 -18.79 40.87 39.25
N LYS E 551 -17.57 40.47 39.38
CA LYS E 551 -17.15 39.10 39.18
C LYS E 551 -17.38 38.20 40.36
N ASP E 552 -17.40 38.73 41.55
CA ASP E 552 -17.62 37.98 42.73
C ASP E 552 -18.88 38.22 43.38
N HIS E 553 -19.39 38.15 44.21
CA HIS E 553 -20.56 38.34 44.96
C HIS E 553 -21.56 37.29 44.88
N PHE E 554 -22.26 37.07 45.91
CA PHE E 554 -23.21 36.05 46.02
C PHE E 554 -24.59 36.40 45.54
N ARG E 555 -24.91 37.68 45.41
CA ARG E 555 -26.20 38.13 44.95
C ARG E 555 -26.37 38.05 43.44
N LEU E 556 -25.40 37.49 42.71
CA LEU E 556 -25.40 37.48 41.27
C LEU E 556 -24.65 36.28 40.75
N SER E 557 -25.28 35.51 39.83
CA SER E 557 -24.65 34.36 39.20
C SER E 557 -25.02 34.28 37.75
N ILE E 558 -24.38 33.33 37.02
CA ILE E 558 -24.68 33.03 35.64
C ILE E 558 -25.96 32.20 35.52
N PRO E 559 -26.72 32.21 34.43
CA PRO E 559 -27.97 31.47 34.34
C PRO E 559 -27.84 29.97 34.45
N ARG E 560 -26.73 29.40 33.99
CA ARG E 560 -26.47 27.97 33.99
C ARG E 560 -26.23 27.40 35.37
N LYS E 561 -25.94 28.25 36.37
CA LYS E 561 -25.76 27.83 37.74
C LYS E 561 -27.08 27.48 38.42
N SER E 562 -28.21 27.94 37.85
CA SER E 562 -29.54 27.64 38.34
C SER E 562 -29.93 26.20 38.23
N LYS E 563 -30.76 25.71 39.15
CA LYS E 563 -31.27 24.37 39.15
C LYS E 563 -32.39 24.19 38.15
N LEU E 564 -33.11 25.24 37.80
CA LEU E 564 -34.21 25.18 36.87
C LEU E 564 -33.78 25.05 35.43
N ALA E 565 -34.34 24.05 34.74
CA ALA E 565 -34.04 23.72 33.37
C ALA E 565 -34.29 24.84 32.39
N ILE E 566 -35.39 25.59 32.56
CA ILE E 566 -35.72 26.73 31.74
C ILE E 566 -34.66 27.81 31.80
N HIS E 567 -34.07 28.05 32.98
CA HIS E 567 -33.03 29.02 33.16
C HIS E 567 -31.69 28.52 32.67
N ARG E 568 -31.48 27.20 32.66
CA ARG E 568 -30.27 26.61 32.11
C ARG E 568 -30.20 26.67 30.60
N ASN E 569 -31.31 26.93 29.90
CA ASN E 569 -31.32 27.09 28.46
C ASN E 569 -30.90 28.48 28.02
N ILE E 570 -30.78 29.43 28.96
CA ILE E 570 -30.35 30.80 28.69
C ILE E 570 -28.84 30.87 28.58
N ARG E 571 -28.32 31.48 27.51
CA ARG E 571 -26.89 31.62 27.31
C ARG E 571 -26.32 32.73 28.16
N ASP E 572 -25.01 32.67 28.45
CA ASP E 572 -24.30 33.57 29.33
C ASP E 572 -24.47 35.04 29.02
N ASP E 573 -24.56 35.40 27.73
CA ASP E 573 -24.70 36.76 27.28
C ASP E 573 -26.15 37.14 27.02
N GLU E 574 -27.11 36.29 27.42
CA GLU E 574 -28.52 36.51 27.22
C GLU E 574 -29.30 36.75 28.50
N GLY E 575 -28.66 36.69 29.69
CA GLY E 575 -29.36 36.96 30.93
C GLY E 575 -28.51 36.84 32.17
N PHE E 576 -29.12 37.09 33.34
CA PHE E 576 -28.44 37.03 34.62
C PHE E 576 -29.43 36.74 35.75
N ILE E 577 -28.94 36.25 36.89
CA ILE E 577 -29.75 35.89 38.04
C ILE E 577 -29.32 36.75 39.20
N ILE E 578 -30.27 37.50 39.78
CA ILE E 578 -30.05 38.41 40.88
C ILE E 578 -30.83 37.93 42.08
N ARG E 579 -30.16 37.65 43.21
CA ARG E 579 -30.85 37.19 44.40
C ARG E 579 -31.42 38.37 45.16
N HIS E 580 -32.72 38.30 45.48
CA HIS E 580 -33.46 39.31 46.21
C HIS E 580 -33.98 38.66 47.47
N PHE E 581 -34.73 39.39 48.31
CA PHE E 581 -35.31 38.86 49.54
C PHE E 581 -36.24 37.66 49.33
N ALA E 582 -36.93 37.63 48.18
CA ALA E 582 -37.82 36.56 47.79
C ALA E 582 -37.11 35.47 46.99
N GLY E 583 -35.76 35.50 46.92
CA GLY E 583 -34.97 34.45 46.29
C GLY E 583 -34.28 34.85 45.02
N ALA E 584 -33.89 33.84 44.23
CA ALA E 584 -33.13 34.00 43.01
C ALA E 584 -34.04 34.19 41.81
N VAL E 585 -34.02 35.41 41.22
CA VAL E 585 -34.88 35.78 40.12
C VAL E 585 -34.04 36.02 38.88
N CYS E 586 -34.30 35.28 37.79
CA CYS E 586 -33.55 35.47 36.57
C CYS E 586 -34.22 36.54 35.72
N TYR E 587 -33.42 37.29 34.95
CA TYR E 587 -33.90 38.28 34.02
C TYR E 587 -33.18 38.05 32.71
N GLU E 588 -33.88 38.17 31.57
CA GLU E 588 -33.23 38.08 30.28
C GLU E 588 -32.77 39.47 29.88
N THR E 589 -31.73 39.61 29.04
CA THR E 589 -31.21 40.93 28.69
C THR E 589 -31.61 41.37 27.32
N THR E 590 -32.29 40.52 26.53
CA THR E 590 -32.80 40.95 25.24
C THR E 590 -33.85 42.01 25.39
N GLN E 591 -33.70 43.10 24.66
CA GLN E 591 -34.50 44.30 24.67
C GLN E 591 -34.39 45.17 25.91
N PHE E 592 -33.49 44.85 26.86
CA PHE E 592 -33.31 45.60 28.09
C PHE E 592 -32.81 47.02 27.85
N VAL E 593 -31.82 47.17 26.96
CA VAL E 593 -31.26 48.47 26.65
C VAL E 593 -32.23 49.27 25.80
N GLU E 594 -32.92 48.60 24.86
CA GLU E 594 -33.92 49.22 24.02
C GLU E 594 -35.08 49.78 24.79
N LYS E 595 -35.53 49.08 25.83
CA LYS E 595 -36.56 49.56 26.70
C LYS E 595 -36.11 50.66 27.64
N ASN E 596 -34.81 50.76 27.93
CA ASN E 596 -34.28 51.82 28.75
C ASN E 596 -34.02 53.07 27.96
N ASN E 597 -33.57 52.93 26.71
CA ASN E 597 -33.23 54.05 25.88
C ASN E 597 -34.37 54.97 25.53
N ASP E 598 -34.32 56.17 25.86
CA ASP E 598 -35.24 57.21 25.58
C ASP E 598 -34.46 58.35 25.02
N ALA E 599 -34.68 59.05 24.17
CA ALA E 599 -33.97 60.13 23.56
C ALA E 599 -34.77 61.34 23.28
N LEU E 600 -35.41 61.95 24.19
CA LEU E 600 -36.13 63.15 23.98
C LEU E 600 -35.19 64.32 23.96
N HIS E 601 -34.94 64.93 22.93
CA HIS E 601 -34.02 66.00 22.78
C HIS E 601 -34.68 67.30 22.45
N MET E 602 -33.92 68.39 22.57
CA MET E 602 -34.30 69.77 22.39
C MET E 602 -35.20 70.04 21.20
N SER E 603 -34.84 69.53 20.02
CA SER E 603 -35.60 69.67 18.81
C SER E 603 -36.99 69.13 18.80
N LEU E 604 -37.37 68.37 19.81
CA LEU E 604 -38.67 67.75 19.87
C LEU E 604 -39.34 68.10 21.18
N GLU E 605 -38.57 68.30 22.26
CA GLU E 605 -39.13 68.78 23.50
C GLU E 605 -39.62 70.21 23.38
N SER E 606 -38.91 71.06 22.62
CA SER E 606 -39.33 72.42 22.35
C SER E 606 -40.14 72.53 21.08
N LEU E 607 -40.99 71.53 20.81
CA LEU E 607 -41.93 71.58 19.72
C LEU E 607 -43.28 71.15 20.24
N ILE E 608 -43.34 70.13 21.11
CA ILE E 608 -44.61 69.71 21.67
C ILE E 608 -45.11 70.67 22.73
N CYS E 609 -44.19 71.44 23.32
CA CYS E 609 -44.53 72.53 24.22
C CYS E 609 -45.04 73.73 23.45
N GLU E 610 -44.68 73.86 22.17
CA GLU E 610 -45.03 74.97 21.33
C GLU E 610 -46.30 74.75 20.52
N SER E 611 -47.05 73.70 20.75
CA SER E 611 -48.30 73.35 20.07
C SER E 611 -49.33 74.45 19.93
N ARG E 612 -50.11 74.44 18.82
CA ARG E 612 -51.16 75.39 18.55
C ARG E 612 -52.41 75.04 19.33
N ASP E 613 -52.51 73.84 19.88
CA ASP E 613 -53.59 73.39 20.73
C ASP E 613 -53.35 73.86 22.17
N LYS E 614 -54.42 74.16 22.91
CA LYS E 614 -54.29 74.75 24.22
C LYS E 614 -54.26 73.70 25.29
N PHE E 615 -54.99 72.58 25.10
CA PHE E 615 -54.99 71.49 26.06
C PHE E 615 -53.65 70.80 26.13
N ILE E 616 -52.91 70.76 25.00
CA ILE E 616 -51.59 70.18 24.94
C ILE E 616 -50.56 71.04 25.67
N ARG E 617 -50.62 72.38 25.55
CA ARG E 617 -49.69 73.24 26.26
C ARG E 617 -49.88 73.20 27.77
N GLU E 618 -51.10 72.90 28.24
CA GLU E 618 -51.39 72.75 29.64
C GLU E 618 -50.79 71.48 30.23
N LEU E 619 -50.51 70.46 29.41
CA LEU E 619 -49.89 69.23 29.88
C LEU E 619 -48.44 69.41 30.26
N PHE E 620 -47.74 70.36 29.62
CA PHE E 620 -46.32 70.57 29.83
C PHE E 620 -46.04 71.77 30.70
N GLU E 621 -46.95 72.07 31.64
CA GLU E 621 -46.83 73.07 32.67
C GLU E 621 -46.61 74.50 32.16
N GLY E 635 -29.78 73.89 26.72
CA GLY E 635 -28.91 73.13 26.26
C GLY E 635 -27.81 72.81 27.17
N LYS E 636 -27.24 71.63 27.08
CA LYS E 636 -27.61 70.46 27.83
C LYS E 636 -29.04 69.92 27.71
N LEU E 637 -29.31 68.62 27.89
CA LEU E 637 -28.46 67.50 28.25
C LEU E 637 -28.43 66.45 27.17
N SER E 638 -29.03 66.67 26.04
CA SER E 638 -29.14 65.78 24.91
C SER E 638 -29.91 64.59 25.17
N PHE E 639 -29.36 63.48 25.35
CA PHE E 639 -30.02 62.27 25.56
C PHE E 639 -30.50 62.00 26.92
N ILE E 640 -30.16 62.75 27.84
CA ILE E 640 -30.56 62.68 29.19
C ILE E 640 -30.20 61.43 29.93
N SER E 641 -30.52 61.22 31.02
CA SER E 641 -30.27 60.11 31.86
C SER E 641 -31.51 59.34 32.19
N VAL E 642 -31.80 58.33 31.57
CA VAL E 642 -32.98 57.53 31.63
C VAL E 642 -33.00 56.52 32.77
N GLY E 643 -31.85 55.90 33.04
CA GLY E 643 -31.67 54.93 34.12
C GLY E 643 -31.54 55.55 35.48
N ASN E 644 -31.60 56.88 35.54
CA ASN E 644 -31.43 57.66 36.74
C ASN E 644 -32.80 58.13 37.19
N LYS E 645 -33.76 58.31 36.27
CA LYS E 645 -35.09 58.75 36.63
C LYS E 645 -35.83 57.71 37.46
N PHE E 646 -35.49 56.42 37.28
CA PHE E 646 -36.03 55.36 38.10
C PHE E 646 -35.45 55.35 39.50
N LYS E 647 -34.24 55.87 39.71
CA LYS E 647 -33.67 55.90 41.04
C LYS E 647 -34.07 57.17 41.76
N THR E 648 -34.05 58.30 41.03
CA THR E 648 -34.38 59.62 41.57
C THR E 648 -35.80 59.74 42.03
N GLN E 649 -36.79 59.26 41.24
CA GLN E 649 -38.16 59.34 41.68
C GLN E 649 -38.48 58.46 42.88
N LEU E 650 -37.81 57.31 43.02
CA LEU E 650 -38.01 56.44 44.16
C LEU E 650 -37.44 56.99 45.45
N ASN E 651 -36.35 57.76 45.38
CA ASN E 651 -35.77 58.40 46.56
C ASN E 651 -36.64 59.51 47.12
N LEU E 652 -37.58 60.05 46.33
CA LEU E 652 -38.52 61.05 46.79
C LEU E 652 -39.65 60.45 47.61
N LEU E 653 -39.77 59.11 47.59
CA LEU E 653 -40.79 58.43 48.34
C LEU E 653 -40.18 57.72 49.53
N LEU E 654 -38.95 57.19 49.41
CA LEU E 654 -38.29 56.51 50.51
C LEU E 654 -37.93 57.42 51.66
N ASP E 655 -37.48 58.65 51.38
CA ASP E 655 -37.20 59.57 52.46
C ASP E 655 -38.48 60.18 53.03
N LYS E 656 -39.60 60.15 52.29
CA LYS E 656 -40.88 60.54 52.85
C LYS E 656 -41.40 59.47 53.78
N LEU E 657 -41.17 58.19 53.46
CA LEU E 657 -41.55 57.09 54.35
C LEU E 657 -40.70 57.04 55.61
N ARG E 658 -39.43 57.46 55.54
CA ARG E 658 -38.58 57.57 56.70
C ARG E 658 -38.97 58.72 57.62
N SER E 659 -39.64 59.76 57.07
CA SER E 659 -40.06 60.92 57.83
C SER E 659 -41.38 60.73 58.54
N THR E 660 -42.12 59.66 58.26
CA THR E 660 -43.41 59.35 58.87
C THR E 660 -43.34 58.06 59.64
N GLY E 661 -44.38 57.77 60.46
CA GLY E 661 -44.52 56.46 61.09
C GLY E 661 -45.00 55.44 60.08
N ALA E 662 -45.17 54.15 60.46
CA ALA E 662 -45.58 53.17 59.48
C ALA E 662 -46.46 52.07 60.06
N SER E 663 -47.40 51.59 59.22
CA SER E 663 -48.43 50.62 59.54
C SER E 663 -48.57 49.60 58.43
N PHE E 664 -47.69 48.59 58.40
CA PHE E 664 -47.57 47.58 57.36
C PHE E 664 -48.69 46.54 57.31
N ILE E 665 -49.57 46.60 56.28
CA ILE E 665 -50.67 45.67 56.07
C ILE E 665 -50.38 44.80 54.86
N ARG E 666 -50.01 43.52 55.10
CA ARG E 666 -49.71 42.56 54.07
C ARG E 666 -50.99 41.84 53.67
N CYS E 667 -51.32 41.77 52.36
CA CYS E 667 -52.57 41.19 51.88
C CYS E 667 -52.37 39.85 51.16
N ILE E 668 -53.02 38.78 51.66
CA ILE E 668 -52.95 37.41 51.19
C ILE E 668 -54.12 36.98 50.32
N LYS E 669 -53.83 36.43 49.13
CA LYS E 669 -54.79 35.81 48.22
C LYS E 669 -54.84 34.31 48.54
N PRO E 670 -55.93 33.69 48.99
CA PRO E 670 -55.88 32.30 49.42
C PRO E 670 -55.97 31.25 48.33
N ASN E 671 -56.42 31.59 47.11
CA ASN E 671 -56.57 30.59 46.07
C ASN E 671 -56.54 31.24 44.70
N LEU E 672 -56.20 30.46 43.66
CA LEU E 672 -56.04 30.96 42.32
C LEU E 672 -57.31 31.38 41.63
N LYS E 673 -58.42 30.69 41.91
CA LYS E 673 -59.70 30.97 41.33
C LYS E 673 -60.39 32.21 41.84
N MET E 674 -60.03 32.62 43.07
CA MET E 674 -60.57 33.75 43.78
C MET E 674 -62.02 33.50 44.18
N THR E 675 -62.27 32.33 44.75
CA THR E 675 -63.58 31.86 45.18
C THR E 675 -63.59 31.59 46.65
N SER E 676 -64.74 31.79 47.29
CA SER E 676 -64.91 31.64 48.71
C SER E 676 -64.72 30.26 49.26
N HIS E 677 -64.18 30.18 50.49
CA HIS E 677 -63.95 28.96 51.23
C HIS E 677 -63.03 27.94 50.58
N HIS E 678 -61.89 28.39 50.05
CA HIS E 678 -60.89 27.52 49.47
C HIS E 678 -59.52 27.98 49.93
N PHE E 679 -58.70 27.07 50.49
CA PHE E 679 -57.39 27.36 50.99
C PHE E 679 -56.37 26.58 50.19
N GLU E 680 -55.38 27.25 49.58
CA GLU E 680 -54.31 26.60 48.84
C GLU E 680 -52.98 26.88 49.52
N GLY E 681 -52.39 25.87 50.20
CA GLY E 681 -51.17 26.08 50.98
C GLY E 681 -49.90 25.97 50.19
N ALA E 682 -50.02 25.81 48.87
CA ALA E 682 -48.91 25.85 47.93
C ALA E 682 -48.88 27.19 47.22
N GLN E 683 -49.82 28.09 47.56
CA GLN E 683 -49.91 29.42 46.97
C GLN E 683 -49.87 30.45 48.08
N ILE E 684 -50.40 30.12 49.28
CA ILE E 684 -50.30 30.98 50.44
C ILE E 684 -48.87 31.02 50.95
N LEU E 685 -48.18 29.86 51.05
CA LEU E 685 -46.80 29.82 51.53
C LEU E 685 -45.86 30.58 50.62
N SER E 686 -46.12 30.60 49.31
CA SER E 686 -45.34 31.39 48.36
C SER E 686 -45.54 32.88 48.55
N GLN E 687 -46.67 33.32 49.12
CA GLN E 687 -46.88 34.72 49.40
C GLN E 687 -46.35 35.09 50.77
N LEU E 688 -46.09 34.13 51.67
CA LEU E 688 -45.44 34.43 52.94
C LEU E 688 -43.95 34.66 52.71
N GLN E 689 -43.37 33.97 51.72
CA GLN E 689 -41.99 34.11 51.37
C GLN E 689 -41.75 35.20 50.35
N CYS E 690 -42.82 35.77 49.76
CA CYS E 690 -42.72 36.88 48.82
C CYS E 690 -43.28 38.15 49.39
N SER E 691 -43.68 38.14 50.68
CA SER E 691 -44.16 39.35 51.33
C SER E 691 -43.11 39.96 52.22
N GLY E 692 -41.95 39.29 52.33
CA GLY E 692 -41.00 39.49 53.42
C GLY E 692 -41.39 39.07 54.80
N MET E 693 -42.46 38.27 54.97
CA MET E 693 -42.88 37.85 56.29
C MET E 693 -41.91 36.88 56.93
N VAL E 694 -41.41 35.92 56.15
CA VAL E 694 -40.46 34.93 56.64
C VAL E 694 -39.14 35.55 57.04
N SER E 695 -38.68 36.58 56.31
CA SER E 695 -37.51 37.36 56.67
C SER E 695 -37.62 38.07 58.01
N VAL E 696 -38.80 38.65 58.32
CA VAL E 696 -39.01 39.27 59.61
C VAL E 696 -39.08 38.25 60.75
N LEU E 697 -39.63 37.06 60.52
CA LEU E 697 -39.56 36.00 61.50
C LEU E 697 -38.16 35.49 61.79
N ASP E 698 -37.23 35.59 60.82
CA ASP E 698 -35.82 35.29 61.01
C ASP E 698 -35.17 36.32 61.90
N LEU E 699 -35.52 37.60 61.74
CA LEU E 699 -35.05 38.71 62.54
C LEU E 699 -35.45 38.54 64.00
N MET E 700 -36.70 38.13 64.25
CA MET E 700 -37.22 37.99 65.60
C MET E 700 -36.64 36.83 66.38
N GLN E 701 -36.03 35.82 65.72
CA GLN E 701 -35.30 34.78 66.43
C GLN E 701 -34.05 35.30 67.16
N GLY E 702 -33.44 36.39 66.66
CA GLY E 702 -32.35 37.09 67.31
C GLY E 702 -32.68 37.69 68.65
N GLY E 703 -33.96 38.07 68.84
CA GLY E 703 -34.45 38.65 70.07
C GLY E 703 -35.11 37.64 70.97
N PHE E 704 -36.35 37.94 71.36
CA PHE E 704 -37.18 37.08 72.16
C PHE E 704 -38.47 36.85 71.41
N PRO E 705 -38.64 35.86 70.55
CA PRO E 705 -39.79 35.76 69.65
C PRO E 705 -41.04 35.26 70.31
N SER E 706 -40.92 34.58 71.46
CA SER E 706 -42.02 33.99 72.17
C SER E 706 -42.24 34.75 73.44
N ARG E 707 -43.48 35.23 73.66
CA ARG E 707 -43.82 36.00 74.83
C ARG E 707 -45.27 35.69 75.16
N ALA E 708 -45.58 35.51 76.45
CA ALA E 708 -46.90 35.18 76.93
C ALA E 708 -47.25 36.04 78.11
N SER E 709 -48.44 36.67 78.13
CA SER E 709 -48.90 37.41 79.30
C SER E 709 -49.09 36.56 80.55
N PHE E 710 -49.20 37.19 81.73
CA PHE E 710 -49.37 36.47 82.97
C PHE E 710 -50.69 35.70 83.05
N HIS E 711 -51.76 36.26 82.46
CA HIS E 711 -53.05 35.61 82.41
C HIS E 711 -53.08 34.44 81.44
N GLU E 712 -52.21 34.42 80.41
CA GLU E 712 -52.06 33.30 79.51
C GLU E 712 -51.38 32.14 80.20
N LEU E 713 -50.26 32.39 80.90
CA LEU E 713 -49.56 31.37 81.67
C LEU E 713 -50.32 30.85 82.88
N TYR E 714 -51.29 31.61 83.41
CA TYR E 714 -52.15 31.16 84.47
C TYR E 714 -53.19 30.18 83.96
N ASN E 715 -53.82 30.46 82.80
CA ASN E 715 -54.78 29.55 82.20
C ASN E 715 -54.16 28.27 81.69
N MET E 716 -52.89 28.29 81.25
CA MET E 716 -52.22 27.10 80.76
C MET E 716 -51.79 26.16 81.87
N TYR E 717 -51.11 26.67 82.91
CA TYR E 717 -50.35 25.81 83.80
C TYR E 717 -50.90 25.66 85.21
N LYS E 718 -52.06 26.24 85.56
CA LYS E 718 -52.62 26.10 86.89
C LYS E 718 -52.99 24.67 87.28
N LYS E 719 -53.41 23.81 86.33
CA LYS E 719 -53.79 22.44 86.61
C LYS E 719 -52.65 21.55 87.07
N TYR E 720 -51.41 21.84 86.65
CA TYR E 720 -50.25 21.07 87.07
C TYR E 720 -49.70 21.49 88.42
N MET E 721 -50.06 22.68 88.92
CA MET E 721 -49.59 23.18 90.20
C MET E 721 -50.36 22.71 91.42
N PRO E 722 -49.77 22.70 92.62
CA PRO E 722 -50.49 22.47 93.86
C PRO E 722 -51.59 23.49 94.13
N ASP E 723 -52.62 23.13 94.90
CA ASP E 723 -53.75 23.99 95.20
C ASP E 723 -53.40 25.30 95.90
N LYS E 724 -52.36 25.30 96.73
CA LYS E 724 -51.84 26.49 97.36
C LYS E 724 -51.29 27.52 96.39
N LEU E 725 -50.49 27.06 95.41
CA LEU E 725 -49.93 27.93 94.41
C LEU E 725 -50.97 28.39 93.42
N ALA E 726 -51.99 27.57 93.16
CA ALA E 726 -53.09 27.87 92.28
C ALA E 726 -53.98 29.00 92.75
N ARG E 727 -54.12 29.21 94.06
CA ARG E 727 -54.91 30.26 94.64
C ARG E 727 -54.43 31.68 94.34
N LEU E 728 -53.13 31.86 94.11
CA LEU E 728 -52.50 33.12 93.79
C LEU E 728 -53.00 33.84 92.53
N ASP E 729 -52.86 35.18 92.51
CA ASP E 729 -53.08 36.03 91.35
C ASP E 729 -52.07 35.77 90.21
N PRO E 730 -52.41 35.89 88.93
CA PRO E 730 -51.51 35.63 87.81
C PRO E 730 -50.10 36.16 87.86
N ARG E 731 -49.82 37.38 88.34
CA ARG E 731 -48.45 37.89 88.41
C ARG E 731 -47.62 37.23 89.50
N LEU E 732 -48.21 36.95 90.68
CA LEU E 732 -47.50 36.29 91.75
C LEU E 732 -47.39 34.80 91.52
N PHE E 733 -48.37 34.20 90.84
CA PHE E 733 -48.29 32.84 90.34
C PHE E 733 -47.08 32.64 89.44
N CYS E 734 -46.88 33.55 88.46
CA CYS E 734 -45.74 33.49 87.57
C CYS E 734 -44.43 33.85 88.23
N LYS E 735 -44.43 34.79 89.20
CA LYS E 735 -43.22 35.21 89.89
C LYS E 735 -42.67 34.11 90.80
N ALA E 736 -43.57 33.40 91.51
CA ALA E 736 -43.25 32.28 92.35
C ALA E 736 -42.76 31.09 91.54
N LEU E 737 -43.37 30.85 90.37
CA LEU E 737 -43.02 29.78 89.48
C LEU E 737 -41.66 30.00 88.82
N PHE E 738 -41.31 31.24 88.47
CA PHE E 738 -40.01 31.58 87.93
C PHE E 738 -38.92 31.43 88.97
N LYS E 739 -39.19 31.84 90.24
CA LYS E 739 -38.25 31.75 91.33
C LYS E 739 -38.04 30.32 91.79
N ALA E 740 -39.11 29.51 91.90
CA ALA E 740 -39.05 28.10 92.24
C ALA E 740 -38.12 27.29 91.35
N LEU E 741 -38.33 27.39 90.02
CA LEU E 741 -37.57 26.67 89.02
C LEU E 741 -36.13 27.14 88.88
N GLY E 742 -35.86 28.43 89.16
CA GLY E 742 -34.51 28.97 89.22
C GLY E 742 -33.94 29.26 87.87
N LEU E 743 -34.80 29.58 86.89
CA LEU E 743 -34.52 29.77 85.49
C LEU E 743 -33.41 30.75 85.15
N ASN E 744 -32.59 30.41 84.14
CA ASN E 744 -31.50 31.25 83.67
C ASN E 744 -31.90 32.61 83.13
N GLU E 745 -31.27 33.67 83.64
CA GLU E 745 -31.58 35.05 83.36
C GLU E 745 -31.41 35.51 81.94
N ILE E 746 -30.51 34.88 81.16
CA ILE E 746 -30.31 35.27 79.78
C ILE E 746 -31.24 34.56 78.83
N ASP E 747 -31.87 33.45 79.25
CA ASP E 747 -32.80 32.69 78.45
C ASP E 747 -34.25 33.07 78.74
N TYR E 748 -34.59 33.31 80.01
CA TYR E 748 -35.92 33.64 80.46
C TYR E 748 -35.90 35.03 81.05
N LYS E 749 -36.89 35.90 80.75
CA LYS E 749 -36.93 37.26 81.25
C LYS E 749 -38.31 37.66 81.76
N PHE E 750 -38.39 38.13 83.01
CA PHE E 750 -39.62 38.55 83.64
C PHE E 750 -39.96 40.01 83.35
N GLY E 751 -40.93 40.27 82.45
CA GLY E 751 -41.32 41.63 82.06
C GLY E 751 -42.34 42.28 82.97
N LEU E 752 -43.15 43.19 82.41
CA LEU E 752 -44.07 44.01 83.17
C LEU E 752 -45.46 43.46 83.01
N THR E 753 -45.83 43.02 81.79
CA THR E 753 -47.11 42.39 81.52
C THR E 753 -46.93 41.00 80.93
N LYS E 754 -45.72 40.66 80.46
CA LYS E 754 -45.44 39.40 79.82
C LYS E 754 -44.14 38.79 80.30
N VAL E 755 -44.03 37.45 80.16
CA VAL E 755 -42.80 36.73 80.34
C VAL E 755 -42.23 36.51 78.96
N PHE E 756 -40.94 36.82 78.74
CA PHE E 756 -40.32 36.76 77.43
C PHE E 756 -39.39 35.57 77.42
N PHE E 757 -39.24 34.92 76.25
CA PHE E 757 -38.46 33.71 76.13
C PHE E 757 -37.55 33.78 74.92
N ARG E 758 -36.35 33.16 75.01
CA ARG E 758 -35.49 32.87 73.88
C ARG E 758 -36.08 31.76 73.00
N PRO E 759 -35.65 31.53 71.77
CA PRO E 759 -36.18 30.46 70.91
C PRO E 759 -36.14 29.08 71.51
N GLY E 760 -37.27 28.36 71.50
CA GLY E 760 -37.35 27.01 72.03
C GLY E 760 -37.33 26.88 73.51
N LYS E 761 -37.58 27.96 74.27
CA LYS E 761 -37.53 27.92 75.72
C LYS E 761 -38.89 28.06 76.34
N PHE E 762 -39.89 28.62 75.63
CA PHE E 762 -41.29 28.43 75.97
C PHE E 762 -41.70 26.96 75.82
N ALA E 763 -41.11 26.28 74.82
CA ALA E 763 -41.29 24.88 74.60
C ALA E 763 -40.61 24.04 75.67
N GLU E 764 -39.40 24.44 76.10
CA GLU E 764 -38.67 23.81 77.19
C GLU E 764 -39.40 23.97 78.52
N PHE E 765 -39.94 25.17 78.78
CA PHE E 765 -40.79 25.50 79.91
C PHE E 765 -42.02 24.61 80.01
N ASP E 766 -42.71 24.37 78.87
CA ASP E 766 -43.88 23.53 78.82
C ASP E 766 -43.59 22.07 79.17
N GLN E 767 -42.36 21.57 78.95
CA GLN E 767 -41.98 20.23 79.34
C GLN E 767 -41.57 20.11 80.79
N ILE E 768 -41.10 21.19 81.43
CA ILE E 768 -40.83 21.19 82.86
C ILE E 768 -42.11 21.05 83.67
N MET E 769 -43.22 21.62 83.18
CA MET E 769 -44.49 21.52 83.85
C MET E 769 -45.14 20.17 83.68
N LYS E 770 -44.76 19.43 82.64
CA LYS E 770 -45.28 18.13 82.34
C LYS E 770 -44.38 17.03 82.88
N SER E 771 -43.45 17.35 83.74
CA SER E 771 -42.49 16.41 84.29
C SER E 771 -42.81 16.01 85.65
N ASP E 772 -42.42 15.38 86.46
CA ASP E 772 -42.60 14.81 87.74
C ASP E 772 -43.38 15.64 88.78
N PRO E 773 -44.64 15.31 89.10
CA PRO E 773 -45.45 16.11 90.01
C PRO E 773 -44.91 16.20 91.42
N ASP E 774 -44.17 15.19 91.90
CA ASP E 774 -43.61 15.16 93.23
C ASP E 774 -42.41 16.07 93.35
N HIS E 775 -41.57 16.11 92.31
CA HIS E 775 -40.43 16.99 92.21
C HIS E 775 -40.83 18.45 92.17
N LEU E 776 -41.86 18.78 91.39
CA LEU E 776 -42.44 20.12 91.31
C LEU E 776 -43.05 20.56 92.63
N ALA E 777 -43.77 19.67 93.34
CA ALA E 777 -44.33 19.92 94.65
C ALA E 777 -43.28 20.23 95.71
N GLU E 778 -42.10 19.60 95.62
CA GLU E 778 -41.01 19.80 96.55
C GLU E 778 -40.31 21.13 96.31
N LEU E 779 -40.21 21.59 95.06
CA LEU E 779 -39.67 22.91 94.74
C LEU E 779 -40.59 24.04 95.20
N VAL E 780 -41.92 23.82 95.20
CA VAL E 780 -42.89 24.76 95.75
C VAL E 780 -42.82 24.83 97.27
N LYS E 781 -42.59 23.70 97.95
CA LYS E 781 -42.30 23.68 99.38
C LYS E 781 -41.06 24.49 99.77
N ARG E 782 -40.00 24.43 98.95
CA ARG E 782 -38.76 25.13 99.23
C ARG E 782 -38.82 26.64 99.03
N VAL E 783 -39.85 27.17 98.34
CA VAL E 783 -39.99 28.61 98.13
C VAL E 783 -41.12 29.19 98.98
N ASN E 784 -41.68 28.39 99.92
CA ASN E 784 -42.83 28.78 100.71
C ASN E 784 -42.59 29.94 101.67
N HIS E 785 -41.37 30.11 102.21
CA HIS E 785 -41.08 31.25 103.07
C HIS E 785 -41.03 32.56 102.30
N TRP E 786 -40.31 32.59 101.17
CA TRP E 786 -40.26 33.72 100.26
C TRP E 786 -41.64 34.13 99.73
N LEU E 787 -42.54 33.16 99.53
CA LEU E 787 -43.87 33.40 99.02
C LEU E 787 -44.79 34.04 100.03
N ILE E 788 -44.71 33.64 101.32
CA ILE E 788 -45.36 34.35 102.40
C ILE E 788 -44.84 35.77 102.59
N CYS E 789 -43.50 35.97 102.51
CA CYS E 789 -42.90 37.29 102.58
C CYS E 789 -43.26 38.20 101.42
N SER E 790 -43.40 37.64 100.20
CA SER E 790 -43.83 38.38 99.04
C SER E 790 -45.30 38.77 99.12
N ARG E 791 -46.16 37.91 99.69
CA ARG E 791 -47.59 38.18 99.79
C ARG E 791 -47.89 39.17 100.91
N TRP E 792 -47.00 39.29 101.92
CA TRP E 792 -47.05 40.31 102.94
C TRP E 792 -46.70 41.67 102.33
N LYS E 793 -45.53 41.79 101.68
CA LYS E 793 -45.08 43.02 101.07
C LYS E 793 -45.99 43.52 99.95
N LYS E 794 -46.77 42.63 99.31
CA LYS E 794 -47.71 43.01 98.29
C LYS E 794 -48.86 43.82 98.88
N VAL E 795 -49.46 43.38 99.99
CA VAL E 795 -50.55 44.12 100.62
C VAL E 795 -50.06 45.29 101.48
N GLN E 796 -48.82 45.24 101.99
CA GLN E 796 -48.24 46.35 102.73
C GLN E 796 -47.86 47.52 101.84
N TRP E 797 -47.19 47.30 100.70
CA TRP E 797 -46.84 48.38 99.79
C TRP E 797 -48.03 48.85 98.96
N CYS E 798 -49.12 48.06 98.86
CA CYS E 798 -50.35 48.53 98.23
C CYS E 798 -51.14 49.44 99.15
N SER E 799 -51.08 49.23 100.48
CA SER E 799 -51.71 50.13 101.43
C SER E 799 -50.94 51.41 101.59
N LEU E 800 -49.60 51.35 101.51
CA LEU E 800 -48.75 52.52 101.43
C LEU E 800 -48.88 53.26 100.11
N SER E 801 -49.36 52.60 99.04
CA SER E 801 -49.65 53.28 97.78
C SER E 801 -50.88 54.14 97.89
N VAL E 802 -51.96 53.65 98.53
CA VAL E 802 -53.19 54.40 98.73
C VAL E 802 -52.96 55.61 99.64
N ILE E 803 -52.11 55.47 100.68
CA ILE E 803 -51.72 56.58 101.54
C ILE E 803 -50.83 57.61 100.85
N LYS E 804 -49.95 57.21 99.91
CA LYS E 804 -49.18 58.17 99.15
C LYS E 804 -50.01 58.89 98.09
N LEU E 805 -51.12 58.29 97.63
CA LEU E 805 -52.03 58.97 96.73
C LEU E 805 -53.03 59.83 97.50
N LYS E 806 -53.24 59.55 98.80
CA LYS E 806 -53.97 60.44 99.69
C LYS E 806 -53.13 61.66 100.03
N ASN E 807 -51.82 61.47 100.26
CA ASN E 807 -50.88 62.55 100.46
C ASN E 807 -50.62 63.37 99.21
N LYS E 808 -50.86 62.84 97.99
CA LYS E 808 -50.77 63.59 96.76
C LYS E 808 -51.96 64.51 96.55
N ILE E 809 -53.20 64.05 96.87
CA ILE E 809 -54.41 64.86 96.77
C ILE E 809 -54.37 66.08 97.68
N LYS E 810 -53.74 65.95 98.86
CA LYS E 810 -53.57 67.04 99.80
C LYS E 810 -52.44 67.98 99.40
N TYR E 811 -51.28 67.46 98.99
CA TYR E 811 -50.14 68.22 98.49
C TYR E 811 -50.46 69.08 97.28
N ARG E 812 -51.23 68.52 96.33
CA ARG E 812 -51.69 69.22 95.14
C ARG E 812 -52.70 70.30 95.48
N ALA E 813 -53.69 69.99 96.35
CA ALA E 813 -54.68 70.97 96.78
C ALA E 813 -54.14 72.00 97.77
N GLU E 814 -52.87 71.91 98.17
CA GLU E 814 -52.19 72.92 98.97
C GLU E 814 -51.67 74.05 98.11
N ALA E 815 -51.56 73.84 96.81
CA ALA E 815 -51.21 74.84 95.84
C ALA E 815 -52.29 75.25 94.93
N CYS E 816 -53.40 75.21 95.19
CA CYS E 816 -54.48 75.64 94.44
C CYS E 816 -54.76 76.83 94.83
N GLU F 1 26.62 34.18 -70.29
CA GLU F 1 26.34 33.02 -70.87
C GLU F 1 27.04 31.97 -70.34
N ASP F 2 26.58 30.80 -70.53
CA ASP F 2 27.13 29.72 -70.03
C ASP F 2 28.38 29.43 -70.58
N GLY F 3 29.26 29.11 -69.74
CA GLY F 3 30.50 28.80 -70.10
C GLY F 3 31.37 29.90 -70.33
N LYS F 4 31.02 31.00 -70.26
CA LYS F 4 31.77 32.13 -70.46
C LYS F 4 32.42 32.69 -69.22
N PRO F 5 33.64 33.11 -69.20
CA PRO F 5 34.31 33.63 -68.05
C PRO F 5 33.74 34.91 -67.48
N VAL F 6 33.67 35.00 -66.15
CA VAL F 6 33.29 36.20 -65.45
C VAL F 6 34.44 36.57 -64.54
N TRP F 7 34.45 37.79 -64.00
CA TRP F 7 35.42 38.19 -63.01
C TRP F 7 34.93 37.76 -61.64
N ALA F 8 35.85 37.29 -60.79
CA ALA F 8 35.54 36.83 -59.46
C ALA F 8 36.26 37.66 -58.40
N PRO F 9 35.62 38.09 -57.32
CA PRO F 9 36.24 38.81 -56.21
C PRO F 9 37.35 38.08 -55.46
N HIS F 10 38.64 38.34 -55.74
CA HIS F 10 39.71 37.68 -55.01
C HIS F 10 40.38 38.69 -54.10
N PRO F 11 40.48 38.51 -52.79
CA PRO F 11 41.00 39.52 -51.89
C PRO F 11 42.35 40.11 -52.18
N THR F 12 43.33 39.33 -52.66
CA THR F 12 44.68 39.80 -52.88
C THR F 12 44.88 40.48 -54.21
N ASP F 13 44.00 40.30 -55.18
CA ASP F 13 44.15 40.82 -56.52
C ASP F 13 42.97 41.68 -56.95
N GLY F 14 41.92 41.78 -56.13
CA GLY F 14 40.71 42.50 -56.46
C GLY F 14 39.77 41.62 -57.23
N PHE F 15 40.09 41.34 -58.50
CA PHE F 15 39.33 40.46 -59.34
C PHE F 15 40.25 39.46 -60.03
N GLN F 16 39.80 38.20 -60.19
CA GLN F 16 40.51 37.20 -60.96
C GLN F 16 39.51 36.49 -61.87
N VAL F 17 39.97 35.64 -62.81
CA VAL F 17 39.13 34.83 -63.67
C VAL F 17 38.34 33.74 -62.94
N GLY F 18 37.17 33.32 -63.47
CA GLY F 18 36.37 32.33 -62.80
C GLY F 18 35.08 32.02 -63.53
N ASN F 19 34.44 30.91 -63.15
CA ASN F 19 33.25 30.39 -63.80
C ASN F 19 32.20 30.11 -62.76
N ILE F 20 30.94 29.97 -63.21
CA ILE F 20 29.78 29.78 -62.35
C ILE F 20 29.30 28.37 -62.55
N VAL F 21 29.29 27.56 -61.48
CA VAL F 21 28.96 26.15 -61.54
C VAL F 21 27.70 25.83 -60.76
N ASP F 22 27.13 26.80 -60.05
CA ASP F 22 25.84 26.65 -59.39
C ASP F 22 25.39 28.07 -59.07
N ILE F 23 24.10 28.24 -58.74
CA ILE F 23 23.53 29.56 -58.53
C ILE F 23 22.31 29.45 -57.64
N GLY F 24 21.97 30.54 -56.94
CA GLY F 24 20.81 30.65 -56.09
C GLY F 24 20.15 31.98 -56.32
N PRO F 25 19.17 32.35 -55.56
CA PRO F 25 18.50 33.62 -55.70
C PRO F 25 19.30 34.86 -55.55
N ASP F 26 20.25 34.89 -54.63
CA ASP F 26 21.05 36.05 -54.39
C ASP F 26 22.53 35.78 -54.60
N SER F 27 22.95 34.53 -54.66
CA SER F 27 24.34 34.17 -54.74
C SER F 27 24.71 33.30 -55.91
N LEU F 28 25.99 33.37 -56.31
CA LEU F 28 26.58 32.61 -57.38
C LEU F 28 27.72 31.79 -56.79
N THR F 29 27.75 30.49 -57.07
CA THR F 29 28.81 29.58 -56.63
C THR F 29 29.96 29.64 -57.61
N ILE F 30 30.96 30.50 -57.34
CA ILE F 30 32.08 30.79 -58.22
C ILE F 30 33.24 29.83 -58.09
N GLU F 31 33.58 29.10 -59.17
CA GLU F 31 34.78 28.27 -59.22
C GLU F 31 35.89 29.04 -59.94
N PRO F 32 37.04 29.37 -59.34
CA PRO F 32 38.13 30.03 -60.06
C PRO F 32 38.70 29.22 -61.20
N LEU F 33 39.28 29.88 -62.21
CA LEU F 33 39.86 29.23 -63.37
C LEU F 33 41.22 28.66 -63.07
N ASN F 34 42.05 29.42 -62.37
CA ASN F 34 43.37 29.02 -62.01
C ASN F 34 43.45 28.20 -60.75
N GLN F 35 42.52 28.33 -59.83
CA GLN F 35 42.46 27.60 -58.58
C GLN F 35 41.20 26.76 -58.51
N LYS F 36 41.12 25.74 -59.22
CA LYS F 36 40.00 24.84 -59.24
C LYS F 36 39.86 24.10 -57.93
N GLY F 37 38.63 23.94 -57.43
CA GLY F 37 38.34 23.31 -56.18
C GLY F 37 38.29 24.24 -55.02
N LYS F 38 38.61 25.50 -55.22
CA LYS F 38 38.53 26.51 -54.22
C LYS F 38 37.14 27.02 -54.05
N THR F 39 36.25 26.87 -54.97
CA THR F 39 34.84 27.17 -55.11
C THR F 39 34.16 27.96 -54.01
N PHE F 40 34.15 29.31 -54.11
CA PHE F 40 33.53 30.17 -53.11
C PHE F 40 32.16 30.67 -53.51
N LEU F 41 31.58 31.58 -52.71
CA LEU F 41 30.27 32.16 -52.94
C LEU F 41 30.43 33.66 -53.16
N ALA F 42 29.61 34.25 -54.04
CA ALA F 42 29.66 35.66 -54.31
C ALA F 42 28.27 36.15 -54.68
N LEU F 43 27.96 37.43 -54.41
CA LEU F 43 26.65 37.99 -54.65
C LEU F 43 26.49 38.54 -56.06
N ILE F 44 25.23 38.76 -56.49
CA ILE F 44 24.84 39.24 -57.80
C ILE F 44 25.50 40.53 -58.26
N ASN F 45 25.79 41.43 -57.32
CA ASN F 45 26.41 42.70 -57.57
C ASN F 45 27.92 42.66 -57.45
N GLN F 46 28.51 41.51 -57.15
CA GLN F 46 29.94 41.38 -56.98
C GLN F 46 30.63 40.71 -58.14
N VAL F 47 29.88 40.27 -59.16
CA VAL F 47 30.41 39.59 -60.33
C VAL F 47 30.27 40.46 -61.55
N PHE F 48 31.18 40.32 -62.54
CA PHE F 48 31.17 41.15 -63.73
C PHE F 48 31.54 40.30 -64.95
N PRO F 49 30.97 40.50 -66.12
CA PRO F 49 31.33 39.76 -67.32
C PRO F 49 32.72 40.12 -67.84
N ALA F 50 33.49 39.12 -68.29
CA ALA F 50 34.83 39.30 -68.78
C ALA F 50 34.88 39.07 -70.28
N GLU F 51 35.86 39.67 -70.96
CA GLU F 51 36.06 39.52 -72.39
C GLU F 51 36.74 38.22 -72.75
N GLU F 52 36.53 37.73 -73.99
CA GLU F 52 37.12 36.51 -74.48
C GLU F 52 38.64 36.57 -74.60
N ASP F 53 39.18 37.67 -75.14
CA ASP F 53 40.59 37.89 -75.20
C ASP F 53 41.01 38.82 -74.10
N SER F 54 41.61 38.29 -73.05
CA SER F 54 42.04 39.04 -71.90
C SER F 54 43.50 39.39 -71.95
N LYS F 55 44.23 38.85 -72.89
CA LYS F 55 45.64 39.12 -73.04
C LYS F 55 45.93 40.36 -73.78
N LYS F 56 45.14 41.10 -74.27
CA LYS F 56 45.25 42.33 -74.99
C LYS F 56 44.88 43.52 -74.14
N ASP F 57 45.49 44.67 -74.35
CA ASP F 57 45.19 45.91 -73.68
C ASP F 57 44.65 46.91 -74.69
N VAL F 58 43.98 47.96 -74.21
CA VAL F 58 43.42 48.99 -75.06
C VAL F 58 43.83 50.36 -74.55
N GLU F 59 44.21 51.26 -75.47
CA GLU F 59 44.60 52.63 -75.17
C GLU F 59 43.39 53.44 -74.78
N ASP F 60 42.29 53.19 -75.52
CA ASP F 60 40.99 53.78 -75.35
C ASP F 60 40.09 52.71 -74.76
N ASN F 61 39.44 53.01 -73.63
CA ASN F 61 38.65 52.03 -72.91
C ASN F 61 37.24 51.87 -73.46
N CYS F 62 36.83 52.68 -74.44
CA CYS F 62 35.54 52.52 -75.09
C CYS F 62 35.58 51.44 -76.15
N SER F 63 36.78 50.87 -76.42
CA SER F 63 36.96 49.78 -77.35
C SER F 63 36.80 48.42 -76.69
N LEU F 64 36.41 48.37 -75.42
CA LEU F 64 36.13 47.13 -74.72
C LEU F 64 34.73 46.63 -75.01
N MET F 65 34.53 45.30 -75.05
CA MET F 65 33.23 44.69 -75.27
C MET F 65 32.41 44.71 -74.01
N TYR F 66 33.08 44.67 -72.86
CA TYR F 66 32.47 44.80 -71.56
C TYR F 66 33.22 45.90 -70.81
N LEU F 67 32.56 47.03 -70.55
CA LEU F 67 33.17 48.14 -69.85
C LEU F 67 32.65 48.16 -68.44
N ASN F 68 33.53 47.82 -67.48
CA ASN F 68 33.21 47.77 -66.08
C ASN F 68 34.50 48.00 -65.33
N GLU F 69 34.49 47.89 -64.00
CA GLU F 69 35.65 48.26 -63.23
C GLU F 69 36.59 47.09 -63.09
N ALA F 70 36.10 45.86 -63.29
CA ALA F 70 36.95 44.70 -63.35
C ALA F 70 37.72 44.61 -64.66
N THR F 71 37.15 45.06 -65.81
CA THR F 71 37.91 45.06 -67.05
C THR F 71 38.77 46.29 -67.18
N LEU F 72 38.47 47.37 -66.43
CA LEU F 72 39.35 48.51 -66.33
C LEU F 72 40.56 48.21 -65.47
N LEU F 73 40.37 47.42 -64.39
CA LEU F 73 41.46 47.01 -63.51
C LEU F 73 42.43 46.08 -64.21
N HIS F 74 41.91 45.20 -65.08
CA HIS F 74 42.75 44.32 -65.87
C HIS F 74 43.44 45.06 -66.99
N ASN F 75 42.84 46.14 -67.52
CA ASN F 75 43.50 46.92 -68.55
C ASN F 75 44.69 47.69 -67.98
N ILE F 76 44.62 48.18 -66.73
CA ILE F 76 45.75 48.87 -66.14
C ILE F 76 46.68 47.95 -65.39
N LYS F 77 46.47 46.64 -65.47
CA LYS F 77 47.36 45.64 -64.93
C LYS F 77 48.29 45.19 -66.03
N VAL F 78 47.75 44.98 -67.24
CA VAL F 78 48.51 44.63 -68.43
C VAL F 78 49.36 45.80 -68.89
N ARG F 79 48.81 47.03 -68.84
CA ARG F 79 49.56 48.21 -69.23
C ARG F 79 50.68 48.57 -68.27
N TYR F 80 50.60 48.14 -67.00
CA TYR F 80 51.65 48.39 -66.03
C TYR F 80 52.92 47.61 -66.32
N SER F 81 52.83 46.40 -66.91
CA SER F 81 54.02 45.63 -67.25
C SER F 81 54.48 45.88 -68.67
N LYS F 82 53.79 46.78 -69.40
CA LYS F 82 54.22 47.26 -70.70
C LYS F 82 54.72 48.69 -70.58
N ASP F 83 54.78 49.20 -69.33
CA ASP F 83 55.20 50.54 -68.98
C ASP F 83 54.37 51.63 -69.66
N ARG F 84 53.06 51.41 -69.81
CA ARG F 84 52.14 52.36 -70.40
C ARG F 84 51.32 52.96 -69.28
N ILE F 85 51.79 54.02 -68.69
CA ILE F 85 51.25 54.63 -67.49
C ILE F 85 50.09 55.59 -67.70
N TYR F 86 49.79 55.98 -68.95
CA TYR F 86 48.67 56.85 -69.26
C TYR F 86 47.58 56.08 -69.99
N THR F 87 46.31 56.29 -69.61
CA THR F 87 45.17 55.54 -70.13
C THR F 87 43.97 56.43 -70.43
N TYR F 88 43.47 56.45 -71.69
CA TYR F 88 42.39 57.32 -72.14
C TYR F 88 40.99 56.78 -71.85
N VAL F 89 40.25 57.39 -70.91
CA VAL F 89 38.84 57.10 -70.74
C VAL F 89 38.06 58.35 -71.08
N ALA F 90 37.61 58.50 -72.33
CA ALA F 90 36.89 59.66 -72.81
C ALA F 90 37.56 61.01 -72.58
N ASN F 91 37.13 61.77 -71.61
CA ASN F 91 37.64 63.07 -71.23
C ASN F 91 38.36 62.98 -69.89
N ILE F 92 38.68 61.76 -69.45
CA ILE F 92 39.32 61.45 -68.19
C ILE F 92 40.64 60.78 -68.46
N LEU F 93 41.74 61.29 -67.87
CA LEU F 93 43.03 60.68 -68.02
C LEU F 93 43.37 59.99 -66.71
N ILE F 94 43.72 58.69 -66.81
CA ILE F 94 44.13 57.85 -65.70
C ILE F 94 45.62 57.68 -65.83
N ALA F 95 46.38 58.26 -64.88
CA ALA F 95 47.81 58.22 -64.86
C ALA F 95 48.26 57.44 -63.63
N VAL F 96 49.17 56.48 -63.81
CA VAL F 96 49.66 55.61 -62.74
C VAL F 96 51.13 55.85 -62.51
N ASN F 97 51.55 56.26 -61.29
CA ASN F 97 52.95 56.58 -61.02
C ASN F 97 53.87 55.37 -61.03
N PRO F 98 54.93 55.29 -61.79
CA PRO F 98 55.77 54.13 -61.80
C PRO F 98 56.92 54.23 -60.84
N TYR F 99 57.19 55.41 -60.30
CA TYR F 99 58.29 55.70 -59.40
C TYR F 99 59.65 55.50 -60.06
N PHE F 100 59.73 55.73 -61.35
CA PHE F 100 60.93 55.60 -62.13
C PHE F 100 60.80 56.46 -63.35
N ASP F 101 61.88 56.99 -63.89
CA ASP F 101 61.85 57.83 -65.04
C ASP F 101 61.87 57.05 -66.33
N ILE F 102 60.82 56.98 -67.07
CA ILE F 102 60.66 56.29 -68.32
C ILE F 102 61.41 57.01 -69.45
N PRO F 103 62.18 56.37 -70.30
CA PRO F 103 62.91 57.05 -71.35
C PRO F 103 62.07 57.72 -72.38
N LYS F 104 62.53 58.85 -72.94
CA LYS F 104 62.02 59.62 -74.05
C LYS F 104 60.66 60.24 -73.91
N ILE F 105 59.92 59.94 -72.88
CA ILE F 105 58.63 60.50 -72.70
C ILE F 105 58.59 61.94 -72.31
N TYR F 106 59.59 62.46 -71.69
CA TYR F 106 59.63 63.84 -71.31
C TYR F 106 60.44 64.67 -72.24
N SER F 107 60.91 64.08 -73.31
CA SER F 107 61.72 64.69 -74.33
C SER F 107 61.05 65.84 -75.07
N SER F 108 61.84 66.85 -75.47
CA SER F 108 61.36 68.00 -76.22
C SER F 108 60.99 67.65 -77.63
N GLU F 109 61.57 66.57 -78.17
CA GLU F 109 61.17 66.06 -79.48
C GLU F 109 59.81 65.41 -79.41
N THR F 110 59.50 64.77 -78.27
CA THR F 110 58.21 64.17 -77.99
C THR F 110 57.14 65.22 -77.81
N ILE F 111 57.49 66.36 -77.18
CA ILE F 111 56.61 67.50 -76.98
C ILE F 111 56.20 68.12 -78.31
N LYS F 112 57.12 68.27 -79.26
CA LYS F 112 56.79 68.85 -80.55
C LYS F 112 56.21 67.84 -81.50
N SER F 113 56.16 66.56 -81.10
CA SER F 113 55.50 65.53 -81.87
C SER F 113 54.00 65.57 -81.63
N TYR F 114 53.59 65.71 -80.36
CA TYR F 114 52.20 65.83 -79.99
C TYR F 114 51.54 67.10 -80.48
N GLN F 115 52.27 68.22 -80.49
CA GLN F 115 51.81 69.52 -80.89
C GLN F 115 50.93 69.59 -82.14
N GLY F 116 49.65 69.95 -81.96
CA GLY F 116 48.69 70.15 -83.01
C GLY F 116 48.08 68.92 -83.61
N LYS F 117 48.39 67.72 -83.11
CA LYS F 117 47.86 66.50 -83.64
C LYS F 117 46.49 66.16 -83.14
N SER F 118 45.68 65.72 -83.75
CA SER F 118 44.32 65.38 -83.43
C SER F 118 44.12 64.59 -82.17
N LEU F 119 43.27 64.39 -81.66
CA LEU F 119 43.00 63.72 -80.45
C LEU F 119 42.63 62.30 -80.63
N GLY F 120 43.23 61.40 -79.87
CA GLY F 120 42.97 60.02 -79.92
C GLY F 120 43.77 59.28 -80.89
N THR F 121 44.38 59.94 -81.83
CA THR F 121 45.22 59.35 -82.81
C THR F 121 46.64 59.25 -82.35
N MET F 122 47.07 59.88 -81.38
CA MET F 122 48.35 59.83 -80.76
C MET F 122 48.24 59.06 -79.46
N PRO F 123 49.22 58.29 -79.03
CA PRO F 123 49.19 57.56 -77.77
C PRO F 123 48.85 58.38 -76.55
N PRO F 124 48.21 57.89 -75.51
CA PRO F 124 47.89 58.67 -74.33
C PRO F 124 49.10 59.18 -73.61
N HIS F 125 49.13 60.49 -73.30
CA HIS F 125 50.21 61.09 -72.58
C HIS F 125 49.66 62.35 -71.97
N VAL F 126 50.36 62.98 -71.03
CA VAL F 126 49.86 64.16 -70.35
C VAL F 126 50.00 65.40 -71.23
N PHE F 127 50.87 65.32 -72.24
CA PHE F 127 51.01 66.37 -73.21
C PHE F 127 49.90 66.37 -74.22
N ALA F 128 49.07 65.30 -74.29
CA ALA F 128 47.95 65.28 -75.20
C ALA F 128 46.73 65.93 -74.60
N ILE F 129 46.78 66.23 -73.30
CA ILE F 129 45.73 66.91 -72.59
C ILE F 129 46.03 68.39 -72.63
N ALA F 130 47.30 68.76 -72.40
CA ALA F 130 47.73 70.13 -72.44
C ALA F 130 47.64 70.77 -73.82
N ASP F 131 47.86 69.99 -74.89
CA ASP F 131 47.69 70.49 -76.23
C ASP F 131 46.22 70.65 -76.59
N LYS F 132 45.34 69.77 -76.08
CA LYS F 132 43.92 69.88 -76.28
C LYS F 132 43.35 71.08 -75.55
N ALA F 133 43.86 71.38 -74.33
CA ALA F 133 43.36 72.49 -73.56
C ALA F 133 43.76 73.84 -74.14
N PHE F 134 44.85 73.94 -74.90
CA PHE F 134 45.16 75.17 -75.60
C PHE F 134 44.23 75.36 -76.79
N ARG F 135 43.89 74.26 -77.50
CA ARG F 135 43.01 74.32 -78.63
C ARG F 135 41.56 74.50 -78.25
N ASP F 136 41.13 74.00 -77.09
CA ASP F 136 39.80 74.26 -76.58
C ASP F 136 39.87 75.42 -75.60
N MET F 137 40.65 76.43 -75.97
CA MET F 137 40.71 77.72 -75.31
C MET F 137 40.53 78.72 -76.42
N LYS F 138 41.51 78.83 -77.32
CA LYS F 138 41.48 79.76 -78.43
C LYS F 138 40.33 79.57 -79.41
N VAL F 139 40.00 78.31 -79.79
CA VAL F 139 38.87 78.04 -80.66
C VAL F 139 37.54 78.29 -79.98
N LEU F 140 37.43 77.83 -78.73
CA LEU F 140 36.24 77.91 -77.92
C LEU F 140 35.90 79.30 -77.41
N LYS F 141 36.92 80.15 -77.21
CA LYS F 141 36.82 81.50 -76.68
C LYS F 141 36.41 81.47 -75.22
N LEU F 142 37.03 80.56 -74.45
CA LEU F 142 36.71 80.36 -73.07
C LEU F 142 37.95 79.87 -72.36
N SER F 143 38.10 80.12 -71.07
CA SER F 143 39.25 79.71 -70.28
C SER F 143 39.16 78.26 -69.83
N GLN F 144 40.31 77.63 -69.47
CA GLN F 144 40.40 76.22 -69.19
C GLN F 144 40.92 75.89 -67.81
N SER F 145 40.68 74.64 -67.36
CA SER F 145 41.11 74.18 -66.06
C SER F 145 41.47 72.71 -66.09
N ILE F 146 42.60 72.37 -65.45
CA ILE F 146 43.11 71.03 -65.35
C ILE F 146 42.89 70.63 -63.91
N ILE F 147 42.14 69.54 -63.67
CA ILE F 147 41.76 69.15 -62.32
C ILE F 147 42.54 67.92 -61.93
N VAL F 148 43.35 67.99 -60.86
CA VAL F 148 44.21 66.91 -60.43
C VAL F 148 43.81 66.44 -59.04
N SER F 149 43.41 65.15 -58.92
CA SER F 149 42.98 64.56 -57.67
C SER F 149 43.99 63.53 -57.17
N GLY F 150 43.53 62.50 -56.43
CA GLY F 150 44.35 61.46 -55.86
C GLY F 150 44.95 61.76 -54.52
N GLU F 151 45.49 60.70 -53.90
CA GLU F 151 46.12 60.74 -52.61
C GLU F 151 47.60 61.00 -52.76
N SER F 152 48.30 61.31 -51.66
CA SER F 152 49.73 61.59 -51.70
C SER F 152 50.55 60.43 -52.20
N GLY F 153 51.57 60.72 -53.03
CA GLY F 153 52.40 59.72 -53.65
C GLY F 153 51.85 59.11 -54.90
N ALA F 154 50.73 59.63 -55.41
CA ALA F 154 50.11 59.13 -56.60
C ALA F 154 50.60 59.81 -57.87
N GLY F 155 51.52 60.78 -57.77
CA GLY F 155 52.13 61.47 -58.91
C GLY F 155 51.46 62.77 -59.27
N LYS F 156 50.68 63.35 -58.36
CA LYS F 156 49.93 64.55 -58.62
C LYS F 156 50.80 65.79 -58.64
N THR F 157 51.95 65.75 -57.95
CA THR F 157 52.95 66.80 -58.01
C THR F 157 53.68 66.75 -59.33
N GLU F 158 54.11 65.56 -59.77
CA GLU F 158 54.84 65.37 -61.00
C GLU F 158 54.01 65.64 -62.24
N ASN F 159 52.70 65.27 -62.25
CA ASN F 159 51.83 65.56 -63.37
C ASN F 159 51.56 67.04 -63.54
N THR F 160 51.58 67.81 -62.43
CA THR F 160 51.40 69.26 -62.48
C THR F 160 52.58 69.92 -63.16
N LYS F 161 53.81 69.44 -62.88
CA LYS F 161 55.00 70.02 -63.47
C LYS F 161 55.13 69.77 -64.97
N PHE F 162 54.58 68.66 -65.49
CA PHE F 162 54.58 68.38 -66.91
C PHE F 162 53.59 69.26 -67.68
N VAL F 163 52.51 69.71 -67.02
CA VAL F 163 51.58 70.64 -67.62
C VAL F 163 52.23 71.99 -67.79
N LEU F 164 52.91 72.50 -66.74
CA LEU F 164 53.55 73.81 -66.84
C LEU F 164 54.78 73.81 -67.74
N ARG F 165 55.41 72.64 -67.93
CA ARG F 165 56.49 72.46 -68.88
C ARG F 165 56.01 72.54 -70.30
N TYR F 166 54.84 71.95 -70.61
CA TYR F 166 54.33 71.96 -71.97
C TYR F 166 53.85 73.34 -72.40
N LEU F 167 53.36 74.17 -71.48
CA LEU F 167 52.90 75.49 -71.85
C LEU F 167 54.01 76.49 -72.06
N THR F 168 55.21 76.29 -71.48
CA THR F 168 56.34 77.20 -71.67
C THR F 168 57.36 76.61 -72.61
N GLU F 169 56.95 75.65 -73.43
CA GLU F 169 57.79 75.03 -74.43
C GLU F 169 57.05 74.98 -75.74
N SER F 170 55.85 74.36 -75.76
CA SER F 170 55.09 74.20 -76.99
C SER F 170 54.48 75.48 -77.51
N TYR F 171 53.92 76.32 -76.62
CA TYR F 171 53.28 77.54 -77.06
C TYR F 171 53.90 78.80 -76.49
N GLY F 172 54.40 78.80 -75.24
CA GLY F 172 55.08 79.96 -74.67
C GLY F 172 56.48 80.10 -75.12
N THR F 173 56.85 81.13 -75.72
CA THR F 173 58.18 81.46 -76.17
C THR F 173 59.04 81.92 -75.24
N GLY F 174 59.15 82.25 -74.25
CA GLY F 174 59.93 82.70 -73.31
C GLY F 174 59.34 82.78 -71.98
N GLN F 175 59.19 83.01 -71.20
CA GLN F 175 58.67 83.20 -69.88
C GLN F 175 59.01 82.09 -68.95
N ASP F 176 59.99 82.26 -68.09
CA ASP F 176 60.47 81.32 -67.13
C ASP F 176 59.72 81.32 -65.82
N ILE F 177 58.42 81.06 -65.89
CA ILE F 177 57.53 81.04 -64.75
C ILE F 177 57.33 79.63 -64.24
N ASP F 178 57.52 78.63 -65.10
CA ASP F 178 57.33 77.22 -64.82
C ASP F 178 57.99 76.67 -63.58
N ASP F 179 59.25 77.00 -63.32
CA ASP F 179 59.95 76.50 -62.17
C ASP F 179 59.96 77.45 -61.00
N ARG F 180 59.23 78.59 -61.04
CA ARG F 180 59.19 79.43 -59.86
C ARG F 180 58.23 78.85 -58.83
N ILE F 181 57.27 78.02 -59.28
CA ILE F 181 56.39 77.26 -58.41
C ILE F 181 57.17 76.13 -57.77
N VAL F 182 57.97 75.43 -58.58
CA VAL F 182 58.80 74.32 -58.16
C VAL F 182 59.88 74.75 -57.18
N GLU F 183 60.54 75.89 -57.42
CA GLU F 183 61.56 76.42 -56.54
C GLU F 183 61.01 76.87 -55.20
N ALA F 184 59.76 77.33 -55.11
CA ALA F 184 59.20 77.70 -53.81
C ALA F 184 58.17 76.70 -53.31
N ASN F 185 58.33 75.42 -53.74
CA ASN F 185 57.60 74.30 -53.20
C ASN F 185 57.91 74.03 -51.73
N PRO F 186 59.13 74.14 -51.17
CA PRO F 186 59.33 73.89 -49.75
C PRO F 186 58.66 74.88 -48.84
N LEU F 187 58.29 76.08 -49.32
CA LEU F 187 57.52 77.01 -48.52
C LEU F 187 56.12 76.48 -48.28
N LEU F 188 55.51 75.85 -49.30
CA LEU F 188 54.17 75.31 -49.15
C LEU F 188 54.18 73.92 -48.53
N GLU F 189 55.36 73.28 -48.47
CA GLU F 189 55.54 72.02 -47.76
C GLU F 189 55.65 72.25 -46.26
N ALA F 190 55.91 73.50 -45.84
CA ALA F 190 55.97 73.87 -44.46
C ALA F 190 54.65 74.47 -44.00
N PHE F 191 54.20 75.54 -44.67
CA PHE F 191 52.98 76.24 -44.31
C PHE F 191 51.67 75.50 -44.54
N GLY F 192 51.52 74.80 -45.70
CA GLY F 192 50.24 74.16 -46.07
C GLY F 192 50.20 72.67 -45.89
N ASN F 193 51.26 71.95 -46.25
CA ASN F 193 51.35 70.51 -46.07
C ASN F 193 51.46 70.05 -44.61
N ALA F 194 50.65 69.06 -44.19
CA ALA F 194 50.74 68.52 -42.84
C ALA F 194 50.93 67.00 -42.88
N LYS F 195 50.66 66.30 -41.75
CA LYS F 195 50.74 64.86 -41.63
C LYS F 195 49.39 64.33 -41.20
N THR F 196 48.84 63.34 -41.92
CA THR F 196 47.57 62.71 -41.60
C THR F 196 47.81 61.24 -41.35
N VAL F 197 46.80 60.50 -40.86
CA VAL F 197 46.97 59.10 -40.49
C VAL F 197 47.45 58.21 -41.63
N ARG F 198 46.95 58.41 -42.85
CA ARG F 198 47.35 57.62 -43.99
C ARG F 198 48.31 58.30 -44.94
N ASN F 199 48.76 59.53 -44.66
CA ASN F 199 49.69 60.22 -45.55
C ASN F 199 50.70 61.00 -44.74
N ASN F 200 51.99 60.92 -45.09
CA ASN F 200 53.03 61.64 -44.37
C ASN F 200 53.16 63.08 -44.82
N ASN F 201 52.93 63.34 -46.12
CA ASN F 201 53.00 64.66 -46.69
C ASN F 201 51.72 64.89 -47.46
N SER F 202 50.70 65.55 -46.87
CA SER F 202 49.43 65.77 -47.54
C SER F 202 49.17 67.25 -47.66
N SER F 203 48.74 67.71 -48.84
CA SER F 203 48.32 69.09 -49.05
C SER F 203 46.94 69.27 -48.50
N ARG F 204 46.72 70.32 -47.72
CA ARG F 204 45.45 70.52 -47.05
C ARG F 204 44.72 71.74 -47.57
N PHE F 205 45.04 72.18 -48.81
CA PHE F 205 44.45 73.35 -49.39
C PHE F 205 44.23 73.18 -50.89
N GLY F 206 43.31 73.97 -51.45
CA GLY F 206 42.96 74.01 -52.85
C GLY F 206 43.90 74.89 -53.62
N LYS F 207 45.00 74.31 -54.12
CA LYS F 207 46.02 74.99 -54.89
C LYS F 207 45.54 75.30 -56.30
N PHE F 208 45.42 76.57 -56.70
CA PHE F 208 44.94 76.94 -58.02
C PHE F 208 45.97 77.80 -58.73
N VAL F 209 47.03 77.16 -59.26
CA VAL F 209 48.08 77.81 -60.03
C VAL F 209 47.56 78.14 -61.42
N GLU F 210 47.29 79.42 -61.75
CA GLU F 210 46.74 79.76 -63.04
C GLU F 210 47.80 80.39 -63.94
N ILE F 211 47.70 80.16 -65.27
CA ILE F 211 48.61 80.69 -66.28
C ILE F 211 47.83 81.56 -67.23
N HIS F 212 48.09 82.89 -67.19
CA HIS F 212 47.45 83.88 -68.02
C HIS F 212 47.93 83.84 -69.46
N PHE F 213 46.99 83.86 -70.42
CA PHE F 213 47.25 83.95 -71.84
C PHE F 213 46.58 85.18 -72.39
N ASN F 214 47.26 85.95 -73.25
CA ASN F 214 46.68 87.11 -73.90
C ASN F 214 45.98 86.73 -75.20
N GLU F 215 45.32 87.69 -75.87
CA GLU F 215 44.63 87.47 -77.13
C GLU F 215 45.55 87.11 -78.29
N LYS F 216 46.85 87.43 -78.16
CA LYS F 216 47.85 87.09 -79.14
C LYS F 216 48.48 85.74 -78.84
N SER F 217 47.94 85.00 -77.87
CA SER F 217 48.30 83.65 -77.50
C SER F 217 49.67 83.48 -76.91
N SER F 218 50.11 84.41 -76.07
CA SER F 218 51.37 84.33 -75.38
C SER F 218 51.17 84.30 -73.90
N VAL F 219 52.08 83.61 -73.18
CA VAL F 219 52.08 83.53 -71.73
C VAL F 219 52.48 84.86 -71.14
N VAL F 220 51.52 85.59 -70.55
CA VAL F 220 51.77 86.92 -70.00
C VAL F 220 51.96 86.93 -68.50
N GLY F 221 51.72 85.80 -67.82
CA GLY F 221 51.92 85.78 -66.39
C GLY F 221 51.28 84.60 -65.75
N GLY F 222 51.53 84.40 -64.45
CA GLY F 222 50.84 83.38 -63.70
C GLY F 222 50.40 83.93 -62.37
N PHE F 223 49.57 83.18 -61.65
CA PHE F 223 49.11 83.60 -60.35
C PHE F 223 48.78 82.36 -59.55
N VAL F 224 49.10 82.34 -58.24
CA VAL F 224 48.80 81.20 -57.40
C VAL F 224 47.70 81.60 -56.43
N SER F 225 46.57 80.89 -56.42
CA SER F 225 45.48 81.15 -55.48
C SER F 225 45.31 79.97 -54.57
N HIS F 226 44.90 80.20 -53.31
CA HIS F 226 44.68 79.16 -52.32
C HIS F 226 43.28 79.23 -51.75
N TYR F 227 42.64 78.09 -51.53
CA TYR F 227 41.31 78.01 -50.97
C TYR F 227 41.33 76.92 -49.93
N LEU F 228 40.56 77.08 -48.84
CA LEU F 228 40.44 76.17 -47.71
C LEU F 228 41.70 76.03 -46.86
N LEU F 229 41.54 75.65 -45.61
CA LEU F 229 42.59 75.43 -44.63
C LEU F 229 41.92 74.76 -43.46
N GLU F 230 42.61 73.88 -42.71
CA GLU F 230 42.00 73.23 -41.57
C GLU F 230 42.22 74.10 -40.35
N LYS F 231 41.22 74.92 -40.01
CA LYS F 231 41.26 75.83 -38.90
C LYS F 231 41.51 75.14 -37.58
N SER F 232 40.90 73.97 -37.38
CA SER F 232 41.05 73.14 -36.20
C SER F 232 42.45 72.61 -35.98
N ARG F 233 43.15 72.15 -37.04
CA ARG F 233 44.47 71.56 -36.98
C ARG F 233 45.52 72.49 -36.40
N ILE F 234 45.34 73.80 -36.59
CA ILE F 234 46.20 74.84 -36.04
C ILE F 234 46.29 74.76 -34.53
N CYS F 235 45.16 74.47 -33.84
CA CYS F 235 45.16 74.44 -32.39
C CYS F 235 45.00 73.06 -31.79
N VAL F 236 44.29 72.13 -32.44
CA VAL F 236 44.04 70.81 -31.88
C VAL F 236 44.13 69.75 -32.96
N GLN F 237 44.85 68.68 -32.69
CA GLN F 237 45.10 67.62 -33.64
C GLN F 237 44.59 66.32 -33.15
N GLY F 238 44.43 65.33 -34.02
CA GLY F 238 44.02 64.00 -33.71
C GLY F 238 45.09 63.13 -33.28
N LYS F 239 44.89 61.89 -33.04
CA LYS F 239 45.79 60.90 -32.67
C LYS F 239 46.75 60.56 -33.62
N GLU F 240 47.93 60.81 -33.36
CA GLU F 240 49.00 60.58 -34.15
C GLU F 240 49.16 61.41 -35.35
N GLU F 241 48.53 62.51 -35.43
CA GLU F 241 48.68 63.42 -36.48
C GLU F 241 49.59 64.55 -36.05
N ARG F 242 49.99 65.41 -36.96
CA ARG F 242 50.81 66.57 -36.65
C ARG F 242 50.02 67.82 -36.98
N ASN F 243 50.59 69.00 -36.65
CA ASN F 243 49.99 70.27 -37.00
C ASN F 243 50.51 70.61 -38.40
N TYR F 244 50.78 71.87 -38.78
CA TYR F 244 51.44 72.12 -40.04
C TYR F 244 52.93 71.95 -39.87
N HIS F 245 53.66 71.78 -40.98
CA HIS F 245 55.06 71.42 -40.93
C HIS F 245 56.02 72.54 -40.56
N ILE F 246 55.58 73.80 -40.60
CA ILE F 246 56.40 74.93 -40.18
C ILE F 246 56.52 74.98 -38.67
N PHE F 247 55.65 74.28 -37.92
CA PHE F 247 55.70 74.23 -36.48
C PHE F 247 56.56 73.07 -35.99
N TYR F 248 57.30 72.43 -36.90
CA TYR F 248 58.21 71.36 -36.53
C TYR F 248 59.52 71.65 -37.20
N ARG F 249 59.51 72.15 -38.45
CA ARG F 249 60.73 72.52 -39.14
C ARG F 249 61.40 73.75 -38.56
N LEU F 250 60.64 74.69 -37.97
CA LEU F 250 61.25 75.80 -37.28
C LEU F 250 61.82 75.37 -35.95
N CYS F 251 61.17 74.42 -35.26
CA CYS F 251 61.68 73.89 -34.02
C CYS F 251 62.92 73.02 -34.22
N ALA F 252 62.90 72.13 -35.23
CA ALA F 252 64.02 71.29 -35.55
C ALA F 252 65.22 72.01 -36.17
N GLY F 253 64.98 72.90 -37.13
CA GLY F 253 66.04 73.58 -37.87
C GLY F 253 66.60 74.85 -37.30
N ALA F 254 66.00 75.43 -36.25
CA ALA F 254 66.50 76.67 -35.66
C ALA F 254 67.83 76.57 -34.96
N SER F 255 68.71 77.54 -35.19
CA SER F 255 69.99 77.70 -34.53
C SER F 255 69.83 78.34 -33.16
N GLU F 256 70.92 78.51 -32.40
CA GLU F 256 70.84 79.03 -31.05
C GLU F 256 70.96 80.53 -31.02
N ASP F 257 71.28 81.16 -32.17
CA ASP F 257 71.30 82.60 -32.33
C ASP F 257 69.96 83.07 -32.88
N ILE F 258 69.06 82.11 -33.17
CA ILE F 258 67.69 82.33 -33.53
C ILE F 258 66.83 81.94 -32.35
N ARG F 259 67.17 80.85 -31.63
CA ARG F 259 66.39 80.40 -30.49
C ARG F 259 66.39 81.38 -29.34
N GLU F 260 67.47 82.16 -29.14
CA GLU F 260 67.47 83.20 -28.12
C GLU F 260 66.58 84.39 -28.46
N ARG F 261 66.25 84.57 -29.74
CA ARG F 261 65.44 85.68 -30.18
C ARG F 261 63.99 85.35 -30.28
N LEU F 262 63.64 84.08 -30.40
CA LEU F 262 62.26 83.65 -30.47
C LEU F 262 61.81 82.91 -29.24
N HIS F 263 62.74 82.61 -28.32
CA HIS F 263 62.52 81.89 -27.10
C HIS F 263 61.91 80.51 -27.28
N LEU F 264 62.34 79.79 -28.32
CA LEU F 264 61.84 78.47 -28.63
C LEU F 264 62.22 77.39 -27.63
N SER F 265 61.44 76.42 -27.41
CA SER F 265 61.65 75.31 -26.52
C SER F 265 61.11 74.08 -27.19
N SER F 266 61.29 72.89 -26.61
CA SER F 266 60.84 71.64 -27.17
C SER F 266 59.32 71.50 -27.27
N PRO F 267 58.77 70.84 -28.28
CA PRO F 267 57.32 70.73 -28.53
C PRO F 267 56.42 70.28 -27.42
N ASP F 268 56.91 69.59 -26.38
CA ASP F 268 56.11 69.15 -25.26
C ASP F 268 55.50 70.26 -24.45
N ASN F 269 56.20 71.38 -24.36
CA ASN F 269 55.75 72.56 -23.72
C ASN F 269 54.50 73.15 -24.32
N PHE F 270 54.41 73.18 -25.65
CA PHE F 270 53.36 73.90 -26.37
C PHE F 270 52.09 73.09 -26.60
N ARG F 271 50.94 73.62 -26.12
CA ARG F 271 49.63 72.97 -26.20
C ARG F 271 49.13 72.76 -27.62
N TYR F 272 49.59 73.56 -28.60
CA TYR F 272 49.19 73.37 -29.97
C TYR F 272 50.08 72.37 -30.70
N LEU F 273 50.97 71.67 -29.98
CA LEU F 273 51.82 70.65 -30.54
C LEU F 273 51.78 69.37 -29.73
N ASN F 274 51.60 69.44 -28.39
CA ASN F 274 51.59 68.25 -27.56
C ASN F 274 50.33 67.40 -27.64
N ARG F 275 49.23 67.92 -28.22
CA ARG F 275 48.01 67.16 -28.43
C ARG F 275 48.17 66.00 -29.40
N GLY F 276 48.92 66.20 -30.50
CA GLY F 276 49.20 65.17 -31.49
C GLY F 276 50.58 64.59 -31.34
N CYS F 277 51.25 64.34 -32.47
CA CYS F 277 52.59 63.80 -32.51
C CYS F 277 53.63 64.89 -32.53
N THR F 278 54.65 64.78 -31.66
CA THR F 278 55.71 65.77 -31.53
C THR F 278 56.98 65.38 -32.27
N ARG F 279 57.05 64.14 -32.79
CA ARG F 279 58.20 63.64 -33.50
C ARG F 279 58.51 64.33 -34.82
N TYR F 280 59.82 64.47 -35.13
CA TYR F 280 60.31 65.06 -36.36
C TYR F 280 60.58 63.99 -37.38
N PHE F 281 60.52 64.29 -38.68
CA PHE F 281 60.96 63.35 -39.69
C PHE F 281 62.45 63.56 -39.86
N ALA F 282 63.23 62.48 -39.98
CA ALA F 282 64.66 62.61 -40.14
C ALA F 282 65.26 61.33 -40.68
N ASN F 283 66.57 61.36 -40.96
CA ASN F 283 67.35 60.21 -41.39
C ASN F 283 68.52 60.12 -40.45
N LYS F 284 69.31 59.04 -40.51
CA LYS F 284 70.41 58.81 -39.59
C LYS F 284 71.41 59.95 -39.49
N GLU F 285 71.80 60.53 -40.62
CA GLU F 285 72.70 61.66 -40.65
C GLU F 285 72.14 62.92 -40.03
N THR F 286 70.87 63.26 -40.28
CA THR F 286 70.29 64.45 -39.70
C THR F 286 69.84 64.27 -38.28
N ASP F 287 69.59 63.02 -37.82
CA ASP F 287 69.32 62.70 -36.44
C ASP F 287 70.46 63.10 -35.50
N LYS F 288 71.71 63.13 -36.01
CA LYS F 288 72.87 63.59 -35.28
C LYS F 288 72.96 65.10 -35.20
N GLN F 289 72.27 65.83 -36.08
CA GLN F 289 72.36 67.27 -36.15
C GLN F 289 71.28 67.99 -35.35
N ILE F 290 70.27 67.28 -34.87
CA ILE F 290 69.21 67.84 -34.04
C ILE F 290 69.68 68.01 -32.61
N LEU F 291 69.62 69.25 -32.08
CA LEU F 291 70.07 69.59 -30.75
C LEU F 291 69.24 68.98 -29.63
N GLN F 292 69.87 68.70 -28.49
CA GLN F 292 69.27 68.06 -27.34
C GLN F 292 68.06 68.77 -26.75
N ASN F 293 68.09 70.10 -26.71
CA ASN F 293 66.99 70.91 -26.22
C ASN F 293 65.81 71.03 -27.17
N ARG F 294 65.92 70.53 -28.41
CA ARG F 294 64.80 70.50 -29.34
C ARG F 294 64.05 69.19 -29.24
N LYS F 295 64.58 68.20 -28.52
CA LYS F 295 64.00 66.88 -28.39
C LYS F 295 62.97 66.83 -27.27
N SER F 296 61.79 66.25 -27.55
CA SER F 296 60.72 66.06 -26.59
C SER F 296 60.85 64.69 -25.94
N PRO F 297 60.17 64.35 -24.85
CA PRO F 297 60.21 63.02 -24.26
C PRO F 297 59.76 61.96 -25.23
N GLU F 298 58.73 62.22 -26.06
CA GLU F 298 58.28 61.33 -27.10
C GLU F 298 59.36 61.08 -28.15
N TYR F 299 60.14 62.12 -28.52
CA TYR F 299 61.29 61.98 -29.40
C TYR F 299 62.38 61.11 -28.76
N LEU F 300 62.66 61.27 -27.46
CA LEU F 300 63.62 60.43 -26.78
C LEU F 300 63.20 58.96 -26.74
N LYS F 301 61.92 58.69 -26.43
CA LYS F 301 61.35 57.36 -26.40
C LYS F 301 61.22 56.66 -27.75
N ALA F 302 60.66 57.33 -28.78
CA ALA F 302 60.36 56.71 -30.05
C ALA F 302 61.20 57.20 -31.24
N GLY F 303 62.07 58.20 -31.07
CA GLY F 303 62.93 58.70 -32.12
C GLY F 303 62.27 59.34 -33.31
N SER F 304 63.05 59.62 -34.34
CA SER F 304 62.60 60.24 -35.57
C SER F 304 61.62 59.42 -36.38
N LEU F 305 60.75 60.11 -37.14
CA LEU F 305 59.80 59.50 -38.03
C LEU F 305 60.49 59.15 -39.35
N LYS F 306 60.22 57.96 -39.88
CA LYS F 306 60.82 57.43 -41.08
C LYS F 306 60.05 57.77 -42.36
N ASP F 307 60.70 58.48 -43.30
CA ASP F 307 60.14 58.77 -44.60
C ASP F 307 61.30 58.85 -45.58
N PRO F 308 61.23 58.39 -46.83
CA PRO F 308 62.35 58.45 -47.74
C PRO F 308 62.65 59.84 -48.23
N LEU F 309 61.74 60.81 -48.11
CA LEU F 309 61.95 62.14 -48.65
C LEU F 309 61.90 63.20 -47.58
N LEU F 310 60.95 63.14 -46.62
CA LEU F 310 60.83 64.14 -45.59
C LEU F 310 61.97 64.16 -44.58
N ASP F 311 62.51 65.36 -44.32
CA ASP F 311 63.55 65.57 -43.35
C ASP F 311 63.26 66.92 -42.71
N ASP F 312 62.73 66.98 -41.48
CA ASP F 312 62.36 68.25 -40.90
C ASP F 312 63.53 69.15 -40.55
N HIS F 313 64.74 68.59 -40.36
CA HIS F 313 65.93 69.37 -40.11
C HIS F 313 66.55 69.86 -41.41
N GLY F 314 66.66 68.97 -42.42
CA GLY F 314 67.28 69.30 -43.69
C GLY F 314 66.40 70.06 -44.63
N ASP F 315 65.06 69.89 -44.58
CA ASP F 315 64.21 70.66 -45.46
C ASP F 315 63.99 72.06 -44.92
N PHE F 316 64.37 72.36 -43.66
CA PHE F 316 64.33 73.73 -43.18
C PHE F 316 65.46 74.56 -43.81
N ILE F 317 66.56 73.88 -44.14
CA ILE F 317 67.68 74.48 -44.85
C ILE F 317 67.28 74.71 -46.29
N ARG F 318 66.62 73.74 -46.93
CA ARG F 318 66.21 73.91 -48.30
C ARG F 318 64.99 74.81 -48.44
N MET F 319 64.28 75.09 -47.34
CA MET F 319 63.29 76.15 -47.27
C MET F 319 63.93 77.51 -47.24
N CYS F 320 65.00 77.70 -46.44
CA CYS F 320 65.62 79.01 -46.34
C CYS F 320 66.50 79.34 -47.53
N THR F 321 66.92 78.32 -48.29
CA THR F 321 67.55 78.50 -49.60
C THR F 321 66.53 79.00 -50.60
N ALA F 322 65.31 78.45 -50.56
CA ALA F 322 64.24 78.86 -51.44
C ALA F 322 63.68 80.22 -51.10
N MET F 323 63.79 80.70 -49.84
CA MET F 323 63.37 82.04 -49.52
C MET F 323 64.37 83.08 -49.99
N LYS F 324 65.63 82.68 -50.19
CA LYS F 324 66.65 83.53 -50.75
C LYS F 324 66.48 83.66 -52.25
N LYS F 325 66.09 82.55 -52.93
CA LYS F 325 65.83 82.55 -54.34
C LYS F 325 64.56 83.29 -54.72
N ILE F 326 63.44 83.07 -53.99
CA ILE F 326 62.17 83.70 -54.32
C ILE F 326 62.17 85.21 -54.18
N GLY F 327 62.63 85.77 -53.05
CA GLY F 327 62.69 87.21 -52.91
C GLY F 327 62.66 87.71 -51.51
N LEU F 328 63.07 86.93 -50.51
CA LEU F 328 63.00 87.33 -49.12
C LEU F 328 64.38 87.49 -48.54
N ASP F 329 64.62 88.62 -47.85
CA ASP F 329 65.85 88.90 -47.16
C ASP F 329 65.83 88.28 -45.76
N ASP F 330 66.92 88.40 -44.99
CA ASP F 330 67.03 87.72 -43.72
C ASP F 330 66.24 88.43 -42.62
N GLU F 331 66.05 89.75 -42.72
CA GLU F 331 65.20 90.47 -41.80
C GLU F 331 63.74 90.12 -42.03
N GLU F 332 63.28 90.03 -43.30
CA GLU F 332 61.91 89.65 -43.59
C GLU F 332 61.66 88.17 -43.32
N LYS F 333 62.69 87.30 -43.46
CA LYS F 333 62.62 85.90 -43.08
C LYS F 333 62.44 85.73 -41.58
N LEU F 334 63.09 86.58 -40.75
CA LEU F 334 62.93 86.55 -39.32
C LEU F 334 61.55 87.01 -38.86
N ASP F 335 60.91 87.95 -39.58
CA ASP F 335 59.56 88.37 -39.24
C ASP F 335 58.53 87.30 -39.59
N LEU F 336 58.87 86.33 -40.45
CA LEU F 336 58.00 85.20 -40.72
C LEU F 336 58.23 84.09 -39.72
N PHE F 337 59.16 84.28 -38.77
CA PHE F 337 59.38 83.35 -37.68
C PHE F 337 58.86 83.94 -36.39
N ARG F 338 58.75 85.29 -36.26
CA ARG F 338 58.22 85.89 -35.05
C ARG F 338 56.73 85.67 -34.90
N VAL F 339 55.99 85.63 -36.03
CA VAL F 339 54.57 85.35 -36.00
C VAL F 339 54.30 83.90 -35.63
N VAL F 340 55.08 82.94 -36.16
CA VAL F 340 54.93 81.53 -35.84
C VAL F 340 55.22 81.25 -34.37
N ALA F 341 56.29 81.86 -33.81
CA ALA F 341 56.60 81.69 -32.41
C ALA F 341 55.60 82.37 -31.47
N GLY F 342 54.90 83.42 -31.93
CA GLY F 342 53.84 84.04 -31.15
C GLY F 342 52.61 83.21 -31.02
N VAL F 343 52.38 82.28 -31.94
CA VAL F 343 51.26 81.36 -31.89
C VAL F 343 51.53 80.28 -30.86
N LEU F 344 52.79 79.82 -30.79
CA LEU F 344 53.20 78.82 -29.83
C LEU F 344 53.10 79.29 -28.40
N HIS F 345 53.36 80.58 -28.14
CA HIS F 345 53.26 81.10 -26.79
C HIS F 345 51.88 81.65 -26.48
N LEU F 346 50.91 81.51 -27.39
CA LEU F 346 49.55 81.91 -27.12
C LEU F 346 48.75 80.76 -26.56
N GLY F 347 48.99 79.53 -27.03
CA GLY F 347 48.22 78.35 -26.65
C GLY F 347 48.36 77.86 -25.27
N ASN F 348 49.33 78.35 -24.51
CA ASN F 348 49.54 77.92 -23.15
C ASN F 348 48.84 78.84 -22.14
N ILE F 349 48.08 79.84 -22.59
CA ILE F 349 47.36 80.75 -21.72
C ILE F 349 46.05 80.15 -21.24
N ASP F 350 45.87 79.96 -19.91
CA ASP F 350 44.67 79.39 -19.32
C ASP F 350 43.82 80.43 -18.60
N PHE F 351 42.53 80.09 -18.43
CA PHE F 351 41.50 80.95 -17.91
C PHE F 351 40.72 80.28 -16.80
N GLU F 352 40.76 80.83 -15.57
CA GLU F 352 39.98 80.34 -14.47
C GLU F 352 38.70 81.15 -14.33
N GLU F 353 37.92 80.92 -13.26
CA GLU F 353 36.68 81.63 -13.00
C GLU F 353 36.92 82.79 -12.05
N ALA F 354 36.38 83.98 -12.37
CA ALA F 354 36.51 85.16 -11.54
C ALA F 354 35.89 85.04 -10.16
N GLY F 355 36.38 85.76 -9.17
CA GLY F 355 35.93 85.70 -7.79
C GLY F 355 34.70 86.41 -7.45
N SER F 356 33.66 86.28 -8.17
CA SER F 356 32.38 86.82 -7.98
C SER F 356 32.25 88.22 -8.11
N THR F 357 32.86 89.02 -8.50
CA THR F 357 32.86 90.37 -8.72
C THR F 357 32.47 90.76 -9.93
N SER F 358 32.02 90.87 -10.59
CA SER F 358 31.55 91.19 -11.76
C SER F 358 31.39 90.15 -12.79
N GLY F 359 31.29 88.90 -12.41
CA GLY F 359 31.20 87.78 -13.29
C GLY F 359 32.43 87.48 -14.09
N GLY F 360 32.32 86.68 -15.09
CA GLY F 360 33.38 86.32 -16.00
C GLY F 360 34.54 85.49 -15.57
N CYS F 361 35.62 85.59 -16.34
CA CYS F 361 36.82 84.82 -16.22
C CYS F 361 38.05 85.68 -16.02
N ASN F 362 39.13 85.10 -15.45
CA ASN F 362 40.40 85.76 -15.28
C ASN F 362 41.46 84.78 -15.75
N LEU F 363 42.71 85.22 -15.96
CA LEU F 363 43.78 84.34 -16.36
C LEU F 363 44.35 83.60 -15.16
N LYS F 364 45.01 82.45 -15.38
CA LYS F 364 45.66 81.73 -14.31
C LYS F 364 47.01 82.35 -13.95
N ASN F 365 47.45 82.19 -12.69
CA ASN F 365 48.69 82.74 -12.20
C ASN F 365 49.91 82.06 -12.79
N LYS F 366 49.77 80.80 -13.23
CA LYS F 366 50.80 80.09 -13.94
C LYS F 366 50.97 80.55 -15.37
N SER F 367 50.05 81.39 -15.85
CA SER F 367 50.05 81.93 -17.19
C SER F 367 50.50 83.36 -17.24
N THR F 368 51.22 83.85 -16.23
CA THR F 368 51.59 85.24 -16.15
C THR F 368 52.87 85.52 -16.89
N GLN F 369 53.92 84.73 -16.68
CA GLN F 369 55.18 84.91 -17.39
C GLN F 369 55.07 84.46 -18.82
N ALA F 370 54.08 83.62 -19.11
CA ALA F 370 53.78 83.16 -20.43
C ALA F 370 53.09 84.20 -21.28
N LEU F 371 52.51 85.23 -20.66
CA LEU F 371 51.87 86.29 -21.36
C LEU F 371 52.89 87.38 -21.64
N GLU F 372 53.84 87.58 -20.73
CA GLU F 372 54.91 88.53 -20.90
C GLU F 372 55.83 88.20 -22.04
N TYR F 373 56.10 86.92 -22.26
CA TYR F 373 56.93 86.48 -23.35
C TYR F 373 56.17 86.31 -24.65
N CYS F 374 54.85 86.56 -24.66
CA CYS F 374 54.05 86.46 -25.86
C CYS F 374 53.67 87.83 -26.39
N ALA F 375 53.47 88.82 -25.51
CA ALA F 375 53.01 90.12 -25.94
C ALA F 375 54.03 90.94 -26.68
N GLU F 376 55.34 90.66 -26.51
CA GLU F 376 56.35 91.35 -27.28
C GLU F 376 56.54 90.74 -28.65
N LEU F 377 56.02 89.53 -28.89
CA LEU F 377 56.04 88.94 -30.22
C LEU F 377 54.86 89.43 -31.02
N LEU F 378 53.77 89.80 -30.36
CA LEU F 378 52.58 90.33 -31.01
C LEU F 378 52.55 91.84 -31.07
N GLY F 379 53.46 92.55 -30.39
CA GLY F 379 53.54 94.01 -30.41
C GLY F 379 52.44 94.72 -29.69
N LEU F 380 51.97 94.15 -28.58
CA LEU F 380 50.86 94.67 -27.81
C LEU F 380 51.21 94.73 -26.34
N ASP F 381 50.43 95.42 -25.54
CA ASP F 381 50.64 95.55 -24.12
C ASP F 381 49.93 94.44 -23.35
N GLN F 382 50.58 93.92 -22.29
CA GLN F 382 50.10 92.80 -21.53
C GLN F 382 48.88 93.11 -20.68
N ASP F 383 48.64 94.38 -20.33
CA ASP F 383 47.49 94.74 -19.54
C ASP F 383 46.30 94.98 -20.43
N ASP F 384 46.50 95.46 -21.67
CA ASP F 384 45.43 95.64 -22.62
C ASP F 384 45.04 94.30 -23.25
N LEU F 385 45.99 93.37 -23.41
CA LEU F 385 45.68 92.06 -23.96
C LEU F 385 44.89 91.21 -22.98
N ARG F 386 45.12 91.36 -21.65
CA ARG F 386 44.36 90.65 -20.65
C ARG F 386 42.89 91.04 -20.62
N VAL F 387 42.58 92.35 -20.83
CA VAL F 387 41.21 92.83 -20.93
C VAL F 387 40.54 92.29 -22.17
N SER F 388 41.24 92.31 -23.31
CA SER F 388 40.74 91.90 -24.60
C SER F 388 40.48 90.43 -24.73
N LEU F 389 41.15 89.59 -23.94
CA LEU F 389 40.90 88.16 -23.97
C LEU F 389 39.85 87.76 -22.94
N THR F 390 39.31 88.71 -22.16
CA THR F 390 38.32 88.39 -21.14
C THR F 390 37.02 89.16 -21.27
N THR F 391 36.98 90.29 -21.98
CA THR F 391 35.79 91.13 -22.10
C THR F 391 35.18 91.26 -23.47
N ARG F 392 33.91 91.68 -23.49
CA ARG F 392 33.13 92.03 -24.65
C ARG F 392 32.91 93.52 -24.57
N VAL F 393 33.65 94.27 -25.39
CA VAL F 393 33.61 95.71 -25.47
C VAL F 393 32.44 96.19 -26.29
N MET F 394 31.55 97.02 -25.72
CA MET F 394 30.48 97.60 -26.49
C MET F 394 30.24 99.01 -26.01
N LEU F 395 29.30 99.74 -26.61
CA LEU F 395 28.98 101.08 -26.24
C LEU F 395 27.56 101.22 -25.90
N THR F 396 27.23 102.24 -25.14
CA THR F 396 25.89 102.54 -24.78
C THR F 396 25.41 103.79 -25.44
N THR F 397 26.19 104.36 -26.30
CA THR F 397 25.88 105.56 -27.03
C THR F 397 24.92 105.39 -28.02
N THR F 404 28.79 105.71 -22.99
CA THR F 404 30.14 105.39 -22.76
C THR F 404 30.44 104.04 -23.33
N VAL F 405 31.71 103.62 -23.31
CA VAL F 405 32.18 102.35 -23.82
C VAL F 405 32.42 101.44 -22.63
N ILE F 406 31.60 100.39 -22.49
CA ILE F 406 31.70 99.48 -21.36
C ILE F 406 32.41 98.20 -21.72
N LYS F 407 32.86 97.45 -20.69
CA LYS F 407 33.54 96.20 -20.83
C LYS F 407 32.74 95.18 -20.05
N VAL F 408 32.18 94.17 -20.73
CA VAL F 408 31.32 93.16 -20.13
C VAL F 408 32.03 91.81 -20.19
N PRO F 409 32.50 91.20 -19.12
CA PRO F 409 33.26 89.95 -19.19
C PRO F 409 32.57 88.75 -19.82
N LEU F 410 33.39 87.83 -20.36
CA LEU F 410 32.96 86.61 -21.00
C LEU F 410 33.09 85.42 -20.08
N LYS F 411 32.44 84.29 -20.43
CA LYS F 411 32.52 83.05 -19.68
C LYS F 411 33.83 82.33 -19.99
N VAL F 412 34.24 81.39 -19.11
CA VAL F 412 35.47 80.62 -19.25
C VAL F 412 35.58 79.85 -20.56
N GLU F 413 34.52 79.15 -20.98
CA GLU F 413 34.56 78.42 -22.23
C GLU F 413 34.61 79.32 -23.46
N GLN F 414 34.03 80.53 -23.36
CA GLN F 414 34.08 81.47 -24.44
C GLN F 414 35.42 82.16 -24.57
N ALA F 415 36.24 82.14 -23.51
CA ALA F 415 37.56 82.74 -23.54
C ALA F 415 38.60 81.75 -24.04
N ASN F 416 38.37 80.45 -23.80
CA ASN F 416 39.22 79.43 -24.37
C ASN F 416 39.00 79.35 -25.88
N ASN F 417 37.74 79.53 -26.33
CA ASN F 417 37.44 79.55 -27.74
C ASN F 417 37.87 80.84 -28.40
N ALA F 418 37.93 81.96 -27.68
CA ALA F 418 38.39 83.21 -28.25
C ALA F 418 39.90 83.28 -28.36
N ARG F 419 40.63 82.63 -27.43
CA ARG F 419 42.07 82.59 -27.48
C ARG F 419 42.53 81.72 -28.62
N ASP F 420 41.84 80.58 -28.87
CA ASP F 420 42.17 79.80 -30.04
C ASP F 420 41.65 80.42 -31.31
N ALA F 421 40.65 81.32 -31.26
CA ALA F 421 40.20 82.02 -32.44
C ALA F 421 41.18 83.06 -32.91
N LEU F 422 42.01 83.60 -32.00
CA LEU F 422 43.07 84.50 -32.38
C LEU F 422 44.18 83.76 -33.10
N ALA F 423 44.47 82.51 -32.69
CA ALA F 423 45.46 81.71 -33.39
C ALA F 423 44.97 81.18 -34.73
N LYS F 424 43.64 81.07 -34.92
CA LYS F 424 43.05 80.65 -36.17
C LYS F 424 42.71 81.82 -37.05
N THR F 425 43.21 83.01 -36.69
CA THR F 425 43.02 84.22 -37.46
C THR F 425 44.38 84.71 -37.84
N VAL F 426 45.34 84.74 -36.90
CA VAL F 426 46.71 85.15 -37.21
C VAL F 426 47.39 84.19 -38.16
N TYR F 427 47.31 82.86 -37.94
CA TYR F 427 47.93 81.94 -38.87
C TYR F 427 47.18 81.88 -40.20
N SER F 428 45.87 82.16 -40.22
CA SER F 428 45.10 82.21 -41.46
C SER F 428 45.50 83.36 -42.35
N HIS F 429 45.80 84.53 -41.77
CA HIS F 429 46.25 85.66 -42.55
C HIS F 429 47.74 85.59 -42.81
N LEU F 430 48.50 84.77 -42.07
CA LEU F 430 49.90 84.57 -42.36
C LEU F 430 50.11 83.73 -43.60
N PHE F 431 49.31 82.67 -43.81
CA PHE F 431 49.42 81.86 -45.02
C PHE F 431 48.95 82.61 -46.26
N ASP F 432 47.98 83.54 -46.10
CA ASP F 432 47.54 84.39 -47.17
C ASP F 432 48.56 85.49 -47.48
N HIS F 433 49.47 85.79 -46.53
CA HIS F 433 50.53 86.75 -46.76
C HIS F 433 51.70 86.11 -47.44
N VAL F 434 51.94 84.81 -47.22
CA VAL F 434 53.00 84.08 -47.87
C VAL F 434 52.67 83.89 -49.33
N VAL F 435 51.42 83.51 -49.66
CA VAL F 435 50.97 83.36 -51.04
C VAL F 435 50.99 84.68 -51.78
N ASN F 436 50.51 85.79 -51.16
CA ASN F 436 50.56 87.09 -51.79
C ASN F 436 51.99 87.61 -51.97
N ARG F 437 52.92 87.28 -51.06
CA ARG F 437 54.31 87.65 -51.22
C ARG F 437 54.97 86.91 -52.38
N VAL F 438 54.63 85.62 -52.56
CA VAL F 438 55.12 84.83 -53.68
C VAL F 438 54.56 85.33 -55.02
N ASN F 439 53.29 85.77 -55.09
CA ASN F 439 52.73 86.32 -56.30
C ASN F 439 53.29 87.69 -56.65
N GLN F 440 53.97 88.35 -55.70
CA GLN F 440 54.64 89.62 -55.96
C GLN F 440 56.07 89.40 -56.36
N CYS F 441 56.53 88.14 -56.41
CA CYS F 441 57.85 87.80 -56.90
C CYS F 441 57.79 87.48 -58.39
N PHE F 442 56.61 87.40 -58.97
CA PHE F 442 56.41 87.23 -60.39
C PHE F 442 55.12 87.92 -60.85
N PRO F 443 55.00 89.25 -60.81
CA PRO F 443 53.77 89.93 -61.18
C PRO F 443 53.37 89.76 -62.64
N PHE F 444 52.12 89.39 -62.90
CA PHE F 444 51.61 89.23 -64.25
C PHE F 444 51.59 90.52 -65.07
N GLU F 445 51.89 90.44 -66.37
CA GLU F 445 51.90 91.60 -67.22
C GLU F 445 50.51 92.11 -67.55
N THR F 446 49.58 91.20 -67.84
CA THR F 446 48.19 91.53 -68.16
C THR F 446 47.37 90.27 -67.96
N SER F 447 46.05 90.36 -68.14
CA SER F 447 45.12 89.25 -67.96
C SER F 447 44.11 89.23 -69.07
N SER F 448 43.66 88.03 -69.46
CA SER F 448 42.68 87.86 -70.50
C SER F 448 42.08 86.46 -70.43
N TYR F 449 42.73 85.45 -71.03
CA TYR F 449 42.34 84.05 -70.96
C TYR F 449 43.24 83.35 -69.96
N PHE F 450 42.88 82.15 -69.49
CA PHE F 450 43.71 81.45 -68.53
C PHE F 450 43.57 79.94 -68.61
N ILE F 451 44.69 79.24 -68.36
CA ILE F 451 44.73 77.79 -68.26
C ILE F 451 45.30 77.52 -66.89
N GLY F 452 44.51 77.00 -65.94
CA GLY F 452 45.03 76.75 -64.59
C GLY F 452 44.98 75.30 -64.22
N VAL F 453 45.67 74.96 -63.12
CA VAL F 453 45.73 73.64 -62.55
C VAL F 453 45.18 73.67 -61.15
N LEU F 454 44.07 72.97 -60.91
CA LEU F 454 43.52 72.82 -59.57
C LEU F 454 44.02 71.50 -59.03
N ASP F 455 44.78 71.52 -57.92
CA ASP F 455 45.27 70.34 -57.27
C ASP F 455 44.76 70.40 -55.84
N ILE F 456 44.22 69.27 -55.36
CA ILE F 456 43.66 69.15 -54.04
C ILE F 456 43.70 67.68 -53.67
N ALA F 457 43.54 67.35 -52.38
CA ALA F 457 43.51 65.99 -51.91
C ALA F 457 42.22 65.28 -52.32
N GLY F 458 42.31 63.98 -52.64
CA GLY F 458 41.16 63.18 -53.02
C GLY F 458 40.27 62.78 -51.87
N PHE F 459 39.44 61.77 -52.04
CA PHE F 459 38.59 61.25 -51.00
C PHE F 459 39.42 60.51 -49.97
N GLU F 460 39.72 61.10 -48.89
CA GLU F 460 40.59 60.59 -47.86
C GLU F 460 39.77 60.33 -46.62
N TYR F 461 39.93 59.14 -46.02
CA TYR F 461 39.19 58.78 -44.83
C TYR F 461 39.96 57.74 -44.05
N PHE F 462 39.69 57.66 -42.74
CA PHE F 462 40.37 56.80 -41.80
C PHE F 462 39.34 55.93 -41.13
N GLU F 463 39.73 55.13 -40.15
CA GLU F 463 38.85 54.27 -39.42
C GLU F 463 37.85 55.04 -38.59
N HIS F 464 38.27 56.09 -37.92
CA HIS F 464 37.42 57.00 -37.22
C HIS F 464 37.66 58.35 -37.81
N ASN F 465 36.65 58.94 -38.44
CA ASN F 465 36.81 60.17 -39.14
C ASN F 465 36.48 61.40 -38.33
N SER F 466 37.22 62.46 -38.54
CA SER F 466 37.16 63.71 -37.84
C SER F 466 36.45 64.80 -38.62
N PHE F 467 36.39 66.01 -38.04
CA PHE F 467 35.78 67.17 -38.65
C PHE F 467 36.62 67.68 -39.82
N GLU F 468 37.94 67.45 -39.79
CA GLU F 468 38.83 67.80 -40.87
C GLU F 468 38.57 66.97 -42.10
N GLN F 469 38.23 65.68 -41.93
CA GLN F 469 37.91 64.84 -43.06
C GLN F 469 36.47 65.01 -43.51
N PHE F 470 35.60 65.62 -42.69
CA PHE F 470 34.25 65.90 -43.08
C PHE F 470 34.22 67.02 -44.10
N CYS F 471 35.11 68.01 -43.99
CA CYS F 471 35.14 69.08 -44.97
C CYS F 471 35.84 68.68 -46.25
N ILE F 472 36.72 67.66 -46.22
CA ILE F 472 37.38 67.14 -47.42
C ILE F 472 36.41 66.33 -48.25
N ASN F 473 35.65 65.43 -47.60
CA ASN F 473 34.71 64.59 -48.32
C ASN F 473 33.49 65.36 -48.79
N TYR F 474 33.14 66.48 -48.12
CA TYR F 474 32.11 67.39 -48.57
C TYR F 474 32.60 68.20 -49.76
N CYS F 475 33.89 68.54 -49.81
CA CYS F 475 34.45 69.23 -50.96
C CYS F 475 34.55 68.30 -52.16
N ASN F 476 34.90 67.02 -51.94
CA ASN F 476 34.95 66.08 -53.05
C ASN F 476 33.58 65.68 -53.56
N GLU F 477 32.51 65.75 -52.76
CA GLU F 477 31.15 65.48 -53.23
C GLU F 477 30.65 66.58 -54.17
N LYS F 478 30.97 67.85 -53.88
CA LYS F 478 30.61 68.95 -54.76
C LYS F 478 31.42 68.90 -56.06
N LEU F 479 32.70 68.48 -55.98
CA LEU F 479 33.50 68.29 -57.17
C LEU F 479 33.07 67.06 -57.95
N GLN F 480 32.45 66.06 -57.30
CA GLN F 480 31.90 64.90 -57.95
C GLN F 480 30.64 65.24 -58.72
N GLN F 481 29.85 66.22 -58.22
CA GLN F 481 28.70 66.73 -58.93
C GLN F 481 29.11 67.40 -60.23
N PHE F 482 30.11 68.31 -60.18
CA PHE F 482 30.58 68.96 -61.38
C PHE F 482 31.34 68.01 -62.33
N PHE F 483 31.94 66.92 -61.81
CA PHE F 483 32.61 65.94 -62.62
C PHE F 483 31.63 65.21 -63.54
N ASN F 484 30.52 64.69 -62.97
CA ASN F 484 29.54 63.99 -63.78
C ASN F 484 28.74 64.92 -64.67
N GLU F 485 28.66 66.22 -64.33
CA GLU F 485 27.99 67.21 -65.14
C GLU F 485 28.75 67.52 -66.41
N ARG F 486 30.10 67.48 -66.35
CA ARG F 486 30.93 67.71 -67.50
C ARG F 486 31.05 66.47 -68.38
N ILE F 487 30.93 65.26 -67.80
CA ILE F 487 30.97 64.03 -68.56
C ILE F 487 29.72 63.86 -69.40
N LEU F 488 28.54 64.16 -68.84
CA LEU F 488 27.31 64.07 -69.59
C LEU F 488 27.27 65.07 -70.73
N LYS F 489 27.81 66.29 -70.53
CA LYS F 489 27.86 67.25 -71.61
C LYS F 489 28.81 66.85 -72.74
N GLU F 490 29.95 66.18 -72.44
CA GLU F 490 30.83 65.70 -73.48
C GLU F 490 30.23 64.60 -74.33
N GLU F 491 29.49 63.66 -73.71
CA GLU F 491 28.84 62.58 -74.41
C GLU F 491 27.67 63.04 -75.25
N GLN F 492 26.95 64.10 -74.84
CA GLN F 492 25.86 64.62 -75.63
C GLN F 492 26.33 65.37 -76.86
N GLU F 493 27.56 65.90 -76.85
CA GLU F 493 28.10 66.56 -78.01
C GLU F 493 29.04 65.67 -78.79
N LEU F 494 29.17 64.39 -78.37
CA LEU F 494 29.86 63.39 -79.14
C LEU F 494 28.87 62.72 -80.07
N TYR F 495 27.68 62.39 -79.56
CA TYR F 495 26.61 61.77 -80.31
C TYR F 495 26.14 62.66 -81.46
N GLN F 496 26.02 63.99 -81.19
CA GLN F 496 25.72 64.97 -82.21
C GLN F 496 26.82 65.09 -83.27
N LYS F 497 28.10 65.10 -82.86
CA LYS F 497 29.23 65.17 -83.76
C LYS F 497 29.37 63.97 -84.68
N GLU F 498 29.01 62.77 -84.24
CA GLU F 498 29.04 61.56 -85.05
C GLU F 498 27.74 61.40 -85.86
N GLY F 499 26.79 62.31 -85.71
CA GLY F 499 25.55 62.32 -86.48
C GLY F 499 24.49 61.41 -85.96
N LEU F 500 24.55 60.96 -84.72
CA LEU F 500 23.60 60.08 -84.10
C LEU F 500 22.46 60.84 -83.49
N GLY F 501 22.64 62.08 -83.30
CA GLY F 501 21.68 62.95 -82.71
C GLY F 501 21.36 62.76 -81.31
N VAL F 502 20.40 63.36 -80.74
CA VAL F 502 20.01 63.30 -79.38
C VAL F 502 19.33 62.07 -78.97
N ASN F 503 19.57 61.60 -77.76
CA ASN F 503 19.02 60.43 -77.21
C ASN F 503 18.85 60.60 -75.73
N GLU F 504 18.02 59.80 -75.09
CA GLU F 504 17.72 59.87 -73.68
C GLU F 504 18.71 59.10 -72.85
N VAL F 505 19.24 59.67 -71.80
CA VAL F 505 20.17 59.07 -70.92
C VAL F 505 19.78 59.41 -69.51
N HIS F 506 19.91 58.53 -68.56
CA HIS F 506 19.54 58.72 -67.19
C HIS F 506 20.66 59.32 -66.36
N TYR F 507 20.41 60.36 -65.63
CA TYR F 507 21.40 61.02 -64.83
C TYR F 507 21.21 60.75 -63.38
N VAL F 508 22.29 60.56 -62.66
CA VAL F 508 22.31 60.32 -61.27
C VAL F 508 22.52 61.49 -60.43
N ASP F 509 21.70 61.80 -59.55
CA ASP F 509 21.77 62.92 -58.74
C ASP F 509 22.40 62.67 -57.37
N ASN F 510 23.08 63.67 -56.82
CA ASN F 510 23.68 63.63 -55.49
C ASN F 510 23.31 64.87 -54.72
N GLN F 511 22.30 65.62 -55.18
CA GLN F 511 21.83 66.85 -54.58
C GLN F 511 21.21 66.61 -53.21
N ASP F 512 20.62 65.44 -53.00
CA ASP F 512 20.06 65.05 -51.72
C ASP F 512 21.12 64.85 -50.65
N CYS F 513 22.36 64.49 -51.02
CA CYS F 513 23.47 64.39 -50.08
C CYS F 513 23.99 65.78 -49.75
N ILE F 514 23.95 66.70 -50.71
CA ILE F 514 24.38 68.07 -50.54
C ILE F 514 23.40 68.81 -49.64
N ASP F 515 22.09 68.72 -49.92
CA ASP F 515 21.05 69.29 -49.08
C ASP F 515 21.12 68.76 -47.64
N LEU F 516 21.43 67.47 -47.43
CA LEU F 516 21.63 66.89 -46.11
C LEU F 516 22.72 67.60 -45.34
N ILE F 517 23.90 67.79 -45.95
CA ILE F 517 25.00 68.46 -45.30
C ILE F 517 24.84 69.97 -45.14
N GLU F 518 24.43 70.70 -46.21
CA GLU F 518 24.45 72.15 -46.17
C GLU F 518 23.16 72.93 -46.32
N ALA F 519 21.96 72.31 -46.40
CA ALA F 519 20.72 73.09 -46.54
C ALA F 519 20.39 74.03 -45.39
N ARG F 520 19.77 75.18 -45.70
CA ARG F 520 19.39 76.17 -44.73
C ARG F 520 18.43 75.66 -43.70
N LEU F 521 18.76 75.85 -42.42
CA LEU F 521 18.01 75.49 -41.25
C LEU F 521 17.97 74.02 -40.94
N VAL F 522 17.91 73.12 -41.89
CA VAL F 522 17.82 71.70 -41.72
C VAL F 522 19.10 70.95 -41.94
N GLY F 523 20.11 71.52 -42.63
CA GLY F 523 21.37 70.87 -42.90
C GLY F 523 22.21 70.58 -41.69
N ILE F 524 23.23 69.71 -41.83
CA ILE F 524 24.09 69.34 -40.73
C ILE F 524 24.98 70.49 -40.34
N LEU F 525 25.55 71.23 -41.30
CA LEU F 525 26.34 72.40 -40.96
C LEU F 525 25.50 73.52 -40.38
N ASP F 526 24.21 73.62 -40.74
CA ASP F 526 23.32 74.62 -40.19
C ASP F 526 22.91 74.36 -38.74
N ILE F 527 22.81 73.09 -38.32
CA ILE F 527 22.51 72.74 -36.95
C ILE F 527 23.73 72.96 -36.07
N LEU F 528 24.91 72.67 -36.62
CA LEU F 528 26.19 72.83 -35.97
C LEU F 528 26.51 74.27 -35.62
N ASP F 529 26.18 75.20 -36.52
CA ASP F 529 26.40 76.61 -36.31
C ASP F 529 25.36 77.21 -35.35
N GLU F 530 24.18 76.58 -35.25
CA GLU F 530 23.14 77.00 -34.32
C GLU F 530 23.44 76.57 -32.90
N GLU F 531 24.11 75.42 -32.73
CA GLU F 531 24.47 74.89 -31.43
C GLU F 531 25.45 75.77 -30.70
N ASN F 532 26.31 76.49 -31.45
CA ASN F 532 27.22 77.46 -30.90
C ASN F 532 26.48 78.65 -30.27
N ARG F 533 25.31 79.02 -30.81
CA ARG F 533 24.52 80.11 -30.29
C ARG F 533 23.80 79.79 -28.99
N LEU F 534 23.57 78.52 -28.66
CA LEU F 534 22.92 78.11 -27.42
C LEU F 534 23.67 78.50 -26.17
N PRO F 535 23.01 78.78 -25.03
CA PRO F 535 23.69 79.14 -23.79
C PRO F 535 24.54 78.03 -23.23
N GLN F 536 24.34 76.79 -23.62
CA GLN F 536 25.13 75.67 -23.22
C GLN F 536 25.26 74.73 -24.40
N PRO F 537 26.32 74.73 -25.18
CA PRO F 537 26.46 73.84 -26.32
C PRO F 537 26.71 72.40 -25.91
N SER F 538 26.24 71.43 -26.69
CA SER F 538 26.43 70.03 -26.39
C SER F 538 26.69 69.28 -27.68
N ASP F 539 27.25 68.07 -27.61
CA ASP F 539 27.56 67.26 -28.75
C ASP F 539 26.55 66.13 -28.81
N GLN F 540 25.95 65.81 -27.66
CA GLN F 540 24.86 64.88 -27.59
C GLN F 540 23.59 65.53 -28.11
N HIS F 541 23.44 66.86 -27.92
CA HIS F 541 22.31 67.55 -28.48
C HIS F 541 22.46 67.79 -29.96
N PHE F 542 23.70 67.90 -30.47
CA PHE F 542 23.96 68.01 -31.88
C PHE F 542 23.66 66.71 -32.63
N THR F 543 24.01 65.56 -32.05
CA THR F 543 23.80 64.29 -32.73
C THR F 543 22.34 63.93 -32.82
N SER F 544 21.60 64.16 -31.73
CA SER F 544 20.18 63.89 -31.69
C SER F 544 19.39 64.86 -32.54
N ALA F 545 19.89 66.07 -32.79
CA ALA F 545 19.22 67.03 -33.65
C ALA F 545 19.33 66.70 -35.13
N VAL F 546 20.38 65.95 -35.52
CA VAL F 546 20.55 65.52 -36.90
C VAL F 546 19.50 64.49 -37.24
N HIS F 547 19.28 63.50 -36.35
CA HIS F 547 18.24 62.53 -36.62
C HIS F 547 16.88 62.98 -36.13
N GLN F 548 16.78 64.20 -35.56
CA GLN F 548 15.51 64.85 -35.30
C GLN F 548 14.93 65.38 -36.59
N LYS F 549 15.73 66.20 -37.31
CA LYS F 549 15.26 66.84 -38.52
C LYS F 549 15.35 65.95 -39.75
N HIS F 550 16.32 65.02 -39.79
CA HIS F 550 16.45 64.07 -40.88
C HIS F 550 16.19 62.67 -40.37
N LYS F 551 14.97 62.30 -40.17
CA LYS F 551 14.61 60.99 -39.68
C LYS F 551 14.55 59.94 -40.74
N ASP F 552 14.30 60.29 -41.98
CA ASP F 552 14.24 59.39 -43.06
C ASP F 552 15.31 59.49 -44.00
N HIS F 553 15.63 59.29 -44.91
CA HIS F 553 16.59 59.33 -45.91
C HIS F 553 17.58 58.25 -45.92
N PHE F 554 18.02 57.88 -47.04
CA PHE F 554 18.91 56.82 -47.22
C PHE F 554 20.37 57.18 -47.12
N ARG F 555 20.72 58.44 -47.25
CA ARG F 555 22.07 58.91 -47.16
C ARG F 555 22.59 59.04 -45.73
N LEU F 556 21.81 58.61 -44.72
CA LEU F 556 22.15 58.80 -43.33
C LEU F 556 21.54 57.70 -42.49
N SER F 557 22.35 57.05 -41.65
CA SER F 557 21.87 56.01 -40.74
C SER F 557 22.57 56.11 -39.40
N ILE F 558 22.11 55.29 -38.43
CA ILE F 558 22.72 55.18 -37.12
C ILE F 558 23.97 54.32 -37.18
N PRO F 559 24.97 54.46 -36.30
CA PRO F 559 26.20 53.68 -36.39
C PRO F 559 26.04 52.19 -36.26
N ARG F 560 25.06 51.73 -35.49
CA ARG F 560 24.80 50.33 -35.23
C ARG F 560 24.25 49.58 -36.42
N LYS F 561 23.74 50.31 -37.44
CA LYS F 561 23.26 49.71 -38.66
C LYS F 561 24.38 49.22 -39.56
N SER F 562 25.61 49.71 -39.34
CA SER F 562 26.80 49.30 -40.06
C SER F 562 27.19 47.87 -39.84
N LYS F 563 27.79 47.24 -40.85
CA LYS F 563 28.27 45.89 -40.78
C LYS F 563 29.59 45.80 -40.04
N LEU F 564 30.38 46.86 -40.01
CA LEU F 564 31.66 46.89 -39.37
C LEU F 564 31.57 46.98 -37.86
N ALA F 565 32.27 46.05 -37.18
CA ALA F 565 32.29 45.92 -35.74
C ALA F 565 32.76 47.15 -35.01
N ILE F 566 33.80 47.83 -35.54
CA ILE F 566 34.32 49.06 -34.96
C ILE F 566 33.28 50.17 -34.94
N HIS F 567 32.44 50.26 -35.99
CA HIS F 567 31.38 51.24 -36.06
C HIS F 567 30.19 50.85 -35.22
N ARG F 568 29.98 49.55 -34.97
CA ARG F 568 28.93 49.10 -34.08
C ARG F 568 29.20 49.36 -32.61
N ASN F 569 30.45 49.67 -32.23
CA ASN F 569 30.79 50.01 -30.87
C ASN F 569 30.48 51.47 -30.55
N ILE F 570 30.16 52.30 -31.56
CA ILE F 570 29.81 53.70 -31.39
C ILE F 570 28.36 53.84 -30.96
N ARG F 571 28.10 54.60 -29.89
CA ARG F 571 26.76 54.83 -29.39
C ARG F 571 26.01 55.83 -30.23
N ASP F 572 24.67 55.79 -30.21
CA ASP F 572 23.78 56.59 -31.03
C ASP F 572 24.04 58.08 -30.98
N ASP F 573 24.41 58.60 -29.81
CA ASP F 573 24.66 60.01 -29.60
C ASP F 573 26.13 60.36 -29.72
N GLU F 574 26.97 59.43 -30.20
CA GLU F 574 28.40 59.63 -30.37
C GLU F 574 28.86 59.66 -31.81
N GLY F 575 27.96 59.47 -32.80
CA GLY F 575 28.37 59.53 -34.19
C GLY F 575 27.26 59.27 -35.17
N PHE F 576 27.58 59.34 -36.47
CA PHE F 576 26.62 59.13 -37.55
C PHE F 576 27.33 58.67 -38.82
N ILE F 577 26.57 58.03 -39.75
CA ILE F 577 27.11 57.50 -40.98
C ILE F 577 26.43 58.21 -42.13
N ILE F 578 27.23 58.84 -43.00
CA ILE F 578 26.77 59.60 -44.14
C ILE F 578 27.25 58.93 -45.41
N ARG F 579 26.33 58.51 -46.30
CA ARG F 579 26.73 57.89 -47.54
C ARG F 579 27.12 58.92 -48.57
N HIS F 580 28.31 58.77 -49.16
CA HIS F 580 28.86 59.64 -50.18
C HIS F 580 29.08 58.80 -51.42
N PHE F 581 29.62 59.38 -52.50
CA PHE F 581 29.91 58.67 -53.74
C PHE F 581 30.85 57.49 -53.58
N ALA F 582 31.78 57.58 -52.62
CA ALA F 582 32.73 56.54 -52.30
C ALA F 582 32.21 55.59 -51.21
N GLY F 583 30.92 55.67 -50.85
CA GLY F 583 30.30 54.75 -49.91
C GLY F 583 29.92 55.35 -48.59
N ALA F 584 29.71 54.48 -47.60
CA ALA F 584 29.25 54.82 -46.28
C ALA F 584 30.41 55.15 -45.35
N VAL F 585 30.53 56.43 -44.95
CA VAL F 585 31.63 56.91 -44.13
C VAL F 585 31.08 57.35 -42.79
N CYS F 586 31.59 56.76 -41.69
CA CYS F 586 31.15 57.14 -40.37
C CYS F 586 31.99 58.29 -39.84
N TYR F 587 31.40 59.16 -39.02
CA TYR F 587 32.08 60.26 -38.38
C TYR F 587 31.69 60.23 -36.93
N GLU F 588 32.63 60.48 -36.00
CA GLU F 588 32.29 60.59 -34.59
C GLU F 588 31.94 62.04 -34.30
N THR F 589 31.12 62.33 -33.28
CA THR F 589 30.70 63.70 -33.01
C THR F 589 31.40 64.30 -31.84
N THR F 590 32.25 63.55 -31.11
CA THR F 590 33.03 64.13 -30.04
C THR F 590 34.04 65.13 -30.57
N GLN F 591 34.05 66.30 -29.99
CA GLN F 591 34.83 67.46 -30.35
C GLN F 591 34.45 68.15 -31.64
N PHE F 592 33.37 67.74 -32.32
CA PHE F 592 32.91 68.33 -33.56
C PHE F 592 32.49 69.78 -33.41
N VAL F 593 31.71 70.10 -32.36
CA VAL F 593 31.27 71.44 -32.11
C VAL F 593 32.40 72.30 -31.62
N GLU F 594 33.28 71.75 -30.78
CA GLU F 594 34.45 72.44 -30.28
C GLU F 594 35.41 72.84 -31.36
N LYS F 595 35.60 71.99 -32.37
CA LYS F 595 36.41 72.31 -33.52
C LYS F 595 35.76 73.29 -34.47
N ASN F 596 34.43 73.40 -34.47
CA ASN F 596 33.73 74.36 -35.30
C ASN F 596 33.67 75.71 -34.64
N ASN F 597 33.51 75.77 -33.32
CA ASN F 597 33.38 76.99 -32.59
C ASN F 597 34.58 77.90 -32.64
N ASP F 598 34.45 79.06 -33.11
CA ASP F 598 35.42 80.09 -33.21
C ASP F 598 34.80 81.33 -32.66
N ALA F 599 35.21 82.12 -31.98
CA ALA F 599 34.66 83.31 -31.38
C ALA F 599 35.51 84.51 -31.45
N LEU F 600 35.93 84.97 -32.58
CA LEU F 600 36.69 86.15 -32.70
C LEU F 600 35.78 87.35 -32.63
N HIS F 601 35.78 88.10 -31.68
CA HIS F 601 34.92 89.22 -31.47
C HIS F 601 35.64 90.52 -31.48
N MET F 602 34.88 91.62 -31.59
CA MET F 602 35.30 92.99 -31.67
C MET F 602 36.45 93.38 -30.79
N SER F 603 36.37 93.05 -29.49
CA SER F 603 37.39 93.34 -28.51
C SER F 603 38.74 92.75 -28.74
N LEU F 604 38.88 91.84 -29.70
CA LEU F 604 40.12 91.17 -29.96
C LEU F 604 40.48 91.31 -31.41
N GLU F 605 39.48 91.39 -32.32
CA GLU F 605 39.74 91.68 -33.71
C GLU F 605 40.25 93.09 -33.91
N SER F 606 39.74 94.07 -33.13
CA SER F 606 40.22 95.43 -33.15
C SER F 606 41.30 95.68 -32.13
N LEU F 607 42.18 94.70 -31.93
CA LEU F 607 43.36 94.86 -31.09
C LEU F 607 44.54 94.32 -31.83
N ILE F 608 44.40 93.18 -32.54
CA ILE F 608 45.51 92.65 -33.31
C ILE F 608 45.74 93.44 -34.58
N CYS F 609 44.72 94.16 -35.06
CA CYS F 609 44.86 95.09 -36.15
C CYS F 609 45.54 96.37 -35.69
N GLU F 610 45.48 96.68 -34.39
CA GLU F 610 46.02 97.89 -33.81
C GLU F 610 47.43 97.74 -33.29
N SER F 611 48.11 96.63 -33.53
CA SER F 611 49.48 96.32 -33.12
C SER F 611 50.53 97.40 -33.36
N ARG F 612 51.53 97.50 -32.47
CA ARG F 612 52.62 98.44 -32.57
C ARG F 612 53.66 97.95 -33.56
N ASP F 613 53.63 96.69 -33.96
CA ASP F 613 54.49 96.08 -34.95
C ASP F 613 53.92 96.36 -36.34
N LYS F 614 54.79 96.52 -37.35
CA LYS F 614 54.36 96.93 -38.67
C LYS F 614 54.08 95.74 -39.55
N PHE F 615 54.83 94.64 -39.37
CA PHE F 615 54.62 93.43 -40.14
C PHE F 615 53.29 92.78 -39.80
N ILE F 616 52.83 92.92 -38.55
CA ILE F 616 51.54 92.42 -38.10
C ILE F 616 50.39 93.21 -38.69
N ARG F 617 50.48 94.54 -38.78
CA ARG F 617 49.41 95.33 -39.38
C ARG F 617 49.26 95.08 -40.87
N GLU F 618 50.33 94.67 -41.55
CA GLU F 618 50.30 94.32 -42.95
C GLU F 618 49.56 93.01 -43.21
N LEU F 619 49.48 92.11 -42.22
CA LEU F 619 48.76 90.85 -42.34
C LEU F 619 47.26 91.04 -42.41
N PHE F 620 46.73 92.10 -41.77
CA PHE F 620 45.31 92.32 -41.69
C PHE F 620 44.84 93.41 -42.63
N GLU F 621 45.51 93.54 -43.78
CA GLU F 621 45.16 94.40 -44.89
C GLU F 621 45.06 95.89 -44.55
N GLY F 635 29.94 96.65 -35.41
CA GLY F 635 29.20 96.00 -34.67
C GLY F 635 27.90 95.59 -35.25
N LYS F 636 27.37 94.45 -34.87
CA LYS F 636 27.56 93.19 -35.50
C LYS F 636 28.96 92.62 -35.65
N LEU F 637 29.18 91.29 -35.70
CA LEU F 637 28.27 90.17 -35.70
C LEU F 637 28.48 89.27 -34.50
N SER F 638 29.32 89.62 -33.58
CA SER F 638 29.67 88.90 -32.38
C SER F 638 30.38 87.65 -32.64
N PHE F 639 29.79 86.55 -32.55
CA PHE F 639 30.37 85.30 -32.72
C PHE F 639 30.53 84.82 -34.11
N ILE F 640 29.99 85.46 -35.02
CA ILE F 640 30.06 85.19 -36.40
C ILE F 640 29.54 83.86 -36.85
N SER F 641 29.61 83.49 -37.96
CA SER F 641 29.16 82.29 -38.55
C SER F 641 30.29 81.44 -39.04
N VAL F 642 30.70 80.51 -38.37
CA VAL F 642 31.84 79.67 -38.58
C VAL F 642 31.59 78.52 -39.53
N GLY F 643 30.40 77.90 -39.45
CA GLY F 643 29.98 76.81 -40.31
C GLY F 643 29.55 77.24 -41.67
N ASN F 644 29.60 78.55 -41.94
CA ASN F 644 29.16 79.16 -43.17
C ASN F 644 30.39 79.51 -43.97
N LYS F 645 31.53 79.78 -43.33
CA LYS F 645 32.76 80.12 -44.04
C LYS F 645 33.28 78.96 -44.86
N PHE F 646 32.98 77.72 -44.43
CA PHE F 646 33.32 76.54 -45.19
C PHE F 646 32.43 76.35 -46.41
N LYS F 647 31.20 76.89 -46.42
CA LYS F 647 30.34 76.75 -47.57
C LYS F 647 30.57 77.90 -48.53
N THR F 648 30.74 79.12 -47.99
CA THR F 648 30.93 80.34 -48.76
C THR F 648 32.21 80.35 -49.54
N GLN F 649 33.35 79.94 -48.94
CA GLN F 649 34.59 79.91 -49.69
C GLN F 649 34.62 78.87 -50.79
N LEU F 650 33.93 77.73 -50.61
CA LEU F 650 33.86 76.70 -51.63
C LEU F 650 33.01 77.10 -52.83
N ASN F 651 31.97 77.92 -52.62
CA ASN F 651 31.14 78.41 -53.72
C ASN F 651 31.87 79.40 -54.61
N LEU F 652 32.97 80.00 -54.13
CA LEU F 652 33.77 80.90 -54.94
C LEU F 652 34.68 80.15 -55.90
N LEU F 653 34.81 78.82 -55.72
CA LEU F 653 35.62 78.01 -56.57
C LEU F 653 34.74 77.17 -57.47
N LEU F 654 33.58 76.70 -57.01
CA LEU F 654 32.68 75.91 -57.83
C LEU F 654 32.07 76.66 -58.99
N ASP F 655 31.70 77.94 -58.79
CA ASP F 655 31.19 78.72 -59.89
C ASP F 655 32.30 79.19 -60.82
N LYS F 656 33.57 79.21 -60.35
CA LYS F 656 34.68 79.48 -61.24
C LYS F 656 34.97 78.27 -62.10
N LEU F 657 34.82 77.05 -61.57
CA LEU F 657 34.97 75.84 -62.35
C LEU F 657 33.86 75.64 -63.36
N ARG F 658 32.64 76.12 -63.07
CA ARG F 658 31.55 76.10 -64.02
C ARG F 658 31.73 77.10 -65.14
N SER F 659 32.50 78.18 -64.92
CA SER F 659 32.74 79.22 -65.91
C SER F 659 33.87 78.88 -66.87
N THR F 660 34.64 77.83 -66.61
CA THR F 660 35.76 77.39 -67.44
C THR F 660 35.51 76.01 -68.00
N GLY F 661 36.33 75.57 -68.97
CA GLY F 661 36.32 74.18 -69.43
C GLY F 661 37.01 73.30 -68.42
N ALA F 662 37.08 71.97 -68.64
CA ALA F 662 37.71 71.10 -67.66
C ALA F 662 38.42 69.90 -68.26
N SER F 663 39.52 69.51 -67.60
CA SER F 663 40.46 68.47 -68.00
C SER F 663 40.84 67.61 -66.82
N PHE F 664 39.98 66.64 -66.44
CA PHE F 664 40.10 65.79 -65.28
C PHE F 664 41.20 64.73 -65.33
N ILE F 665 42.28 64.89 -64.55
CA ILE F 665 43.39 63.96 -64.47
C ILE F 665 43.39 63.27 -63.11
N ARG F 666 42.98 62.00 -63.08
CA ARG F 666 42.91 61.19 -61.88
C ARG F 666 44.24 60.47 -61.68
N CYS F 667 44.86 60.58 -60.49
CA CYS F 667 46.18 60.01 -60.21
C CYS F 667 46.14 58.80 -59.30
N ILE F 668 46.66 57.65 -59.78
CA ILE F 668 46.68 56.35 -59.11
C ILE F 668 48.03 56.01 -58.48
N LYS F 669 48.02 55.63 -57.18
CA LYS F 669 49.15 55.11 -56.45
C LYS F 669 49.12 53.58 -56.55
N PRO F 670 50.07 52.86 -57.15
CA PRO F 670 49.92 51.42 -57.35
C PRO F 670 50.26 50.53 -56.18
N ASN F 671 50.97 51.02 -55.15
CA ASN F 671 51.35 50.17 -54.05
C ASN F 671 51.63 50.99 -52.81
N LEU F 672 51.55 50.37 -51.62
CA LEU F 672 51.69 51.05 -50.36
C LEU F 672 53.09 51.51 -50.04
N LYS F 673 54.11 50.75 -50.47
CA LYS F 673 55.49 51.07 -50.23
C LYS F 673 56.04 52.20 -51.06
N MET F 674 55.42 52.45 -52.21
CA MET F 674 55.79 53.45 -53.18
C MET F 674 57.11 53.11 -53.85
N THR F 675 57.22 51.85 -54.30
CA THR F 675 58.39 51.28 -54.94
C THR F 675 58.06 50.81 -56.33
N SER F 676 59.02 50.88 -57.23
CA SER F 676 58.87 50.53 -58.63
C SER F 676 58.55 49.09 -58.91
N HIS F 677 57.75 48.87 -59.97
CA HIS F 677 57.34 47.58 -60.46
C HIS F 677 56.59 46.69 -59.48
N HIS F 678 55.61 47.24 -58.77
CA HIS F 678 54.75 46.50 -57.87
C HIS F 678 53.32 46.94 -58.06
N PHE F 679 52.40 46.00 -58.29
CA PHE F 679 51.00 46.26 -58.52
C PHE F 679 50.19 45.64 -57.40
N GLU F 680 49.36 46.42 -56.68
CA GLU F 680 48.50 45.91 -55.64
C GLU F 680 47.05 46.16 -56.03
N GLY F 681 46.31 45.09 -56.42
CA GLY F 681 44.94 45.23 -56.91
C GLY F 681 43.89 45.28 -55.85
N ALA F 682 44.31 45.30 -54.58
CA ALA F 682 43.45 45.50 -53.44
C ALA F 682 43.59 46.93 -52.93
N GLN F 683 44.43 47.74 -53.60
CA GLN F 683 44.66 49.13 -53.25
C GLN F 683 44.37 50.00 -54.44
N ILE F 684 44.61 49.50 -55.67
CA ILE F 684 44.24 50.20 -56.89
C ILE F 684 42.74 50.21 -57.07
N LEU F 685 42.04 49.08 -56.84
CA LEU F 685 40.59 49.02 -56.99
C LEU F 685 39.88 49.94 -56.00
N SER F 686 40.44 50.12 -54.80
CA SER F 686 39.90 51.06 -53.83
C SER F 686 40.05 52.50 -54.26
N GLN F 687 41.03 52.83 -55.12
CA GLN F 687 41.17 54.16 -55.65
C GLN F 687 40.34 54.36 -56.89
N LEU F 688 39.88 53.30 -57.57
CA LEU F 688 38.95 53.46 -58.68
C LEU F 688 37.57 53.77 -58.16
N GLN F 689 37.23 53.24 -56.98
CA GLN F 689 35.96 53.47 -56.36
C GLN F 689 35.98 54.70 -55.45
N CYS F 690 37.14 55.30 -55.22
CA CYS F 690 37.27 56.52 -54.44
C CYS F 690 37.70 57.68 -55.31
N SER F 691 37.80 57.50 -56.64
CA SER F 691 38.11 58.59 -57.54
C SER F 691 36.89 59.11 -58.24
N GLY F 692 35.72 58.47 -57.99
CA GLY F 692 34.56 58.57 -58.86
C GLY F 692 34.62 57.94 -60.21
N MET F 693 35.62 57.08 -60.51
CA MET F 693 35.72 56.48 -61.82
C MET F 693 34.63 55.47 -62.07
N VAL F 694 34.31 54.63 -61.08
CA VAL F 694 33.27 53.63 -61.20
C VAL F 694 31.90 54.25 -61.38
N SER F 695 31.63 55.37 -60.70
CA SER F 695 30.40 56.14 -60.90
C SER F 695 30.22 56.65 -62.32
N VAL F 696 31.29 57.14 -62.96
CA VAL F 696 31.20 57.58 -64.34
C VAL F 696 31.00 56.42 -65.31
N LEU F 697 31.59 55.23 -65.04
CA LEU F 697 31.29 54.06 -65.84
C LEU F 697 29.86 53.57 -65.72
N ASP F 698 29.18 53.83 -64.59
CA ASP F 698 27.77 53.56 -64.41
C ASP F 698 26.92 54.49 -65.28
N LEU F 699 27.32 55.77 -65.37
CA LEU F 699 26.68 56.78 -66.20
C LEU F 699 26.73 56.39 -67.66
N MET F 700 27.88 55.90 -68.14
CA MET F 700 28.09 55.57 -69.53
C MET F 700 27.34 54.32 -69.99
N GLN F 701 26.88 53.44 -69.07
CA GLN F 701 26.00 52.34 -69.46
C GLN F 701 24.64 52.81 -69.94
N GLY F 702 24.16 53.97 -69.47
CA GLY F 702 22.95 54.63 -69.95
C GLY F 702 22.97 55.03 -71.40
N GLY F 703 24.16 55.32 -71.93
CA GLY F 703 24.36 55.72 -73.31
C GLY F 703 24.80 54.57 -74.18
N PHE F 704 25.91 54.77 -74.88
CA PHE F 704 26.53 53.76 -75.72
C PHE F 704 27.98 53.60 -75.26
N PRO F 705 28.32 52.72 -74.32
CA PRO F 705 29.64 52.71 -73.70
C PRO F 705 30.71 52.08 -74.56
N SER F 706 30.32 51.26 -75.54
CA SER F 706 31.24 50.53 -76.40
C SER F 706 31.16 51.11 -77.77
N ARG F 707 32.32 51.50 -78.33
CA ARG F 707 32.39 52.09 -79.64
C ARG F 707 33.72 51.69 -80.25
N ALA F 708 33.72 51.32 -81.54
CA ALA F 708 34.90 50.88 -82.24
C ALA F 708 34.97 51.56 -83.59
N SER F 709 36.13 52.13 -83.97
CA SER F 709 36.32 52.70 -85.30
C SER F 709 36.21 51.68 -86.42
N PHE F 710 36.04 52.13 -87.68
CA PHE F 710 35.92 51.24 -88.81
C PHE F 710 37.18 50.43 -89.08
N HIS F 711 38.37 51.02 -88.83
CA HIS F 711 39.63 50.33 -88.98
C HIS F 711 39.87 49.30 -87.89
N GLU F 712 39.26 49.47 -86.70
CA GLU F 712 39.32 48.48 -85.64
C GLU F 712 38.48 47.25 -85.98
N LEU F 713 37.24 47.46 -86.44
CA LEU F 713 36.38 46.38 -86.87
C LEU F 713 36.83 45.67 -88.14
N TYR F 714 37.66 46.32 -88.98
CA TYR F 714 38.25 45.69 -90.14
C TYR F 714 39.38 44.75 -89.74
N ASN F 715 40.26 45.16 -88.80
CA ASN F 715 41.33 44.31 -88.32
C ASN F 715 40.83 43.12 -87.50
N MET F 716 39.70 43.25 -86.80
CA MET F 716 39.16 42.17 -86.01
C MET F 716 38.48 41.11 -86.85
N TYR F 717 37.58 41.50 -87.76
CA TYR F 717 36.63 40.56 -88.33
C TYR F 717 36.85 40.19 -89.80
N LYS F 718 37.90 40.68 -90.47
CA LYS F 718 38.13 40.32 -91.87
C LYS F 718 38.40 38.85 -92.13
N LYS F 719 39.02 38.11 -91.19
CA LYS F 719 39.32 36.70 -91.35
C LYS F 719 38.11 35.80 -91.41
N TYR F 720 36.99 36.19 -90.77
CA TYR F 720 35.76 35.42 -90.80
C TYR F 720 34.92 35.66 -92.04
N MET F 721 35.16 36.76 -92.76
CA MET F 721 34.41 37.10 -93.96
C MET F 721 34.88 36.45 -95.23
N PRO F 722 34.03 36.30 -96.27
CA PRO F 722 34.45 35.88 -97.60
C PRO F 722 35.46 36.81 -98.24
N ASP F 723 36.28 36.31 -99.17
CA ASP F 723 37.32 37.07 -99.83
C ASP F 723 36.83 38.28 -100.61
N LYS F 724 35.61 38.21 -101.18
CA LYS F 724 34.98 39.34 -101.84
C LYS F 724 34.67 40.50 -100.93
N LEU F 725 34.11 40.21 -99.74
CA LEU F 725 33.80 41.23 -98.76
C LEU F 725 35.05 41.79 -98.10
N ALA F 726 36.10 40.96 -97.97
CA ALA F 726 37.36 41.33 -97.42
C ALA F 726 38.13 42.37 -98.23
N ARG F 727 37.98 42.37 -99.56
CA ARG F 727 38.62 43.31 -100.44
C ARG F 727 38.22 44.78 -100.23
N LEU F 728 37.01 45.04 -99.76
CA LEU F 728 36.47 46.36 -99.48
C LEU F 728 37.25 47.22 -98.48
N ASP F 729 37.13 48.55 -98.62
CA ASP F 729 37.61 49.53 -97.66
C ASP F 729 36.90 49.48 -96.31
N PRO F 730 37.52 49.76 -95.17
CA PRO F 730 36.90 49.67 -93.85
C PRO F 730 35.50 50.25 -93.64
N ARG F 731 35.14 51.41 -94.22
CA ARG F 731 33.80 51.95 -94.04
C ARG F 731 32.73 51.18 -94.81
N LEU F 732 33.03 50.73 -96.05
CA LEU F 732 32.09 49.95 -96.82
C LEU F 732 32.03 48.52 -96.37
N PHE F 733 33.14 47.97 -95.85
CA PHE F 733 33.17 46.70 -95.17
C PHE F 733 32.19 46.67 -93.99
N CYS F 734 32.24 47.72 -93.13
CA CYS F 734 31.32 47.81 -92.00
C CYS F 734 29.89 48.14 -92.38
N LYS F 735 29.68 48.92 -93.46
CA LYS F 735 28.34 49.29 -93.92
C LYS F 735 27.60 48.11 -94.51
N ALA F 736 28.31 47.28 -95.30
CA ALA F 736 27.80 46.05 -95.88
C ALA F 736 27.50 45.01 -94.82
N LEU F 737 28.35 44.92 -93.80
CA LEU F 737 28.21 43.99 -92.70
C LEU F 737 27.04 44.33 -91.80
N PHE F 738 26.80 45.63 -91.55
CA PHE F 738 25.65 46.09 -90.79
C PHE F 738 24.34 45.84 -91.53
N LYS F 739 24.33 46.06 -92.86
CA LYS F 739 23.16 45.85 -93.69
C LYS F 739 22.84 44.38 -93.89
N ALA F 740 23.85 43.53 -94.12
CA ALA F 740 23.71 42.09 -94.24
C ALA F 740 23.02 41.44 -93.05
N LEU F 741 23.52 41.72 -91.83
CA LEU F 741 23.00 41.17 -90.60
C LEU F 741 21.64 41.71 -90.21
N GLY F 742 21.32 42.96 -90.59
CA GLY F 742 19.99 43.53 -90.42
C GLY F 742 19.74 44.02 -89.02
N LEU F 743 20.81 44.44 -88.34
CA LEU F 743 20.86 44.82 -86.94
C LEU F 743 19.87 45.88 -86.50
N ASN F 744 19.29 45.73 -85.29
CA ASN F 744 18.35 46.64 -84.72
C ASN F 744 18.87 48.06 -84.48
N GLU F 745 18.13 49.05 -84.97
CA GLU F 745 18.51 50.44 -84.97
C GLU F 745 18.67 51.11 -83.62
N ILE F 746 17.98 50.63 -82.58
CA ILE F 746 18.09 51.21 -81.26
C ILE F 746 19.21 50.58 -80.45
N ASP F 747 19.72 49.42 -80.85
CA ASP F 747 20.81 48.74 -80.19
C ASP F 747 22.15 49.02 -80.83
N TYR F 748 22.20 49.07 -82.17
CA TYR F 748 23.40 49.29 -82.95
C TYR F 748 23.24 50.59 -83.71
N LYS F 749 24.29 51.45 -83.77
CA LYS F 749 24.21 52.73 -84.45
C LYS F 749 25.43 53.00 -85.31
N PHE F 750 25.24 53.30 -86.60
CA PHE F 750 26.29 53.59 -87.55
C PHE F 750 26.70 55.05 -87.55
N GLY F 751 27.86 55.40 -86.94
CA GLY F 751 28.33 56.78 -86.83
C GLY F 751 29.11 57.26 -88.03
N LEU F 752 30.03 58.20 -87.82
CA LEU F 752 30.76 58.88 -88.85
C LEU F 752 32.16 58.31 -88.95
N THR F 753 32.78 58.03 -87.80
CA THR F 753 34.08 57.39 -87.72
C THR F 753 34.04 56.10 -86.93
N LYS F 754 32.96 55.87 -86.16
CA LYS F 754 32.84 54.72 -85.30
C LYS F 754 31.47 54.10 -85.37
N VAL F 755 31.38 52.81 -85.04
CA VAL F 755 30.13 52.11 -84.83
C VAL F 755 29.89 52.10 -83.33
N PHE F 756 28.69 52.49 -82.88
CA PHE F 756 28.38 52.62 -81.47
C PHE F 756 27.48 51.48 -81.07
N PHE F 757 27.59 51.01 -79.83
CA PHE F 757 26.85 49.85 -79.37
C PHE F 757 26.24 50.12 -78.00
N ARG F 758 25.06 49.53 -77.73
CA ARG F 758 24.48 49.44 -76.40
C ARG F 758 25.25 48.43 -75.54
N PRO F 759 25.11 48.39 -74.21
CA PRO F 759 25.81 47.43 -73.36
C PRO F 759 25.63 45.98 -73.74
N GLY F 760 26.72 45.23 -73.89
CA GLY F 760 26.68 43.82 -74.22
C GLY F 760 26.32 43.49 -75.63
N LYS F 761 26.40 44.44 -76.56
CA LYS F 761 26.01 44.21 -77.93
C LYS F 761 27.19 44.21 -78.87
N PHE F 762 28.33 44.82 -78.49
CA PHE F 762 29.62 44.53 -79.11
C PHE F 762 30.05 43.09 -78.85
N ALA F 763 29.69 42.58 -77.66
CA ALA F 763 29.92 41.20 -77.29
C ALA F 763 29.00 40.26 -78.05
N GLU F 764 27.73 40.64 -78.24
CA GLU F 764 26.77 39.90 -79.04
C GLU F 764 27.17 39.85 -80.50
N PHE F 765 27.65 40.98 -81.06
CA PHE F 765 28.22 41.12 -82.38
C PHE F 765 29.39 40.19 -82.62
N ASP F 766 30.32 40.07 -81.66
CA ASP F 766 31.46 39.20 -81.76
C ASP F 766 31.10 37.71 -81.82
N GLN F 767 29.95 37.31 -81.26
CA GLN F 767 29.48 35.93 -81.35
C GLN F 767 28.75 35.63 -82.64
N ILE F 768 28.14 36.64 -83.31
CA ILE F 768 27.55 36.45 -84.63
C ILE F 768 28.62 36.16 -85.68
N MET F 769 29.81 36.74 -85.53
CA MET F 769 30.90 36.51 -86.46
C MET F 769 31.57 35.17 -86.25
N LYS F 770 31.42 34.60 -85.06
CA LYS F 770 31.99 33.33 -84.70
C LYS F 770 30.98 32.20 -84.86
N SER F 771 29.88 32.43 -85.52
CA SER F 771 28.83 31.46 -85.71
C SER F 771 28.81 30.88 -87.04
N ASP F 772 28.25 30.16 -87.64
CA ASP F 772 28.12 29.41 -88.84
C ASP F 772 28.65 30.07 -90.13
N PRO F 773 29.80 29.65 -90.67
CA PRO F 773 30.38 30.28 -91.85
C PRO F 773 29.53 30.21 -93.10
N ASP F 774 28.71 29.16 -93.25
CA ASP F 774 27.86 28.98 -94.41
C ASP F 774 26.67 29.91 -94.37
N HIS F 775 26.08 30.11 -93.19
CA HIS F 775 25.00 31.05 -92.96
C HIS F 775 25.41 32.48 -93.22
N LEU F 776 26.60 32.88 -92.73
CA LEU F 776 27.19 34.18 -92.99
C LEU F 776 27.48 34.43 -94.46
N ALA F 777 28.00 33.42 -95.17
CA ALA F 777 28.25 33.48 -96.60
C ALA F 777 26.99 33.68 -97.43
N GLU F 778 25.86 33.11 -96.99
CA GLU F 778 24.59 33.21 -97.66
C GLU F 778 23.96 34.58 -97.47
N LEU F 779 24.16 35.23 -96.31
CA LEU F 779 23.72 36.58 -96.07
C LEU F 779 24.52 37.62 -96.86
N VAL F 780 25.80 37.34 -97.14
CA VAL F 780 26.62 38.17 -98.02
C VAL F 780 26.22 38.03 -99.48
N LYS F 781 25.81 36.83 -99.93
CA LYS F 781 25.22 36.62 -101.24
C LYS F 781 23.94 37.42 -101.44
N ARG F 782 23.08 37.52 -100.41
CA ARG F 782 21.81 38.21 -100.49
C ARG F 782 21.93 39.73 -100.53
N VAL F 783 23.09 40.32 -100.16
CA VAL F 783 23.28 41.76 -100.20
C VAL F 783 24.19 42.18 -101.35
N ASN F 784 24.52 41.25 -102.27
CA ASN F 784 25.46 41.48 -103.34
C ASN F 784 25.01 42.51 -104.39
N HIS F 785 23.71 42.65 -104.66
CA HIS F 785 23.22 43.67 -105.57
C HIS F 785 23.36 45.07 -105.00
N TRP F 786 22.91 45.28 -103.76
CA TRP F 786 23.08 46.52 -103.02
C TRP F 786 24.55 46.95 -102.90
N LEU F 787 25.47 45.99 -102.76
CA LEU F 787 26.87 46.24 -102.60
C LEU F 787 27.54 46.70 -103.88
N ILE F 788 27.17 46.14 -105.04
CA ILE F 788 27.56 46.66 -106.34
C ILE F 788 27.01 48.07 -106.60
N CYS F 789 25.73 48.33 -106.25
CA CYS F 789 25.14 49.64 -106.36
C CYS F 789 25.77 50.68 -105.45
N SER F 790 26.17 50.29 -104.24
CA SER F 790 26.86 51.17 -103.31
C SER F 790 28.27 51.50 -103.78
N ARG F 791 28.98 50.54 -104.40
CA ARG F 791 30.35 50.74 -104.86
C ARG F 791 30.40 51.55 -106.15
N TRP F 792 29.29 51.56 -106.94
CA TRP F 792 29.12 52.44 -108.07
C TRP F 792 28.91 53.87 -107.60
N LYS F 793 27.93 54.12 -106.73
CA LYS F 793 27.64 55.44 -106.21
C LYS F 793 28.78 56.06 -105.40
N LYS F 794 29.68 55.23 -104.84
CA LYS F 794 30.83 55.72 -104.12
C LYS F 794 31.83 56.40 -105.05
N VAL F 795 32.15 55.78 -106.21
CA VAL F 795 33.08 56.39 -107.16
C VAL F 795 32.40 57.44 -108.04
N GLN F 796 31.07 57.37 -108.25
CA GLN F 796 30.35 58.39 -108.99
C GLN F 796 30.19 59.69 -108.21
N TRP F 797 29.80 59.64 -106.92
CA TRP F 797 29.68 60.85 -106.13
C TRP F 797 31.02 61.39 -105.65
N CYS F 798 32.10 60.59 -105.70
CA CYS F 798 33.44 61.09 -105.43
C CYS F 798 34.01 61.84 -106.63
N SER F 799 33.65 61.45 -107.86
CA SER F 799 34.05 62.19 -109.06
C SER F 799 33.26 63.46 -109.21
N LEU F 800 31.98 63.47 -108.82
CA LEU F 800 31.18 64.67 -108.72
C LEU F 800 31.60 65.57 -107.58
N SER F 801 32.32 65.05 -106.57
CA SER F 801 32.89 65.88 -105.51
C SER F 801 34.08 66.66 -106.01
N VAL F 802 34.97 66.04 -106.80
CA VAL F 802 36.12 66.73 -107.38
C VAL F 802 35.70 67.81 -108.38
N ILE F 803 34.64 67.56 -109.17
CA ILE F 803 34.06 68.55 -110.07
C ILE F 803 33.36 69.70 -109.34
N LYS F 804 32.71 69.46 -108.18
CA LYS F 804 32.14 70.55 -107.41
C LYS F 804 33.20 71.37 -106.68
N LEU F 805 34.38 70.80 -106.40
CA LEU F 805 35.48 71.57 -105.83
C LEU F 805 36.29 72.27 -106.92
N LYS F 806 36.19 71.81 -108.18
CA LYS F 806 36.70 72.55 -109.33
C LYS F 806 35.81 73.74 -109.65
N ASN F 807 34.48 73.57 -109.54
CA ASN F 807 33.53 74.65 -109.68
C ASN F 807 33.56 75.64 -108.52
N LYS F 808 34.07 75.26 -107.33
CA LYS F 808 34.27 76.18 -106.22
C LYS F 808 35.48 77.07 -106.42
N ILE F 809 36.61 76.54 -106.95
CA ILE F 809 37.82 77.30 -107.23
C ILE F 809 37.58 78.39 -108.27
N LYS F 810 36.70 78.13 -109.25
CA LYS F 810 36.32 79.08 -110.27
C LYS F 810 35.32 80.10 -109.77
N TYR F 811 34.27 79.69 -109.03
CA TYR F 811 33.28 80.55 -108.41
C TYR F 811 33.89 81.56 -107.43
N ARG F 812 34.85 81.11 -106.61
CA ARG F 812 35.56 81.95 -105.67
C ARG F 812 36.48 82.93 -106.37
N ALA F 813 37.25 82.46 -107.39
CA ALA F 813 38.11 83.34 -108.16
C ALA F 813 37.37 84.25 -109.15
N GLU F 814 36.03 84.15 -109.23
CA GLU F 814 35.19 85.06 -109.99
C GLU F 814 34.90 86.32 -109.20
N ALA F 815 35.08 86.29 -107.88
CA ALA F 815 34.98 87.42 -107.02
C ALA F 815 36.23 87.92 -106.44
N CYS F 816 37.25 87.79 -106.94
CA CYS F 816 38.48 88.29 -106.52
C CYS F 816 38.66 89.40 -107.13
N THR G 7 -40.58 -102.52 0.27
CA THR G 7 -39.98 -102.25 0.14
C THR G 7 -38.57 -102.53 -0.10
N THR G 8 -37.87 -101.88 -0.85
CA THR G 8 -36.53 -102.09 -1.28
C THR G 8 -35.50 -101.86 -0.20
N ALA G 9 -34.67 -102.85 0.09
CA ALA G 9 -33.56 -102.77 1.01
C ALA G 9 -32.48 -101.77 0.62
N LEU G 10 -31.77 -101.19 1.62
CA LEU G 10 -30.80 -100.14 1.39
C LEU G 10 -29.44 -100.60 1.86
N VAL G 11 -28.43 -100.62 0.97
CA VAL G 11 -27.05 -100.89 1.31
C VAL G 11 -26.26 -99.61 1.50
N CYS G 12 -25.83 -99.37 2.74
CA CYS G 12 -25.15 -98.18 3.19
C CYS G 12 -23.83 -98.64 3.75
N ASP G 13 -22.73 -98.19 3.12
CA ASP G 13 -21.40 -98.65 3.41
C ASP G 13 -20.71 -97.61 4.25
N ASN G 14 -20.29 -98.04 5.45
CA ASN G 14 -19.45 -97.33 6.38
C ASN G 14 -18.03 -97.27 5.88
N GLY G 15 -17.82 -96.52 4.78
CA GLY G 15 -16.52 -96.13 4.30
C GLY G 15 -15.64 -95.45 5.29
N SER G 16 -14.35 -95.58 5.05
CA SER G 16 -13.25 -94.90 5.68
C SER G 16 -13.02 -93.60 4.98
N GLY G 17 -13.41 -93.53 3.71
CA GLY G 17 -13.28 -92.42 2.80
C GLY G 17 -14.31 -91.31 2.97
N LEU G 18 -15.37 -91.14 2.16
CA LEU G 18 -16.01 -91.92 1.13
C LEU G 18 -16.99 -92.93 1.68
N VAL G 19 -18.03 -92.43 2.40
CA VAL G 19 -19.20 -93.22 2.72
C VAL G 19 -20.04 -93.39 1.46
N LYS G 20 -20.54 -94.63 1.22
CA LYS G 20 -21.23 -94.97 -0.02
C LYS G 20 -22.65 -95.43 0.28
N ALA G 21 -23.66 -94.94 -0.46
CA ALA G 21 -25.04 -95.32 -0.22
C ALA G 21 -25.87 -95.50 -1.49
N GLY G 22 -26.70 -96.56 -1.55
CA GLY G 22 -27.55 -96.81 -2.70
C GLY G 22 -28.43 -97.99 -2.42
N PHE G 23 -29.67 -98.03 -2.96
CA PHE G 23 -30.59 -99.12 -2.70
C PHE G 23 -30.10 -100.45 -3.27
N ALA G 24 -30.73 -101.57 -2.90
CA ALA G 24 -30.29 -102.87 -3.34
C ALA G 24 -30.57 -103.14 -4.82
N GLY G 25 -29.52 -103.19 -5.63
CA GLY G 25 -29.54 -103.35 -7.06
C GLY G 25 -29.88 -102.13 -7.84
N ASP G 26 -29.48 -102.02 -9.11
CA ASP G 26 -28.79 -102.99 -9.92
C ASP G 26 -27.72 -102.34 -10.76
N ASP G 27 -27.39 -101.11 -10.47
CA ASP G 27 -26.52 -100.31 -11.28
C ASP G 27 -25.31 -99.77 -10.52
N ALA G 28 -25.43 -98.65 -9.81
CA ALA G 28 -24.33 -97.95 -9.17
C ALA G 28 -24.81 -97.25 -7.92
N PRO G 29 -23.98 -96.80 -6.98
CA PRO G 29 -24.43 -96.06 -5.80
C PRO G 29 -25.09 -94.74 -6.14
N ARG G 30 -26.01 -94.28 -5.35
CA ARG G 30 -26.65 -93.02 -5.56
C ARG G 30 -25.93 -91.88 -4.89
N ALA G 31 -25.29 -92.11 -3.74
CA ALA G 31 -24.62 -91.08 -2.99
C ALA G 31 -23.25 -91.55 -2.54
N VAL G 32 -22.23 -90.73 -2.80
CA VAL G 32 -20.87 -90.96 -2.36
C VAL G 32 -20.41 -89.61 -1.86
N PHE G 33 -19.78 -89.51 -0.68
CA PHE G 33 -19.35 -88.21 -0.20
C PHE G 33 -18.22 -88.35 0.81
N PRO G 34 -17.36 -87.35 1.03
CA PRO G 34 -16.13 -87.49 1.75
C PRO G 34 -16.30 -87.57 3.21
N SER G 35 -16.83 -88.02 3.95
CA SER G 35 -17.08 -88.25 5.36
C SER G 35 -16.84 -87.08 6.29
N ILE G 36 -16.16 -86.10 6.01
CA ILE G 36 -15.83 -84.91 6.77
C ILE G 36 -16.98 -84.14 7.39
N VAL G 37 -16.85 -83.81 8.69
CA VAL G 37 -17.64 -82.80 9.36
C VAL G 37 -16.71 -81.66 9.73
N GLY G 38 -17.15 -80.40 9.62
CA GLY G 38 -16.29 -79.25 9.89
C GLY G 38 -17.02 -78.12 10.55
N ARG G 39 -16.55 -77.70 11.74
CA ARG G 39 -17.10 -76.56 12.43
C ARG G 39 -16.41 -75.27 11.96
N PRO G 40 -17.04 -74.11 12.02
CA PRO G 40 -16.48 -72.86 11.51
C PRO G 40 -15.48 -72.21 12.45
N ARG G 41 -14.23 -72.05 12.01
CA ARG G 41 -13.17 -71.56 12.86
C ARG G 41 -13.05 -70.07 12.97
N HIS G 42 -13.86 -69.30 12.29
CA HIS G 42 -13.82 -67.86 12.35
C HIS G 42 -15.18 -67.30 12.70
N GLN G 43 -15.24 -66.07 13.20
CA GLN G 43 -16.46 -65.38 13.55
C GLN G 43 -17.19 -64.77 12.36
N GLY G 44 -18.52 -64.92 12.34
CA GLY G 44 -19.35 -64.43 11.26
C GLY G 44 -19.75 -63.02 11.48
N VAL G 45 -19.86 -62.24 10.40
CA VAL G 45 -20.18 -60.83 10.47
C VAL G 45 -21.33 -60.48 9.57
N MET G 46 -21.90 -61.44 8.85
CA MET G 46 -23.01 -61.21 7.98
C MET G 46 -24.32 -61.03 8.55
N VAL G 47 -24.93 -61.14 9.07
CA VAL G 47 -26.16 -60.97 9.70
C VAL G 47 -27.24 -61.68 9.03
N GLY G 48 -27.49 -62.56 8.77
CA GLY G 48 -28.52 -63.40 8.22
C GLY G 48 -29.17 -64.24 9.19
N MET G 49 -28.55 -65.10 9.81
CA MET G 49 -27.25 -65.40 9.71
C MET G 49 -26.84 -66.41 8.75
N GLY G 50 -27.62 -67.38 8.55
CA GLY G 50 -27.51 -68.25 7.47
C GLY G 50 -26.46 -69.32 7.54
N GLN G 51 -25.76 -69.48 8.61
CA GLN G 51 -24.66 -70.41 8.73
C GLN G 51 -25.06 -71.65 9.52
N LYS G 52 -24.57 -72.81 9.13
CA LYS G 52 -24.83 -74.07 9.79
C LYS G 52 -23.92 -74.29 10.97
N ASP G 53 -24.36 -75.09 11.96
CA ASP G 53 -23.58 -75.42 13.13
C ASP G 53 -22.39 -76.30 12.79
N SER G 54 -22.63 -77.32 11.97
CA SER G 54 -21.59 -78.14 11.43
C SER G 54 -21.94 -78.46 10.00
N TYR G 55 -21.02 -78.20 9.06
CA TYR G 55 -21.19 -78.54 7.67
C TYR G 55 -20.70 -79.95 7.47
N VAL G 56 -21.51 -80.82 6.84
CA VAL G 56 -21.02 -82.11 6.40
C VAL G 56 -20.51 -81.97 4.98
N GLY G 57 -19.80 -82.96 4.42
CA GLY G 57 -19.58 -83.06 2.99
C GLY G 57 -20.86 -83.34 2.26
N ASP G 58 -21.09 -82.87 1.02
CA ASP G 58 -20.25 -82.13 0.12
C ASP G 58 -20.03 -80.67 0.52
N GLU G 59 -20.97 -80.04 1.25
CA GLU G 59 -20.89 -78.63 1.59
C GLU G 59 -19.63 -78.20 2.34
N ALA G 60 -19.04 -79.08 3.16
CA ALA G 60 -17.76 -78.84 3.79
C ALA G 60 -16.55 -78.99 2.88
N GLN G 61 -16.73 -79.40 1.63
CA GLN G 61 -15.65 -79.48 0.66
C GLN G 61 -15.80 -78.35 -0.32
N SER G 62 -16.93 -77.64 -0.28
CA SER G 62 -17.13 -76.41 -1.00
C SER G 62 -16.80 -75.22 -0.15
N LYS G 63 -16.76 -75.35 1.17
CA LYS G 63 -16.51 -74.29 2.11
C LYS G 63 -15.19 -74.48 2.83
N ARG G 64 -14.18 -75.03 2.16
CA ARG G 64 -12.84 -75.13 2.68
C ARG G 64 -12.22 -73.81 3.10
N GLY G 65 -11.36 -73.85 4.13
CA GLY G 65 -10.57 -72.72 4.58
C GLY G 65 -11.23 -71.86 5.60
N ILE G 66 -12.52 -72.07 5.89
CA ILE G 66 -13.20 -71.34 6.92
C ILE G 66 -13.73 -72.29 7.98
N LEU G 67 -13.39 -73.57 7.84
CA LEU G 67 -13.81 -74.63 8.73
C LEU G 67 -12.60 -75.42 9.15
N THR G 68 -12.76 -76.33 10.12
CA THR G 68 -11.73 -77.27 10.52
C THR G 68 -12.21 -78.68 10.34
N LEU G 69 -11.85 -79.29 9.20
CA LEU G 69 -12.31 -80.61 8.79
C LEU G 69 -11.87 -81.73 9.73
N LYS G 70 -12.82 -82.57 10.16
CA LYS G 70 -12.57 -83.68 11.04
C LYS G 70 -13.21 -84.93 10.48
N TYR G 71 -12.41 -85.91 9.99
CA TYR G 71 -12.92 -87.18 9.51
C TYR G 71 -13.55 -87.94 10.68
N PRO G 72 -14.75 -88.45 10.67
CA PRO G 72 -15.37 -89.01 11.86
C PRO G 72 -14.92 -90.42 12.14
N ILE G 73 -14.27 -91.08 11.19
CA ILE G 73 -13.73 -92.41 11.35
C ILE G 73 -12.26 -92.34 11.07
N GLU G 74 -11.43 -92.77 12.03
CA GLU G 74 -10.00 -92.61 11.98
C GLU G 74 -9.38 -93.83 12.60
N HIS G 75 -8.40 -94.44 11.93
CA HIS G 75 -7.79 -95.71 12.31
C HIS G 75 -8.82 -96.81 12.43
N GLY G 76 -9.84 -96.78 11.57
CA GLY G 76 -10.85 -97.81 11.49
C GLY G 76 -11.88 -97.77 12.58
N ILE G 77 -11.90 -96.75 13.43
CA ILE G 77 -12.89 -96.65 14.48
C ILE G 77 -13.46 -95.25 14.55
N ILE G 78 -14.77 -95.15 14.85
CA ILE G 78 -15.51 -93.92 14.92
C ILE G 78 -15.12 -93.04 16.10
N THR G 79 -14.99 -91.73 15.88
CA THR G 79 -14.57 -90.77 16.88
C THR G 79 -15.58 -90.56 17.99
N ASN G 80 -16.86 -90.40 17.64
CA ASN G 80 -17.96 -90.32 18.58
C ASN G 80 -19.22 -90.54 17.79
N TRP G 81 -20.29 -91.05 18.43
CA TRP G 81 -21.52 -91.28 17.71
C TRP G 81 -22.36 -90.03 17.57
N ASP G 82 -21.98 -88.90 18.22
CA ASP G 82 -22.65 -87.62 18.04
C ASP G 82 -22.47 -87.06 16.64
N ASP G 83 -21.26 -87.19 16.07
CA ASP G 83 -20.97 -86.78 14.71
C ASP G 83 -21.42 -87.86 13.74
N MET G 84 -21.23 -89.14 14.09
CA MET G 84 -21.66 -90.26 13.26
C MET G 84 -23.15 -90.23 12.96
N GLU G 85 -23.99 -89.96 13.97
CA GLU G 85 -25.43 -89.79 13.79
C GLU G 85 -25.76 -88.67 12.80
N LYS G 86 -24.97 -87.58 12.77
CA LYS G 86 -25.18 -86.51 11.82
C LYS G 86 -24.85 -86.94 10.40
N ILE G 87 -23.77 -87.74 10.22
CA ILE G 87 -23.47 -88.42 8.96
C ILE G 87 -24.66 -89.24 8.46
N TRP G 88 -25.19 -90.12 9.31
CA TRP G 88 -26.33 -90.96 8.99
C TRP G 88 -27.57 -90.15 8.62
N HIS G 89 -27.97 -89.20 9.48
CA HIS G 89 -29.11 -88.30 9.28
C HIS G 89 -29.04 -87.54 7.97
N HIS G 90 -27.86 -86.93 7.67
CA HIS G 90 -27.59 -86.25 6.41
C HIS G 90 -27.75 -87.18 5.21
N THR G 91 -27.16 -88.38 5.31
CA THR G 91 -27.18 -89.38 4.25
C THR G 91 -28.57 -89.85 3.89
N PHE G 92 -29.34 -90.34 4.88
CA PHE G 92 -30.68 -90.83 4.63
C PHE G 92 -31.62 -89.74 4.16
N TYR G 93 -31.63 -88.60 4.86
CA TYR G 93 -32.61 -87.57 4.58
C TYR G 93 -32.27 -86.67 3.40
N ASN G 94 -31.06 -86.08 3.34
CA ASN G 94 -30.81 -85.05 2.35
C ASN G 94 -30.01 -85.52 1.16
N GLU G 95 -29.75 -86.83 1.04
CA GLU G 95 -29.14 -87.39 -0.14
C GLU G 95 -30.08 -88.44 -0.67
N LEU G 96 -30.37 -89.49 0.05
CA LEU G 96 -31.19 -90.59 -0.41
C LEU G 96 -32.67 -90.30 -0.44
N ARG G 97 -33.16 -89.38 0.41
CA ARG G 97 -34.55 -88.98 0.51
C ARG G 97 -35.45 -90.13 0.92
N VAL G 98 -35.06 -90.86 1.97
CA VAL G 98 -35.80 -92.02 2.42
C VAL G 98 -35.83 -92.09 3.93
N ALA G 99 -36.95 -92.56 4.49
CA ALA G 99 -37.10 -92.81 5.90
C ALA G 99 -36.62 -94.20 6.28
N PRO G 100 -35.79 -94.43 7.30
CA PRO G 100 -35.35 -95.76 7.70
C PRO G 100 -36.43 -96.72 8.10
N GLU G 101 -37.61 -96.26 8.50
CA GLU G 101 -38.71 -97.12 8.84
C GLU G 101 -39.29 -97.82 7.62
N GLU G 102 -39.02 -97.31 6.41
CA GLU G 102 -39.45 -97.87 5.16
C GLU G 102 -38.64 -99.04 4.67
N HIS G 103 -37.40 -99.25 5.06
CA HIS G 103 -36.55 -100.24 4.45
C HIS G 103 -35.77 -101.07 5.45
N PRO G 104 -35.61 -102.38 5.33
CA PRO G 104 -34.49 -103.08 5.94
C PRO G 104 -33.15 -102.63 5.43
N THR G 105 -32.16 -102.39 6.31
CA THR G 105 -30.88 -101.85 5.89
C THR G 105 -29.81 -102.92 5.97
N LEU G 106 -28.67 -102.67 5.32
CA LEU G 106 -27.51 -103.53 5.35
C LEU G 106 -26.34 -102.60 5.59
N LEU G 107 -25.60 -102.82 6.69
CA LEU G 107 -24.52 -101.94 7.08
C LEU G 107 -23.23 -102.72 6.97
N THR G 108 -22.09 -102.01 6.85
CA THR G 108 -20.78 -102.63 6.73
C THR G 108 -19.87 -102.30 7.90
N GLU G 109 -18.81 -103.11 8.12
CA GLU G 109 -17.83 -102.85 9.15
C GLU G 109 -16.44 -103.20 8.60
N ALA G 110 -15.40 -103.06 9.43
CA ALA G 110 -14.05 -103.42 9.10
C ALA G 110 -13.61 -104.67 9.84
N PRO G 111 -12.89 -105.61 9.26
CA PRO G 111 -12.46 -106.82 9.93
C PRO G 111 -11.59 -106.63 11.09
N LEU G 112 -11.39 -106.96 12.07
CA LEU G 112 -10.60 -106.86 13.24
C LEU G 112 -10.78 -105.52 13.91
N ASN G 113 -11.97 -105.17 14.21
CA ASN G 113 -12.35 -103.96 14.86
C ASN G 113 -12.72 -104.27 16.28
N PRO G 114 -12.29 -103.54 17.26
CA PRO G 114 -12.55 -103.85 18.63
C PRO G 114 -13.97 -103.98 19.09
N LYS G 115 -14.22 -104.91 20.00
CA LYS G 115 -15.47 -105.04 20.70
C LYS G 115 -15.47 -104.02 21.81
N ALA G 116 -16.57 -103.32 22.12
CA ALA G 116 -17.95 -103.55 21.77
C ALA G 116 -18.44 -102.53 20.77
N ASN G 117 -17.69 -102.16 19.77
CA ASN G 117 -18.08 -101.16 18.81
C ASN G 117 -19.03 -101.61 17.71
N ARG G 118 -19.36 -102.91 17.60
CA ARG G 118 -20.38 -103.32 16.65
C ARG G 118 -21.72 -103.34 17.35
N GLU G 119 -21.71 -103.72 18.64
CA GLU G 119 -22.84 -103.69 19.54
C GLU G 119 -23.37 -102.28 19.70
N LYS G 120 -22.59 -101.38 20.33
CA LYS G 120 -22.92 -99.97 20.49
C LYS G 120 -23.46 -99.26 19.25
N MET G 121 -22.85 -99.54 18.07
CA MET G 121 -23.35 -99.08 16.78
C MET G 121 -24.75 -99.59 16.50
N THR G 122 -24.92 -100.92 16.44
CA THR G 122 -26.20 -101.60 16.20
C THR G 122 -27.30 -101.13 17.14
N GLN G 123 -26.95 -100.95 18.42
CA GLN G 123 -27.88 -100.59 19.47
C GLN G 123 -28.34 -99.17 19.30
N ILE G 124 -27.41 -98.21 19.14
CA ILE G 124 -27.74 -96.82 18.87
C ILE G 124 -28.54 -96.65 17.59
N MET G 125 -28.15 -97.32 16.48
CA MET G 125 -28.87 -97.19 15.22
C MET G 125 -30.30 -97.70 15.25
N PHE G 126 -30.60 -98.72 16.08
CA PHE G 126 -31.94 -99.23 16.21
C PHE G 126 -32.82 -98.28 16.99
N GLU G 127 -32.28 -97.63 18.04
CA GLU G 127 -33.09 -96.74 18.86
C GLU G 127 -33.20 -95.33 18.27
N THR G 128 -32.18 -94.88 17.53
CA THR G 128 -32.19 -93.56 16.91
C THR G 128 -32.98 -93.54 15.62
N PHE G 129 -32.72 -94.47 14.69
CA PHE G 129 -33.31 -94.40 13.37
C PHE G 129 -34.47 -95.35 13.19
N ASN G 130 -34.66 -96.33 14.08
CA ASN G 130 -35.88 -97.15 14.15
C ASN G 130 -36.10 -97.99 12.91
N VAL G 131 -35.01 -98.46 12.30
CA VAL G 131 -34.99 -99.40 11.20
C VAL G 131 -35.70 -100.73 11.52
N PRO G 132 -36.40 -101.41 10.61
CA PRO G 132 -37.19 -102.57 10.99
C PRO G 132 -36.30 -103.80 11.07
N ALA G 133 -35.18 -103.84 10.35
CA ALA G 133 -34.22 -104.91 10.45
C ALA G 133 -32.88 -104.45 9.90
N MET G 134 -31.80 -105.14 10.30
CA MET G 134 -30.46 -104.74 9.98
C MET G 134 -29.51 -105.91 9.98
N TYR G 135 -28.34 -105.78 9.36
CA TYR G 135 -27.28 -106.76 9.51
C TYR G 135 -26.00 -106.01 9.21
N VAL G 136 -24.86 -106.48 9.76
CA VAL G 136 -23.57 -105.82 9.60
C VAL G 136 -22.59 -106.80 8.99
N ALA G 137 -22.16 -106.55 7.74
CA ALA G 137 -21.19 -107.37 7.04
C ALA G 137 -19.80 -106.72 6.95
N ILE G 138 -18.71 -107.48 7.08
CA ILE G 138 -17.38 -106.89 6.90
C ILE G 138 -17.12 -106.59 5.42
N GLN G 139 -16.47 -105.45 5.10
CA GLN G 139 -16.34 -104.95 3.73
C GLN G 139 -15.56 -105.89 2.82
N ALA G 140 -14.62 -106.66 3.41
CA ALA G 140 -13.80 -107.58 2.66
C ALA G 140 -14.58 -108.75 2.08
N VAL G 141 -15.44 -109.43 2.86
CA VAL G 141 -16.26 -110.54 2.39
C VAL G 141 -17.12 -110.18 1.20
N LEU G 142 -17.70 -108.96 1.22
CA LEU G 142 -18.55 -108.48 0.14
C LEU G 142 -17.84 -108.36 -1.20
N SER G 143 -16.53 -108.13 -1.20
CA SER G 143 -15.78 -108.03 -2.43
C SER G 143 -15.63 -109.35 -3.16
N LEU G 144 -15.90 -110.50 -2.52
CA LEU G 144 -15.92 -111.77 -3.21
C LEU G 144 -17.06 -111.87 -4.20
N TYR G 145 -18.26 -111.46 -3.74
CA TYR G 145 -19.47 -111.47 -4.54
C TYR G 145 -19.38 -110.53 -5.72
N ALA G 146 -18.80 -109.34 -5.50
CA ALA G 146 -18.59 -108.34 -6.52
C ALA G 146 -17.73 -108.82 -7.67
N SER G 147 -16.72 -109.62 -7.38
CA SER G 147 -15.85 -110.19 -8.38
C SER G 147 -16.30 -111.54 -8.86
N GLY G 148 -17.37 -112.08 -8.27
CA GLY G 148 -17.95 -113.35 -8.69
C GLY G 148 -17.09 -114.52 -8.37
N ARG G 149 -16.31 -114.44 -7.31
CA ARG G 149 -15.43 -115.47 -6.85
C ARG G 149 -15.92 -116.14 -5.62
N THR G 150 -15.36 -117.29 -5.27
CA THR G 150 -15.73 -118.04 -4.09
C THR G 150 -14.52 -118.50 -3.30
N THR G 151 -13.33 -118.04 -3.69
CA THR G 151 -12.05 -118.40 -3.12
C THR G 151 -11.20 -117.17 -3.30
N GLY G 152 -10.17 -116.94 -2.45
CA GLY G 152 -9.24 -115.84 -2.63
C GLY G 152 -9.01 -114.98 -1.42
N ILE G 153 -7.91 -114.23 -1.46
CA ILE G 153 -7.57 -113.28 -0.41
C ILE G 153 -8.11 -111.90 -0.77
N VAL G 154 -8.94 -111.35 0.12
CA VAL G 154 -9.65 -110.09 -0.04
C VAL G 154 -9.04 -108.93 0.72
N LEU G 155 -8.78 -107.83 -0.01
CA LEU G 155 -8.16 -106.58 0.42
C LEU G 155 -9.07 -105.36 0.63
N ASP G 156 -9.47 -104.96 1.86
CA ASP G 156 -10.30 -103.74 2.03
C ASP G 156 -9.26 -102.74 2.43
N SER G 157 -8.95 -101.82 1.49
CA SER G 157 -7.94 -100.82 1.69
C SER G 157 -8.56 -99.46 1.47
N GLY G 158 -8.78 -98.72 2.56
CA GLY G 158 -9.25 -97.34 2.54
C GLY G 158 -8.41 -96.50 3.44
N ASP G 159 -8.47 -95.17 3.30
CA ASP G 159 -7.86 -94.25 4.23
C ASP G 159 -8.40 -94.41 5.68
N GLY G 160 -7.64 -94.87 6.69
CA GLY G 160 -6.28 -95.39 6.71
C GLY G 160 -6.08 -96.75 7.34
N VAL G 161 -6.86 -97.75 6.96
CA VAL G 161 -6.66 -99.13 7.41
C VAL G 161 -6.82 -100.08 6.24
N THR G 162 -5.78 -100.89 5.96
CA THR G 162 -5.85 -101.97 4.98
C THR G 162 -6.09 -103.30 5.67
N HIS G 163 -6.59 -104.33 4.97
CA HIS G 163 -6.75 -105.64 5.56
C HIS G 163 -6.49 -106.71 4.55
N ASN G 164 -6.08 -107.91 5.02
CA ASN G 164 -5.75 -109.07 4.21
C ASN G 164 -6.49 -110.30 4.74
N VAL G 165 -7.67 -110.65 4.19
CA VAL G 165 -8.47 -111.76 4.69
C VAL G 165 -8.49 -112.94 3.71
N PRO G 166 -8.00 -114.15 4.01
CA PRO G 166 -8.09 -115.30 3.10
C PRO G 166 -9.40 -116.08 3.25
N ILE G 167 -10.09 -116.36 2.13
CA ILE G 167 -11.33 -117.13 2.08
C ILE G 167 -11.19 -118.27 1.10
N TYR G 168 -11.59 -119.50 1.46
CA TYR G 168 -11.59 -120.66 0.58
C TYR G 168 -12.99 -121.19 0.42
N GLU G 169 -13.46 -121.56 -0.73
CA GLU G 169 -14.74 -122.14 -1.08
C GLU G 169 -15.49 -122.88 -0.03
N GLY G 170 -16.36 -122.30 0.76
CA GLY G 170 -16.70 -120.93 0.91
C GLY G 170 -16.60 -120.57 2.35
N TYR G 171 -15.59 -120.99 3.00
CA TYR G 171 -15.29 -120.88 4.40
C TYR G 171 -14.16 -119.92 4.66
N ALA G 172 -14.18 -119.21 5.78
CA ALA G 172 -13.16 -118.26 6.12
C ALA G 172 -12.13 -118.87 7.04
N LEU G 173 -10.88 -118.44 6.97
CA LEU G 173 -9.79 -118.97 7.75
C LEU G 173 -9.38 -117.99 8.84
N PRO G 174 -9.79 -118.13 10.09
CA PRO G 174 -9.52 -117.15 11.14
C PRO G 174 -8.06 -117.02 11.49
N HIS G 175 -7.25 -118.04 11.28
CA HIS G 175 -5.91 -118.09 11.79
C HIS G 175 -4.94 -117.29 10.96
N ALA G 176 -5.33 -116.79 9.81
CA ALA G 176 -4.46 -116.08 8.91
C ALA G 176 -4.91 -114.65 8.61
N ILE G 177 -5.89 -114.08 9.33
CA ILE G 177 -6.35 -112.73 9.05
C ILE G 177 -5.39 -111.65 9.52
N MET G 178 -4.97 -110.75 8.60
CA MET G 178 -4.05 -109.66 8.91
C MET G 178 -4.63 -108.27 8.72
N ARG G 179 -4.52 -107.40 9.74
CA ARG G 179 -4.96 -106.01 9.67
C ARG G 179 -3.72 -105.14 9.69
N LEU G 180 -3.46 -104.35 8.63
CA LEU G 180 -2.37 -103.41 8.62
C LEU G 180 -2.92 -101.99 8.69
N ASP G 181 -2.47 -101.18 9.64
CA ASP G 181 -2.78 -99.76 9.68
C ASP G 181 -1.76 -99.01 8.84
N LEU G 182 -1.65 -99.19 7.67
CA LEU G 182 -0.64 -98.65 6.78
C LEU G 182 -1.20 -97.71 5.75
N ALA G 183 -2.05 -98.11 4.90
CA ALA G 183 -2.59 -97.32 3.85
C ALA G 183 -4.03 -96.98 4.14
N GLY G 184 -4.56 -95.81 3.75
CA GLY G 184 -3.97 -94.74 2.94
C GLY G 184 -3.79 -93.40 3.58
N ARG G 185 -4.40 -93.10 4.74
CA ARG G 185 -4.30 -91.77 5.34
C ARG G 185 -2.90 -91.38 5.79
N ASP G 186 -2.07 -92.38 6.15
CA ASP G 186 -0.68 -92.17 6.46
C ASP G 186 0.13 -91.91 5.22
N LEU G 187 -0.34 -92.37 4.04
CA LEU G 187 0.25 -92.02 2.77
C LEU G 187 -0.05 -90.57 2.46
N THR G 188 -1.27 -90.10 2.79
CA THR G 188 -1.62 -88.68 2.71
C THR G 188 -0.70 -87.83 3.57
N ASP G 189 -0.53 -88.20 4.86
CA ASP G 189 0.37 -87.51 5.76
C ASP G 189 1.84 -87.54 5.29
N TYR G 190 2.30 -88.67 4.73
CA TYR G 190 3.65 -88.82 4.19
C TYR G 190 3.86 -87.97 2.97
N LEU G 191 2.87 -87.90 2.06
CA LEU G 191 2.93 -87.01 0.92
C LEU G 191 3.05 -85.57 1.33
N MET G 192 2.34 -85.15 2.39
CA MET G 192 2.46 -83.81 2.93
C MET G 192 3.85 -83.56 3.51
N LYS G 193 4.51 -84.59 4.06
CA LYS G 193 5.84 -84.46 4.59
C LYS G 193 6.92 -84.40 3.51
N ILE G 194 6.71 -85.03 2.34
CA ILE G 194 7.70 -84.94 1.30
C ILE G 194 7.36 -83.90 0.25
N LEU G 195 6.20 -83.23 0.36
CA LEU G 195 5.93 -82.05 -0.44
C LEU G 195 6.43 -80.78 0.22
N THR G 196 6.57 -80.78 1.56
CA THR G 196 7.23 -79.70 2.29
C THR G 196 8.68 -79.60 1.94
N GLU G 197 9.29 -80.73 1.57
CA GLU G 197 10.64 -80.82 1.08
C GLU G 197 10.87 -80.08 -0.22
N ARG G 198 9.81 -79.85 -1.01
CA ARG G 198 9.86 -79.04 -2.20
C ARG G 198 9.28 -77.66 -1.95
N GLY G 199 9.03 -77.29 -0.70
CA GLY G 199 8.77 -75.92 -0.31
C GLY G 199 7.33 -75.53 -0.30
N TYR G 200 6.40 -76.46 -0.49
CA TYR G 200 4.99 -76.16 -0.49
C TYR G 200 4.40 -76.52 0.83
N SER G 201 3.89 -75.56 1.56
CA SER G 201 3.39 -75.75 2.90
C SER G 201 1.93 -75.95 3.02
N PHE G 202 1.44 -77.03 3.15
CA PHE G 202 0.06 -77.38 3.21
C PHE G 202 -0.28 -77.98 4.56
N VAL G 203 0.00 -77.40 5.63
CA VAL G 203 -0.07 -77.95 6.96
C VAL G 203 -1.47 -78.00 7.55
N THR G 204 -2.36 -77.16 7.09
CA THR G 204 -3.68 -76.97 7.65
C THR G 204 -4.65 -78.03 7.23
N THR G 205 -5.69 -78.25 8.04
CA THR G 205 -6.66 -79.32 7.88
C THR G 205 -7.38 -79.31 6.57
N ALA G 206 -7.91 -78.14 6.17
CA ALA G 206 -8.56 -77.97 4.89
C ALA G 206 -7.67 -78.30 3.71
N GLU G 207 -6.45 -77.77 3.73
CA GLU G 207 -5.46 -77.92 2.71
C GLU G 207 -5.02 -79.37 2.55
N ARG G 208 -5.14 -80.18 3.60
CA ARG G 208 -4.86 -81.60 3.56
C ARG G 208 -5.72 -82.34 2.55
N GLU G 209 -6.97 -81.91 2.32
CA GLU G 209 -7.82 -82.47 1.26
C GLU G 209 -7.22 -82.31 -0.13
N ILE G 210 -6.59 -81.16 -0.43
CA ILE G 210 -5.90 -80.91 -1.68
C ILE G 210 -4.76 -81.89 -1.90
N VAL G 211 -4.02 -82.22 -0.84
CA VAL G 211 -2.98 -83.24 -0.82
C VAL G 211 -3.57 -84.59 -1.21
N ARG G 212 -4.72 -84.95 -0.64
CA ARG G 212 -5.46 -86.16 -0.94
C ARG G 212 -5.85 -86.23 -2.40
N ASP G 213 -6.25 -85.11 -3.01
CA ASP G 213 -6.63 -85.03 -4.40
C ASP G 213 -5.43 -85.25 -5.34
N ILE G 214 -4.24 -84.71 -5.02
CA ILE G 214 -3.03 -85.00 -5.78
C ILE G 214 -2.49 -86.40 -5.53
N LYS G 215 -2.85 -87.02 -4.39
CA LYS G 215 -2.53 -88.40 -4.09
C LYS G 215 -3.28 -89.32 -5.00
N GLU G 216 -4.54 -88.99 -5.31
CA GLU G 216 -5.34 -89.66 -6.31
C GLU G 216 -4.74 -89.53 -7.70
N LYS G 217 -4.71 -88.29 -8.23
CA LYS G 217 -4.45 -88.02 -9.62
C LYS G 217 -3.03 -88.19 -10.11
N LEU G 218 -2.03 -87.60 -9.43
CA LEU G 218 -0.70 -87.51 -10.02
C LEU G 218 0.27 -88.62 -9.68
N CYS G 219 0.07 -89.38 -8.60
CA CYS G 219 1.00 -90.41 -8.17
C CYS G 219 0.99 -91.68 -9.03
N TYR G 220 2.12 -92.42 -9.06
CA TYR G 220 2.20 -93.67 -9.82
C TYR G 220 3.15 -94.63 -9.13
N VAL G 221 3.10 -95.91 -9.43
CA VAL G 221 3.97 -96.91 -8.85
C VAL G 221 5.03 -97.30 -9.86
N ALA G 222 6.27 -97.50 -9.42
CA ALA G 222 7.39 -97.89 -10.24
C ALA G 222 7.37 -99.38 -10.58
N LEU G 223 8.09 -99.81 -11.62
CA LEU G 223 8.29 -101.21 -11.91
C LEU G 223 9.32 -101.79 -10.95
N ASP G 224 10.40 -101.05 -10.74
CA ASP G 224 11.40 -101.33 -9.75
C ASP G 224 11.90 -99.99 -9.23
N PHE G 225 11.93 -99.81 -7.88
CA PHE G 225 12.30 -98.57 -7.22
C PHE G 225 13.67 -98.05 -7.64
N GLU G 226 14.71 -98.87 -7.48
CA GLU G 226 16.09 -98.55 -7.82
C GLU G 226 16.30 -98.06 -9.25
N ASN G 227 15.57 -98.65 -10.22
CA ASN G 227 15.70 -98.27 -11.61
C ASN G 227 14.89 -97.03 -11.92
N GLU G 228 13.78 -96.78 -11.20
CA GLU G 228 13.06 -95.53 -11.36
C GLU G 228 13.85 -94.37 -10.76
N MET G 229 14.57 -94.64 -9.66
CA MET G 229 15.45 -93.70 -9.00
C MET G 229 16.65 -93.33 -9.87
N ALA G 230 17.17 -94.31 -10.61
CA ALA G 230 18.20 -94.12 -11.60
C ALA G 230 17.76 -93.13 -12.69
N THR G 231 16.59 -93.35 -13.28
CA THR G 231 16.10 -92.50 -14.36
C THR G 231 15.65 -91.14 -13.83
N ALA G 232 15.32 -91.04 -12.54
CA ALA G 232 15.07 -89.80 -11.85
C ALA G 232 16.28 -88.91 -11.75
N ALA G 233 17.48 -89.50 -11.61
CA ALA G 233 18.74 -88.80 -11.61
C ALA G 233 19.08 -88.22 -12.98
N SER G 234 18.53 -88.82 -14.05
CA SER G 234 18.64 -88.32 -15.40
C SER G 234 17.79 -87.09 -15.64
N SER G 235 18.08 -86.38 -16.70
CA SER G 235 17.52 -85.09 -17.02
C SER G 235 16.11 -85.14 -17.58
N SER G 236 15.67 -86.28 -18.08
CA SER G 236 14.35 -86.49 -18.60
C SER G 236 13.24 -86.26 -17.61
N SER G 237 12.21 -85.55 -17.98
CA SER G 237 11.19 -85.09 -17.07
C SER G 237 10.23 -86.16 -16.64
N LEU G 238 10.11 -86.38 -15.33
CA LEU G 238 9.06 -87.17 -14.74
C LEU G 238 8.05 -86.26 -14.07
N GLU G 239 8.33 -84.96 -14.06
CA GLU G 239 7.52 -83.94 -13.46
C GLU G 239 6.17 -83.70 -14.12
N LYS G 240 5.10 -83.64 -13.32
CA LYS G 240 3.78 -83.25 -13.74
C LYS G 240 3.38 -81.98 -13.02
N SER G 241 2.79 -81.00 -13.73
CA SER G 241 2.43 -79.70 -13.18
C SER G 241 0.98 -79.64 -12.76
N TYR G 242 0.71 -79.48 -11.45
CA TYR G 242 -0.63 -79.35 -10.91
C TYR G 242 -0.94 -77.88 -10.73
N GLU G 243 -2.22 -77.46 -10.83
CA GLU G 243 -2.62 -76.10 -10.59
C GLU G 243 -3.47 -76.05 -9.34
N LEU G 244 -3.26 -75.03 -8.49
CA LEU G 244 -3.80 -74.95 -7.17
C LEU G 244 -4.88 -73.88 -7.13
N PRO G 245 -5.89 -73.89 -6.26
CA PRO G 245 -7.00 -72.96 -6.31
C PRO G 245 -6.67 -71.52 -6.22
N ASP G 246 -5.56 -71.13 -5.63
CA ASP G 246 -5.14 -69.78 -5.59
C ASP G 246 -4.22 -69.39 -6.73
N GLY G 247 -3.98 -70.23 -7.68
CA GLY G 247 -3.26 -69.93 -8.89
C GLY G 247 -1.89 -70.49 -8.96
N GLN G 248 -1.47 -71.24 -7.95
CA GLN G 248 -0.10 -71.68 -7.86
C GLN G 248 0.12 -72.93 -8.69
N VAL G 249 1.32 -73.09 -9.27
CA VAL G 249 1.67 -74.24 -10.07
C VAL G 249 2.70 -75.07 -9.35
N ILE G 250 2.38 -76.34 -9.06
CA ILE G 250 3.24 -77.23 -8.29
C ILE G 250 3.76 -78.30 -9.22
N THR G 251 5.10 -78.50 -9.25
CA THR G 251 5.77 -79.49 -10.08
C THR G 251 6.42 -80.58 -9.27
N ILE G 252 5.81 -81.78 -9.20
CA ILE G 252 6.34 -82.92 -8.46
C ILE G 252 6.86 -84.02 -9.38
N GLY G 253 8.00 -84.65 -9.05
CA GLY G 253 8.62 -85.71 -9.83
C GLY G 253 9.09 -86.88 -9.04
N ASN G 254 10.23 -86.80 -8.37
CA ASN G 254 10.79 -87.87 -7.57
C ASN G 254 9.79 -88.44 -6.53
N GLU G 255 9.18 -87.55 -5.70
CA GLU G 255 8.22 -87.93 -4.68
C GLU G 255 6.96 -88.59 -5.25
N ARG G 256 6.64 -88.33 -6.54
CA ARG G 256 5.53 -88.87 -7.30
C ARG G 256 5.48 -90.38 -7.31
N PHE G 257 6.64 -91.06 -7.44
CA PHE G 257 6.67 -92.52 -7.32
C PHE G 257 7.09 -92.98 -5.95
N ARG G 258 7.69 -92.10 -5.13
CA ARG G 258 8.09 -92.44 -3.77
C ARG G 258 6.92 -92.73 -2.86
N CYS G 259 5.90 -91.83 -2.85
CA CYS G 259 4.73 -92.01 -2.02
C CYS G 259 3.98 -93.35 -2.18
N PRO G 260 3.56 -93.86 -3.35
CA PRO G 260 2.88 -95.14 -3.41
C PRO G 260 3.77 -96.33 -3.12
N GLU G 261 5.09 -96.24 -3.41
CA GLU G 261 6.06 -97.32 -3.20
C GLU G 261 6.12 -97.78 -1.76
N THR G 262 5.82 -96.88 -0.81
CA THR G 262 5.57 -97.15 0.60
C THR G 262 4.71 -98.37 0.89
N LEU G 263 3.73 -98.70 0.02
CA LEU G 263 2.91 -99.89 0.17
C LEU G 263 3.69 -101.20 0.09
N PHE G 264 4.79 -101.21 -0.66
CA PHE G 264 5.76 -102.28 -0.68
C PHE G 264 6.92 -102.08 0.26
N GLN G 265 7.20 -100.88 0.74
CA GLN G 265 8.28 -100.60 1.68
C GLN G 265 7.90 -99.65 2.81
N PRO G 266 7.26 -100.07 3.90
CA PRO G 266 6.84 -99.17 4.97
C PRO G 266 7.97 -98.53 5.76
N SER G 267 9.22 -99.00 5.57
CA SER G 267 10.41 -98.34 6.10
C SER G 267 10.54 -96.87 5.68
N PHE G 268 9.87 -96.43 4.60
CA PHE G 268 9.80 -95.02 4.24
C PHE G 268 9.08 -94.15 5.29
N ILE G 269 8.05 -94.69 5.96
CA ILE G 269 7.35 -94.02 7.06
C ILE G 269 8.07 -94.30 8.35
N GLY G 270 8.91 -95.31 8.40
CA GLY G 270 9.67 -95.70 9.55
C GLY G 270 8.97 -96.70 10.40
N MET G 271 7.86 -97.22 9.99
CA MET G 271 7.13 -98.22 10.71
C MET G 271 7.65 -99.62 10.46
N GLU G 272 7.56 -100.50 11.45
CA GLU G 272 8.18 -101.80 11.43
C GLU G 272 7.53 -102.82 10.55
N SER G 273 6.21 -102.72 10.36
CA SER G 273 5.38 -103.57 9.52
C SER G 273 5.86 -103.87 8.13
N ALA G 274 5.54 -105.04 7.59
CA ALA G 274 6.00 -105.50 6.31
C ALA G 274 5.04 -105.16 5.19
N GLY G 275 5.51 -105.11 3.93
CA GLY G 275 4.74 -104.70 2.77
C GLY G 275 3.67 -105.68 2.36
N ILE G 276 2.71 -105.22 1.53
CA ILE G 276 1.62 -106.03 1.00
C ILE G 276 2.07 -107.31 0.31
N HIS G 277 3.15 -107.22 -0.49
CA HIS G 277 3.99 -108.33 -0.92
C HIS G 277 4.15 -109.46 0.10
N GLU G 278 4.71 -109.15 1.28
CA GLU G 278 5.06 -110.16 2.25
C GLU G 278 3.87 -110.56 3.10
N THR G 279 2.91 -109.65 3.38
CA THR G 279 1.75 -110.04 4.18
C THR G 279 0.83 -110.94 3.39
N THR G 280 0.80 -110.79 2.07
CA THR G 280 0.13 -111.72 1.17
C THR G 280 0.77 -113.09 1.26
N TYR G 281 2.10 -113.20 1.08
CA TYR G 281 2.79 -114.47 1.19
C TYR G 281 2.66 -115.12 2.56
N ASN G 282 2.91 -114.37 3.65
CA ASN G 282 2.86 -114.92 4.99
C ASN G 282 1.48 -115.34 5.46
N SER G 283 0.39 -114.78 4.89
CA SER G 283 -0.95 -115.26 5.21
C SER G 283 -1.26 -116.53 4.45
N ILE G 284 -0.80 -116.67 3.21
CA ILE G 284 -0.93 -117.88 2.41
C ILE G 284 -0.18 -119.00 3.06
N MET G 285 1.07 -118.75 3.50
CA MET G 285 1.84 -119.73 4.23
C MET G 285 1.45 -119.88 5.70
N LYS G 286 0.26 -119.42 6.11
CA LYS G 286 -0.34 -119.81 7.38
C LYS G 286 -1.59 -120.63 7.11
N CYS G 287 -1.87 -120.99 5.87
CA CYS G 287 -2.96 -121.88 5.51
C CYS G 287 -2.47 -123.26 5.17
N ASP G 288 -3.34 -124.28 5.29
CA ASP G 288 -3.08 -125.68 5.00
C ASP G 288 -2.63 -125.93 3.56
N ILE G 289 -1.78 -126.95 3.35
CA ILE G 289 -1.02 -127.15 2.13
C ILE G 289 -1.86 -127.27 0.88
N ASP G 290 -2.94 -128.05 0.90
CA ASP G 290 -3.78 -128.23 -0.26
C ASP G 290 -4.49 -126.95 -0.68
N ILE G 291 -4.82 -126.07 0.28
CA ILE G 291 -5.58 -124.87 0.00
C ILE G 291 -4.71 -123.80 -0.67
N ARG G 292 -3.37 -123.83 -0.40
CA ARG G 292 -2.44 -122.79 -0.88
C ARG G 292 -2.46 -122.65 -2.38
N LYS G 293 -2.65 -123.79 -3.07
CA LYS G 293 -2.78 -123.91 -4.50
C LYS G 293 -3.81 -122.98 -5.15
N ASP G 294 -4.95 -122.70 -4.48
CA ASP G 294 -6.00 -121.93 -5.08
C ASP G 294 -6.07 -120.55 -4.47
N LEU G 295 -5.27 -120.25 -3.44
CA LEU G 295 -5.14 -118.87 -2.97
C LEU G 295 -4.29 -118.07 -3.95
N TYR G 296 -3.23 -118.70 -4.50
CA TYR G 296 -2.56 -118.18 -5.68
C TYR G 296 -3.50 -118.19 -6.88
N ALA G 297 -3.63 -117.03 -7.56
CA ALA G 297 -4.45 -116.82 -8.74
C ALA G 297 -5.88 -116.44 -8.42
N ASN G 298 -6.15 -116.15 -7.15
CA ASN G 298 -7.41 -115.59 -6.69
C ASN G 298 -7.06 -114.48 -5.72
N ASN G 299 -5.93 -113.81 -5.96
CA ASN G 299 -5.50 -112.62 -5.27
C ASN G 299 -6.31 -111.42 -5.76
N VAL G 300 -7.37 -111.01 -5.04
CA VAL G 300 -8.26 -109.95 -5.48
C VAL G 300 -8.12 -108.66 -4.68
N MET G 301 -7.68 -107.59 -5.35
CA MET G 301 -7.51 -106.29 -4.74
C MET G 301 -8.85 -105.56 -4.68
N SER G 302 -9.06 -104.71 -3.69
CA SER G 302 -10.28 -103.96 -3.57
C SER G 302 -9.99 -102.70 -2.81
N GLY G 303 -10.96 -101.78 -2.72
CA GLY G 303 -10.79 -100.46 -2.12
C GLY G 303 -10.10 -99.48 -3.04
N GLY G 304 -10.50 -98.21 -2.94
CA GLY G 304 -10.04 -97.08 -3.73
C GLY G 304 -8.56 -96.78 -3.64
N THR G 305 -7.93 -97.13 -2.52
CA THR G 305 -6.50 -96.86 -2.36
C THR G 305 -5.65 -97.85 -3.14
N THR G 306 -6.25 -98.85 -3.79
CA THR G 306 -5.53 -99.72 -4.72
C THR G 306 -5.65 -99.27 -6.14
N MET G 307 -6.19 -98.07 -6.43
CA MET G 307 -6.37 -97.61 -7.79
C MET G 307 -5.18 -96.92 -8.43
N TYR G 308 -3.98 -97.03 -7.86
CA TYR G 308 -2.78 -96.56 -8.52
C TYR G 308 -2.44 -97.34 -9.79
N PRO G 309 -1.95 -96.75 -10.86
CA PRO G 309 -1.59 -97.47 -12.07
C PRO G 309 -0.46 -98.40 -11.90
N GLY G 310 0.33 -98.78 -11.62
CA GLY G 310 1.43 -99.69 -11.48
C GLY G 310 1.13 -100.88 -10.61
N ILE G 311 -0.02 -100.86 -9.95
CA ILE G 311 -0.56 -102.03 -9.30
C ILE G 311 -1.63 -102.51 -10.24
N ALA G 312 -1.72 -103.81 -10.55
CA ALA G 312 -1.16 -104.92 -9.83
C ALA G 312 0.13 -105.46 -10.41
N ASP G 313 0.75 -104.85 -11.43
CA ASP G 313 1.81 -105.57 -12.11
C ASP G 313 3.16 -105.43 -11.39
N ARG G 314 3.29 -104.45 -10.47
CA ARG G 314 4.31 -104.44 -9.44
C ARG G 314 4.13 -105.59 -8.46
N MET G 315 2.93 -105.68 -7.84
CA MET G 315 2.54 -106.76 -6.95
C MET G 315 2.76 -108.15 -7.53
N GLN G 316 2.41 -108.32 -8.82
CA GLN G 316 2.59 -109.53 -9.59
C GLN G 316 4.05 -109.93 -9.65
N LYS G 317 4.91 -109.06 -10.23
CA LYS G 317 6.34 -109.28 -10.29
C LYS G 317 7.02 -109.60 -8.96
N GLU G 318 6.61 -108.92 -7.86
CA GLU G 318 7.17 -109.17 -6.54
C GLU G 318 6.73 -110.49 -5.95
N ILE G 319 5.44 -110.85 -6.06
CA ILE G 319 4.94 -112.11 -5.53
C ILE G 319 5.54 -113.28 -6.28
N THR G 320 5.58 -113.21 -7.63
CA THR G 320 6.17 -114.24 -8.47
C THR G 320 7.63 -114.54 -8.15
N ALA G 321 8.38 -113.55 -7.64
CA ALA G 321 9.74 -113.74 -7.21
C ALA G 321 9.89 -114.47 -5.88
N LEU G 322 8.92 -114.31 -4.96
CA LEU G 322 8.99 -114.92 -3.64
C LEU G 322 8.27 -116.26 -3.59
N ALA G 323 7.17 -116.41 -4.35
CA ALA G 323 6.42 -117.62 -4.46
C ALA G 323 7.19 -118.78 -5.09
N PRO G 324 6.92 -120.05 -4.75
CA PRO G 324 7.46 -121.21 -5.44
C PRO G 324 7.47 -121.19 -6.95
N SER G 325 8.53 -121.73 -7.57
CA SER G 325 8.67 -121.79 -9.01
C SER G 325 7.63 -122.63 -9.70
N THR G 326 7.14 -122.19 -10.86
CA THR G 326 6.18 -122.88 -11.73
C THR G 326 4.77 -122.88 -11.22
N MET G 327 4.43 -122.02 -10.30
CA MET G 327 3.11 -121.82 -9.76
C MET G 327 2.37 -120.77 -10.53
N LYS G 328 1.10 -120.98 -10.87
CA LYS G 328 0.33 -120.03 -11.63
C LYS G 328 -0.22 -118.91 -10.75
N ILE G 329 0.17 -117.66 -11.03
CA ILE G 329 -0.22 -116.52 -10.22
C ILE G 329 -0.85 -115.49 -11.13
N LYS G 330 -2.10 -115.14 -10.87
CA LYS G 330 -2.81 -114.08 -11.53
C LYS G 330 -3.42 -113.20 -10.47
N ILE G 331 -3.31 -111.89 -10.62
CA ILE G 331 -3.79 -110.94 -9.65
C ILE G 331 -4.98 -110.23 -10.25
N ILE G 332 -6.12 -110.24 -9.57
CA ILE G 332 -7.38 -109.84 -10.11
C ILE G 332 -7.65 -108.44 -9.63
N ALA G 333 -7.70 -107.48 -10.57
CA ALA G 333 -7.91 -106.10 -10.28
C ALA G 333 -8.82 -105.47 -11.30
N PRO G 334 -10.11 -105.46 -11.16
CA PRO G 334 -10.99 -104.88 -12.13
C PRO G 334 -11.06 -103.38 -11.96
N PRO G 335 -11.48 -102.59 -12.91
CA PRO G 335 -12.05 -101.28 -12.70
C PRO G 335 -13.03 -101.16 -11.56
N GLU G 336 -13.24 -99.96 -11.07
CA GLU G 336 -14.24 -99.59 -10.12
C GLU G 336 -14.12 -100.09 -8.73
N ARG G 337 -12.90 -100.41 -8.29
CA ARG G 337 -12.66 -101.02 -7.01
C ARG G 337 -13.25 -100.30 -5.81
N LYS G 338 -13.37 -98.96 -5.88
CA LYS G 338 -14.01 -98.12 -4.89
C LYS G 338 -15.48 -98.45 -4.68
N TYR G 339 -16.17 -99.03 -5.66
CA TYR G 339 -17.58 -99.32 -5.54
C TYR G 339 -17.80 -100.82 -5.47
N SER G 340 -16.69 -101.60 -5.39
CA SER G 340 -16.68 -103.06 -5.29
C SER G 340 -17.55 -103.54 -4.15
N VAL G 341 -17.29 -103.02 -2.95
CA VAL G 341 -18.04 -103.27 -1.73
C VAL G 341 -19.54 -103.09 -1.90
N TRP G 342 -19.98 -101.98 -2.53
CA TRP G 342 -21.38 -101.69 -2.73
C TRP G 342 -22.03 -102.70 -3.68
N ILE G 343 -21.35 -103.03 -4.80
CA ILE G 343 -21.85 -104.03 -5.74
C ILE G 343 -21.91 -105.42 -5.11
N GLY G 344 -21.04 -105.69 -4.13
CA GLY G 344 -21.07 -106.87 -3.29
C GLY G 344 -22.32 -106.95 -2.46
N GLY G 345 -22.54 -105.91 -1.63
CA GLY G 345 -23.68 -105.78 -0.75
C GLY G 345 -24.99 -105.89 -1.45
N SER G 346 -25.09 -105.26 -2.64
CA SER G 346 -26.25 -105.30 -3.50
C SER G 346 -26.67 -106.69 -3.89
N ILE G 347 -25.70 -107.55 -4.29
CA ILE G 347 -25.94 -108.93 -4.64
C ILE G 347 -26.45 -109.71 -3.45
N LEU G 348 -25.91 -109.45 -2.26
CA LEU G 348 -26.18 -110.17 -1.04
C LEU G 348 -27.61 -109.95 -0.61
N ALA G 349 -28.00 -108.69 -0.37
CA ALA G 349 -29.28 -108.31 0.14
C ALA G 349 -30.46 -108.65 -0.77
N SER G 350 -30.21 -108.93 -2.05
CA SER G 350 -31.24 -109.35 -2.97
C SER G 350 -31.54 -110.83 -2.90
N LEU G 351 -30.56 -111.66 -2.53
CA LEU G 351 -30.71 -113.10 -2.44
C LEU G 351 -31.70 -113.60 -1.41
N SER G 352 -32.49 -114.61 -1.78
CA SER G 352 -33.05 -115.56 -0.84
C SER G 352 -31.96 -116.53 -0.42
N THR G 353 -31.85 -116.98 0.83
CA THR G 353 -32.75 -116.82 1.94
C THR G 353 -32.27 -115.76 2.92
N PHE G 354 -31.32 -114.93 2.53
CA PHE G 354 -30.69 -113.99 3.43
C PHE G 354 -31.58 -112.94 4.02
N GLN G 355 -32.79 -112.84 3.55
CA GLN G 355 -33.85 -112.14 4.20
C GLN G 355 -34.11 -112.58 5.60
N GLN G 356 -33.93 -113.86 5.84
CA GLN G 356 -34.14 -114.41 7.12
C GLN G 356 -32.88 -114.49 7.89
N MET G 357 -31.81 -113.89 7.42
CA MET G 357 -30.62 -113.75 8.17
C MET G 357 -30.51 -112.39 8.80
N TRP G 358 -31.29 -111.42 8.35
CA TRP G 358 -31.37 -110.12 8.97
C TRP G 358 -31.86 -110.18 10.41
N ILE G 359 -31.30 -109.35 11.29
CA ILE G 359 -31.74 -109.21 12.66
C ILE G 359 -32.89 -108.25 12.71
N THR G 360 -34.11 -108.73 13.02
CA THR G 360 -35.29 -107.89 13.03
C THR G 360 -35.54 -107.29 14.40
N LYS G 361 -36.28 -106.18 14.45
CA LYS G 361 -36.47 -105.35 15.63
C LYS G 361 -37.02 -106.07 16.84
N GLN G 362 -38.07 -106.90 16.69
CA GLN G 362 -38.62 -107.65 17.80
C GLN G 362 -37.63 -108.64 18.40
N GLU G 363 -36.87 -109.33 17.56
CA GLU G 363 -35.85 -110.25 17.98
C GLU G 363 -34.72 -109.54 18.69
N TYR G 364 -34.29 -108.38 18.17
CA TYR G 364 -33.32 -107.52 18.80
C TYR G 364 -33.78 -106.99 20.15
N ASP G 365 -35.04 -106.56 20.28
CA ASP G 365 -35.61 -106.08 21.51
C ASP G 365 -35.59 -107.14 22.59
N GLU G 366 -35.95 -108.40 22.25
CA GLU G 366 -35.86 -109.49 23.17
C GLU G 366 -34.42 -109.87 23.54
N ALA G 367 -33.56 -110.01 22.53
CA ALA G 367 -32.21 -110.48 22.71
C ALA G 367 -31.23 -109.50 23.32
N GLY G 368 -31.26 -108.24 22.89
CA GLY G 368 -30.31 -107.23 23.31
C GLY G 368 -29.00 -107.34 22.56
N PRO G 369 -27.98 -106.60 22.91
CA PRO G 369 -26.71 -106.58 22.22
C PRO G 369 -26.00 -107.90 22.04
N SER G 370 -26.33 -108.92 22.79
CA SER G 370 -25.76 -110.24 22.67
C SER G 370 -26.09 -111.00 21.41
N ILE G 371 -27.09 -110.60 20.65
CA ILE G 371 -27.39 -111.21 19.37
C ILE G 371 -26.35 -110.98 18.32
N VAL G 372 -25.55 -110.15 18.35
CA VAL G 372 -24.56 -109.81 17.38
C VAL G 372 -23.55 -110.70 17.01
N HIS G 373 -23.19 -111.40 17.53
CA HIS G 373 -22.28 -112.29 17.23
C HIS G 373 -22.56 -113.27 17.13
N THR H 7 44.52 -74.66 12.73
CA THR H 7 43.96 -74.36 12.95
C THR H 7 42.64 -74.54 13.55
N THR H 8 42.13 -73.75 14.34
CA THR H 8 40.93 -73.84 15.09
C THR H 8 39.68 -73.71 14.25
N ALA H 9 38.80 -74.70 14.31
CA ALA H 9 37.50 -74.69 13.66
C ALA H 9 36.56 -73.60 14.15
N LEU H 10 35.66 -73.14 13.26
CA LEU H 10 34.77 -72.03 13.55
C LEU H 10 33.33 -72.47 13.47
N VAL H 11 32.56 -72.33 14.56
CA VAL H 11 31.13 -72.58 14.60
C VAL H 11 30.34 -71.30 14.40
N CYS H 12 29.63 -71.23 13.27
CA CYS H 12 28.88 -70.08 12.81
C CYS H 12 27.45 -70.55 12.65
N ASP H 13 26.54 -69.97 13.44
CA ASP H 13 25.18 -70.40 13.53
C ASP H 13 24.31 -69.46 12.73
N ASN H 14 23.62 -70.04 11.74
CA ASN H 14 22.60 -69.43 10.92
C ASN H 14 21.33 -69.23 11.73
N GLY H 15 21.39 -68.34 12.71
CA GLY H 15 20.25 -67.81 13.42
C GLY H 15 19.17 -67.25 12.57
N SER H 16 17.97 -67.27 13.11
CA SER H 16 16.76 -66.64 12.65
C SER H 16 16.71 -65.24 13.19
N GLY H 17 17.40 -65.02 14.32
CA GLY H 17 17.49 -63.79 15.05
C GLY H 17 18.46 -62.77 14.50
N LEU H 18 19.69 -62.52 15.00
CA LEU H 18 20.54 -63.19 15.96
C LEU H 18 21.36 -64.31 15.36
N VAL H 19 22.20 -63.96 14.36
CA VAL H 19 23.27 -64.83 13.89
C VAL H 19 24.36 -64.87 14.94
N LYS H 20 24.89 -66.07 15.24
CA LYS H 20 25.85 -66.27 16.33
C LYS H 20 27.16 -66.84 15.79
N ALA H 21 28.31 -66.29 16.18
CA ALA H 21 29.60 -66.76 15.70
C ALA H 21 30.70 -66.80 16.75
N GLY H 22 31.50 -67.88 16.78
CA GLY H 22 32.61 -68.00 17.72
C GLY H 22 33.38 -69.26 17.43
N PHE H 23 34.70 -69.27 17.68
CA PHE H 23 35.53 -70.43 17.37
C PHE H 23 35.16 -71.64 18.23
N ALA H 24 35.69 -72.83 17.90
CA ALA H 24 35.35 -74.04 18.62
C ALA H 24 35.96 -74.10 20.00
N GLY H 25 35.12 -73.99 21.04
CA GLY H 25 35.49 -73.94 22.44
C GLY H 25 36.00 -72.64 22.93
N ASP H 26 35.90 -72.34 24.22
CA ASP H 26 35.42 -73.15 25.31
C ASP H 26 34.59 -72.33 26.25
N ASP H 27 34.20 -71.14 25.87
CA ASP H 27 33.56 -70.21 26.74
C ASP H 27 32.22 -69.72 26.21
N ALA H 28 32.17 -68.72 25.32
CA ALA H 28 30.97 -68.07 24.86
C ALA H 28 31.14 -67.58 23.44
N PRO H 29 30.13 -67.22 22.65
CA PRO H 29 30.30 -66.69 21.32
C PRO H 29 31.03 -65.37 21.30
N ARG H 30 31.75 -65.06 20.25
CA ARG H 30 32.44 -63.81 20.12
C ARG H 30 31.59 -62.74 19.48
N ALA H 31 30.69 -63.11 18.56
CA ALA H 31 29.89 -62.16 17.83
C ALA H 31 28.45 -62.62 17.77
N VAL H 32 27.52 -61.74 18.15
CA VAL H 32 26.10 -61.96 18.06
C VAL H 32 25.54 -60.68 17.49
N PHE H 33 24.65 -60.71 16.48
CA PHE H 33 24.14 -59.48 15.93
C PHE H 33 22.80 -59.70 15.24
N PRO H 34 21.93 -58.70 15.07
CA PRO H 34 20.57 -58.90 14.69
C PRO H 34 20.40 -59.18 13.24
N SER H 35 20.73 -59.77 12.48
CA SER H 35 20.64 -60.19 11.10
C SER H 35 20.20 -59.16 10.09
N ILE H 36 19.62 -58.12 10.38
CA ILE H 36 19.13 -57.04 9.54
C ILE H 36 20.12 -56.42 8.57
N VAL H 37 19.69 -56.27 7.31
CA VAL H 37 20.31 -55.40 6.31
C VAL H 37 19.33 -54.30 6.00
N GLY H 38 19.81 -53.04 5.82
CA GLY H 38 18.93 -51.90 5.59
C GLY H 38 19.49 -50.91 4.62
N ARG H 39 18.76 -50.64 3.52
CA ARG H 39 19.14 -49.64 2.55
C ARG H 39 18.60 -48.26 2.98
N PRO H 40 19.21 -47.15 2.61
CA PRO H 40 18.80 -45.83 3.04
C PRO H 40 17.63 -45.27 2.27
N ARG H 41 16.50 -45.00 2.95
CA ARG H 41 15.28 -44.58 2.32
C ARG H 41 15.16 -43.12 2.02
N HIS H 42 16.11 -42.29 2.36
CA HIS H 42 16.08 -40.88 2.11
C HIS H 42 17.32 -40.43 1.38
N GLN H 43 17.27 -39.28 0.69
CA GLN H 43 18.39 -38.72 -0.03
C GLN H 43 19.38 -37.98 0.85
N GLY H 44 20.68 -38.19 0.60
CA GLY H 44 21.75 -37.59 1.36
C GLY H 44 22.11 -36.23 0.87
N VAL H 45 22.47 -35.32 1.76
CA VAL H 45 22.78 -33.96 1.41
C VAL H 45 24.11 -33.54 1.97
N MET H 46 24.82 -34.40 2.67
CA MET H 46 26.10 -34.10 3.22
C MET H 46 27.25 -34.07 2.35
N VAL H 47 27.73 -34.27 1.72
CA VAL H 47 28.77 -34.26 0.81
C VAL H 47 29.96 -34.91 1.30
N GLY H 48 30.27 -35.76 1.63
CA GLY H 48 31.39 -36.56 2.04
C GLY H 48 31.77 -37.55 1.09
N MET H 49 31.02 -38.46 0.76
CA MET H 49 29.78 -38.69 1.20
C MET H 49 29.60 -39.52 2.37
N GLY H 50 30.39 -40.50 2.53
CA GLY H 50 30.51 -41.19 3.73
C GLY H 50 29.47 -42.22 4.04
N GLN H 51 28.54 -42.50 3.21
CA GLN H 51 27.43 -43.38 3.48
C GLN H 51 27.62 -44.74 2.81
N LYS H 52 27.21 -45.81 3.48
CA LYS H 52 27.31 -47.16 2.96
C LYS H 52 26.15 -47.51 2.07
N ASP H 53 26.33 -48.45 1.13
CA ASP H 53 25.29 -48.91 0.24
C ASP H 53 24.20 -49.68 0.97
N SER H 54 24.62 -50.58 1.85
CA SER H 54 23.72 -51.27 2.74
C SER H 54 24.39 -51.40 4.08
N TYR H 55 23.72 -50.96 5.14
CA TYR H 55 24.21 -51.10 6.50
C TYR H 55 23.77 -52.45 7.01
N VAL H 56 24.69 -53.27 7.56
CA VAL H 56 24.30 -54.46 8.29
C VAL H 56 24.14 -54.09 9.75
N GLY H 57 23.57 -54.96 10.60
CA GLY H 57 23.68 -54.85 12.05
C GLY H 57 25.10 -55.08 12.49
N ASP H 58 25.61 -54.45 13.56
CA ASP H 58 25.01 -53.55 14.51
C ASP H 58 24.73 -52.15 13.96
N GLU H 59 25.47 -51.67 12.94
CA GLU H 59 25.34 -50.33 12.42
C GLU H 59 23.94 -49.95 11.94
N ALA H 60 23.17 -50.91 11.42
CA ALA H 60 21.78 -50.70 11.06
C ALA H 60 20.82 -50.65 12.24
N GLN H 61 21.27 -50.90 13.47
CA GLN H 61 20.45 -50.80 14.64
C GLN H 61 20.83 -49.55 15.40
N SER H 62 21.94 -48.90 14.99
CA SER H 62 22.30 -47.59 15.45
C SER H 62 21.80 -46.52 14.54
N LYS H 63 21.45 -46.84 13.29
CA LYS H 63 21.00 -45.91 12.29
C LYS H 63 19.55 -46.14 11.93
N ARG H 64 18.73 -46.54 12.90
CA ARG H 64 17.30 -46.66 12.70
C ARG H 64 16.60 -45.38 12.25
N GLY H 65 15.54 -45.53 11.46
CA GLY H 65 14.66 -44.43 11.04
C GLY H 65 15.09 -43.76 9.78
N ILE H 66 16.26 -44.06 9.25
CA ILE H 66 16.70 -43.52 7.98
C ILE H 66 16.95 -44.63 6.98
N LEU H 67 16.64 -45.87 7.39
CA LEU H 67 16.84 -47.05 6.59
C LEU H 67 15.55 -47.84 6.58
N THR H 68 15.47 -48.88 5.74
CA THR H 68 14.36 -49.82 5.73
C THR H 68 14.86 -51.21 6.02
N LEU H 69 14.76 -51.64 7.29
CA LEU H 69 15.28 -52.91 7.76
C LEU H 69 14.63 -54.14 7.12
N LYS H 70 15.44 -55.07 6.62
CA LYS H 70 14.98 -56.28 6.00
C LYS H 70 15.73 -57.46 6.57
N TYR H 71 15.05 -58.32 7.36
CA TYR H 71 15.64 -59.53 7.91
C TYR H 71 15.96 -60.48 6.74
N PRO H 72 17.13 -61.04 6.56
CA PRO H 72 17.45 -61.79 5.35
C PRO H 72 16.92 -63.21 5.39
N ILE H 73 16.52 -63.69 6.55
CA ILE H 73 15.94 -65.00 6.72
C ILE H 73 14.57 -64.83 7.32
N GLU H 74 13.54 -65.36 6.65
CA GLU H 74 12.16 -65.12 7.01
C GLU H 74 11.41 -66.39 6.72
N HIS H 75 10.59 -66.85 7.69
CA HIS H 75 9.90 -68.13 7.64
C HIS H 75 10.85 -69.29 7.46
N GLY H 76 12.05 -69.18 8.05
CA GLY H 76 13.04 -70.23 8.05
C GLY H 76 13.79 -70.40 6.77
N ILE H 77 13.62 -69.51 5.79
CA ILE H 77 14.33 -69.61 4.54
C ILE H 77 14.89 -68.26 4.13
N ILE H 78 16.09 -68.26 3.52
CA ILE H 78 16.81 -67.09 3.10
C ILE H 78 16.17 -66.37 1.94
N THR H 79 16.12 -65.03 1.98
CA THR H 79 15.48 -64.20 0.97
C THR H 79 16.21 -64.20 -0.37
N ASN H 80 17.54 -64.06 -0.34
CA ASN H 80 18.38 -64.15 -1.51
C ASN H 80 19.80 -64.33 -1.01
N TRP H 81 20.68 -64.96 -1.79
CA TRP H 81 22.04 -65.15 -1.35
C TRP H 81 22.90 -63.92 -1.59
N ASP H 82 22.40 -62.88 -2.29
CA ASP H 82 23.10 -61.63 -2.47
C ASP H 82 23.26 -60.87 -1.15
N ASP H 83 22.23 -60.86 -0.31
CA ASP H 83 22.26 -60.25 0.99
C ASP H 83 22.91 -61.19 1.99
N MET H 84 22.63 -62.51 1.89
CA MET H 84 23.22 -63.52 2.76
C MET H 84 24.74 -63.52 2.70
N GLU H 85 25.33 -63.43 1.49
CA GLU H 85 26.77 -63.30 1.31
C GLU H 85 27.34 -62.08 2.01
N LYS H 86 26.58 -60.95 2.07
CA LYS H 86 27.03 -59.76 2.77
C LYS H 86 27.03 -59.97 4.28
N ILE H 87 26.02 -60.69 4.82
CA ILE H 87 26.01 -61.18 6.21
C ILE H 87 27.27 -61.96 6.54
N TRP H 88 27.58 -62.99 5.73
CA TRP H 88 28.75 -63.81 5.89
C TRP H 88 30.05 -63.01 5.85
N HIS H 89 30.26 -62.22 4.78
CA HIS H 89 31.41 -61.36 4.59
C HIS H 89 31.65 -60.41 5.75
N HIS H 90 30.60 -59.72 6.22
CA HIS H 90 30.63 -58.86 7.39
C HIS H 90 31.05 -59.60 8.64
N THR H 91 30.46 -60.79 8.86
CA THR H 91 30.71 -61.62 10.03
C THR H 91 32.14 -62.10 10.13
N PHE H 92 32.65 -62.75 9.06
CA PHE H 92 34.00 -63.26 9.08
C PHE H 92 35.04 -62.17 9.14
N TYR H 93 34.90 -61.14 8.30
CA TYR H 93 35.92 -60.12 8.20
C TYR H 93 35.88 -59.06 9.27
N ASN H 94 34.73 -58.41 9.53
CA ASN H 94 34.73 -57.24 10.38
C ASN H 94 34.22 -57.50 11.78
N GLU H 95 33.98 -58.76 12.14
CA GLU H 95 33.66 -59.12 13.51
C GLU H 95 34.68 -60.13 13.95
N LEU H 96 34.78 -61.28 13.35
CA LEU H 96 35.68 -62.35 13.78
C LEU H 96 37.13 -62.12 13.42
N ARG H 97 37.41 -61.35 12.34
CA ARG H 97 38.75 -61.03 11.87
C ARG H 97 39.51 -62.27 11.45
N VAL H 98 38.88 -63.13 10.64
CA VAL H 98 39.49 -64.37 10.21
C VAL H 98 39.17 -64.65 8.76
N ALA H 99 40.10 -65.25 8.02
CA ALA H 99 39.93 -65.71 6.67
C ALA H 99 39.35 -67.11 6.63
N PRO H 100 38.31 -67.44 5.87
CA PRO H 100 37.77 -68.80 5.78
C PRO H 100 38.72 -69.86 5.30
N GLU H 101 39.78 -69.50 4.57
CA GLU H 101 40.76 -70.46 4.11
C GLU H 101 41.59 -70.99 5.25
N GLU H 102 41.61 -70.31 6.40
CA GLU H 102 42.32 -70.71 7.60
C GLU H 102 41.64 -71.76 8.43
N HIS H 103 40.34 -71.97 8.36
CA HIS H 103 39.64 -72.81 9.30
C HIS H 103 38.65 -73.75 8.64
N PRO H 104 38.50 -75.01 8.99
CA PRO H 104 37.26 -75.75 8.75
C PRO H 104 36.07 -75.15 9.49
N THR H 105 34.92 -75.01 8.83
CA THR H 105 33.77 -74.35 9.45
C THR H 105 32.70 -75.37 9.77
N LEU H 106 31.74 -74.98 10.63
CA LEU H 106 30.60 -75.78 11.00
C LEU H 106 29.42 -74.85 10.89
N LEU H 107 28.44 -75.18 10.04
CA LEU H 107 27.31 -74.33 9.77
C LEU H 107 26.07 -75.01 10.28
N THR H 108 25.00 -74.26 10.56
CA THR H 108 23.75 -74.78 11.06
C THR H 108 22.59 -74.58 10.10
N GLU H 109 21.51 -75.37 10.26
CA GLU H 109 20.31 -75.21 9.46
C GLU H 109 19.10 -75.41 10.35
N ALA H 110 17.88 -75.34 9.78
CA ALA H 110 16.64 -75.60 10.45
C ALA H 110 16.03 -76.91 10.01
N PRO H 111 15.46 -77.72 10.88
CA PRO H 111 14.87 -79.00 10.52
C PRO H 111 13.75 -78.93 9.57
N LEU H 112 13.32 -79.39 8.73
CA LEU H 112 12.28 -79.42 7.76
C LEU H 112 12.31 -78.19 6.89
N ASN H 113 13.40 -77.95 6.27
CA ASN H 113 13.64 -76.87 5.37
C ASN H 113 13.66 -77.39 3.97
N PRO H 114 13.04 -76.79 3.02
CA PRO H 114 12.96 -77.29 1.69
C PRO H 114 14.22 -77.55 0.94
N LYS H 115 14.26 -78.61 0.15
CA LYS H 115 15.30 -78.91 -0.80
C LYS H 115 15.05 -78.05 -2.02
N ALA H 116 16.05 -77.45 -2.67
CA ALA H 116 17.48 -77.68 -2.62
C ALA H 116 18.20 -76.56 -1.92
N ASN H 117 17.70 -76.02 -0.84
CA ASN H 117 18.33 -74.91 -0.15
C ASN H 117 19.49 -75.26 0.76
N ARG H 118 19.83 -76.53 0.98
CA ARG H 118 21.04 -76.85 1.72
C ARG H 118 22.18 -77.03 0.74
N GLU H 119 21.86 -77.59 -0.44
CA GLU H 119 22.75 -77.75 -1.57
C GLU H 119 23.24 -76.39 -2.05
N LYS H 120 22.35 -75.55 -2.61
CA LYS H 120 22.65 -74.19 -3.06
C LYS H 120 23.46 -73.35 -2.09
N MET H 121 23.16 -73.42 -0.78
CA MET H 121 23.94 -72.81 0.28
C MET H 121 25.36 -73.34 0.32
N THR H 122 25.52 -74.66 0.53
CA THR H 122 26.81 -75.36 0.57
C THR H 122 27.67 -75.07 -0.65
N GLN H 123 27.04 -75.06 -1.84
CA GLN H 123 27.70 -74.90 -3.11
C GLN H 123 28.21 -73.48 -3.28
N ILE H 124 27.36 -72.47 -3.05
CA ILE H 124 27.75 -71.08 -3.07
C ILE H 124 28.83 -70.77 -2.04
N MET H 125 28.71 -71.25 -0.79
CA MET H 125 29.70 -70.97 0.24
C MET H 125 31.08 -71.55 -0.03
N PHE H 126 31.16 -72.69 -0.75
CA PHE H 126 32.44 -73.27 -1.11
C PHE H 126 33.11 -72.49 -2.21
N GLU H 127 32.36 -71.96 -3.20
CA GLU H 127 32.96 -71.23 -4.29
C GLU H 127 33.21 -69.78 -3.96
N THR H 128 32.41 -69.17 -3.08
CA THR H 128 32.57 -67.78 -2.68
C THR H 128 33.63 -67.61 -1.63
N PHE H 129 33.60 -68.39 -0.54
CA PHE H 129 34.48 -68.16 0.59
C PHE H 129 35.64 -69.12 0.64
N ASN H 130 35.60 -70.24 -0.12
CA ASN H 130 36.75 -71.10 -0.35
C ASN H 130 37.26 -71.77 0.93
N VAL H 131 36.34 -72.10 1.84
CA VAL H 131 36.56 -72.88 3.02
C VAL H 131 37.16 -74.27 2.77
N PRO H 132 38.05 -74.83 3.57
CA PRO H 132 38.71 -76.08 3.20
C PRO H 132 37.82 -77.27 3.51
N ALA H 133 36.89 -77.15 4.47
CA ALA H 133 35.92 -78.18 4.75
C ALA H 133 34.76 -77.58 5.52
N MET H 134 33.60 -78.27 5.49
CA MET H 134 32.38 -77.76 6.04
C MET H 134 31.44 -78.90 6.43
N TYR H 135 30.45 -78.62 7.27
CA TYR H 135 29.38 -79.56 7.52
C TYR H 135 28.20 -78.72 7.99
N VAL H 136 26.97 -79.20 7.80
CA VAL H 136 25.76 -78.47 8.14
C VAL H 136 24.94 -79.30 9.10
N ALA H 137 24.81 -78.86 10.36
CA ALA H 137 24.02 -79.53 11.38
C ALA H 137 22.70 -78.82 11.68
N ILE H 138 21.59 -79.53 11.92
CA ILE H 138 20.35 -78.87 12.32
C ILE H 138 20.45 -78.34 13.75
N GLN H 139 19.90 -77.14 14.04
CA GLN H 139 20.10 -76.44 15.31
C GLN H 139 19.55 -77.22 16.50
N ALA H 140 18.49 -78.02 16.28
CA ALA H 140 17.85 -78.77 17.32
C ALA H 140 18.74 -79.89 17.88
N VAL H 141 19.37 -80.71 17.02
CA VAL H 141 20.27 -81.79 17.45
C VAL H 141 21.40 -81.29 18.35
N LEU H 142 21.96 -80.12 18.03
CA LEU H 142 23.05 -79.53 18.78
C LEU H 142 22.67 -79.20 20.22
N SER H 143 21.39 -78.90 20.49
CA SER H 143 20.96 -78.60 21.84
C SER H 143 20.96 -79.79 22.77
N LEU H 144 21.07 -81.04 22.25
CA LEU H 144 21.23 -82.20 23.11
C LEU H 144 22.57 -82.20 23.80
N TYR H 145 23.63 -81.91 23.04
CA TYR H 145 25.01 -81.87 23.52
C TYR H 145 25.20 -80.77 24.54
N ALA H 146 24.61 -79.59 24.29
CA ALA H 146 24.64 -78.45 25.16
C ALA H 146 24.07 -78.72 26.54
N SER H 147 23.01 -79.52 26.61
CA SER H 147 22.40 -79.89 27.86
C SER H 147 22.93 -81.17 28.41
N GLY H 148 23.83 -81.85 27.68
CA GLY H 148 24.47 -83.06 28.14
C GLY H 148 23.55 -84.24 28.21
N ARG H 149 22.55 -84.27 27.36
CA ARG H 149 21.57 -85.32 27.27
C ARG H 149 21.75 -86.17 26.07
N THR H 150 21.10 -87.33 26.03
CA THR H 150 21.18 -88.25 24.92
C THR H 150 19.83 -88.77 24.52
N THR H 151 18.76 -88.21 25.09
CA THR H 151 17.37 -88.59 24.89
C THR H 151 16.60 -87.31 25.08
N GLY H 152 15.41 -87.15 24.46
CA GLY H 152 14.56 -85.99 24.68
C GLY H 152 14.06 -85.31 23.44
N ILE H 153 13.00 -84.50 23.61
CA ILE H 153 12.44 -83.71 22.55
C ILE H 153 13.06 -82.31 22.56
N VAL H 154 13.68 -81.93 21.43
CA VAL H 154 14.43 -80.69 21.24
C VAL H 154 13.66 -79.62 20.48
N LEU H 155 13.59 -78.41 21.08
CA LEU H 155 12.90 -77.22 20.62
C LEU H 155 13.76 -76.09 20.03
N ASP H 156 13.86 -75.88 18.68
CA ASP H 156 14.64 -74.74 18.15
C ASP H 156 13.55 -73.75 17.86
N SER H 157 13.47 -72.70 18.70
CA SER H 157 12.45 -71.69 18.59
C SER H 157 13.12 -70.34 18.46
N GLY H 158 13.10 -69.78 17.25
CA GLY H 158 13.58 -68.43 16.96
C GLY H 158 12.57 -67.69 16.16
N ASP H 159 12.66 -66.35 16.09
CA ASP H 159 11.87 -65.55 15.19
C ASP H 159 12.04 -65.94 13.70
N GLY H 160 11.07 -66.50 12.96
CA GLY H 160 9.74 -66.96 13.33
C GLY H 160 9.37 -68.37 12.98
N VAL H 161 10.21 -69.36 13.32
CA VAL H 161 9.90 -70.77 13.13
C VAL H 161 10.32 -71.56 14.36
N THR H 162 9.36 -72.27 14.99
CA THR H 162 9.65 -73.20 16.08
C THR H 162 9.70 -74.62 15.55
N HIS H 163 10.34 -75.56 16.27
CA HIS H 163 10.34 -76.95 15.85
C HIS H 163 10.32 -77.86 17.05
N ASN H 164 9.79 -79.09 16.87
CA ASN H 164 9.66 -80.11 17.89
C ASN H 164 10.23 -81.43 17.39
N VAL H 165 11.50 -81.75 17.70
CA VAL H 165 12.15 -82.96 17.21
C VAL H 165 12.38 -84.00 18.32
N PRO H 166 11.82 -85.20 18.32
CA PRO H 166 12.11 -86.22 19.34
C PRO H 166 13.33 -87.07 19.03
N ILE H 167 14.26 -87.22 19.98
CA ILE H 167 15.47 -88.02 19.86
C ILE H 167 15.54 -89.02 21.01
N TYR H 168 15.84 -90.30 20.75
CA TYR H 168 16.04 -91.32 21.76
C TYR H 168 17.43 -91.88 21.69
N GLU H 169 18.15 -92.11 22.73
CA GLU H 169 19.47 -92.68 22.86
C GLU H 169 19.95 -93.62 21.79
N GLY H 170 20.62 -93.19 20.74
CA GLY H 170 20.93 -91.87 20.32
C GLY H 170 20.50 -91.71 18.91
N TYR H 171 19.36 -92.17 18.57
CA TYR H 171 18.74 -92.25 17.28
C TYR H 171 17.59 -91.29 17.14
N ALA H 172 17.36 -90.75 15.95
CA ALA H 172 16.30 -89.79 15.72
C ALA H 172 15.07 -90.49 15.15
N LEU H 173 13.88 -89.99 15.46
CA LEU H 173 12.64 -90.58 15.03
C LEU H 173 12.00 -89.75 13.93
N PRO H 174 12.10 -90.08 12.65
CA PRO H 174 11.60 -89.25 11.56
C PRO H 174 10.10 -89.10 11.53
N HIS H 175 9.35 -90.05 12.07
CA HIS H 175 7.93 -90.10 11.90
C HIS H 175 7.19 -89.16 12.81
N ALA H 176 7.84 -88.51 13.75
CA ALA H 176 7.21 -87.64 14.71
C ALA H 176 7.73 -86.21 14.68
N ILE H 177 8.53 -85.80 13.68
CA ILE H 177 9.07 -84.44 13.64
C ILE H 177 8.03 -83.39 13.25
N MET H 178 7.84 -82.35 14.09
CA MET H 178 6.89 -81.28 13.84
C MET H 178 7.52 -79.91 13.68
N ARG H 179 7.18 -79.18 12.60
CA ARG H 179 7.64 -77.82 12.38
C ARG H 179 6.44 -76.90 12.51
N LEU H 180 6.45 -75.97 13.47
CA LEU H 180 5.39 -74.97 13.58
C LEU H 180 5.94 -73.61 13.17
N ASP H 181 5.28 -72.92 12.24
CA ASP H 181 5.58 -71.54 11.94
C ASP H 181 4.81 -70.63 12.86
N LEU H 182 4.97 -70.64 14.04
CA LEU H 182 4.20 -69.93 15.04
C LEU H 182 4.99 -68.88 15.77
N ALA H 183 6.02 -69.20 16.45
CA ALA H 183 6.79 -68.28 17.23
C ALA H 183 8.13 -68.06 16.57
N GLY H 184 8.75 -66.87 16.64
CA GLY H 184 8.38 -65.68 17.40
C GLY H 184 8.07 -64.43 16.62
N ARG H 185 8.39 -64.33 15.32
CA ARG H 185 8.17 -63.09 14.58
C ARG H 185 6.71 -62.71 14.40
N ASP H 186 5.81 -63.71 14.40
CA ASP H 186 4.39 -63.49 14.38
C ASP H 186 3.89 -63.01 15.73
N LEU H 187 4.62 -63.33 16.82
CA LEU H 187 4.35 -62.77 18.12
C LEU H 187 4.73 -61.30 18.13
N THR H 188 5.85 -60.94 17.47
CA THR H 188 6.23 -59.54 17.26
C THR H 188 5.13 -58.79 16.51
N ASP H 189 4.67 -59.32 15.37
CA ASP H 189 3.59 -58.72 14.61
C ASP H 189 2.26 -58.62 15.40
N TYR H 190 1.93 -59.64 16.22
CA TYR H 190 0.75 -59.65 17.05
C TYR H 190 0.83 -58.62 18.16
N LEU H 191 2.01 -58.47 18.79
CA LEU H 191 2.24 -57.43 19.78
C LEU H 191 2.04 -56.05 19.19
N MET H 192 2.49 -55.83 17.95
CA MET H 192 2.26 -54.57 17.27
C MET H 192 0.77 -54.34 16.98
N LYS H 193 -0.01 -55.40 16.76
CA LYS H 193 -1.42 -55.29 16.54
C LYS H 193 -2.22 -55.04 17.81
N ILE H 194 -1.75 -55.49 18.98
CA ILE H 194 -2.47 -55.22 20.21
C ILE H 194 -1.88 -54.07 20.97
N LEU H 195 -0.77 -53.46 20.50
CA LEU H 195 -0.31 -52.20 21.03
C LEU H 195 -0.93 -51.01 20.33
N THR H 196 -1.38 -51.19 19.07
CA THR H 196 -2.18 -50.20 18.36
C THR H 196 -3.51 -49.98 19.01
N GLU H 197 -4.04 -51.02 19.68
CA GLU H 197 -5.24 -50.97 20.47
C GLU H 197 -5.14 -50.05 21.67
N ARG H 198 -3.92 -49.76 22.15
CA ARG H 198 -3.68 -48.79 23.18
C ARG H 198 -3.17 -47.48 22.61
N GLY H 199 -3.21 -47.30 21.29
CA GLY H 199 -3.03 -46.02 20.65
C GLY H 199 -1.62 -45.70 20.26
N TYR H 200 -0.70 -46.64 20.37
CA TYR H 200 0.69 -46.40 19.99
C TYR H 200 0.95 -46.97 18.64
N SER H 201 1.28 -46.16 17.68
CA SER H 201 1.45 -46.55 16.30
C SER H 201 2.84 -46.84 15.88
N PHE H 202 3.28 -47.95 15.80
CA PHE H 202 4.61 -48.36 15.48
C PHE H 202 4.61 -49.16 14.20
N VAL H 203 4.09 -48.72 13.14
CA VAL H 203 3.85 -49.47 11.93
C VAL H 203 5.06 -49.66 11.04
N THR H 204 6.06 -48.80 11.17
CA THR H 204 7.21 -48.75 10.28
C THR H 204 8.24 -49.79 10.63
N THR H 205 9.06 -50.17 9.65
CA THR H 205 10.02 -51.26 9.74
C THR H 205 11.03 -51.08 10.83
N ALA H 206 11.66 -49.90 10.92
CA ALA H 206 12.59 -49.58 11.98
C ALA H 206 11.99 -49.69 13.38
N GLU H 207 10.80 -49.11 13.55
CA GLU H 207 10.07 -49.08 14.77
C GLU H 207 9.67 -50.46 15.26
N ARG H 208 9.53 -51.42 14.33
CA ARG H 208 9.25 -52.81 14.65
C ARG H 208 10.32 -53.44 15.54
N GLU H 209 11.60 -53.04 15.41
CA GLU H 209 12.65 -53.47 16.31
C GLU H 209 12.41 -53.10 17.76
N ILE H 210 11.88 -51.89 18.03
CA ILE H 210 11.50 -51.43 19.35
C ILE H 210 10.43 -52.32 19.98
N VAL H 211 9.45 -52.75 19.16
CA VAL H 211 8.44 -53.72 19.54
C VAL H 211 9.07 -55.03 19.98
N ARG H 212 10.07 -55.53 19.21
CA ARG H 212 10.83 -56.71 19.52
C ARG H 212 11.56 -56.59 20.85
N ASP H 213 12.10 -55.41 21.17
CA ASP H 213 12.79 -55.17 22.41
C ASP H 213 11.84 -55.19 23.61
N ILE H 214 10.61 -54.65 23.50
CA ILE H 214 9.62 -54.77 24.56
C ILE H 214 9.01 -56.16 24.65
N LYS H 215 9.10 -56.95 23.56
CA LYS H 215 8.68 -58.35 23.55
C LYS H 215 9.63 -59.17 24.39
N GLU H 216 10.93 -58.84 24.36
CA GLU H 216 11.94 -59.40 25.24
C GLU H 216 11.67 -59.05 26.69
N LYS H 217 11.78 -57.75 27.01
CA LYS H 217 11.86 -57.27 28.38
C LYS H 217 10.58 -57.31 29.19
N LEU H 218 9.46 -56.78 28.68
CA LEU H 218 8.31 -56.55 29.54
C LEU H 218 7.27 -57.64 29.59
N CYS H 219 7.21 -58.55 28.63
CA CYS H 219 6.20 -59.59 28.58
C CYS H 219 6.38 -60.73 29.59
N TYR H 220 5.30 -61.41 30.00
CA TYR H 220 5.36 -62.52 30.93
C TYR H 220 4.27 -63.53 30.62
N VAL H 221 4.38 -64.75 31.09
CA VAL H 221 3.38 -65.79 30.88
C VAL H 221 2.58 -65.98 32.16
N ALA H 222 1.27 -66.18 32.05
CA ALA H 222 0.39 -66.41 33.15
C ALA H 222 0.45 -67.83 33.69
N LEU H 223 -0.01 -68.07 34.91
CA LEU H 223 -0.16 -69.41 35.45
C LEU H 223 -1.39 -70.08 34.86
N ASP H 224 -2.48 -69.32 34.78
CA ASP H 224 -3.68 -69.69 34.11
C ASP H 224 -4.28 -68.43 33.52
N PHE H 225 -4.62 -68.42 32.21
CA PHE H 225 -5.12 -67.28 31.46
C PHE H 225 -6.33 -66.64 32.11
N GLU H 226 -7.40 -67.42 32.32
CA GLU H 226 -8.66 -67.00 32.91
C GLU H 226 -8.52 -66.31 34.26
N ASN H 227 -7.59 -66.79 35.12
CA ASN H 227 -7.40 -66.21 36.42
C ASN H 227 -6.51 -64.97 36.36
N GLU H 228 -5.60 -64.87 35.38
CA GLU H 228 -4.86 -63.65 35.17
C GLU H 228 -5.74 -62.55 34.59
N MET H 229 -6.70 -62.94 33.74
CA MET H 229 -7.71 -62.06 33.18
C MET H 229 -8.66 -61.52 34.23
N ALA H 230 -9.01 -62.36 35.22
CA ALA H 230 -9.77 -61.98 36.38
C ALA H 230 -9.10 -60.88 37.17
N THR H 231 -7.81 -61.07 37.51
CA THR H 231 -7.08 -60.08 38.30
C THR H 231 -6.74 -58.84 37.49
N ALA H 232 -6.71 -58.94 36.16
CA ALA H 232 -6.62 -57.82 35.25
C ALA H 232 -7.82 -56.90 35.31
N ALA H 233 -9.02 -57.46 35.53
CA ALA H 233 -10.23 -56.70 35.72
C ALA H 233 -10.24 -55.92 37.02
N SER H 234 -9.47 -56.39 38.02
CA SER H 234 -9.24 -55.70 39.27
C SER H 234 -8.36 -54.48 39.12
N SER H 235 -8.37 -53.61 40.11
CA SER H 235 -7.74 -52.32 40.09
C SER H 235 -6.25 -52.35 40.31
N SER H 236 -5.72 -53.43 40.86
CA SER H 236 -4.31 -53.63 41.10
C SER H 236 -3.46 -53.60 39.85
N SER H 237 -2.37 -52.89 39.87
CA SER H 237 -1.58 -52.60 38.70
C SER H 237 -0.76 -53.77 38.21
N LEU H 238 -0.94 -54.18 36.97
CA LEU H 238 -0.08 -55.10 36.27
C LEU H 238 0.77 -54.34 35.26
N GLU H 239 0.50 -53.04 35.12
CA GLU H 239 1.16 -52.14 34.20
C GLU H 239 2.63 -51.88 34.50
N LYS H 240 3.48 -51.99 33.47
CA LYS H 240 4.87 -51.59 33.51
C LYS H 240 5.11 -50.46 32.54
N SER H 241 5.87 -49.42 32.95
CA SER H 241 6.09 -48.23 32.14
C SER H 241 7.40 -48.29 31.39
N TYR H 242 7.37 -48.34 30.05
CA TYR H 242 8.55 -48.33 29.21
C TYR H 242 8.82 -46.92 28.73
N GLU H 243 10.08 -46.56 28.48
CA GLU H 243 10.44 -45.26 27.96
C GLU H 243 10.97 -45.42 26.56
N LEU H 244 10.59 -44.53 25.64
CA LEU H 244 10.81 -44.66 24.22
C LEU H 244 11.85 -43.67 23.77
N PRO H 245 12.64 -43.84 22.71
CA PRO H 245 13.74 -42.96 22.37
C PRO H 245 13.41 -41.54 22.15
N ASP H 246 12.20 -41.19 21.77
CA ASP H 246 11.80 -39.84 21.63
C ASP H 246 11.17 -39.25 22.89
N GLY H 247 11.16 -39.93 23.97
CA GLY H 247 10.74 -39.43 25.26
C GLY H 247 9.42 -39.91 25.72
N GLN H 248 8.76 -40.79 24.97
CA GLN H 248 7.40 -41.16 25.26
C GLN H 248 7.37 -42.27 26.28
N VAL H 249 6.34 -42.29 27.14
CA VAL H 249 6.17 -43.30 28.17
C VAL H 249 4.99 -44.18 27.84
N ILE H 250 5.22 -45.49 27.66
CA ILE H 250 4.20 -46.44 27.25
C ILE H 250 3.89 -47.34 28.43
N THR H 251 2.60 -47.48 28.80
CA THR H 251 2.12 -48.31 29.90
C THR H 251 1.29 -49.48 29.42
N ILE H 252 1.86 -50.70 29.40
CA ILE H 252 1.15 -51.90 28.98
C ILE H 252 0.86 -52.84 30.15
N GLY H 253 -0.35 -53.46 30.18
CA GLY H 253 -0.78 -54.36 31.23
C GLY H 253 -1.43 -55.61 30.74
N ASN H 254 -2.70 -55.57 30.35
CA ASN H 254 -3.44 -56.72 29.87
C ASN H 254 -2.72 -57.47 28.73
N GLU H 255 -2.31 -56.74 27.65
CA GLU H 255 -1.62 -57.30 26.51
C GLU H 255 -0.26 -57.93 26.87
N ARG H 256 0.35 -57.52 27.99
CA ARG H 256 1.61 -57.99 28.56
C ARG H 256 1.64 -59.47 28.78
N PHE H 257 0.53 -60.08 29.26
CA PHE H 257 0.45 -61.54 29.38
C PHE H 257 -0.28 -62.17 28.22
N ARG H 258 -1.05 -61.39 27.44
CA ARG H 258 -1.76 -61.90 26.28
C ARG H 258 -0.83 -62.36 25.17
N CYS H 259 0.15 -61.52 24.79
CA CYS H 259 1.11 -61.87 23.75
C CYS H 259 1.86 -63.20 23.94
N PRO H 260 2.53 -63.56 25.04
CA PRO H 260 3.20 -64.86 25.12
C PRO H 260 2.25 -66.03 25.23
N GLU H 261 1.04 -65.84 25.81
CA GLU H 261 0.04 -66.90 25.98
C GLU H 261 -0.37 -67.56 24.68
N THR H 262 -0.29 -66.81 23.56
CA THR H 262 -0.38 -67.29 22.19
C THR H 262 0.38 -68.58 21.90
N LEU H 263 1.52 -68.83 22.55
CA LEU H 263 2.27 -70.06 22.41
C LEU H 263 1.53 -71.31 22.85
N PHE H 264 0.63 -71.16 23.83
CA PHE H 264 -0.32 -72.17 24.23
C PHE H 264 -1.67 -72.06 23.55
N GLN H 265 -2.04 -70.92 22.98
CA GLN H 265 -3.30 -70.72 22.28
C GLN H 265 -3.19 -69.97 20.98
N PRO H 266 -2.82 -70.58 19.83
CA PRO H 266 -2.66 -69.85 18.57
C PRO H 266 -3.94 -69.27 17.99
N SER H 267 -5.11 -69.65 18.53
CA SER H 267 -6.38 -69.02 18.18
C SER H 267 -6.39 -67.51 18.39
N PHE H 268 -5.48 -66.94 19.22
CA PHE H 268 -5.32 -65.51 19.34
C PHE H 268 -4.85 -64.83 18.04
N ILE H 269 -4.01 -65.51 17.23
CA ILE H 269 -3.58 -65.03 15.92
C ILE H 269 -4.59 -65.45 14.88
N GLY H 270 -5.42 -66.42 15.19
CA GLY H 270 -6.43 -66.94 14.30
C GLY H 270 -5.97 -68.08 13.47
N MET H 271 -4.80 -68.58 13.68
CA MET H 271 -4.27 -69.71 12.98
C MET H 271 -4.72 -71.04 13.55
N GLU H 272 -4.88 -72.05 12.69
CA GLU H 272 -5.51 -73.30 13.06
C GLU H 272 -4.66 -74.22 13.91
N SER H 273 -3.34 -74.15 13.78
CA SER H 273 -2.34 -74.91 14.51
C SER H 273 -2.50 -74.98 16.01
N ALA H 274 -2.08 -76.08 16.63
CA ALA H 274 -2.23 -76.33 18.04
C ALA H 274 -1.02 -75.89 18.84
N GLY H 275 -1.19 -75.63 20.15
CA GLY H 275 -0.16 -75.10 21.02
C GLY H 275 0.96 -76.06 21.33
N ILE H 276 2.09 -75.54 21.84
CA ILE H 276 3.27 -76.31 22.21
C ILE H 276 2.98 -77.45 23.18
N HIS H 277 2.11 -77.20 24.18
CA HIS H 277 1.38 -78.20 24.94
C HIS H 277 0.97 -79.46 24.17
N GLU H 278 0.16 -79.30 23.12
CA GLU H 278 -0.41 -80.41 22.42
C GLU H 278 0.54 -80.98 21.39
N THR H 279 1.41 -80.17 20.76
CA THR H 279 2.36 -80.71 19.79
C THR H 279 3.42 -81.54 20.45
N THR H 280 3.76 -81.20 21.72
CA THR H 280 4.60 -82.03 22.56
C THR H 280 3.95 -83.36 22.82
N TYR H 281 2.70 -83.38 23.32
CA TYR H 281 1.98 -84.63 23.55
C TYR H 281 1.79 -85.48 22.30
N ASN H 282 1.30 -84.88 21.20
CA ASN H 282 1.02 -85.61 19.99
C ASN H 282 2.25 -86.15 19.28
N SER H 283 3.45 -85.57 19.49
CA SER H 283 4.67 -86.15 18.95
C SER H 283 5.15 -87.32 19.79
N ILE H 284 4.97 -87.25 21.12
CA ILE H 284 5.28 -88.34 22.03
C ILE H 284 4.38 -89.51 21.74
N MET H 285 3.07 -89.27 21.57
CA MET H 285 2.14 -90.31 21.20
C MET H 285 2.17 -90.68 19.71
N LYS H 286 3.23 -90.34 18.97
CA LYS H 286 3.53 -90.92 17.68
C LYS H 286 4.78 -91.76 17.76
N CYS H 287 5.35 -91.95 18.96
CA CYS H 287 6.48 -92.82 19.18
C CYS H 287 6.06 -94.13 19.82
N ASP H 288 6.88 -95.19 19.65
CA ASP H 288 6.68 -96.52 20.21
C ASP H 288 6.57 -96.55 21.72
N ILE H 289 5.78 -97.49 22.28
CA ILE H 289 5.32 -97.48 23.66
C ILE H 289 6.43 -97.44 24.69
N ASP H 290 7.48 -98.28 24.54
CA ASP H 290 8.56 -98.34 25.49
C ASP H 290 9.36 -97.04 25.54
N ILE H 291 9.46 -96.33 24.41
CA ILE H 291 10.28 -95.13 24.33
C ILE H 291 9.60 -93.94 25.00
N ARG H 292 8.24 -93.93 25.07
CA ARG H 292 7.46 -92.80 25.57
C ARG H 292 7.83 -92.46 27.01
N LYS H 293 8.17 -93.49 27.79
CA LYS H 293 8.62 -93.41 29.15
C LYS H 293 9.78 -92.44 29.40
N ASP H 294 10.74 -92.33 28.46
CA ASP H 294 11.92 -91.51 28.68
C ASP H 294 11.86 -90.25 27.87
N LEU H 295 10.83 -90.05 27.01
CA LEU H 295 10.61 -88.76 26.40
C LEU H 295 10.03 -87.79 27.41
N TYR H 296 9.12 -88.27 28.28
CA TYR H 296 8.75 -87.56 29.49
C TYR H 296 9.94 -87.45 30.43
N ALA H 297 10.24 -86.22 30.87
CA ALA H 297 11.31 -85.87 31.80
C ALA H 297 12.63 -85.61 31.10
N ASN H 298 12.61 -85.51 29.77
CA ASN H 298 13.74 -85.08 28.96
C ASN H 298 13.18 -84.11 27.94
N ASN H 299 12.14 -83.36 28.34
CA ASN H 299 11.59 -82.26 27.59
C ASN H 299 12.49 -81.04 27.71
N VAL H 300 13.36 -80.79 26.71
CA VAL H 300 14.33 -79.72 26.77
C VAL H 300 14.03 -78.55 25.83
N MET H 301 13.77 -77.38 26.43
CA MET H 301 13.48 -76.18 25.69
C MET H 301 14.77 -75.52 25.22
N SER H 302 14.75 -74.83 24.08
CA SER H 302 15.94 -74.17 23.58
C SER H 302 15.47 -73.00 22.73
N GLY H 303 16.42 -72.15 22.29
CA GLY H 303 16.13 -70.93 21.56
C GLY H 303 15.68 -69.79 22.44
N GLY H 304 16.06 -68.56 22.07
CA GLY H 304 15.80 -67.32 22.78
C GLY H 304 14.36 -66.98 22.98
N THR H 305 13.47 -67.44 22.09
CA THR H 305 12.06 -67.14 22.23
C THR H 305 11.40 -67.97 23.32
N THR H 306 12.13 -68.89 23.96
CA THR H 306 11.63 -69.58 25.14
C THR H 306 12.08 -68.94 26.42
N MET H 307 12.67 -67.73 26.40
CA MET H 307 13.19 -67.10 27.60
C MET H 307 12.19 -66.27 28.38
N TYR H 308 10.89 -66.41 28.13
CA TYR H 308 9.87 -65.80 28.96
C TYR H 308 9.83 -66.38 30.38
N PRO H 309 9.61 -65.62 31.43
CA PRO H 309 9.54 -66.15 32.78
C PRO H 309 8.39 -67.04 33.02
N GLY H 310 7.55 -67.41 32.99
CA GLY H 310 6.44 -68.29 33.24
C GLY H 310 6.50 -69.59 32.51
N ILE H 311 7.47 -69.72 31.61
CA ILE H 311 7.83 -70.99 31.04
C ILE H 311 9.10 -71.38 31.77
N ALA H 312 9.24 -72.63 32.23
CA ALA H 312 8.50 -73.80 31.84
C ALA H 312 7.38 -74.20 32.77
N ASP H 313 7.03 -73.42 33.80
CA ASP H 313 6.13 -73.99 34.80
C ASP H 313 4.66 -73.90 34.40
N ARG H 314 4.33 -73.05 33.40
CA ARG H 314 3.11 -73.14 32.64
C ARG H 314 3.04 -74.42 31.83
N MET H 315 4.05 -74.65 30.97
CA MET H 315 4.22 -75.86 30.19
C MET H 315 4.12 -77.15 31.00
N GLN H 316 4.76 -77.15 32.18
CA GLN H 316 4.75 -78.23 33.15
C GLN H 316 3.34 -78.54 33.60
N LYS H 317 2.65 -77.57 34.22
CA LYS H 317 1.27 -77.71 34.65
C LYS H 317 0.30 -78.18 33.56
N GLU H 318 0.44 -77.68 32.32
CA GLU H 318 -0.41 -78.09 31.22
C GLU H 318 -0.14 -79.50 30.73
N ILE H 319 1.14 -79.90 30.60
CA ILE H 319 1.49 -81.25 30.16
C ILE H 319 1.07 -82.26 31.19
N THR H 320 1.34 -82.01 32.49
CA THR H 320 0.96 -82.88 33.59
C THR H 320 -0.55 -83.16 33.66
N ALA H 321 -1.38 -82.22 33.19
CA ALA H 321 -2.80 -82.40 33.12
C ALA H 321 -3.27 -83.30 31.98
N LEU H 322 -2.54 -83.33 30.85
CA LEU H 322 -2.92 -84.11 29.70
C LEU H 322 -2.25 -85.47 29.68
N ALA H 323 -1.02 -85.56 30.18
CA ALA H 323 -0.26 -86.78 30.29
C ALA H 323 -0.87 -87.80 31.24
N PRO H 324 -0.71 -89.11 31.04
CA PRO H 324 -1.10 -90.15 32.00
C PRO H 324 -0.75 -89.91 33.46
N SER H 325 -1.63 -90.31 34.38
CA SER H 325 -1.44 -90.15 35.80
C SER H 325 -0.27 -90.94 36.35
N THR H 326 0.48 -90.35 37.29
CA THR H 326 1.61 -90.95 38.01
C THR H 326 2.85 -91.10 37.19
N MET H 327 2.98 -90.39 36.10
CA MET H 327 4.13 -90.34 35.24
C MET H 327 5.06 -89.22 35.67
N LYS H 328 6.36 -89.44 35.74
CA LYS H 328 7.30 -88.42 36.14
C LYS H 328 7.64 -87.46 35.01
N ILE H 329 7.35 -86.17 35.18
CA ILE H 329 7.55 -85.18 34.15
C ILE H 329 8.39 -84.06 34.73
N LYS H 330 9.54 -83.81 34.13
CA LYS H 330 10.41 -82.70 34.45
C LYS H 330 10.76 -82.01 33.16
N ILE H 331 10.70 -80.68 33.13
CA ILE H 331 10.95 -79.91 31.95
C ILE H 331 12.26 -79.17 32.16
N ILE H 332 13.20 -79.34 31.23
CA ILE H 332 14.57 -78.92 31.40
C ILE H 332 14.74 -77.61 30.67
N ALA H 333 15.01 -76.54 31.43
CA ALA H 333 15.17 -75.22 30.89
C ALA H 333 16.29 -74.49 31.58
N PRO H 334 17.51 -74.56 31.14
CA PRO H 334 18.61 -73.89 31.80
C PRO H 334 18.64 -72.44 31.39
N PRO H 335 19.29 -71.54 32.09
CA PRO H 335 19.81 -70.30 31.55
C PRO H 335 20.49 -70.39 30.22
N GLU H 336 20.60 -69.28 29.53
CA GLU H 336 21.35 -69.09 28.33
C GLU H 336 20.91 -69.77 27.10
N ARG H 337 19.62 -70.10 26.99
CA ARG H 337 19.08 -70.88 25.90
C ARG H 337 19.38 -70.35 24.51
N LYS H 338 19.52 -69.03 24.36
CA LYS H 338 19.92 -68.37 23.13
C LYS H 338 21.30 -68.79 22.64
N TYR H 339 22.20 -69.25 23.52
CA TYR H 339 23.54 -69.63 23.12
C TYR H 339 23.71 -71.13 23.22
N SER H 340 22.61 -71.86 23.51
CA SER H 340 22.56 -73.32 23.62
C SER H 340 23.14 -74.00 22.41
N VAL H 341 22.60 -73.64 21.23
CA VAL H 341 23.05 -74.09 19.93
C VAL H 341 24.55 -73.96 19.73
N TRP H 342 25.13 -72.79 20.06
CA TRP H 342 26.55 -72.54 19.90
C TRP H 342 27.39 -73.43 20.81
N ILE H 343 26.99 -73.57 22.09
CA ILE H 343 27.69 -74.45 23.02
C ILE H 343 27.58 -75.91 22.62
N GLY H 344 26.50 -76.28 21.91
CA GLY H 344 26.33 -77.57 21.27
C GLY H 344 27.34 -77.81 20.21
N GLY H 345 27.37 -76.92 19.21
CA GLY H 345 28.28 -76.97 18.06
C GLY H 345 29.72 -77.04 18.46
N SER H 346 30.09 -76.25 19.49
CA SER H 346 31.42 -76.22 20.05
C SER H 346 31.90 -77.56 20.55
N ILE H 347 31.05 -78.31 21.27
CA ILE H 347 31.35 -79.65 21.77
C ILE H 347 31.55 -80.61 20.62
N LEU H 348 30.76 -80.49 19.55
CA LEU H 348 30.73 -81.39 18.43
C LEU H 348 32.02 -81.29 17.65
N ALA H 349 32.35 -80.10 17.14
CA ALA H 349 33.48 -79.87 16.30
C ALA H 349 34.84 -80.12 16.96
N SER H 350 34.89 -80.21 18.29
CA SER H 350 36.11 -80.53 19.01
C SER H 350 36.37 -82.02 19.08
N LEU H 351 35.32 -82.85 19.08
CA LEU H 351 35.42 -84.29 19.17
C LEU H 351 36.13 -84.98 18.02
N SER H 352 36.98 -85.97 18.35
CA SER H 352 37.29 -87.06 17.46
C SER H 352 36.13 -88.02 17.45
N THR H 353 35.73 -88.65 16.34
CA THR H 353 36.34 -88.68 15.04
C THR H 353 35.66 -87.76 14.05
N PHE H 354 34.83 -86.84 14.51
CA PHE H 354 34.02 -86.01 13.65
C PHE H 354 34.76 -85.08 12.73
N GLN H 355 36.05 -84.98 12.88
CA GLN H 355 36.94 -84.43 11.93
C GLN H 355 36.86 -85.06 10.59
N GLN H 356 36.62 -86.35 10.57
CA GLN H 356 36.51 -87.10 9.38
C GLN H 356 35.10 -87.23 8.94
N MET H 357 34.19 -86.52 9.55
CA MET H 357 32.85 -86.43 9.08
C MET H 357 32.61 -85.18 8.29
N TRP H 358 33.48 -84.18 8.41
CA TRP H 358 33.43 -82.99 7.60
C TRP H 358 33.58 -83.28 6.12
N ILE H 359 32.83 -82.57 5.27
CA ILE H 359 32.94 -82.63 3.83
C ILE H 359 34.07 -81.74 3.37
N THR H 360 35.17 -82.31 2.87
CA THR H 360 36.33 -81.54 2.45
C THR H 360 36.24 -81.15 1.00
N LYS H 361 36.98 -80.09 0.61
CA LYS H 361 36.90 -79.45 -0.68
C LYS H 361 37.14 -80.35 -1.87
N GLN H 362 38.18 -81.21 -1.84
CA GLN H 362 38.45 -82.13 -2.92
C GLN H 362 37.34 -83.14 -3.13
N GLU H 363 36.78 -83.67 -2.03
CA GLU H 363 35.69 -84.61 -2.08
C GLU H 363 34.43 -83.95 -2.61
N TYR H 364 34.15 -82.71 -2.17
CA TYR H 364 33.06 -81.89 -2.69
C TYR H 364 33.21 -81.59 -4.18
N ASP H 365 34.41 -81.24 -4.64
CA ASP H 365 34.68 -80.96 -6.03
C ASP H 365 34.39 -82.17 -6.91
N GLU H 366 34.80 -83.37 -6.48
CA GLU H 366 34.49 -84.59 -7.19
C GLU H 366 33.01 -84.94 -7.15
N ALA H 367 32.40 -84.90 -5.97
CA ALA H 367 31.03 -85.33 -5.75
C ALA H 367 29.95 -84.41 -6.26
N GLY H 368 30.11 -83.09 -6.05
CA GLY H 368 29.09 -82.11 -6.38
C GLY H 368 28.01 -82.05 -5.34
N PRO H 369 26.94 -81.33 -5.56
CA PRO H 369 25.87 -81.15 -4.60
C PRO H 369 25.19 -82.40 -4.08
N SER H 370 25.32 -83.53 -4.72
CA SER H 370 24.78 -84.79 -4.28
C SER H 370 25.39 -85.39 -3.03
N ILE H 371 26.54 -84.92 -2.58
CA ILE H 371 27.14 -85.36 -1.34
C ILE H 371 26.37 -84.93 -0.11
N VAL H 372 25.59 -84.08 -0.08
CA VAL H 372 24.85 -83.57 1.03
C VAL H 372 23.95 -84.34 1.74
N HIS H 373 23.48 -85.09 1.41
CA HIS H 373 22.63 -85.89 2.06
C HIS H 373 22.93 -86.85 2.24
N THR I 7 -40.81 -45.17 16.21
CA THR I 7 -40.31 -44.92 15.83
C THR I 7 -39.17 -45.24 14.97
N THR I 8 -38.86 -44.59 13.99
CA THR I 8 -37.85 -44.84 13.00
C THR I 8 -36.44 -44.65 13.51
N ALA I 9 -35.61 -45.67 13.39
CA ALA I 9 -34.20 -45.63 13.72
C ALA I 9 -33.38 -44.65 12.89
N LEU I 10 -32.29 -44.11 13.46
CA LEU I 10 -31.49 -43.10 12.83
C LEU I 10 -30.06 -43.59 12.63
N VAL I 11 -29.57 -43.62 11.38
CA VAL I 11 -28.20 -43.94 11.06
C VAL I 11 -27.36 -42.68 10.88
N CYS I 12 -26.41 -42.48 11.80
CA CYS I 12 -25.57 -41.32 11.90
C CYS I 12 -24.15 -41.83 11.80
N ASP I 13 -23.44 -41.40 10.74
CA ASP I 13 -22.14 -41.89 10.41
C ASP I 13 -21.10 -40.88 10.84
N ASN I 14 -20.20 -41.35 11.72
CA ASN I 14 -19.02 -40.69 12.20
C ASN I 14 -17.96 -40.65 11.10
N GLY I 15 -18.25 -39.90 10.03
CA GLY I 15 -17.30 -39.52 9.01
C GLY I 15 -16.04 -38.89 9.52
N SER I 16 -15.00 -39.05 8.71
CA SER I 16 -13.72 -38.41 8.78
C SER I 16 -13.78 -37.11 8.06
N GLY I 17 -14.71 -37.01 7.10
CA GLY I 17 -14.96 -35.90 6.24
C GLY I 17 -15.76 -34.76 6.84
N LEU I 18 -17.06 -34.54 6.59
CA LEU I 18 -18.12 -35.30 5.97
C LEU I 18 -18.79 -36.27 6.90
N VAL I 19 -19.38 -35.77 8.01
CA VAL I 19 -20.31 -36.52 8.83
C VAL I 19 -21.62 -36.65 8.06
N LYS I 20 -22.22 -37.87 8.07
CA LYS I 20 -23.40 -38.17 7.28
C LYS I 20 -24.55 -38.60 8.17
N ALA I 21 -25.77 -38.06 7.97
CA ALA I 21 -26.90 -38.40 8.80
C ALA I 21 -28.22 -38.54 8.04
N GLY I 22 -29.02 -39.57 8.36
CA GLY I 22 -30.31 -39.79 7.73
C GLY I 22 -31.01 -40.95 8.36
N PHE I 23 -32.36 -40.94 8.42
CA PHE I 23 -33.10 -42.01 9.08
C PHE I 23 -32.95 -43.35 8.35
N ALA I 24 -33.39 -44.46 8.95
CA ALA I 24 -33.24 -45.76 8.36
C ALA I 24 -34.17 -45.99 7.17
N GLY I 25 -33.58 -46.05 5.97
CA GLY I 25 -34.26 -46.19 4.70
C GLY I 25 -34.86 -44.95 4.15
N ASP I 26 -35.07 -44.83 2.84
CA ASP I 26 -34.86 -45.81 1.80
C ASP I 26 -34.26 -45.17 0.59
N ASP I 27 -33.79 -43.95 0.69
CA ASP I 27 -33.35 -43.17 -0.42
C ASP I 27 -31.92 -42.67 -0.28
N ALA I 28 -31.66 -41.56 0.41
CA ALA I 28 -30.38 -40.92 0.48
C ALA I 28 -30.22 -40.22 1.82
N PRO I 29 -29.04 -39.79 2.29
CA PRO I 29 -28.89 -39.07 3.55
C PRO I 29 -29.59 -37.73 3.55
N ARG I 30 -30.04 -37.26 4.66
CA ARG I 30 -30.67 -35.97 4.77
C ARG I 30 -29.69 -34.87 5.04
N ALA I 31 -28.60 -35.14 5.77
CA ALA I 31 -27.63 -34.13 6.15
C ALA I 31 -26.23 -34.64 5.95
N VAL I 32 -25.40 -33.86 5.25
CA VAL I 32 -24.00 -34.13 5.04
C VAL I 32 -23.32 -32.81 5.27
N PHE I 33 -22.23 -32.74 6.04
CA PHE I 33 -21.58 -31.47 6.28
C PHE I 33 -20.12 -31.65 6.67
N PRO I 34 -19.23 -30.67 6.49
CA PRO I 34 -17.80 -30.87 6.58
C PRO I 34 -17.31 -30.96 7.97
N SER I 35 -17.46 -31.41 8.86
CA SER I 35 -17.06 -31.65 10.23
C SER I 35 -16.39 -30.51 10.96
N ILE I 36 -15.88 -29.55 10.40
CA ILE I 36 -15.20 -28.38 10.93
C ILE I 36 -15.93 -27.59 12.01
N VAL I 37 -15.21 -27.29 13.11
CA VAL I 37 -15.59 -26.26 14.07
C VAL I 37 -14.56 -25.16 13.99
N GLY I 38 -14.95 -23.88 14.09
CA GLY I 38 -14.04 -22.76 13.95
C GLY I 38 -14.34 -21.62 14.87
N ARG I 39 -13.38 -21.24 15.72
CA ARG I 39 -13.52 -20.09 16.59
C ARG I 39 -13.08 -18.81 15.85
N PRO I 40 -13.57 -17.63 16.20
CA PRO I 40 -13.27 -16.39 15.49
C PRO I 40 -11.94 -15.79 15.88
N ARG I 41 -11.00 -15.66 14.94
CA ARG I 41 -9.66 -15.22 15.20
C ARG I 41 -9.45 -13.74 15.26
N HIS I 42 -10.46 -12.92 15.02
CA HIS I 42 -10.35 -11.49 15.05
C HIS I 42 -11.39 -10.90 15.98
N GLN I 43 -11.16 -9.66 16.45
CA GLN I 43 -12.08 -8.96 17.32
C GLN I 43 -13.25 -8.31 16.59
N GLY I 44 -14.45 -8.41 17.16
CA GLY I 44 -15.67 -7.89 16.59
C GLY I 44 -15.89 -6.46 16.95
N VAL I 45 -16.44 -5.67 16.04
CA VAL I 45 -16.64 -4.26 16.25
C VAL I 45 -18.06 -3.86 15.96
N MET I 46 -18.92 -4.78 15.58
CA MET I 46 -20.29 -4.51 15.28
C MET I 46 -21.21 -4.30 16.39
N VAL I 47 -21.52 -4.40 17.13
CA VAL I 47 -22.33 -4.21 18.24
C VAL I 47 -23.61 -4.88 18.14
N GLY I 48 -24.00 -5.75 18.01
CA GLY I 48 -25.18 -6.55 17.98
C GLY I 48 -25.35 -7.38 19.13
N MET I 49 -24.55 -8.27 19.40
CA MET I 49 -23.44 -8.60 18.74
C MET I 49 -23.54 -9.61 17.69
N GLY I 50 -24.36 -10.56 17.86
CA GLY I 50 -24.77 -11.41 16.83
C GLY I 50 -23.83 -12.52 16.44
N GLN I 51 -22.74 -12.70 17.06
CA GLN I 51 -21.74 -13.68 16.69
C GLN I 51 -21.78 -14.91 17.57
N LYS I 52 -21.55 -16.08 16.99
CA LYS I 52 -21.54 -17.35 17.70
C LYS I 52 -20.20 -17.61 18.35
N ASP I 53 -20.17 -18.41 19.43
CA ASP I 53 -18.95 -18.78 20.12
C ASP I 53 -18.08 -19.69 19.28
N SER I 54 -18.70 -20.68 18.64
CA SER I 54 -18.04 -21.53 17.70
C SER I 54 -19.00 -21.81 16.58
N TYR I 55 -18.59 -21.56 15.33
CA TYR I 55 -19.38 -21.87 14.17
C TYR I 55 -19.08 -23.30 13.76
N VAL I 56 -20.11 -24.13 13.56
CA VAL I 56 -19.91 -25.43 12.94
C VAL I 56 -20.09 -25.27 11.44
N GLY I 57 -19.74 -26.28 10.62
CA GLY I 57 -20.19 -26.37 9.24
C GLY I 57 -21.67 -26.60 9.16
N ASP I 58 -22.42 -26.09 8.17
CA ASP I 58 -22.04 -25.36 6.99
C ASP I 58 -21.63 -23.92 7.25
N GLU I 59 -22.10 -23.27 8.33
CA GLU I 59 -21.84 -21.87 8.61
C GLU I 59 -20.37 -21.48 8.70
N ALA I 60 -19.50 -22.40 9.16
CA ALA I 60 -18.06 -22.21 9.16
C ALA I 60 -17.41 -22.36 7.80
N GLN I 61 -18.14 -22.76 6.76
CA GLN I 61 -17.61 -22.86 5.42
C GLN I 61 -18.15 -21.71 4.60
N SER I 62 -19.12 -20.96 5.15
CA SER I 62 -19.56 -19.71 4.59
C SER I 62 -18.85 -18.56 5.21
N LYS I 63 -18.23 -18.71 6.38
CA LYS I 63 -17.55 -17.67 7.10
C LYS I 63 -16.06 -17.91 7.16
N ARG I 64 -15.48 -18.47 6.10
CA ARG I 64 -14.05 -18.62 5.97
C ARG I 64 -13.26 -17.32 6.06
N GLY I 65 -12.04 -17.41 6.59
CA GLY I 65 -11.08 -16.31 6.64
C GLY I 65 -11.20 -15.44 7.86
N ILE I 66 -12.22 -15.63 8.68
CA ILE I 66 -12.35 -14.89 9.92
C ILE I 66 -12.37 -15.84 11.10
N LEU I 67 -12.17 -17.13 10.82
CA LEU I 67 -12.19 -18.18 11.80
C LEU I 67 -10.95 -19.03 11.64
N THR I 68 -10.68 -19.93 12.58
CA THR I 68 -9.61 -20.92 12.47
C THR I 68 -10.18 -22.31 12.51
N LEU I 69 -10.38 -22.92 11.32
CA LEU I 69 -11.01 -24.21 11.17
C LEU I 69 -10.24 -25.36 11.81
N LYS I 70 -10.91 -26.17 12.62
CA LYS I 70 -10.33 -27.32 13.29
C LYS I 70 -11.20 -28.53 13.07
N TYR I 71 -10.73 -29.52 12.28
CA TYR I 71 -11.45 -30.77 12.07
C TYR I 71 -11.50 -31.54 13.39
N PRO I 72 -12.61 -32.01 13.93
CA PRO I 72 -12.64 -32.58 15.27
C PRO I 72 -12.15 -34.01 15.32
N ILE I 73 -12.03 -34.66 14.17
CA ILE I 73 -11.52 -36.01 14.08
C ILE I 73 -10.32 -35.98 13.15
N GLU I 74 -9.17 -36.45 13.65
CA GLU I 74 -7.91 -36.32 12.96
C GLU I 74 -7.12 -37.57 13.24
N HIS I 75 -6.56 -38.20 12.19
CA HIS I 75 -5.89 -39.49 12.26
C HIS I 75 -6.78 -40.57 12.82
N GLY I 76 -8.09 -40.49 12.51
CA GLY I 76 -9.06 -41.49 12.89
C GLY I 76 -9.48 -41.44 14.32
N ILE I 77 -9.10 -40.43 15.09
CA ILE I 77 -9.50 -40.33 16.48
C ILE I 77 -9.93 -38.92 16.80
N ILE I 78 -10.95 -38.78 17.65
CA ILE I 78 -11.55 -37.53 18.06
C ILE I 78 -10.65 -36.69 18.94
N THR I 79 -10.60 -35.36 18.68
CA THR I 79 -9.73 -34.43 19.40
C THR I 79 -10.14 -34.22 20.84
N ASN I 80 -11.42 -34.01 21.10
CA ASN I 80 -11.97 -33.92 22.43
C ASN I 80 -13.47 -34.09 22.30
N TRP I 81 -14.16 -34.58 23.34
CA TRP I 81 -15.58 -34.76 23.25
C TRP I 81 -16.36 -33.48 23.51
N ASP I 82 -15.69 -32.39 23.92
CA ASP I 82 -16.32 -31.09 24.07
C ASP I 82 -16.78 -30.51 22.74
N ASP I 83 -15.97 -30.66 21.68
CA ASP I 83 -16.29 -30.24 20.34
C ASP I 83 -17.16 -31.28 19.67
N MET I 84 -16.88 -32.58 19.89
CA MET I 84 -17.67 -33.67 19.35
C MET I 84 -19.13 -33.60 19.74
N GLU I 85 -19.43 -33.31 21.03
CA GLU I 85 -20.78 -33.10 21.51
C GLU I 85 -21.49 -31.96 20.79
N LYS I 86 -20.75 -30.89 20.39
CA LYS I 86 -21.34 -29.79 19.65
C LYS I 86 -21.70 -30.22 18.24
N ILE I 87 -20.84 -31.04 17.58
CA ILE I 87 -21.16 -31.71 16.32
C ILE I 87 -22.47 -32.49 16.40
N TRP I 88 -22.59 -33.37 17.40
CA TRP I 88 -23.78 -34.16 17.63
C TRP I 88 -25.02 -33.32 17.85
N HIS I 89 -24.97 -32.37 18.81
CA HIS I 89 -26.04 -31.44 19.14
C HIS I 89 -26.54 -30.65 17.93
N HIS I 90 -25.62 -30.08 17.14
CA HIS I 90 -25.91 -29.39 15.89
C HIS I 90 -26.61 -30.28 14.89
N THR I 91 -26.09 -31.51 14.72
CA THR I 91 -26.62 -32.48 13.78
C THR I 91 -28.04 -32.91 14.08
N PHE I 92 -28.30 -33.39 15.31
CA PHE I 92 -29.62 -33.84 15.68
C PHE I 92 -30.64 -32.72 15.69
N TYR I 93 -30.29 -31.59 16.33
CA TYR I 93 -31.25 -30.53 16.50
C TYR I 93 -31.45 -29.62 15.31
N ASN I 94 -30.38 -29.06 14.71
CA ASN I 94 -30.57 -28.03 13.71
C ASN I 94 -30.40 -28.49 12.29
N GLU I 95 -30.27 -29.80 12.07
CA GLU I 95 -30.27 -30.37 10.74
C GLU I 95 -31.38 -31.38 10.68
N LEU I 96 -31.35 -32.44 11.46
CA LEU I 96 -32.33 -33.51 11.40
C LEU I 96 -33.66 -33.17 12.05
N ARG I 97 -33.67 -32.25 13.03
CA ARG I 97 -34.87 -31.81 13.74
C ARG I 97 -35.52 -32.95 14.51
N VAL I 98 -34.73 -33.71 15.27
CA VAL I 98 -35.22 -34.86 16.00
C VAL I 98 -34.58 -34.95 17.37
N ALA I 99 -35.32 -35.40 18.38
CA ALA I 99 -34.85 -35.66 19.70
C ALA I 99 -34.29 -37.07 19.81
N PRO I 100 -33.10 -37.34 20.35
CA PRO I 100 -32.56 -38.68 20.52
C PRO I 100 -33.40 -39.63 21.35
N GLU I 101 -34.25 -39.14 22.25
CA GLU I 101 -35.10 -39.97 23.04
C GLU I 101 -36.19 -40.64 22.21
N GLU I 102 -36.47 -40.12 21.01
CA GLU I 102 -37.43 -40.64 20.08
C GLU I 102 -36.98 -41.83 19.28
N HIS I 103 -35.70 -42.08 19.07
CA HIS I 103 -35.25 -43.08 18.13
C HIS I 103 -34.13 -43.94 18.69
N PRO I 104 -34.09 -45.25 18.50
CA PRO I 104 -32.84 -46.00 18.55
C PRO I 104 -31.84 -45.57 17.48
N THR I 105 -30.56 -45.38 17.83
CA THR I 105 -29.58 -44.87 16.87
C THR I 105 -28.63 -45.97 16.46
N LEU I 106 -27.90 -45.75 15.37
CA LEU I 106 -26.87 -46.63 14.87
C LEU I 106 -25.70 -45.75 14.57
N LEU I 107 -24.55 -46.00 15.21
CA LEU I 107 -23.38 -45.16 15.09
C LEU I 107 -22.29 -45.97 14.40
N THR I 108 -21.31 -45.30 13.79
CA THR I 108 -20.21 -45.95 13.09
C THR I 108 -18.87 -45.66 13.72
N GLU I 109 -17.85 -46.51 13.44
CA GLU I 109 -16.50 -46.29 13.92
C GLU I 109 -15.52 -46.67 12.82
N ALA I 110 -14.22 -46.57 13.07
CA ALA I 110 -13.16 -46.98 12.18
C ALA I 110 -12.49 -48.24 12.64
N PRO I 111 -12.14 -49.20 11.80
CA PRO I 111 -11.49 -50.42 12.20
C PRO I 111 -10.19 -50.27 12.85
N LEU I 112 -9.58 -50.63 13.62
CA LEU I 112 -8.34 -50.56 14.33
C LEU I 112 -8.16 -49.24 15.00
N ASN I 113 -9.07 -48.85 15.81
CA ASN I 113 -9.09 -47.66 16.56
C ASN I 113 -8.79 -47.97 18.00
N PRO I 114 -7.95 -47.27 18.69
CA PRO I 114 -7.57 -47.59 20.02
C PRO I 114 -8.63 -47.69 21.07
N LYS I 115 -8.48 -48.63 21.99
CA LYS I 115 -9.28 -48.74 23.18
C LYS I 115 -8.75 -47.73 24.17
N ALA I 116 -9.57 -47.01 24.95
CA ALA I 116 -10.96 -47.19 25.25
C ALA I 116 -11.82 -46.14 24.59
N ASN I 117 -11.58 -45.77 23.35
CA ASN I 117 -12.34 -44.76 22.67
C ASN I 117 -13.69 -45.16 22.11
N ARG I 118 -14.08 -46.44 22.15
CA ARG I 118 -15.43 -46.81 21.77
C ARG I 118 -16.31 -46.80 23.00
N GLU I 119 -15.74 -47.21 24.15
CA GLU I 119 -16.34 -47.17 25.46
C GLU I 119 -16.69 -45.74 25.84
N LYS I 120 -15.70 -44.87 26.06
CA LYS I 120 -15.87 -43.45 26.36
C LYS I 120 -16.88 -42.72 25.48
N MET I 121 -16.89 -42.99 24.16
CA MET I 121 -17.88 -42.49 23.23
C MET I 121 -19.28 -42.96 23.60
N THR I 122 -19.50 -44.29 23.62
CA THR I 122 -20.77 -44.92 23.98
C THR I 122 -21.32 -44.44 25.31
N GLN I 123 -20.43 -44.29 26.31
CA GLN I 123 -20.77 -43.92 27.66
C GLN I 123 -21.23 -42.48 27.73
N ILE I 124 -20.43 -41.55 27.17
CA ILE I 124 -20.79 -40.15 27.08
C ILE I 124 -22.08 -39.94 26.28
N MET I 125 -22.25 -40.59 25.12
CA MET I 125 -23.46 -40.42 24.32
C MET I 125 -24.73 -40.89 24.98
N PHE I 126 -24.66 -41.92 25.86
CA PHE I 126 -25.82 -42.39 26.57
C PHE I 126 -26.23 -41.43 27.68
N GLU I 127 -25.25 -40.82 28.38
CA GLU I 127 -25.58 -39.91 29.46
C GLU I 127 -25.89 -38.51 28.99
N THR I 128 -25.29 -38.06 27.87
CA THR I 128 -25.54 -36.74 27.32
C THR I 128 -26.82 -36.67 26.53
N PHE I 129 -27.04 -37.59 25.58
CA PHE I 129 -28.16 -37.48 24.67
C PHE I 129 -29.31 -38.39 25.03
N ASN I 130 -29.11 -39.39 25.91
CA ASN I 130 -30.18 -40.18 26.52
C ASN I 130 -30.98 -40.99 25.51
N VAL I 131 -30.29 -41.47 24.47
CA VAL I 131 -30.80 -42.40 23.48
C VAL I 131 -31.33 -43.71 24.07
N PRO I 132 -32.39 -44.35 23.57
CA PRO I 132 -32.95 -45.50 24.26
C PRO I 132 -32.17 -46.76 23.94
N ALA I 133 -31.49 -46.81 22.79
CA ALA I 133 -30.63 -47.91 22.44
C ALA I 133 -29.67 -47.48 21.35
N MET I 134 -28.54 -48.20 21.22
CA MET I 134 -27.48 -47.83 20.33
C MET I 134 -26.67 -49.04 19.92
N TYR I 135 -25.89 -48.94 18.83
CA TYR I 135 -24.91 -49.94 18.48
C TYR I 135 -23.87 -49.22 17.64
N VAL I 136 -22.62 -49.73 17.61
CA VAL I 136 -21.53 -49.11 16.90
C VAL I 136 -20.96 -50.10 15.91
N ALA I 137 -21.12 -49.84 14.60
CA ALA I 137 -20.60 -50.67 13.54
C ALA I 137 -19.39 -50.07 12.84
N ILE I 138 -18.36 -50.86 12.46
CA ILE I 138 -17.25 -50.30 11.70
C ILE I 138 -17.66 -49.99 10.27
N GLN I 139 -17.19 -48.86 9.69
CA GLN I 139 -17.68 -48.33 8.41
C GLN I 139 -17.41 -49.29 7.25
N ALA I 140 -16.35 -50.09 7.34
CA ALA I 140 -15.97 -51.02 6.30
C ALA I 140 -16.97 -52.16 6.13
N VAL I 141 -17.40 -52.84 7.22
CA VAL I 141 -18.38 -53.91 7.17
C VAL I 141 -19.69 -53.51 6.49
N LEU I 142 -20.15 -52.27 6.76
CA LEU I 142 -21.38 -51.75 6.19
C LEU I 142 -21.34 -51.64 4.68
N SER I 143 -20.16 -51.43 4.08
CA SER I 143 -20.04 -51.33 2.64
C SER I 143 -20.28 -52.65 1.92
N LEU I 144 -20.27 -53.80 2.62
CA LEU I 144 -20.64 -55.07 2.00
C LEU I 144 -22.10 -55.11 1.64
N TYR I 145 -22.96 -54.67 2.58
CA TYR I 145 -24.39 -54.63 2.42
C TYR I 145 -24.82 -53.68 1.32
N ALA I 146 -24.16 -52.50 1.26
CA ALA I 146 -24.40 -51.50 0.25
C ALA I 146 -24.16 -51.98 -1.17
N SER I 147 -23.15 -52.82 -1.36
CA SER I 147 -22.85 -53.39 -2.65
C SER I 147 -23.51 -54.72 -2.88
N GLY I 148 -24.22 -55.25 -1.87
CA GLY I 148 -24.97 -56.48 -1.98
C GLY I 148 -24.10 -57.68 -2.09
N ARG I 149 -22.92 -57.65 -1.49
CA ARG I 149 -21.95 -58.71 -1.48
C ARG I 149 -21.86 -59.38 -0.16
N THR I 150 -21.24 -60.56 -0.10
CA THR I 150 -21.07 -61.31 1.11
C THR I 150 -19.65 -61.82 1.27
N THR I 151 -18.75 -61.39 0.40
CA THR I 151 -17.36 -61.80 0.33
C THR I 151 -16.64 -60.60 -0.22
N GLY I 152 -15.34 -60.40 0.09
CA GLY I 152 -14.55 -59.32 -0.48
C GLY I 152 -13.77 -58.50 0.49
N ILE I 153 -12.77 -57.77 -0.03
CA ILE I 153 -11.97 -56.85 0.76
C ILE I 153 -12.57 -55.46 0.68
N VAL I 154 -12.89 -54.89 1.85
CA VAL I 154 -13.56 -53.60 2.02
C VAL I 154 -12.63 -52.47 2.43
N LEU I 155 -12.69 -51.37 1.67
CA LEU I 155 -11.91 -50.15 1.77
C LEU I 155 -12.59 -48.91 2.37
N ASP I 156 -12.38 -48.51 3.65
CA ASP I 156 -13.01 -47.28 4.18
C ASP I 156 -11.86 -46.30 4.08
N SER I 157 -11.98 -45.39 3.09
CA SER I 157 -10.95 -44.42 2.82
C SER I 157 -11.55 -43.04 2.90
N GLY I 158 -11.24 -42.31 3.99
CA GLY I 158 -11.63 -40.92 4.17
C GLY I 158 -10.46 -40.12 4.61
N ASP I 159 -10.52 -38.78 4.50
CA ASP I 159 -9.52 -37.89 5.07
C ASP I 159 -9.36 -38.07 6.60
N GLY I 160 -8.24 -38.56 7.17
CA GLY I 160 -7.04 -39.12 6.58
C GLY I 160 -6.63 -40.49 7.04
N VAL I 161 -7.52 -41.48 7.05
CA VAL I 161 -7.19 -42.86 7.36
C VAL I 161 -7.88 -43.79 6.38
N THR I 162 -7.11 -44.62 5.67
CA THR I 162 -7.65 -45.68 4.82
C THR I 162 -7.60 -47.02 5.54
N HIS I 163 -8.39 -48.01 5.13
CA HIS I 163 -8.31 -49.33 5.74
C HIS I 163 -8.57 -50.40 4.71
N ASN I 164 -8.03 -51.61 4.94
CA ASN I 164 -8.15 -52.76 4.07
C ASN I 164 -8.60 -53.98 4.88
N VAL I 165 -9.91 -54.29 4.91
CA VAL I 165 -10.44 -55.39 5.72
C VAL I 165 -10.94 -56.56 4.85
N PRO I 166 -10.40 -57.77 4.90
CA PRO I 166 -10.93 -58.90 4.13
C PRO I 166 -12.05 -59.66 4.84
N ILE I 167 -13.18 -59.90 4.14
CA ILE I 167 -14.34 -60.62 4.66
C ILE I 167 -14.69 -61.77 3.70
N TYR I 168 -14.92 -62.98 4.22
CA TYR I 168 -15.35 -64.12 3.43
C TYR I 168 -16.70 -64.61 3.91
N GLU I 169 -17.64 -64.95 3.10
CA GLU I 169 -18.96 -65.48 3.35
C GLU I 169 -19.19 -66.23 4.63
N GLY I 170 -19.59 -65.63 5.73
CA GLY I 170 -19.79 -64.26 6.01
C GLY I 170 -19.04 -63.92 7.26
N TYR I 171 -17.86 -64.38 7.38
CA TYR I 171 -16.95 -64.30 8.50
C TYR I 171 -15.79 -63.38 8.22
N ALA I 172 -15.29 -62.69 9.23
CA ALA I 172 -14.20 -61.77 9.08
C ALA I 172 -12.89 -62.43 9.44
N LEU I 173 -11.79 -62.03 8.82
CA LEU I 173 -10.49 -62.61 9.02
C LEU I 173 -9.60 -61.66 9.83
N PRO I 174 -9.40 -61.81 11.12
CA PRO I 174 -8.66 -60.86 11.94
C PRO I 174 -7.19 -60.77 11.61
N HIS I 175 -6.60 -61.81 11.05
CA HIS I 175 -5.16 -61.89 10.90
C HIS I 175 -4.66 -61.12 9.72
N ALA I 176 -5.51 -60.59 8.86
CA ALA I 176 -5.10 -59.88 7.68
C ALA I 176 -5.59 -58.44 7.60
N ILE I 177 -6.12 -57.86 8.69
CA ILE I 177 -6.63 -56.49 8.67
C ILE I 177 -5.51 -55.44 8.64
N MET I 178 -5.52 -54.54 7.64
CA MET I 178 -4.53 -53.48 7.51
C MET I 178 -5.09 -52.07 7.61
N ARG I 179 -4.51 -51.22 8.46
CA ARG I 179 -4.88 -49.82 8.60
C ARG I 179 -3.73 -48.98 8.06
N LEU I 180 -3.96 -48.19 7.00
CA LEU I 180 -2.96 -47.27 6.51
C LEU I 180 -3.37 -45.85 6.82
N ASP I 181 -2.51 -45.06 7.47
CA ASP I 181 -2.73 -43.64 7.64
C ASP I 181 -2.17 -42.90 6.43
N LEU I 182 -2.60 -43.07 5.34
CA LEU I 182 -2.08 -42.54 4.10
C LEU I 182 -3.01 -41.57 3.43
N ALA I 183 -4.17 -41.93 3.05
CA ALA I 183 -5.09 -41.10 2.36
C ALA I 183 -6.24 -40.74 3.25
N GLY I 184 -6.85 -39.54 3.15
CA GLY I 184 -6.65 -38.48 2.16
C GLY I 184 -6.15 -37.15 2.67
N ARG I 185 -6.17 -36.86 3.97
CA ARG I 185 -5.77 -35.53 4.46
C ARG I 185 -4.31 -35.20 4.24
N ASP I 186 -3.44 -36.22 4.19
CA ASP I 186 -2.04 -36.06 3.85
C ASP I 186 -1.86 -35.80 2.36
N LEU I 187 -2.84 -36.23 1.53
CA LEU I 187 -2.87 -35.87 0.12
C LEU I 187 -3.23 -34.41 -0.01
N THR I 188 -4.16 -33.91 0.83
CA THR I 188 -4.46 -32.48 0.92
C THR I 188 -3.23 -31.68 1.28
N ASP I 189 -2.51 -32.06 2.35
CA ASP I 189 -1.27 -31.42 2.75
C ASP I 189 -0.17 -31.48 1.67
N TYR I 190 -0.04 -32.62 0.97
CA TYR I 190 0.91 -32.80 -0.12
C TYR I 190 0.58 -31.93 -1.31
N LEU I 191 -0.70 -31.81 -1.67
CA LEU I 191 -1.15 -30.91 -2.72
C LEU I 191 -0.81 -29.47 -2.41
N MET I 192 -0.95 -29.05 -1.14
CA MET I 192 -0.55 -27.74 -0.71
C MET I 192 0.96 -27.52 -0.81
N LYS I 193 1.76 -28.59 -0.62
CA LYS I 193 3.19 -28.50 -0.74
C LYS I 193 3.66 -28.46 -2.19
N ILE I 194 2.93 -29.05 -3.14
CA ILE I 194 3.35 -28.99 -4.53
C ILE I 194 2.61 -27.92 -5.29
N LEU I 195 1.65 -27.22 -4.68
CA LEU I 195 1.08 -26.02 -5.27
C LEU I 195 1.87 -24.77 -4.90
N THR I 196 2.59 -24.79 -3.78
CA THR I 196 3.53 -23.75 -3.41
C THR I 196 4.69 -23.67 -4.38
N GLU I 197 5.04 -24.82 -4.99
CA GLU I 197 6.02 -24.94 -6.03
C GLU I 197 5.65 -24.18 -7.30
N ARG I 198 4.36 -23.91 -7.52
CA ARG I 198 3.90 -23.09 -8.60
C ARG I 198 3.55 -21.69 -8.12
N GLY I 199 3.89 -21.34 -6.88
CA GLY I 199 3.88 -19.97 -6.41
C GLY I 199 2.60 -19.53 -5.76
N TYR I 200 1.66 -20.44 -5.52
CA TYR I 200 0.42 -20.10 -4.88
C TYR I 200 0.47 -20.47 -3.43
N SER I 201 0.38 -19.51 -2.55
CA SER I 201 0.52 -19.71 -1.14
C SER I 201 -0.73 -19.87 -0.37
N PHE I 202 -1.15 -20.93 -0.03
CA PHE I 202 -2.36 -21.24 0.64
C PHE I 202 -2.09 -21.85 1.99
N VAL I 203 -1.32 -21.30 2.82
CA VAL I 203 -0.82 -21.87 4.05
C VAL I 203 -1.80 -21.89 5.21
N THR I 204 -2.78 -21.02 5.19
CA THR I 204 -3.70 -20.79 6.30
C THR I 204 -4.78 -21.84 6.35
N THR I 205 -5.37 -22.04 7.53
CA THR I 205 -6.33 -23.07 7.83
C THR I 205 -7.56 -23.02 6.98
N ALA I 206 -8.19 -21.83 6.86
CA ALA I 206 -9.32 -21.63 6.01
C ALA I 206 -9.07 -21.95 4.55
N GLU I 207 -7.95 -21.46 4.02
CA GLU I 207 -7.54 -21.62 2.67
C GLU I 207 -7.26 -23.07 2.32
N ARG I 208 -6.92 -23.90 3.32
CA ARG I 208 -6.74 -25.33 3.14
C ARG I 208 -7.99 -26.03 2.63
N GLU I 209 -9.19 -25.56 2.98
CA GLU I 209 -10.44 -26.07 2.42
C GLU I 209 -10.53 -25.91 0.91
N ILE I 210 -10.06 -24.77 0.37
CA ILE I 210 -10.01 -24.52 -1.07
C ILE I 210 -9.12 -25.53 -1.78
N VAL I 211 -7.98 -25.90 -1.16
CA VAL I 211 -7.09 -26.94 -1.61
C VAL I 211 -7.82 -28.27 -1.70
N ARG I 212 -8.61 -28.61 -0.66
CA ARG I 212 -9.44 -29.80 -0.62
C ARG I 212 -10.45 -29.83 -1.75
N ASP I 213 -11.04 -28.69 -2.10
CA ASP I 213 -12.00 -28.58 -3.18
C ASP I 213 -11.36 -28.81 -4.55
N ILE I 214 -10.13 -28.31 -4.80
CA ILE I 214 -9.42 -28.62 -6.02
C ILE I 214 -8.86 -30.03 -6.05
N LYS I 215 -8.69 -30.66 -4.86
CA LYS I 215 -8.31 -32.06 -4.74
C LYS I 215 -9.42 -32.95 -5.22
N GLU I 216 -10.69 -32.57 -4.94
CA GLU I 216 -11.87 -33.21 -5.47
C GLU I 216 -11.94 -33.06 -6.99
N LYS I 217 -12.11 -31.82 -7.47
CA LYS I 217 -12.50 -31.54 -8.83
C LYS I 217 -11.45 -31.74 -9.90
N LEU I 218 -10.24 -31.20 -9.74
CA LEU I 218 -9.32 -31.13 -10.86
C LEU I 218 -8.33 -32.27 -10.99
N CYS I 219 -8.04 -33.03 -9.94
CA CYS I 219 -7.06 -34.11 -9.97
C CYS I 219 -7.49 -35.35 -10.75
N TYR I 220 -6.53 -36.12 -11.28
CA TYR I 220 -6.83 -37.36 -12.00
C TYR I 220 -5.71 -38.36 -11.82
N VAL I 221 -5.93 -39.64 -12.07
CA VAL I 221 -4.92 -40.68 -11.94
C VAL I 221 -4.44 -41.07 -13.32
N ALA I 222 -3.15 -41.31 -13.48
CA ALA I 222 -2.53 -41.73 -14.71
C ALA I 222 -2.75 -43.21 -15.02
N LEU I 223 -2.57 -43.64 -16.27
CA LEU I 223 -2.58 -45.04 -16.62
C LEU I 223 -1.25 -45.67 -16.23
N ASP I 224 -0.16 -44.96 -16.52
CA ASP I 224 1.16 -45.28 -16.09
C ASP I 224 1.89 -43.97 -15.85
N PHE I 225 2.52 -43.80 -14.66
CA PHE I 225 3.19 -42.59 -14.22
C PHE I 225 4.23 -42.10 -15.22
N GLU I 226 5.22 -42.94 -15.55
CA GLU I 226 6.31 -42.66 -16.46
C GLU I 226 5.86 -42.16 -17.84
N ASN I 227 4.77 -42.72 -18.37
CA ASN I 227 4.27 -42.31 -19.67
C ASN I 227 3.44 -41.05 -19.58
N GLU I 228 2.78 -40.78 -18.45
CA GLU I 228 2.11 -39.50 -18.27
C GLU I 228 3.12 -38.38 -18.07
N MET I 229 4.26 -38.68 -17.41
CA MET I 229 5.37 -37.78 -17.22
C MET I 229 6.05 -37.43 -18.53
N ALA I 230 6.16 -38.41 -19.44
CA ALA I 230 6.64 -38.24 -20.78
C ALA I 230 5.80 -37.22 -21.55
N THR I 231 4.47 -37.40 -21.57
CA THR I 231 3.59 -36.50 -22.30
C THR I 231 3.45 -35.15 -21.63
N ALA I 232 3.74 -35.06 -20.32
CA ALA I 232 3.87 -33.82 -19.58
C ALA I 232 5.03 -32.97 -20.05
N ALA I 233 6.14 -33.60 -20.45
CA ALA I 233 7.29 -32.94 -21.02
C ALA I 233 7.00 -32.35 -22.40
N SER I 234 6.01 -32.92 -23.11
CA SER I 234 5.52 -32.40 -24.36
C SER I 234 4.69 -31.13 -24.19
N SER I 235 4.49 -30.40 -25.27
CA SER I 235 3.89 -29.10 -25.30
C SER I 235 2.38 -29.10 -25.16
N SER I 236 1.73 -30.22 -25.41
CA SER I 236 0.31 -30.38 -25.28
C SER I 236 -0.23 -30.15 -23.90
N SER I 237 -1.29 -29.40 -23.77
CA SER I 237 -1.79 -28.92 -22.50
C SER I 237 -2.48 -29.98 -21.68
N LEU I 238 -2.01 -30.22 -20.47
CA LEU I 238 -2.70 -30.99 -19.46
C LEU I 238 -3.28 -30.06 -18.41
N GLU I 239 -2.99 -28.77 -18.52
CA GLU I 239 -3.41 -27.73 -17.63
C GLU I 239 -4.90 -27.44 -17.60
N LYS I 240 -5.48 -27.37 -16.41
CA LYS I 240 -6.84 -26.93 -16.19
C LYS I 240 -6.84 -25.66 -15.36
N SER I 241 -7.66 -24.65 -15.74
CA SER I 241 -7.68 -23.36 -15.08
C SER I 241 -8.79 -23.25 -14.04
N TYR I 242 -8.43 -23.13 -12.76
CA TYR I 242 -9.38 -22.95 -11.68
C TYR I 242 -9.53 -21.48 -11.37
N GLU I 243 -10.70 -21.03 -10.88
CA GLU I 243 -10.91 -19.65 -10.49
C GLU I 243 -11.10 -19.60 -8.99
N LEU I 244 -10.51 -18.60 -8.33
CA LEU I 244 -10.40 -18.53 -6.90
C LEU I 244 -11.30 -17.44 -6.37
N PRO I 245 -11.82 -17.43 -5.14
CA PRO I 245 -12.80 -16.46 -4.69
C PRO I 245 -12.42 -15.04 -4.75
N ASP I 246 -11.15 -14.68 -4.71
CA ASP I 246 -10.72 -13.35 -4.87
C ASP I 246 -10.39 -12.97 -6.30
N GLY I 247 -10.63 -13.80 -7.25
CA GLY I 247 -10.52 -13.50 -8.66
C GLY I 247 -9.34 -14.10 -9.35
N GLN I 248 -8.55 -14.88 -8.64
CA GLN I 248 -7.29 -15.36 -9.17
C GLN I 248 -7.52 -16.60 -10.02
N VAL I 249 -6.71 -16.79 -11.07
CA VAL I 249 -6.79 -17.93 -11.95
C VAL I 249 -5.57 -18.81 -11.77
N ILE I 250 -5.77 -20.07 -11.36
CA ILE I 250 -4.68 -20.98 -11.06
C ILE I 250 -4.66 -22.05 -12.14
N THR I 251 -3.49 -22.30 -12.76
CA THR I 251 -3.30 -23.30 -13.81
C THR I 251 -2.39 -24.42 -13.37
N ILE I 252 -2.95 -25.60 -13.05
CA ILE I 252 -2.17 -26.77 -12.63
C ILE I 252 -2.18 -27.87 -13.69
N GLY I 253 -1.01 -28.53 -13.90
CA GLY I 253 -0.85 -29.59 -14.89
C GLY I 253 -0.11 -30.79 -14.38
N ASN I 254 1.21 -30.75 -14.30
CA ASN I 254 2.04 -31.85 -13.83
C ASN I 254 1.59 -32.41 -12.47
N GLU I 255 1.46 -31.51 -11.44
CA GLU I 255 1.04 -31.89 -10.10
C GLU I 255 -0.36 -32.50 -10.04
N ARG I 256 -1.22 -32.21 -11.05
CA ARG I 256 -2.58 -32.71 -11.23
C ARG I 256 -2.67 -34.21 -11.22
N PHE I 257 -1.72 -34.91 -11.87
CA PHE I 257 -1.68 -36.38 -11.78
C PHE I 257 -0.70 -36.88 -10.74
N ARG I 258 0.23 -36.03 -10.28
CA ARG I 258 1.18 -36.41 -9.25
C ARG I 258 0.53 -36.68 -7.89
N CYS I 259 -0.33 -35.75 -7.43
CA CYS I 259 -1.02 -35.91 -6.17
C CYS I 259 -1.80 -37.22 -5.98
N PRO I 260 -2.72 -37.70 -6.83
CA PRO I 260 -3.40 -38.96 -6.57
C PRO I 260 -2.51 -40.18 -6.73
N GLU I 261 -1.46 -40.12 -7.58
CA GLU I 261 -0.53 -41.23 -7.82
C GLU I 261 0.15 -41.72 -6.57
N THR I 262 0.34 -40.82 -5.59
CA THR I 262 0.74 -41.12 -4.22
C THR I 262 0.06 -42.32 -3.57
N LEU I 263 -1.20 -42.60 -3.91
CA LEU I 263 -1.91 -43.77 -3.41
C LEU I 263 -1.30 -45.10 -3.83
N PHE I 264 -0.66 -45.13 -4.99
CA PHE I 264 0.16 -46.22 -5.45
C PHE I 264 1.63 -46.07 -5.12
N GLN I 265 2.13 -44.88 -4.82
CA GLN I 265 3.53 -44.66 -4.47
C GLN I 265 3.73 -43.71 -3.30
N PRO I 266 3.63 -44.14 -2.03
CA PRO I 266 3.78 -43.23 -0.88
C PRO I 266 5.16 -42.64 -0.69
N SER I 267 6.17 -43.14 -1.42
CA SER I 267 7.49 -42.53 -1.47
C SER I 267 7.46 -41.06 -1.91
N PHE I 268 6.39 -40.57 -2.57
CA PHE I 268 6.22 -39.17 -2.86
C PHE I 268 6.07 -38.29 -1.59
N ILE I 269 5.44 -38.82 -0.53
CA ILE I 269 5.33 -38.14 0.76
C ILE I 269 6.54 -38.46 1.59
N GLY I 270 7.27 -39.49 1.25
CA GLY I 270 8.46 -39.93 1.95
C GLY I 270 8.19 -40.92 3.02
N MET I 271 7.00 -41.40 3.15
CA MET I 271 6.63 -42.39 4.12
C MET I 271 6.93 -43.81 3.65
N GLU I 272 7.27 -44.70 4.60
CA GLU I 272 7.78 -46.01 4.29
C GLU I 272 6.76 -47.00 3.78
N SER I 273 5.50 -46.86 4.21
CA SER I 273 4.36 -47.68 3.83
C SER I 273 4.16 -47.96 2.37
N ALA I 274 3.59 -49.11 2.03
CA ALA I 274 3.42 -49.56 0.67
C ALA I 274 2.06 -49.18 0.11
N GLY I 275 1.93 -49.13 -1.23
CA GLY I 275 0.72 -48.68 -1.91
C GLY I 275 -0.44 -49.61 -1.80
N ILE I 276 -1.66 -49.12 -2.11
CA ILE I 276 -2.89 -49.89 -2.10
C ILE I 276 -2.85 -51.16 -2.93
N HIS I 277 -2.24 -51.10 -4.12
CA HIS I 277 -1.71 -52.22 -4.88
C HIS I 277 -1.15 -53.37 -4.05
N GLU I 278 -0.11 -53.10 -3.25
CA GLU I 278 0.59 -54.13 -2.54
C GLU I 278 -0.10 -54.50 -1.25
N THR I 279 -0.79 -53.58 -0.56
CA THR I 279 -1.49 -53.94 0.67
C THR I 279 -2.68 -54.81 0.39
N THR I 280 -3.31 -54.63 -0.79
CA THR I 280 -4.33 -55.54 -1.30
C THR I 280 -3.77 -56.92 -1.50
N TYR I 281 -2.67 -57.06 -2.26
CA TYR I 281 -2.03 -58.35 -2.48
C TYR I 281 -1.57 -59.03 -1.20
N ASN I 282 -0.84 -58.31 -0.33
CA ASN I 282 -0.28 -58.87 0.88
C ASN I 282 -1.32 -59.26 1.93
N SER I 283 -2.53 -58.66 1.92
CA SER I 283 -3.61 -59.11 2.79
C SER I 283 -4.27 -60.36 2.26
N ILE I 284 -4.41 -60.49 0.92
CA ILE I 284 -4.94 -61.68 0.28
C ILE I 284 -4.00 -62.84 0.52
N MET I 285 -2.69 -62.62 0.36
CA MET I 285 -1.70 -63.64 0.66
C MET I 285 -1.38 -63.80 2.14
N LYS I 286 -2.25 -63.32 3.05
CA LYS I 286 -2.24 -63.70 4.45
C LYS I 286 -3.49 -64.49 4.77
N CYS I 287 -4.32 -64.82 3.78
CA CYS I 287 -5.48 -65.66 3.95
C CYS I 287 -5.24 -67.07 3.43
N ASP I 288 -6.00 -68.05 3.93
CA ASP I 288 -5.94 -69.46 3.54
C ASP I 288 -6.18 -69.70 2.06
N ILE I 289 -5.56 -70.74 1.49
CA ILE I 289 -5.43 -70.94 0.05
C ILE I 289 -6.75 -71.01 -0.69
N ASP I 290 -7.74 -71.76 -0.19
CA ASP I 290 -9.01 -71.90 -0.85
C ASP I 290 -9.79 -70.60 -0.90
N ILE I 291 -9.63 -69.73 0.11
CA ILE I 291 -10.40 -68.50 0.20
C ILE I 291 -9.87 -67.44 -0.79
N ARG I 292 -8.57 -67.51 -1.15
CA ARG I 292 -7.92 -66.49 -1.99
C ARG I 292 -8.59 -66.33 -3.33
N LYS I 293 -9.12 -67.44 -3.86
CA LYS I 293 -9.88 -67.53 -5.09
C LYS I 293 -11.06 -66.57 -5.19
N ASP I 294 -11.77 -66.28 -4.08
CA ASP I 294 -12.95 -65.46 -4.14
C ASP I 294 -12.70 -64.09 -3.56
N LEU I 295 -11.51 -63.82 -3.00
CA LEU I 295 -11.13 -62.46 -2.65
C LEU I 295 -10.80 -61.67 -3.90
N TYR I 296 -10.11 -62.31 -4.87
CA TYR I 296 -10.03 -61.79 -6.22
C TYR I 296 -11.40 -61.76 -6.87
N ALA I 297 -11.79 -60.59 -7.41
CA ALA I 297 -13.04 -60.33 -8.10
C ALA I 297 -14.16 -59.91 -7.17
N ASN I 298 -13.84 -59.64 -5.91
CA ASN I 298 -14.73 -59.05 -4.93
C ASN I 298 -13.94 -57.96 -4.22
N ASN I 299 -13.02 -57.34 -4.95
CA ASN I 299 -12.29 -56.16 -4.51
C ASN I 299 -13.19 -54.94 -4.59
N VAL I 300 -13.79 -54.51 -3.47
CA VAL I 300 -14.75 -53.41 -3.46
C VAL I 300 -14.23 -52.15 -2.80
N MET I 301 -14.11 -51.08 -3.60
CA MET I 301 -13.63 -49.80 -3.13
C MET I 301 -14.77 -49.03 -2.48
N SER I 302 -14.49 -48.18 -1.49
CA SER I 302 -15.52 -47.41 -0.82
C SER I 302 -14.86 -46.16 -0.28
N GLY I 303 -15.67 -45.22 0.23
CA GLY I 303 -15.20 -43.92 0.69
C GLY I 303 -14.96 -42.94 -0.43
N GLY I 304 -15.23 -41.65 -0.16
CA GLY I 304 -15.14 -40.53 -1.07
C GLY I 304 -13.78 -40.29 -1.66
N THR I 305 -12.72 -40.66 -0.93
CA THR I 305 -11.36 -40.44 -1.43
C THR I 305 -10.98 -41.43 -2.51
N THR I 306 -11.85 -42.40 -2.83
CA THR I 306 -11.64 -43.28 -3.98
C THR I 306 -12.38 -42.81 -5.21
N MET I 307 -12.95 -41.58 -5.22
CA MET I 307 -13.71 -41.09 -6.35
C MET I 307 -12.91 -40.43 -7.45
N TYR I 308 -11.58 -40.58 -7.48
CA TYR I 308 -10.79 -40.13 -8.61
C TYR I 308 -11.08 -40.90 -9.89
N PRO I 309 -11.10 -40.30 -11.08
CA PRO I 309 -11.35 -41.03 -12.31
C PRO I 309 -10.30 -41.98 -12.67
N GLY I 310 -9.48 -42.39 -12.77
CA GLY I 310 -8.47 -43.34 -13.15
C GLY I 310 -8.37 -44.53 -12.25
N ILE I 311 -9.11 -44.50 -11.13
CA ILE I 311 -9.34 -45.66 -10.31
C ILE I 311 -10.74 -46.09 -10.68
N ALA I 312 -11.00 -47.38 -10.91
CA ALA I 312 -10.20 -48.52 -10.53
C ALA I 312 -9.33 -49.08 -11.62
N ASP I 313 -9.22 -48.48 -12.81
CA ASP I 313 -8.59 -49.21 -13.90
C ASP I 313 -7.07 -49.12 -13.85
N ARG I 314 -6.50 -48.16 -13.09
CA ARG I 314 -5.13 -48.20 -12.63
C ARG I 314 -4.89 -49.35 -11.68
N MET I 315 -5.68 -49.42 -10.59
CA MET I 315 -5.66 -50.51 -9.62
C MET I 315 -5.78 -51.89 -10.24
N GLN I 316 -6.67 -52.03 -11.23
CA GLN I 316 -6.90 -53.23 -12.00
C GLN I 316 -5.64 -53.66 -12.72
N LYS I 317 -5.10 -52.82 -13.62
CA LYS I 317 -3.86 -53.08 -14.31
C LYS I 317 -2.66 -53.44 -13.43
N GLU I 318 -2.51 -52.77 -12.26
CA GLU I 318 -1.43 -53.06 -11.34
C GLU I 318 -1.60 -54.37 -10.61
N ILE I 319 -2.81 -54.70 -10.14
CA ILE I 319 -3.06 -55.95 -9.44
C ILE I 319 -2.90 -57.11 -10.38
N THR I 320 -3.47 -57.03 -11.60
CA THR I 320 -3.35 -58.06 -12.62
C THR I 320 -1.92 -58.41 -13.00
N ALA I 321 -0.99 -57.45 -12.87
CA ALA I 321 0.42 -57.68 -13.10
C ALA I 321 1.12 -58.43 -11.97
N LEU I 322 0.68 -58.28 -10.72
CA LEU I 322 1.31 -58.91 -9.58
C LEU I 322 0.65 -60.22 -9.21
N ALA I 323 -0.68 -60.32 -9.40
CA ALA I 323 -1.44 -61.51 -9.16
C ALA I 323 -1.07 -62.69 -10.07
N PRO I 324 -1.21 -63.95 -9.66
CA PRO I 324 -1.06 -65.12 -10.50
C PRO I 324 -1.73 -65.07 -11.87
N SER I 325 -1.08 -65.63 -12.89
CA SER I 325 -1.61 -65.66 -14.25
C SER I 325 -2.87 -66.47 -14.39
N THR I 326 -3.82 -65.99 -15.21
CA THR I 326 -5.09 -66.64 -15.56
C THR I 326 -6.11 -66.61 -14.46
N MET I 327 -5.98 -65.76 -13.49
CA MET I 327 -6.90 -65.54 -12.42
C MET I 327 -7.88 -64.44 -12.77
N LYS I 328 -9.17 -64.62 -12.50
CA LYS I 328 -10.18 -63.62 -12.83
C LYS I 328 -10.22 -62.51 -11.80
N ILE I 329 -9.97 -61.26 -12.22
CA ILE I 329 -9.92 -60.13 -11.32
C ILE I 329 -10.85 -59.07 -11.84
N LYS I 330 -11.84 -58.69 -11.05
CA LYS I 330 -12.75 -57.60 -11.32
C LYS I 330 -12.78 -56.72 -10.10
N ILE I 331 -12.70 -55.40 -10.28
CA ILE I 331 -12.67 -54.46 -9.19
C ILE I 331 -13.97 -53.70 -9.20
N ILE I 332 -14.68 -53.70 -8.07
CA ILE I 332 -16.04 -53.26 -7.98
C ILE I 332 -16.03 -51.85 -7.43
N ALA I 333 -16.47 -50.88 -8.26
CA ALA I 333 -16.48 -49.49 -7.89
C ALA I 333 -17.72 -48.82 -8.41
N PRO I 334 -18.81 -48.77 -7.69
CA PRO I 334 -20.02 -48.16 -8.17
C PRO I 334 -19.96 -46.67 -7.98
N PRO I 335 -20.73 -45.85 -8.64
CA PRO I 335 -21.10 -44.53 -8.18
C PRO I 335 -21.45 -44.40 -6.74
N GLU I 336 -21.39 -43.21 -6.20
CA GLU I 336 -21.84 -42.82 -4.91
C GLU I 336 -21.13 -43.33 -3.71
N ARG I 337 -19.85 -43.70 -3.87
CA ARG I 337 -19.08 -44.34 -2.82
C ARG I 337 -19.04 -43.62 -1.49
N LYS I 338 -19.13 -42.28 -1.50
CA LYS I 338 -19.24 -41.45 -0.33
C LYS I 338 -20.47 -41.74 0.53
N TYR I 339 -21.55 -42.27 -0.05
CA TYR I 339 -22.76 -42.53 0.70
C TYR I 339 -22.97 -44.02 0.85
N SER I 340 -21.97 -44.83 0.43
CA SER I 340 -21.97 -46.29 0.51
C SER I 340 -22.25 -46.77 1.91
N VAL I 341 -21.46 -46.28 2.87
CA VAL I 341 -21.59 -46.53 4.30
C VAL I 341 -23.00 -46.30 4.81
N TRP I 342 -23.64 -45.17 4.45
CA TRP I 342 -24.98 -44.84 4.90
C TRP I 342 -26.02 -45.81 4.34
N ILE I 343 -25.92 -46.14 3.04
CA ILE I 343 -26.82 -47.10 2.44
C ILE I 343 -26.63 -48.51 3.01
N GLY I 344 -25.42 -48.81 3.49
CA GLY I 344 -25.12 -50.02 4.26
C GLY I 344 -25.86 -50.06 5.55
N GLY I 345 -25.64 -49.03 6.40
CA GLY I 345 -26.27 -48.89 7.70
C GLY I 345 -27.77 -48.95 7.66
N SER I 346 -28.36 -48.31 6.64
CA SER I 346 -29.79 -48.29 6.40
C SER I 346 -30.38 -49.67 6.24
N ILE I 347 -29.72 -50.54 5.44
CA ILE I 347 -30.14 -51.91 5.23
C ILE I 347 -30.08 -52.71 6.52
N LEU I 348 -29.05 -52.47 7.36
CA LEU I 348 -28.77 -53.21 8.56
C LEU I 348 -29.85 -52.95 9.58
N ALA I 349 -30.05 -51.68 9.97
CA ALA I 349 -30.95 -51.29 11.02
C ALA I 349 -32.42 -51.58 10.72
N SER I 350 -32.78 -51.83 9.46
CA SER I 350 -34.14 -52.21 9.10
C SER I 350 -34.42 -53.68 9.31
N LEU I 351 -33.40 -54.55 9.19
CA LEU I 351 -33.54 -55.98 9.34
C LEU I 351 -33.98 -56.48 10.70
N SER I 352 -34.88 -57.46 10.72
CA SER I 352 -34.99 -58.40 11.80
C SER I 352 -33.86 -59.40 11.69
N THR I 353 -33.22 -59.88 12.75
CA THR I 353 -33.52 -59.72 14.16
C THR I 353 -32.62 -58.69 14.82
N PHE I 354 -31.91 -57.88 14.04
CA PHE I 354 -30.92 -56.98 14.57
C PHE I 354 -31.42 -55.90 15.50
N GLN I 355 -32.70 -55.76 15.62
CA GLN I 355 -33.33 -55.05 16.68
C GLN I 355 -32.95 -55.50 18.04
N GLN I 356 -32.73 -56.78 18.19
CA GLN I 356 -32.35 -57.35 19.42
C GLN I 356 -30.89 -57.48 19.53
N MET I 357 -30.14 -56.91 18.64
CA MET I 357 -28.71 -56.81 18.77
C MET I 357 -28.30 -55.47 19.29
N TRP I 358 -29.15 -54.47 19.24
CA TRP I 358 -28.92 -53.18 19.83
C TRP I 358 -28.71 -53.25 21.33
N ILE I 359 -27.78 -52.45 21.87
CA ILE I 359 -27.56 -52.31 23.30
C ILE I 359 -28.54 -51.32 23.86
N THR I 360 -29.50 -51.78 24.67
CA THR I 360 -30.53 -50.90 25.23
C THR I 360 -30.10 -50.31 26.56
N LYS I 361 -30.71 -49.18 26.95
CA LYS I 361 -30.33 -48.37 28.08
C LYS I 361 -30.30 -49.09 29.41
N GLN I 362 -31.33 -49.89 29.75
CA GLN I 362 -31.34 -50.65 30.99
C GLN I 362 -30.23 -51.67 31.08
N GLU I 363 -29.94 -52.37 29.97
CA GLU I 363 -28.88 -53.33 29.90
C GLU I 363 -27.52 -52.67 30.03
N TYR I 364 -27.33 -51.50 29.37
CA TYR I 364 -26.15 -50.68 29.49
C TYR I 364 -25.94 -50.17 30.91
N ASP I 365 -27.01 -49.71 31.59
CA ASP I 365 -26.94 -49.22 32.95
C ASP I 365 -26.47 -50.31 33.90
N GLU I 366 -26.98 -51.54 33.76
CA GLU I 366 -26.52 -52.66 34.55
C GLU I 366 -25.10 -53.07 34.22
N ALA I 367 -24.78 -53.22 32.92
CA ALA I 367 -23.51 -53.74 32.47
C ALA I 367 -22.32 -52.80 32.58
N GLY I 368 -22.50 -51.53 32.23
CA GLY I 368 -21.44 -50.55 32.16
C GLY I 368 -20.61 -50.69 30.91
N PRO I 369 -19.52 -49.98 30.77
CA PRO I 369 -18.69 -49.99 29.58
C PRO I 369 -18.18 -51.32 29.10
N SER I 370 -18.17 -52.34 29.92
CA SER I 370 -17.76 -53.67 29.55
C SER I 370 -18.64 -54.41 28.56
N ILE I 371 -19.86 -53.97 28.35
CA ILE I 371 -20.73 -54.55 27.33
C ILE I 371 -20.27 -54.33 25.92
N VAL I 372 -19.51 -53.52 25.59
CA VAL I 372 -19.04 -53.20 24.28
C VAL I 372 -18.35 -54.11 23.51
N HIS I 373 -17.82 -54.82 23.81
CA HIS I 373 -17.16 -55.74 23.12
C HIS I 373 -17.49 -56.70 23.16
N THR J 7 41.80 -20.16 -10.74
CA THR J 7 41.42 -19.84 -10.29
C THR J 7 40.50 -19.99 -9.18
N THR J 8 40.43 -19.21 -8.24
CA THR J 8 39.68 -19.26 -7.04
C THR J 8 38.19 -19.08 -7.23
N ALA J 9 37.39 -20.05 -6.78
CA ALA J 9 35.94 -19.98 -6.80
C ALA J 9 35.35 -18.86 -5.93
N LEU J 10 34.17 -18.36 -6.32
CA LEU J 10 33.56 -17.22 -5.67
C LEU J 10 32.20 -17.62 -5.10
N VAL J 11 32.01 -17.47 -3.78
CA VAL J 11 30.73 -17.68 -3.11
C VAL J 11 29.99 -16.36 -2.93
N CYS J 12 28.86 -16.25 -3.62
CA CYS J 12 28.02 -15.08 -3.69
C CYS J 12 26.66 -15.49 -3.20
N ASP J 13 26.22 -14.90 -2.09
CA ASP J 13 25.02 -15.28 -1.40
C ASP J 13 23.92 -14.29 -1.73
N ASN J 14 22.84 -14.83 -2.31
CA ASN J 14 21.59 -14.17 -2.59
C ASN J 14 20.82 -13.95 -1.30
N GLY J 15 21.35 -13.07 -0.44
CA GLY J 15 20.67 -12.53 0.70
C GLY J 15 19.34 -11.91 0.41
N SER J 16 18.51 -11.91 1.44
CA SER J 16 17.25 -11.23 1.57
C SER J 16 17.50 -9.84 2.08
N GLY J 17 18.62 -9.66 2.78
CA GLY J 17 19.09 -8.45 3.40
C GLY J 17 19.74 -7.45 2.49
N LEU J 18 21.06 -7.25 2.39
CA LEU J 18 22.23 -7.97 2.86
C LEU J 18 22.65 -9.10 1.95
N VAL J 19 22.98 -8.76 0.68
CA VAL J 19 23.69 -9.66 -0.21
C VAL J 19 25.14 -9.75 0.24
N LYS J 20 25.69 -10.98 0.28
CA LYS J 20 27.02 -11.23 0.81
C LYS J 20 27.93 -11.82 -0.25
N ALA J 21 29.17 -11.33 -0.41
CA ALA J 21 30.09 -11.83 -1.42
C ALA J 21 31.54 -11.93 -0.97
N GLY J 22 32.22 -13.03 -1.30
CA GLY J 22 33.62 -13.22 -0.94
C GLY J 22 34.14 -14.48 -1.56
N PHE J 23 35.43 -14.55 -1.93
CA PHE J 23 35.99 -15.73 -2.57
C PHE J 23 36.01 -16.94 -1.65
N ALA J 24 36.28 -18.15 -2.18
CA ALA J 24 36.25 -19.35 -1.39
C ALA J 24 37.41 -19.47 -0.42
N GLY J 25 37.12 -19.34 0.88
CA GLY J 25 38.07 -19.34 1.97
C GLY J 25 38.80 -18.07 2.19
N ASP J 26 39.31 -17.78 3.39
CA ASP J 26 39.32 -18.60 4.58
C ASP J 26 39.02 -17.78 5.79
N ASP J 27 38.56 -16.57 5.63
CA ASP J 27 38.40 -15.63 6.70
C ASP J 27 36.98 -15.09 6.81
N ALA J 28 36.59 -14.08 6.05
CA ALA J 28 35.34 -13.38 6.18
C ALA J 28 34.88 -12.86 4.82
N PRO J 29 33.63 -12.44 4.58
CA PRO J 29 33.21 -11.89 3.30
C PRO J 29 33.91 -10.60 2.96
N ARG J 30 34.10 -10.30 1.71
CA ARG J 30 34.71 -9.06 1.29
C ARG J 30 33.70 -7.96 1.10
N ALA J 31 32.47 -8.28 0.67
CA ALA J 31 31.47 -7.29 0.38
C ALA J 31 30.14 -7.70 0.96
N VAL J 32 29.50 -6.79 1.72
CA VAL J 32 28.19 -6.96 2.27
C VAL J 32 27.49 -5.66 2.01
N PHE J 33 26.24 -5.64 1.51
CA PHE J 33 25.58 -4.38 1.24
C PHE J 33 24.07 -4.55 1.22
N PRO J 34 23.26 -3.51 1.46
CA PRO J 34 21.85 -3.65 1.72
C PRO J 34 21.05 -3.91 0.50
N SER J 35 20.98 -4.49 -0.33
CA SER J 35 20.27 -4.87 -1.52
C SER J 35 19.48 -3.82 -2.22
N ILE J 36 19.12 -2.77 -1.71
CA ILE J 36 18.36 -1.65 -2.23
C ILE J 36 18.83 -1.05 -3.55
N VAL J 37 17.88 -0.85 -4.48
CA VAL J 37 18.03 0.02 -5.64
C VAL J 37 17.06 1.17 -5.49
N GLY J 38 17.45 2.40 -5.86
CA GLY J 38 16.61 3.57 -5.66
C GLY J 38 16.72 4.56 -6.78
N ARG J 39 15.59 4.88 -7.44
CA ARG J 39 15.53 5.89 -8.47
C ARG J 39 15.30 7.27 -7.84
N PRO J 40 15.71 8.37 -8.45
CA PRO J 40 15.60 9.70 -7.87
C PRO J 40 14.22 10.31 -8.04
N ARG J 41 13.54 10.61 -6.92
CA ARG J 41 12.17 11.08 -6.94
C ARG J 41 11.98 12.55 -7.15
N HIS J 42 13.02 13.34 -7.27
CA HIS J 42 12.94 14.75 -7.47
C HIS J 42 13.74 15.17 -8.68
N GLN J 43 13.44 16.34 -9.27
CA GLN J 43 14.14 16.88 -10.40
C GLN J 43 15.45 17.56 -10.06
N GLY J 44 16.49 17.32 -10.86
CA GLY J 44 17.81 17.87 -10.65
C GLY J 44 17.96 19.22 -11.26
N VAL J 45 18.71 20.11 -10.62
CA VAL J 45 18.89 21.47 -11.06
C VAL J 45 20.34 21.83 -11.15
N MET J 46 21.26 20.93 -10.85
CA MET J 46 22.66 21.17 -10.91
C MET J 46 23.31 21.19 -12.22
N VAL J 47 23.45 20.97 -12.99
CA VAL J 47 23.97 20.97 -14.28
C VAL J 47 25.23 20.28 -14.36
N GLY J 48 25.62 19.42 -14.21
CA GLY J 48 26.77 18.57 -14.34
C GLY J 48 26.66 17.59 -15.36
N MET J 49 25.80 16.70 -15.32
CA MET J 49 24.87 16.51 -14.39
C MET J 49 25.19 15.65 -13.26
N GLY J 50 25.94 14.66 -13.47
CA GLY J 50 26.56 13.93 -12.45
C GLY J 50 25.73 12.93 -11.71
N GLN J 51 24.51 12.70 -12.04
CA GLN J 51 23.61 11.85 -11.31
C GLN J 51 23.43 10.51 -12.00
N LYS J 52 23.31 9.43 -11.23
CA LYS J 52 23.13 8.08 -11.73
C LYS J 52 21.67 7.80 -12.02
N ASP J 53 21.38 6.87 -12.94
CA ASP J 53 20.04 6.46 -13.29
C ASP J 53 19.36 5.71 -12.15
N SER J 54 20.09 4.79 -11.54
CA SER J 54 19.66 4.10 -10.35
C SER J 54 20.84 3.93 -9.46
N TYR J 55 20.74 4.36 -8.19
CA TYR J 55 21.77 4.17 -7.20
C TYR J 55 21.55 2.83 -6.54
N VAL J 56 22.59 1.98 -6.47
CA VAL J 56 22.51 0.79 -5.65
C VAL J 56 23.04 1.14 -4.26
N GLY J 57 22.87 0.26 -3.26
CA GLY J 57 23.63 0.34 -2.01
C GLY J 57 25.09 0.06 -2.24
N ASP J 58 26.05 0.65 -1.52
CA ASP J 58 25.95 1.54 -0.39
C ASP J 58 25.52 2.97 -0.75
N GLU J 59 25.75 3.42 -2.00
CA GLU J 59 25.45 4.79 -2.39
C GLU J 59 23.99 5.23 -2.21
N ALA J 60 23.03 4.30 -2.33
CA ALA J 60 21.64 4.56 -2.03
C ALA J 60 21.30 4.62 -0.55
N GLN J 61 22.24 4.33 0.35
CA GLN J 61 22.05 4.44 1.77
C GLN J 61 22.77 5.67 2.27
N SER J 62 23.60 6.29 1.42
CA SER J 62 24.19 7.57 1.69
C SER J 62 23.37 8.67 1.09
N LYS J 63 22.49 8.39 0.13
CA LYS J 63 21.68 9.36 -0.57
C LYS J 63 20.21 9.18 -0.25
N ARG J 64 19.88 8.80 0.98
CA ARG J 64 18.51 8.72 1.45
C ARG J 64 17.75 10.04 1.35
N GLY J 65 16.43 9.94 1.13
CA GLY J 65 15.51 11.07 1.14
C GLY J 65 15.35 11.76 -0.17
N ILE J 66 16.16 11.42 -1.18
CA ILE J 66 16.00 11.98 -2.50
C ILE J 66 15.75 10.87 -3.51
N LEU J 67 15.60 9.64 -3.01
CA LEU J 67 15.37 8.47 -3.82
C LEU J 67 14.19 7.72 -3.26
N THR J 68 13.70 6.70 -3.98
CA THR J 68 12.66 5.79 -3.49
C THR J 68 13.19 4.38 -3.47
N LEU J 69 13.64 3.94 -2.29
CA LEU J 69 14.28 2.64 -2.10
C LEU J 69 13.37 1.45 -2.39
N LYS J 70 13.82 0.50 -3.22
CA LYS J 70 13.08 -0.68 -3.56
C LYS J 70 13.97 -1.90 -3.38
N TYR J 71 13.68 -2.75 -2.37
CA TYR J 71 14.40 -3.99 -2.15
C TYR J 71 14.14 -4.92 -3.33
N PRO J 72 15.09 -5.52 -4.03
CA PRO J 72 14.80 -6.26 -5.26
C PRO J 72 14.30 -7.65 -4.99
N ILE J 73 14.43 -8.15 -3.77
CA ILE J 73 13.93 -9.45 -3.38
C ILE J 73 12.98 -9.24 -2.22
N GLU J 74 11.74 -9.71 -2.37
CA GLU J 74 10.68 -9.44 -1.44
C GLU J 74 9.82 -10.68 -1.35
N HIS J 75 9.51 -11.14 -0.13
CA HIS J 75 8.83 -12.39 0.14
C HIS J 75 9.55 -13.58 -0.46
N GLY J 76 10.89 -13.52 -0.46
CA GLY J 76 11.73 -14.60 -0.90
C GLY J 76 11.82 -14.77 -2.38
N ILE J 77 11.27 -13.86 -3.19
CA ILE J 77 11.35 -13.95 -4.63
C ILE J 77 11.72 -12.62 -5.23
N ILE J 78 12.53 -12.64 -6.31
CA ILE J 78 13.03 -11.48 -7.01
C ILE J 78 11.96 -10.72 -7.77
N THR J 79 11.99 -9.38 -7.69
CA THR J 79 10.99 -8.51 -8.31
C THR J 79 11.05 -8.51 -9.83
N ASN J 80 12.26 -8.40 -10.40
CA ASN J 80 12.49 -8.50 -11.82
C ASN J 80 13.97 -8.73 -12.00
N TRP J 81 14.39 -9.38 -13.10
CA TRP J 81 15.81 -9.62 -13.31
C TRP J 81 16.51 -8.42 -13.91
N ASP J 82 15.79 -7.36 -14.30
CA ASP J 82 16.39 -6.12 -14.77
C ASP J 82 17.14 -5.39 -13.67
N ASP J 83 16.59 -5.37 -12.45
CA ASP J 83 17.23 -4.78 -11.29
C ASP J 83 18.21 -5.77 -10.69
N MET J 84 17.86 -7.07 -10.67
CA MET J 84 18.74 -8.11 -10.16
C MET J 84 20.08 -8.17 -10.88
N GLU J 85 20.07 -8.07 -12.23
CA GLU J 85 21.28 -7.99 -13.03
C GLU J 85 22.15 -6.80 -12.65
N LYS J 86 21.55 -5.65 -12.26
CA LYS J 86 22.30 -4.49 -11.82
C LYS J 86 22.97 -4.74 -10.48
N ILE J 87 22.28 -5.42 -9.54
CA ILE J 87 22.87 -5.94 -8.31
C ILE J 87 24.10 -6.78 -8.57
N TRP J 88 23.98 -7.79 -9.44
CA TRP J 88 25.08 -8.66 -9.82
C TRP J 88 26.24 -7.91 -10.43
N HIS J 89 25.98 -7.10 -11.47
CA HIS J 89 26.97 -6.27 -12.16
C HIS J 89 27.75 -5.35 -11.22
N HIS J 90 27.04 -4.64 -10.32
CA HIS J 90 27.61 -3.80 -9.29
C HIS J 90 28.52 -4.59 -8.36
N THR J 91 28.04 -5.75 -7.90
CA THR J 91 28.75 -6.62 -6.97
C THR J 91 30.05 -7.15 -7.52
N PHE J 92 30.02 -7.79 -8.70
CA PHE J 92 31.22 -8.34 -9.30
C PHE J 92 32.22 -7.29 -9.70
N TYR J 93 31.75 -6.24 -10.38
CA TYR J 93 32.66 -5.26 -10.92
C TYR J 93 33.14 -4.21 -9.95
N ASN J 94 32.25 -3.53 -9.20
CA ASN J 94 32.67 -2.39 -8.42
C ASN J 94 32.83 -2.65 -6.95
N GLU J 95 32.73 -3.91 -6.52
CA GLU J 95 33.03 -4.29 -5.16
C GLU J 95 34.11 -5.34 -5.21
N LEU J 96 33.89 -6.49 -5.81
CA LEU J 96 34.83 -7.58 -5.83
C LEU J 96 35.99 -7.39 -6.80
N ARG J 97 35.80 -6.61 -7.88
CA ARG J 97 36.79 -6.33 -8.90
C ARG J 97 37.24 -7.59 -9.62
N VAL J 98 36.28 -8.41 -10.07
CA VAL J 98 36.58 -9.67 -10.74
C VAL J 98 35.64 -9.90 -11.89
N ALA J 99 36.12 -10.51 -12.97
CA ALA J 99 35.35 -10.93 -14.10
C ALA J 99 34.75 -12.32 -13.88
N PRO J 100 33.48 -12.60 -14.10
CA PRO J 100 32.90 -13.93 -13.94
C PRO J 100 33.50 -15.02 -14.81
N GLU J 101 34.13 -14.68 -15.93
CA GLU J 101 34.77 -15.66 -16.77
C GLU J 101 36.00 -16.25 -16.13
N GLU J 102 36.56 -15.59 -15.11
CA GLU J 102 37.70 -16.03 -14.35
C GLU J 102 37.43 -17.08 -13.31
N HIS J 103 36.22 -17.24 -12.78
CA HIS J 103 35.98 -18.09 -11.64
C HIS J 103 34.76 -18.97 -11.80
N PRO J 104 34.74 -20.24 -11.43
CA PRO J 104 33.50 -20.92 -11.08
C PRO J 104 32.78 -20.31 -9.89
N THR J 105 31.46 -20.12 -9.97
CA THR J 105 30.75 -19.43 -8.90
C THR J 105 29.89 -20.41 -8.13
N LEU J 106 29.43 -20.01 -6.95
CA LEU J 106 28.54 -20.78 -6.11
C LEU J 106 27.48 -19.81 -5.68
N LEU J 107 26.20 -20.09 -6.00
CA LEU J 107 25.11 -19.19 -5.74
C LEU J 107 24.19 -19.86 -4.73
N THR J 108 23.39 -19.06 -4.00
CA THR J 108 22.47 -19.57 -2.99
C THR J 108 21.03 -19.30 -3.34
N GLU J 109 20.09 -20.06 -2.72
CA GLU J 109 18.67 -19.84 -2.90
C GLU J 109 17.96 -20.02 -1.56
N ALA J 110 16.63 -19.90 -1.53
CA ALA J 110 15.81 -20.13 -0.37
C ALA J 110 15.02 -21.42 -0.50
N PRO J 111 14.86 -22.23 0.52
CA PRO J 111 14.13 -23.46 0.47
C PRO J 111 12.71 -23.35 0.11
N LEU J 112 11.94 -23.77 -0.46
CA LEU J 112 10.57 -23.75 -0.86
C LEU J 112 10.26 -22.52 -1.65
N ASN J 113 10.96 -22.29 -2.70
CA ASN J 113 10.82 -21.20 -3.59
C ASN J 113 10.19 -21.69 -4.86
N PRO J 114 9.24 -21.05 -5.44
CA PRO J 114 8.55 -21.52 -6.59
C PRO J 114 9.34 -21.81 -7.83
N LYS J 115 8.98 -22.85 -8.56
CA LYS J 115 9.48 -23.16 -9.86
C LYS J 115 8.75 -22.27 -10.85
N ALA J 116 9.38 -21.70 -11.86
CA ALA J 116 10.66 -21.98 -12.45
C ALA J 116 11.67 -20.89 -12.16
N ASN J 117 11.72 -20.35 -10.96
CA ASN J 117 12.63 -19.29 -10.62
C ASN J 117 14.06 -19.68 -10.32
N ARG J 118 14.42 -20.97 -10.28
CA ARG J 118 15.82 -21.35 -10.16
C ARG J 118 16.40 -21.54 -11.54
N GLU J 119 15.56 -22.07 -12.46
CA GLU J 119 15.85 -22.22 -13.88
C GLU J 119 16.13 -20.89 -14.51
N LYS J 120 15.12 -20.00 -14.62
CA LYS J 120 15.24 -18.65 -15.14
C LYS J 120 16.43 -17.86 -14.63
N MET J 121 16.74 -17.95 -13.32
CA MET J 121 17.93 -17.38 -12.73
C MET J 121 19.20 -17.95 -13.33
N THR J 122 19.39 -19.28 -13.22
CA THR J 122 20.53 -20.02 -13.76
C THR J 122 20.76 -19.75 -15.24
N GLN J 123 19.68 -19.69 -16.01
CA GLN J 123 19.70 -19.52 -17.44
C GLN J 123 20.14 -18.12 -17.81
N ILE J 124 19.51 -17.08 -17.22
CA ILE J 124 19.91 -15.71 -17.42
C ILE J 124 21.34 -15.45 -16.97
N MET J 125 21.77 -15.95 -15.79
CA MET J 125 23.13 -15.74 -15.32
C MET J 125 24.22 -16.34 -16.18
N PHE J 126 23.93 -17.47 -16.86
CA PHE J 126 24.89 -18.09 -17.75
C PHE J 126 25.04 -17.30 -19.03
N GLU J 127 23.95 -16.74 -19.58
CA GLU J 127 24.02 -16.00 -20.83
C GLU J 127 24.46 -14.56 -20.64
N THR J 128 24.14 -13.95 -19.48
CA THR J 128 24.53 -12.57 -19.20
C THR J 128 25.96 -12.47 -18.73
N PHE J 129 26.37 -13.27 -17.74
CA PHE J 129 27.68 -13.08 -17.13
C PHE J 129 28.70 -14.08 -17.60
N ASN J 130 28.28 -15.18 -18.26
CA ASN J 130 29.18 -16.08 -18.98
C ASN J 130 30.17 -16.80 -18.08
N VAL J 131 29.74 -17.11 -16.85
CA VAL J 131 30.44 -17.92 -15.88
C VAL J 131 30.80 -19.31 -16.39
N PRO J 132 31.94 -19.94 -16.07
CA PRO J 132 32.31 -21.19 -16.70
C PRO J 132 31.62 -22.36 -16.03
N ALA J 133 31.21 -22.23 -14.75
CA ALA J 133 30.43 -23.23 -14.08
C ALA J 133 29.75 -22.61 -12.87
N MET J 134 28.68 -23.26 -12.39
CA MET J 134 27.85 -22.73 -11.34
C MET J 134 27.14 -23.83 -10.59
N TYR J 135 26.63 -23.54 -9.38
CA TYR J 135 25.75 -24.44 -8.69
C TYR J 135 24.94 -23.57 -7.75
N VAL J 136 23.73 -24.02 -7.37
CA VAL J 136 22.84 -23.25 -6.51
C VAL J 136 22.49 -24.08 -5.29
N ALA J 137 22.95 -23.66 -4.10
CA ALA J 137 22.68 -24.32 -2.85
C ALA J 137 21.66 -23.58 -1.98
N ILE J 138 20.75 -24.25 -1.28
CA ILE J 138 19.84 -23.56 -0.38
C ILE J 138 20.58 -23.07 0.87
N GLN J 139 20.27 -21.85 1.38
CA GLN J 139 21.05 -21.19 2.43
C GLN J 139 21.04 -21.97 3.75
N ALA J 140 19.96 -22.72 4.01
CA ALA J 140 19.83 -23.49 5.22
C ALA J 140 20.83 -24.64 5.32
N VAL J 141 20.99 -25.47 4.27
CA VAL J 141 21.93 -26.58 4.25
C VAL J 141 23.36 -26.13 4.55
N LEU J 142 23.78 -24.97 4.01
CA LEU J 142 25.10 -24.44 4.22
C LEU J 142 25.42 -24.13 5.67
N SER J 143 24.40 -23.79 6.48
CA SER J 143 24.63 -23.50 7.89
C SER J 143 25.00 -24.72 8.71
N LEU J 144 24.82 -25.95 8.20
CA LEU J 144 25.29 -27.14 8.88
C LEU J 144 26.81 -27.20 8.91
N TYR J 145 27.43 -26.93 7.75
CA TYR J 145 28.86 -26.93 7.57
C TYR J 145 29.54 -25.87 8.41
N ALA J 146 28.94 -24.66 8.44
CA ALA J 146 29.41 -23.54 9.22
C ALA J 146 29.51 -23.82 10.70
N SER J 147 28.55 -24.59 11.24
CA SER J 147 28.54 -24.96 12.63
C SER J 147 29.22 -26.27 12.89
N GLY J 148 29.68 -26.97 11.83
CA GLY J 148 30.41 -28.21 11.95
C GLY J 148 29.56 -29.35 12.41
N ARG J 149 28.29 -29.34 12.10
CA ARG J 149 27.32 -30.34 12.46
C ARG J 149 26.93 -31.18 11.29
N THR J 150 26.28 -32.32 11.54
CA THR J 150 25.83 -33.21 10.52
C THR J 150 24.41 -33.68 10.74
N THR J 151 23.73 -33.10 11.74
CA THR J 151 22.39 -33.43 12.17
C THR J 151 21.83 -32.13 12.70
N GLY J 152 20.50 -31.92 12.66
CA GLY J 152 19.88 -30.74 13.25
C GLY J 152 18.91 -30.01 12.37
N ILE J 153 18.06 -29.17 13.00
CA ILE J 153 17.13 -28.34 12.30
C ILE J 153 17.74 -26.97 12.04
N VAL J 154 17.80 -26.57 10.74
CA VAL J 154 18.44 -25.36 10.25
C VAL J 154 17.44 -24.25 9.91
N LEU J 155 17.70 -23.06 10.47
CA LEU J 155 16.93 -21.83 10.38
C LEU J 155 17.47 -20.71 9.48
N ASP J 156 16.98 -20.48 8.23
CA ASP J 156 17.49 -19.36 7.42
C ASP J 156 16.41 -18.33 7.63
N SER J 157 16.76 -17.30 8.43
CA SER J 157 15.84 -16.26 8.79
C SER J 157 16.43 -14.93 8.38
N GLY J 158 15.89 -14.34 7.30
CA GLY J 158 16.24 -13.00 6.84
C GLY J 158 15.02 -12.21 6.58
N ASP J 159 15.12 -10.88 6.47
CA ASP J 159 14.04 -10.03 6.03
C ASP J 159 13.53 -10.40 4.61
N GLY J 160 12.30 -10.91 4.38
CA GLY J 160 11.25 -11.33 5.31
C GLY J 160 10.71 -12.72 5.15
N VAL J 161 11.58 -13.74 5.07
CA VAL J 161 11.16 -15.13 5.04
C VAL J 161 12.05 -15.96 5.95
N THR J 162 11.45 -16.66 6.94
CA THR J 162 12.15 -17.61 7.78
C THR J 162 11.91 -19.03 7.29
N HIS J 163 12.76 -20.00 7.64
CA HIS J 163 12.53 -21.38 7.25
C HIS J 163 13.00 -22.31 8.34
N ASN J 164 12.40 -23.51 8.41
CA ASN J 164 12.69 -24.55 9.38
C ASN J 164 12.94 -25.89 8.67
N VAL J 165 14.20 -26.26 8.39
CA VAL J 165 14.51 -27.48 7.64
C VAL J 165 15.18 -28.54 8.53
N PRO J 166 14.63 -29.73 8.79
CA PRO J 166 15.30 -30.77 9.56
C PRO J 166 16.22 -31.66 8.73
N ILE J 167 17.48 -31.85 9.17
CA ILE J 167 18.48 -32.70 8.52
C ILE J 167 19.01 -33.72 9.52
N TYR J 168 19.11 -35.01 9.14
CA TYR J 168 19.70 -36.05 9.97
C TYR J 168 20.89 -36.66 9.27
N GLU J 169 21.99 -36.93 9.88
CA GLU J 169 23.20 -37.54 9.42
C GLU J 169 23.11 -38.47 8.24
N GLY J 170 23.27 -38.05 7.00
CA GLY J 170 23.42 -36.73 6.50
C GLY J 170 22.40 -36.52 5.42
N TYR J 171 21.21 -36.94 5.63
CA TYR J 171 20.09 -36.97 4.74
C TYR J 171 19.04 -35.97 5.14
N ALA J 172 18.31 -35.40 4.18
CA ALA J 172 17.30 -34.41 4.45
C ALA J 172 15.94 -35.04 4.48
N LEU J 173 15.02 -34.52 5.28
CA LEU J 173 13.69 -35.06 5.45
C LEU J 173 12.66 -34.19 4.75
N PRO J 174 12.17 -34.49 3.56
CA PRO J 174 11.27 -33.63 2.81
C PRO J 174 9.92 -33.43 3.45
N HIS J 175 9.45 -34.36 4.27
CA HIS J 175 8.10 -34.36 4.75
C HIS J 175 7.89 -33.41 5.89
N ALA J 176 8.91 -32.82 6.45
CA ALA J 176 8.80 -31.93 7.58
C ALA J 176 9.32 -30.52 7.34
N ILE J 177 9.59 -30.12 6.09
CA ILE J 177 10.11 -28.78 5.81
C ILE J 177 9.05 -27.69 5.93
N MET J 178 9.30 -26.66 6.78
CA MET J 178 8.37 -25.55 6.98
C MET J 178 8.93 -24.20 6.56
N ARG J 179 8.16 -23.44 5.75
CA ARG J 179 8.52 -22.09 5.34
C ARG J 179 7.54 -21.14 6.00
N LEU J 180 8.02 -20.22 6.86
CA LEU J 180 7.17 -19.20 7.43
C LEU J 180 7.53 -17.85 6.84
N ASP J 181 6.55 -17.11 6.30
CA ASP J 181 6.74 -15.74 5.89
C ASP J 181 6.49 -14.82 7.07
N LEU J 182 7.16 -14.86 8.06
CA LEU J 182 6.94 -14.15 9.29
C LEU J 182 8.02 -13.15 9.60
N ALA J 183 9.23 -13.51 9.74
CA ALA J 183 10.30 -12.63 10.10
C ALA J 183 11.21 -12.44 8.91
N GLY J 184 11.84 -11.27 8.71
CA GLY J 184 11.89 -10.09 9.56
C GLY J 184 11.31 -8.82 9.00
N ARG J 185 11.04 -8.70 7.70
CA ARG J 185 10.56 -7.43 7.14
C ARG J 185 9.18 -7.00 7.63
N ASP J 186 8.34 -7.97 8.02
CA ASP J 186 7.06 -7.71 8.64
C ASP J 186 7.24 -7.24 10.07
N LEU J 187 8.37 -7.60 10.72
CA LEU J 187 8.73 -7.06 12.02
C LEU J 187 9.13 -5.61 11.86
N THR J 188 9.85 -5.27 10.76
CA THR J 188 10.14 -3.88 10.41
C THR J 188 8.86 -3.07 10.24
N ASP J 189 7.91 -3.57 9.42
CA ASP J 189 6.63 -2.92 9.22
C ASP J 189 5.81 -2.79 10.52
N TYR J 190 5.82 -3.82 11.39
CA TYR J 190 5.15 -3.80 12.67
C TYR J 190 5.75 -2.80 13.63
N LEU J 191 7.09 -2.70 13.67
CA LEU J 191 7.78 -1.69 14.46
C LEU J 191 7.39 -0.29 14.02
N MET J 192 7.25 -0.05 12.70
CA MET J 192 6.78 1.21 12.21
C MET J 192 5.34 1.50 12.61
N LYS J 193 4.51 0.46 12.76
CA LYS J 193 3.13 0.63 13.19
C LYS J 193 3.01 0.89 14.68
N ILE J 194 3.93 0.39 15.52
CA ILE J 194 3.84 0.66 16.93
C ILE J 194 4.75 1.79 17.36
N LEU J 195 5.57 2.36 16.46
CA LEU J 195 6.26 3.60 16.73
C LEU J 195 5.43 4.82 16.37
N THR J 196 4.46 4.68 15.45
CA THR J 196 3.48 5.71 15.18
C THR J 196 2.58 5.96 16.36
N GLU J 197 2.37 4.93 17.18
CA GLU J 197 1.65 4.99 18.42
C GLU J 197 2.30 5.89 19.46
N ARG J 198 3.61 6.13 19.34
CA ARG J 198 4.33 7.07 20.17
C ARG J 198 4.59 8.38 19.43
N GLY J 199 3.97 8.57 18.26
CA GLY J 199 3.89 9.87 17.62
C GLY J 199 4.99 10.15 16.65
N TYR J 200 5.83 9.18 16.32
CA TYR J 200 6.91 9.38 15.38
C TYR J 200 6.51 8.83 14.03
N SER J 201 6.42 9.65 13.04
CA SER J 201 5.95 9.27 11.73
C SER J 201 7.00 8.96 10.74
N PHE J 202 7.31 7.83 10.46
CA PHE J 202 8.33 7.38 9.58
C PHE J 202 7.74 6.61 8.43
N VAL J 203 6.82 7.08 7.72
CA VAL J 203 6.04 6.38 6.73
C VAL J 203 6.73 6.16 5.41
N THR J 204 7.70 6.98 5.07
CA THR J 204 8.33 7.01 3.77
C THR J 204 9.36 5.93 3.62
N THR J 205 9.65 5.54 2.37
CA THR J 205 10.51 4.42 2.02
C THR J 205 11.91 4.54 2.55
N ALA J 206 12.55 5.70 2.35
CA ALA J 206 13.86 5.97 2.89
C ALA J 206 13.95 5.85 4.40
N GLU J 207 12.99 6.46 5.09
CA GLU J 207 12.89 6.49 6.51
C GLU J 207 12.68 5.13 7.12
N ARG J 208 12.10 4.18 6.35
CA ARG J 208 11.95 2.80 6.75
C ARG J 208 13.28 2.12 7.07
N GLU J 209 14.37 2.47 6.38
CA GLU J 209 15.70 1.99 6.72
C GLU J 209 16.14 2.34 8.13
N ILE J 210 15.83 3.56 8.61
CA ILE J 210 16.11 4.01 9.97
C ILE J 210 15.40 3.14 10.99
N VAL J 211 14.13 2.75 10.70
CA VAL J 211 13.36 1.82 11.49
C VAL J 211 14.08 0.48 11.60
N ARG J 212 14.60 -0.03 10.47
CA ARG J 212 15.38 -1.25 10.40
C ARG J 212 16.62 -1.18 11.26
N ASP J 213 17.30 -0.03 11.31
CA ASP J 213 18.47 0.18 12.12
C ASP J 213 18.17 0.16 13.62
N ILE J 214 17.04 0.74 14.07
CA ILE J 214 16.60 0.63 15.45
C ILE J 214 16.05 -0.74 15.80
N LYS J 215 15.61 -1.51 14.78
CA LYS J 215 15.18 -2.89 14.96
C LYS J 215 16.37 -3.76 15.28
N GLU J 216 17.54 -3.48 14.67
CA GLU J 216 18.80 -4.10 15.01
C GLU J 216 19.23 -3.75 16.44
N LYS J 217 19.52 -2.47 16.69
CA LYS J 217 20.22 -2.03 17.87
C LYS J 217 19.43 -2.03 19.17
N LEU J 218 18.23 -1.46 19.22
CA LEU J 218 17.59 -1.21 20.49
C LEU J 218 16.64 -2.27 21.00
N CYS J 219 16.11 -3.15 20.15
CA CYS J 219 15.14 -4.17 20.56
C CYS J 219 15.72 -5.32 21.38
N TYR J 220 14.90 -5.97 22.22
CA TYR J 220 15.34 -7.11 23.02
C TYR J 220 14.18 -8.07 23.24
N VAL J 221 14.45 -9.31 23.61
CA VAL J 221 13.42 -10.31 23.85
C VAL J 221 13.27 -10.50 25.35
N ALA J 222 12.04 -10.66 25.83
CA ALA J 222 11.72 -10.87 27.21
C ALA J 222 11.96 -12.31 27.67
N LEU J 223 12.09 -12.56 28.97
CA LEU J 223 12.14 -13.90 29.51
C LEU J 223 10.75 -14.51 29.52
N ASP J 224 9.77 -13.72 29.95
CA ASP J 224 8.39 -14.03 29.88
C ASP J 224 7.63 -12.74 29.61
N PHE J 225 6.75 -12.71 28.59
CA PHE J 225 6.01 -11.53 28.16
C PHE J 225 5.24 -10.86 29.28
N GLU J 226 4.34 -11.61 29.93
CA GLU J 226 3.50 -11.15 31.03
C GLU J 226 4.25 -10.50 32.17
N ASN J 227 5.44 -11.03 32.53
CA ASN J 227 6.22 -10.49 33.62
C ASN J 227 7.03 -9.28 33.17
N GLU J 228 7.41 -9.18 31.88
CA GLU J 228 8.04 -7.99 31.37
C GLU J 228 7.04 -6.85 31.26
N MET J 229 5.78 -7.18 30.92
CA MET J 229 4.66 -6.27 30.86
C MET J 229 4.30 -5.72 32.23
N ALA J 230 4.39 -6.57 33.27
CA ALA J 230 4.24 -6.17 34.64
C ALA J 230 5.24 -5.12 35.05
N THR J 231 6.54 -5.35 34.79
CA THR J 231 7.58 -4.41 35.18
C THR J 231 7.57 -3.17 34.31
N ALA J 232 6.99 -3.24 33.10
CA ALA J 232 6.73 -2.10 32.25
C ALA J 232 5.71 -1.14 32.84
N ALA J 233 4.71 -1.67 33.57
CA ALA J 233 3.73 -0.88 34.28
C ALA J 233 4.34 -0.12 35.45
N SER J 234 5.46 -0.63 36.00
CA SER J 234 6.24 0.02 37.02
C SER J 234 7.02 1.21 36.50
N SER J 235 7.47 2.07 37.40
CA SER J 235 8.08 3.33 37.10
C SER J 235 9.51 3.25 36.64
N SER J 236 10.20 2.14 36.89
CA SER J 236 11.55 1.89 36.46
C SER J 236 11.75 1.92 34.98
N SER J 237 12.77 2.59 34.50
CA SER J 237 12.96 2.87 33.10
C SER J 237 13.44 1.69 32.31
N LEU J 238 12.70 1.31 31.27
CA LEU J 238 13.14 0.38 30.26
C LEU J 238 13.47 1.13 28.98
N GLU J 239 13.22 2.45 28.97
CA GLU J 239 13.44 3.34 27.87
C GLU J 239 14.89 3.54 27.47
N LYS J 240 15.19 3.43 26.18
CA LYS J 240 16.47 3.77 25.59
C LYS J 240 16.29 4.92 24.62
N SER J 241 17.18 5.92 24.66
CA SER J 241 17.07 7.13 23.84
C SER J 241 17.92 7.04 22.58
N TYR J 242 17.28 7.02 21.39
CA TYR J 242 17.97 7.00 20.12
C TYR J 242 18.05 8.41 19.58
N GLU J 243 19.09 8.73 18.79
CA GLU J 243 19.22 10.04 18.16
C GLU J 243 19.07 9.89 16.67
N LEU J 244 18.35 10.81 16.03
CA LEU J 244 17.92 10.69 14.66
C LEU J 244 18.69 11.67 13.79
N PRO J 245 18.91 11.49 12.49
CA PRO J 245 19.78 12.33 11.70
C PRO J 245 19.44 13.77 11.65
N ASP J 246 18.20 14.18 11.85
CA ASP J 246 17.84 15.54 11.91
C ASP J 246 17.85 16.12 13.32
N GLY J 247 18.30 15.41 14.30
CA GLY J 247 18.52 15.91 15.63
C GLY J 247 17.53 15.45 16.64
N GLN J 248 16.57 14.62 16.25
CA GLN J 248 15.46 14.28 17.11
C GLN J 248 15.86 13.15 18.04
N VAL J 249 15.31 13.15 19.27
CA VAL J 249 15.57 12.13 20.26
C VAL J 249 14.33 11.30 20.49
N ILE J 250 14.42 9.98 20.23
CA ILE J 250 13.28 9.08 20.31
C ILE J 250 13.49 8.16 21.49
N THR J 251 12.50 8.06 22.40
CA THR J 251 12.53 7.23 23.59
C THR J 251 11.53 6.09 23.53
N ILE J 252 11.98 4.85 23.26
CA ILE J 252 11.10 3.68 23.20
C ILE J 252 11.34 2.74 24.37
N GLY J 253 10.24 2.15 24.93
CA GLY J 253 10.30 1.24 26.06
C GLY J 253 9.44 0.03 25.92
N ASN J 254 8.13 0.12 26.13
CA ASN J 254 7.22 -1.00 26.01
C ASN J 254 7.33 -1.75 24.67
N GLU J 255 7.23 -1.00 23.53
CA GLU J 255 7.33 -1.57 22.19
C GLU J 255 8.67 -2.25 21.91
N ARG J 256 9.73 -1.89 22.65
CA ARG J 256 11.09 -2.41 22.59
C ARG J 256 11.16 -3.89 22.77
N PHE J 257 10.37 -4.47 23.69
CA PHE J 257 10.29 -5.93 23.83
C PHE J 257 9.09 -6.51 23.12
N ARG J 258 8.09 -5.68 22.76
CA ARG J 258 6.92 -6.16 22.03
C ARG J 258 7.24 -6.63 20.63
N CYS J 259 7.99 -5.82 19.86
CA CYS J 259 8.37 -6.17 18.50
C CYS J 259 9.07 -7.53 18.33
N PRO J 260 10.15 -7.94 19.01
CA PRO J 260 10.74 -9.25 18.79
C PRO J 260 9.89 -10.40 19.30
N GLU J 261 9.06 -10.18 20.36
CA GLU J 261 8.20 -11.20 20.95
C GLU J 261 7.23 -11.82 19.97
N THR J 262 6.84 -11.05 18.94
CA THR J 262 6.13 -11.51 17.75
C THR J 262 6.62 -12.81 17.13
N LEU J 263 7.93 -13.12 17.22
CA LEU J 263 8.49 -14.37 16.74
C LEU J 263 7.97 -15.59 17.47
N PHE J 264 7.60 -15.45 18.75
CA PHE J 264 6.89 -16.42 19.52
C PHE J 264 5.40 -16.25 19.52
N GLN J 265 4.85 -15.10 19.18
CA GLN J 265 3.42 -14.85 19.11
C GLN J 265 2.97 -14.06 17.90
N PRO J 266 2.77 -14.66 16.71
CA PRO J 266 2.38 -13.91 15.51
C PRO J 266 0.99 -13.27 15.55
N SER J 267 0.17 -13.64 16.56
CA SER J 267 -1.09 -12.95 16.83
C SER J 267 -0.95 -11.45 17.02
N PHE J 268 0.25 -10.93 17.36
CA PHE J 268 0.51 -9.51 17.39
C PHE J 268 0.38 -8.81 16.03
N ILE J 269 0.74 -9.50 14.93
CA ILE J 269 0.56 -9.02 13.57
C ILE J 269 -0.81 -9.38 13.08
N GLY J 270 -1.46 -10.33 13.71
CA GLY J 270 -2.78 -10.80 13.38
C GLY J 270 -2.78 -11.93 12.42
N MET J 271 -1.66 -12.48 12.09
CA MET J 271 -1.54 -13.61 11.21
C MET J 271 -1.74 -14.93 11.93
N GLU J 272 -2.31 -15.92 11.23
CA GLU J 272 -2.75 -17.16 11.82
C GLU J 272 -1.65 -18.12 12.22
N SER J 273 -0.53 -18.09 11.50
CA SER J 273 0.65 -18.91 11.72
C SER J 273 1.19 -19.00 13.13
N ALA J 274 1.80 -20.12 13.48
CA ALA J 274 2.27 -20.39 14.82
C ALA J 274 3.74 -20.01 15.00
N GLY J 275 4.17 -19.78 16.26
CA GLY J 275 5.51 -19.29 16.57
C GLY J 275 6.61 -20.30 16.35
N ILE J 276 7.86 -19.82 16.30
CA ILE J 276 9.05 -20.64 16.11
C ILE J 276 9.18 -21.79 17.10
N HIS J 277 8.86 -21.54 18.38
CA HIS J 277 8.50 -22.52 19.39
C HIS J 277 7.75 -23.75 18.87
N GLU J 278 6.56 -23.54 18.30
CA GLU J 278 5.70 -24.62 17.92
C GLU J 278 6.06 -25.20 16.57
N THR J 279 6.59 -24.40 15.62
CA THR J 279 6.98 -24.96 14.32
C THR J 279 8.20 -25.84 14.45
N THR J 280 9.08 -25.53 15.42
CA THR J 280 10.18 -26.40 15.80
C THR J 280 9.66 -27.72 16.32
N TYR J 281 8.77 -27.71 17.32
CA TYR J 281 8.18 -28.93 17.85
C TYR J 281 7.41 -29.75 16.81
N ASN J 282 6.51 -29.11 16.04
CA ASN J 282 5.70 -29.81 15.08
C ASN J 282 6.46 -30.38 13.89
N SER J 283 7.64 -29.85 13.55
CA SER J 283 8.48 -30.45 12.53
C SER J 283 9.23 -31.65 13.06
N ILE J 284 9.67 -31.60 14.34
CA ILE J 284 10.31 -32.73 15.01
C ILE J 284 9.33 -33.86 15.14
N MET J 285 8.09 -33.57 15.57
CA MET J 285 7.05 -34.57 15.65
C MET J 285 6.41 -34.91 14.30
N LYS J 286 7.04 -34.59 13.17
CA LYS J 286 6.70 -35.15 11.88
C LYS J 286 7.83 -36.04 11.39
N CYS J 287 8.86 -36.27 12.21
CA CYS J 287 9.94 -37.19 11.90
C CYS J 287 9.81 -38.49 12.66
N ASP J 288 10.41 -39.57 12.14
CA ASP J 288 10.43 -40.90 12.72
C ASP J 288 11.00 -40.95 14.13
N ILE J 289 10.51 -41.89 14.97
CA ILE J 289 10.71 -41.89 16.42
C ILE J 289 12.17 -41.92 16.83
N ASP J 290 13.00 -42.78 16.24
CA ASP J 290 14.40 -42.89 16.61
C ASP J 290 15.18 -41.62 16.31
N ILE J 291 14.81 -40.89 15.24
CA ILE J 291 15.55 -39.72 14.81
C ILE J 291 15.28 -38.51 15.73
N ARG J 292 14.09 -38.47 16.38
CA ARG J 292 13.67 -37.33 17.20
C ARG J 292 14.64 -37.02 18.31
N LYS J 293 15.26 -38.08 18.86
CA LYS J 293 16.27 -38.04 19.88
C LYS J 293 17.45 -37.12 19.58
N ASP J 294 17.89 -37.01 18.31
CA ASP J 294 19.08 -36.25 17.99
C ASP J 294 18.72 -34.96 17.29
N LEU J 295 17.43 -34.72 16.98
CA LEU J 295 17.00 -33.41 16.53
C LEU J 295 16.97 -32.44 17.70
N TYR J 296 16.52 -32.91 18.88
CA TYR J 296 16.76 -32.22 20.14
C TYR J 296 18.24 -32.15 20.45
N ALA J 297 18.76 -30.95 20.72
CA ALA J 297 20.14 -30.65 21.07
C ALA J 297 21.02 -30.42 19.86
N ASN J 298 20.43 -30.30 18.68
CA ASN J 298 21.08 -29.89 17.45
C ASN J 298 20.17 -28.87 16.79
N ASN J 299 19.45 -28.10 17.62
CA ASN J 299 18.66 -26.97 17.20
C ASN J 299 19.56 -25.79 16.90
N VAL J 300 19.90 -25.54 15.62
CA VAL J 300 20.85 -24.50 15.25
C VAL J 300 20.21 -23.31 14.55
N MET J 301 20.28 -22.14 15.20
CA MET J 301 19.74 -20.91 14.66
C MET J 301 20.71 -20.29 13.68
N SER J 302 20.21 -19.57 12.67
CA SER J 302 21.07 -18.94 11.69
C SER J 302 20.34 -17.75 11.14
N GLY J 303 21.01 -16.92 10.33
CA GLY J 303 20.47 -15.67 9.81
C GLY J 303 20.51 -14.55 10.81
N GLY J 304 20.73 -13.32 10.30
CA GLY J 304 20.87 -12.08 11.06
C GLY J 304 19.69 -11.69 11.88
N THR J 305 18.47 -12.11 11.49
CA THR J 305 17.28 -11.76 12.24
C THR J 305 17.14 -12.59 13.50
N THR J 306 18.04 -13.56 13.76
CA THR J 306 18.10 -14.25 15.03
C THR J 306 19.10 -13.66 15.98
N MET J 307 19.66 -12.47 15.69
CA MET J 307 20.68 -11.87 16.55
C MET J 307 20.17 -11.03 17.69
N TYR J 308 18.87 -11.12 18.04
CA TYR J 308 18.37 -10.49 19.24
C TYR J 308 18.93 -11.09 20.53
N PRO J 309 19.24 -10.35 21.58
CA PRO J 309 19.76 -10.90 22.81
C PRO J 309 18.81 -11.76 23.54
N GLY J 310 18.02 -12.10 23.87
CA GLY J 310 17.10 -12.95 24.60
C GLY J 310 16.79 -14.24 23.91
N ILE J 311 17.26 -14.40 22.67
CA ILE J 311 17.27 -15.66 21.99
C ILE J 311 18.71 -16.10 22.08
N ALA J 312 19.00 -17.37 22.43
CA ALA J 312 18.12 -18.51 22.40
C ALA J 312 17.50 -18.89 23.73
N ASP J 313 17.69 -18.12 24.82
CA ASP J 313 17.31 -18.67 26.11
C ASP J 313 15.82 -18.52 26.40
N ARG J 314 15.11 -17.64 25.66
CA ARG J 314 13.67 -17.68 25.53
C ARG J 314 13.20 -18.94 24.83
N MET J 315 13.71 -19.19 23.60
CA MET J 315 13.46 -20.39 22.82
C MET J 315 13.69 -21.68 23.59
N GLN J 316 14.79 -21.73 24.37
CA GLN J 316 15.17 -22.83 25.23
C GLN J 316 14.10 -23.10 26.26
N LYS J 317 13.80 -22.12 27.13
CA LYS J 317 12.74 -22.23 28.12
C LYS J 317 11.37 -22.64 27.59
N GLU J 318 10.96 -22.13 26.40
CA GLU J 318 9.70 -22.49 25.80
C GLU J 318 9.67 -23.89 25.24
N ILE J 319 10.75 -24.33 24.55
CA ILE J 319 10.81 -25.68 24.00
C ILE J 319 10.85 -26.69 25.11
N THR J 320 11.68 -26.48 26.15
CA THR J 320 11.79 -27.36 27.30
C THR J 320 10.47 -27.59 28.03
N ALA J 321 9.55 -26.61 27.99
CA ALA J 321 8.23 -26.75 28.55
C ALA J 321 7.29 -27.61 27.74
N LEU J 322 7.42 -27.63 26.40
CA LEU J 322 6.55 -28.38 25.54
C LEU J 322 7.08 -29.76 25.22
N ALA J 323 8.41 -29.89 25.11
CA ALA J 323 9.09 -31.14 24.87
C ALA J 323 8.92 -32.17 26.00
N PRO J 324 8.93 -33.48 25.74
CA PRO J 324 8.96 -34.53 26.76
C PRO J 324 9.93 -34.33 27.91
N SER J 325 9.54 -34.72 29.13
CA SER J 325 10.36 -34.59 30.32
C SER J 325 11.61 -35.43 30.28
N THR J 326 12.72 -34.90 30.79
CA THR J 326 14.02 -35.54 30.94
C THR J 326 14.77 -35.71 29.64
N MET J 327 14.43 -34.99 28.61
CA MET J 327 15.09 -34.96 27.34
C MET J 327 16.14 -33.87 27.32
N LYS J 328 17.33 -34.14 26.79
CA LYS J 328 18.39 -33.16 26.74
C LYS J 328 18.23 -32.19 25.58
N ILE J 329 18.10 -30.89 25.87
CA ILE J 329 17.86 -29.88 24.85
C ILE J 329 18.90 -28.81 25.00
N LYS J 330 19.68 -28.59 23.96
CA LYS J 330 20.64 -27.51 23.87
C LYS J 330 20.41 -26.80 22.55
N ILE J 331 20.39 -25.48 22.56
CA ILE J 331 20.12 -24.69 21.38
C ILE J 331 21.41 -23.99 21.00
N ILE J 332 21.83 -24.18 19.75
CA ILE J 332 23.15 -23.81 19.29
C ILE J 332 23.03 -22.48 18.58
N ALA J 333 23.65 -21.45 19.13
CA ALA J 333 23.60 -20.12 18.58
C ALA J 333 24.94 -19.43 18.69
N PRO J 334 25.84 -19.53 17.77
CA PRO J 334 27.13 -18.92 17.86
C PRO J 334 27.04 -17.46 17.49
N PRO J 335 27.96 -16.60 17.84
CA PRO J 335 28.24 -15.37 17.13
C PRO J 335 28.26 -15.46 15.63
N GLU J 336 28.09 -14.34 14.96
CA GLU J 336 28.24 -14.14 13.56
C GLU J 336 27.26 -14.79 12.64
N ARG J 337 26.05 -15.07 13.13
CA ARG J 337 25.05 -15.81 12.39
C ARG J 337 24.72 -15.26 11.01
N LYS J 338 24.83 -13.95 10.82
CA LYS J 338 24.67 -13.27 9.54
C LYS J 338 25.67 -13.73 8.49
N TYR J 339 26.85 -14.24 8.87
CA TYR J 339 27.85 -14.66 7.91
C TYR J 339 28.00 -16.15 7.92
N SER J 340 27.11 -16.86 8.66
CA SER J 340 27.06 -18.31 8.79
C SER J 340 27.01 -18.98 7.44
N VAL J 341 26.02 -18.58 6.63
CA VAL J 341 25.82 -19.03 5.26
C VAL J 341 27.08 -18.94 4.41
N TRP J 342 27.81 -17.80 4.46
CA TRP J 342 29.01 -17.59 3.68
C TRP J 342 30.13 -18.52 4.12
N ILE J 343 30.33 -18.68 5.45
CA ILE J 343 31.34 -19.60 5.96
C ILE J 343 31.00 -21.05 5.64
N GLY J 344 29.70 -21.37 5.49
CA GLY J 344 29.22 -22.65 5.00
C GLY J 344 29.64 -22.89 3.58
N GLY J 345 29.26 -21.98 2.67
CA GLY J 345 29.56 -22.04 1.25
C GLY J 345 31.02 -22.17 0.97
N SER J 346 31.84 -21.41 1.72
CA SER J 346 33.28 -21.44 1.63
C SER J 346 33.88 -22.81 1.86
N ILE J 347 33.41 -23.53 2.89
CA ILE J 347 33.85 -24.89 3.18
C ILE J 347 33.48 -25.84 2.06
N LEU J 348 32.30 -25.66 1.46
CA LEU J 348 31.74 -26.54 0.46
C LEU J 348 32.55 -26.48 -0.80
N ALA J 349 32.67 -25.28 -1.40
CA ALA J 349 33.32 -25.07 -2.66
C ALA J 349 34.82 -25.38 -2.67
N SER J 350 35.45 -25.49 -1.51
CA SER J 350 36.85 -25.88 -1.41
C SER J 350 37.05 -27.38 -1.46
N LEU J 351 36.08 -28.17 -0.99
CA LEU J 351 36.17 -29.61 -0.97
C LEU J 351 36.26 -30.31 -2.31
N SER J 352 37.13 -31.32 -2.40
CA SER J 352 36.96 -32.40 -3.35
C SER J 352 35.88 -33.33 -2.83
N THR J 353 35.01 -33.91 -3.65
CA THR J 353 34.97 -33.95 -5.10
C THR J 353 33.96 -32.98 -5.67
N PHE J 354 33.46 -32.04 -4.88
CA PHE J 354 32.38 -31.18 -5.28
C PHE J 354 32.68 -30.25 -6.45
N GLN J 355 33.90 -30.20 -6.87
CA GLN J 355 34.28 -29.65 -8.13
C GLN J 355 33.59 -30.26 -9.30
N GLN J 356 33.32 -31.54 -9.21
CA GLN J 356 32.67 -32.25 -10.23
C GLN J 356 31.21 -32.33 -9.99
N MET J 357 30.69 -31.61 -9.04
CA MET J 357 29.28 -31.46 -8.86
C MET J 357 28.78 -30.19 -9.45
N TRP J 358 29.64 -29.22 -9.74
CA TRP J 358 29.28 -28.02 -10.44
C TRP J 358 28.74 -28.27 -11.83
N ILE J 359 27.73 -27.51 -12.25
CA ILE J 359 27.18 -27.55 -13.59
C ILE J 359 28.02 -26.70 -14.50
N THR J 360 28.76 -27.30 -15.43
CA THR J 360 29.64 -26.55 -16.32
C THR J 360 28.93 -26.13 -17.59
N LYS J 361 29.46 -25.09 -18.26
CA LYS J 361 28.83 -24.42 -19.39
C LYS J 361 28.49 -25.31 -20.56
N GLN J 362 29.41 -26.19 -21.00
CA GLN J 362 29.13 -27.10 -22.10
C GLN J 362 28.00 -28.08 -21.79
N GLU J 363 27.97 -28.60 -20.56
CA GLU J 363 26.94 -29.50 -20.11
C GLU J 363 25.60 -28.80 -20.02
N TYR J 364 25.58 -27.55 -19.50
CA TYR J 364 24.41 -26.70 -19.48
C TYR J 364 23.89 -26.37 -20.87
N ASP J 365 24.78 -26.05 -21.82
CA ASP J 365 24.41 -25.75 -23.19
C ASP J 365 23.72 -26.93 -23.85
N GLU J 366 24.24 -28.16 -23.65
CA GLU J 366 23.59 -29.35 -24.16
C GLU J 366 22.27 -29.65 -23.46
N ALA J 367 22.25 -29.61 -22.12
CA ALA J 367 21.12 -30.00 -21.33
C ALA J 367 19.95 -29.03 -21.30
N GLY J 368 20.23 -27.73 -21.17
CA GLY J 368 19.22 -26.70 -21.02
C GLY J 368 18.71 -26.63 -19.60
N PRO J 369 17.68 -25.88 -19.32
CA PRO J 369 17.15 -25.67 -17.98
C PRO J 369 16.74 -26.91 -17.21
N SER J 370 16.52 -28.03 -17.86
CA SER J 370 16.20 -29.28 -17.22
C SER J 370 17.26 -29.92 -16.37
N ILE J 371 18.52 -29.51 -16.49
CA ILE J 371 19.58 -29.99 -15.63
C ILE J 371 19.45 -29.57 -14.20
N VAL J 372 18.80 -28.69 -13.82
CA VAL J 372 18.66 -28.17 -12.50
C VAL J 372 18.15 -28.93 -11.47
N HIS J 373 17.54 -29.66 -11.54
CA HIS J 373 17.05 -30.44 -10.60
C HIS J 373 17.35 -31.42 -10.57
N THR K 7 -31.86 11.99 30.44
CA THR K 7 -31.59 12.22 29.87
C THR K 7 -30.96 11.88 28.60
N THR K 8 -31.10 12.53 27.58
CA THR K 8 -30.66 12.27 26.25
C THR K 8 -29.16 12.42 26.06
N ALA K 9 -28.50 11.36 25.59
CA ALA K 9 -27.10 11.36 25.25
C ALA K 9 -26.71 12.32 24.13
N LEU K 10 -25.46 12.81 24.15
CA LEU K 10 -24.99 13.82 23.22
C LEU K 10 -23.83 13.28 22.42
N VAL K 11 -23.95 13.25 21.08
CA VAL K 11 -22.87 12.89 20.17
C VAL K 11 -22.17 14.13 19.63
N CYS K 12 -20.90 14.28 20.02
CA CYS K 12 -20.06 15.41 19.74
C CYS K 12 -18.86 14.87 19.01
N ASP K 13 -18.69 15.29 17.76
CA ASP K 13 -17.69 14.76 16.86
C ASP K 13 -16.53 15.73 16.79
N ASN K 14 -15.35 15.22 17.17
CA ASN K 14 -14.06 15.85 17.05
C ASN K 14 -13.61 15.87 15.61
N GLY K 15 -14.31 16.64 14.78
CA GLY K 15 -13.91 17.00 13.45
C GLY K 15 -12.55 17.58 13.32
N SER K 16 -11.98 17.41 12.14
CA SER K 16 -10.78 18.00 11.63
C SER K 16 -11.11 19.32 11.01
N GLY K 17 -12.37 19.46 10.56
CA GLY K 17 -12.94 20.60 9.91
C GLY K 17 -13.35 21.74 10.80
N LEU K 18 -14.61 22.01 11.16
CA LEU K 18 -15.87 21.30 11.09
C LEU K 18 -16.08 20.32 12.22
N VAL K 19 -16.09 20.84 13.47
CA VAL K 19 -16.59 20.10 14.62
C VAL K 19 -18.10 20.02 14.54
N LYS K 20 -18.68 18.83 14.81
CA LYS K 20 -20.10 18.58 14.63
C LYS K 20 -20.73 18.17 15.95
N ALA K 21 -21.89 18.74 16.32
CA ALA K 21 -22.55 18.42 17.57
C ALA K 21 -24.06 18.34 17.49
N GLY K 22 -24.67 17.32 18.13
CA GLY K 22 -26.12 17.16 18.13
C GLY K 22 -26.49 16.02 19.02
N PHE K 23 -27.67 16.06 19.68
CA PHE K 23 -28.08 15.01 20.60
C PHE K 23 -28.32 13.68 19.89
N ALA K 24 -28.48 12.57 20.63
CA ALA K 24 -28.66 11.28 20.03
C ALA K 24 -30.02 11.09 19.38
N GLY K 25 -30.04 11.03 18.04
CA GLY K 25 -31.23 10.93 17.22
C GLY K 25 -31.97 12.19 16.99
N ASP K 26 -32.74 12.34 15.93
CA ASP K 26 -33.05 11.38 14.90
C ASP K 26 -33.03 12.01 13.54
N ASP K 27 -32.53 13.21 13.42
CA ASP K 27 -32.61 13.99 12.23
C ASP K 27 -31.25 14.44 11.70
N ALA K 28 -30.67 15.53 12.21
CA ALA K 28 -29.46 16.14 11.70
C ALA K 28 -28.70 16.81 12.83
N PRO K 29 -27.42 17.19 12.71
CA PRO K 29 -26.71 17.89 13.77
C PRO K 29 -27.28 19.25 14.07
N ARG K 30 -27.17 19.73 15.28
CA ARG K 30 -27.64 21.03 15.66
C ARG K 30 -26.60 22.10 15.45
N ALA K 31 -25.31 21.78 15.62
CA ALA K 31 -24.25 22.75 15.53
C ALA K 31 -23.09 22.20 14.71
N VAL K 32 -22.65 22.97 13.72
CA VAL K 32 -21.50 22.66 12.90
C VAL K 32 -20.74 23.95 12.80
N PHE K 33 -19.41 23.98 13.00
CA PHE K 33 -18.68 25.22 12.92
C PHE K 33 -17.21 24.99 12.61
N PRO K 34 -16.46 25.94 12.04
CA PRO K 34 -15.16 25.70 11.49
C PRO K 34 -14.10 25.58 12.51
N SER K 35 -13.85 25.11 13.37
CA SER K 35 -12.88 24.85 14.41
C SER K 35 -11.92 25.95 14.76
N ILE K 36 -11.68 26.91 14.03
CA ILE K 36 -10.80 28.04 14.21
C ILE K 36 -10.94 28.84 15.49
N VAL K 37 -9.80 29.11 16.15
CA VAL K 37 -9.66 30.13 17.18
C VAL K 37 -8.73 31.20 16.64
N GLY K 38 -9.00 32.49 16.91
CA GLY K 38 -8.21 33.58 16.37
C GLY K 38 -8.03 34.72 17.33
N ARG K 39 -6.78 35.06 17.66
CA ARG K 39 -6.47 36.20 18.49
C ARG K 39 -6.37 37.46 17.63
N PRO K 40 -6.61 38.66 18.16
CA PRO K 40 -6.61 39.90 17.39
C PRO K 40 -5.22 40.45 17.14
N ARG K 41 -4.81 40.56 15.88
CA ARG K 41 -3.47 40.97 15.51
C ARG K 41 -3.22 42.44 15.47
N HIS K 42 -4.20 43.29 15.71
CA HIS K 42 -4.04 44.72 15.68
C HIS K 42 -4.52 45.33 16.97
N GLN K 43 -4.07 46.54 17.30
CA GLN K 43 -4.48 47.27 18.48
C GLN K 43 -5.82 47.96 18.36
N GLY K 44 -6.65 47.88 19.41
CA GLY K 44 -7.97 48.46 19.44
C GLY K 44 -7.95 49.89 19.86
N VAL K 45 -8.83 50.71 19.30
CA VAL K 45 -8.86 52.12 19.58
C VAL K 45 -10.24 52.56 19.95
N MET K 46 -11.22 51.68 20.00
CA MET K 46 -12.57 51.99 20.35
C MET K 46 -12.88 52.22 21.75
N VAL K 47 -12.84 52.12 22.55
CA VAL K 47 -13.05 52.32 23.91
C VAL K 47 -14.26 51.69 24.39
N GLY K 48 -14.69 50.84 24.44
CA GLY K 48 -15.79 50.07 24.97
C GLY K 48 -15.46 49.23 26.07
N MET K 49 -14.65 48.31 25.95
CA MET K 49 -13.97 47.95 24.86
C MET K 49 -14.56 46.97 23.97
N GLY K 50 -15.25 46.04 24.48
CA GLY K 50 -16.10 45.22 23.76
C GLY K 50 -15.49 44.09 22.98
N GLN K 51 -14.24 43.85 23.05
CA GLN K 51 -13.54 42.86 22.26
C GLN K 51 -13.22 41.62 23.07
N LYS K 52 -13.32 40.45 22.45
CA LYS K 52 -13.03 39.17 23.09
C LYS K 52 -11.56 38.86 23.06
N ASP K 53 -11.08 38.05 24.02
CA ASP K 53 -9.69 37.62 24.09
C ASP K 53 -9.32 36.70 22.95
N SER K 54 -10.19 35.73 22.66
CA SER K 54 -10.05 34.89 21.51
C SER K 54 -11.43 34.65 20.95
N TYR K 55 -11.61 34.90 19.65
CA TYR K 55 -12.85 34.63 18.96
C TYR K 55 -12.81 33.21 18.47
N VAL K 56 -13.85 32.41 18.75
CA VAL K 56 -14.00 31.11 18.11
C VAL K 56 -14.82 31.29 16.86
N GLY K 57 -14.91 30.29 15.97
CA GLY K 57 -15.93 30.23 14.93
C GLY K 57 -17.31 30.06 15.54
N ASP K 58 -18.40 30.59 14.97
CA ASP K 58 -18.56 31.33 13.75
C ASP K 58 -18.04 32.76 13.80
N GLU K 59 -17.95 33.40 14.97
CA GLU K 59 -17.55 34.79 15.10
C GLU K 59 -16.18 35.13 14.52
N ALA K 60 -15.22 34.18 14.55
CA ALA K 60 -13.94 34.33 13.89
C ALA K 60 -13.96 34.16 12.38
N GLN K 61 -15.10 33.81 11.79
CA GLN K 61 -15.24 33.72 10.35
C GLN K 61 -16.03 34.89 9.86
N SER K 62 -16.63 35.66 10.79
CA SER K 62 -17.24 36.93 10.49
C SER K 62 -16.29 38.06 10.72
N LYS K 63 -15.22 37.87 11.48
CA LYS K 63 -14.24 38.88 11.82
C LYS K 63 -12.91 38.59 11.20
N ARG K 64 -12.88 38.03 10.00
CA ARG K 64 -11.66 37.83 9.24
C ARG K 64 -10.87 39.11 8.96
N GLY K 65 -9.54 38.97 8.89
CA GLY K 65 -8.64 40.04 8.51
C GLY K 65 -8.15 40.89 9.65
N ILE K 66 -8.70 40.73 10.84
CA ILE K 66 -8.23 41.46 12.00
C ILE K 66 -7.76 40.49 13.07
N LEU K 67 -7.76 39.19 12.73
CA LEU K 67 -7.37 38.12 13.62
C LEU K 67 -6.36 37.26 12.90
N THR K 68 -5.72 36.32 13.63
CA THR K 68 -4.85 35.30 13.05
C THR K 68 -5.39 33.94 13.35
N LEU K 69 -6.13 33.36 12.38
CA LEU K 69 -6.80 32.08 12.53
C LEU K 69 -5.86 30.89 12.75
N LYS K 70 -6.14 30.09 13.79
CA LYS K 70 -5.35 28.92 14.12
C LYS K 70 -6.27 27.74 14.31
N TYR K 71 -6.24 26.74 13.40
CA TYR K 71 -7.01 25.52 13.54
C TYR K 71 -6.49 24.74 14.75
N PRO K 72 -7.26 24.29 15.72
CA PRO K 72 -6.71 23.71 16.93
C PRO K 72 -6.30 22.27 16.76
N ILE K 73 -6.72 21.62 15.68
CA ILE K 73 -6.36 20.27 15.36
C ILE K 73 -5.70 20.27 14.00
N GLU K 74 -4.47 19.76 13.92
CA GLU K 74 -3.65 19.85 12.75
C GLU K 74 -2.87 18.58 12.64
N HIS K 75 -2.85 17.94 11.46
CA HIS K 75 -2.27 16.63 11.22
C HIS K 75 -2.85 15.57 12.12
N GLY K 76 -4.15 15.69 12.43
CA GLY K 76 -4.89 14.72 13.21
C GLY K 76 -4.62 14.76 14.68
N ILE K 77 -3.89 15.75 15.19
CA ILE K 77 -3.62 15.84 16.60
C ILE K 77 -3.82 17.27 17.09
N ILE K 78 -4.35 17.42 18.31
CA ILE K 78 -4.66 18.68 18.94
C ILE K 78 -3.43 19.48 19.32
N THR K 79 -3.45 20.81 19.06
CA THR K 79 -2.32 21.70 19.30
C THR K 79 -2.02 21.90 20.78
N ASN K 80 -3.05 22.15 21.60
CA ASN K 80 -2.94 22.24 23.03
C ASN K 80 -4.34 22.12 23.58
N TRP K 81 -4.50 21.64 24.82
CA TRP K 81 -5.82 21.50 25.38
C TRP K 81 -6.35 22.80 25.97
N ASP K 82 -5.54 23.87 26.03
CA ASP K 82 -5.99 25.18 26.44
C ASP K 82 -6.98 25.80 25.46
N ASP K 83 -6.73 25.63 24.15
CA ASP K 83 -7.61 26.09 23.11
C ASP K 83 -8.72 25.09 22.89
N MET K 84 -8.42 23.78 22.96
CA MET K 84 -9.40 22.72 22.82
C MET K 84 -10.53 22.83 23.84
N GLU K 85 -10.20 23.10 25.12
CA GLU K 85 -11.18 23.34 26.17
C GLU K 85 -12.11 24.52 25.84
N LYS K 86 -11.59 25.56 25.16
CA LYS K 86 -12.42 26.69 24.75
C LYS K 86 -13.38 26.30 23.65
N ILE K 87 -12.94 25.47 22.67
CA ILE K 87 -13.81 24.83 21.69
C ILE K 87 -14.97 24.10 22.35
N TRP K 88 -14.66 23.20 23.31
CA TRP K 88 -15.64 22.43 24.05
C TRP K 88 -16.63 23.31 24.80
N HIS K 89 -16.12 24.25 25.63
CA HIS K 89 -16.89 25.21 26.40
C HIS K 89 -17.85 26.02 25.56
N HIS K 90 -17.36 26.59 24.43
CA HIS K 90 -18.16 27.30 23.44
C HIS K 90 -19.27 26.44 22.87
N THR K 91 -18.93 25.21 22.48
CA THR K 91 -19.86 24.26 21.88
C THR K 91 -21.00 23.88 22.78
N PHE K 92 -20.69 23.39 24.00
CA PHE K 92 -21.73 22.98 24.93
C PHE K 92 -22.59 24.12 25.40
N TYR K 93 -21.96 25.23 25.80
CA TYR K 93 -22.70 26.31 26.40
C TYR K 93 -23.38 27.26 25.42
N ASN K 94 -22.68 27.77 24.39
CA ASN K 94 -23.25 28.84 23.59
C ASN K 94 -23.77 28.38 22.24
N GLU K 95 -23.79 27.08 21.99
CA GLU K 95 -24.41 26.53 20.80
C GLU K 95 -25.45 25.56 21.25
N LEU K 96 -25.12 24.49 21.93
CA LEU K 96 -26.05 23.44 22.32
C LEU K 96 -26.94 23.82 23.50
N ARG K 97 -26.48 24.72 24.38
CA ARG K 97 -27.21 25.19 25.55
C ARG K 97 -27.49 24.06 26.53
N VAL K 98 -26.46 23.26 26.86
CA VAL K 98 -26.62 22.12 27.74
C VAL K 98 -25.43 21.99 28.66
N ALA K 99 -25.66 21.55 29.90
CA ALA K 99 -24.65 21.26 30.87
C ALA K 99 -24.14 19.82 30.73
N PRO K 100 -22.86 19.51 30.68
CA PRO K 100 -22.36 18.14 30.58
C PRO K 100 -22.75 17.22 31.70
N GLU K 101 -23.09 17.73 32.88
CA GLU K 101 -23.52 16.90 33.98
C GLU K 101 -24.89 16.29 33.73
N GLU K 102 -25.67 16.83 32.77
CA GLU K 102 -26.95 16.35 32.37
C GLU K 102 -26.95 15.17 31.46
N HIS K 103 -25.91 14.88 30.70
CA HIS K 103 -25.97 13.88 29.66
C HIS K 103 -24.75 12.97 29.65
N PRO K 104 -24.84 11.66 29.46
CA PRO K 104 -23.72 10.88 28.94
C PRO K 104 -23.31 11.29 27.54
N THR K 105 -22.00 11.43 27.29
CA THR K 105 -21.54 11.93 25.99
C THR K 105 -20.90 10.81 25.19
N LEU K 106 -20.72 11.03 23.89
CA LEU K 106 -20.08 10.11 22.98
C LEU K 106 -19.14 10.96 22.19
N LEU K 107 -17.83 10.67 22.24
CA LEU K 107 -16.80 11.47 21.61
C LEU K 107 -16.17 10.64 20.51
N THR K 108 -15.55 11.28 19.52
CA THR K 108 -14.90 10.61 18.41
C THR K 108 -13.42 10.85 18.36
N GLU K 109 -12.66 9.97 17.66
CA GLU K 109 -11.24 10.14 17.47
C GLU K 109 -10.87 9.74 16.05
N ALA K 110 -9.58 9.80 15.69
CA ALA K 110 -9.06 9.38 14.42
C ALA K 110 -8.29 8.08 14.54
N PRO K 111 -8.39 7.14 13.63
CA PRO K 111 -7.67 5.89 13.69
C PRO K 111 -6.21 5.98 13.68
N LEU K 112 -5.32 5.59 14.10
CA LEU K 112 -3.91 5.61 14.17
C LEU K 112 -3.40 6.92 14.69
N ASN K 113 -3.84 7.32 15.83
CA ASN K 113 -3.47 8.52 16.51
C ASN K 113 -2.57 8.16 17.65
N PRO K 114 -1.49 8.83 17.89
CA PRO K 114 -0.56 8.48 18.92
C PRO K 114 -1.04 8.39 20.33
N LYS K 115 -0.53 7.44 21.09
CA LYS K 115 -0.70 7.34 22.51
C LYS K 115 0.25 8.30 23.16
N ALA K 116 -0.12 9.05 24.21
CA ALA K 116 -1.23 8.91 25.12
C ALA K 116 -2.26 9.99 24.90
N ASN K 117 -2.59 10.37 23.69
CA ASN K 117 -3.53 11.42 23.42
C ASN K 117 -5.00 11.06 23.52
N ARG K 118 -5.38 9.79 23.74
CA ARG K 118 -6.77 9.47 24.01
C ARG K 118 -7.00 9.49 25.51
N GLU K 119 -5.99 9.05 26.27
CA GLU K 119 -5.94 9.10 27.71
C GLU K 119 -6.04 10.52 28.21
N LYS K 120 -5.02 11.36 27.96
CA LYS K 120 -4.98 12.78 28.30
C LYS K 120 -6.25 13.55 27.96
N MET K 121 -6.86 13.30 26.79
CA MET K 121 -8.15 13.84 26.41
C MET K 121 -9.25 13.42 27.37
N THR K 122 -9.48 12.10 27.49
CA THR K 122 -10.48 11.50 28.39
C THR K 122 -10.35 11.97 29.82
N GLN K 123 -9.10 12.09 30.31
CA GLN K 123 -8.80 12.44 31.67
C GLN K 123 -9.11 13.90 31.92
N ILE K 124 -8.62 14.81 31.06
CA ILE K 124 -8.95 16.22 31.15
C ILE K 124 -10.44 16.49 31.02
N MET K 125 -11.14 15.86 30.06
CA MET K 125 -12.57 16.07 29.88
C MET K 125 -13.43 15.63 31.06
N PHE K 126 -13.01 14.60 31.80
CA PHE K 126 -13.74 14.15 32.96
C PHE K 126 -13.57 15.10 34.13
N GLU K 127 -12.36 15.68 34.32
CA GLU K 127 -12.13 16.58 35.43
C GLU K 127 -12.58 18.00 35.15
N THR K 128 -12.54 18.44 33.88
CA THR K 128 -12.96 19.78 33.50
C THR K 128 -14.45 19.89 33.37
N PHE K 129 -15.11 19.00 32.62
CA PHE K 129 -16.51 19.16 32.30
C PHE K 129 -17.41 18.28 33.14
N ASN K 130 -16.87 17.25 33.84
CA ASN K 130 -17.58 16.51 34.87
C ASN K 130 -18.77 15.73 34.33
N VAL K 131 -18.64 15.23 33.09
CA VAL K 131 -19.57 14.34 32.44
C VAL K 131 -19.83 13.04 33.20
N PRO K 132 -21.01 12.44 33.24
CA PRO K 132 -21.25 11.29 34.10
C PRO K 132 -20.74 10.01 33.47
N ALA K 133 -20.65 9.96 32.13
CA ALA K 133 -20.07 8.84 31.44
C ALA K 133 -19.69 9.25 30.03
N MET K 134 -18.77 8.50 29.41
CA MET K 134 -18.20 8.85 28.13
C MET K 134 -17.71 7.62 27.40
N TYR K 135 -17.50 7.72 26.08
CA TYR K 135 -16.81 6.69 25.33
C TYR K 135 -16.24 7.39 24.11
N VAL K 136 -15.15 6.84 23.54
CA VAL K 136 -14.49 7.44 22.40
C VAL K 136 -14.45 6.45 21.26
N ALA K 137 -15.17 6.73 20.17
CA ALA K 137 -15.21 5.89 18.98
C ALA K 137 -14.42 6.47 17.81
N ILE K 138 -13.70 5.65 17.01
CA ILE K 138 -13.03 6.18 15.84
C ILE K 138 -14.04 6.54 14.74
N GLN K 139 -13.83 7.66 14.00
CA GLN K 139 -14.82 8.22 13.09
C GLN K 139 -15.15 7.27 11.93
N ALA K 140 -14.17 6.43 11.53
CA ALA K 140 -14.35 5.51 10.44
C ALA K 140 -15.35 4.41 10.73
N VAL K 141 -15.27 3.73 11.90
CA VAL K 141 -16.21 2.68 12.30
C VAL K 141 -17.66 3.15 12.28
N LEU K 142 -17.91 4.38 12.73
CA LEU K 142 -19.24 4.95 12.77
C LEU K 142 -19.89 5.08 11.40
N SER K 143 -19.09 5.25 10.33
CA SER K 143 -19.64 5.38 8.99
C SER K 143 -20.21 4.08 8.45
N LEU K 144 -19.93 2.92 9.07
CA LEU K 144 -20.58 1.67 8.70
C LEU K 144 -22.05 1.68 9.03
N TYR K 145 -22.38 2.14 10.25
CA TYR K 145 -23.73 2.22 10.75
C TYR K 145 -24.56 3.20 9.96
N ALA K 146 -23.97 4.35 9.61
CA ALA K 146 -24.59 5.39 8.82
C ALA K 146 -25.04 4.91 7.45
N SER K 147 -24.26 4.05 6.82
CA SER K 147 -24.58 3.49 5.54
C SER K 147 -25.31 2.18 5.63
N GLY K 148 -25.52 1.66 6.84
CA GLY K 148 -26.28 0.45 7.09
C GLY K 148 -25.59 -0.78 6.59
N ARG K 149 -24.27 -0.78 6.60
CA ARG K 149 -23.44 -1.88 6.17
C ARG K 149 -22.80 -2.57 7.32
N THR K 150 -22.25 -3.77 7.09
CA THR K 150 -21.58 -4.54 8.10
C THR K 150 -20.25 -5.10 7.61
N THR K 151 -19.83 -4.69 6.42
CA THR K 151 -18.63 -5.14 5.74
C THR K 151 -18.19 -3.94 4.92
N GLY K 152 -16.89 -3.80 4.61
CA GLY K 152 -16.40 -2.73 3.74
C GLY K 152 -15.24 -1.95 4.26
N ILE K 153 -14.56 -1.25 3.35
CA ILE K 153 -13.46 -0.36 3.69
C ILE K 153 -13.98 1.05 3.88
N VAL K 154 -13.73 1.61 5.08
CA VAL K 154 -14.20 2.91 5.54
C VAL K 154 -13.15 4.01 5.48
N LEU K 155 -13.51 5.12 4.83
CA LEU K 155 -12.72 6.31 4.56
C LEU K 155 -13.01 7.57 5.40
N ASP K 156 -12.24 7.95 6.46
CA ASP K 156 -12.52 9.19 7.20
C ASP K 156 -11.51 10.13 6.60
N SER K 157 -12.02 11.06 5.77
CA SER K 157 -11.19 12.00 5.06
C SER K 157 -11.65 13.40 5.41
N GLY K 158 -10.87 14.10 6.24
CA GLY K 158 -11.07 15.50 6.57
C GLY K 158 -9.80 16.26 6.43
N ASP K 159 -9.86 17.59 6.37
CA ASP K 159 -8.69 18.44 6.43
C ASP K 159 -7.86 18.24 7.71
N GLY K 160 -6.62 17.70 7.73
CA GLY K 160 -5.84 17.11 6.66
C GLY K 160 -5.29 15.73 6.88
N VAL K 161 -6.13 14.78 7.30
CA VAL K 161 -5.75 13.38 7.43
C VAL K 161 -6.83 12.48 6.88
N THR K 162 -6.50 11.64 5.88
CA THR K 162 -7.40 10.61 5.37
C THR K 162 -7.06 9.26 5.98
N HIS K 163 -7.99 8.29 5.98
CA HIS K 163 -7.71 6.97 6.49
C HIS K 163 -8.42 5.92 5.69
N ASN K 164 -7.88 4.69 5.66
CA ASN K 164 -8.41 3.55 4.93
C ASN K 164 -8.50 2.34 5.85
N VAL K 165 -9.67 2.06 6.47
CA VAL K 165 -9.81 0.97 7.43
C VAL K 165 -10.69 -0.16 6.87
N PRO K 166 -10.23 -1.40 6.68
CA PRO K 166 -11.09 -2.49 6.23
C PRO K 166 -11.80 -3.22 7.37
N ILE K 167 -13.13 -3.42 7.27
CA ILE K 167 -13.95 -4.11 8.25
C ILE K 167 -14.73 -5.24 7.55
N TYR K 168 -14.76 -6.45 8.11
CA TYR K 168 -15.53 -7.57 7.61
C TYR K 168 -16.53 -8.02 8.64
N GLU K 169 -17.75 -8.31 8.34
CA GLU K 169 -18.83 -8.81 9.16
C GLU K 169 -18.49 -9.57 10.40
N GLY K 170 -18.34 -8.98 11.57
CA GLY K 170 -18.34 -7.60 11.91
C GLY K 170 -17.09 -7.30 12.68
N TYR K 171 -16.00 -7.80 12.26
CA TYR K 171 -14.69 -7.76 12.86
C TYR K 171 -13.75 -6.88 12.09
N ALA K 172 -12.82 -6.22 12.76
CA ALA K 172 -11.89 -5.33 12.14
C ALA K 172 -10.57 -6.03 11.87
N LEU K 173 -9.85 -5.66 10.81
CA LEU K 173 -8.61 -6.28 10.42
C LEU K 173 -7.43 -5.37 10.73
N PRO K 174 -6.68 -5.55 11.80
CA PRO K 174 -5.61 -4.63 12.20
C PRO K 174 -4.46 -4.58 11.24
N HIS K 175 -4.21 -5.64 10.48
CA HIS K 175 -3.01 -5.76 9.70
C HIS K 175 -3.05 -4.98 8.41
N ALA K 176 -4.17 -4.42 8.03
CA ALA K 176 -4.33 -3.70 6.79
C ALA K 176 -4.74 -2.25 6.95
N ILE K 177 -4.71 -1.67 8.16
CA ILE K 177 -5.12 -0.28 8.35
C ILE K 177 -4.11 0.73 7.84
N MET K 178 -4.53 1.64 6.95
CA MET K 178 -3.66 2.67 6.37
C MET K 178 -4.08 4.10 6.71
N ARG K 179 -3.14 4.92 7.22
CA ARG K 179 -3.37 6.33 7.50
C ARG K 179 -2.56 7.14 6.51
N LEU K 180 -3.20 7.95 5.66
CA LEU K 180 -2.50 8.85 4.77
C LEU K 180 -2.68 10.28 5.24
N ASP K 181 -1.59 11.03 5.42
CA ASP K 181 -1.66 12.45 5.67
C ASP K 181 -1.68 13.19 4.34
N LEU K 182 -2.56 13.05 3.55
CA LEU K 182 -2.64 13.58 2.22
C LEU K 182 -3.74 14.59 2.03
N ALA K 183 -4.95 14.28 2.22
CA ALA K 183 -6.05 15.14 2.01
C ALA K 183 -6.67 15.53 3.33
N GLY K 184 -7.22 16.75 3.52
CA GLY K 184 -7.45 17.80 2.54
C GLY K 184 -6.74 19.12 2.76
N ARG K 185 -6.15 19.40 3.93
CA ARG K 185 -5.52 20.69 4.19
C ARG K 185 -4.30 20.98 3.34
N ASP K 186 -3.59 19.94 2.89
CA ASP K 186 -2.50 20.06 1.97
C ASP K 186 -3.00 20.34 0.56
N LEU K 187 -4.25 19.95 0.25
CA LEU K 187 -4.90 20.33 -0.99
C LEU K 187 -5.23 21.81 -0.94
N THR K 188 -5.66 22.33 0.22
CA THR K 188 -5.85 23.76 0.44
C THR K 188 -4.55 24.52 0.20
N ASP K 189 -3.44 24.09 0.84
CA ASP K 189 -2.14 24.70 0.63
C ASP K 189 -1.64 24.61 -0.82
N TYR K 190 -1.88 23.48 -1.51
CA TYR K 190 -1.52 23.29 -2.90
C TYR K 190 -2.33 24.18 -3.82
N LEU K 191 -3.63 24.34 -3.58
CA LEU K 191 -4.46 25.27 -4.31
C LEU K 191 -3.97 26.70 -4.18
N MET K 192 -3.52 27.10 -2.98
CA MET K 192 -2.92 28.40 -2.78
C MET K 192 -1.62 28.57 -3.55
N LYS K 193 -0.86 27.48 -3.73
CA LYS K 193 0.37 27.52 -4.50
C LYS K 193 0.15 27.56 -5.99
N ILE K 194 -0.95 27.00 -6.52
CA ILE K 194 -1.19 27.08 -7.94
C ILE K 194 -2.17 28.18 -8.30
N LEU K 195 -2.72 28.90 -7.31
CA LEU K 195 -3.45 30.14 -7.59
C LEU K 195 -2.54 31.35 -7.62
N THR K 196 -1.39 31.28 -6.93
CA THR K 196 -0.35 32.30 -7.03
C THR K 196 0.25 32.34 -8.42
N GLU K 197 0.24 31.20 -9.11
CA GLU K 197 0.65 31.07 -10.48
C GLU K 197 -0.21 31.85 -11.45
N ARG K 198 -1.45 32.16 -11.08
CA ARG K 198 -2.33 33.02 -11.83
C ARG K 198 -2.39 34.42 -11.24
N GLY K 199 -1.51 34.74 -10.30
CA GLY K 199 -1.27 36.11 -9.88
C GLY K 199 -2.09 36.57 -8.73
N TYR K 200 -2.85 35.69 -8.09
CA TYR K 200 -3.66 36.06 -6.95
C TYR K 200 -2.98 35.67 -5.68
N SER K 201 -2.64 36.62 -4.85
CA SER K 201 -1.88 36.39 -3.65
C SER K 201 -2.66 36.27 -2.41
N PHE K 202 -2.91 35.21 -1.92
CA PHE K 202 -3.71 34.93 -0.76
C PHE K 202 -2.88 34.29 0.32
N VAL K 203 -1.81 34.81 0.72
CA VAL K 203 -0.83 34.20 1.59
C VAL K 203 -1.18 34.20 3.05
N THR K 204 -2.04 35.10 3.48
CA THR K 204 -2.35 35.33 4.88
C THR K 204 -3.33 34.33 5.42
N THR K 205 -3.31 34.14 6.74
CA THR K 205 -4.09 33.11 7.43
C THR K 205 -5.57 33.23 7.24
N ALA K 206 -6.13 34.44 7.40
CA ALA K 206 -7.53 34.69 7.15
C ALA K 206 -7.97 34.37 5.74
N GLU K 207 -7.19 34.84 4.77
CA GLU K 207 -7.43 34.68 3.37
C GLU K 207 -7.39 33.23 2.93
N ARG K 208 -6.66 32.37 3.67
CA ARG K 208 -6.63 30.94 3.44
C ARG K 208 -8.00 30.29 3.54
N GLU K 209 -8.90 30.79 4.40
CA GLU K 209 -10.28 30.32 4.46
C GLU K 209 -11.04 30.51 3.15
N ILE K 210 -10.82 31.64 2.45
CA ILE K 210 -11.41 31.92 1.14
C ILE K 210 -10.98 30.89 0.11
N VAL K 211 -9.69 30.48 0.16
CA VAL K 211 -9.14 29.41 -0.66
C VAL K 211 -9.87 28.11 -0.40
N ARG K 212 -10.13 27.78 0.88
CA ARG K 212 -10.89 26.62 1.29
C ARG K 212 -12.31 26.63 0.74
N ASP K 213 -12.95 27.80 0.69
CA ASP K 213 -14.28 27.95 0.16
C ASP K 213 -14.33 27.71 -1.35
N ILE K 214 -13.33 28.18 -2.13
CA ILE K 214 -13.25 27.87 -3.55
C ILE K 214 -12.81 26.44 -3.82
N LYS K 215 -12.16 25.78 -2.83
CA LYS K 215 -11.81 24.38 -2.90
C LYS K 215 -13.06 23.53 -2.82
N GLU K 216 -14.04 23.94 -2.00
CA GLU K 216 -15.36 23.35 -1.94
C GLU K 216 -16.10 23.52 -3.27
N LYS K 217 -16.42 24.77 -3.62
CA LYS K 217 -17.37 25.09 -4.66
C LYS K 217 -16.92 24.88 -6.09
N LEU K 218 -15.74 25.37 -6.50
CA LEU K 218 -15.42 25.43 -7.91
C LEU K 218 -14.64 24.26 -8.47
N CYS K 219 -13.94 23.47 -7.65
CA CYS K 219 -13.12 22.37 -8.13
C CYS K 219 -13.89 21.15 -8.62
N TYR K 220 -13.30 20.35 -9.54
CA TYR K 220 -13.93 19.14 -10.04
C TYR K 220 -12.88 18.09 -10.38
N VAL K 221 -13.23 16.84 -10.50
CA VAL K 221 -12.31 15.77 -10.84
C VAL K 221 -12.51 15.37 -12.28
N ALA K 222 -11.44 15.10 -13.01
CA ALA K 222 -11.47 14.68 -14.39
C ALA K 222 -11.83 13.21 -14.56
N LEU K 223 -12.26 12.80 -15.75
CA LEU K 223 -12.47 11.40 -16.07
C LEU K 223 -11.13 10.72 -16.31
N ASP K 224 -10.26 11.40 -17.07
CA ASP K 224 -8.90 11.04 -17.28
C ASP K 224 -8.09 12.32 -17.38
N PHE K 225 -6.99 12.44 -16.61
CA PHE K 225 -6.15 13.63 -16.52
C PHE K 225 -5.66 14.11 -17.88
N GLU K 226 -4.95 13.23 -18.62
CA GLU K 226 -4.38 13.49 -19.92
C GLU K 226 -5.38 14.02 -20.94
N ASN K 227 -6.63 13.51 -20.94
CA ASN K 227 -7.63 13.95 -21.87
C ASN K 227 -8.28 15.25 -21.42
N GLU K 228 -8.35 15.52 -20.11
CA GLU K 228 -8.83 16.81 -19.64
C GLU K 228 -7.81 17.90 -19.93
N MET K 229 -6.51 17.55 -19.85
CA MET K 229 -5.39 18.41 -20.18
C MET K 229 -5.36 18.76 -21.66
N ALA K 230 -5.71 17.79 -22.51
CA ALA K 230 -5.88 17.98 -23.93
C ALA K 230 -6.94 19.03 -24.25
N THR K 231 -8.14 18.88 -23.66
CA THR K 231 -9.22 19.81 -23.92
C THR K 231 -8.99 21.16 -23.25
N ALA K 232 -8.14 21.22 -22.22
CA ALA K 232 -7.66 22.45 -21.62
C ALA K 232 -6.80 23.27 -22.56
N ALA K 233 -6.01 22.61 -23.41
CA ALA K 233 -5.22 23.25 -24.45
C ALA K 233 -6.08 23.87 -25.54
N SER K 234 -7.29 23.35 -25.73
CA SER K 234 -8.28 23.90 -26.63
C SER K 234 -8.91 25.18 -26.11
N SER K 235 -9.55 25.93 -26.98
CA SER K 235 -10.04 27.25 -26.74
C SER K 235 -11.33 27.30 -25.95
N SER K 236 -12.06 26.20 -25.87
CA SER K 236 -13.28 26.07 -25.12
C SER K 236 -13.13 26.32 -23.64
N SER K 237 -13.99 27.09 -23.05
CA SER K 237 -13.85 27.57 -21.69
C SER K 237 -14.14 26.52 -20.65
N LEU K 238 -13.19 26.25 -19.77
CA LEU K 238 -13.38 25.49 -18.57
C LEU K 238 -13.39 26.42 -17.36
N GLU K 239 -13.12 27.70 -17.60
CA GLU K 239 -13.07 28.74 -16.61
C GLU K 239 -14.38 29.06 -15.93
N LYS K 240 -14.36 29.15 -14.59
CA LYS K 240 -15.47 29.62 -13.78
C LYS K 240 -15.04 30.88 -13.05
N SER K 241 -15.90 31.92 -13.02
CA SER K 241 -15.59 33.20 -12.43
C SER K 241 -16.11 33.32 -11.01
N TYR K 242 -15.21 33.44 -10.00
CA TYR K 242 -15.57 33.62 -8.62
C TYR K 242 -15.51 35.10 -8.28
N GLU K 243 -16.32 35.57 -7.32
CA GLU K 243 -16.28 36.94 -6.87
C GLU K 243 -15.78 36.99 -5.45
N LEU K 244 -14.92 37.95 -5.13
CA LEU K 244 -14.18 38.00 -3.90
C LEU K 244 -14.71 39.12 -3.02
N PRO K 245 -14.61 39.11 -1.68
CA PRO K 245 -15.26 40.11 -0.84
C PRO K 245 -14.90 41.52 -1.08
N ASP K 246 -13.73 41.83 -1.61
CA ASP K 246 -13.37 43.15 -1.95
C ASP K 246 -13.71 43.54 -3.37
N GLY K 247 -14.39 42.74 -4.12
CA GLY K 247 -14.91 43.05 -5.43
C GLY K 247 -14.19 42.43 -6.57
N GLN K 248 -13.18 41.61 -6.30
CA GLN K 248 -12.31 41.10 -7.33
C GLN K 248 -12.93 39.88 -7.98
N VAL K 249 -12.69 39.69 -9.28
CA VAL K 249 -13.20 38.56 -10.03
C VAL K 249 -12.06 37.64 -10.42
N ILE K 250 -12.09 36.38 -9.96
CA ILE K 250 -11.03 35.42 -10.18
C ILE K 250 -11.53 34.36 -11.14
N THR K 251 -10.78 34.10 -12.23
CA THR K 251 -11.11 33.11 -13.26
C THR K 251 -10.14 31.96 -13.27
N ILE K 252 -10.53 30.79 -12.73
CA ILE K 252 -9.68 29.59 -12.71
C ILE K 252 -10.20 28.51 -13.65
N GLY K 253 -9.28 27.81 -14.35
CA GLY K 253 -9.62 26.75 -15.31
C GLY K 253 -8.77 25.53 -15.20
N ASN K 254 -7.56 25.53 -15.71
CA ASN K 254 -6.65 24.40 -15.67
C ASN K 254 -6.45 23.83 -14.24
N GLU K 255 -6.08 24.72 -13.26
CA GLU K 255 -5.86 24.34 -11.88
C GLU K 255 -7.11 23.77 -11.20
N ARG K 256 -8.31 24.09 -11.71
CA ARG K 256 -9.63 23.65 -11.27
C ARG K 256 -9.75 22.15 -11.22
N PHE K 257 -9.21 21.42 -12.22
CA PHE K 257 -9.20 19.95 -12.15
C PHE K 257 -7.87 19.40 -11.67
N ARG K 258 -6.80 20.23 -11.67
CA ARG K 258 -5.50 19.81 -11.18
C ARG K 258 -5.49 19.54 -9.68
N CYS K 259 -6.02 20.48 -8.88
CA CYS K 259 -6.08 20.33 -7.43
C CYS K 259 -6.73 19.03 -6.92
N PRO K 260 -7.95 18.60 -7.26
CA PRO K 260 -8.48 17.36 -6.73
C PRO K 260 -7.80 16.12 -7.27
N GLU K 261 -7.25 16.14 -8.50
CA GLU K 261 -6.57 15.02 -9.12
C GLU K 261 -5.40 14.48 -8.32
N THR K 262 -4.77 15.36 -7.52
CA THR K 262 -3.80 15.04 -6.48
C THR K 262 -4.16 13.86 -5.60
N LEU K 263 -5.45 13.61 -5.33
CA LEU K 263 -5.90 12.45 -4.56
C LEU K 263 -5.60 11.12 -5.21
N PHE K 264 -5.53 11.08 -6.54
CA PHE K 264 -5.05 9.97 -7.32
C PHE K 264 -3.59 10.07 -7.69
N GLN K 265 -2.96 11.24 -7.65
CA GLN K 265 -1.55 11.42 -7.96
C GLN K 265 -0.81 12.34 -7.01
N PRO K 266 -0.34 11.89 -5.82
CA PRO K 266 0.33 12.78 -4.86
C PRO K 266 1.68 13.33 -5.31
N SER K 267 2.24 12.79 -6.42
CA SER K 267 3.41 13.37 -7.06
C SER K 267 3.24 14.85 -7.43
N PHE K 268 2.01 15.37 -7.55
CA PHE K 268 1.77 16.80 -7.73
C PHE K 268 2.24 17.66 -6.54
N ILE K 269 2.13 17.14 -5.30
CA ILE K 269 2.64 17.79 -4.11
C ILE K 269 4.09 17.43 -3.90
N GLY K 270 4.55 16.38 -4.53
CA GLY K 270 5.90 15.89 -4.44
C GLY K 270 6.11 14.90 -3.37
N MET K 271 5.09 14.45 -2.71
CA MET K 271 5.16 13.45 -1.68
C MET K 271 5.17 12.05 -2.23
N GLU K 272 5.86 11.12 -1.54
CA GLU K 272 6.14 9.80 -2.05
C GLU K 272 4.96 8.86 -2.03
N SER K 273 4.03 9.03 -1.09
CA SER K 273 2.82 8.25 -0.91
C SER K 273 1.97 7.99 -2.13
N ALA K 274 1.28 6.86 -2.17
CA ALA K 274 0.49 6.44 -3.30
C ALA K 274 -0.97 6.87 -3.20
N GLY K 275 -1.67 6.95 -4.34
CA GLY K 275 -3.05 7.46 -4.41
C GLY K 275 -4.07 6.55 -3.79
N ILE K 276 -5.28 7.08 -3.52
CA ILE K 276 -6.40 6.35 -2.94
C ILE K 276 -6.77 5.09 -3.70
N HIS K 277 -6.77 5.15 -5.05
CA HIS K 277 -6.67 4.02 -5.96
C HIS K 277 -5.84 2.84 -5.47
N GLU K 278 -4.54 3.07 -5.22
CA GLU K 278 -3.63 2.01 -4.91
C GLU K 278 -3.67 1.64 -3.43
N THR K 279 -3.96 2.58 -2.52
CA THR K 279 -4.04 2.22 -1.10
C THR K 279 -5.26 1.39 -0.81
N THR K 280 -6.34 1.60 -1.59
CA THR K 280 -7.52 0.75 -1.58
C THR K 280 -7.16 -0.65 -2.02
N TYR K 281 -6.52 -0.81 -3.18
CA TYR K 281 -6.10 -2.13 -3.65
C TYR K 281 -5.12 -2.83 -2.72
N ASN K 282 -4.06 -2.15 -2.28
CA ASN K 282 -3.04 -2.75 -1.45
C ASN K 282 -3.51 -3.12 -0.04
N SER K 283 -4.58 -2.49 0.48
CA SER K 283 -5.16 -2.91 1.75
C SER K 283 -6.03 -4.13 1.58
N ILE K 284 -6.76 -4.23 0.45
CA ILE K 284 -7.56 -5.40 0.11
C ILE K 284 -6.65 -6.59 -0.09
N MET K 285 -5.54 -6.42 -0.83
CA MET K 285 -4.57 -7.47 -1.01
C MET K 285 -3.63 -7.66 0.18
N LYS K 286 -3.97 -7.16 1.38
CA LYS K 286 -3.34 -7.57 2.62
C LYS K 286 -4.34 -8.31 3.48
N CYS K 287 -5.54 -8.60 2.96
CA CYS K 287 -6.54 -9.42 3.63
C CYS K 287 -6.60 -10.82 3.06
N ASP K 288 -7.08 -11.79 3.86
CA ASP K 288 -7.25 -13.19 3.49
C ASP K 288 -8.15 -13.40 2.27
N ILE K 289 -7.89 -14.45 1.48
CA ILE K 289 -8.42 -14.64 0.14
C ILE K 289 -9.94 -14.65 0.07
N ASP K 290 -10.62 -15.39 0.97
CA ASP K 290 -12.07 -15.48 0.95
C ASP K 290 -12.73 -14.15 1.25
N ILE K 291 -12.10 -13.29 2.07
CA ILE K 291 -12.70 -12.04 2.50
C ILE K 291 -12.64 -10.99 1.39
N ARG K 292 -11.64 -11.09 0.46
CA ARG K 292 -11.40 -10.08 -0.58
C ARG K 292 -12.61 -9.88 -1.47
N LYS K 293 -13.36 -10.97 -1.70
CA LYS K 293 -14.58 -11.01 -2.46
C LYS K 293 -15.64 -10.01 -2.02
N ASP K 294 -15.77 -9.72 -0.71
CA ASP K 294 -16.84 -8.86 -0.23
C ASP K 294 -16.29 -7.51 0.17
N LEU K 295 -14.97 -7.28 0.13
CA LEU K 295 -14.43 -5.95 0.29
C LEU K 295 -14.66 -5.15 -0.99
N TYR K 296 -14.51 -5.80 -2.16
CA TYR K 296 -15.02 -5.26 -3.40
C TYR K 296 -16.55 -5.17 -3.37
N ALA K 297 -17.09 -3.99 -3.68
CA ALA K 297 -18.50 -3.68 -3.74
C ALA K 297 -19.08 -3.24 -2.41
N ASN K 298 -18.21 -2.99 -1.42
CA ASN K 298 -18.55 -2.40 -0.14
C ASN K 298 -17.49 -1.34 0.14
N ASN K 299 -16.97 -0.72 -0.93
CA ASN K 299 -16.08 0.41 -0.87
C ASN K 299 -16.89 1.66 -0.54
N VAL K 300 -16.91 2.09 0.73
CA VAL K 300 -17.71 3.22 1.17
C VAL K 300 -16.92 4.45 1.53
N MET K 301 -17.13 5.53 0.75
CA MET K 301 -16.44 6.79 0.96
C MET K 301 -17.15 7.58 2.05
N SER K 302 -16.42 8.41 2.81
CA SER K 302 -17.01 9.20 3.86
C SER K 302 -16.14 10.43 4.06
N GLY K 303 -16.59 11.39 4.88
CA GLY K 303 -15.92 12.66 5.07
C GLY K 303 -16.18 13.65 3.96
N GLY K 304 -16.27 14.94 4.33
CA GLY K 304 -16.55 16.08 3.46
C GLY K 304 -15.59 16.29 2.33
N THR K 305 -14.32 15.87 2.49
CA THR K 305 -13.34 16.06 1.44
C THR K 305 -13.51 15.07 0.30
N THR K 306 -14.47 14.12 0.42
CA THR K 306 -14.82 13.26 -0.70
C THR K 306 -16.01 13.77 -1.47
N MET K 307 -16.48 15.01 -1.22
CA MET K 307 -17.66 15.54 -1.90
C MET K 307 -17.42 16.20 -3.24
N TYR K 308 -16.26 16.00 -3.86
CA TYR K 308 -16.03 16.44 -5.23
C TYR K 308 -16.90 15.70 -6.25
N PRO K 309 -17.43 16.32 -7.29
CA PRO K 309 -18.23 15.62 -8.28
C PRO K 309 -17.49 14.63 -9.08
N GLY K 310 -16.82 14.21 -9.54
CA GLY K 310 -16.11 13.23 -10.32
C GLY K 310 -15.67 12.03 -9.55
N ILE K 311 -15.82 12.07 -8.24
CA ILE K 311 -15.69 10.91 -7.40
C ILE K 311 -17.12 10.52 -7.08
N ALA K 312 -17.50 9.24 -7.18
CA ALA K 312 -16.67 8.07 -7.19
C ALA K 312 -16.39 7.50 -8.56
N ASP K 313 -16.82 8.12 -9.68
CA ASP K 313 -16.76 7.38 -10.93
C ASP K 313 -15.37 7.42 -11.57
N ARG K 314 -14.50 8.35 -11.15
CA ARG K 314 -13.06 8.26 -11.34
C ARG K 314 -12.47 7.08 -10.61
N MET K 315 -12.68 7.02 -9.28
CA MET K 315 -12.28 5.93 -8.42
C MET K 315 -12.71 4.56 -8.91
N GLN K 316 -13.94 4.45 -9.40
CA GLN K 316 -14.54 3.28 -9.99
C GLN K 316 -13.74 2.82 -11.20
N LYS K 317 -13.64 3.66 -12.24
CA LYS K 317 -12.85 3.37 -13.42
C LYS K 317 -11.40 2.97 -13.16
N GLU K 318 -10.72 3.61 -12.19
CA GLU K 318 -9.36 3.28 -11.86
C GLU K 318 -9.22 1.96 -11.13
N ILE K 319 -10.10 1.67 -10.15
CA ILE K 319 -10.04 0.41 -9.42
C ILE K 319 -10.37 -0.75 -10.34
N THR K 320 -11.41 -0.63 -11.17
CA THR K 320 -11.81 -1.66 -12.14
C THR K 320 -10.71 -2.04 -13.11
N ALA K 321 -9.79 -1.11 -13.42
CA ALA K 321 -8.65 -1.38 -14.25
C ALA K 321 -7.55 -2.17 -13.56
N LEU K 322 -7.37 -2.01 -12.25
CA LEU K 322 -6.32 -2.68 -11.50
C LEU K 322 -6.78 -3.98 -10.88
N ALA K 323 -8.05 -4.04 -10.45
CA ALA K 323 -8.67 -5.21 -9.89
C ALA K 323 -8.79 -6.37 -10.87
N PRO K 324 -8.77 -7.64 -10.44
CA PRO K 324 -9.06 -8.80 -11.26
C PRO K 324 -10.26 -8.72 -12.18
N SER K 325 -10.17 -9.28 -13.39
CA SER K 325 -11.25 -9.27 -14.36
C SER K 325 -12.47 -10.05 -13.92
N THR K 326 -13.66 -9.52 -14.23
CA THR K 326 -14.98 -10.12 -13.97
C THR K 326 -15.39 -10.08 -12.53
N MET K 327 -14.81 -9.24 -11.72
CA MET K 327 -15.15 -9.01 -10.34
C MET K 327 -16.15 -7.89 -10.23
N LYS K 328 -17.19 -8.02 -9.40
CA LYS K 328 -18.19 -6.99 -9.24
C LYS K 328 -17.74 -5.89 -8.30
N ILE K 329 -17.66 -4.64 -8.79
CA ILE K 329 -17.16 -3.53 -8.01
C ILE K 329 -18.20 -2.44 -8.07
N LYS K 330 -18.71 -2.04 -6.91
CA LYS K 330 -19.60 -0.91 -6.76
C LYS K 330 -19.06 -0.06 -5.65
N ILE K 331 -19.02 1.26 -5.84
CA ILE K 331 -18.47 2.19 -4.89
C ILE K 331 -19.61 2.98 -4.31
N ILE K 332 -19.74 3.00 -2.98
CA ILE K 332 -20.90 3.48 -2.29
C ILE K 332 -20.59 4.88 -1.81
N ALA K 333 -21.31 5.87 -2.35
CA ALA K 333 -21.12 7.25 -2.02
C ALA K 333 -22.43 7.98 -1.92
N PRO K 334 -23.08 8.05 -0.79
CA PRO K 334 -24.36 8.70 -0.68
C PRO K 334 -24.16 10.19 -0.54
N PRO K 335 -25.12 11.05 -0.78
CA PRO K 335 -25.20 12.37 -0.21
C PRO K 335 -24.87 12.48 1.25
N GLU K 336 -24.52 13.67 1.69
CA GLU K 336 -24.33 14.05 3.05
C GLU K 336 -23.18 13.49 3.80
N ARG K 337 -22.12 13.09 3.09
CA ARG K 337 -20.99 12.41 3.68
C ARG K 337 -20.33 13.11 4.84
N LYS K 338 -20.37 14.46 4.88
CA LYS K 338 -19.91 15.28 5.97
C LYS K 338 -20.63 15.01 7.28
N TYR K 339 -21.88 14.52 7.26
CA TYR K 339 -22.63 14.29 8.46
C TYR K 339 -22.80 12.80 8.70
N SER K 340 -22.12 11.96 7.88
CA SER K 340 -22.13 10.50 7.96
C SER K 340 -21.77 10.01 9.33
N VAL K 341 -20.61 10.47 9.84
CA VAL K 341 -20.10 10.21 11.17
C VAL K 341 -21.12 10.46 12.26
N TRP K 342 -21.82 11.62 12.22
CA TRP K 342 -22.79 11.99 13.22
C TRP K 342 -24.00 11.06 13.19
N ILE K 343 -24.52 10.74 11.99
CA ILE K 343 -25.63 9.81 11.85
C ILE K 343 -25.26 8.40 12.28
N GLY K 344 -23.96 8.04 12.17
CA GLY K 344 -23.39 6.83 12.72
C GLY K 344 -23.47 6.79 14.21
N GLY K 345 -22.87 7.79 14.86
CA GLY K 345 -22.84 7.94 16.31
C GLY K 345 -24.19 7.92 16.94
N SER K 346 -25.15 8.60 16.30
CA SER K 346 -26.53 8.66 16.73
C SER K 346 -27.19 7.31 16.85
N ILE K 347 -26.99 6.43 15.85
CA ILE K 347 -27.51 5.08 15.84
C ILE K 347 -26.90 4.26 16.98
N LEU K 348 -25.61 4.46 17.26
CA LEU K 348 -24.84 3.69 18.20
C LEU K 348 -25.33 3.97 19.61
N ALA K 349 -25.28 5.23 20.04
CA ALA K 349 -25.61 5.64 21.37
C ALA K 349 -27.06 5.40 21.77
N SER K 350 -27.96 5.18 20.82
CA SER K 350 -29.34 4.85 21.10
C SER K 350 -29.56 3.38 21.41
N LEU K 351 -28.73 2.48 20.85
CA LEU K 351 -28.84 1.06 21.05
C LEU K 351 -28.64 0.55 22.46
N SER K 352 -29.47 -0.40 22.88
CA SER K 352 -29.10 -1.35 23.91
C SER K 352 -28.18 -2.38 23.30
N THR K 353 -27.16 -2.90 23.96
CA THR K 353 -26.77 -2.75 25.35
C THR K 353 -25.65 -1.76 25.53
N PHE K 354 -25.33 -0.96 24.53
CA PHE K 354 -24.18 -0.10 24.54
C PHE K 354 -24.17 0.98 25.60
N GLN K 355 -25.26 1.16 26.29
CA GLN K 355 -25.32 1.88 27.51
C GLN K 355 -24.39 1.40 28.56
N GLN K 356 -24.16 0.10 28.58
CA GLN K 356 -23.30 -0.50 29.51
C GLN K 356 -21.93 -0.68 28.96
N MET K 357 -21.65 -0.11 27.82
CA MET K 357 -20.32 -0.06 27.31
C MET K 357 -19.66 1.26 27.58
N TRP K 358 -20.43 2.30 27.92
CA TRP K 358 -19.90 3.56 28.33
C TRP K 358 -19.04 3.47 29.59
N ILE K 359 -17.95 4.22 29.65
CA ILE K 359 -17.10 4.34 30.82
C ILE K 359 -17.68 5.35 31.77
N THR K 360 -18.19 4.92 32.94
CA THR K 360 -18.83 5.81 33.89
C THR K 360 -17.83 6.36 34.89
N LYS K 361 -18.17 7.51 35.50
CA LYS K 361 -17.29 8.28 36.34
C LYS K 361 -16.69 7.55 37.51
N GLN K 362 -17.49 6.78 38.28
CA GLN K 362 -16.97 6.01 39.39
C GLN K 362 -15.96 4.94 38.98
N GLU K 363 -16.24 4.26 37.86
CA GLU K 363 -15.35 3.26 37.31
C GLU K 363 -14.06 3.88 36.82
N TYR K 364 -14.15 5.05 36.15
CA TYR K 364 -13.00 5.83 35.73
C TYR K 364 -12.16 6.32 36.90
N ASP K 365 -12.79 6.80 37.98
CA ASP K 365 -12.11 7.26 39.17
C ASP K 365 -11.30 6.15 39.81
N GLU K 366 -11.87 4.93 39.91
CA GLU K 366 -11.14 3.79 40.40
C GLU K 366 -10.03 3.34 39.48
N ALA K 367 -10.33 3.19 38.18
CA ALA K 367 -9.41 2.65 37.21
C ALA K 367 -8.28 3.55 36.77
N GLY K 368 -8.55 4.83 36.53
CA GLY K 368 -7.59 5.77 35.99
C GLY K 368 -7.42 5.64 34.51
N PRO K 369 -6.48 6.30 33.90
CA PRO K 369 -6.28 6.29 32.45
C PRO K 369 -6.09 4.95 31.80
N SER K 370 -5.75 3.92 32.52
CA SER K 370 -5.59 2.58 32.01
C SER K 370 -6.84 1.88 31.53
N ILE K 371 -8.02 2.37 31.87
CA ILE K 371 -9.27 1.83 31.38
C ILE K 371 -9.48 2.05 29.89
N VAL K 372 -8.92 2.84 29.25
CA VAL K 372 -9.08 3.17 27.89
C VAL K 372 -8.84 2.24 26.87
N HIS K 373 -8.25 1.52 26.91
CA HIS K 373 -8.01 0.59 25.99
C HIS K 373 -8.32 -0.37 26.19
N THR L 7 30.68 34.86 -30.45
CA THR L 7 30.56 35.19 -29.88
C THR L 7 30.22 35.05 -28.46
N THR L 8 30.61 35.83 -27.59
CA THR L 8 30.47 35.77 -26.18
C THR L 8 29.05 36.01 -25.69
N ALA L 9 28.51 35.06 -24.93
CA ALA L 9 27.22 35.17 -24.30
C ALA L 9 27.10 36.29 -23.27
N LEU L 10 25.88 36.83 -23.09
CA LEU L 10 25.66 37.98 -22.22
C LEU L 10 24.70 37.61 -21.11
N VAL L 11 25.12 37.75 -19.84
CA VAL L 11 24.27 37.57 -18.68
C VAL L 11 23.72 38.90 -18.18
N CYS L 12 22.40 39.06 -18.31
CA CYS L 12 21.66 40.26 -18.00
C CYS L 12 20.66 39.87 -16.95
N ASP L 13 20.77 40.47 -15.76
CA ASP L 13 19.99 40.11 -14.61
C ASP L 13 18.90 41.13 -14.41
N ASN L 14 17.65 40.63 -14.45
CA ASN L 14 16.43 41.33 -14.15
C ASN L 14 16.32 41.56 -12.65
N GLY L 15 17.20 42.41 -12.12
CA GLY L 15 17.12 42.96 -10.79
C GLY L 15 15.83 43.62 -10.45
N SER L 16 15.53 43.63 -9.16
CA SER L 16 14.49 44.34 -8.48
C SER L 16 14.98 45.72 -8.15
N GLY L 17 16.30 45.86 -8.01
CA GLY L 17 17.03 47.04 -7.67
C GLY L 17 17.24 48.03 -8.78
N LEU L 18 18.40 48.20 -9.45
CA LEU L 18 19.62 47.44 -9.56
C LEU L 18 19.56 46.31 -10.56
N VAL L 19 19.30 46.66 -11.84
CA VAL L 19 19.50 45.75 -12.96
C VAL L 19 21.00 45.61 -13.20
N LYS L 20 21.48 44.36 -13.41
CA LYS L 20 22.90 44.06 -13.53
C LYS L 20 23.22 43.46 -14.88
N ALA L 21 24.27 43.92 -15.57
CA ALA L 21 24.62 43.41 -16.88
C ALA L 21 26.12 43.26 -17.12
N GLY L 22 26.55 42.15 -17.73
CA GLY L 22 27.95 41.91 -18.03
C GLY L 22 28.10 40.64 -18.81
N PHE L 23 29.09 40.54 -19.72
CA PHE L 23 29.28 39.36 -20.54
C PHE L 23 29.65 38.13 -19.72
N ALA L 24 29.62 36.92 -20.31
CA ALA L 24 29.91 35.71 -19.59
C ALA L 24 31.38 35.55 -19.24
N GLY L 25 31.70 35.67 -17.95
CA GLY L 25 33.04 35.62 -17.40
C GLY L 25 33.83 36.87 -17.53
N ASP L 26 34.82 37.12 -16.68
CA ASP L 26 35.33 36.28 -15.63
C ASP L 26 35.65 37.10 -14.40
N ASP L 27 35.19 38.33 -14.34
CA ASP L 27 35.56 39.26 -13.32
C ASP L 27 34.35 39.84 -12.59
N ALA L 28 33.70 40.88 -13.09
CA ALA L 28 32.66 41.61 -12.43
C ALA L 28 31.66 42.16 -13.44
N PRO L 29 30.45 42.61 -13.10
CA PRO L 29 29.52 43.20 -14.05
C PRO L 29 30.03 44.47 -14.66
N ARG L 30 29.66 44.78 -15.87
CA ARG L 30 30.06 46.00 -16.52
C ARG L 30 29.10 47.14 -16.25
N ALA L 31 27.81 46.86 -16.09
CA ALA L 31 26.81 47.88 -15.89
C ALA L 31 25.87 47.50 -14.78
N VAL L 32 25.67 48.41 -13.82
CA VAL L 32 24.72 48.27 -12.73
C VAL L 32 24.02 49.61 -12.66
N PHE L 33 22.69 49.67 -12.56
CA PHE L 33 22.01 50.95 -12.50
C PHE L 33 20.65 50.82 -11.84
N PRO L 34 20.07 51.88 -11.27
CA PRO L 34 18.92 51.78 -10.41
C PRO L 34 17.65 51.57 -11.14
N SER L 35 17.20 51.00 -11.86
CA SER L 35 16.03 50.64 -12.61
C SER L 35 15.02 51.74 -12.89
N ILE L 36 14.97 52.79 -12.27
CA ILE L 36 14.09 53.94 -12.40
C ILE L 36 13.95 54.55 -13.79
N VAL L 37 12.70 54.78 -14.20
CA VAL L 37 12.35 55.65 -15.31
C VAL L 37 11.58 56.83 -14.73
N GLY L 38 11.80 58.06 -15.24
CA GLY L 38 11.16 59.25 -14.70
C GLY L 38 10.80 60.25 -15.74
N ARG L 39 9.52 60.61 -15.83
CA ARG L 39 9.03 61.64 -16.73
C ARG L 39 9.15 63.01 -16.06
N PRO L 40 9.29 64.12 -16.79
CA PRO L 40 9.48 65.44 -16.22
C PRO L 40 8.20 66.09 -15.76
N ARG L 41 8.09 66.39 -14.46
CA ARG L 41 6.87 66.90 -13.87
C ARG L 41 6.66 68.38 -13.97
N HIS L 42 7.56 69.14 -14.54
CA HIS L 42 7.44 70.56 -14.69
C HIS L 42 7.63 70.97 -16.13
N GLN L 43 7.14 72.15 -16.52
CA GLN L 43 7.27 72.70 -17.85
C GLN L 43 8.63 73.33 -18.13
N GLY L 44 9.19 73.08 -19.31
CA GLY L 44 10.48 73.58 -19.72
C GLY L 44 10.39 74.93 -20.32
N VAL L 45 11.39 75.78 -20.09
CA VAL L 45 11.39 77.14 -20.56
C VAL L 45 12.65 77.47 -21.30
N MET L 46 13.58 76.53 -21.43
CA MET L 46 14.81 76.74 -22.11
C MET L 46 14.81 76.75 -23.56
N VAL L 47 14.59 76.55 -24.31
CA VAL L 47 14.49 76.55 -25.70
C VAL L 47 15.55 75.81 -26.34
N GLY L 48 15.94 74.94 -26.37
CA GLY L 48 16.88 74.06 -27.00
C GLY L 48 16.29 73.10 -27.87
N MET L 49 15.51 72.24 -27.45
CA MET L 49 15.10 72.06 -26.20
C MET L 49 15.86 71.19 -25.33
N GLY L 50 16.40 70.16 -25.85
CA GLY L 50 17.38 69.41 -25.22
C GLY L 50 16.94 68.42 -24.18
N GLN L 51 15.70 68.24 -23.93
CA GLN L 51 15.18 67.39 -22.88
C GLN L 51 14.68 66.07 -23.41
N LYS L 52 14.89 64.98 -22.67
CA LYS L 52 14.45 63.66 -23.04
C LYS L 52 13.00 63.42 -22.65
N ASP L 53 12.31 62.51 -23.34
CA ASP L 53 10.94 62.15 -23.05
C ASP L 53 10.82 61.40 -21.73
N SER L 54 11.71 60.44 -21.51
CA SER L 54 11.83 59.76 -20.26
C SER L 54 13.29 59.53 -19.98
N TYR L 55 13.77 59.95 -18.80
CA TYR L 55 15.12 59.72 -18.38
C TYR L 55 15.18 58.38 -17.69
N VAL L 56 16.11 57.50 -18.08
CA VAL L 56 16.37 56.30 -17.32
C VAL L 56 17.47 56.61 -16.30
N GLY L 57 17.74 55.72 -15.33
CA GLY L 57 18.97 55.77 -14.54
C GLY L 57 20.17 55.45 -15.40
N ASP L 58 21.37 56.00 -15.18
CA ASP L 58 21.82 56.89 -14.14
C ASP L 58 21.31 58.32 -14.27
N GLU L 59 20.97 58.80 -15.48
CA GLU L 59 20.57 60.17 -15.70
C GLU L 59 19.38 60.65 -14.90
N ALA L 60 18.42 59.75 -14.57
CA ALA L 60 17.32 60.04 -13.68
C ALA L 60 17.69 60.09 -12.21
N GLN L 61 18.92 59.77 -11.82
CA GLN L 61 19.38 59.86 -10.46
C GLN L 61 20.28 61.05 -10.33
N SER L 62 20.66 61.67 -11.47
CA SER L 62 21.35 62.93 -11.49
C SER L 62 20.39 64.06 -11.66
N LYS L 63 19.17 63.82 -12.14
CA LYS L 63 18.17 64.82 -12.39
C LYS L 63 16.99 64.68 -11.45
N ARG L 64 17.23 64.28 -10.21
CA ARG L 64 16.21 64.25 -9.18
C ARG L 64 15.52 65.58 -8.92
N GLY L 65 14.25 65.53 -8.54
CA GLY L 65 13.46 66.68 -8.12
C GLY L 65 12.75 67.40 -9.22
N ILE L 66 13.02 67.05 -10.49
CA ILE L 66 12.31 67.63 -11.60
C ILE L 66 11.60 66.55 -12.39
N LEU L 67 11.65 65.32 -11.88
CA LEU L 67 11.05 64.16 -12.50
C LEU L 67 10.21 63.44 -11.46
N THR L 68 9.42 62.44 -11.89
CA THR L 68 8.67 61.56 -11.00
C THR L 68 9.11 60.14 -11.20
N LEU L 69 10.03 59.66 -10.36
CA LEU L 69 10.64 58.35 -10.46
C LEU L 69 9.66 57.19 -10.31
N LYS L 70 9.67 56.24 -11.26
CA LYS L 70 8.82 55.08 -11.23
C LYS L 70 9.65 53.84 -11.46
N TYR L 71 9.81 52.98 -10.44
CA TYR L 71 10.52 51.71 -10.57
C TYR L 71 9.72 50.81 -11.50
N PRO L 72 10.24 50.18 -12.55
CA PRO L 72 9.42 49.47 -13.51
C PRO L 72 9.05 48.10 -13.05
N ILE L 73 9.68 47.58 -12.01
CA ILE L 73 9.38 46.29 -11.44
C ILE L 73 9.05 46.51 -9.98
N GLU L 74 7.86 46.07 -9.56
CA GLU L 74 7.33 46.37 -8.25
C GLU L 74 6.57 45.15 -7.80
N HIS L 75 6.81 44.68 -6.56
CA HIS L 75 6.28 43.46 -6.01
C HIS L 75 6.62 42.26 -6.87
N GLY L 76 7.82 42.28 -7.47
CA GLY L 76 8.35 41.17 -8.24
C GLY L 76 7.76 41.02 -9.61
N ILE L 77 6.94 41.96 -10.09
CA ILE L 77 6.37 41.89 -11.40
C ILE L 77 6.47 43.22 -12.11
N ILE L 78 6.71 43.18 -13.44
CA ILE L 78 6.89 44.33 -14.28
C ILE L 78 5.61 45.14 -14.50
N THR L 79 5.71 46.47 -14.44
CA THR L 79 4.57 47.37 -14.55
C THR L 79 3.96 47.39 -15.94
N ASN L 80 4.78 47.48 -16.99
CA ASN L 80 4.35 47.39 -18.35
C ASN L 80 5.59 47.12 -19.18
N TRP L 81 5.46 46.48 -20.34
CA TRP L 81 6.62 46.19 -21.16
C TRP L 81 7.02 47.38 -22.02
N ASP L 82 6.23 48.47 -22.05
CA ASP L 82 6.60 49.70 -22.74
C ASP L 82 7.80 50.38 -22.09
N ASP L 83 7.84 50.40 -20.75
CA ASP L 83 8.95 50.96 -20.00
C ASP L 83 10.06 49.94 -19.90
N MET L 84 9.73 48.66 -19.72
CA MET L 84 10.70 47.57 -19.65
C MET L 84 11.58 47.49 -20.90
N GLU L 85 10.96 47.61 -22.10
CA GLU L 85 11.70 47.67 -23.36
C GLU L 85 12.69 48.83 -23.41
N LYS L 86 12.36 49.98 -22.79
CA LYS L 86 13.27 51.11 -22.74
C LYS L 86 14.45 50.82 -21.83
N ILE L 87 14.23 50.15 -20.68
CA ILE L 87 15.29 49.60 -19.83
C ILE L 87 16.26 48.74 -20.62
N TRP L 88 15.72 47.73 -21.34
CA TRP L 88 16.51 46.84 -22.17
C TRP L 88 17.30 47.56 -23.24
N HIS L 89 16.63 48.40 -24.06
CA HIS L 89 17.23 49.20 -25.12
C HIS L 89 18.37 50.09 -24.62
N HIS L 90 18.15 50.81 -23.50
CA HIS L 90 19.17 51.61 -22.84
C HIS L 90 20.36 50.79 -22.40
N THR L 91 20.10 49.63 -21.78
CA THR L 91 21.12 48.73 -21.27
C THR L 91 22.03 48.17 -22.34
N PHE L 92 21.45 47.54 -23.37
CA PHE L 92 22.24 46.96 -24.44
C PHE L 92 22.99 47.99 -25.24
N TYR L 93 22.30 49.06 -25.66
CA TYR L 93 22.91 50.03 -26.55
C TYR L 93 23.81 51.05 -25.89
N ASN L 94 23.36 51.74 -24.82
CA ASN L 94 24.12 52.87 -24.31
C ASN L 94 24.91 52.58 -23.07
N GLU L 95 24.97 51.32 -22.64
CA GLU L 95 25.84 50.91 -21.55
C GLU L 95 26.74 49.83 -22.09
N LEU L 96 26.24 48.70 -22.51
CA LEU L 96 27.05 47.57 -22.95
C LEU L 96 27.65 47.75 -24.34
N ARG L 97 27.02 48.54 -25.22
CA ARG L 97 27.47 48.81 -26.57
C ARG L 97 27.50 47.55 -27.42
N VAL L 98 26.42 46.76 -27.39
CA VAL L 98 26.35 45.51 -28.12
C VAL L 98 24.99 45.32 -28.72
N ALA L 99 24.92 44.70 -29.91
CA ALA L 99 23.71 44.33 -30.59
C ALA L 99 23.23 42.94 -30.13
N PRO L 100 21.98 42.71 -29.75
CA PRO L 100 21.50 41.40 -29.35
C PRO L 100 21.61 40.30 -30.38
N GLU L 101 21.69 40.63 -31.67
CA GLU L 101 21.86 39.65 -32.71
C GLU L 101 23.23 39.01 -32.68
N GLU L 102 24.21 39.65 -32.02
CA GLU L 102 25.55 39.16 -31.85
C GLU L 102 25.73 38.11 -30.79
N HIS L 103 24.89 37.98 -29.79
CA HIS L 103 25.15 37.13 -28.66
C HIS L 103 23.96 36.28 -28.26
N PRO L 104 24.06 35.01 -27.90
CA PRO L 104 23.08 34.35 -27.05
C PRO L 104 23.00 34.96 -25.67
N THR L 105 21.79 35.21 -25.14
CA THR L 105 21.63 35.89 -23.86
C THR L 105 21.18 34.92 -22.80
N LEU L 106 21.31 35.32 -21.54
CA LEU L 106 20.86 34.57 -20.38
C LEU L 106 20.14 35.56 -19.53
N LEU L 107 18.84 35.33 -19.25
CA LEU L 107 18.01 36.26 -18.53
C LEU L 107 17.63 35.61 -17.20
N THR L 108 17.25 36.41 -16.21
CA THR L 108 16.86 35.92 -14.89
C THR L 108 15.42 36.23 -14.56
N GLU L 109 14.85 35.50 -13.59
CA GLU L 109 13.49 35.76 -13.11
C GLU L 109 13.45 35.57 -11.60
N ALA L 110 12.28 35.74 -10.98
CA ALA L 110 12.05 35.52 -9.58
C ALA L 110 11.25 34.25 -9.34
N PRO L 111 11.53 33.44 -8.35
CA PRO L 111 10.80 32.22 -8.07
C PRO L 111 9.38 32.39 -7.76
N LEU L 112 8.43 31.99 -7.92
CA LEU L 112 7.03 32.07 -7.67
C LEU L 112 6.44 33.32 -8.25
N ASN L 113 6.61 33.54 -9.50
CA ASN L 113 6.12 34.64 -10.24
C ASN L 113 4.98 34.18 -11.09
N PRO L 114 3.88 34.86 -11.18
CA PRO L 114 2.75 34.42 -11.92
C PRO L 114 2.89 34.13 -13.37
N LYS L 115 2.21 33.11 -13.86
CA LYS L 115 2.06 32.80 -15.25
C LYS L 115 1.00 33.72 -15.80
N ALA L 116 1.13 34.29 -17.00
CA ALA L 116 2.00 33.98 -18.10
C ALA L 116 3.07 35.03 -18.28
N ASN L 117 3.67 35.55 -17.24
CA ASN L 117 4.67 36.60 -17.34
C ASN L 117 6.08 36.15 -17.70
N ARG L 118 6.37 34.85 -17.83
CA ARG L 118 7.66 34.44 -18.34
C ARG L 118 7.55 34.23 -19.83
N GLU L 119 6.38 33.74 -20.29
CA GLU L 119 6.00 33.60 -21.67
C GLU L 119 6.01 34.94 -22.37
N LYS L 120 5.09 35.85 -22.02
CA LYS L 120 5.00 37.21 -22.55
C LYS L 120 6.33 37.97 -22.63
N MET L 121 7.18 37.84 -21.59
CA MET L 121 8.53 38.37 -21.59
C MET L 121 9.38 37.77 -22.69
N THR L 122 9.56 36.44 -22.67
CA THR L 122 10.31 35.67 -23.67
C THR L 122 9.87 35.96 -25.10
N GLN L 123 8.56 36.06 -25.30
CA GLN L 123 7.94 36.25 -26.60
C GLN L 123 8.22 37.63 -27.13
N ILE L 124 7.96 38.67 -26.32
CA ILE L 124 8.27 40.05 -26.67
C ILE L 124 9.76 40.26 -26.91
N MET L 125 10.66 39.73 -26.05
CA MET L 125 12.08 39.91 -26.22
C MET L 125 12.65 39.27 -27.48
N PHE L 126 12.05 38.17 -27.96
CA PHE L 126 12.50 37.52 -29.18
C PHE L 126 12.09 38.32 -30.40
N GLU L 127 10.88 38.92 -30.40
CA GLU L 127 10.42 39.68 -31.55
C GLU L 127 10.94 41.09 -31.58
N THR L 128 11.19 41.71 -30.41
CA THR L 128 11.71 43.07 -30.33
C THR L 128 13.20 43.13 -30.54
N PHE L 129 13.99 42.31 -29.83
CA PHE L 129 15.43 42.44 -29.87
C PHE L 129 16.11 41.42 -30.75
N ASN L 130 15.40 40.34 -31.16
CA ASN L 130 15.85 39.41 -32.21
C ASN L 130 17.12 38.67 -31.83
N VAL L 131 17.27 38.35 -30.54
CA VAL L 131 18.30 37.51 -29.99
C VAL L 131 18.36 36.10 -30.60
N PRO L 132 19.49 35.45 -30.81
CA PRO L 132 19.52 34.20 -31.54
C PRO L 132 19.14 33.04 -30.63
N ALA L 133 19.36 33.16 -29.32
CA ALA L 133 18.93 32.17 -28.36
C ALA L 133 18.88 32.79 -26.98
N MET L 134 18.12 32.18 -26.07
CA MET L 134 17.85 32.72 -24.76
C MET L 134 17.52 31.63 -23.76
N TYR L 135 17.62 31.91 -22.47
CA TYR L 135 17.10 31.02 -21.44
C TYR L 135 16.82 31.90 -20.24
N VAL L 136 15.90 31.50 -19.37
CA VAL L 136 15.50 32.27 -18.20
C VAL L 136 15.72 31.44 -16.95
N ALA L 137 16.67 31.83 -16.10
CA ALA L 137 16.96 31.16 -14.84
C ALA L 137 16.47 31.93 -13.63
N ILE L 138 15.94 31.26 -12.58
CA ILE L 138 15.54 31.98 -11.37
C ILE L 138 16.78 32.42 -10.58
N GLN L 139 16.77 33.65 -9.99
CA GLN L 139 17.95 34.27 -9.40
C GLN L 139 18.51 33.48 -8.23
N ALA L 140 17.64 32.75 -7.50
CA ALA L 140 18.03 31.97 -6.36
C ALA L 140 18.93 30.79 -6.70
N VAL L 141 18.58 29.97 -7.72
CA VAL L 141 19.38 28.84 -8.17
C VAL L 141 20.80 29.23 -8.53
N LEU L 142 20.97 30.38 -9.20
CA LEU L 142 22.27 30.88 -9.60
C LEU L 142 23.22 31.16 -8.45
N SER L 143 22.67 31.51 -7.27
CA SER L 143 23.51 31.79 -6.11
C SER L 143 24.18 30.55 -5.53
N LEU L 144 23.74 29.32 -5.92
CA LEU L 144 24.44 28.11 -5.52
C LEU L 144 25.79 28.00 -6.17
N TYR L 145 25.84 28.28 -7.47
CA TYR L 145 27.05 28.23 -8.27
C TYR L 145 28.06 29.27 -7.83
N ALA L 146 27.58 30.49 -7.52
CA ALA L 146 28.38 31.58 -7.04
C ALA L 146 29.12 31.27 -5.76
N SER L 147 28.48 30.53 -4.85
CA SER L 147 29.08 30.14 -3.60
C SER L 147 29.76 28.81 -3.67
N GLY L 148 29.67 28.11 -4.82
CA GLY L 148 30.33 26.85 -5.04
C GLY L 148 29.75 25.73 -4.25
N ARG L 149 28.47 25.79 -3.96
CA ARG L 149 27.74 24.80 -3.21
C ARG L 149 26.84 23.99 -4.07
N THR L 150 26.34 22.87 -3.57
CA THR L 150 25.44 22.00 -4.29
C THR L 150 24.26 21.57 -3.44
N THR L 151 24.12 22.16 -2.25
CA THR L 151 23.10 21.86 -1.26
C THR L 151 22.87 23.17 -0.55
N GLY L 152 21.68 23.42 0.01
CA GLY L 152 21.42 24.61 0.81
C GLY L 152 20.18 25.38 0.46
N ILE L 153 19.74 26.22 1.40
CA ILE L 153 18.61 27.11 1.19
C ILE L 153 19.09 28.46 0.68
N VAL L 154 18.58 28.86 -0.50
CA VAL L 154 18.96 30.07 -1.23
C VAL L 154 17.97 31.21 -1.10
N LEU L 155 18.48 32.39 -0.70
CA LEU L 155 17.78 33.64 -0.45
C LEU L 155 17.90 34.75 -1.50
N ASP L 156 16.91 35.02 -2.40
CA ASP L 156 17.04 36.13 -3.35
C ASP L 156 16.21 37.19 -2.67
N SER L 157 16.91 38.20 -2.13
CA SER L 157 16.28 39.27 -1.39
C SER L 157 16.67 40.58 -2.02
N GLY L 158 15.73 41.21 -2.75
CA GLY L 158 15.88 42.53 -3.32
C GLY L 158 14.68 43.36 -3.01
N ASP L 159 14.78 44.69 -3.15
CA ASP L 159 13.64 45.57 -3.07
C ASP L 159 12.54 45.25 -4.11
N GLY L 160 11.32 44.78 -3.76
CA GLY L 160 10.79 44.37 -2.47
C GLY L 160 10.19 43.00 -2.38
N VAL L 161 10.90 41.95 -2.82
CA VAL L 161 10.46 40.58 -2.66
C VAL L 161 11.64 39.71 -2.24
N THR L 162 11.52 39.02 -1.09
CA THR L 162 12.49 38.03 -0.64
C THR L 162 12.01 36.62 -0.99
N HIS L 163 12.90 35.62 -1.05
CA HIS L 163 12.48 34.26 -1.29
C HIS L 163 13.34 33.30 -0.53
N ASN L 164 12.81 32.11 -0.20
CA ASN L 164 13.47 31.06 0.54
C ASN L 164 13.33 29.72 -0.20
N VAL L 165 14.32 29.32 -1.01
CA VAL L 165 14.22 28.10 -1.82
C VAL L 165 15.18 27.01 -1.31
N PRO L 166 14.76 25.83 -0.85
CA PRO L 166 15.68 24.77 -0.45
C PRO L 166 16.11 23.86 -1.60
N ILE L 167 17.42 23.62 -1.76
CA ILE L 167 17.99 22.76 -2.79
C ILE L 167 18.89 21.71 -2.14
N TYR L 168 18.76 20.42 -2.52
CA TYR L 168 19.62 19.35 -2.04
C TYR L 168 20.36 18.72 -3.19
N GLU L 169 21.61 18.41 -3.13
CA GLU L 169 22.47 17.76 -4.09
C GLU L 169 21.83 16.86 -5.10
N GLY L 170 21.44 17.29 -6.28
CA GLY L 170 21.38 18.62 -6.80
C GLY L 170 20.00 18.86 -7.32
N TYR L 171 19.01 18.47 -6.60
CA TYR L 171 17.61 18.49 -6.89
C TYR L 171 16.88 19.52 -6.07
N ALA L 172 15.83 20.12 -6.61
CA ALA L 172 15.07 21.14 -5.92
C ALA L 172 13.84 20.54 -5.27
N LEU L 173 13.40 21.08 -4.15
CA LEU L 173 12.27 20.57 -3.40
C LEU L 173 11.06 21.49 -3.57
N PRO L 174 10.09 21.21 -4.42
CA PRO L 174 8.97 22.11 -4.69
C PRO L 174 8.06 22.34 -3.51
N HIS L 175 7.97 21.41 -2.57
CA HIS L 175 6.98 21.45 -1.54
C HIS L 175 7.32 22.39 -0.42
N ALA L 176 8.51 22.95 -0.39
CA ALA L 176 8.95 23.81 0.68
C ALA L 176 9.34 25.22 0.23
N ILE L 177 9.05 25.63 -1.01
CA ILE L 177 9.43 26.95 -1.49
C ILE L 177 8.57 28.07 -0.91
N MET L 178 9.20 29.08 -0.28
CA MET L 178 8.50 30.22 0.33
C MET L 178 8.85 31.56 -0.30
N ARG L 179 7.84 32.35 -0.69
CA ARG L 179 8.01 33.70 -1.22
C ARG L 179 7.46 34.67 -0.19
N LEU L 180 8.29 35.56 0.37
CA LEU L 180 7.83 36.59 1.26
C LEU L 180 7.92 37.95 0.57
N ASP L 181 6.84 38.71 0.52
CA ASP L 181 6.86 40.08 0.06
C ASP L 181 7.19 40.99 1.23
N LEU L 182 8.23 40.93 1.82
CA LEU L 182 8.62 41.62 3.02
C LEU L 182 9.74 42.59 2.81
N ALA L 183 10.87 42.20 2.41
CA ALA L 183 12.02 43.03 2.24
C ALA L 183 12.31 43.21 0.78
N GLY L 184 12.84 44.36 0.32
CA GLY L 184 13.29 45.53 1.05
C GLY L 184 12.57 46.84 0.81
N ARG L 185 11.74 46.98 -0.24
CA ARG L 185 11.10 48.26 -0.53
C ARG L 185 10.11 48.72 0.53
N ASP L 186 9.50 47.78 1.25
CA ASP L 186 8.64 48.07 2.37
C ASP L 186 9.44 48.51 3.58
N LEU L 187 10.72 48.11 3.65
CA LEU L 187 11.64 48.62 4.66
C LEU L 187 11.98 50.07 4.33
N THR L 188 12.15 50.39 3.03
CA THR L 188 12.31 51.78 2.59
C THR L 188 11.10 52.63 2.99
N ASP L 189 9.88 52.17 2.69
CA ASP L 189 8.67 52.85 3.09
C ASP L 189 8.50 52.99 4.61
N TYR L 190 8.88 51.95 5.38
CA TYR L 190 8.84 51.97 6.83
C TYR L 190 9.84 52.94 7.42
N LEU L 191 11.07 53.01 6.87
CA LEU L 191 12.06 53.98 7.26
C LEU L 191 11.56 55.40 7.04
N MET L 192 10.86 55.65 5.92
CA MET L 192 10.26 56.95 5.69
C MET L 192 9.16 57.27 6.69
N LYS L 193 8.44 56.26 7.19
CA LYS L 193 7.42 56.45 8.20
C LYS L 193 7.97 56.69 9.58
N ILE L 194 9.15 56.16 9.92
CA ILE L 194 9.72 56.42 11.23
C ILE L 194 10.76 57.51 11.21
N LEU L 195 11.10 58.07 10.04
CA LEU L 195 11.88 59.28 9.96
C LEU L 195 11.02 60.53 10.01
N THR L 196 9.75 60.43 9.62
CA THR L 196 8.77 61.50 9.81
C THR L 196 8.50 61.76 11.26
N GLU L 197 8.64 60.71 12.10
CA GLU L 197 8.56 60.79 13.54
C GLU L 197 9.62 61.65 14.17
N ARG L 198 10.76 61.86 13.48
CA ARG L 198 11.80 62.76 13.90
C ARG L 198 11.74 64.06 13.12
N GLY L 199 10.67 64.30 12.35
CA GLY L 199 10.37 65.60 11.80
C GLY L 199 10.92 65.87 10.44
N TYR L 200 11.50 64.88 9.78
CA TYR L 200 12.04 65.06 8.46
C TYR L 200 11.08 64.54 7.44
N SER L 201 10.57 65.37 6.59
CA SER L 201 9.56 65.03 5.62
C SER L 201 10.04 64.70 4.26
N PHE L 202 10.17 63.57 3.89
CA PHE L 202 10.67 63.10 2.64
C PHE L 202 9.61 62.36 1.87
N VAL L 203 8.49 62.87 1.65
CA VAL L 203 7.32 62.20 1.11
C VAL L 203 7.34 61.98 -0.38
N THR L 204 8.09 62.78 -1.12
CA THR L 204 8.08 62.81 -2.56
C THR L 204 8.90 61.70 -3.16
N THR L 205 8.59 61.32 -4.40
CA THR L 205 9.17 60.18 -5.10
C THR L 205 10.66 60.25 -5.25
N ALA L 206 11.19 61.39 -5.71
CA ALA L 206 12.61 61.62 -5.82
C ALA L 206 13.35 61.47 -4.50
N GLU L 207 12.81 62.10 -3.46
CA GLU L 207 13.36 62.12 -2.13
C GLU L 207 13.40 60.75 -1.50
N ARG L 208 12.52 59.83 -1.93
CA ARG L 208 12.51 58.46 -1.50
C ARG L 208 13.81 57.72 -1.81
N GLU L 209 14.50 58.07 -2.91
CA GLU L 209 15.82 57.54 -3.20
C GLU L 209 16.86 57.86 -2.13
N ILE L 210 16.83 59.08 -1.57
CA ILE L 210 17.70 59.50 -0.48
C ILE L 210 17.49 58.64 0.76
N VAL L 211 16.23 58.28 1.06
CA VAL L 211 15.84 57.36 2.12
C VAL L 211 16.49 56.00 1.89
N ARG L 212 16.44 55.49 0.65
CA ARG L 212 17.07 54.25 0.24
C ARG L 212 18.57 54.28 0.46
N ASP L 213 19.23 55.41 0.20
CA ASP L 213 20.65 55.57 0.40
C ASP L 213 21.04 55.54 1.88
N ILE L 214 20.25 56.14 2.78
CA ILE L 214 20.48 56.03 4.21
C ILE L 214 20.09 54.67 4.77
N LYS L 215 19.22 53.92 4.06
CA LYS L 215 18.88 52.56 4.40
C LYS L 215 20.06 51.65 4.17
N GLU L 216 20.83 51.91 3.10
CA GLU L 216 22.10 51.26 2.84
C GLU L 216 23.12 51.56 3.93
N LYS L 217 23.53 52.83 4.03
CA LYS L 217 24.70 53.23 4.77
C LYS L 217 24.58 53.23 6.28
N LEU L 218 23.53 53.84 6.86
CA LEU L 218 23.54 54.10 8.29
C LEU L 218 22.88 53.06 9.17
N CYS L 219 22.01 52.20 8.64
CA CYS L 219 21.29 51.21 9.44
C CYS L 219 22.14 50.04 9.92
N TYR L 220 21.76 49.39 11.05
CA TYR L 220 22.47 48.23 11.57
C TYR L 220 21.50 47.30 12.27
N VAL L 221 21.86 46.05 12.49
CA VAL L 221 21.02 45.08 13.16
C VAL L 221 21.54 44.87 14.57
N ALA L 222 20.65 44.75 15.55
CA ALA L 222 20.98 44.52 16.93
C ALA L 222 21.35 43.07 17.23
N LEU L 223 22.03 42.80 18.35
CA LEU L 223 22.28 41.44 18.80
C LEU L 223 21.02 40.88 19.43
N ASP L 224 20.36 41.70 20.25
CA ASP L 224 19.07 41.42 20.80
C ASP L 224 18.33 42.74 20.90
N PHE L 225 17.08 42.82 20.38
CA PHE L 225 16.27 44.02 20.32
C PHE L 225 16.10 44.70 21.67
N GLU L 226 15.56 43.96 22.66
CA GLU L 226 15.31 44.42 24.01
C GLU L 226 16.52 45.04 24.70
N ASN L 227 17.72 44.47 24.49
CA ASN L 227 18.92 44.98 25.12
C ASN L 227 19.47 46.17 24.35
N GLU L 228 19.25 46.26 23.02
CA GLU L 228 19.62 47.46 22.29
C GLU L 228 18.72 48.63 22.64
N MET L 229 17.43 48.33 22.90
CA MET L 229 16.43 49.28 23.34
C MET L 229 16.73 49.82 24.72
N ALA L 230 17.25 48.96 25.61
CA ALA L 230 17.74 49.33 26.92
C ALA L 230 18.86 50.36 26.83
N THR L 231 19.89 50.09 26.03
CA THR L 231 21.03 50.99 25.90
C THR L 231 20.67 52.25 25.12
N ALA L 232 19.61 52.21 24.30
CA ALA L 232 19.02 53.37 23.65
C ALA L 232 18.42 54.35 24.64
N ALA L 233 17.83 53.84 25.73
CA ALA L 233 17.30 54.65 26.80
C ALA L 233 18.39 55.36 27.59
N SER L 234 19.61 54.81 27.57
CA SER L 234 20.79 55.44 28.14
C SER L 234 21.29 56.60 27.33
N SER L 235 22.13 57.44 27.93
CA SER L 235 22.58 58.69 27.39
C SER L 235 23.65 58.56 26.33
N SER L 236 24.33 57.44 26.26
CA SER L 236 25.35 57.15 25.27
C SER L 236 24.87 57.21 23.84
N SER L 237 25.60 57.85 22.97
CA SER L 237 25.15 58.14 21.63
C SER L 237 25.19 56.96 20.70
N LEU L 238 24.05 56.61 20.11
CA LEU L 238 23.95 55.68 19.01
C LEU L 238 23.71 56.45 17.72
N GLU L 239 23.52 57.76 17.82
CA GLU L 239 23.27 58.66 16.73
C GLU L 239 24.39 58.83 15.74
N LYS L 240 24.08 58.72 14.44
CA LYS L 240 24.98 59.04 13.36
C LYS L 240 24.41 60.20 12.56
N SER L 241 25.26 61.18 12.19
CA SER L 241 24.84 62.39 11.51
C SER L 241 25.03 62.29 10.01
N TYR L 242 23.93 62.31 9.22
CA TYR L 242 23.98 62.29 7.78
C TYR L 242 23.86 63.71 7.25
N GLU L 243 24.44 64.02 6.09
CA GLU L 243 24.34 65.32 5.47
C GLU L 243 23.52 65.19 4.20
N LEU L 244 22.62 66.15 3.95
CA LEU L 244 21.62 66.06 2.91
C LEU L 244 21.96 67.03 1.79
N PRO L 245 21.57 66.85 0.52
CA PRO L 245 22.03 67.68 -0.57
C PRO L 245 21.75 69.14 -0.46
N ASP L 246 20.74 69.57 0.28
CA ASP L 246 20.49 70.94 0.48
C ASP L 246 21.14 71.51 1.73
N GLY L 247 21.95 70.77 2.42
CA GLY L 247 22.76 71.24 3.52
C GLY L 247 22.31 70.80 4.86
N GLN L 248 21.25 70.01 4.93
CA GLN L 248 20.63 69.69 6.20
C GLN L 248 21.36 68.53 6.86
N VAL L 249 21.42 68.53 8.19
CA VAL L 249 22.07 67.49 8.97
C VAL L 249 21.03 66.69 9.72
N ILE L 250 20.94 65.37 9.45
CA ILE L 250 19.93 64.51 10.04
C ILE L 250 20.63 63.57 11.01
N THR L 251 20.13 63.49 12.25
CA THR L 251 20.67 62.63 13.32
C THR L 251 19.70 61.53 13.70
N ILE L 252 19.95 60.28 13.26
CA ILE L 252 19.10 59.14 13.60
C ILE L 252 19.80 58.17 14.55
N GLY L 253 19.06 57.61 15.53
CA GLY L 253 19.57 56.68 16.52
C GLY L 253 18.71 55.50 16.77
N ASN L 254 17.63 55.62 17.54
CA ASN L 254 16.73 54.54 17.86
C ASN L 254 16.20 53.80 16.61
N GLU L 255 15.63 54.56 15.62
CA GLU L 255 15.11 54.01 14.39
C GLU L 255 16.16 53.29 13.54
N ARG L 256 17.46 53.62 13.73
CA ARG L 256 18.63 53.06 13.06
C ARG L 256 18.72 51.56 13.19
N PHE L 257 18.40 51.00 14.39
CA PHE L 257 18.34 49.55 14.53
C PHE L 257 16.93 49.00 14.43
N ARG L 258 15.91 49.87 14.55
CA ARG L 258 14.52 49.44 14.43
C ARG L 258 14.17 48.98 13.03
N CYS L 259 14.52 49.78 12.00
CA CYS L 259 14.25 49.43 10.62
C CYS L 259 14.76 48.06 10.16
N PRO L 260 16.01 47.60 10.28
CA PRO L 260 16.40 46.28 9.82
C PRO L 260 15.83 45.16 10.67
N GLU L 261 15.56 45.38 11.98
CA GLU L 261 15.02 44.38 12.90
C GLU L 261 13.69 43.80 12.45
N THR L 262 12.92 44.59 11.70
CA THR L 262 11.73 44.18 10.95
C THR L 262 11.86 42.87 10.18
N LEU L 263 13.06 42.52 9.67
CA LEU L 263 13.31 41.26 9.00
C LEU L 263 13.13 40.04 9.89
N PHE L 264 13.38 40.19 11.19
CA PHE L 264 13.06 39.21 12.20
C PHE L 264 11.72 39.43 12.86
N GLN L 265 11.11 40.61 12.80
CA GLN L 265 9.81 40.90 13.38
C GLN L 265 8.89 41.71 12.49
N PRO L 266 8.17 41.14 11.52
CA PRO L 266 7.31 41.92 10.62
C PRO L 266 6.11 42.59 11.27
N SER L 267 5.81 42.23 12.54
CA SER L 267 4.82 42.95 13.34
C SER L 267 5.08 44.45 13.45
N PHE L 268 6.32 44.93 13.22
CA PHE L 268 6.62 46.35 13.13
C PHE L 268 5.90 47.06 11.97
N ILE L 269 5.73 46.38 10.82
CA ILE L 269 4.97 46.89 9.69
C ILE L 269 3.51 46.56 9.86
N GLY L 270 3.19 45.64 10.72
CA GLY L 270 1.83 45.20 11.00
C GLY L 270 1.37 44.09 10.15
N MET L 271 2.21 43.51 9.35
CA MET L 271 1.90 42.39 8.51
C MET L 271 1.98 41.07 9.25
N GLU L 272 1.14 40.10 8.87
CA GLU L 272 0.97 38.87 9.61
C GLU L 272 2.09 37.87 9.47
N SER L 273 2.79 37.87 8.33
CA SER L 273 3.92 37.02 7.99
C SER L 273 5.02 36.89 9.02
N ALA L 274 5.68 35.75 9.07
CA ALA L 274 6.70 35.45 10.05
C ALA L 274 8.09 35.79 9.57
N GLY L 275 9.05 35.99 10.49
CA GLY L 275 10.41 36.43 10.18
C GLY L 275 11.25 35.40 9.49
N ILE L 276 12.37 35.84 8.89
CA ILE L 276 13.33 34.98 8.19
C ILE L 276 13.84 33.82 9.01
N HIS L 277 14.15 34.06 10.31
CA HIS L 277 14.24 33.07 11.37
C HIS L 277 13.29 31.87 11.25
N GLU L 278 11.97 32.13 11.26
CA GLU L 278 11.01 31.08 11.30
C GLU L 278 10.71 30.51 9.94
N THR L 279 10.79 31.31 8.85
CA THR L 279 10.55 30.75 7.51
C THR L 279 11.66 29.83 7.09
N THR L 280 12.89 30.10 7.56
CA THR L 280 14.01 29.19 7.42
C THR L 280 13.74 27.88 8.11
N TYR L 281 13.39 27.91 9.41
CA TYR L 281 13.06 26.70 10.14
C TYR L 281 11.88 25.92 9.56
N ASN L 282 10.75 26.59 9.27
CA ASN L 282 9.57 25.93 8.77
C ASN L 282 9.71 25.35 7.38
N SER L 283 10.63 25.86 6.53
CA SER L 283 10.90 25.24 5.25
C SER L 283 11.78 24.02 5.40
N ILE L 284 12.74 24.03 6.33
CA ILE L 284 13.58 22.89 6.65
C ILE L 284 12.72 21.78 7.22
N MET L 285 11.82 22.10 8.15
CA MET L 285 10.88 21.13 8.68
C MET L 285 9.70 20.83 7.77
N LYS L 286 9.77 21.13 6.46
CA LYS L 286 8.88 20.59 5.46
C LYS L 286 9.64 19.69 4.52
N CYS L 287 10.92 19.42 4.80
CA CYS L 287 11.72 18.48 4.05
C CYS L 287 11.89 17.16 4.78
N ASP L 288 12.17 16.07 4.05
CA ASP L 288 12.39 14.73 4.56
C ASP L 288 13.54 14.65 5.57
N ILE L 289 13.44 13.72 6.54
CA ILE L 289 14.26 13.69 7.74
C ILE L 289 15.76 13.62 7.47
N ASP L 290 16.20 12.74 6.57
CA ASP L 290 17.61 12.58 6.28
C ASP L 290 18.22 13.83 5.65
N ILE L 291 17.43 14.59 4.87
CA ILE L 291 17.95 15.75 4.16
C ILE L 291 18.15 16.94 5.09
N ARG L 292 17.38 17.01 6.21
CA ARG L 292 17.40 18.15 7.12
C ARG L 292 18.78 18.42 7.69
N LYS L 293 19.55 17.33 7.90
CA LYS L 293 20.91 17.33 8.37
C LYS L 293 21.86 18.22 7.57
N ASP L 294 21.70 18.33 6.24
CA ASP L 294 22.63 19.06 5.42
C ASP L 294 22.04 20.37 4.96
N LEU L 295 20.76 20.66 5.26
CA LEU L 295 20.23 21.98 5.04
C LEU L 295 20.75 22.93 6.10
N TYR L 296 20.86 22.46 7.37
CA TYR L 296 21.65 23.13 8.36
C TYR L 296 23.12 23.14 7.99
N ALA L 297 23.74 24.34 8.00
CA ALA L 297 25.14 24.59 7.70
C ALA L 297 25.40 24.80 6.23
N ASN L 298 24.34 24.97 5.44
CA ASN L 298 24.39 25.36 4.05
C ASN L 298 23.31 26.43 3.86
N ASN L 299 23.06 27.20 4.92
CA ASN L 299 22.20 28.36 4.89
C ASN L 299 22.92 29.52 4.22
N VAL L 300 22.66 29.78 2.92
CA VAL L 300 23.37 30.79 2.16
C VAL L 300 22.53 32.01 1.82
N MET L 301 22.93 33.16 2.38
CA MET L 301 22.24 34.42 2.13
C MET L 301 22.69 35.02 0.82
N SER L 302 21.82 35.77 0.14
CA SER L 302 22.18 36.39 -1.12
C SER L 302 21.31 37.61 -1.29
N GLY L 303 21.57 38.42 -2.32
CA GLY L 303 20.90 39.70 -2.54
C GLY L 303 21.42 40.81 -1.67
N GLY L 304 21.44 42.03 -2.21
CA GLY L 304 21.93 43.26 -1.61
C GLY L 304 21.25 43.67 -0.34
N THR L 305 19.97 43.29 -0.16
CA THR L 305 19.25 43.66 1.05
C THR L 305 19.66 42.83 2.25
N THR L 306 20.55 41.83 2.07
CA THR L 306 21.14 41.12 3.18
C THR L 306 22.48 41.67 3.59
N MET L 307 22.90 42.84 3.08
CA MET L 307 24.21 43.40 3.39
C MET L 307 24.29 44.25 4.64
N TYR L 308 23.29 44.18 5.54
CA TYR L 308 23.39 44.82 6.83
C TYR L 308 24.45 44.18 7.74
N PRO L 309 25.22 44.90 8.53
CA PRO L 309 26.20 44.31 9.41
C PRO L 309 25.65 43.47 10.49
N GLY L 310 25.09 43.14 11.13
CA GLY L 310 24.56 42.32 12.19
C GLY L 310 23.93 41.05 11.72
N ILE L 311 23.79 40.90 10.40
CA ILE L 311 23.46 39.64 9.79
C ILE L 311 24.78 39.15 9.23
N ALA L 312 25.14 37.89 9.41
CA ALA L 312 24.31 36.76 9.78
C ALA L 312 24.34 36.39 11.25
N ASP L 313 25.02 37.13 12.14
CA ASP L 313 25.24 36.58 13.46
C ASP L 313 24.03 36.76 14.38
N ARG L 314 23.10 37.67 14.03
CA ARG L 314 21.74 37.69 14.56
C ARG L 314 20.98 36.45 14.15
N MET L 315 20.88 36.19 12.82
CA MET L 315 20.27 35.02 12.24
C MET L 315 20.78 33.71 12.82
N GLN L 316 22.11 33.61 13.02
CA GLN L 316 22.80 32.50 13.63
C GLN L 316 22.28 32.24 15.03
N LYS L 317 22.43 33.22 15.95
CA LYS L 317 21.92 33.13 17.30
C LYS L 317 20.45 32.76 17.43
N GLU L 318 19.58 33.30 16.55
CA GLU L 318 18.16 32.99 16.58
C GLU L 318 17.84 31.60 16.09
N ILE L 319 18.48 31.13 15.00
CA ILE L 319 18.24 29.79 14.48
C ILE L 319 18.75 28.75 15.45
N THR L 320 19.96 28.94 16.01
CA THR L 320 20.55 28.04 16.99
C THR L 320 19.68 27.84 18.24
N ALA L 321 18.88 28.84 18.60
CA ALA L 321 17.94 28.74 19.70
C ALA L 321 16.70 27.91 19.39
N LEU L 322 16.24 27.90 18.14
CA LEU L 322 15.03 27.20 17.75
C LEU L 322 15.33 25.80 17.22
N ALA L 323 16.47 25.63 16.54
CA ALA L 323 16.93 24.36 16.03
C ALA L 323 17.24 23.33 17.12
N PRO L 324 17.10 22.03 16.88
CA PRO L 324 17.55 20.97 17.77
C PRO L 324 18.93 21.12 18.38
N SER L 325 19.11 20.72 19.64
CA SER L 325 20.37 20.82 20.35
C SER L 325 21.46 19.94 19.76
N THR L 326 22.69 20.44 19.72
CA THR L 326 23.90 19.75 19.27
C THR L 326 23.99 19.58 17.78
N MET L 327 23.25 20.32 17.00
CA MET L 327 23.27 20.35 15.57
C MET L 327 24.23 21.41 15.08
N LYS L 328 25.05 21.11 14.07
CA LYS L 328 26.01 22.06 13.56
C LYS L 328 25.37 23.04 12.59
N ILE L 329 25.43 24.34 12.90
CA ILE L 329 24.80 25.37 12.11
C ILE L 329 25.84 26.40 11.77
N LYS L 330 26.07 26.63 10.49
CA LYS L 330 26.92 27.67 9.98
C LYS L 330 26.16 28.40 8.90
N ILE L 331 26.19 29.73 8.91
CA ILE L 331 25.45 30.55 7.99
C ILE L 331 26.45 31.20 7.06
N ILE L 332 26.27 31.03 5.76
CA ILE L 332 27.26 31.37 4.76
C ILE L 332 26.87 32.69 4.17
N ALA L 333 27.71 33.71 4.39
CA ALA L 333 27.46 35.04 3.92
C ALA L 333 28.73 35.69 3.43
N PRO L 334 29.12 35.57 2.19
CA PRO L 334 30.35 36.15 1.70
C PRO L 334 30.15 37.61 1.41
N PRO L 335 31.15 38.44 1.30
CA PRO L 335 31.12 39.67 0.55
C PRO L 335 30.47 39.61 -0.81
N GLU L 336 30.05 40.74 -1.33
CA GLU L 336 29.56 40.95 -2.65
C GLU L 336 28.26 40.34 -3.03
N ARG L 337 27.38 40.09 -2.06
CA ARG L 337 26.14 39.39 -2.28
C ARG L 337 25.25 39.96 -3.36
N LYS L 338 25.30 41.29 -3.59
CA LYS L 338 24.61 41.97 -4.66
C LYS L 338 25.02 41.51 -6.05
N TYR L 339 26.23 40.96 -6.22
CA TYR L 339 26.69 40.53 -7.53
C TYR L 339 26.77 39.02 -7.58
N SER L 340 26.29 38.34 -6.52
CA SER L 340 26.26 36.88 -6.38
C SER L 340 25.59 36.23 -7.57
N VAL L 341 24.35 36.67 -7.87
CA VAL L 341 23.56 36.25 -9.00
C VAL L 341 24.31 36.31 -10.32
N TRP L 342 25.00 37.43 -10.59
CA TRP L 342 25.74 37.61 -11.83
C TRP L 342 26.91 36.64 -11.94
N ILE L 343 27.68 36.47 -10.84
CA ILE L 343 28.77 35.51 -10.83
C ILE L 343 28.29 34.07 -10.95
N GLY L 344 27.05 33.79 -10.51
CA GLY L 344 26.35 32.54 -10.75
C GLY L 344 26.09 32.29 -12.19
N GLY L 345 25.37 33.23 -12.84
CA GLY L 345 25.02 33.18 -14.24
C GLY L 345 26.20 33.02 -15.15
N SER L 346 27.29 33.74 -14.84
CA SER L 346 28.54 33.67 -15.57
C SER L 346 29.13 32.28 -15.64
N ILE L 347 29.15 31.56 -14.50
CA ILE L 347 29.62 30.19 -14.42
C ILE L 347 28.77 29.27 -15.26
N LEU L 348 27.45 29.48 -15.28
CA LEU L 348 26.48 28.63 -15.91
C LEU L 348 26.64 28.69 -17.42
N ALA L 349 26.52 29.89 -18.00
CA ALA L 349 26.54 30.10 -19.43
C ALA L 349 27.86 29.74 -20.09
N SER L 350 28.95 29.60 -19.33
CA SER L 350 30.22 29.18 -19.87
C SER L 350 30.34 27.67 -20.00
N LEU L 351 29.65 26.90 -19.15
CA LEU L 351 29.69 25.45 -19.17
C LEU L 351 29.16 24.77 -20.42
N SER L 352 29.86 23.74 -20.88
CA SER L 352 29.26 22.68 -21.65
C SER L 352 28.49 21.77 -20.71
N THR L 353 27.33 21.22 -21.05
CA THR L 353 26.65 21.21 -22.33
C THR L 353 25.52 22.22 -22.39
N PHE L 354 25.45 23.15 -21.46
CA PHE L 354 24.34 24.06 -21.35
C PHE L 354 24.11 24.99 -22.51
N GLN L 355 25.02 25.02 -23.45
CA GLN L 355 24.82 25.57 -24.75
C GLN L 355 23.66 24.99 -25.48
N GLN L 356 23.42 23.72 -25.28
CA GLN L 356 22.36 23.04 -25.89
C GLN L 356 21.15 23.00 -25.04
N MET L 357 21.14 23.72 -23.95
CA MET L 357 19.96 23.92 -23.17
C MET L 357 19.28 25.21 -23.47
N TRP L 358 19.96 26.16 -24.11
CA TRP L 358 19.37 27.37 -24.59
C TRP L 358 18.26 27.15 -25.58
N ILE L 359 17.19 27.95 -25.51
CA ILE L 359 16.10 27.94 -26.47
C ILE L 359 16.47 28.79 -27.66
N THR L 360 16.71 28.17 -28.83
CA THR L 360 17.12 28.90 -30.01
C THR L 360 15.93 29.36 -30.84
N LYS L 361 16.14 30.40 -31.67
CA LYS L 361 15.10 31.11 -32.40
C LYS L 361 14.24 30.24 -33.29
N GLN L 362 14.83 29.34 -34.09
CA GLN L 362 14.07 28.45 -34.95
C GLN L 362 13.16 27.51 -34.18
N GLU L 363 13.67 26.96 -33.06
CA GLU L 363 12.92 26.09 -32.19
C GLU L 363 11.78 26.83 -31.52
N TYR L 364 12.03 28.07 -31.05
CA TYR L 364 11.03 28.96 -30.51
C TYR L 364 9.96 29.32 -31.52
N ASP L 365 10.33 29.63 -32.77
CA ASP L 365 9.40 29.96 -33.83
C ASP L 365 8.45 28.81 -34.12
N GLU L 366 8.96 27.56 -34.16
CA GLU L 366 8.12 26.40 -34.32
C GLU L 366 7.24 26.13 -33.12
N ALA L 367 7.82 26.15 -31.91
CA ALA L 367 7.15 25.77 -30.69
C ALA L 367 6.15 26.79 -30.15
N GLY L 368 6.50 28.07 -30.16
CA GLY L 368 5.69 29.12 -29.56
C GLY L 368 5.86 29.19 -28.07
N PRO L 369 5.10 29.98 -27.37
CA PRO L 369 5.24 30.17 -25.93
C PRO L 369 5.16 28.94 -25.06
N SER L 370 4.65 27.83 -25.54
CA SER L 370 4.59 26.59 -24.82
C SER L 370 5.90 25.90 -24.54
N ILE L 371 6.99 26.28 -25.21
CA ILE L 371 8.31 25.76 -24.91
C ILE L 371 8.85 26.16 -23.57
N VAL L 372 8.47 27.06 -22.94
CA VAL L 372 8.94 27.56 -21.69
C VAL L 372 8.91 26.80 -20.54
N HIS L 373 8.32 26.09 -20.34
CA HIS L 373 8.27 25.31 -19.28
C HIS L 373 8.53 24.33 -19.39
N THR M 7 -15.83 68.63 39.15
CA THR M 7 -15.84 68.87 38.51
C THR M 7 -15.84 68.52 37.10
N THR M 8 -16.41 69.19 36.24
CA THR M 8 -16.60 68.93 34.86
C THR M 8 -15.34 69.02 34.03
N ALA M 9 -15.00 67.95 33.31
CA ALA M 9 -13.90 67.91 32.39
C ALA M 9 -14.00 68.88 31.21
N LEU M 10 -12.86 69.33 30.67
CA LEU M 10 -12.83 70.34 29.62
C LEU M 10 -12.15 69.77 28.39
N VAL M 11 -12.86 69.76 27.25
CA VAL M 11 -12.31 69.38 25.95
C VAL M 11 -11.88 70.60 25.16
N CYS M 12 -10.57 70.71 24.95
CA CYS M 12 -9.91 71.82 24.31
C CYS M 12 -9.17 71.24 23.12
N ASP M 13 -9.56 71.68 21.92
CA ASP M 13 -9.07 71.13 20.69
C ASP M 13 -8.04 72.06 20.10
N ASN M 14 -6.83 71.51 19.91
CA ASN M 14 -5.70 72.11 19.24
C ASN M 14 -5.94 72.13 17.75
N GLY M 15 -6.91 72.93 17.32
CA GLY M 15 -7.14 73.29 15.94
C GLY M 15 -5.95 73.83 15.21
N SER M 16 -5.97 73.65 13.90
CA SER M 16 -5.11 74.22 12.91
C SER M 16 -5.65 75.55 12.50
N GLY M 17 -6.96 75.73 12.66
CA GLY M 17 -7.73 76.89 12.32
C GLY M 17 -7.66 78.04 13.30
N LEU M 18 -8.63 78.34 14.19
CA LEU M 18 -9.81 77.67 14.67
C LEU M 18 -9.52 76.68 15.79
N VAL M 19 -8.96 77.19 16.90
CA VAL M 19 -8.91 76.46 18.16
C VAL M 19 -10.32 76.41 18.75
N LYS M 20 -10.74 75.24 19.26
CA LYS M 20 -12.11 75.03 19.73
C LYS M 20 -12.10 74.63 21.20
N ALA M 21 -12.96 75.23 22.04
CA ALA M 21 -13.00 74.92 23.46
C ALA M 21 -14.40 74.89 24.06
N GLY M 22 -14.69 73.88 24.90
CA GLY M 22 -15.98 73.76 25.55
C GLY M 22 -15.96 72.62 26.52
N PHE M 23 -16.72 72.69 27.63
CA PHE M 23 -16.72 71.64 28.64
C PHE M 23 -17.30 70.32 28.11
N ALA M 24 -17.14 69.22 28.86
CA ALA M 24 -17.60 67.93 28.41
C ALA M 24 -19.11 67.79 28.42
N GLY M 25 -19.73 67.74 27.24
CA GLY M 25 -21.16 67.68 27.02
C GLY M 25 -21.89 68.98 27.15
N ASP M 26 -23.04 69.15 26.53
CA ASP M 26 -23.80 68.20 25.75
C ASP M 26 -24.38 68.86 24.52
N ASP M 27 -23.93 70.04 24.18
CA ASP M 27 -24.52 70.84 23.15
C ASP M 27 -23.52 71.26 22.08
N ALA M 28 -22.75 72.32 22.27
CA ALA M 28 -21.87 72.90 21.28
C ALA M 28 -20.66 73.54 21.94
N PRO M 29 -19.56 73.88 21.27
CA PRO M 29 -18.43 74.55 21.89
C PRO M 29 -18.77 75.91 22.42
N ARG M 30 -18.12 76.38 23.44
CA ARG M 30 -18.33 77.69 23.99
C ARG M 30 -17.45 78.74 23.34
N ALA M 31 -16.24 78.38 22.92
CA ALA M 31 -15.30 79.32 22.36
C ALA M 31 -14.65 78.74 21.12
N VAL M 32 -14.66 79.51 20.03
CA VAL M 32 -14.01 79.17 18.79
C VAL M 32 -13.33 80.45 18.36
N PHE M 33 -12.05 80.43 17.94
CA PHE M 33 -11.40 81.66 17.54
C PHE M 33 -10.22 81.38 16.61
N PRO M 34 -9.78 82.31 15.78
CA PRO M 34 -8.87 82.04 14.70
C PRO M 34 -7.46 81.87 15.14
N SER M 35 -6.86 81.40 15.81
CA SER M 35 -5.55 81.09 16.31
C SER M 35 -4.50 82.16 16.20
N ILE M 36 -4.58 83.12 15.44
CA ILE M 36 -3.68 84.22 15.19
C ILE M 36 -3.21 85.02 16.40
N VAL M 37 -1.88 85.24 16.49
CA VAL M 37 -1.27 86.25 17.34
C VAL M 37 -0.65 87.30 16.44
N GLY M 38 -0.73 88.59 16.80
CA GLY M 38 -0.22 89.66 15.95
C GLY M 38 0.39 90.78 16.74
N ARG M 39 1.66 91.09 16.47
CA ARG M 39 2.36 92.21 17.08
C ARG M 39 2.10 93.48 16.26
N PRO M 40 2.16 94.69 16.84
CA PRO M 40 1.85 95.92 16.14
C PRO M 40 3.00 96.44 15.30
N ARG M 41 2.81 96.56 13.99
CA ARG M 41 3.86 96.92 13.07
C ARG M 41 4.11 98.39 12.90
N HIS M 42 3.38 99.26 13.54
CA HIS M 42 3.55 100.68 13.45
C HIS M 42 3.70 101.30 14.82
N GLN M 43 4.29 102.50 14.91
CA GLN M 43 4.47 103.22 16.15
C GLN M 43 3.24 103.95 16.62
N GLY M 44 2.96 103.89 17.93
CA GLY M 44 1.81 104.50 18.54
C GLY M 44 2.05 105.92 18.91
N VAL M 45 1.04 106.77 18.78
CA VAL M 45 1.17 108.18 19.05
C VAL M 45 0.12 108.67 20.00
N MET M 46 -0.77 107.80 20.48
CA MET M 46 -1.81 108.16 21.39
C MET M 46 -1.46 108.38 22.78
N VAL M 47 -1.07 108.27 23.48
CA VAL M 47 -0.65 108.46 24.79
C VAL M 47 -1.55 107.86 25.76
N GLY M 48 -1.92 107.03 26.00
CA GLY M 48 -2.71 106.29 26.96
C GLY M 48 -1.95 105.42 27.79
N MET M 49 -1.29 104.49 27.34
CA MET M 49 -1.18 104.11 26.06
C MET M 49 -2.14 103.16 25.53
N GLY M 50 -2.56 102.25 26.31
CA GLY M 50 -3.66 101.45 26.03
C GLY M 50 -3.50 100.32 25.07
N GLN M 51 -2.35 100.05 24.58
CA GLN M 51 -2.11 99.04 23.57
C GLN M 51 -1.50 97.78 24.15
N LYS M 52 -1.90 96.61 23.65
CA LYS M 52 -1.40 95.33 24.09
C LYS M 52 -0.10 94.97 23.42
N ASP M 53 0.73 94.14 24.07
CA ASP M 53 2.00 93.67 23.52
C ASP M 53 1.80 92.75 22.33
N SER M 54 0.85 91.82 22.46
CA SER M 54 0.44 90.96 21.39
C SER M 54 -1.04 90.77 21.48
N TYR M 55 -1.78 91.06 20.40
CA TYR M 55 -3.20 90.83 20.34
C TYR M 55 -3.43 89.41 19.88
N VAL M 56 -4.26 88.63 20.60
CA VAL M 56 -4.71 87.35 20.10
C VAL M 56 -6.01 87.57 19.34
N GLY M 57 -6.51 86.57 18.59
CA GLY M 57 -7.89 86.56 18.11
C GLY M 57 -8.86 86.41 19.26
N ASP M 58 -10.07 86.99 19.24
CA ASP M 58 -10.74 87.74 18.22
C ASP M 58 -10.20 89.15 18.02
N GLU M 59 -9.59 89.78 19.04
CA GLU M 59 -9.12 91.16 18.95
C GLU M 59 -8.14 91.46 17.83
N ALA M 60 -7.30 90.48 17.43
CA ALA M 60 -6.44 90.60 16.27
C ALA M 60 -7.14 90.46 14.94
N GLN M 61 -8.43 90.14 14.91
CA GLN M 61 -9.19 90.07 13.68
C GLN M 61 -10.09 91.27 13.60
N SER M 62 -10.19 92.05 14.68
CA SER M 62 -10.82 93.34 14.69
C SER M 62 -9.84 94.44 14.46
N LYS M 63 -8.54 94.20 14.67
CA LYS M 63 -7.50 95.18 14.54
C LYS M 63 -6.57 94.87 13.38
N ARG M 64 -7.10 94.30 12.30
CA ARG M 64 -6.35 94.09 11.08
C ARG M 64 -5.73 95.34 10.48
N GLY M 65 -4.58 95.17 9.83
CA GLY M 65 -3.89 96.21 9.08
C GLY M 65 -2.94 97.04 9.87
N ILE M 66 -2.90 96.88 11.19
CA ILE M 66 -1.95 97.58 12.03
C ILE M 66 -1.08 96.59 12.78
N LEU M 67 -1.26 95.30 12.47
CA LEU M 67 -0.55 94.21 13.10
C LEU M 67 0.00 93.32 12.01
N THR M 68 0.86 92.35 12.39
CA THR M 68 1.36 91.33 11.48
C THR M 68 0.96 89.97 12.00
N LEU M 69 -0.13 89.41 11.46
CA LEU M 69 -0.72 88.16 11.89
C LEU M 69 0.19 86.95 11.69
N LYS M 70 0.39 86.14 12.74
CA LYS M 70 1.19 84.95 12.69
C LYS M 70 0.42 83.79 13.29
N TYR M 71 0.01 82.80 12.46
CA TYR M 71 -0.66 81.60 12.92
C TYR M 71 0.32 80.80 13.77
N PRO M 72 0.05 80.36 14.99
CA PRO M 72 1.07 79.75 15.83
C PRO M 72 1.31 78.30 15.51
N ILE M 73 0.43 77.68 14.73
CA ILE M 73 0.58 76.31 14.29
C ILE M 73 0.57 76.31 12.79
N GLU M 74 1.61 75.76 12.17
CA GLU M 74 1.83 75.85 10.74
C GLU M 74 2.45 74.55 10.31
N HIS M 75 1.92 73.92 9.25
CA HIS M 75 2.29 72.61 8.77
C HIS M 75 2.13 71.56 9.84
N GLY M 76 1.11 71.71 10.70
CA GLY M 76 0.77 70.75 11.73
C GLY M 76 1.66 70.76 12.93
N ILE M 77 2.58 71.73 13.05
CA ILE M 77 3.45 71.81 14.20
C ILE M 77 3.53 73.23 14.72
N ILE M 78 3.60 73.38 16.05
CA ILE M 78 3.64 74.64 16.74
C ILE M 78 4.93 75.41 16.54
N THR M 79 4.85 76.73 16.31
CA THR M 79 6.00 77.60 16.03
C THR M 79 6.92 77.77 17.22
N ASN M 80 6.36 78.03 18.40
CA ASN M 80 7.10 78.11 19.64
C ASN M 80 6.09 78.02 20.75
N TRP M 81 6.49 77.54 21.94
CA TRP M 81 5.54 77.43 23.03
C TRP M 81 5.36 78.74 23.78
N ASP M 82 6.16 79.79 23.47
CA ASP M 82 5.97 81.11 24.04
C ASP M 82 4.66 81.76 23.59
N ASP M 83 4.31 81.60 22.30
CA ASP M 83 3.07 82.10 21.76
C ASP M 83 1.95 81.12 22.06
N MET M 84 2.21 79.80 22.00
CA MET M 84 1.24 78.78 22.31
C MET M 84 0.68 78.91 23.73
N GLU M 85 1.55 79.16 24.73
CA GLU M 85 1.14 79.43 26.10
C GLU M 85 0.20 80.62 26.20
N LYS M 86 0.39 81.67 25.36
CA LYS M 86 -0.49 82.82 25.37
C LYS M 86 -1.84 82.47 24.80
N ILE M 87 -1.92 81.63 23.74
CA ILE M 87 -3.15 81.02 23.25
C ILE M 87 -3.92 80.32 24.36
N TRP M 88 -3.25 79.41 25.08
CA TRP M 88 -3.83 78.66 26.18
C TRP M 88 -4.34 79.57 27.29
N HIS M 89 -3.48 80.48 27.81
CA HIS M 89 -3.81 81.45 28.84
C HIS M 89 -5.03 82.31 28.50
N HIS M 90 -5.07 82.86 27.27
CA HIS M 90 -6.20 83.60 26.74
C HIS M 90 -7.47 82.79 26.72
N THR M 91 -7.38 81.55 26.23
CA THR M 91 -8.50 80.63 26.10
C THR M 91 -9.14 80.27 27.42
N PHE M 92 -8.34 79.76 28.38
CA PHE M 92 -8.87 79.37 29.67
C PHE M 92 -9.39 80.53 30.46
N TYR M 93 -8.62 81.62 30.55
CA TYR M 93 -8.98 82.73 31.40
C TYR M 93 -10.00 83.70 30.82
N ASN M 94 -9.80 84.21 29.59
CA ASN M 94 -10.64 85.29 29.13
C ASN M 94 -11.71 84.86 28.15
N GLU M 95 -11.88 83.56 27.93
CA GLU M 95 -12.99 83.05 27.14
C GLU M 95 -13.76 82.10 28.02
N LEU M 96 -13.19 81.01 28.48
CA LEU M 96 -13.88 80.00 29.25
C LEU M 96 -14.13 80.38 30.69
N ARG M 97 -13.31 81.26 31.28
CA ARG M 97 -13.43 81.74 32.65
C ARG M 97 -13.27 80.61 33.66
N VAL M 98 -12.24 79.78 33.49
CA VAL M 98 -12.03 78.63 34.35
C VAL M 98 -10.56 78.46 34.66
N ALA M 99 -10.22 78.02 35.88
CA ALA M 99 -8.90 77.68 36.29
C ALA M 99 -8.55 76.23 35.95
N PRO M 100 -7.43 75.89 35.33
CA PRO M 100 -7.06 74.51 35.03
C PRO M 100 -6.95 73.58 36.20
N GLU M 101 -6.72 74.08 37.42
CA GLU M 101 -6.65 73.26 38.60
C GLU M 101 -8.00 72.70 38.98
N GLU M 102 -9.09 73.28 38.47
CA GLU M 102 -10.45 72.83 38.69
C GLU M 102 -10.89 71.65 37.87
N HIS M 103 -10.30 71.35 36.73
CA HIS M 103 -10.83 70.36 35.82
C HIS M 103 -9.79 69.41 35.29
N PRO M 104 -9.99 68.11 35.16
CA PRO M 104 -9.24 67.30 34.20
C PRO M 104 -9.47 67.71 32.77
N THR M 105 -8.41 67.82 31.95
CA THR M 105 -8.56 68.31 30.58
C THR M 105 -8.38 67.19 29.59
N LEU M 106 -8.79 67.41 28.34
CA LEU M 106 -8.64 66.49 27.26
C LEU M 106 -8.12 67.32 26.11
N LEU M 107 -6.93 66.99 25.58
CA LEU M 107 -6.29 67.77 24.56
C LEU M 107 -6.23 66.92 23.30
N THR M 108 -6.08 67.56 22.13
CA THR M 108 -6.02 66.87 20.84
C THR M 108 -4.69 67.07 20.14
N GLU M 109 -4.36 66.18 19.18
CA GLU M 109 -3.16 66.32 18.38
C GLU M 109 -3.48 65.92 16.94
N ALA M 110 -2.48 65.94 16.06
CA ALA M 110 -2.59 65.52 14.69
C ALA M 110 -1.89 64.20 14.45
N PRO M 111 -2.41 63.26 13.69
CA PRO M 111 -1.78 61.99 13.44
C PRO M 111 -0.47 62.05 12.78
N LEU M 112 0.49 61.63 12.77
CA LEU M 112 1.80 61.60 12.19
C LEU M 112 2.53 62.89 12.43
N ASN M 113 2.65 63.29 13.64
CA ASN M 113 3.32 64.47 14.09
C ASN M 113 4.62 64.08 14.71
N PRO M 114 5.71 64.71 14.44
CA PRO M 114 6.99 64.32 14.95
C PRO M 114 7.18 64.24 16.43
N LYS M 115 7.95 63.26 16.89
CA LYS M 115 8.42 63.15 18.23
C LYS M 115 9.59 64.09 18.40
N ALA M 116 9.75 64.83 19.49
CA ALA M 116 9.15 64.71 20.80
C ALA M 116 8.17 65.82 21.06
N ASN M 117 7.35 66.23 20.12
CA ASN M 117 6.41 67.31 20.29
C ASN M 117 5.13 66.99 21.04
N ARG M 118 4.86 65.74 21.41
CA ARG M 118 3.72 65.45 22.27
C ARG M 118 4.17 65.46 23.71
N GLU M 119 5.41 64.99 23.95
CA GLU M 119 6.10 65.02 25.21
C GLU M 119 6.27 66.44 25.70
N LYS M 120 7.09 67.25 25.00
CA LYS M 120 7.32 68.66 25.30
C LYS M 120 6.06 69.48 25.56
N MET M 121 4.98 69.25 24.78
CA MET M 121 3.68 69.84 25.01
C MET M 121 3.10 69.43 26.36
N THR M 122 2.91 68.12 26.58
CA THR M 122 2.40 67.54 27.82
C THR M 122 3.16 68.00 29.04
N GLN M 123 4.50 68.07 28.93
CA GLN M 123 5.40 68.41 30.02
C GLN M 123 5.26 69.86 30.38
N ILE M 124 5.35 70.77 29.39
CA ILE M 124 5.14 72.19 29.60
C ILE M 124 3.76 72.50 30.15
N MET M 125 2.67 71.90 29.60
CA MET M 125 1.33 72.16 30.07
C MET M 125 1.07 71.73 31.50
N PHE M 126 1.74 70.68 32.00
CA PHE M 126 1.59 70.23 33.37
C PHE M 126 2.29 71.17 34.32
N GLU M 127 3.47 71.71 33.96
CA GLU M 127 4.20 72.60 34.85
C GLU M 127 3.72 74.04 34.79
N THR M 128 3.21 74.48 33.64
CA THR M 128 2.70 75.84 33.47
C THR M 128 1.30 76.00 34.02
N PHE M 129 0.36 75.12 33.64
CA PHE M 129 -1.03 75.34 33.97
C PHE M 129 -1.49 74.48 35.13
N ASN M 130 -0.74 73.43 35.53
CA ASN M 130 -0.93 72.69 36.77
C ASN M 130 -2.27 71.95 36.81
N VAL M 131 -2.72 71.46 35.65
CA VAL M 131 -3.87 70.60 35.47
C VAL M 131 -3.79 69.31 36.28
N PRO M 132 -4.86 68.74 36.84
CA PRO M 132 -4.72 67.59 37.72
C PRO M 132 -4.59 66.31 36.93
N ALA M 133 -5.11 66.27 35.70
CA ALA M 133 -4.92 65.13 34.83
C ALA M 133 -5.19 65.55 33.39
N MET M 134 -4.67 64.78 32.43
CA MET M 134 -4.72 65.12 31.03
C MET M 134 -4.63 63.89 30.16
N TYR M 135 -5.03 63.99 28.89
CA TYR M 135 -4.78 62.95 27.92
C TYR M 135 -4.78 63.65 26.57
N VAL M 136 -4.09 63.07 25.56
CA VAL M 136 -3.97 63.66 24.25
C VAL M 136 -4.47 62.68 23.21
N ALA M 137 -5.60 62.99 22.55
CA ALA M 137 -6.19 62.16 21.51
C ALA M 137 -5.98 62.73 20.11
N ILE M 138 -5.72 61.90 19.08
CA ILE M 138 -5.61 62.43 17.72
C ILE M 138 -6.99 62.82 17.19
N GLN M 139 -7.11 63.94 16.44
CA GLN M 139 -8.38 64.53 16.05
C GLN M 139 -9.21 63.61 15.16
N ALA M 140 -8.55 62.75 14.38
CA ALA M 140 -9.21 61.84 13.47
C ALA M 140 -10.02 60.76 14.19
N VAL M 141 -9.45 60.08 15.20
CA VAL M 141 -10.13 59.06 15.98
C VAL M 141 -11.43 59.55 16.60
N LEU M 142 -11.42 60.80 17.11
CA LEU M 142 -12.58 61.40 17.73
C LEU M 142 -13.76 61.57 16.80
N SER M 143 -13.51 61.73 15.49
CA SER M 143 -14.60 61.88 14.53
C SER M 143 -15.39 60.61 14.31
N LEU M 144 -14.89 59.43 14.74
CA LEU M 144 -15.68 58.20 14.70
C LEU M 144 -16.85 58.26 15.65
N TYR M 145 -16.59 58.70 16.89
CA TYR M 145 -17.58 58.82 17.94
C TYR M 145 -18.64 59.84 17.60
N ALA M 146 -18.23 60.97 17.01
CA ALA M 146 -19.11 62.04 16.57
C ALA M 146 -20.13 61.59 15.54
N SER M 147 -19.74 60.70 14.63
CA SER M 147 -20.62 60.16 13.63
C SER M 147 -21.27 58.88 14.05
N GLY M 148 -20.93 58.36 15.23
CA GLY M 148 -21.54 57.17 15.79
C GLY M 148 -21.18 55.92 15.05
N ARG M 149 -19.99 55.88 14.47
CA ARG M 149 -19.47 54.77 13.73
C ARG M 149 -18.41 54.05 14.46
N THR M 150 -18.06 52.84 14.02
CA THR M 150 -17.03 52.03 14.64
C THR M 150 -16.09 51.45 13.61
N THR M 151 -16.22 51.85 12.35
CA THR M 151 -15.46 51.38 11.21
C THR M 151 -15.39 52.57 10.28
N GLY M 152 -14.35 52.68 9.42
CA GLY M 152 -14.27 53.73 8.42
C GLY M 152 -12.98 54.48 8.37
N ILE M 153 -12.76 55.17 7.25
CA ILE M 153 -11.59 56.02 7.06
C ILE M 153 -11.93 57.44 7.46
N VAL M 154 -11.15 57.99 8.42
CA VAL M 154 -11.34 59.29 9.04
C VAL M 154 -10.38 60.36 8.51
N LEU M 155 -10.97 61.49 8.08
CA LEU M 155 -10.34 62.66 7.49
C LEU M 155 -10.19 63.91 8.36
N ASP M 156 -9.02 64.26 8.96
CA ASP M 156 -8.90 65.50 9.75
C ASP M 156 -8.24 66.42 8.76
N SER M 157 -9.03 67.37 8.25
CA SER M 157 -8.57 68.30 7.24
C SER M 157 -8.79 69.70 7.75
N GLY M 158 -7.69 70.37 8.13
CA GLY M 158 -7.69 71.77 8.52
C GLY M 158 -6.59 72.49 7.83
N ASP M 159 -6.64 73.83 7.79
CA ASP M 159 -5.53 74.65 7.32
C ASP M 159 -4.22 74.41 8.11
N GLY M 160 -3.12 73.84 7.57
CA GLY M 160 -2.91 73.23 6.27
C GLY M 160 -2.37 71.84 6.23
N VAL M 161 -2.96 70.90 6.98
CA VAL M 161 -2.61 69.49 6.93
C VAL M 161 -3.86 68.64 6.92
N THR M 162 -4.02 67.78 5.89
CA THR M 162 -5.08 66.79 5.83
C THR M 162 -4.55 65.43 6.24
N HIS M 163 -5.41 64.49 6.66
CA HIS M 163 -4.96 63.14 6.99
C HIS M 163 -6.01 62.13 6.60
N ASN M 164 -5.57 60.89 6.33
CA ASN M 164 -6.40 59.77 5.92
C ASN M 164 -6.11 58.56 6.79
N VAL M 165 -6.89 58.31 7.86
CA VAL M 165 -6.62 57.21 8.79
C VAL M 165 -7.69 56.11 8.69
N PRO M 166 -7.40 54.86 8.31
CA PRO M 166 -8.40 53.79 8.30
C PRO M 166 -8.56 53.07 9.63
N ILE M 167 -9.80 52.92 10.13
CA ILE M 167 -10.12 52.23 11.37
C ILE M 167 -11.16 51.16 11.11
N TYR M 168 -10.97 49.93 11.63
CA TYR M 168 -11.93 48.84 11.53
C TYR M 168 -12.38 48.40 12.89
N GLU M 169 -13.62 48.15 13.17
CA GLU M 169 -14.24 47.68 14.38
C GLU M 169 -13.39 46.90 15.34
N GLY M 170 -12.72 47.48 16.31
CA GLY M 170 -12.53 48.84 16.62
C GLY M 170 -11.07 49.10 16.75
N TYR M 171 -10.28 48.57 15.90
CA TYR M 171 -8.86 48.56 15.85
C TYR M 171 -8.32 49.43 14.75
N ALA M 172 -7.17 50.06 14.93
CA ALA M 172 -6.58 50.92 13.96
C ALA M 172 -5.54 50.19 13.13
N LEU M 173 -5.36 50.54 11.87
CA LEU M 173 -4.44 49.89 10.96
C LEU M 173 -3.22 50.76 10.72
N PRO M 174 -2.08 50.56 11.34
CA PRO M 174 -0.92 51.44 11.22
C PRO M 174 -0.31 51.46 9.85
N HIS M 175 -0.46 50.40 9.06
CA HIS M 175 0.28 50.25 7.83
C HIS M 175 -0.32 51.04 6.70
N ALA M 176 -1.47 51.65 6.85
CA ALA M 176 -2.13 52.38 5.80
C ALA M 176 -2.39 53.84 6.11
N ILE M 177 -1.81 54.41 7.19
CA ILE M 177 -2.05 55.80 7.54
C ILE M 177 -1.34 56.80 6.62
N MET M 178 -2.08 57.74 6.01
CA MET M 178 -1.54 58.74 5.11
C MET M 178 -1.70 60.17 5.59
N ARG M 179 -0.62 60.96 5.62
CA ARG M 179 -0.66 62.37 5.97
C ARG M 179 -0.34 63.17 4.72
N LEU M 180 -1.28 64.01 4.24
CA LEU M 180 -1.01 64.89 3.13
C LEU M 180 -0.93 66.33 3.62
N ASP M 181 0.16 67.04 3.31
CA ASP M 181 0.25 68.46 3.56
C ASP M 181 -0.33 69.22 2.37
N LEU M 182 -1.48 69.12 2.05
CA LEU M 182 -2.12 69.66 0.88
C LEU M 182 -3.16 70.70 1.20
N ALA M 183 -4.17 70.41 1.91
CA ALA M 183 -5.23 71.31 2.21
C ALA M 183 -5.18 71.70 3.66
N GLY M 184 -5.56 72.94 4.06
CA GLY M 184 -6.16 74.02 3.29
C GLY M 184 -5.38 75.30 3.16
N ARG M 185 -4.32 75.55 3.96
CA ARG M 185 -3.63 76.82 3.90
C ARG M 185 -2.89 77.10 2.60
N ASP M 186 -2.49 76.03 1.89
CA ASP M 186 -1.91 76.13 0.57
C ASP M 186 -2.97 76.43 -0.47
N LEU M 187 -4.24 76.09 -0.19
CA LEU M 187 -5.36 76.50 -1.01
C LEU M 187 -5.60 77.98 -0.84
N THR M 188 -5.45 78.50 0.40
CA THR M 188 -5.47 79.94 0.67
C THR M 188 -4.40 80.66 -0.12
N ASP M 189 -3.14 80.19 -0.04
CA ASP M 189 -2.04 80.76 -0.81
C ASP M 189 -2.24 80.68 -2.32
N TYR M 190 -2.80 79.57 -2.83
CA TYR M 190 -3.10 79.37 -4.24
C TYR M 190 -4.20 80.31 -4.72
N LEU M 191 -5.26 80.50 -3.91
CA LEU M 191 -6.30 81.46 -4.20
C LEU M 191 -5.75 82.86 -4.31
N MET M 192 -4.81 83.24 -3.44
CA MET M 192 -4.15 84.53 -3.53
C MET M 192 -3.31 84.66 -4.80
N LYS M 193 -2.74 83.55 -5.30
CA LYS M 193 -1.98 83.56 -6.52
C LYS M 193 -2.84 83.63 -7.77
N ILE M 194 -4.07 83.11 -7.74
CA ILE M 194 -4.92 83.21 -8.92
C ILE M 194 -5.92 84.34 -8.81
N LEU M 195 -5.97 85.07 -7.69
CA LEU M 195 -6.70 86.32 -7.61
C LEU M 195 -5.86 87.50 -8.04
N THR M 196 -4.53 87.40 -7.94
CA THR M 196 -3.60 88.39 -8.50
C THR M 196 -3.69 88.43 -10.00
N GLU M 197 -4.03 87.29 -10.62
CA GLU M 197 -4.29 87.16 -12.03
C GLU M 197 -5.46 87.98 -12.53
N ARG M 198 -6.40 88.33 -11.63
CA ARG M 198 -7.49 89.21 -11.92
C ARG M 198 -7.23 90.61 -11.38
N GLY M 199 -6.02 90.90 -10.92
CA GLY M 199 -5.57 92.25 -10.66
C GLY M 199 -5.79 92.73 -9.26
N TYR M 200 -6.21 91.87 -8.34
CA TYR M 200 -6.43 92.25 -6.97
C TYR M 200 -5.26 91.82 -6.13
N SER M 201 -4.55 92.75 -5.55
CA SER M 201 -3.35 92.50 -4.80
C SER M 201 -3.50 92.38 -3.33
N PHE M 202 -3.55 91.32 -2.78
CA PHE M 202 -3.76 91.05 -1.39
C PHE M 202 -2.54 90.38 -0.79
N VAL M 203 -1.40 90.85 -0.91
CA VAL M 203 -0.15 90.22 -0.57
C VAL M 203 0.18 90.21 0.91
N THR M 204 -0.37 91.13 1.67
CA THR M 204 -0.02 91.36 3.05
C THR M 204 -0.69 90.38 3.98
N THR M 205 -0.10 90.17 5.16
CA THR M 205 -0.51 89.17 6.12
C THR M 205 -1.93 89.32 6.60
N ALA M 206 -2.32 90.54 7.00
CA ALA M 206 -3.68 90.84 7.39
C ALA M 206 -4.71 90.56 6.33
N GLU M 207 -4.43 91.02 5.10
CA GLU M 207 -5.26 90.87 3.95
C GLU M 207 -5.46 89.43 3.56
N ARG M 208 -4.51 88.54 3.90
CA ARG M 208 -4.63 87.11 3.68
C ARG M 208 -5.83 86.50 4.39
N GLU M 209 -6.24 87.01 5.55
CA GLU M 209 -7.47 86.60 6.22
C GLU M 209 -8.72 86.82 5.38
N ILE M 210 -8.81 87.94 4.65
CA ILE M 210 -9.90 88.24 3.74
C ILE M 210 -10.00 87.21 2.62
N VAL M 211 -8.84 86.78 2.10
CA VAL M 211 -8.74 85.69 1.13
C VAL M 211 -9.33 84.41 1.69
N ARG M 212 -8.99 84.08 2.95
CA ARG M 212 -9.52 82.94 3.66
C ARG M 212 -11.04 82.99 3.80
N ASP M 213 -11.60 84.19 4.04
CA ASP M 213 -13.03 84.37 4.15
C ASP M 213 -13.75 84.16 2.82
N ILE M 214 -13.18 84.60 1.67
CA ILE M 214 -13.75 84.31 0.36
C ILE M 214 -13.52 82.86 -0.06
N LYS M 215 -12.52 82.18 0.53
CA LYS M 215 -12.28 80.76 0.32
C LYS M 215 -13.39 79.95 0.95
N GLU M 216 -13.89 80.38 2.12
CA GLU M 216 -15.06 79.83 2.75
C GLU M 216 -16.31 80.04 1.90
N LYS M 217 -16.71 81.30 1.73
CA LYS M 217 -18.02 81.65 1.21
C LYS M 217 -18.26 81.44 -0.27
N LEU M 218 -17.37 81.91 -1.16
CA LEU M 218 -17.71 81.97 -2.56
C LEU M 218 -17.29 80.78 -3.41
N CYS M 219 -16.32 79.96 -2.98
CA CYS M 219 -15.83 78.85 -3.77
C CYS M 219 -16.78 77.65 -3.87
N TYR M 220 -16.68 76.84 -4.94
CA TYR M 220 -17.51 75.66 -5.11
C TYR M 220 -16.75 74.59 -5.88
N VAL M 221 -17.16 73.35 -5.82
CA VAL M 221 -16.51 72.25 -6.53
C VAL M 221 -17.36 71.88 -7.74
N ALA M 222 -16.72 71.58 -8.87
CA ALA M 222 -17.36 71.17 -10.09
C ALA M 222 -17.81 69.71 -10.07
N LEU M 223 -18.74 69.32 -10.95
CA LEU M 223 -19.11 67.94 -11.13
C LEU M 223 -18.04 67.23 -11.94
N ASP M 224 -17.58 67.89 -13.01
CA ASP M 224 -16.46 67.48 -13.80
C ASP M 224 -15.75 68.74 -14.25
N PHE M 225 -14.41 68.83 -14.05
CA PHE M 225 -13.58 69.99 -14.35
C PHE M 225 -13.73 70.46 -15.79
N GLU M 226 -13.44 69.58 -16.76
CA GLU M 226 -13.51 69.84 -18.18
C GLU M 226 -14.85 70.40 -18.66
N ASN M 227 -15.97 69.94 -18.09
CA ASN M 227 -17.28 70.41 -18.50
C ASN M 227 -17.62 71.72 -17.80
N GLU M 228 -17.10 71.98 -16.59
CA GLU M 228 -17.27 73.28 -15.98
C GLU M 228 -16.45 74.34 -16.69
N MET M 229 -15.26 73.95 -17.20
CA MET M 229 -14.38 74.78 -17.99
C MET M 229 -15.00 75.15 -19.33
N ALA M 230 -15.72 74.19 -19.94
CA ALA M 230 -16.50 74.40 -21.13
C ALA M 230 -17.54 75.48 -20.95
N THR M 231 -18.36 75.37 -19.89
CA THR M 231 -19.42 76.33 -19.64
C THR M 231 -18.89 77.67 -19.15
N ALA M 232 -17.66 77.70 -18.60
CA ALA M 232 -16.93 78.90 -18.29
C ALA M 232 -16.55 79.71 -19.51
N ALA M 233 -16.24 79.03 -20.62
CA ALA M 233 -15.96 79.66 -21.90
C ALA M 233 -17.20 80.31 -22.51
N SER M 234 -18.40 79.82 -22.13
CA SER M 234 -19.66 80.42 -22.50
C SER M 234 -19.95 81.71 -21.78
N SER M 235 -20.89 82.48 -22.27
CA SER M 235 -21.19 83.82 -21.84
C SER M 235 -21.98 83.90 -20.56
N SER M 236 -22.64 82.82 -20.16
CA SER M 236 -23.41 82.73 -18.94
C SER M 236 -22.61 82.95 -17.69
N SER M 237 -23.09 83.74 -16.77
CA SER M 237 -22.34 84.19 -15.63
C SER M 237 -22.17 83.15 -14.56
N LEU M 238 -20.94 82.84 -14.19
CA LEU M 238 -20.59 82.08 -13.02
C LEU M 238 -20.04 82.99 -11.95
N GLU M 239 -19.88 84.28 -12.28
CA GLU M 239 -19.36 85.30 -11.42
C GLU M 239 -20.22 85.65 -10.23
N LYS M 240 -19.61 85.72 -9.04
CA LYS M 240 -20.22 86.22 -7.83
C LYS M 240 -19.48 87.46 -7.36
N SER M 241 -20.21 88.51 -6.95
CA SER M 241 -19.62 89.79 -6.57
C SER M 241 -19.44 89.91 -5.07
N TYR M 242 -18.21 89.98 -4.58
CA TYR M 242 -17.91 90.16 -3.17
C TYR M 242 -17.65 91.63 -2.90
N GLU M 243 -17.94 92.12 -1.69
CA GLU M 243 -17.67 93.49 -1.30
C GLU M 243 -16.59 93.51 -0.25
N LEU M 244 -15.64 94.44 -0.35
CA LEU M 244 -14.42 94.46 0.43
C LEU M 244 -14.47 95.58 1.44
N PRO M 245 -13.81 95.57 2.60
CA PRO M 245 -13.98 96.56 3.63
C PRO M 245 -13.72 97.97 3.25
N ASP M 246 -12.90 98.24 2.25
CA ASP M 246 -12.69 99.56 1.79
C ASP M 246 -13.61 99.98 0.66
N GLY M 247 -14.57 99.19 0.30
CA GLY M 247 -15.60 99.55 -0.64
C GLY M 247 -15.48 98.91 -1.98
N GLN M 248 -14.49 98.06 -2.18
CA GLN M 248 -14.18 97.54 -3.49
C GLN M 248 -15.07 96.34 -3.79
N VAL M 249 -15.43 96.16 -5.06
CA VAL M 249 -16.26 95.05 -5.51
C VAL M 249 -15.44 94.11 -6.35
N ILE M 250 -15.30 92.84 -5.93
CA ILE M 250 -14.47 91.85 -6.59
C ILE M 250 -15.38 90.83 -7.23
N THR M 251 -15.19 90.54 -8.53
CA THR M 251 -15.98 89.57 -9.30
C THR M 251 -15.16 88.39 -9.74
N ILE M 252 -15.30 87.22 -9.07
CA ILE M 252 -14.58 86.01 -9.42
C ILE M 252 -15.48 84.95 -10.04
N GLY M 253 -15.00 84.23 -11.08
CA GLY M 253 -15.74 83.20 -11.78
C GLY M 253 -14.98 81.96 -12.04
N ASN M 254 -14.12 81.91 -13.05
CA ASN M 254 -13.31 80.76 -13.40
C ASN M 254 -12.52 80.18 -12.22
N GLU M 255 -11.74 81.03 -11.51
CA GLU M 255 -10.94 80.64 -10.36
C GLU M 255 -11.77 80.10 -9.19
N ARG M 256 -13.08 80.46 -9.13
CA ARG M 256 -14.06 80.05 -8.14
C ARG M 256 -14.20 78.56 -8.02
N PHE M 257 -14.18 77.83 -9.16
CA PHE M 257 -14.18 76.36 -9.11
C PHE M 257 -12.79 75.78 -9.25
N ARG M 258 -11.81 76.56 -9.74
CA ARG M 258 -10.44 76.09 -9.87
C ARG M 258 -9.78 75.81 -8.54
N CYS M 259 -9.87 76.75 -7.59
CA CYS M 259 -9.28 76.59 -6.27
C CYS M 259 -9.68 75.32 -5.51
N PRO M 260 -10.93 74.92 -5.28
CA PRO M 260 -11.21 73.68 -4.56
C PRO M 260 -10.88 72.43 -5.34
N GLU M 261 -10.93 72.45 -6.69
CA GLU M 261 -10.63 71.31 -7.55
C GLU M 261 -9.24 70.75 -7.34
N THR M 262 -8.30 71.60 -6.91
CA THR M 262 -6.99 71.23 -6.39
C THR M 262 -6.94 70.05 -5.44
N LEU M 263 -8.00 69.84 -4.62
CA LEU M 263 -8.09 68.69 -3.74
C LEU M 263 -8.14 67.35 -4.46
N PHE M 264 -8.68 67.33 -5.67
CA PHE M 264 -8.62 66.21 -6.58
C PHE M 264 -7.48 66.26 -7.56
N GLN M 265 -6.85 67.42 -7.80
CA GLN M 265 -5.73 67.56 -8.71
C GLN M 265 -4.62 68.45 -8.19
N PRO M 266 -3.69 67.98 -7.33
CA PRO M 266 -2.63 68.84 -6.77
C PRO M 266 -1.61 69.35 -7.78
N SER M 267 -1.61 68.81 -9.01
CA SER M 267 -0.84 69.37 -10.11
C SER M 267 -1.10 70.84 -10.37
N PHE M 268 -2.24 71.41 -9.94
CA PHE M 268 -2.49 72.84 -10.00
C PHE M 268 -1.51 73.68 -9.14
N ILE M 269 -1.08 73.14 -7.98
CA ILE M 269 -0.07 73.77 -7.13
C ILE M 269 1.29 73.36 -7.59
N GLY M 270 1.41 72.31 -8.36
CA GLY M 270 2.64 71.78 -8.88
C GLY M 270 3.27 70.77 -8.00
N MET M 271 2.64 70.35 -6.96
CA MET M 271 3.13 69.34 -6.06
C MET M 271 2.85 67.93 -6.56
N GLU M 272 3.75 66.99 -6.25
CA GLU M 272 3.73 65.66 -6.82
C GLU M 272 2.65 64.75 -6.28
N SER M 273 2.25 64.94 -5.03
CA SER M 273 1.21 64.19 -4.32
C SER M 273 -0.09 63.98 -5.04
N ALA M 274 -0.77 62.88 -4.75
CA ALA M 274 -1.99 62.49 -5.42
C ALA M 274 -3.23 62.95 -4.68
N GLY M 275 -4.37 63.07 -5.38
CA GLY M 275 -5.61 63.60 -4.84
C GLY M 275 -6.29 62.72 -3.83
N ILE M 276 -7.23 63.29 -3.06
CA ILE M 276 -8.01 62.58 -2.04
C ILE M 276 -8.71 61.35 -2.55
N HIS M 277 -9.30 61.43 -3.76
CA HIS M 277 -9.65 60.30 -4.61
C HIS M 277 -8.73 59.10 -4.55
N GLU M 278 -7.44 59.29 -4.89
CA GLU M 278 -6.52 58.19 -5.01
C GLU M 278 -5.92 57.81 -3.68
N THR M 279 -5.74 58.74 -2.73
CA THR M 279 -5.20 58.37 -1.42
C THR M 279 -6.19 57.58 -0.62
N THR M 280 -7.50 57.83 -0.83
CA THR M 280 -8.56 57.00 -0.30
C THR M 280 -8.49 55.60 -0.84
N TYR M 281 -8.44 55.42 -2.18
CA TYR M 281 -8.30 54.11 -2.78
C TYR M 281 -7.03 53.37 -2.38
N ASN M 282 -5.86 54.02 -2.46
CA ASN M 282 -4.61 53.38 -2.16
C ASN M 282 -4.43 53.01 -0.69
N SER M 283 -5.12 53.67 0.26
CA SER M 283 -5.09 53.25 1.64
C SER M 283 -5.99 52.06 1.89
N ILE M 284 -7.14 51.98 1.20
CA ILE M 284 -8.04 50.85 1.26
C ILE M 284 -7.35 49.63 0.68
N MET M 285 -6.69 49.78 -0.48
CA MET M 285 -5.92 48.70 -1.06
C MET M 285 -4.56 48.47 -0.41
N LYS M 286 -4.32 48.97 0.81
CA LYS M 286 -3.22 48.53 1.64
C LYS M 286 -3.75 47.80 2.86
N CYS M 287 -5.07 47.56 2.93
CA CYS M 287 -5.68 46.76 3.98
C CYS M 287 -6.05 45.38 3.50
N ASP M 288 -6.15 44.40 4.43
CA ASP M 288 -6.51 43.01 4.18
C ASP M 288 -7.86 42.84 3.48
N ILE M 289 -8.01 41.79 2.66
CA ILE M 289 -9.09 41.64 1.70
C ILE M 289 -10.47 41.66 2.31
N ASP M 290 -10.71 40.94 3.42
CA ASP M 290 -12.01 40.90 4.04
C ASP M 290 -12.44 42.25 4.60
N ILE M 291 -11.48 43.07 5.06
CA ILE M 291 -11.80 44.33 5.70
C ILE M 291 -12.20 45.40 4.68
N ARG M 292 -11.71 45.28 3.41
CA ARG M 292 -11.93 46.28 2.37
C ARG M 292 -13.41 46.53 2.10
N LYS M 293 -14.21 45.46 2.23
CA LYS M 293 -15.65 45.46 2.10
C LYS M 293 -16.37 46.49 2.95
N ASP M 294 -15.90 46.78 4.18
CA ASP M 294 -16.61 47.66 5.07
C ASP M 294 -15.91 48.99 5.20
N LEU M 295 -14.73 49.18 4.57
CA LEU M 295 -14.14 50.49 4.46
C LEU M 295 -14.89 51.31 3.42
N TYR M 296 -15.29 50.68 2.30
CA TYR M 296 -16.29 51.24 1.42
C TYR M 296 -17.63 51.37 2.13
N ALA M 297 -18.22 52.57 2.08
CA ALA M 297 -19.51 52.93 2.66
C ALA M 297 -19.41 53.36 4.11
N ASN M 298 -18.19 53.58 4.60
CA ASN M 298 -17.91 54.17 5.89
C ASN M 298 -16.81 55.19 5.66
N ASN M 299 -16.80 55.80 4.47
CA ASN M 299 -15.94 56.91 4.13
C ASN M 299 -16.48 58.18 4.78
N VAL M 300 -15.91 58.60 5.93
CA VAL M 300 -16.41 59.74 6.67
C VAL M 300 -15.49 60.96 6.63
N MET M 301 -16.00 62.05 6.03
CA MET M 301 -15.26 63.29 5.92
C MET M 301 -15.38 64.09 7.20
N SER M 302 -14.36 64.88 7.55
CA SER M 302 -14.41 65.68 8.75
C SER M 302 -13.51 66.88 8.53
N GLY M 303 -13.51 67.84 9.47
CA GLY M 303 -12.79 69.09 9.34
C GLY M 303 -13.48 70.10 8.45
N GLY M 304 -13.35 71.39 8.81
CA GLY M 304 -13.95 72.54 8.16
C GLY M 304 -13.59 72.74 6.73
N THR M 305 -12.41 72.28 6.30
CA THR M 305 -11.97 72.44 4.93
C THR M 305 -12.66 71.47 3.99
N THR M 306 -13.50 70.55 4.51
CA THR M 306 -14.34 69.71 3.68
C THR M 306 -15.74 70.27 3.52
N MET M 307 -16.01 71.52 3.94
CA MET M 307 -17.35 72.08 3.86
C MET M 307 -17.71 72.76 2.54
N TYR M 308 -16.95 72.53 1.46
CA TYR M 308 -17.33 72.98 0.14
C TYR M 308 -18.58 72.27 -0.38
N PRO M 309 -19.51 72.91 -1.08
CA PRO M 309 -20.68 72.25 -1.61
C PRO M 309 -20.40 71.25 -2.65
N GLY M 310 -20.02 70.81 -3.36
CA GLY M 310 -19.77 69.82 -4.38
C GLY M 310 -19.06 68.60 -3.88
N ILE M 311 -18.61 68.63 -2.63
CA ILE M 311 -18.17 67.45 -1.93
C ILE M 311 -19.31 67.11 -1.02
N ALA M 312 -19.74 65.84 -0.92
CA ALA M 312 -19.03 64.65 -1.31
C ALA M 312 -19.41 64.08 -2.65
N ASP M 313 -20.27 64.72 -3.47
CA ASP M 313 -20.79 64.00 -4.60
C ASP M 313 -19.84 64.00 -5.80
N ARG M 314 -18.84 64.90 -5.81
CA ARG M 314 -17.64 64.78 -6.62
C ARG M 314 -16.81 63.58 -6.22
N MET M 315 -16.42 63.50 -4.93
CA MET M 315 -15.71 62.39 -4.34
C MET M 315 -16.35 61.04 -4.59
N GLN M 316 -17.69 60.98 -4.48
CA GLN M 316 -18.51 59.83 -4.73
C GLN M 316 -18.35 59.35 -6.17
N LYS M 317 -18.70 60.20 -7.15
CA LYS M 317 -18.53 59.90 -8.57
C LYS M 317 -17.12 59.44 -8.98
N GLU M 318 -16.07 60.06 -8.41
CA GLU M 318 -14.70 59.69 -8.71
C GLU M 318 -14.29 58.36 -8.12
N ILE M 319 -14.66 58.08 -6.84
CA ILE M 319 -14.32 56.82 -6.20
C ILE M 319 -15.05 55.68 -6.88
N THR M 320 -16.36 55.83 -7.16
CA THR M 320 -17.17 54.83 -7.85
C THR M 320 -16.63 54.43 -9.21
N ALA M 321 -15.91 55.33 -9.89
CA ALA M 321 -15.27 55.03 -11.15
C ALA M 321 -14.00 54.20 -11.02
N LEU M 322 -13.25 54.35 -9.91
CA LEU M 322 -12.00 53.64 -9.72
C LEU M 322 -12.19 52.36 -8.95
N ALA M 323 -13.13 52.33 -8.00
CA ALA M 323 -13.47 51.17 -7.22
C ALA M 323 -14.05 50.01 -8.04
N PRO M 324 -13.87 48.75 -7.66
CA PRO M 324 -14.54 47.60 -8.26
C PRO M 324 -16.02 47.73 -8.54
N SER M 325 -16.49 47.18 -9.66
CA SER M 325 -17.88 47.22 -10.06
C SER M 325 -18.81 46.49 -9.11
N THR M 326 -20.01 47.04 -8.86
CA THR M 326 -21.08 46.48 -8.06
C THR M 326 -20.82 46.53 -6.57
N MET M 327 -19.91 47.33 -6.11
CA MET M 327 -19.59 47.56 -4.73
C MET M 327 -20.40 48.71 -4.19
N LYS M 328 -20.97 48.61 -3.00
CA LYS M 328 -21.77 49.65 -2.41
C LYS M 328 -20.91 50.73 -1.77
N ILE M 329 -21.02 51.98 -2.24
CA ILE M 329 -20.20 53.07 -1.77
C ILE M 329 -21.11 54.20 -1.36
N LYS M 330 -21.05 54.60 -0.11
CA LYS M 330 -21.74 55.75 0.42
C LYS M 330 -20.74 56.58 1.17
N ILE M 331 -20.75 57.89 0.98
CA ILE M 331 -19.80 58.80 1.59
C ILE M 331 -20.55 59.62 2.61
N ILE M 332 -20.06 59.62 3.86
CA ILE M 332 -20.79 60.13 4.99
C ILE M 332 -20.26 61.52 5.27
N ALA M 333 -21.11 62.53 5.11
CA ALA M 333 -20.74 63.91 5.31
C ALA M 333 -21.86 64.67 5.98
N PRO M 334 -21.94 64.74 7.28
CA PRO M 334 -23.01 65.44 7.94
C PRO M 334 -22.73 66.91 7.97
N PRO M 335 -23.67 67.80 8.18
CA PRO M 335 -23.44 69.12 8.73
C PRO M 335 -22.49 69.21 9.88
N GLU M 336 -21.95 70.38 10.12
CA GLU M 336 -21.17 70.75 11.26
C GLU M 336 -19.82 70.14 11.41
N ARG M 337 -19.19 69.72 10.31
CA ARG M 337 -17.95 69.01 10.34
C ARG M 337 -16.82 69.67 11.09
N LYS M 338 -16.81 71.02 11.13
CA LYS M 338 -15.88 71.81 11.91
C LYS M 338 -15.95 71.56 13.41
N TYR M 339 -17.09 71.09 13.93
CA TYR M 339 -17.24 70.88 15.34
C TYR M 339 -17.33 69.39 15.64
N SER M 340 -17.11 68.55 14.61
CA SER M 340 -17.13 67.09 14.69
C SER M 340 -16.21 66.58 15.77
N VAL M 341 -14.94 66.99 15.70
CA VAL M 341 -13.90 66.70 16.66
C VAL M 341 -14.32 66.98 18.11
N TRP M 342 -14.92 68.15 18.37
CA TRP M 342 -15.34 68.54 19.70
C TRP M 342 -16.48 67.65 20.21
N ILE M 343 -17.48 67.36 19.36
CA ILE M 343 -18.56 66.46 19.73
C ILE M 343 -18.08 65.03 19.96
N GLY M 344 -16.97 64.65 19.29
CA GLY M 344 -16.26 63.40 19.53
C GLY M 344 -15.68 63.35 20.90
N GLY M 345 -14.81 64.33 21.22
CA GLY M 345 -14.13 64.46 22.49
C GLY M 345 -15.07 64.48 23.66
N SER M 346 -16.20 65.20 23.51
CA SER M 346 -17.24 65.29 24.50
C SER M 346 -17.81 63.96 24.92
N ILE M 347 -18.11 63.08 23.93
CA ILE M 347 -18.61 61.74 24.16
C ILE M 347 -17.59 60.90 24.91
N LEU M 348 -16.30 61.05 24.59
CA LEU M 348 -15.22 60.26 25.10
C LEU M 348 -15.03 60.54 26.57
N ALA M 349 -14.75 61.79 26.93
CA ALA M 349 -14.44 62.20 28.28
C ALA M 349 -15.57 62.00 29.28
N SER M 350 -16.81 61.80 28.82
CA SER M 350 -17.93 61.51 29.69
C SER M 350 -18.03 60.05 30.06
N LEU M 351 -17.57 59.14 29.20
CA LEU M 351 -17.63 57.71 29.44
C LEU M 351 -16.83 57.19 30.61
N SER M 352 -17.41 56.26 31.37
CA SER M 352 -16.66 55.29 32.12
C SER M 352 -16.15 54.22 31.17
N THR M 353 -14.94 53.67 31.31
CA THR M 353 -13.98 53.81 32.39
C THR M 353 -12.86 54.76 32.05
N PHE M 354 -13.00 55.56 31.00
CA PHE M 354 -11.93 56.39 30.50
C PHE M 354 -11.42 57.45 31.44
N GLN M 355 -12.09 57.65 32.53
CA GLN M 355 -11.58 58.36 33.66
C GLN M 355 -10.29 57.84 34.19
N GLN M 356 -10.12 56.55 34.12
CA GLN M 356 -8.95 55.91 34.57
C GLN M 356 -7.98 55.70 33.48
N MET M 357 -8.21 56.26 32.33
CA MET M 357 -7.25 56.29 31.27
C MET M 357 -6.50 57.59 31.22
N TRP M 358 -7.00 58.64 31.85
CA TRP M 358 -6.31 59.88 31.99
C TRP M 358 -4.99 59.75 32.73
N ILE M 359 -3.95 60.47 32.30
CA ILE M 359 -2.67 60.55 32.97
C ILE M 359 -2.74 61.57 34.08
N THR M 360 -2.70 61.13 35.35
CA THR M 360 -2.82 62.05 36.48
C THR M 360 -1.47 62.56 36.93
N LYS M 361 -1.46 63.70 37.63
CA LYS M 361 -0.27 64.45 37.98
C LYS M 361 0.76 63.68 38.77
N GLN M 362 0.37 62.93 39.81
CA GLN M 362 1.30 62.13 40.59
C GLN M 362 1.98 61.05 39.77
N GLU M 363 1.23 60.38 38.90
CA GLU M 363 1.74 59.36 38.01
C GLU M 363 2.70 59.95 37.00
N TYR M 364 2.36 61.12 36.43
CA TYR M 364 3.22 61.88 35.54
C TYR M 364 4.51 62.32 36.22
N ASP M 365 4.43 62.83 37.47
CA ASP M 365 5.60 63.24 38.22
C ASP M 365 6.57 62.10 38.45
N GLU M 366 6.06 60.91 38.79
CA GLU M 366 6.90 59.74 38.92
C GLU M 366 7.48 59.26 37.60
N ALA M 367 6.62 59.14 36.56
CA ALA M 367 6.99 58.57 35.29
C ALA M 367 7.85 59.45 34.39
N GLY M 368 7.53 60.74 34.30
CA GLY M 368 8.18 61.66 33.39
C GLY M 368 7.67 61.53 31.98
N PRO M 369 8.26 62.18 31.01
CA PRO M 369 7.80 62.18 29.63
C PRO M 369 7.65 60.83 28.96
N SER M 370 8.24 59.78 29.46
CA SER M 370 8.11 58.44 28.93
C SER M 370 6.76 57.79 29.07
N ILE M 371 5.87 58.30 29.90
CA ILE M 371 4.51 57.81 30.00
C ILE M 371 3.68 58.06 28.77
N VAL M 372 3.91 58.83 27.95
CA VAL M 372 3.17 59.17 26.79
C VAL M 372 2.91 58.26 25.78
N HIS M 373 3.43 57.51 25.55
CA HIS M 373 3.22 56.58 24.63
C HIS M 373 2.98 55.65 24.94
N THR N 7 13.79 90.31 -43.46
CA THR N 7 13.93 90.63 -42.89
C THR N 7 14.26 90.49 -41.48
N THR N 8 15.01 91.24 -40.87
CA THR N 8 15.52 91.17 -39.54
C THR N 8 14.48 91.43 -38.48
N ALA N 9 14.30 90.50 -37.55
CA ALA N 9 13.44 90.64 -36.40
C ALA N 9 13.82 91.75 -35.44
N LEU N 10 12.83 92.33 -34.74
CA LEU N 10 13.05 93.47 -33.87
C LEU N 10 12.67 93.12 -32.44
N VAL N 11 13.62 93.24 -31.50
CA VAL N 11 13.37 93.06 -30.07
C VAL N 11 13.14 94.41 -29.39
N CYS N 12 11.91 94.60 -28.90
CA CYS N 12 11.43 95.82 -28.32
C CYS N 12 10.98 95.45 -26.92
N ASP N 13 11.63 96.03 -25.91
CA ASP N 13 11.45 95.68 -24.53
C ASP N 13 10.58 96.73 -23.87
N ASN N 14 9.43 96.27 -23.34
CA ASN N 14 8.49 97.00 -22.53
C ASN N 14 9.08 97.22 -21.14
N GLY N 15 10.13 98.03 -21.06
CA GLY N 15 10.66 98.57 -19.84
C GLY N 15 9.67 99.26 -18.96
N SER N 16 9.99 99.27 -17.68
CA SER N 16 9.38 100.01 -16.61
C SER N 16 10.01 101.37 -16.52
N GLY N 17 11.26 101.47 -17.01
CA GLY N 17 12.10 102.62 -17.02
C GLY N 17 11.82 103.62 -18.12
N LEU N 18 12.55 103.75 -19.24
CA LEU N 18 13.59 102.97 -19.87
C LEU N 18 13.05 101.86 -20.73
N VAL N 19 12.25 102.21 -21.76
CA VAL N 19 11.91 101.32 -22.85
C VAL N 19 13.13 101.14 -23.73
N LYS N 20 13.43 99.88 -24.14
CA LYS N 20 14.65 99.55 -24.87
C LYS N 20 14.30 98.95 -26.23
N ALA N 21 14.95 99.38 -27.32
CA ALA N 21 14.67 98.87 -28.65
C ALA N 21 15.90 98.69 -29.53
N GLY N 22 15.97 97.56 -30.26
CA GLY N 22 17.08 97.30 -31.16
C GLY N 22 16.84 96.04 -31.91
N PHE N 23 17.31 95.91 -33.17
CA PHE N 23 17.07 94.74 -33.98
C PHE N 23 17.74 93.49 -33.42
N ALA N 24 17.41 92.30 -33.92
CA ALA N 24 17.95 91.06 -33.41
C ALA N 24 19.43 90.86 -33.74
N GLY N 25 20.29 90.95 -32.73
CA GLY N 25 21.73 90.87 -32.83
C GLY N 25 22.42 92.09 -33.31
N ASP N 26 23.69 92.30 -32.99
CA ASP N 26 24.60 91.45 -32.28
C ASP N 26 25.45 92.25 -31.32
N ASP N 27 25.10 93.48 -31.08
CA ASP N 27 25.91 94.39 -30.33
C ASP N 27 25.19 95.00 -29.13
N ALA N 28 24.40 96.06 -29.30
CA ALA N 28 23.79 96.81 -28.24
C ALA N 28 22.46 97.40 -28.69
N PRO N 29 21.54 97.88 -27.86
CA PRO N 29 20.30 98.49 -28.30
C PRO N 29 20.53 99.77 -29.08
N ARG N 30 19.66 100.11 -29.99
CA ARG N 30 19.75 101.31 -30.76
C ARG N 30 19.06 102.47 -30.09
N ALA N 31 17.96 102.23 -29.36
CA ALA N 31 17.19 103.28 -28.75
C ALA N 31 16.84 102.91 -27.33
N VAL N 32 17.11 103.82 -26.39
CA VAL N 32 16.74 103.69 -24.99
C VAL N 32 16.19 105.05 -24.62
N PHE N 33 15.04 105.14 -23.93
CA PHE N 33 14.51 106.44 -23.58
C PHE N 33 13.58 106.35 -22.38
N PRO N 34 13.34 107.41 -21.61
CA PRO N 34 12.69 107.33 -20.33
C PRO N 34 11.23 107.17 -20.42
N SER N 35 10.49 106.62 -20.86
CA SER N 35 9.09 106.30 -21.00
C SER N 35 8.11 107.43 -20.81
N ILE N 36 8.37 108.48 -20.24
CA ILE N 36 7.56 109.65 -19.97
C ILE N 36 6.83 110.27 -21.14
N VAL N 37 5.52 110.54 -20.95
CA VAL N 37 4.74 111.44 -21.79
C VAL N 37 4.35 112.63 -20.95
N GLY N 38 4.36 113.86 -21.50
CA GLY N 38 4.07 115.06 -20.72
C GLY N 38 3.30 116.09 -21.51
N ARG N 39 2.12 116.47 -21.02
CA ARG N 39 1.32 117.52 -21.60
C ARG N 39 1.76 118.89 -21.06
N PRO N 40 1.59 119.99 -21.78
CA PRO N 40 2.06 121.31 -21.36
C PRO N 40 1.13 121.99 -20.38
N ARG N 41 1.62 122.29 -19.17
CA ARG N 41 0.82 122.81 -18.10
C ARG N 41 0.63 124.30 -18.11
N HIS N 42 1.20 125.04 -19.02
CA HIS N 42 1.06 126.47 -19.10
C HIS N 42 0.60 126.89 -20.47
N GLN N 43 0.03 128.08 -20.60
CA GLN N 43 -0.43 128.63 -21.86
C GLN N 43 0.68 129.24 -22.71
N GLY N 44 0.64 128.97 -24.02
CA GLY N 44 1.63 129.45 -24.96
C GLY N 44 1.32 130.81 -25.47
N VAL N 45 2.33 131.64 -25.70
CA VAL N 45 2.16 132.99 -26.13
C VAL N 45 2.98 133.29 -27.36
N MET N 46 3.72 132.33 -27.89
CA MET N 46 4.53 132.52 -29.06
C MET N 46 3.87 132.54 -30.35
N VAL N 47 3.32 132.35 -30.92
CA VAL N 47 2.63 132.37 -32.11
C VAL N 47 3.27 131.61 -33.16
N GLY N 48 3.58 130.73 -33.36
CA GLY N 48 4.12 129.83 -34.34
C GLY N 48 3.18 128.89 -34.85
N MET N 49 2.64 128.05 -34.13
CA MET N 49 2.82 127.87 -32.82
C MET N 49 3.86 126.97 -32.38
N GLY N 50 4.09 125.93 -33.09
CA GLY N 50 5.22 125.14 -32.95
C GLY N 50 5.26 124.16 -31.82
N GLN N 51 4.26 124.01 -31.05
CA GLN N 51 4.24 123.17 -29.87
C GLN N 51 3.51 121.86 -30.12
N LYS N 52 3.99 120.77 -29.54
CA LYS N 52 3.41 119.46 -29.66
C LYS N 52 2.28 119.25 -28.68
N ASP N 53 1.32 118.37 -28.98
CA ASP N 53 0.21 118.04 -28.11
C ASP N 53 0.67 117.29 -26.87
N SER N 54 1.55 116.31 -27.07
CA SER N 54 2.19 115.60 -26.00
C SER N 54 3.61 115.33 -26.40
N TYR N 55 4.58 115.73 -25.56
CA TYR N 55 5.97 115.46 -25.79
C TYR N 55 6.29 114.11 -25.20
N VAL N 56 6.93 113.20 -25.96
CA VAL N 56 7.47 111.99 -25.38
C VAL N 56 8.91 112.26 -24.97
N GLY N 57 9.56 111.36 -24.22
CA GLY N 57 11.01 111.36 -24.07
C GLY N 57 11.69 111.02 -25.37
N ASP N 58 12.88 111.53 -25.70
CA ASP N 58 13.76 112.40 -24.98
C ASP N 58 13.30 113.85 -24.88
N GLU N 59 12.47 114.35 -25.81
CA GLU N 59 12.06 115.73 -25.84
C GLU N 59 11.36 116.23 -24.58
N ALA N 60 10.63 115.36 -23.86
CA ALA N 60 10.04 115.67 -22.57
C ALA N 60 11.03 115.70 -21.41
N GLN N 61 12.29 115.34 -21.62
CA GLN N 61 13.32 115.41 -20.61
C GLN N 61 14.22 116.57 -20.91
N SER N 62 14.07 117.17 -22.09
CA SER N 62 14.71 118.42 -22.43
C SER N 62 13.81 119.59 -22.15
N LYS N 63 12.50 119.38 -22.03
CA LYS N 63 11.51 120.41 -21.82
C LYS N 63 10.88 120.30 -20.44
N ARG N 64 11.64 119.89 -19.43
CA ARG N 64 11.19 119.86 -18.07
C ARG N 64 10.72 121.22 -17.54
N GLY N 65 9.75 121.19 -16.62
CA GLY N 65 9.27 122.36 -15.90
C GLY N 65 8.16 123.10 -16.58
N ILE N 66 7.83 122.76 -17.81
CA ILE N 66 6.70 123.37 -18.50
C ILE N 66 5.69 122.32 -18.88
N LEU N 67 5.93 121.08 -18.44
CA LEU N 67 5.08 119.95 -18.73
C LEU N 67 4.77 119.25 -17.42
N THR N 68 3.85 118.27 -17.45
CA THR N 68 3.56 117.41 -16.32
C THR N 68 3.82 115.97 -16.69
N LEU N 69 5.00 115.46 -16.34
CA LEU N 69 5.46 114.12 -16.70
C LEU N 69 4.61 112.99 -16.12
N LYS N 70 4.18 112.06 -16.97
CA LYS N 70 3.40 110.91 -16.57
C LYS N 70 4.00 109.65 -17.14
N TYR N 71 4.57 108.78 -16.29
CA TYR N 71 5.11 107.50 -16.72
C TYR N 71 3.96 106.62 -17.19
N PRO N 72 3.94 106.01 -18.36
CA PRO N 72 2.75 105.33 -18.86
C PRO N 72 2.57 103.95 -18.27
N ILE N 73 3.60 103.41 -17.63
CA ILE N 73 3.55 102.12 -16.97
C ILE N 73 3.91 102.34 -15.52
N GLU N 74 3.02 101.93 -14.61
CA GLU N 74 3.13 102.21 -13.21
C GLU N 74 2.63 101.02 -12.46
N HIS N 75 3.38 100.54 -11.46
CA HIS N 75 3.11 99.31 -10.73
C HIS N 75 3.01 98.12 -11.64
N GLY N 76 3.81 98.11 -12.71
CA GLY N 76 3.90 97.00 -13.63
C GLY N 76 2.76 96.88 -14.60
N ILE N 77 1.85 97.85 -14.66
CA ILE N 77 0.74 97.80 -15.58
C ILE N 77 0.56 99.14 -16.26
N ILE N 78 0.18 99.10 -17.55
CA ILE N 78 -0.01 100.26 -18.40
C ILE N 78 -1.22 101.09 -18.02
N THR N 79 -1.07 102.43 -18.02
CA THR N 79 -2.11 103.37 -17.61
C THR N 79 -3.28 103.42 -18.58
N ASN N 80 -3.00 103.49 -19.89
CA ASN N 80 -4.00 103.42 -20.93
C ASN N 80 -3.27 103.13 -22.21
N TRP N 81 -3.93 102.50 -23.20
CA TRP N 81 -3.27 102.20 -24.44
C TRP N 81 -3.25 103.37 -25.39
N ASP N 82 -3.95 104.49 -25.08
CA ASP N 82 -3.88 105.72 -25.86
C ASP N 82 -2.50 106.36 -25.81
N ASP N 83 -1.86 106.38 -24.63
CA ASP N 83 -0.53 106.89 -24.46
C ASP N 83 0.49 105.83 -24.85
N MET N 84 0.23 104.56 -24.54
CA MET N 84 1.10 103.44 -24.92
C MET N 84 1.32 103.35 -26.42
N GLU N 85 0.24 103.50 -27.23
CA GLU N 85 0.34 103.55 -28.68
C GLU N 85 1.23 104.68 -29.17
N LYS N 86 1.25 105.84 -28.47
CA LYS N 86 2.12 106.94 -28.83
C LYS N 86 3.57 106.62 -28.54
N ILE N 87 3.87 105.93 -27.42
CA ILE N 87 5.18 105.35 -27.13
C ILE N 87 5.66 104.47 -28.27
N TRP N 88 4.84 103.49 -28.68
CA TRP N 88 5.14 102.58 -29.76
C TRP N 88 5.40 103.29 -31.08
N HIS N 89 4.46 104.15 -31.52
CA HIS N 89 4.55 104.95 -32.72
C HIS N 89 5.81 105.79 -32.80
N HIS N 90 6.14 106.52 -31.71
CA HIS N 90 7.37 107.28 -31.56
C HIS N 90 8.60 106.42 -31.71
N THR N 91 8.61 105.27 -31.03
CA THR N 91 9.73 104.34 -31.02
C THR N 91 10.04 103.77 -32.38
N PHE N 92 9.05 103.16 -33.05
CA PHE N 92 9.26 102.56 -34.36
C PHE N 92 9.60 103.59 -35.41
N TYR N 93 8.84 104.68 -35.48
CA TYR N 93 9.01 105.64 -36.54
C TYR N 93 10.13 106.63 -36.36
N ASN N 94 10.24 107.32 -35.21
CA ASN N 94 11.16 108.42 -35.10
C ASN N 94 12.43 108.10 -34.33
N GLU N 95 12.63 106.83 -33.97
CA GLU N 95 13.88 106.39 -33.39
C GLU N 95 14.42 105.29 -34.26
N LEU N 96 13.75 104.18 -34.42
CA LEU N 96 14.24 103.03 -35.17
C LEU N 96 14.17 103.20 -36.68
N ARG N 97 13.24 104.02 -37.18
CA ARG N 97 13.04 104.29 -38.60
C ARG N 97 12.66 103.04 -39.37
N VAL N 98 11.68 102.29 -38.86
CA VAL N 98 11.26 101.05 -39.47
C VAL N 98 9.76 100.89 -39.41
N ALA N 99 9.16 100.30 -40.44
CA ALA N 99 7.76 99.95 -40.50
C ALA N 99 7.49 98.59 -39.87
N PRO N 100 6.55 98.37 -38.97
CA PRO N 100 6.24 97.07 -38.40
C PRO N 100 5.85 95.99 -39.36
N GLU N 101 5.36 96.33 -40.55
CA GLU N 101 5.01 95.35 -41.55
C GLU N 101 6.23 94.68 -42.15
N GLU N 102 7.42 95.28 -41.98
CA GLU N 102 8.69 94.76 -42.43
C GLU N 102 9.29 93.69 -41.57
N HIS N 103 8.98 93.57 -40.29
CA HIS N 103 9.70 92.69 -39.39
C HIS N 103 8.79 91.88 -38.50
N PRO N 104 9.00 90.60 -38.23
CA PRO N 104 8.49 89.97 -37.03
C PRO N 104 9.04 90.58 -35.75
N THR N 105 8.20 90.84 -34.73
CA THR N 105 8.65 91.51 -33.54
C THR N 105 8.70 90.55 -32.37
N LEU N 106 9.39 90.93 -31.29
CA LEU N 106 9.48 90.18 -30.07
C LEU N 106 9.24 91.19 -28.97
N LEU N 107 8.21 90.98 -28.15
CA LEU N 107 7.81 91.92 -27.13
C LEU N 107 8.04 91.27 -25.78
N THR N 108 8.17 92.08 -24.72
CA THR N 108 8.40 91.59 -23.37
C THR N 108 7.27 91.93 -22.42
N GLU N 109 7.16 91.20 -21.29
CA GLU N 109 6.17 91.50 -20.27
C GLU N 109 6.80 91.30 -18.91
N ALA N 110 6.03 91.50 -17.82
CA ALA N 110 6.44 91.26 -16.46
C ALA N 110 5.81 90.02 -15.89
N PRO N 111 6.48 89.19 -15.13
CA PRO N 111 5.92 87.99 -14.56
C PRO N 111 4.79 88.19 -13.63
N LEU N 112 3.85 87.82 -13.34
CA LEU N 112 2.71 87.92 -12.50
C LEU N 112 1.96 89.20 -12.76
N ASN N 113 1.57 89.43 -13.96
CA ASN N 113 0.83 90.56 -14.40
C ASN N 113 -0.58 90.14 -14.66
N PRO N 114 -1.58 90.85 -14.25
CA PRO N 114 -2.94 90.45 -14.40
C PRO N 114 -3.47 90.16 -15.76
N LYS N 115 -4.33 89.17 -15.88
CA LYS N 115 -5.09 88.88 -17.06
C LYS N 115 -6.26 89.83 -17.09
N ALA N 116 -6.67 90.42 -18.23
CA ALA N 116 -6.38 90.09 -19.60
C ALA N 116 -5.48 91.11 -20.24
N ASN N 117 -4.46 91.60 -19.58
CA ASN N 117 -3.57 92.62 -20.11
C ASN N 117 -2.50 92.14 -21.06
N ARG N 118 -2.33 90.83 -21.30
CA ARG N 118 -1.42 90.38 -22.34
C ARG N 118 -2.19 90.20 -23.63
N GLU N 119 -3.45 89.75 -23.51
CA GLU N 119 -4.41 89.63 -24.58
C GLU N 119 -4.67 90.98 -25.22
N LYS N 120 -5.32 91.92 -24.49
CA LYS N 120 -5.59 93.27 -24.93
C LYS N 120 -4.42 93.99 -25.59
N MET N 121 -3.19 93.84 -25.04
CA MET N 121 -1.97 94.33 -25.65
C MET N 121 -1.72 93.71 -27.01
N THR N 122 -1.60 92.37 -27.07
CA THR N 122 -1.38 91.60 -28.30
C THR N 122 -2.41 91.92 -29.38
N GLN N 123 -3.68 92.05 -28.98
CA GLN N 123 -4.79 92.27 -29.86
C GLN N 123 -4.74 93.66 -30.47
N ILE N 124 -4.59 94.70 -29.62
CA ILE N 124 -4.43 96.07 -30.08
C ILE N 124 -3.20 96.24 -30.96
N MET N 125 -2.03 95.68 -30.59
CA MET N 125 -0.82 95.81 -31.39
C MET N 125 -0.89 95.17 -32.77
N PHE N 126 -1.67 94.09 -32.93
CA PHE N 126 -1.84 93.45 -34.21
C PHE N 126 -2.73 94.27 -35.12
N GLU N 127 -3.79 94.90 -34.59
CA GLU N 127 -4.70 95.68 -35.42
C GLU N 127 -4.21 97.09 -35.68
N THR N 128 -3.44 97.68 -34.74
CA THR N 128 -2.89 99.02 -34.90
C THR N 128 -1.66 99.04 -35.76
N PHE N 129 -0.67 98.19 -35.47
CA PHE N 129 0.62 98.29 -36.15
C PHE N 129 0.79 97.26 -37.24
N ASN N 130 -0.05 96.20 -37.29
CA ASN N 130 -0.13 95.28 -38.42
C ASN N 130 1.15 94.49 -38.65
N VAL N 131 1.85 94.16 -37.56
CA VAL N 131 2.99 93.28 -37.52
C VAL N 131 2.73 91.88 -38.09
N PRO N 132 3.63 91.20 -38.79
CA PRO N 132 3.29 89.94 -39.44
C PRO N 132 3.32 88.80 -38.46
N ALA N 133 4.10 88.91 -37.38
CA ALA N 133 4.13 87.92 -36.32
C ALA N 133 4.72 88.52 -35.07
N MET N 134 4.42 87.93 -33.92
CA MET N 134 4.79 88.45 -32.63
C MET N 134 4.90 87.36 -31.59
N TYR N 135 5.58 87.63 -30.46
CA TYR N 135 5.54 86.75 -29.32
C TYR N 135 5.86 87.63 -28.13
N VAL N 136 5.40 87.24 -26.92
CA VAL N 136 5.60 88.00 -25.71
C VAL N 136 6.32 87.15 -24.68
N ALA N 137 7.56 87.51 -24.35
CA ALA N 137 8.36 86.83 -23.36
C ALA N 137 8.49 87.59 -22.04
N ILE N 138 8.46 86.92 -20.87
CA ILE N 138 8.68 87.65 -19.62
C ILE N 138 10.14 88.05 -19.47
N GLN N 139 10.43 89.26 -18.94
CA GLN N 139 11.77 89.85 -18.94
C GLN N 139 12.78 89.03 -18.13
N ALA N 140 12.29 88.32 -17.10
CA ALA N 140 13.14 87.52 -16.24
C ALA N 140 13.75 86.31 -16.95
N VAL N 141 12.96 85.52 -17.70
CA VAL N 141 13.45 84.37 -18.45
C VAL N 141 14.57 84.72 -19.41
N LEU N 142 14.46 85.88 -20.09
CA LEU N 142 15.45 86.34 -21.04
C LEU N 142 16.81 86.58 -20.43
N SER N 143 16.87 86.94 -19.13
CA SER N 143 18.14 87.18 -18.47
C SER N 143 18.95 85.91 -18.25
N LEU N 144 18.37 84.71 -18.39
CA LEU N 144 19.13 83.48 -18.34
C LEU N 144 20.06 83.34 -19.52
N TYR N 145 19.52 83.62 -20.72
CA TYR N 145 20.25 83.55 -21.97
C TYR N 145 21.37 84.56 -22.03
N ALA N 146 21.11 85.78 -21.55
CA ALA N 146 22.07 86.85 -21.48
C ALA N 146 23.30 86.51 -20.65
N SER N 147 23.11 85.78 -19.56
CA SER N 147 24.20 85.36 -18.70
C SER N 147 24.73 84.01 -19.07
N GLY N 148 24.12 83.33 -20.05
CA GLY N 148 24.58 82.05 -20.55
C GLY N 148 24.38 80.94 -19.56
N ARG N 149 23.37 81.02 -18.74
CA ARG N 149 23.01 80.06 -17.74
C ARG N 149 21.80 79.28 -18.11
N THR N 150 21.55 78.17 -17.42
CA THR N 150 20.41 77.32 -17.66
C THR N 150 19.71 76.92 -16.37
N THR N 151 20.13 77.50 -15.25
CA THR N 151 19.65 77.23 -13.91
C THR N 151 19.81 78.53 -13.18
N GLY N 152 18.99 78.81 -12.14
CA GLY N 152 19.15 80.00 -11.31
C GLY N 152 17.91 80.81 -11.08
N ILE N 153 17.95 81.66 -10.05
CA ILE N 153 16.88 82.57 -9.73
C ILE N 153 17.12 83.91 -10.41
N VAL N 154 16.15 84.34 -11.24
CA VAL N 154 16.20 85.53 -12.06
C VAL N 154 15.40 86.71 -11.51
N LEU N 155 16.08 87.86 -11.38
CA LEU N 155 15.61 89.13 -10.84
C LEU N 155 15.27 90.25 -11.84
N ASP N 156 14.00 90.55 -12.21
CA ASP N 156 13.72 91.68 -13.12
C ASP N 156 13.31 92.75 -12.15
N SER N 157 14.21 93.74 -11.98
CA SER N 157 14.00 94.81 -11.05
C SER N 157 14.10 96.12 -11.79
N GLY N 158 12.95 96.77 -12.02
CA GLY N 158 12.88 98.11 -12.60
C GLY N 158 11.97 98.97 -11.79
N ASP N 159 12.03 100.29 -11.96
CA ASP N 159 11.07 101.21 -11.38
C ASP N 159 9.62 100.92 -11.81
N GLY N 160 8.66 100.47 -10.96
CA GLY N 160 8.76 100.08 -9.57
C GLY N 160 8.21 98.72 -9.21
N VAL N 161 8.62 97.66 -9.93
CA VAL N 161 8.27 96.28 -9.59
C VAL N 161 9.48 95.39 -9.73
N THR N 162 9.87 94.69 -8.64
CA THR N 162 10.90 93.67 -8.67
C THR N 162 10.28 92.28 -8.76
N HIS N 163 11.02 91.26 -9.21
CA HIS N 163 10.50 89.91 -9.23
C HIS N 163 11.59 88.91 -8.94
N ASN N 164 11.22 87.74 -8.39
CA ASN N 164 12.11 86.66 -8.02
C ASN N 164 11.61 85.34 -8.62
N VAL N 165 12.13 84.92 -9.79
CA VAL N 165 11.65 83.71 -10.47
C VAL N 165 12.69 82.59 -10.44
N PRO N 166 12.50 81.42 -9.84
CA PRO N 166 13.47 80.32 -9.88
C PRO N 166 13.31 79.42 -11.10
N ILE N 167 14.40 79.14 -11.83
CA ILE N 167 14.42 78.27 -13.00
C ILE N 167 15.49 77.20 -12.82
N TYR N 168 15.18 75.92 -13.09
CA TYR N 168 16.13 74.83 -13.04
C TYR N 168 16.25 74.18 -14.40
N GLU N 169 17.38 73.83 -14.91
CA GLU N 169 17.70 73.17 -16.15
C GLU N 169 16.66 72.30 -16.77
N GLY N 170 15.79 72.76 -17.64
CA GLY N 170 15.54 74.07 -18.09
C GLY N 170 14.09 74.37 -17.93
N TYR N 171 13.52 74.00 -16.85
CA TYR N 171 12.14 74.07 -16.48
C TYR N 171 11.87 75.10 -15.43
N ALA N 172 10.71 75.74 -15.44
CA ALA N 172 10.38 76.76 -14.49
C ALA N 172 9.54 76.19 -13.37
N LEU N 173 9.66 76.74 -12.16
CA LEU N 173 8.98 76.26 -10.98
C LEU N 173 7.84 77.21 -10.60
N PRO N 174 6.58 76.96 -10.92
CA PRO N 174 5.50 77.90 -10.67
C PRO N 174 5.21 78.15 -9.21
N HIS N 175 5.53 77.20 -8.33
CA HIS N 175 5.10 77.25 -6.96
C HIS N 175 5.93 78.17 -6.12
N ALA N 176 7.03 78.70 -6.62
CA ALA N 176 7.91 79.55 -5.87
C ALA N 176 8.11 80.94 -6.44
N ILE N 177 7.31 81.38 -7.42
CA ILE N 177 7.46 82.69 -8.03
C ILE N 177 7.00 83.83 -7.13
N MET N 178 7.87 84.81 -6.84
CA MET N 178 7.54 85.96 -6.00
C MET N 178 7.62 87.30 -6.72
N ARG N 179 6.56 88.13 -6.61
CA ARG N 179 6.53 89.47 -7.17
C ARG N 179 6.52 90.45 -6.02
N LEU N 180 7.54 91.30 -5.88
CA LEU N 180 7.54 92.35 -4.89
C LEU N 180 7.36 93.70 -5.55
N ASP N 181 6.39 94.49 -5.12
CA ASP N 181 6.25 95.87 -5.54
C ASP N 181 7.10 96.76 -4.64
N LEU N 182 8.28 96.66 -4.58
CA LEU N 182 9.18 97.33 -3.68
C LEU N 182 10.13 98.27 -4.37
N ALA N 183 10.95 97.85 -5.24
CA ALA N 183 11.92 98.66 -5.90
C ALA N 183 11.54 98.84 -7.34
N GLY N 184 11.82 99.98 -8.00
CA GLY N 184 12.60 101.13 -7.54
C GLY N 184 11.89 102.46 -7.44
N ARG N 185 10.67 102.64 -8.00
CA ARG N 185 10.02 103.93 -7.99
C ARG N 185 9.61 104.42 -6.60
N ASP N 186 9.36 103.48 -5.67
CA ASP N 186 9.11 103.79 -4.28
C ASP N 186 10.37 104.19 -3.57
N LEU N 187 11.54 103.76 -4.08
CA LEU N 187 12.82 104.23 -3.60
C LEU N 187 13.03 105.66 -4.04
N THR N 188 12.60 106.00 -5.27
CA THR N 188 12.58 107.39 -5.74
C THR N 188 11.72 108.26 -4.86
N ASP N 189 10.47 107.84 -4.58
CA ASP N 189 9.59 108.56 -3.68
C ASP N 189 10.12 108.68 -2.24
N TYR N 190 10.77 107.64 -1.72
CA TYR N 190 11.39 107.63 -0.41
C TYR N 190 12.57 108.57 -0.33
N LEU N 191 13.42 108.60 -1.38
CA LEU N 191 14.51 109.55 -1.46
C LEU N 191 14.01 110.99 -1.45
N MET N 192 12.90 111.27 -2.13
CA MET N 192 12.29 112.58 -2.09
C MET N 192 11.77 112.93 -0.69
N LYS N 193 11.32 111.93 0.08
CA LYS N 193 10.85 112.14 1.43
C LYS N 193 11.98 112.36 2.43
N ILE N 194 13.17 111.78 2.20
CA ILE N 194 14.26 112.01 3.13
C ILE N 194 15.22 113.08 2.63
N LEU N 195 15.01 113.63 1.43
CA LEU N 195 15.72 114.83 1.02
C LEU N 195 15.01 116.10 1.44
N THR N 196 13.68 116.04 1.65
CA THR N 196 12.93 117.13 2.26
C THR N 196 13.35 117.38 3.68
N GLU N 197 13.82 116.33 4.37
CA GLU N 197 14.38 116.38 5.68
C GLU N 197 15.65 117.21 5.78
N ARG N 198 16.36 117.39 4.66
CA ARG N 198 17.50 118.27 4.56
C ARG N 198 17.14 119.58 3.89
N GLY N 199 15.85 119.85 3.68
CA GLY N 199 15.37 121.17 3.32
C GLY N 199 15.27 121.43 1.86
N TYR N 200 15.46 120.44 1.01
CA TYR N 200 15.36 120.61 -0.43
C TYR N 200 14.03 120.13 -0.91
N SER N 201 13.22 120.98 -1.45
CA SER N 201 11.87 120.67 -1.85
C SER N 201 11.68 120.34 -3.29
N PHE N 202 11.60 119.22 -3.67
CA PHE N 202 11.48 118.75 -5.02
C PHE N 202 10.15 118.04 -5.22
N VAL N 203 9.07 118.58 -4.92
CA VAL N 203 7.77 117.96 -4.88
C VAL N 203 7.11 117.75 -6.22
N THR N 204 7.48 118.53 -7.22
CA THR N 204 6.83 118.58 -8.50
C THR N 204 7.26 117.45 -9.40
N THR N 205 6.42 117.10 -10.38
CA THR N 205 6.60 115.95 -11.25
C THR N 205 7.86 115.98 -12.05
N ALA N 206 8.16 117.12 -12.71
CA ALA N 206 9.38 117.30 -13.43
C ALA N 206 10.63 117.12 -12.59
N GLU N 207 10.64 117.75 -11.41
CA GLU N 207 11.72 117.75 -10.48
C GLU N 207 12.00 116.37 -9.92
N ARG N 208 10.99 115.48 -9.92
CA ARG N 208 11.13 114.09 -9.52
C ARG N 208 12.14 113.34 -10.37
N GLU N 209 12.28 113.66 -11.67
CA GLU N 209 13.31 113.10 -12.53
C GLU N 209 14.73 113.38 -12.02
N ILE N 210 14.98 114.61 -11.51
CA ILE N 210 16.26 114.98 -10.92
C ILE N 210 16.60 114.12 -9.73
N VAL N 211 15.60 113.80 -8.89
CA VAL N 211 15.70 112.88 -7.77
C VAL N 211 16.14 111.50 -8.25
N ARG N 212 15.53 111.01 -9.35
CA ARG N 212 15.87 109.76 -9.98
C ARG N 212 17.31 109.74 -10.46
N ASP N 213 17.82 110.85 -10.99
CA ASP N 213 19.18 110.96 -11.45
C ASP N 213 20.19 110.91 -10.30
N ILE N 214 19.90 111.54 -9.14
CA ILE N 214 20.74 111.40 -7.95
C ILE N 214 20.61 110.04 -7.29
N LYS N 215 19.49 109.33 -7.53
CA LYS N 215 19.29 107.97 -7.06
C LYS N 215 20.22 107.03 -7.79
N GLU N 216 20.44 107.27 -9.10
CA GLU N 216 21.44 106.59 -9.89
C GLU N 216 22.86 106.85 -9.38
N LYS N 217 23.30 108.11 -9.48
CA LYS N 217 24.68 108.49 -9.33
C LYS N 217 25.26 108.47 -7.93
N LEU N 218 24.60 109.10 -6.95
CA LEU N 218 25.24 109.34 -5.68
C LEU N 218 25.02 108.31 -4.59
N CYS N 219 23.98 107.48 -4.67
CA CYS N 219 23.66 106.51 -3.63
C CYS N 219 24.60 105.30 -3.57
N TYR N 220 24.75 104.66 -2.40
CA TYR N 220 25.58 103.47 -2.25
C TYR N 220 25.01 102.57 -1.18
N VAL N 221 25.38 101.30 -1.13
CA VAL N 221 24.90 100.34 -0.15
C VAL N 221 26.00 100.11 0.88
N ALA N 222 25.63 100.00 2.15
CA ALA N 222 26.53 99.75 3.24
C ALA N 222 26.96 98.29 3.34
N LEU N 223 28.05 97.99 4.04
CA LEU N 223 28.44 96.62 4.34
C LEU N 223 27.58 96.08 5.47
N ASP N 224 27.39 96.91 6.49
CA ASP N 224 26.47 96.67 7.56
C ASP N 224 25.88 98.01 7.98
N PHE N 225 24.55 98.12 8.07
CA PHE N 225 23.82 99.34 8.37
C PHE N 225 24.29 100.01 9.66
N GLU N 226 24.24 99.29 10.78
CA GLU N 226 24.62 99.74 12.10
C GLU N 226 26.02 100.31 12.18
N ASN N 227 27.00 99.72 11.45
CA ASN N 227 28.36 100.19 11.48
C ASN N 227 28.55 101.37 10.54
N GLU N 228 27.77 101.48 9.45
CA GLU N 228 27.80 102.67 8.62
C GLU N 228 27.18 103.86 9.34
N MET N 229 26.13 103.60 10.15
CA MET N 229 25.47 104.57 10.99
C MET N 229 26.37 105.09 12.08
N ALA N 230 27.20 104.20 12.65
CA ALA N 230 28.24 104.54 13.60
C ALA N 230 29.23 105.54 13.03
N THR N 231 29.79 105.25 11.84
CA THR N 231 30.77 106.12 11.22
C THR N 231 30.14 107.41 10.68
N ALA N 232 28.82 107.41 10.41
CA ALA N 232 28.05 108.58 10.10
C ALA N 232 27.97 109.57 11.24
N ALA N 233 27.92 109.06 12.49
CA ALA N 233 27.95 109.88 13.68
C ALA N 233 29.29 110.56 13.89
N SER N 234 30.36 109.97 13.33
CA SER N 234 31.69 110.56 13.32
C SER N 234 31.81 111.72 12.36
N SER N 235 32.84 112.52 12.51
CA SER N 235 33.05 113.76 11.83
C SER N 235 33.53 113.63 10.41
N SER N 236 34.08 112.48 10.04
CA SER N 236 34.54 112.18 8.71
C SER N 236 33.48 112.26 7.65
N SER N 237 33.74 112.88 6.54
CA SER N 237 32.76 113.21 5.54
C SER N 237 32.34 112.03 4.69
N LEU N 238 31.06 111.72 4.67
CA LEU N 238 30.44 110.81 3.73
C LEU N 238 29.68 111.59 2.68
N GLU N 239 29.60 112.90 2.86
CA GLU N 239 28.91 113.82 1.99
C GLU N 239 29.48 113.97 0.59
N LYS N 240 28.61 113.89 -0.42
CA LYS N 240 28.94 114.19 -1.80
C LYS N 240 28.11 115.38 -2.26
N SER N 241 28.74 116.34 -2.98
CA SER N 241 28.09 117.56 -3.41
C SER N 241 27.58 117.48 -4.83
N TYR N 242 26.26 117.53 -5.04
CA TYR N 242 25.64 117.53 -6.35
C TYR N 242 25.35 118.96 -6.78
N GLU N 243 25.36 119.25 -8.08
CA GLU N 243 25.02 120.57 -8.59
C GLU N 243 23.73 120.47 -9.36
N LEU N 244 22.83 121.45 -9.20
CA LEU N 244 21.48 121.40 -9.67
C LEU N 244 21.30 122.36 -10.82
N PRO N 245 20.39 122.22 -11.78
CA PRO N 245 20.33 123.05 -12.97
C PRO N 245 20.17 124.51 -12.75
N ASP N 246 19.61 124.96 -11.64
CA ASP N 246 19.51 126.33 -11.35
C ASP N 246 20.68 126.87 -10.52
N GLY N 247 21.68 126.11 -10.28
CA GLY N 247 22.91 126.55 -9.65
C GLY N 247 23.10 126.11 -8.24
N GLN N 248 22.16 125.33 -7.71
CA GLN N 248 22.17 125.02 -6.30
C GLN N 248 23.08 123.84 -6.03
N VAL N 249 23.73 123.83 -4.86
CA VAL N 249 24.62 122.76 -4.45
C VAL N 249 24.01 121.98 -3.31
N ILE N 250 23.77 120.67 -3.51
CA ILE N 250 23.11 119.82 -2.54
C ILE N 250 24.13 118.85 -1.97
N THR N 251 24.25 118.78 -0.63
CA THR N 251 25.17 117.89 0.08
C THR N 251 24.46 116.82 0.85
N ILE N 252 24.43 115.57 0.36
CA ILE N 252 23.80 114.44 1.04
C ILE N 252 24.81 113.45 1.58
N GLY N 253 24.57 112.90 2.79
CA GLY N 253 25.45 111.95 3.46
C GLY N 253 24.75 110.78 4.07
N ASN N 254 24.14 110.94 5.24
CA ASN N 254 23.44 109.87 5.93
C ASN N 254 22.39 109.16 5.05
N GLU N 255 21.47 109.94 4.42
CA GLU N 255 20.43 109.43 3.55
C GLU N 255 20.97 108.69 2.32
N ARG N 256 22.22 108.98 1.90
CA ARG N 256 22.96 108.39 0.80
C ARG N 256 23.05 106.89 0.88
N PHE N 257 23.29 106.33 2.08
CA PHE N 257 23.26 104.87 2.24
C PHE N 257 21.93 104.37 2.78
N ARG N 258 21.10 105.26 3.36
CA ARG N 258 19.79 104.88 3.87
C ARG N 258 18.83 104.43 2.77
N CYS N 259 18.72 105.24 1.69
CA CYS N 259 17.84 104.91 0.58
C CYS N 259 18.05 103.52 -0.06
N PRO N 260 19.21 103.04 -0.50
CA PRO N 260 19.31 101.71 -1.08
C PRO N 260 19.15 100.59 -0.07
N GLU N 261 19.50 100.80 1.22
CA GLU N 261 19.40 99.81 2.28
C GLU N 261 18.00 99.28 2.48
N THR N 262 16.99 100.09 2.15
CA THR N 262 15.59 99.72 2.01
C THR N 262 15.32 98.42 1.28
N LEU N 263 16.15 98.04 0.28
CA LEU N 263 16.04 96.78 -0.42
C LEU N 263 16.24 95.55 0.46
N PHE N 264 17.04 95.68 1.51
CA PHE N 264 17.18 94.70 2.56
C PHE N 264 16.29 94.95 3.75
N GLN N 265 15.76 96.16 3.96
CA GLN N 265 14.86 96.47 5.06
C GLN N 265 13.66 97.32 4.67
N PRO N 266 12.56 96.78 4.12
CA PRO N 266 11.41 97.59 3.71
C PRO N 266 10.66 98.28 4.82
N SER N 267 10.94 97.92 6.09
CA SER N 267 10.43 98.66 7.25
C SER N 267 10.76 100.15 7.22
N PHE N 268 11.79 100.60 6.46
CA PHE N 268 12.05 102.01 6.25
C PHE N 268 10.91 102.76 5.52
N ILE N 269 10.23 102.09 4.58
CA ILE N 269 9.06 102.63 3.90
C ILE N 269 7.82 102.35 4.71
N GLY N 270 7.88 101.41 5.63
CA GLY N 270 6.79 101.02 6.48
C GLY N 270 5.97 99.93 5.92
N MET N 271 6.35 99.33 4.85
CA MET N 271 5.65 98.23 4.24
C MET N 271 6.03 96.89 4.86
N GLU N 272 5.07 95.96 4.90
CA GLU N 272 5.21 94.72 5.64
C GLU N 272 6.13 93.69 5.02
N SER N 273 6.24 93.69 3.69
CA SER N 273 7.08 92.82 2.89
C SER N 273 8.51 92.64 3.32
N ALA N 274 9.09 91.49 3.06
CA ALA N 274 10.42 91.15 3.49
C ALA N 274 11.48 91.45 2.43
N GLY N 275 12.75 91.62 2.83
CA GLY N 275 13.84 92.02 1.95
C GLY N 275 14.25 90.97 0.96
N ILE N 276 15.00 91.39 -0.09
CA ILE N 276 15.52 90.51 -1.14
C ILE N 276 16.31 89.33 -0.62
N HIS N 277 17.16 89.55 0.40
CA HIS N 277 17.69 88.54 1.31
C HIS N 277 16.76 87.38 1.63
N GLU N 278 15.60 87.67 2.22
CA GLU N 278 14.71 86.64 2.71
C GLU N 278 13.82 86.10 1.61
N THR N 279 13.43 86.91 0.60
CA THR N 279 12.60 86.37 -0.48
C THR N 279 13.38 85.42 -1.36
N THR N 280 14.70 85.66 -1.48
CA THR N 280 15.62 84.72 -2.12
C THR N 280 15.65 83.41 -1.36
N TYR N 281 15.90 83.43 -0.04
CA TYR N 281 15.90 82.22 0.76
C TYR N 281 14.56 81.48 0.76
N ASN N 282 13.45 82.18 1.01
CA ASN N 282 12.15 81.57 1.10
C ASN N 282 11.63 81.00 -0.22
N SER N 283 12.10 81.49 -1.38
CA SER N 283 11.75 80.87 -2.65
C SER N 283 12.56 79.62 -2.91
N ILE N 284 13.84 79.60 -2.49
CA ILE N 284 14.70 78.43 -2.58
C ILE N 284 14.15 77.34 -1.69
N MET N 285 13.77 77.67 -0.45
CA MET N 285 13.14 76.72 0.44
C MET N 285 11.67 76.46 0.16
N LYS N 286 11.16 76.79 -1.04
CA LYS N 286 9.90 76.29 -1.53
C LYS N 286 10.13 75.37 -2.71
N CYS N 287 11.39 75.06 -3.04
CA CYS N 287 11.75 74.10 -4.07
C CYS N 287 12.20 72.78 -3.48
N ASP N 288 12.08 71.68 -4.26
CA ASP N 288 12.47 70.34 -3.89
C ASP N 288 13.95 70.20 -3.51
N ILE N 289 14.26 69.27 -2.59
CA ILE N 289 15.54 69.21 -1.88
C ILE N 289 16.75 69.10 -2.79
N ASP N 290 16.72 68.22 -3.80
CA ASP N 290 17.84 68.03 -4.69
C ASP N 290 18.14 69.27 -5.53
N ILE N 291 17.12 70.05 -5.87
CA ILE N 291 17.28 71.20 -6.74
C ILE N 291 17.92 72.37 -6.00
N ARG N 292 17.74 72.46 -4.66
CA ARG N 292 18.19 73.60 -3.85
C ARG N 292 19.69 73.82 -3.96
N LYS N 293 20.43 72.71 -4.11
CA LYS N 293 21.86 72.66 -4.30
C LYS N 293 22.39 73.53 -5.44
N ASP N 294 21.64 73.66 -6.57
CA ASP N 294 22.14 74.37 -7.71
C ASP N 294 21.44 75.70 -7.87
N LEU N 295 20.44 76.02 -7.03
CA LEU N 295 19.90 77.37 -6.99
C LEU N 295 20.87 78.29 -6.28
N TYR N 296 21.51 77.80 -5.20
CA TYR N 296 22.70 78.44 -4.65
C TYR N 296 23.84 78.41 -5.65
N ALA N 297 24.43 79.59 -5.92
CA ALA N 297 25.56 79.81 -6.81
C ALA N 297 25.14 80.03 -8.26
N ASN N 298 23.84 80.23 -8.48
CA ASN N 298 23.28 80.64 -9.75
C ASN N 298 22.27 81.72 -9.44
N ASN N 299 22.53 82.51 -8.38
CA ASN N 299 21.79 83.68 -8.03
C ASN N 299 22.17 84.83 -8.96
N VAL N 300 21.36 85.10 -10.00
CA VAL N 300 21.68 86.10 -11.00
C VAL N 300 20.81 87.35 -10.93
N MET N 301 21.45 88.50 -10.62
CA MET N 301 20.76 89.77 -10.53
C MET N 301 20.60 90.37 -11.91
N SER N 302 19.54 91.14 -12.14
CA SER N 302 19.31 91.77 -13.42
C SER N 302 18.49 93.02 -13.19
N GLY N 303 18.30 93.83 -14.23
CA GLY N 303 17.63 95.13 -14.13
C GLY N 303 18.51 96.22 -13.59
N GLY N 304 18.32 97.44 -14.10
CA GLY N 304 19.07 98.66 -13.77
C GLY N 304 19.05 99.07 -12.33
N THR N 305 17.97 98.73 -11.60
CA THR N 305 17.87 99.10 -10.20
C THR N 305 18.75 98.25 -9.31
N THR N 306 19.43 97.22 -9.87
CA THR N 306 20.44 96.48 -9.13
C THR N 306 21.84 96.99 -9.36
N MET N 307 22.03 98.16 -10.02
CA MET N 307 23.35 98.68 -10.32
C MET N 307 24.00 99.51 -9.24
N TYR N 308 23.51 99.46 -7.99
CA TYR N 308 24.19 100.09 -6.88
C TYR N 308 25.53 99.41 -6.54
N PRO N 309 26.59 100.10 -6.17
CA PRO N 309 27.84 99.48 -5.82
C PRO N 309 27.80 98.64 -4.61
N GLY N 310 27.58 98.32 -3.78
CA GLY N 310 27.57 97.50 -2.60
C GLY N 310 26.75 96.25 -2.74
N ILE N 311 26.03 96.12 -3.85
CA ILE N 311 25.42 94.88 -4.25
C ILE N 311 26.33 94.36 -5.33
N ALA N 312 26.71 93.07 -5.33
CA ALA N 312 26.10 91.98 -4.62
C ALA N 312 26.77 91.59 -3.32
N ASP N 313 27.80 92.31 -2.83
CA ASP N 313 28.57 91.72 -1.74
C ASP N 313 27.91 91.94 -0.38
N ARG N 314 26.95 92.88 -0.28
CA ARG N 314 25.97 92.93 0.79
C ARG N 314 25.05 91.71 0.77
N MET N 315 24.37 91.47 -0.37
CA MET N 315 23.54 90.32 -0.62
C MET N 315 24.21 88.99 -0.32
N GLN N 316 25.49 88.86 -0.73
CA GLN N 316 26.33 87.72 -0.48
C GLN N 316 26.50 87.46 0.99
N LYS N 317 27.07 88.43 1.75
CA LYS N 317 27.22 88.34 3.19
C LYS N 317 25.94 88.00 3.96
N GLU N 318 24.79 88.58 3.56
CA GLU N 318 23.53 88.31 4.21
C GLU N 318 22.98 86.93 3.93
N ILE N 319 23.06 86.45 2.67
CA ILE N 319 22.57 85.13 2.31
C ILE N 319 23.42 84.07 2.96
N THR N 320 24.76 84.21 2.92
CA THR N 320 25.70 83.28 3.54
C THR N 320 25.48 83.10 5.03
N ALA N 321 24.95 84.12 5.72
CA ALA N 321 24.60 84.03 7.12
C ALA N 321 23.32 83.25 7.40
N LEU N 322 22.35 83.26 6.49
CA LEU N 322 21.08 82.59 6.68
C LEU N 322 21.07 81.19 6.09
N ALA N 323 21.78 80.99 4.97
CA ALA N 323 21.92 79.72 4.30
C ALA N 323 22.66 78.68 5.14
N PRO N 324 22.39 77.38 5.00
CA PRO N 324 23.17 76.29 5.61
C PRO N 324 24.67 76.41 5.52
N SER N 325 25.39 75.99 6.58
CA SER N 325 26.83 76.03 6.64
C SER N 325 27.51 75.14 5.64
N THR N 326 28.61 75.60 5.05
CA THR N 326 29.48 74.88 4.10
C THR N 326 28.88 74.72 2.73
N MET N 327 27.90 75.49 2.37
CA MET N 327 27.27 75.54 1.07
C MET N 327 27.95 76.57 0.20
N LYS N 328 28.23 76.27 -1.06
CA LYS N 328 28.89 77.19 -1.96
C LYS N 328 27.91 78.20 -2.54
N ILE N 329 28.14 79.50 -2.29
CA ILE N 329 27.25 80.55 -2.73
C ILE N 329 28.05 81.56 -3.49
N LYS N 330 27.70 81.79 -4.75
CA LYS N 330 28.26 82.81 -5.58
C LYS N 330 27.12 83.58 -6.21
N ILE N 331 27.19 84.91 -6.22
CA ILE N 331 26.13 85.75 -6.72
C ILE N 331 26.63 86.39 -7.99
N ILE N 332 25.89 86.24 -9.09
CA ILE N 332 26.34 86.55 -10.41
C ILE N 332 25.76 87.89 -10.77
N ALA N 333 26.64 88.89 -10.96
CA ALA N 333 26.25 90.24 -11.28
C ALA N 333 27.18 90.84 -12.28
N PRO N 334 26.97 90.74 -13.56
CA PRO N 334 27.87 91.27 -14.54
C PRO N 334 27.61 92.75 -14.73
N PRO N 335 28.48 93.55 -15.27
CA PRO N 335 28.15 94.79 -15.94
C PRO N 335 26.95 94.76 -16.85
N GLU N 336 26.39 95.90 -17.14
CA GLU N 336 25.37 96.14 -18.11
C GLU N 336 24.02 95.57 -17.86
N ARG N 337 23.65 95.34 -16.60
CA ARG N 337 22.44 94.68 -16.24
C ARG N 337 21.16 95.28 -16.81
N LYS N 338 21.15 96.61 -17.04
CA LYS N 338 20.08 97.32 -17.70
C LYS N 338 19.80 96.85 -19.12
N TYR N 339 20.79 96.27 -19.81
CA TYR N 339 20.61 95.85 -21.19
C TYR N 339 20.61 94.34 -21.27
N SER N 340 20.63 93.66 -20.10
CA SER N 340 20.63 92.21 -19.96
C SER N 340 19.48 91.58 -20.72
N VAL N 341 18.26 92.06 -20.43
CA VAL N 341 17.03 91.67 -21.09
C VAL N 341 17.10 91.73 -22.60
N TRP N 342 17.64 92.82 -23.17
CA TRP N 342 17.76 93.00 -24.60
C TRP N 342 18.73 92.00 -25.22
N ILE N 343 19.89 91.79 -24.58
CA ILE N 343 20.86 90.80 -25.06
C ILE N 343 20.33 89.38 -24.95
N GLY N 344 19.40 89.14 -24.00
CA GLY N 344 18.63 87.90 -23.89
C GLY N 344 17.76 87.68 -25.07
N GLY N 345 16.85 88.64 -25.33
CA GLY N 345 15.90 88.62 -26.42
C GLY N 345 16.55 88.43 -27.76
N SER N 346 17.67 89.12 -27.98
CA SER N 346 18.48 89.02 -29.18
C SER N 346 18.93 87.62 -29.50
N ILE N 347 19.43 86.88 -28.49
CA ILE N 347 19.84 85.50 -28.63
C ILE N 347 18.68 84.61 -29.00
N LEU N 348 17.50 84.86 -28.41
CA LEU N 348 16.32 84.05 -28.55
C LEU N 348 15.80 84.11 -29.97
N ALA N 349 15.47 85.32 -30.44
CA ALA N 349 14.86 85.54 -31.73
C ALA N 349 15.73 85.16 -32.92
N SER N 350 17.04 84.98 -32.72
CA SER N 350 17.93 84.52 -33.76
C SER N 350 17.93 83.02 -33.94
N LEU N 351 17.67 82.25 -32.87
CA LEU N 351 17.65 80.81 -32.89
C LEU N 351 16.61 80.16 -33.77
N SER N 352 17.00 79.11 -34.49
CA SER N 352 16.08 78.07 -34.91
C SER N 352 15.79 77.18 -33.71
N THR N 353 14.57 76.67 -33.50
CA THR N 353 13.40 76.69 -34.34
C THR N 353 12.39 77.72 -33.91
N PHE N 354 12.78 78.65 -33.04
CA PHE N 354 11.86 79.59 -32.44
C PHE N 354 11.15 80.54 -33.39
N GLN N 355 11.56 80.54 -34.63
CA GLN N 355 10.81 81.11 -35.70
C GLN N 355 9.43 80.58 -35.84
N GLN N 356 9.27 79.31 -35.54
CA GLN N 356 8.02 78.67 -35.63
C GLN N 356 7.32 78.66 -34.32
N MET N 357 7.82 79.36 -33.35
CA MET N 357 7.12 79.58 -32.12
C MET N 357 6.41 80.90 -32.10
N TRP N 358 6.76 81.82 -32.97
CA TRP N 358 6.07 83.06 -33.13
C TRP N 358 4.61 82.89 -33.53
N ILE N 359 3.71 83.71 -32.99
CA ILE N 359 2.31 83.74 -33.36
C ILE N 359 2.13 84.59 -34.59
N THR N 360 1.80 83.98 -35.74
CA THR N 360 1.67 84.72 -36.99
C THR N 360 0.25 85.22 -37.20
N LYS N 361 0.09 86.25 -38.03
CA LYS N 361 -1.13 87.00 -38.22
C LYS N 361 -2.33 86.16 -38.64
N GLN N 362 -2.19 85.25 -39.62
CA GLN N 362 -3.28 84.39 -40.04
C GLN N 362 -3.76 83.46 -38.94
N GLU N 363 -2.83 82.89 -38.17
CA GLU N 363 -3.14 82.04 -37.06
C GLU N 363 -3.84 82.81 -35.94
N TYR N 364 -3.37 84.03 -35.65
CA TYR N 364 -3.99 84.94 -34.71
C TYR N 364 -5.40 85.34 -35.14
N ASP N 365 -5.62 85.66 -36.43
CA ASP N 365 -6.91 86.02 -36.96
C ASP N 365 -7.92 84.89 -36.79
N GLU N 366 -7.52 83.63 -37.05
CA GLU N 366 -8.37 82.50 -36.83
C GLU N 366 -8.63 82.24 -35.34
N ALA N 367 -7.57 82.23 -34.53
CA ALA N 367 -7.64 81.87 -33.13
C ALA N 367 -8.26 82.90 -32.21
N GLY N 368 -7.92 84.17 -32.38
CA GLY N 368 -8.34 85.25 -31.49
C GLY N 368 -7.52 85.29 -30.23
N PRO N 369 -7.87 86.09 -29.26
CA PRO N 369 -7.10 86.27 -28.03
C PRO N 369 -6.81 85.03 -27.22
N SER N 370 -7.52 83.94 -27.41
CA SER N 370 -7.27 82.69 -26.75
C SER N 370 -6.01 81.97 -27.07
N ILE N 371 -5.32 82.32 -28.16
CA ILE N 371 -4.03 81.76 -28.48
C ILE N 371 -2.92 82.14 -27.53
N VAL N 372 -2.96 83.04 -26.79
CA VAL N 372 -1.97 83.52 -25.89
C VAL N 372 -1.50 82.74 -24.84
N HIS N 373 -1.96 82.05 -24.40
CA HIS N 373 -1.55 81.26 -23.42
C HIS N 373 -1.40 80.27 -23.63
N GLN O 1 -97.42 -54.58 32.63
CA GLN O 1 -97.03 -55.45 32.28
C GLN O 1 -97.50 -56.76 32.78
N LEU O 2 -97.16 -57.85 32.24
CA LEU O 2 -97.57 -59.17 32.61
C LEU O 2 -96.51 -59.89 33.42
N THR O 3 -96.90 -60.81 34.31
CA THR O 3 -95.96 -61.61 35.08
C THR O 3 -95.46 -62.81 34.28
N GLU O 4 -94.39 -63.48 34.73
CA GLU O 4 -93.88 -64.67 34.09
C GLU O 4 -94.85 -65.83 34.09
N GLU O 5 -95.57 -66.08 35.20
CA GLU O 5 -96.59 -67.10 35.24
C GLU O 5 -97.82 -66.76 34.40
N GLN O 6 -98.12 -65.47 34.14
CA GLN O 6 -99.19 -65.08 33.23
C GLN O 6 -98.79 -65.22 31.78
N ILE O 7 -97.50 -65.05 31.43
CA ILE O 7 -97.02 -65.25 30.07
C ILE O 7 -97.05 -66.72 29.69
N ALA O 8 -96.70 -67.63 30.63
CA ALA O 8 -96.71 -69.05 30.41
C ALA O 8 -98.07 -69.63 30.03
N GLU O 9 -99.16 -69.16 30.68
CA GLU O 9 -100.51 -69.62 30.38
C GLU O 9 -101.05 -69.07 29.07
N PHE O 10 -100.65 -67.83 28.69
CA PHE O 10 -100.99 -67.25 27.40
C PHE O 10 -100.19 -67.89 26.27
N LYS O 11 -99.00 -68.43 26.55
CA LYS O 11 -98.18 -69.13 25.57
C LYS O 11 -98.81 -70.43 25.09
N GLU O 12 -99.49 -71.17 25.98
CA GLU O 12 -100.23 -72.36 25.58
C GLU O 12 -101.55 -72.00 24.89
N ALA O 13 -102.15 -70.86 25.24
CA ALA O 13 -103.34 -70.34 24.60
C ALA O 13 -103.08 -69.79 23.20
N PHE O 14 -101.84 -69.35 22.91
CA PHE O 14 -101.41 -68.88 21.61
C PHE O 14 -101.39 -70.01 20.57
N SER O 15 -101.35 -71.29 20.99
CA SER O 15 -101.45 -72.39 20.04
C SER O 15 -102.85 -72.57 19.47
N LEU O 16 -103.89 -72.02 20.11
CA LEU O 16 -105.22 -72.00 19.56
C LEU O 16 -105.38 -70.87 18.56
N PHE O 17 -104.60 -69.77 18.72
CA PHE O 17 -104.48 -68.73 17.71
C PHE O 17 -103.67 -69.20 16.51
N ASP O 18 -102.52 -69.87 16.75
CA ASP O 18 -101.62 -70.33 15.72
C ASP O 18 -101.70 -71.82 15.55
N LYS O 19 -102.63 -72.29 14.75
CA LYS O 19 -102.90 -73.69 14.59
C LYS O 19 -101.98 -74.34 13.57
N ASP O 20 -101.36 -73.52 12.70
CA ASP O 20 -100.47 -73.92 11.64
C ASP O 20 -99.06 -74.20 12.16
N GLY O 21 -98.68 -73.58 13.28
CA GLY O 21 -97.47 -73.87 14.00
C GLY O 21 -96.25 -73.15 13.53
N ASP O 22 -96.40 -72.04 12.81
CA ASP O 22 -95.27 -71.28 12.32
C ASP O 22 -94.80 -70.23 13.31
N GLY O 23 -95.54 -70.01 14.41
CA GLY O 23 -95.18 -69.10 15.47
C GLY O 23 -95.67 -67.70 15.26
N THR O 24 -96.48 -67.46 14.22
CA THR O 24 -96.88 -66.12 13.86
C THR O 24 -98.27 -66.15 13.27
N ILE O 25 -99.05 -65.09 13.51
CA ILE O 25 -100.43 -65.02 13.08
C ILE O 25 -100.70 -63.78 12.24
N THR O 26 -101.61 -63.92 11.29
CA THR O 26 -102.08 -62.86 10.41
C THR O 26 -103.48 -62.44 10.79
N THR O 27 -104.12 -61.54 10.04
CA THR O 27 -105.50 -61.12 10.31
C THR O 27 -106.51 -62.15 9.85
N LYS O 28 -106.09 -63.09 8.99
CA LYS O 28 -106.87 -64.24 8.60
C LYS O 28 -106.92 -65.25 9.73
N GLU O 29 -105.93 -65.23 10.63
CA GLU O 29 -105.80 -66.18 11.70
C GLU O 29 -106.37 -65.56 12.96
N LEU O 30 -105.93 -64.35 13.33
CA LEU O 30 -106.49 -63.66 14.48
C LEU O 30 -107.95 -63.22 14.31
N GLY O 31 -108.43 -63.04 13.08
CA GLY O 31 -109.85 -62.83 12.84
C GLY O 31 -110.70 -64.04 13.04
N THR O 32 -110.24 -65.20 12.61
CA THR O 32 -111.03 -66.43 12.68
C THR O 32 -111.17 -66.96 14.09
N VAL O 33 -110.22 -66.65 14.99
CA VAL O 33 -110.39 -67.04 16.38
C VAL O 33 -111.36 -66.16 17.12
N MET O 34 -111.34 -64.83 16.90
CA MET O 34 -112.32 -63.94 17.49
C MET O 34 -113.76 -64.25 17.08
N ARG O 35 -113.99 -64.48 15.78
CA ARG O 35 -115.30 -64.80 15.24
C ARG O 35 -115.82 -66.16 15.67
N SER O 36 -114.93 -67.14 15.91
CA SER O 36 -115.34 -68.45 16.39
C SER O 36 -115.74 -68.44 17.85
N LEU O 37 -115.31 -67.42 18.60
CA LEU O 37 -115.67 -67.27 19.99
C LEU O 37 -116.56 -66.05 20.17
N GLY O 38 -117.46 -65.82 19.20
CA GLY O 38 -118.57 -64.89 19.30
C GLY O 38 -118.30 -63.44 19.11
N GLN O 39 -117.13 -62.96 18.87
CA GLN O 39 -116.82 -61.56 18.71
C GLN O 39 -116.51 -61.21 17.29
N ASN O 40 -117.15 -60.22 16.69
CA ASN O 40 -116.91 -59.82 15.32
C ASN O 40 -116.27 -58.44 15.27
N PRO O 41 -115.00 -58.26 15.11
CA PRO O 41 -114.39 -56.96 14.94
C PRO O 41 -114.44 -56.56 13.49
N THR O 42 -114.21 -55.31 13.17
CA THR O 42 -114.09 -54.86 11.80
C THR O 42 -112.63 -54.80 11.45
N GLU O 43 -112.29 -55.14 10.21
CA GLU O 43 -110.95 -55.21 9.72
C GLU O 43 -110.16 -53.93 9.86
N ALA O 44 -110.57 -52.87 9.84
CA ALA O 44 -109.91 -51.61 9.97
C ALA O 44 -109.38 -51.37 11.38
N GLU O 45 -110.21 -51.63 12.39
CA GLU O 45 -109.83 -51.54 13.77
C GLU O 45 -108.79 -52.55 14.22
N LEU O 46 -108.85 -53.81 13.77
CA LEU O 46 -107.82 -54.77 14.14
C LEU O 46 -106.50 -54.54 13.43
N GLN O 47 -106.53 -53.88 12.26
CA GLN O 47 -105.38 -53.40 11.56
C GLN O 47 -104.63 -52.31 12.30
N ASP O 48 -105.38 -51.40 12.95
CA ASP O 48 -104.83 -50.28 13.68
C ASP O 48 -104.03 -50.70 14.90
N MET O 49 -104.46 -51.74 15.65
CA MET O 49 -103.69 -52.21 16.76
C MET O 49 -102.59 -53.17 16.36
N ILE O 50 -102.68 -53.84 15.19
CA ILE O 50 -101.52 -54.50 14.59
C ILE O 50 -100.43 -53.52 14.21
N ASN O 51 -100.80 -52.35 13.66
CA ASN O 51 -99.83 -51.34 13.27
C ASN O 51 -99.21 -50.62 14.46
N GLU O 52 -99.73 -50.84 15.67
CA GLU O 52 -99.13 -50.40 16.90
C GLU O 52 -97.98 -51.32 17.29
N VAL O 53 -98.27 -52.62 17.42
CA VAL O 53 -97.33 -53.58 17.95
C VAL O 53 -96.30 -54.09 16.96
N ASP O 54 -96.67 -54.31 15.69
CA ASP O 54 -95.75 -54.84 14.70
C ASP O 54 -94.73 -53.84 14.25
N ALA O 55 -93.55 -54.09 14.56
CA ALA O 55 -92.45 -53.29 14.19
C ALA O 55 -91.68 -53.85 13.04
N ASP O 56 -92.03 -55.00 12.62
CA ASP O 56 -91.36 -55.67 11.58
C ASP O 56 -91.74 -55.18 10.27
N GLY O 57 -92.91 -54.66 10.17
CA GLY O 57 -93.42 -54.15 8.98
C GLY O 57 -94.05 -55.06 8.13
N ASN O 58 -94.27 -56.21 8.62
CA ASN O 58 -94.84 -57.18 7.88
C ASN O 58 -96.18 -57.57 8.16
N GLY O 59 -96.70 -57.11 9.23
CA GLY O 59 -98.02 -57.31 9.55
C GLY O 59 -98.32 -58.60 10.17
N THR O 60 -97.31 -59.32 10.59
CA THR O 60 -97.45 -60.62 11.15
C THR O 60 -97.13 -60.58 12.61
N ILE O 61 -98.05 -61.04 13.44
CA ILE O 61 -97.95 -60.95 14.87
C ILE O 61 -97.27 -62.17 15.42
N ASP O 62 -96.05 -62.01 15.93
CA ASP O 62 -95.35 -63.01 16.70
C ASP O 62 -95.64 -62.87 18.17
N PHE O 63 -95.18 -63.83 19.00
CA PHE O 63 -95.56 -63.93 20.40
C PHE O 63 -95.22 -62.71 21.26
N PRO O 64 -94.02 -62.11 21.35
CA PRO O 64 -93.80 -60.88 22.12
C PRO O 64 -94.67 -59.70 21.69
N GLU O 65 -95.11 -59.64 20.42
CA GLU O 65 -95.99 -58.61 19.93
C GLU O 65 -97.41 -58.86 20.40
N PHE O 66 -97.86 -60.14 20.41
CA PHE O 66 -99.14 -60.56 20.96
C PHE O 66 -99.29 -60.23 22.45
N LEU O 67 -98.19 -60.27 23.23
CA LEU O 67 -98.20 -59.89 24.63
C LEU O 67 -98.43 -58.41 24.84
N THR O 68 -97.80 -57.52 24.04
CA THR O 68 -98.03 -56.09 24.14
C THR O 68 -99.26 -55.64 23.40
N MET O 69 -99.92 -56.54 22.66
CA MET O 69 -101.17 -56.25 22.00
C MET O 69 -102.34 -56.36 22.95
N MET O 70 -102.25 -57.19 24.01
CA MET O 70 -103.32 -57.28 24.98
C MET O 70 -103.00 -56.63 26.31
N ALA O 71 -101.75 -56.20 26.54
CA ALA O 71 -101.37 -55.50 27.74
C ALA O 71 -101.80 -54.05 27.80
N ARG O 72 -102.18 -53.57 28.99
CA ARG O 72 -102.56 -52.20 29.25
C ARG O 72 -102.69 -52.03 30.75
N LYS O 73 -102.36 -50.88 31.32
CA LYS O 73 -102.54 -50.59 32.73
C LYS O 73 -103.97 -50.37 33.10
N MET O 74 -104.54 -51.21 33.82
CA MET O 74 -105.91 -51.23 34.18
C MET O 74 -106.07 -51.11 35.63
N LYS O 75 -107.20 -50.75 36.15
CA LYS O 75 -107.50 -50.63 37.54
C LYS O 75 -107.89 -51.95 38.14
N ASP O 76 -107.90 -52.02 39.47
CA ASP O 76 -108.09 -53.23 40.22
C ASP O 76 -109.37 -53.98 39.97
N THR O 77 -110.51 -53.31 39.83
CA THR O 77 -111.75 -54.03 39.67
C THR O 77 -112.06 -54.34 38.26
N ASP O 78 -111.47 -53.59 37.32
CA ASP O 78 -111.44 -53.89 35.91
C ASP O 78 -110.94 -55.28 35.58
N SER O 79 -109.91 -55.73 36.30
CA SER O 79 -109.33 -57.05 36.18
C SER O 79 -110.29 -58.17 36.52
N GLU O 80 -110.99 -58.06 37.66
CA GLU O 80 -111.97 -59.04 38.11
C GLU O 80 -113.17 -59.13 37.21
N GLU O 81 -113.54 -58.02 36.55
CA GLU O 81 -114.62 -57.97 35.61
C GLU O 81 -114.30 -58.68 34.31
N GLU O 82 -113.02 -58.84 33.97
CA GLU O 82 -112.60 -59.54 32.76
C GLU O 82 -112.71 -61.05 32.99
N ILE O 83 -112.38 -61.53 34.20
CA ILE O 83 -112.50 -62.93 34.59
C ILE O 83 -113.96 -63.37 34.64
N ARG O 84 -114.85 -62.50 35.16
CA ARG O 84 -116.28 -62.71 35.16
C ARG O 84 -116.88 -62.71 33.77
N GLU O 85 -116.40 -61.85 32.85
CA GLU O 85 -116.89 -61.83 31.48
C GLU O 85 -116.51 -63.07 30.68
N ALA O 86 -115.37 -63.71 31.03
CA ALA O 86 -114.92 -64.98 30.50
C ALA O 86 -115.83 -66.13 30.89
N PHE O 87 -116.17 -66.24 32.19
CA PHE O 87 -117.16 -67.15 32.74
C PHE O 87 -118.50 -67.09 32.01
N ARG O 88 -118.93 -65.88 31.62
CA ARG O 88 -120.17 -65.66 30.91
C ARG O 88 -120.12 -66.09 29.45
N VAL O 89 -118.93 -66.19 28.83
CA VAL O 89 -118.80 -66.82 27.52
C VAL O 89 -118.96 -68.33 27.59
N PHE O 90 -118.53 -68.99 28.69
CA PHE O 90 -118.77 -70.41 28.87
C PHE O 90 -120.22 -70.73 29.21
N ASP O 91 -120.90 -69.87 29.99
CA ASP O 91 -122.24 -70.11 30.44
C ASP O 91 -123.23 -69.67 29.36
N LYS O 92 -123.94 -70.60 28.75
CA LYS O 92 -124.78 -70.37 27.59
C LYS O 92 -126.20 -70.05 28.00
N ASP O 93 -126.68 -70.64 29.09
CA ASP O 93 -128.02 -70.43 29.57
C ASP O 93 -128.09 -69.36 30.65
N GLY O 94 -126.94 -68.89 31.18
CA GLY O 94 -126.86 -67.68 31.97
C GLY O 94 -127.29 -67.88 33.39
N ASN O 95 -127.25 -69.11 33.88
CA ASN O 95 -127.61 -69.46 35.24
C ASN O 95 -126.49 -69.33 36.26
N GLY O 96 -125.25 -69.05 35.84
CA GLY O 96 -124.13 -68.89 36.75
C GLY O 96 -123.42 -70.18 37.04
N TYR O 97 -123.66 -71.18 36.18
CA TYR O 97 -123.05 -72.49 36.29
C TYR O 97 -122.68 -72.94 34.89
N ILE O 98 -121.63 -73.77 34.78
CA ILE O 98 -121.16 -74.32 33.51
C ILE O 98 -121.32 -75.82 33.57
N SER O 99 -122.18 -76.37 32.70
CA SER O 99 -122.45 -77.79 32.59
C SER O 99 -121.54 -78.49 31.61
N ALA O 100 -121.66 -79.83 31.48
CA ALA O 100 -120.95 -80.62 30.50
C ALA O 100 -121.27 -80.22 29.07
N ALA O 101 -122.55 -79.95 28.76
CA ALA O 101 -122.98 -79.50 27.44
C ALA O 101 -122.43 -78.12 27.08
N GLU O 102 -122.33 -77.22 28.07
CA GLU O 102 -121.83 -75.88 27.89
C GLU O 102 -120.32 -75.85 27.70
N LEU O 103 -119.59 -76.74 28.41
CA LEU O 103 -118.16 -76.89 28.24
C LEU O 103 -117.81 -77.53 26.91
N ARG O 104 -118.61 -78.49 26.43
CA ARG O 104 -118.45 -79.12 25.14
C ARG O 104 -118.62 -78.17 23.97
N HIS O 105 -119.47 -77.13 24.12
CA HIS O 105 -119.70 -76.15 23.08
C HIS O 105 -118.52 -75.21 22.90
N VAL O 106 -117.81 -74.85 23.99
CA VAL O 106 -116.61 -74.03 23.87
C VAL O 106 -115.43 -74.80 23.30
N MET O 107 -115.28 -76.09 23.68
CA MET O 107 -114.26 -76.98 23.14
C MET O 107 -114.36 -77.15 21.63
N THR O 108 -115.56 -77.54 21.14
CA THR O 108 -115.80 -77.72 19.71
C THR O 108 -115.68 -76.46 18.88
N ASN O 109 -115.99 -75.27 19.44
CA ASN O 109 -115.83 -74.00 18.74
C ASN O 109 -114.38 -73.56 18.66
N LEU O 110 -113.52 -74.01 19.60
CA LEU O 110 -112.10 -73.71 19.56
C LEU O 110 -111.32 -74.77 18.83
N GLY O 111 -111.95 -75.92 18.52
CA GLY O 111 -111.35 -76.95 17.68
C GLY O 111 -110.72 -78.07 18.42
N GLU O 112 -110.98 -78.21 19.72
CA GLU O 112 -110.44 -79.29 20.51
C GLU O 112 -111.12 -80.59 20.21
N LYS O 113 -110.62 -81.55 19.94
CA LYS O 113 -111.19 -82.82 19.60
C LYS O 113 -111.28 -83.72 20.78
N LEU O 114 -112.47 -84.07 21.22
CA LEU O 114 -112.67 -84.91 22.35
C LEU O 114 -113.98 -85.62 22.32
N THR O 115 -114.12 -86.70 23.07
CA THR O 115 -115.29 -87.56 23.12
C THR O 115 -116.25 -87.12 24.19
N ASP O 116 -117.46 -87.70 24.24
CA ASP O 116 -118.42 -87.42 25.27
C ASP O 116 -117.97 -87.88 26.65
N GLU O 117 -117.23 -89.00 26.72
CA GLU O 117 -116.66 -89.50 27.97
C GLU O 117 -115.57 -88.62 28.52
N GLU O 118 -114.80 -87.97 27.64
CA GLU O 118 -113.77 -87.02 28.00
C GLU O 118 -114.36 -85.73 28.52
N VAL O 119 -115.50 -85.27 27.98
CA VAL O 119 -116.19 -84.09 28.47
C VAL O 119 -116.69 -84.29 29.90
N ASP O 120 -117.26 -85.46 30.22
CA ASP O 120 -117.65 -85.81 31.57
C ASP O 120 -116.44 -85.94 32.50
N GLU O 121 -115.29 -86.41 32.01
CA GLU O 121 -114.04 -86.48 32.75
C GLU O 121 -113.48 -85.12 33.14
N MET O 122 -113.58 -84.12 32.24
CA MET O 122 -113.12 -82.77 32.47
C MET O 122 -113.92 -82.03 33.52
N ILE O 123 -115.26 -81.96 33.38
CA ILE O 123 -116.16 -81.38 34.37
C ILE O 123 -115.95 -81.92 35.77
N ARG O 124 -115.68 -83.24 35.89
CA ARG O 124 -115.55 -83.94 37.15
C ARG O 124 -114.32 -83.53 37.95
N GLU O 125 -113.19 -83.27 37.28
CA GLU O 125 -111.99 -82.76 37.93
C GLU O 125 -112.14 -81.32 38.40
N ALA O 126 -112.77 -80.45 37.58
CA ALA O 126 -112.99 -79.06 37.95
C ALA O 126 -114.00 -78.83 39.07
N ASP O 127 -114.97 -79.74 39.24
CA ASP O 127 -116.00 -79.63 40.25
C ASP O 127 -115.46 -80.01 41.63
N ILE O 128 -115.79 -79.21 42.66
CA ILE O 128 -115.27 -79.39 44.00
C ILE O 128 -116.38 -79.70 44.95
N ASP O 129 -117.55 -79.08 44.79
CA ASP O 129 -118.64 -79.21 45.74
C ASP O 129 -119.54 -80.40 45.47
N GLY O 130 -119.43 -81.10 44.35
CA GLY O 130 -120.08 -82.36 44.09
C GLY O 130 -121.39 -82.28 43.37
N ASP O 131 -121.79 -81.10 42.86
CA ASP O 131 -122.99 -80.98 42.06
C ASP O 131 -122.78 -81.31 40.59
N GLY O 132 -121.52 -81.42 40.12
CA GLY O 132 -121.22 -81.79 38.75
C GLY O 132 -121.28 -80.66 37.78
N GLN O 133 -121.40 -79.42 38.29
CA GLN O 133 -121.40 -78.24 37.49
C GLN O 133 -120.46 -77.23 38.10
N VAL O 134 -119.82 -76.40 37.26
CA VAL O 134 -118.76 -75.52 37.66
C VAL O 134 -119.29 -74.11 37.87
N ASN O 135 -119.39 -73.69 39.15
CA ASN O 135 -119.76 -72.34 39.56
C ASN O 135 -118.52 -71.44 39.52
N TYR O 136 -118.66 -70.09 39.65
CA TYR O 136 -117.55 -69.16 39.48
C TYR O 136 -116.39 -69.43 40.44
N GLU O 137 -116.67 -69.84 41.70
CA GLU O 137 -115.65 -70.18 42.67
C GLU O 137 -114.77 -71.35 42.22
N GLU O 138 -115.39 -72.37 41.58
CA GLU O 138 -114.68 -73.55 41.11
C GLU O 138 -113.95 -73.27 39.81
N PHE O 139 -114.49 -72.38 38.96
CA PHE O 139 -113.86 -71.88 37.75
C PHE O 139 -112.56 -71.11 37.99
N VAL O 140 -112.46 -70.36 39.10
CA VAL O 140 -111.30 -69.56 39.39
C VAL O 140 -110.20 -70.38 40.04
N GLN O 141 -110.55 -71.42 40.82
CA GLN O 141 -109.56 -72.33 41.37
C GLN O 141 -108.93 -73.22 40.32
N MET O 142 -109.64 -73.50 39.20
CA MET O 142 -109.06 -74.20 38.07
C MET O 142 -108.16 -73.32 37.22
N MET O 143 -108.62 -72.10 36.90
CA MET O 143 -107.87 -71.07 36.21
C MET O 143 -106.55 -70.69 36.84
N THR O 144 -106.57 -70.45 38.15
CA THR O 144 -105.47 -69.93 38.93
C THR O 144 -104.35 -70.89 39.10
N ALA O 145 -104.63 -72.10 39.54
CA ALA O 145 -103.67 -73.10 39.81
C ALA O 145 -102.69 -73.54 39.02
N GLN P 1 92.62 -34.60 -37.62
CA GLN P 1 92.32 -35.41 -37.09
C GLN P 1 92.68 -36.79 -37.53
N LEU P 2 92.49 -37.80 -36.80
CA LEU P 2 92.82 -39.16 -37.09
C LEU P 2 91.61 -39.95 -37.54
N THR P 3 91.78 -40.97 -38.38
CA THR P 3 90.70 -41.85 -38.81
C THR P 3 90.42 -42.94 -37.79
N GLU P 4 89.27 -43.63 -37.89
CA GLU P 4 88.95 -44.73 -37.01
C GLU P 4 89.90 -45.91 -37.10
N GLU P 5 90.33 -46.29 -38.31
CA GLU P 5 91.33 -47.32 -38.47
C GLU P 5 92.72 -46.91 -37.98
N GLN P 6 93.05 -45.60 -37.95
CA GLN P 6 94.30 -45.13 -37.37
C GLN P 6 94.26 -45.09 -35.86
N ILE P 7 93.09 -44.87 -35.24
CA ILE P 7 92.94 -44.89 -33.80
C ILE P 7 93.07 -46.31 -33.27
N ALA P 8 92.53 -47.32 -33.97
CA ALA P 8 92.60 -48.70 -33.60
C ALA P 8 94.02 -49.26 -33.50
N GLU P 9 94.92 -48.89 -34.42
CA GLU P 9 96.30 -49.33 -34.39
C GLU P 9 97.14 -48.63 -33.32
N PHE P 10 96.82 -47.35 -33.01
CA PHE P 10 97.45 -46.63 -31.92
C PHE P 10 96.94 -47.12 -30.56
N LYS P 11 95.72 -47.68 -30.49
CA LYS P 11 95.17 -48.23 -29.27
C LYS P 11 95.90 -49.47 -28.80
N GLU P 12 96.36 -50.34 -29.73
CA GLU P 12 97.19 -51.48 -29.38
C GLU P 12 98.62 -51.08 -29.06
N ALA P 13 99.11 -49.98 -29.67
CA ALA P 13 100.42 -49.41 -29.39
C ALA P 13 100.49 -48.69 -28.04
N PHE P 14 99.35 -48.21 -27.53
CA PHE P 14 99.23 -47.58 -26.23
C PHE P 14 99.46 -48.58 -25.09
N SER P 15 99.33 -49.90 -25.33
CA SER P 15 99.68 -50.88 -24.31
C SER P 15 101.16 -51.03 -24.06
N LEU P 16 102.02 -50.57 -25.00
CA LEU P 16 103.45 -50.51 -24.77
C LEU P 16 103.81 -49.26 -23.97
N PHE P 17 103.02 -48.19 -24.08
CA PHE P 17 103.12 -47.03 -23.21
C PHE P 17 102.62 -47.35 -21.80
N ASP P 18 101.46 -48.02 -21.68
CA ASP P 18 100.82 -48.34 -20.42
C ASP P 18 100.96 -49.80 -20.10
N LYS P 19 102.06 -50.19 -19.49
CA LYS P 19 102.37 -51.56 -19.22
C LYS P 19 101.71 -52.07 -17.96
N ASP P 20 101.32 -51.15 -17.07
CA ASP P 20 100.69 -51.40 -15.79
C ASP P 20 99.21 -51.72 -15.93
N GLY P 21 98.57 -51.23 -17.00
CA GLY P 21 97.23 -51.59 -17.38
C GLY P 21 96.16 -50.79 -16.72
N ASP P 22 96.45 -49.60 -16.19
CA ASP P 22 95.46 -48.77 -15.55
C ASP P 22 94.76 -47.84 -16.51
N GLY P 23 95.21 -47.76 -17.77
CA GLY P 23 94.61 -46.97 -18.81
C GLY P 23 95.13 -45.57 -18.90
N THR P 24 96.14 -45.23 -18.12
CA THR P 24 96.61 -43.86 -18.01
C THR P 24 98.09 -43.85 -17.78
N ILE P 25 98.78 -42.83 -18.31
CA ILE P 25 100.22 -42.74 -18.22
C ILE P 25 100.66 -41.42 -17.62
N THR P 26 101.78 -41.45 -16.90
CA THR P 26 102.43 -40.31 -16.28
C THR P 26 103.71 -39.96 -17.02
N THR P 27 104.49 -38.98 -16.56
CA THR P 27 105.76 -38.62 -17.18
C THR P 27 106.85 -39.61 -16.86
N LYS P 28 106.67 -40.43 -15.82
CA LYS P 28 107.53 -41.54 -15.50
C LYS P 28 107.32 -42.68 -16.47
N GLU P 29 106.14 -42.74 -17.11
CA GLU P 29 105.78 -43.81 -18.00
C GLU P 29 106.04 -43.36 -19.42
N LEU P 30 105.52 -42.19 -19.83
CA LEU P 30 105.78 -41.65 -21.14
C LEU P 30 107.23 -41.23 -21.38
N GLY P 31 107.99 -40.91 -20.32
CA GLY P 31 109.43 -40.69 -20.45
C GLY P 31 110.21 -41.93 -20.70
N THR P 32 109.87 -43.03 -20.03
CA THR P 32 110.64 -44.28 -20.14
C THR P 32 110.45 -44.97 -21.47
N VAL P 33 109.31 -44.74 -22.16
CA VAL P 33 109.15 -45.30 -23.49
C VAL P 33 109.92 -44.53 -24.53
N MET P 34 109.93 -43.18 -24.48
CA MET P 34 110.75 -42.39 -25.38
C MET P 34 112.24 -42.67 -25.28
N ARG P 35 112.77 -42.75 -24.05
CA ARG P 35 114.17 -43.03 -23.80
C ARG P 35 114.60 -44.43 -24.17
N SER P 36 113.69 -45.42 -24.09
CA SER P 36 113.98 -46.78 -24.49
C SER P 36 114.04 -46.95 -25.99
N LEU P 37 113.43 -46.02 -26.74
CA LEU P 37 113.45 -46.03 -28.18
C LEU P 37 114.26 -44.86 -28.71
N GLY P 38 115.36 -44.54 -28.00
CA GLY P 38 116.40 -43.64 -28.47
C GLY P 38 116.17 -42.18 -28.40
N GLN P 39 115.09 -41.66 -27.95
CA GLN P 39 114.81 -40.24 -27.90
C GLN P 39 114.84 -39.72 -26.48
N ASN P 40 115.59 -38.68 -26.17
CA ASN P 40 115.67 -38.12 -24.84
C ASN P 40 115.04 -36.73 -24.81
N PRO P 41 113.84 -36.51 -24.37
CA PRO P 41 113.27 -35.18 -24.23
C PRO P 41 113.66 -34.61 -22.88
N THR P 42 113.50 -33.34 -22.67
CA THR P 42 113.70 -32.73 -21.36
C THR P 42 112.36 -32.60 -20.69
N GLU P 43 112.32 -32.79 -19.38
CA GLU P 43 111.13 -32.78 -18.59
C GLU P 43 110.31 -31.51 -18.68
N ALA P 44 110.71 -30.47 -18.89
CA ALA P 44 110.01 -29.23 -19.00
C ALA P 44 109.18 -29.13 -20.27
N GLU P 45 109.75 -29.54 -21.42
CA GLU P 45 109.05 -29.59 -22.67
C GLU P 45 107.94 -30.63 -22.74
N LEU P 46 108.13 -31.83 -22.18
CA LEU P 46 107.05 -32.81 -22.18
C LEU P 46 105.94 -32.47 -21.20
N GLN P 47 106.23 -31.68 -20.17
CA GLN P 47 105.27 -31.10 -19.27
C GLN P 47 104.36 -30.09 -19.95
N ASP P 48 104.92 -29.29 -20.86
CA ASP P 48 104.20 -28.24 -21.56
C ASP P 48 103.14 -28.79 -22.50
N MET P 49 103.40 -29.91 -23.20
CA MET P 49 102.39 -30.51 -24.04
C MET P 49 101.43 -31.39 -23.28
N ILE P 50 101.79 -31.93 -22.10
CA ILE P 50 100.82 -32.49 -21.17
C ILE P 50 99.84 -31.45 -20.67
N ASN P 51 100.31 -30.23 -20.36
CA ASN P 51 99.46 -29.17 -19.87
C ASN P 51 98.56 -28.58 -20.96
N GLU P 52 98.79 -28.95 -22.23
CA GLU P 52 97.90 -28.65 -23.32
C GLU P 52 96.72 -29.58 -23.33
N VAL P 53 96.97 -30.89 -23.37
CA VAL P 53 95.94 -31.89 -23.54
C VAL P 53 95.19 -32.26 -22.28
N ASP P 54 95.84 -32.35 -21.11
CA ASP P 54 95.20 -32.74 -19.89
C ASP P 54 94.29 -31.68 -19.34
N ALA P 55 93.08 -31.94 -19.32
CA ALA P 55 92.08 -31.08 -18.81
C ALA P 55 91.61 -31.50 -17.45
N ASP P 56 92.05 -32.58 -17.00
CA ASP P 56 91.66 -33.12 -15.75
C ASP P 56 92.33 -32.49 -14.63
N GLY P 57 93.48 -31.98 -14.87
CA GLY P 57 94.24 -31.34 -13.91
C GLY P 57 95.07 -32.16 -13.12
N ASN P 58 95.18 -33.35 -13.51
CA ASN P 58 95.92 -34.25 -12.81
C ASN P 58 97.16 -34.69 -13.35
N GLY P 59 97.41 -34.36 -14.57
CA GLY P 59 98.63 -34.62 -15.15
C GLY P 59 98.78 -35.98 -15.66
N THR P 60 97.72 -36.73 -15.75
CA THR P 60 97.74 -38.09 -16.18
C THR P 60 97.07 -38.22 -17.52
N ILE P 61 97.79 -38.79 -18.48
CA ILE P 61 97.35 -38.86 -19.85
C ILE P 61 96.58 -40.13 -20.08
N ASP P 62 95.27 -40.02 -20.31
CA ASP P 62 94.42 -41.08 -20.76
C ASP P 62 94.35 -41.11 -22.27
N PHE P 63 93.72 -42.16 -22.86
CA PHE P 63 93.77 -42.43 -24.28
C PHE P 63 93.22 -41.31 -25.18
N PRO P 64 92.04 -40.70 -25.04
CA PRO P 64 91.62 -39.57 -25.89
C PRO P 64 92.55 -38.36 -25.82
N GLU P 65 93.28 -38.16 -24.70
CA GLU P 65 94.25 -37.10 -24.55
C GLU P 65 95.52 -37.43 -25.31
N PHE P 66 95.96 -38.69 -25.27
CA PHE P 66 97.08 -39.21 -26.05
C PHE P 66 96.88 -39.05 -27.56
N LEU P 67 95.63 -39.17 -28.05
CA LEU P 67 95.30 -38.95 -29.44
C LEU P 67 95.47 -37.50 -29.89
N THR P 68 95.03 -36.54 -29.06
CA THR P 68 95.20 -35.12 -29.39
C THR P 68 96.58 -34.60 -29.02
N MET P 69 97.40 -35.43 -28.35
CA MET P 69 98.77 -35.08 -28.04
C MET P 69 99.70 -35.33 -29.20
N MET P 70 99.36 -36.26 -30.11
CA MET P 70 100.17 -36.49 -31.29
C MET P 70 99.55 -35.99 -32.57
N ALA P 71 98.27 -35.58 -32.56
CA ALA P 71 97.62 -35.01 -33.72
C ALA P 71 97.99 -33.58 -34.04
N ARG P 72 98.08 -33.25 -35.33
CA ARG P 72 98.37 -31.93 -35.84
C ARG P 72 98.16 -31.94 -37.33
N LYS P 73 97.68 -30.86 -37.94
CA LYS P 73 97.53 -30.73 -39.37
C LYS P 73 98.83 -30.58 -40.09
N MET P 74 99.22 -31.52 -40.82
CA MET P 74 100.46 -31.59 -41.49
C MET P 74 100.29 -31.66 -42.94
N LYS P 75 101.26 -31.37 -43.75
CA LYS P 75 101.23 -31.43 -45.17
C LYS P 75 101.48 -32.81 -45.68
N ASP P 76 101.18 -33.04 -46.96
CA ASP P 76 101.19 -34.33 -47.58
C ASP P 76 102.51 -35.07 -47.56
N THR P 77 103.64 -34.40 -47.77
CA THR P 77 104.90 -35.13 -47.83
C THR P 77 105.53 -35.26 -46.48
N ASP P 78 105.17 -34.40 -45.54
CA ASP P 78 105.47 -34.53 -44.14
C ASP P 78 105.09 -35.88 -43.54
N SER P 79 103.91 -36.39 -43.93
CA SER P 79 103.38 -37.68 -43.54
C SER P 79 104.25 -38.84 -43.95
N GLU P 80 104.66 -38.88 -45.22
CA GLU P 80 105.52 -39.91 -45.78
C GLU P 80 106.91 -39.92 -45.17
N GLU P 81 107.41 -38.75 -44.76
CA GLU P 81 108.68 -38.61 -44.11
C GLU P 81 108.68 -39.15 -42.69
N GLU P 82 107.51 -39.26 -42.04
CA GLU P 82 107.39 -39.81 -40.71
C GLU P 82 107.46 -41.33 -40.77
N ILE P 83 106.87 -41.95 -41.80
CA ILE P 83 106.92 -43.38 -42.04
C ILE P 83 108.32 -43.84 -42.39
N ARG P 84 109.05 -43.06 -43.19
CA ARG P 84 110.45 -43.29 -43.50
C ARG P 84 111.36 -43.14 -42.31
N GLU P 85 111.11 -42.17 -41.41
CA GLU P 85 111.89 -41.99 -40.20
C GLU P 85 111.72 -43.13 -39.19
N ALA P 86 110.53 -43.79 -39.18
CA ALA P 86 110.25 -44.98 -38.42
C ALA P 86 111.04 -46.18 -38.88
N PHE P 87 111.07 -46.44 -40.20
CA PHE P 87 111.91 -47.44 -40.86
C PHE P 87 113.39 -47.31 -40.46
N ARG P 88 113.89 -46.07 -40.32
CA ARG P 88 115.26 -45.79 -39.96
C ARG P 88 115.56 -46.04 -38.50
N VAL P 89 114.54 -46.05 -37.60
CA VAL P 89 114.72 -46.52 -36.23
C VAL P 89 114.88 -48.04 -36.16
N PHE P 90 114.22 -48.81 -37.04
CA PHE P 90 114.43 -50.24 -37.11
C PHE P 90 115.76 -50.63 -37.74
N ASP P 91 116.22 -49.88 -38.75
CA ASP P 91 117.44 -50.18 -39.47
C ASP P 91 118.64 -49.64 -38.72
N LYS P 92 119.48 -50.50 -38.18
CA LYS P 92 120.56 -50.16 -37.28
C LYS P 92 121.84 -49.92 -38.04
N ASP P 93 122.06 -50.64 -39.14
CA ASP P 93 123.26 -50.49 -39.95
C ASP P 93 123.06 -49.56 -41.13
N GLY P 94 121.81 -49.15 -41.42
CA GLY P 94 121.53 -48.04 -42.32
C GLY P 94 121.62 -48.41 -43.77
N ASN P 95 121.48 -49.68 -44.08
CA ASN P 95 121.51 -50.20 -45.43
C ASN P 95 120.18 -50.17 -46.16
N GLY P 96 119.07 -49.82 -45.50
CA GLY P 96 117.77 -49.74 -46.14
C GLY P 96 117.03 -51.04 -46.10
N TYR P 97 117.47 -51.95 -45.21
CA TYR P 97 116.86 -53.25 -45.02
C TYR P 97 116.85 -53.53 -43.53
N ILE P 98 115.85 -54.31 -43.08
CA ILE P 98 115.71 -54.71 -41.69
C ILE P 98 115.86 -56.22 -41.61
N SER P 99 116.91 -56.67 -40.90
CA SER P 99 117.21 -58.08 -40.69
C SER P 99 116.56 -58.63 -39.44
N ALA P 100 116.73 -59.94 -39.20
CA ALA P 100 116.27 -60.61 -37.99
C ALA P 100 116.91 -60.06 -36.73
N ALA P 101 118.23 -59.77 -36.76
CA ALA P 101 118.95 -59.18 -35.65
C ALA P 101 118.49 -57.76 -35.33
N GLU P 102 118.14 -56.97 -36.37
CA GLU P 102 117.68 -55.61 -36.23
C GLU P 102 116.26 -55.54 -35.70
N LEU P 103 115.39 -56.49 -36.12
CA LEU P 103 114.04 -56.60 -35.60
C LEU P 103 114.02 -57.07 -34.15
N ARG P 104 114.93 -57.97 -33.77
CA ARG P 104 115.08 -58.46 -32.40
C ARG P 104 115.51 -57.37 -31.42
N HIS P 105 116.28 -56.39 -31.89
CA HIS P 105 116.74 -55.29 -31.06
C HIS P 105 115.62 -54.32 -30.73
N VAL P 106 114.68 -54.07 -31.65
CA VAL P 106 113.53 -53.22 -31.35
C VAL P 106 112.53 -53.90 -30.44
N MET P 107 112.30 -55.22 -30.61
CA MET P 107 111.46 -56.02 -29.75
C MET P 107 111.91 -56.02 -28.30
N THR P 108 113.18 -56.37 -28.05
CA THR P 108 113.76 -56.39 -26.72
C THR P 108 113.82 -55.03 -26.03
N ASN P 109 113.99 -53.92 -26.78
CA ASN P 109 113.98 -52.58 -26.22
C ASN P 109 112.58 -52.10 -25.86
N LEU P 110 111.52 -52.64 -26.50
CA LEU P 110 110.15 -52.32 -26.18
C LEU P 110 109.57 -53.27 -25.16
N GLY P 111 110.27 -54.39 -24.88
CA GLY P 111 109.90 -55.31 -23.82
C GLY P 111 109.12 -56.49 -24.24
N GLU P 112 109.07 -56.79 -25.53
CA GLU P 112 108.38 -57.94 -26.05
C GLU P 112 109.12 -59.21 -25.76
N LYS P 113 108.70 -60.12 -25.27
CA LYS P 113 109.36 -61.35 -24.93
C LYS P 113 109.17 -62.38 -25.99
N LEU P 114 110.24 -62.81 -26.64
CA LEU P 114 110.18 -63.78 -27.69
C LEU P 114 111.48 -64.50 -27.88
N THR P 115 111.45 -65.67 -28.50
CA THR P 115 112.57 -66.54 -28.73
C THR P 115 113.25 -66.26 -30.04
N ASP P 116 114.42 -66.85 -30.30
CA ASP P 116 115.11 -66.71 -31.56
C ASP P 116 114.35 -67.32 -32.72
N GLU P 117 113.63 -68.43 -32.49
CA GLU P 117 112.80 -69.06 -33.50
C GLU P 117 111.59 -68.24 -33.88
N GLU P 118 111.04 -67.46 -32.93
CA GLU P 118 109.96 -66.55 -33.14
C GLU P 118 110.38 -65.34 -33.94
N VAL P 119 111.61 -64.84 -33.73
CA VAL P 119 112.16 -63.74 -34.52
C VAL P 119 112.30 -64.12 -35.98
N ASP P 120 112.80 -65.33 -36.28
CA ASP P 120 112.86 -65.84 -37.63
C ASP P 120 111.48 -66.04 -38.25
N GLU P 121 110.48 -66.44 -37.44
CA GLU P 121 109.09 -66.57 -37.87
C GLU P 121 108.44 -65.26 -38.27
N MET P 122 108.74 -64.17 -37.53
CA MET P 122 108.22 -62.84 -37.81
C MET P 122 108.74 -62.25 -39.11
N ILE P 123 110.07 -62.18 -39.28
CA ILE P 123 110.72 -61.74 -40.52
C ILE P 123 110.20 -62.44 -41.77
N ARG P 124 109.92 -63.76 -41.66
CA ARG P 124 109.50 -64.60 -42.75
C ARG P 124 108.12 -64.26 -43.29
N GLU P 125 107.17 -63.89 -42.41
CA GLU P 125 105.85 -63.45 -42.82
C GLU P 125 105.87 -62.07 -43.47
N ALA P 126 106.67 -61.13 -42.94
CA ALA P 126 106.78 -59.80 -43.50
C ALA P 126 107.48 -59.72 -44.85
N ASP P 127 108.41 -60.65 -45.13
CA ASP P 127 109.16 -60.69 -46.36
C ASP P 127 108.33 -61.21 -47.52
N ILE P 128 108.40 -60.55 -48.68
CA ILE P 128 107.58 -60.87 -49.84
C ILE P 128 108.43 -61.31 -50.98
N ASP P 129 109.61 -60.69 -51.18
CA ASP P 129 110.45 -60.96 -52.32
C ASP P 129 111.39 -62.13 -52.14
N GLY P 130 111.56 -62.67 -50.95
CA GLY P 130 112.26 -63.91 -50.70
C GLY P 130 113.71 -63.77 -50.33
N ASP P 131 114.20 -62.54 -50.06
CA ASP P 131 115.56 -62.35 -49.57
C ASP P 131 115.70 -62.50 -48.08
N GLY P 132 114.59 -62.54 -47.32
CA GLY P 132 114.62 -62.74 -45.88
C GLY P 132 114.89 -61.51 -45.09
N GLN P 133 114.87 -60.34 -45.76
CA GLN P 133 115.05 -59.07 -45.12
C GLN P 133 113.98 -58.12 -45.62
N VAL P 134 113.55 -57.19 -44.75
CA VAL P 134 112.42 -56.34 -44.99
C VAL P 134 112.87 -54.98 -45.48
N ASN P 135 112.66 -54.71 -46.79
CA ASN P 135 112.90 -53.42 -47.42
C ASN P 135 111.70 -52.51 -47.21
N TYR P 136 111.80 -51.19 -47.51
CA TYR P 136 110.75 -50.22 -47.22
C TYR P 136 109.39 -50.57 -47.84
N GLU P 137 109.38 -51.14 -49.07
CA GLU P 137 108.16 -51.57 -49.73
C GLU P 137 107.43 -52.67 -48.95
N GLU P 138 108.18 -53.61 -48.36
CA GLU P 138 107.63 -54.72 -47.60
C GLU P 138 107.21 -54.28 -46.21
N PHE P 139 107.92 -53.30 -45.61
CA PHE P 139 107.59 -52.66 -44.36
C PHE P 139 106.27 -51.91 -44.37
N VAL P 140 105.90 -51.29 -45.52
CA VAL P 140 104.68 -50.50 -45.63
C VAL P 140 103.48 -51.37 -45.90
N GLN P 141 103.66 -52.51 -46.60
CA GLN P 141 102.57 -53.46 -46.80
C GLN P 141 102.21 -54.21 -45.53
N MET P 142 103.16 -54.36 -44.59
CA MET P 142 102.88 -54.92 -43.28
C MET P 142 102.19 -53.93 -42.35
N MET P 143 102.69 -52.68 -42.30
CA MET P 143 102.12 -51.57 -41.56
C MET P 143 100.68 -51.25 -41.91
N THR P 144 100.39 -51.17 -43.21
CA THR P 144 99.14 -50.72 -43.77
C THR P 144 98.02 -51.68 -43.55
N ALA P 145 98.20 -52.93 -43.91
CA ALA P 145 97.22 -53.94 -43.82
C ALA P 145 96.45 -54.26 -42.79
N GLN Q 1 -75.55 4.26 69.83
CA GLN Q 1 -75.38 3.37 69.36
C GLN Q 1 -75.61 2.08 70.05
N LEU Q 2 -75.59 0.97 69.45
CA LEU Q 2 -75.83 -0.33 69.99
C LEU Q 2 -74.55 -1.08 70.25
N THR Q 3 -74.51 -1.98 71.24
CA THR Q 3 -73.36 -2.81 71.52
C THR Q 3 -73.31 -4.03 70.62
N GLU Q 4 -72.17 -4.74 70.56
CA GLU Q 4 -72.05 -5.95 69.77
C GLU Q 4 -72.95 -7.08 70.26
N GLU Q 5 -73.09 -7.30 71.56
CA GLU Q 5 -74.02 -8.27 72.09
C GLU Q 5 -75.49 -7.89 71.89
N GLN Q 6 -75.82 -6.59 71.76
CA GLN Q 6 -77.17 -6.16 71.42
C GLN Q 6 -77.49 -6.33 69.95
N ILE Q 7 -76.49 -6.22 69.06
CA ILE Q 7 -76.68 -6.45 67.63
C ILE Q 7 -76.92 -7.92 67.35
N ALA Q 8 -76.23 -8.83 68.04
CA ALA Q 8 -76.38 -10.26 67.88
C ALA Q 8 -77.79 -10.79 68.19
N GLU Q 9 -78.45 -10.27 69.24
CA GLU Q 9 -79.79 -10.67 69.59
C GLU Q 9 -80.85 -10.10 68.65
N PHE Q 10 -80.63 -8.89 68.11
CA PHE Q 10 -81.49 -8.30 67.10
C PHE Q 10 -81.31 -8.99 65.74
N LYS Q 11 -80.14 -9.57 65.47
CA LYS Q 11 -79.88 -10.31 64.24
C LYS Q 11 -80.70 -11.59 64.13
N GLU Q 12 -80.92 -12.29 65.25
CA GLU Q 12 -81.80 -13.45 65.26
C GLU Q 12 -83.27 -13.05 65.23
N ALA Q 13 -83.61 -11.88 65.78
CA ALA Q 13 -84.95 -11.32 65.74
C ALA Q 13 -85.34 -10.79 64.36
N PHE Q 14 -84.34 -10.41 63.53
CA PHE Q 14 -84.55 -9.97 62.17
C PHE Q 14 -85.03 -11.11 61.25
N SER Q 15 -84.84 -12.39 61.64
CA SER Q 15 -85.40 -13.48 60.88
C SER Q 15 -86.90 -13.63 60.99
N LEU Q 16 -87.52 -13.02 62.03
CA LEU Q 16 -88.96 -12.95 62.14
C LEU Q 16 -89.51 -11.82 61.28
N PHE Q 17 -88.72 -10.76 61.06
CA PHE Q 17 -89.03 -9.74 60.08
C PHE Q 17 -88.87 -10.23 58.65
N ASP Q 18 -87.77 -10.96 58.36
CA ASP Q 18 -87.43 -11.45 57.05
C ASP Q 18 -87.63 -12.94 56.97
N LYS Q 19 -88.85 -13.39 56.69
CA LYS Q 19 -89.20 -14.77 56.70
C LYS Q 19 -88.85 -15.46 55.38
N ASP Q 20 -88.68 -14.68 54.32
CA ASP Q 20 -88.38 -15.12 52.97
C ASP Q 20 -86.89 -15.45 52.81
N GLY Q 21 -86.03 -14.83 53.63
CA GLY Q 21 -84.64 -15.17 53.72
C GLY Q 21 -83.74 -14.50 52.74
N ASP Q 22 -84.16 -13.39 52.13
CA ASP Q 22 -83.36 -12.68 51.17
C ASP Q 22 -82.46 -11.65 51.81
N GLY Q 23 -82.61 -11.39 53.11
CA GLY Q 23 -81.78 -10.48 53.87
C GLY Q 23 -82.27 -9.07 53.88
N THR Q 24 -83.44 -8.81 53.31
CA THR Q 24 -83.93 -7.45 53.13
C THR Q 24 -85.43 -7.44 53.25
N ILE Q 25 -85.99 -6.34 53.77
CA ILE Q 25 -87.41 -6.22 54.02
C ILE Q 25 -87.98 -4.99 53.36
N THR Q 26 -89.23 -5.08 52.93
CA THR Q 26 -90.02 -4.02 52.33
C THR Q 26 -91.08 -3.55 53.29
N THR Q 27 -91.96 -2.61 52.89
CA THR Q 27 -93.05 -2.14 53.74
C THR Q 27 -94.19 -3.13 53.81
N LYS Q 28 -94.24 -4.09 52.88
CA LYS Q 28 -95.15 -5.22 52.92
C LYS Q 28 -94.71 -6.22 53.97
N GLU Q 29 -93.42 -6.23 54.32
CA GLU Q 29 -92.85 -7.17 55.24
C GLU Q 29 -92.77 -6.52 56.61
N LEU Q 30 -92.18 -5.33 56.72
CA LEU Q 30 -92.13 -4.61 57.98
C LEU Q 30 -93.48 -4.11 58.48
N GLY Q 31 -94.48 -3.93 57.59
CA GLY Q 31 -95.85 -3.66 58.01
C GLY Q 31 -96.55 -4.83 58.61
N THR Q 32 -96.36 -6.03 58.04
CA THR Q 32 -97.08 -7.22 58.49
C THR Q 32 -96.58 -7.73 59.82
N VAL Q 33 -95.32 -7.44 60.19
CA VAL Q 33 -94.84 -7.81 61.50
C VAL Q 33 -95.37 -6.89 62.59
N MET Q 34 -95.39 -5.56 62.35
CA MET Q 34 -95.98 -4.64 63.30
C MET Q 34 -97.45 -4.90 63.58
N ARG Q 35 -98.25 -5.12 62.54
CA ARG Q 35 -99.67 -5.40 62.66
C ARG Q 35 -99.99 -6.72 63.31
N SER Q 36 -99.12 -7.74 63.15
CA SER Q 36 -99.30 -9.03 63.79
C SER Q 36 -99.00 -8.99 65.27
N LEU Q 37 -98.23 -7.98 65.73
CA LEU Q 37 -97.92 -7.80 67.13
C LEU Q 37 -98.60 -6.55 67.66
N GLY Q 38 -99.84 -6.30 67.20
CA GLY Q 38 -100.74 -5.32 67.76
C GLY Q 38 -100.55 -3.88 67.44
N GLN Q 39 -99.60 -3.46 66.68
CA GLN Q 39 -99.35 -2.07 66.37
C GLN Q 39 -99.71 -1.75 64.94
N ASN Q 40 -100.52 -0.73 64.68
CA ASN Q 40 -100.91 -0.35 63.35
C ASN Q 40 -100.32 1.00 62.97
N PRO Q 41 -99.25 1.13 62.24
CA PRO Q 41 -98.74 2.40 61.79
C PRO Q 41 -99.44 2.79 60.51
N THR Q 42 -99.34 4.04 60.09
CA THR Q 42 -99.84 4.46 58.80
C THR Q 42 -98.70 4.47 57.82
N GLU Q 43 -98.97 4.10 56.58
CA GLU Q 43 -97.99 3.97 55.53
C GLU Q 43 -97.19 5.22 55.26
N ALA Q 44 -97.53 6.29 55.42
CA ALA Q 44 -96.83 7.52 55.19
C ALA Q 44 -95.72 7.76 56.20
N GLU Q 45 -96.01 7.53 57.49
CA GLU Q 45 -95.04 7.62 58.55
C GLU Q 45 -93.94 6.58 58.50
N LEU Q 46 -94.25 5.32 58.16
CA LEU Q 46 -93.19 4.32 58.05
C LEU Q 46 -92.33 4.49 56.81
N GLN Q 47 -92.87 5.15 55.77
CA GLN Q 47 -92.14 5.58 54.60
C GLN Q 47 -91.11 6.64 54.91
N ASP Q 48 -91.44 7.58 55.80
CA ASP Q 48 -90.59 8.68 56.17
C ASP Q 48 -89.33 8.25 56.90
N MET Q 49 -89.43 7.24 57.79
CA MET Q 49 -88.24 6.74 58.45
C MET Q 49 -87.47 5.73 57.61
N ILE Q 50 -88.10 5.05 56.63
CA ILE Q 50 -87.36 4.35 55.60
C ILE Q 50 -86.53 5.29 54.74
N ASN Q 51 -87.08 6.46 54.38
CA ASN Q 51 -86.35 7.43 53.58
C ASN Q 51 -85.24 8.13 54.33
N GLU Q 52 -85.17 7.94 55.66
CA GLU Q 52 -84.05 8.36 56.46
C GLU Q 52 -82.89 7.40 56.32
N VAL Q 53 -83.12 6.12 56.61
CA VAL Q 53 -82.07 5.13 56.67
C VAL Q 53 -81.63 4.56 55.34
N ASP Q 54 -82.54 4.35 54.37
CA ASP Q 54 -82.19 3.78 53.09
C ASP Q 54 -81.44 4.73 52.20
N ALA Q 55 -80.27 4.44 51.95
CA ALA Q 55 -79.42 5.20 51.10
C ALA Q 55 -79.28 4.59 49.74
N ASP Q 56 -79.81 3.46 49.56
CA ASP Q 56 -79.71 2.75 48.34
C ASP Q 56 -80.62 3.25 47.33
N GLY Q 57 -81.69 3.80 47.76
CA GLY Q 57 -82.66 4.33 46.92
C GLY Q 57 -83.64 3.43 46.46
N ASN Q 58 -83.66 2.31 47.02
CA ASN Q 58 -84.53 1.35 46.65
C ASN Q 58 -85.61 1.02 47.51
N GLY Q 59 -85.57 1.51 48.70
CA GLY Q 59 -86.62 1.37 49.57
C GLY Q 59 -86.64 0.09 50.30
N THR Q 60 -85.58 -0.66 50.24
CA THR Q 60 -85.49 -1.96 50.84
C THR Q 60 -84.54 -1.92 52.00
N ILE Q 61 -85.00 -2.33 53.16
CA ILE Q 61 -84.25 -2.23 54.39
C ILE Q 61 -83.44 -3.48 54.60
N ASP Q 62 -82.12 -3.37 54.51
CA ASP Q 62 -81.18 -4.39 54.89
C ASP Q 62 -80.76 -4.22 56.35
N PHE Q 63 -80.02 -5.19 56.90
CA PHE Q 63 -79.72 -5.27 58.31
C PHE Q 63 -78.99 -4.05 58.90
N PRO Q 64 -77.87 -3.50 58.42
CA PRO Q 64 -77.28 -2.28 58.97
C PRO Q 64 -78.20 -1.06 58.96
N GLU Q 65 -79.17 -1.00 58.02
CA GLU Q 65 -80.16 0.06 57.96
C GLU Q 65 -81.21 -0.12 59.03
N PHE Q 66 -81.65 -1.38 59.27
CA PHE Q 66 -82.55 -1.75 60.35
C PHE Q 66 -81.99 -1.40 61.74
N LEU Q 67 -80.66 -1.48 61.93
CA LEU Q 67 -80.03 -1.09 63.17
C LEU Q 67 -80.10 0.41 63.43
N THR Q 68 -79.86 1.25 62.41
CA THR Q 68 -79.97 2.70 62.57
C THR Q 68 -81.39 3.19 62.46
N MET Q 69 -82.34 2.31 62.12
CA MET Q 69 -83.76 2.65 62.09
C MET Q 69 -84.38 2.59 63.46
N MET Q 70 -83.83 1.77 64.39
CA MET Q 70 -84.35 1.73 65.74
C MET Q 70 -83.44 2.38 66.76
N ALA Q 71 -82.22 2.76 66.40
CA ALA Q 71 -81.31 3.45 67.28
C ALA Q 71 -81.61 4.92 67.48
N ARG Q 72 -81.40 5.42 68.71
CA ARG Q 72 -81.58 6.81 69.08
C ARG Q 72 -81.02 6.99 70.47
N LYS Q 73 -80.42 8.13 70.80
CA LYS Q 73 -79.95 8.45 72.12
C LYS Q 73 -81.04 8.73 73.10
N MET Q 74 -81.24 7.91 74.02
CA MET Q 74 -82.29 7.95 74.97
C MET Q 74 -81.78 8.09 76.32
N LYS Q 75 -82.54 8.50 77.29
CA LYS Q 75 -82.18 8.64 78.65
C LYS Q 75 -82.29 7.34 79.40
N ASP Q 76 -81.71 7.28 80.60
CA ASP Q 76 -81.56 6.09 81.38
C ASP Q 76 -82.85 5.38 81.76
N THR Q 77 -83.90 6.10 82.12
CA THR Q 77 -85.11 5.42 82.58
C THR Q 77 -86.03 5.12 81.45
N ASP Q 78 -85.91 5.84 80.33
CA ASP Q 78 -86.53 5.53 79.07
C ASP Q 78 -86.28 4.10 78.59
N SER Q 79 -85.05 3.63 78.76
CA SER Q 79 -84.62 2.28 78.44
C SER Q 79 -85.36 1.21 79.21
N GLU Q 80 -85.46 1.34 80.53
CA GLU Q 80 -86.16 0.42 81.41
C GLU Q 80 -87.65 0.38 81.14
N GLU Q 81 -88.24 1.49 80.69
CA GLU Q 81 -89.63 1.57 80.34
C GLU Q 81 -89.95 0.84 79.05
N GLU Q 82 -88.97 0.62 78.17
CA GLU Q 82 -89.16 -0.10 76.93
C GLU Q 82 -89.21 -1.61 77.21
N ILE Q 83 -88.38 -2.08 78.17
CA ILE Q 83 -88.36 -3.47 78.60
C ILE Q 83 -89.65 -3.86 79.32
N ARG Q 84 -90.18 -2.95 80.16
CA ARG Q 84 -91.45 -3.10 80.81
C ARG Q 84 -92.63 -3.09 79.85
N GLU Q 85 -92.59 -2.26 78.79
CA GLU Q 85 -93.64 -2.23 77.79
C GLU Q 85 -93.70 -3.49 76.93
N ALA Q 86 -92.55 -4.17 76.74
CA ALA Q 86 -92.43 -5.46 76.10
C ALA Q 86 -93.10 -6.58 76.89
N PHE Q 87 -92.81 -6.66 78.20
CA PHE Q 87 -93.48 -7.52 79.17
C PHE Q 87 -95.01 -7.41 79.12
N ARG Q 88 -95.53 -6.20 78.93
CA ARG Q 88 -96.95 -5.93 78.86
C ARG Q 88 -97.58 -6.36 77.55
N VAL Q 89 -96.80 -6.52 76.45
CA VAL Q 89 -97.29 -7.16 75.24
C VAL Q 89 -97.45 -8.67 75.41
N PHE Q 90 -96.60 -9.34 76.23
CA PHE Q 90 -96.77 -10.75 76.53
C PHE Q 90 -97.92 -11.01 77.50
N ASP Q 91 -98.13 -10.12 78.47
CA ASP Q 91 -99.14 -10.29 79.49
C ASP Q 91 -100.50 -9.82 78.97
N LYS Q 92 -101.43 -10.73 78.76
CA LYS Q 92 -102.70 -10.48 78.10
C LYS Q 92 -103.77 -10.10 79.10
N ASP Q 93 -103.73 -10.67 80.31
CA ASP Q 93 -104.70 -10.39 81.33
C ASP Q 93 -104.23 -9.31 82.30
N GLY Q 94 -102.95 -8.89 82.25
CA GLY Q 94 -102.48 -7.68 82.88
C GLY Q 94 -102.23 -7.84 84.35
N ASN Q 95 -102.01 -9.07 84.80
CA ASN Q 95 -101.73 -9.40 86.17
C ASN Q 95 -100.26 -9.30 86.57
N GLY Q 96 -99.34 -9.07 85.64
CA GLY Q 96 -97.92 -8.95 85.94
C GLY Q 96 -97.20 -10.27 85.90
N TYR Q 97 -97.83 -11.26 85.28
CA TYR Q 97 -97.28 -12.60 85.13
C TYR Q 97 -97.61 -13.07 83.73
N ILE Q 98 -96.74 -13.94 83.17
CA ILE Q 98 -96.93 -14.52 81.84
C ILE Q 98 -97.08 -16.02 82.01
N SER Q 99 -98.26 -16.54 81.63
CA SER Q 99 -98.60 -17.94 81.70
C SER Q 99 -98.25 -18.68 80.41
N ALA Q 100 -98.46 -20.01 80.40
CA ALA Q 100 -98.30 -20.85 79.23
C ALA Q 100 -99.22 -20.45 78.08
N ALA Q 101 -100.49 -20.13 78.37
CA ALA Q 101 -101.45 -19.69 77.39
C ALA Q 101 -101.09 -18.33 76.79
N GLU Q 102 -100.51 -17.42 77.59
CA GLU Q 102 -100.10 -16.09 77.17
C GLU Q 102 -98.85 -16.14 76.32
N LEU Q 103 -97.90 -17.04 76.65
CA LEU Q 103 -96.71 -17.26 75.85
C LEU Q 103 -97.02 -17.92 74.52
N ARG Q 104 -97.99 -18.84 74.48
CA ARG Q 104 -98.45 -19.50 73.27
C ARG Q 104 -99.10 -18.55 72.28
N HIS Q 105 -99.76 -17.48 72.78
CA HIS Q 105 -100.40 -16.50 71.93
C HIS Q 105 -99.40 -15.60 71.22
N VAL Q 106 -98.27 -15.26 71.85
CA VAL Q 106 -97.22 -14.49 71.19
C VAL Q 106 -96.46 -15.32 70.16
N MET Q 107 -96.19 -16.61 70.47
CA MET Q 107 -95.55 -17.54 69.54
C MET Q 107 -96.34 -17.72 68.25
N THR Q 108 -97.63 -18.07 68.35
CA THR Q 108 -98.50 -18.25 67.20
C THR Q 108 -98.72 -17.00 66.37
N ASN Q 109 -98.72 -15.79 66.99
CA ASN Q 109 -98.85 -14.54 66.26
C ASN Q 109 -97.58 -14.15 65.51
N LEU Q 110 -96.41 -14.63 65.97
CA LEU Q 110 -95.15 -14.38 65.30
C LEU Q 110 -94.82 -15.48 64.31
N GLY Q 111 -95.55 -16.61 64.36
CA GLY Q 111 -95.43 -17.66 63.37
C GLY Q 111 -94.56 -18.80 63.76
N GLU Q 112 -94.22 -18.93 65.03
CA GLU Q 112 -93.42 -20.02 65.53
C GLU Q 112 -94.20 -21.29 65.60
N LYS Q 113 -93.90 -22.28 65.16
CA LYS Q 113 -94.61 -23.52 65.15
C LYS Q 113 -94.17 -24.40 66.27
N LEU Q 114 -95.05 -24.72 67.20
CA LEU Q 114 -94.75 -25.53 68.32
C LEU Q 114 -95.96 -26.19 68.90
N THR Q 115 -95.77 -27.27 69.66
CA THR Q 115 -96.81 -28.07 70.26
C THR Q 115 -97.17 -27.59 71.64
N ASP Q 116 -98.24 -28.11 72.24
CA ASP Q 116 -98.63 -27.79 73.60
C ASP Q 116 -97.61 -28.25 74.62
N GLU Q 117 -96.95 -29.40 74.38
CA GLU Q 117 -95.91 -29.92 75.25
C GLU Q 117 -94.65 -29.07 75.23
N GLU Q 118 -94.35 -28.46 74.07
CA GLU Q 118 -93.24 -27.55 73.91
C GLU Q 118 -93.48 -26.23 74.61
N VAL Q 119 -94.73 -25.73 74.63
CA VAL Q 119 -95.09 -24.52 75.36
C VAL Q 119 -94.88 -24.70 76.85
N ASP Q 120 -95.29 -25.85 77.42
CA ASP Q 120 -95.03 -26.16 78.81
C ASP Q 120 -93.54 -26.32 79.11
N GLU Q 121 -92.74 -26.86 78.15
CA GLU Q 121 -91.31 -26.96 78.26
C GLU Q 121 -90.58 -25.62 78.31
N MET Q 122 -91.05 -24.63 77.52
CA MET Q 122 -90.50 -23.29 77.49
C MET Q 122 -90.71 -22.52 78.77
N ILE Q 123 -91.95 -22.40 79.25
CA ILE Q 123 -92.29 -21.77 80.53
C ILE Q 123 -91.49 -22.31 81.70
N ARG Q 124 -91.25 -23.64 81.71
CA ARG Q 124 -90.58 -24.34 82.79
C ARG Q 124 -89.11 -23.96 82.95
N GLU Q 125 -88.39 -23.74 81.83
CA GLU Q 125 -87.02 -23.29 81.85
C GLU Q 125 -86.89 -21.83 82.30
N ALA Q 126 -87.80 -20.95 81.84
CA ALA Q 126 -87.79 -19.55 82.22
C ALA Q 126 -88.16 -19.27 83.67
N ASP Q 127 -88.98 -20.14 84.28
CA ASP Q 127 -89.44 -19.98 85.64
C ASP Q 127 -88.35 -20.37 86.65
N ILE Q 128 -88.15 -19.55 87.69
CA ILE Q 128 -87.08 -19.73 88.66
C ILE Q 128 -87.65 -20.00 90.02
N ASP Q 129 -88.75 -19.32 90.40
CA ASP Q 129 -89.30 -19.41 91.72
C ASP Q 129 -90.25 -20.58 91.93
N GLY Q 130 -90.68 -21.27 90.89
CA GLY Q 130 -91.42 -22.51 90.99
C GLY Q 130 -92.92 -22.38 90.94
N ASP Q 131 -93.46 -21.19 90.64
CA ASP Q 131 -94.89 -21.03 90.45
C ASP Q 131 -95.38 -21.38 89.06
N GLY Q 132 -94.48 -21.55 88.08
CA GLY Q 132 -94.83 -21.94 86.74
C GLY Q 132 -95.29 -20.81 85.86
N GLN Q 133 -95.13 -19.58 86.34
CA GLN Q 133 -95.46 -18.39 85.59
C GLN Q 133 -94.31 -17.42 85.70
N VAL Q 134 -94.10 -16.63 84.64
CA VAL Q 134 -92.94 -15.78 84.49
C VAL Q 134 -93.27 -14.35 84.88
N ASN Q 135 -92.77 -13.92 86.06
CA ASN Q 135 -92.87 -12.55 86.55
C ASN Q 135 -91.76 -11.70 85.93
N TYR Q 136 -91.78 -10.35 86.07
CA TYR Q 136 -90.84 -9.46 85.41
C TYR Q 136 -89.38 -9.77 85.75
N GLU Q 137 -89.07 -10.15 87.00
CA GLU Q 137 -87.73 -10.53 87.42
C GLU Q 137 -87.19 -11.73 86.64
N GLU Q 138 -88.06 -12.73 86.38
CA GLU Q 138 -87.69 -13.94 85.67
C GLU Q 138 -87.61 -13.71 84.17
N PHE Q 139 -88.45 -12.80 83.63
CA PHE Q 139 -88.42 -12.34 82.25
C PHE Q 139 -87.14 -11.62 81.87
N VAL Q 140 -86.52 -10.87 82.79
CA VAL Q 140 -85.31 -10.11 82.51
C VAL Q 140 -84.07 -10.96 82.61
N GLN Q 141 -84.07 -11.98 83.48
CA GLN Q 141 -82.97 -12.92 83.56
C GLN Q 141 -82.91 -13.85 82.35
N MET Q 142 -84.05 -14.12 81.69
CA MET Q 142 -84.07 -14.85 80.44
C MET Q 142 -83.64 -14.01 79.24
N MET Q 143 -84.14 -12.77 79.14
CA MET Q 143 -83.75 -11.78 78.15
C MET Q 143 -82.28 -11.45 78.10
N THR Q 144 -81.70 -11.20 79.28
CA THR Q 144 -80.35 -10.72 79.47
C THR Q 144 -79.30 -11.72 79.13
N ALA Q 145 -79.39 -12.91 79.69
CA ALA Q 145 -78.45 -13.95 79.52
C ALA Q 145 -77.95 -14.43 78.39
N GLN R 1 63.56 19.40 -77.11
CA GLN R 1 63.54 18.59 -76.48
C GLN R 1 63.61 17.21 -77.01
N LEU R 2 63.77 16.21 -76.26
CA LEU R 2 63.91 14.84 -76.65
C LEU R 2 62.61 14.08 -76.46
N THR R 3 62.35 13.04 -77.27
CA THR R 3 61.18 12.18 -77.12
C THR R 3 61.38 11.12 -76.07
N GLU R 4 60.31 10.45 -75.61
CA GLU R 4 60.42 9.36 -74.65
C GLU R 4 61.20 8.17 -75.17
N GLU R 5 61.01 7.76 -76.43
CA GLU R 5 61.80 6.70 -77.02
C GLU R 5 63.26 7.08 -77.25
N GLN R 6 63.59 8.38 -77.41
CA GLN R 6 64.97 8.82 -77.49
C GLN R 6 65.65 8.88 -76.13
N ILE R 7 64.91 9.14 -75.04
CA ILE R 7 65.45 9.13 -73.69
C ILE R 7 65.79 7.71 -73.26
N ALA R 8 64.96 6.71 -73.62
CA ALA R 8 65.19 5.33 -73.29
C ALA R 8 66.48 4.74 -73.85
N GLU R 9 66.84 5.09 -75.10
CA GLU R 9 68.07 4.61 -75.72
C GLU R 9 69.31 5.30 -75.17
N PHE R 10 69.20 6.58 -74.78
CA PHE R 10 70.28 7.29 -74.12
C PHE R 10 70.47 6.83 -72.68
N LYS R 11 69.41 6.30 -72.04
CA LYS R 11 69.49 5.78 -70.68
C LYS R 11 70.34 4.52 -70.59
N GLU R 12 70.29 3.63 -71.61
CA GLU R 12 71.16 2.47 -71.66
C GLU R 12 72.58 2.84 -72.07
N ALA R 13 72.75 3.93 -72.85
CA ALA R 13 74.04 4.46 -73.24
C ALA R 13 74.75 5.19 -72.09
N PHE R 14 73.99 5.70 -71.11
CA PHE R 14 74.52 6.35 -69.93
C PHE R 14 75.23 5.35 -69.01
N SER R 15 74.99 4.03 -69.14
CA SER R 15 75.75 3.05 -68.38
C SER R 15 77.18 2.88 -68.85
N LEU R 16 77.50 3.30 -70.09
CA LEU R 16 78.87 3.33 -70.57
C LEU R 16 79.59 4.57 -70.06
N PHE R 17 78.86 5.66 -69.80
CA PHE R 17 79.38 6.82 -69.09
C PHE R 17 79.59 6.54 -67.61
N ASP R 18 78.62 5.89 -66.95
CA ASP R 18 78.64 5.60 -65.53
C ASP R 18 78.88 4.14 -65.29
N LYS R 19 80.14 3.72 -65.26
CA LYS R 19 80.51 2.34 -65.15
C LYS R 19 80.52 1.86 -63.71
N ASP R 20 80.60 2.80 -62.76
CA ASP R 20 80.65 2.57 -61.33
C ASP R 20 79.27 2.29 -60.75
N GLY R 21 78.22 2.79 -61.41
CA GLY R 21 76.85 2.46 -61.10
C GLY R 21 76.21 3.29 -60.03
N ASP R 22 76.75 4.47 -59.72
CA ASP R 22 76.20 5.33 -58.70
C ASP R 22 75.14 6.27 -59.24
N GLY R 23 74.96 6.33 -60.57
CA GLY R 23 73.94 7.13 -61.22
C GLY R 23 74.38 8.51 -61.56
N THR R 24 75.66 8.84 -61.36
CA THR R 24 76.13 10.19 -61.51
C THR R 24 77.56 10.17 -62.00
N ILE R 25 77.94 11.17 -62.81
CA ILE R 25 79.25 11.23 -63.41
C ILE R 25 79.95 12.54 -63.11
N THR R 26 81.26 12.49 -63.01
CA THR R 26 82.14 13.62 -62.78
C THR R 26 82.92 13.92 -64.05
N THR R 27 83.85 14.90 -64.02
CA THR R 27 84.69 15.21 -65.18
C THR R 27 85.79 14.21 -65.39
N LYS R 28 86.10 13.39 -64.37
CA LYS R 28 86.99 12.26 -64.46
C LYS R 28 86.33 11.12 -65.21
N GLU R 29 84.99 11.08 -65.22
CA GLU R 29 84.24 10.02 -65.81
C GLU R 29 83.80 10.45 -67.19
N LEU R 30 83.17 11.63 -67.33
CA LEU R 30 82.78 12.16 -68.63
C LEU R 30 83.96 12.55 -69.52
N GLY R 31 85.14 12.84 -68.95
CA GLY R 31 86.36 13.03 -69.74
C GLY R 31 86.91 11.77 -70.31
N THR R 32 86.91 10.68 -69.55
CA THR R 32 87.50 9.43 -69.98
C THR R 32 86.70 8.72 -71.04
N VAL R 33 85.38 8.96 -71.13
CA VAL R 33 84.60 8.42 -72.21
C VAL R 33 84.81 9.15 -73.51
N MET R 34 84.87 10.50 -73.49
CA MET R 34 85.17 11.26 -74.69
C MET R 34 86.53 10.95 -75.29
N ARG R 35 87.58 10.86 -74.46
CA ARG R 35 88.92 10.55 -74.89
C ARG R 35 89.10 9.14 -75.39
N SER R 36 88.33 8.17 -74.86
CA SER R 36 88.36 6.79 -75.34
C SER R 36 87.71 6.62 -76.68
N LEU R 37 86.83 7.55 -77.08
CA LEU R 37 86.17 7.52 -78.36
C LEU R 37 86.66 8.68 -79.23
N GLY R 38 87.97 8.98 -79.13
CA GLY R 38 88.68 9.84 -80.05
C GLY R 38 88.54 11.32 -79.90
N GLN R 39 87.81 11.87 -79.01
CA GLN R 39 87.60 13.29 -78.86
C GLN R 39 88.30 13.82 -77.62
N ASN R 40 89.14 14.84 -77.73
CA ASN R 40 89.84 15.42 -76.61
C ASN R 40 89.33 16.82 -76.30
N PRO R 41 88.48 17.07 -75.36
CA PRO R 41 88.08 18.41 -74.99
C PRO R 41 89.06 18.98 -73.99
N THR R 42 89.03 20.26 -73.75
CA THR R 42 89.83 20.88 -72.71
C THR R 42 88.97 21.04 -71.49
N GLU R 43 89.55 20.87 -70.31
CA GLU R 43 88.88 20.91 -69.05
C GLU R 43 88.14 22.20 -68.77
N ALA R 44 88.41 23.23 -69.16
CA ALA R 44 87.76 24.49 -68.96
C ALA R 44 86.43 24.59 -69.68
N GLU R 45 86.39 24.17 -70.95
CA GLU R 45 85.18 24.11 -71.73
C GLU R 45 84.15 23.11 -71.26
N LEU R 46 84.56 21.90 -70.82
CA LEU R 46 83.59 20.96 -70.30
C LEU R 46 83.07 21.33 -68.92
N GLN R 47 83.83 22.11 -68.16
CA GLN R 47 83.41 22.73 -66.92
C GLN R 47 82.32 23.74 -67.12
N ASP R 48 82.39 24.54 -68.19
CA ASP R 48 81.45 25.59 -68.50
C ASP R 48 80.06 25.07 -68.82
N MET R 49 79.94 23.93 -69.54
CA MET R 49 78.64 23.35 -69.79
C MET R 49 78.14 22.50 -68.65
N ILE R 50 79.01 21.97 -67.77
CA ILE R 50 78.58 21.44 -66.49
C ILE R 50 77.96 22.50 -65.60
N ASN R 51 78.55 23.72 -65.57
CA ASN R 51 78.04 24.79 -64.76
C ASN R 51 76.75 25.40 -65.31
N GLU R 52 76.35 25.01 -66.53
CA GLU R 52 75.06 25.33 -67.08
C GLU R 52 73.98 24.43 -66.51
N VAL R 53 74.17 23.10 -66.65
CA VAL R 53 73.16 22.13 -66.30
C VAL R 53 73.08 21.78 -64.82
N ASP R 54 74.21 21.70 -64.10
CA ASP R 54 74.20 21.34 -62.70
C ASP R 54 73.69 22.42 -61.80
N ALA R 55 72.62 22.19 -61.22
CA ALA R 55 71.99 23.08 -60.32
C ALA R 55 72.21 22.69 -58.90
N ASP R 56 72.80 21.59 -58.68
CA ASP R 56 73.03 21.07 -57.39
C ASP R 56 74.15 21.69 -56.73
N GLY R 57 75.07 22.17 -57.49
CA GLY R 57 76.21 22.81 -57.01
C GLY R 57 77.29 21.97 -56.69
N ASN R 58 77.19 20.77 -57.06
CA ASN R 58 78.14 19.86 -56.78
C ASN R 58 78.98 19.39 -57.82
N GLY R 59 78.63 19.70 -59.02
CA GLY R 59 79.43 19.40 -60.10
C GLY R 59 79.30 18.03 -60.61
N THR R 60 78.30 17.32 -60.18
CA THR R 60 78.10 15.95 -60.53
C THR R 60 76.89 15.83 -61.40
N ILE R 61 77.04 15.24 -62.57
CA ILE R 61 76.01 15.16 -63.58
C ILE R 61 75.21 13.91 -63.38
N ASP R 62 73.95 14.05 -62.98
CA ASP R 62 72.97 13.00 -62.96
C ASP R 62 72.19 12.96 -64.26
N PHE R 63 71.34 11.93 -64.45
CA PHE R 63 70.71 11.65 -65.73
C PHE R 63 69.83 12.77 -66.29
N PRO R 64 68.85 13.41 -65.63
CA PRO R 64 68.11 14.55 -66.19
C PRO R 64 68.98 15.73 -66.59
N GLU R 65 70.16 15.92 -65.95
CA GLU R 65 71.10 16.96 -66.29
C GLU R 65 71.86 16.60 -67.55
N PHE R 66 72.24 15.31 -67.70
CA PHE R 66 72.85 14.77 -68.91
C PHE R 66 71.96 14.91 -70.16
N LEU R 67 70.63 14.83 -69.99
CA LEU R 67 69.69 15.05 -71.08
C LEU R 67 69.66 16.48 -71.57
N THR R 68 69.67 17.48 -70.66
CA THR R 68 69.71 18.88 -71.05
C THR R 68 71.10 19.36 -71.38
N MET R 69 72.13 18.53 -71.16
CA MET R 69 73.49 18.84 -71.53
C MET R 69 73.74 18.56 -72.99
N MET R 70 73.01 17.63 -73.61
CA MET R 70 73.16 17.37 -75.04
C MET R 70 72.02 17.87 -75.89
N ALA R 71 70.91 18.32 -75.28
CA ALA R 71 69.80 18.89 -76.00
C ALA R 71 70.00 20.31 -76.50
N ARG R 72 69.47 20.63 -77.68
CA ARG R 72 69.52 21.94 -78.29
C ARG R 72 68.63 21.92 -79.51
N LYS R 73 67.94 23.00 -79.84
CA LYS R 73 67.14 23.13 -81.04
C LYS R 73 67.95 23.24 -82.28
N MET R 74 67.93 22.29 -83.10
CA MET R 74 68.71 22.17 -84.27
C MET R 74 67.87 22.11 -85.46
N LYS R 75 68.36 22.36 -86.64
CA LYS R 75 67.66 22.29 -87.88
C LYS R 75 67.61 20.90 -88.43
N ASP R 76 66.74 20.67 -89.41
CA ASP R 76 66.44 19.38 -89.94
C ASP R 76 67.61 18.61 -90.52
N THR R 77 68.51 19.24 -91.24
CA THR R 77 69.58 18.49 -91.88
C THR R 77 70.77 18.35 -90.99
N ASP R 78 70.91 19.23 -90.00
CA ASP R 78 71.84 19.09 -88.90
C ASP R 78 71.75 17.76 -88.17
N SER R 79 70.52 17.28 -87.95
CA SER R 79 70.22 16.01 -87.33
C SER R 79 70.77 14.81 -88.09
N GLU R 80 70.53 14.75 -89.41
CA GLU R 80 71.00 13.70 -90.28
C GLU R 80 72.52 13.67 -90.40
N GLU R 81 73.17 14.83 -90.28
CA GLU R 81 74.60 14.94 -90.31
C GLU R 81 75.27 14.41 -89.05
N GLU R 82 74.53 14.34 -87.93
CA GLU R 82 75.05 13.80 -86.68
C GLU R 82 75.05 12.28 -86.74
N ILE R 83 74.03 11.67 -87.36
CA ILE R 83 73.94 10.23 -87.57
C ILE R 83 75.01 9.73 -88.52
N ARG R 84 75.28 10.49 -89.59
CA ARG R 84 76.36 10.23 -90.52
C ARG R 84 77.73 10.36 -89.90
N GLU R 85 77.95 11.35 -89.00
CA GLU R 85 79.22 11.51 -88.30
C GLU R 85 79.52 10.39 -87.31
N ALA R 86 78.46 9.75 -86.75
CA ALA R 86 78.55 8.58 -85.90
C ALA R 86 79.02 7.36 -86.66
N PHE R 87 78.41 7.08 -87.84
CA PHE R 87 78.84 6.06 -88.79
C PHE R 87 80.32 6.16 -89.15
N ARG R 88 80.84 7.38 -89.29
CA ARG R 88 82.24 7.64 -89.62
C ARG R 88 83.18 7.39 -88.45
N VAL R 89 82.70 7.42 -87.18
CA VAL R 89 83.51 6.94 -86.06
C VAL R 89 83.65 5.43 -86.04
N PHE R 90 82.64 4.67 -86.49
CA PHE R 90 82.76 3.22 -86.62
C PHE R 90 83.62 2.81 -87.79
N ASP R 91 83.57 3.54 -88.92
CA ASP R 91 84.30 3.18 -90.12
C ASP R 91 85.73 3.71 -90.03
N LYS R 92 86.71 2.83 -89.93
CA LYS R 92 88.09 3.15 -89.66
C LYS R 92 88.87 3.36 -90.94
N ASP R 93 88.53 2.63 -91.99
CA ASP R 93 89.21 2.74 -93.27
C ASP R 93 88.49 3.66 -94.24
N GLY R 94 87.26 4.10 -93.91
CA GLY R 94 86.62 5.22 -94.59
C GLY R 94 86.00 4.84 -95.90
N ASN R 95 85.71 3.56 -96.10
CA ASN R 95 85.09 3.03 -97.29
C ASN R 95 83.58 3.09 -97.32
N GLY R 96 82.92 3.48 -96.23
CA GLY R 96 81.47 3.57 -96.17
C GLY R 96 80.81 2.29 -95.77
N TYR R 97 81.60 1.38 -95.17
CA TYR R 97 81.14 0.11 -94.69
C TYR R 97 81.81 -0.17 -93.37
N ILE R 98 81.13 -0.93 -92.49
CA ILE R 98 81.65 -1.31 -91.18
C ILE R 98 81.80 -2.82 -91.15
N SER R 99 83.05 -3.29 -91.01
CA SER R 99 83.39 -4.70 -90.94
C SER R 99 83.39 -5.23 -89.52
N ALA R 100 83.63 -6.55 -89.36
CA ALA R 100 83.78 -7.19 -88.07
C ALA R 100 84.95 -6.64 -87.27
N ALA R 101 86.10 -6.38 -87.92
CA ALA R 101 87.27 -5.81 -87.28
C ALA R 101 87.04 -4.37 -86.82
N GLU R 102 86.26 -3.59 -87.58
CA GLU R 102 85.95 -2.21 -87.28
C GLU R 102 84.94 -2.11 -86.14
N LEU R 103 83.97 -3.03 -86.08
CA LEU R 103 83.01 -3.10 -84.99
C LEU R 103 83.66 -3.56 -83.69
N ARG R 104 84.63 -4.49 -83.76
CA ARG R 104 85.40 -4.96 -82.62
C ARG R 104 86.25 -3.89 -81.99
N HIS R 105 86.74 -2.92 -82.78
CA HIS R 105 87.56 -1.83 -82.28
C HIS R 105 86.74 -0.82 -81.47
N VAL R 106 85.48 -0.56 -81.85
CA VAL R 106 84.62 0.32 -81.06
C VAL R 106 84.15 -0.34 -79.77
N MET R 107 83.86 -1.65 -79.80
CA MET R 107 83.49 -2.42 -78.62
C MET R 107 84.57 -2.42 -77.56
N THR R 108 85.81 -2.80 -77.93
CA THR R 108 86.95 -2.82 -77.02
C THR R 108 87.34 -1.46 -76.46
N ASN R 109 87.16 -0.36 -77.24
CA ASN R 109 87.44 0.98 -76.76
C ASN R 109 86.38 1.50 -75.78
N LEU R 110 85.14 0.98 -75.85
CA LEU R 110 84.09 1.34 -74.93
C LEU R 110 84.04 0.41 -73.74
N GLY R 111 84.77 -0.72 -73.80
CA GLY R 111 84.92 -1.62 -72.67
C GLY R 111 84.01 -2.79 -72.65
N GLU R 112 83.36 -3.10 -73.77
CA GLU R 112 82.49 -4.23 -73.87
C GLU R 112 83.26 -5.52 -73.95
N LYS R 113 83.09 -6.42 -73.30
CA LYS R 113 83.81 -7.66 -73.28
C LYS R 113 83.13 -8.69 -74.11
N LEU R 114 83.76 -9.15 -75.19
CA LEU R 114 83.20 -10.13 -76.05
C LEU R 114 84.23 -10.89 -76.82
N THR R 115 83.90 -12.05 -77.34
CA THR R 115 84.77 -12.96 -78.05
C THR R 115 84.76 -12.69 -79.53
N ASP R 116 85.66 -13.32 -80.29
CA ASP R 116 85.68 -13.20 -81.74
C ASP R 116 84.45 -13.81 -82.39
N GLU R 117 83.90 -14.90 -81.83
CA GLU R 117 82.69 -15.53 -82.31
C GLU R 117 81.45 -14.66 -82.10
N GLU R 118 81.43 -13.87 -81.02
CA GLU R 118 80.39 -12.93 -80.71
C GLU R 118 80.40 -11.74 -81.64
N VAL R 119 81.59 -11.27 -82.05
CA VAL R 119 81.74 -10.19 -83.01
C VAL R 119 81.16 -10.58 -84.37
N ASP R 120 81.44 -11.81 -84.84
CA ASP R 120 80.85 -12.33 -86.06
C ASP R 120 79.33 -12.51 -85.95
N GLU R 121 78.82 -12.88 -84.75
CA GLU R 121 77.40 -12.98 -84.48
C GLU R 121 76.66 -11.65 -84.55
N MET R 122 77.29 -10.55 -84.06
CA MET R 122 76.73 -9.22 -84.09
C MET R 122 76.59 -8.65 -85.49
N ILE R 123 77.68 -8.62 -86.27
CA ILE R 123 77.68 -8.20 -87.66
C ILE R 123 76.61 -8.89 -88.51
N ARG R 124 76.40 -10.21 -88.26
CA ARG R 124 75.50 -11.05 -89.02
C ARG R 124 74.03 -10.68 -88.85
N GLU R 125 73.62 -10.28 -87.64
CA GLU R 125 72.27 -9.81 -87.39
C GLU R 125 72.00 -8.45 -87.99
N ALA R 126 72.97 -7.52 -87.92
CA ALA R 126 72.83 -6.19 -88.48
C ALA R 126 72.83 -6.14 -90.01
N ASP R 127 73.48 -7.10 -90.68
CA ASP R 127 73.58 -7.16 -92.12
C ASP R 127 72.29 -7.68 -92.74
N ILE R 128 71.81 -7.02 -93.81
CA ILE R 128 70.53 -7.32 -94.43
C ILE R 128 70.75 -7.81 -95.84
N ASP R 129 71.70 -7.21 -96.57
CA ASP R 129 71.90 -7.51 -97.97
C ASP R 129 72.80 -8.70 -98.23
N GLY R 130 73.49 -9.24 -97.25
CA GLY R 130 74.21 -10.49 -97.34
C GLY R 130 75.66 -10.39 -97.70
N ASP R 131 76.25 -9.17 -97.71
CA ASP R 131 77.67 -9.00 -97.93
C ASP R 131 78.50 -9.14 -96.66
N GLY R 132 77.88 -9.16 -95.48
CA GLY R 132 78.57 -9.35 -94.22
C GLY R 132 79.21 -8.11 -93.67
N GLN R 133 78.90 -6.95 -94.27
CA GLN R 133 79.38 -5.67 -93.82
C GLN R 133 78.23 -4.71 -93.77
N VAL R 134 78.27 -3.76 -92.82
CA VAL R 134 77.17 -2.88 -92.51
C VAL R 134 77.36 -1.54 -93.19
N ASN R 135 76.56 -1.27 -94.24
CA ASN R 135 76.51 -0.01 -94.95
C ASN R 135 75.56 0.95 -94.21
N TYR R 136 75.53 2.26 -94.55
CA TYR R 136 74.76 3.26 -93.81
C TYR R 136 73.26 2.93 -93.72
N GLU R 137 72.66 2.36 -94.78
CA GLU R 137 71.26 1.95 -94.78
C GLU R 137 70.97 0.88 -93.73
N GLU R 138 71.90 -0.08 -93.54
CA GLU R 138 71.74 -1.16 -92.60
C GLU R 138 72.04 -0.71 -91.18
N PHE R 139 72.97 0.27 -91.01
CA PHE R 139 73.28 0.92 -89.76
C PHE R 139 72.12 1.70 -89.16
N VAL R 140 71.27 2.33 -90.01
CA VAL R 140 70.15 3.14 -89.54
C VAL R 140 68.94 2.30 -89.20
N GLN R 141 68.74 1.16 -89.89
CA GLN R 141 67.68 0.23 -89.54
C GLN R 141 67.95 -0.51 -88.23
N MET R 142 69.23 -0.68 -87.85
CA MET R 142 69.58 -1.21 -86.55
C MET R 142 69.43 -0.20 -85.42
N MET R 143 69.92 1.03 -85.63
CA MET R 143 69.77 2.17 -84.74
C MET R 143 68.35 2.52 -84.37
N THR R 144 67.49 2.60 -85.39
CA THR R 144 66.13 3.08 -85.30
C THR R 144 65.22 2.15 -84.56
N ALA R 145 65.20 0.88 -84.94
CA ALA R 145 64.35 -0.10 -84.39
C ALA R 145 64.15 -0.40 -83.11
N GLN S 1 -37.18 61.42 94.19
CA GLN S 1 -37.27 60.54 93.67
C GLN S 1 -37.26 59.24 94.39
N LEU S 2 -37.55 58.16 93.83
CA LEU S 2 -37.63 56.85 94.42
C LEU S 2 -36.38 56.03 94.10
N THR S 3 -36.00 55.11 94.99
CA THR S 3 -34.87 54.20 94.76
C THR S 3 -35.27 53.02 93.91
N GLU S 4 -34.30 52.26 93.37
CA GLU S 4 -34.58 51.06 92.60
C GLU S 4 -35.26 49.97 93.40
N GLU S 5 -34.85 49.72 94.66
CA GLU S 5 -35.53 48.78 95.51
C GLU S 5 -36.92 49.22 95.94
N GLN S 6 -37.22 50.55 95.98
CA GLN S 6 -38.55 51.04 96.24
C GLN S 6 -39.46 50.93 95.03
N ILE S 7 -38.93 51.03 93.80
CA ILE S 7 -39.70 50.85 92.58
C ILE S 7 -40.12 49.40 92.41
N ALA S 8 -39.25 48.44 92.75
CA ALA S 8 -39.54 47.02 92.65
C ALA S 8 -40.71 46.56 93.51
N GLU S 9 -40.85 47.07 94.75
CA GLU S 9 -41.94 46.72 95.63
C GLU S 9 -43.26 47.36 95.22
N PHE S 10 -43.21 48.58 94.65
CA PHE S 10 -44.40 49.23 94.10
C PHE S 10 -44.83 48.59 92.79
N LYS S 11 -43.91 47.94 92.04
CA LYS S 11 -44.22 47.24 90.81
C LYS S 11 -45.09 46.02 91.05
N GLU S 12 -44.86 45.28 92.15
CA GLU S 12 -45.72 44.16 92.51
C GLU S 12 -47.04 44.63 93.10
N ALA S 13 -47.06 45.80 93.75
CA ALA S 13 -48.26 46.42 94.28
C ALA S 13 -49.16 47.01 93.19
N PHE S 14 -48.58 47.37 92.03
CA PHE S 14 -49.31 47.86 90.88
C PHE S 14 -50.18 46.77 90.25
N SER S 15 -49.93 45.48 90.51
CA SER S 15 -50.81 44.42 90.03
C SER S 15 -52.14 44.35 90.77
N LEU S 16 -52.23 44.95 91.97
CA LEU S 16 -53.49 45.09 92.67
C LEU S 16 -54.28 46.27 92.14
N PHE S 17 -53.61 47.30 91.60
CA PHE S 17 -54.24 48.36 90.85
C PHE S 17 -54.71 47.90 89.49
N ASP S 18 -53.87 47.13 88.76
CA ASP S 18 -54.15 46.66 87.42
C ASP S 18 -54.43 45.19 87.42
N LYS S 19 -55.68 44.81 87.67
CA LYS S 19 -56.07 43.44 87.81
C LYS S 19 -56.35 42.77 86.48
N ASP S 20 -56.58 43.58 85.43
CA ASP S 20 -56.89 43.16 84.08
C ASP S 20 -55.64 42.77 83.32
N GLY S 21 -54.48 43.32 83.69
CA GLY S 21 -53.18 42.92 83.20
C GLY S 21 -52.76 43.57 81.94
N ASP S 22 -53.33 44.72 81.57
CA ASP S 22 -52.96 45.42 80.37
C ASP S 22 -51.82 46.39 80.58
N GLY S 23 -51.40 46.61 81.83
CA GLY S 23 -50.29 47.46 82.18
C GLY S 23 -50.65 48.89 82.41
N THR S 24 -51.94 49.23 82.38
CA THR S 24 -52.38 50.61 82.43
C THR S 24 -53.69 50.69 83.15
N ILE S 25 -53.91 51.79 83.88
CA ILE S 25 -55.10 51.97 84.70
C ILE S 25 -55.82 53.25 84.35
N THR S 26 -57.15 53.22 84.48
CA THR S 26 -58.05 54.34 84.26
C THR S 26 -58.58 54.84 85.59
N THR S 27 -59.50 55.82 85.60
CA THR S 27 -60.12 56.32 86.83
C THR S 27 -61.17 55.38 87.36
N LYS S 28 -61.65 54.45 86.53
CA LYS S 28 -62.52 53.36 86.94
C LYS S 28 -61.74 52.31 87.70
N GLU S 29 -60.42 52.24 87.48
CA GLU S 29 -59.57 51.24 88.07
C GLU S 29 -58.90 51.84 89.28
N LEU S 30 -58.25 53.01 89.15
CA LEU S 30 -57.64 53.69 90.27
C LEU S 30 -58.64 54.23 91.30
N GLY S 31 -59.90 54.48 90.91
CA GLY S 31 -60.95 54.81 91.87
C GLY S 31 -61.41 53.65 92.70
N THR S 32 -61.54 52.46 92.10
CA THR S 32 -62.06 51.30 92.79
C THR S 32 -61.08 50.72 93.78
N VAL S 33 -59.77 50.94 93.60
CA VAL S 33 -58.81 50.51 94.59
C VAL S 33 -58.78 51.43 95.80
N MET S 34 -58.83 52.75 95.61
CA MET S 34 -58.92 53.68 96.72
C MET S 34 -60.15 53.48 97.60
N ARG S 35 -61.33 53.32 96.97
CA ARG S 35 -62.57 53.11 97.68
C ARG S 35 -62.67 51.78 98.39
N SER S 36 -62.00 50.73 97.87
CA SER S 36 -61.97 49.43 98.52
C SER S 36 -61.08 49.41 99.75
N LEU S 37 -60.14 50.37 99.85
CA LEU S 37 -59.26 50.49 100.99
C LEU S 37 -59.59 51.76 101.77
N GLY S 38 -60.90 52.09 101.86
CA GLY S 38 -61.43 53.08 102.76
C GLY S 38 -61.30 54.53 102.39
N GLN S 39 -60.74 54.93 101.31
CA GLN S 39 -60.56 56.31 100.94
C GLN S 39 -61.47 56.69 99.78
N ASN S 40 -62.26 57.74 99.89
CA ASN S 40 -63.15 58.18 98.85
C ASN S 40 -62.69 59.52 98.27
N PRO S 41 -62.02 59.62 97.16
CA PRO S 41 -61.68 60.89 96.55
C PRO S 41 -62.82 61.35 95.68
N THR S 42 -62.83 62.59 95.27
CA THR S 42 -63.80 63.08 94.31
C THR S 42 -63.18 63.06 92.94
N GLU S 43 -63.96 62.74 91.92
CA GLU S 43 -63.51 62.60 90.57
C GLU S 43 -62.83 63.81 89.99
N ALA S 44 -63.02 64.89 90.28
CA ALA S 44 -62.41 66.10 89.80
C ALA S 44 -60.97 66.25 90.26
N GLU S 45 -60.70 66.00 91.55
CA GLU S 45 -59.38 66.02 92.10
C GLU S 45 -58.46 64.93 91.59
N LEU S 46 -58.94 63.69 91.40
CA LEU S 46 -58.08 62.65 90.85
C LEU S 46 -57.82 62.81 89.37
N GLN S 47 -58.70 63.53 88.65
CA GLN S 47 -58.51 63.95 87.29
C GLN S 47 -57.39 64.96 87.14
N ASP S 48 -57.26 65.88 88.11
CA ASP S 48 -56.28 66.94 88.08
C ASP S 48 -54.85 66.42 88.23
N MET S 49 -54.62 65.39 89.06
CA MET S 49 -53.29 64.82 89.16
C MET S 49 -53.00 63.81 88.08
N ILE S 50 -54.02 63.18 87.45
CA ILE S 50 -53.83 62.48 86.19
C ILE S 50 -53.38 63.40 85.07
N ASN S 51 -53.95 64.61 84.98
CA ASN S 51 -53.59 65.56 83.95
C ASN S 51 -52.22 66.19 84.18
N GLU S 52 -51.61 65.96 85.35
CA GLU S 52 -50.23 66.31 85.62
C GLU S 52 -49.29 65.31 85.00
N VAL S 53 -49.46 64.02 85.35
CA VAL S 53 -48.53 62.98 84.96
C VAL S 53 -48.71 62.44 83.55
N ASP S 54 -49.95 62.29 83.06
CA ASP S 54 -50.20 61.74 81.75
C ASP S 54 -49.85 62.69 80.63
N ALA S 55 -48.90 62.35 79.91
CA ALA S 55 -48.44 63.09 78.79
C ALA S 55 -48.91 62.52 77.50
N ASP S 56 -49.53 61.42 77.54
CA ASP S 56 -49.98 60.74 76.38
C ASP S 56 -51.21 61.30 75.86
N GLY S 57 -51.97 61.91 76.69
CA GLY S 57 -53.18 62.50 76.34
C GLY S 57 -54.31 61.66 76.33
N ASN S 58 -54.14 60.52 76.84
CA ASN S 58 -55.14 59.62 76.85
C ASN S 58 -55.77 59.30 78.09
N GLY S 59 -55.22 59.76 79.15
CA GLY S 59 -55.82 59.64 80.39
C GLY S 59 -55.60 58.35 81.04
N THR S 60 -54.71 57.55 80.54
CA THR S 60 -54.45 56.24 81.03
C THR S 60 -53.10 56.19 81.69
N ILE S 61 -53.05 55.77 82.95
CA ILE S 61 -51.86 55.80 83.75
C ILE S 61 -51.11 54.50 83.58
N ASP S 62 -49.94 54.56 82.96
CA ASP S 62 -48.98 53.49 82.90
C ASP S 62 -47.99 53.59 84.05
N PHE S 63 -47.13 52.58 84.22
CA PHE S 63 -46.28 52.45 85.40
C PHE S 63 -45.30 53.61 85.63
N PRO S 64 -44.45 54.12 84.73
CA PRO S 64 -43.62 55.30 85.00
C PRO S 64 -44.40 56.55 85.38
N GLU S 65 -45.67 56.69 84.94
CA GLU S 65 -46.53 57.80 85.29
C GLU S 65 -47.06 57.63 86.71
N PHE S 66 -47.42 56.39 87.09
CA PHE S 66 -47.81 56.03 88.44
C PHE S 66 -46.71 56.31 89.48
N LEU S 67 -45.42 56.17 89.11
CA LEU S 67 -44.31 56.50 89.96
C LEU S 67 -44.18 57.98 90.25
N THR S 68 -44.34 58.84 89.23
CA THR S 68 -44.30 60.29 89.42
C THR S 68 -45.61 60.85 89.92
N MET S 69 -46.66 60.02 90.01
CA MET S 69 -47.94 60.42 90.57
C MET S 69 -47.94 60.35 92.08
N MET S 70 -47.10 59.49 92.68
CA MET S 70 -47.00 59.42 94.12
C MET S 70 -45.72 60.00 94.69
N ALA S 71 -44.74 60.33 93.84
CA ALA S 71 -43.51 60.96 94.27
C ALA S 71 -43.62 62.43 94.59
N ARG S 72 -42.89 62.89 95.62
CA ARG S 72 -42.82 64.27 96.04
C ARG S 72 -41.72 64.38 97.07
N LYS S 73 -40.99 65.49 97.13
CA LYS S 73 -39.98 65.75 98.14
C LYS S 73 -40.56 66.04 99.48
N MET S 74 -40.39 65.20 100.40
CA MET S 74 -40.96 65.27 101.69
C MET S 74 -39.92 65.35 102.71
N LYS S 75 -40.18 65.76 103.92
CA LYS S 75 -39.28 65.85 105.00
C LYS S 75 -39.14 64.53 105.72
N ASP S 76 -38.11 64.41 106.56
CA ASP S 76 -37.73 63.18 107.20
C ASP S 76 -38.77 62.53 108.07
N THR S 77 -39.53 63.29 108.86
CA THR S 77 -40.48 62.65 109.77
C THR S 77 -41.81 62.43 109.13
N ASP S 78 -42.11 63.17 108.07
CA ASP S 78 -43.22 62.93 107.18
C ASP S 78 -43.27 61.51 106.63
N SER S 79 -42.11 60.96 106.27
CA SER S 79 -41.93 59.61 105.78
C SER S 79 -42.34 58.55 106.78
N GLU S 80 -41.87 58.66 108.03
CA GLU S 80 -42.19 57.74 109.10
C GLU S 80 -43.66 57.77 109.49
N GLU S 81 -44.32 58.93 109.34
CA GLU S 81 -45.72 59.09 109.61
C GLU S 81 -46.59 58.41 108.56
N GLU S 82 -46.08 58.17 107.34
CA GLU S 82 -46.81 57.49 106.29
C GLU S 82 -46.81 55.99 106.55
N ILE S 83 -45.70 55.44 107.07
CA ILE S 83 -45.57 54.04 107.44
C ILE S 83 -46.46 53.70 108.64
N ARG S 84 -46.54 54.60 109.62
CA ARG S 84 -47.43 54.48 110.76
C ARG S 84 -48.91 54.58 110.37
N GLU S 85 -49.26 55.45 109.40
CA GLU S 85 -50.63 55.55 108.92
C GLU S 85 -51.11 54.32 108.16
N ALA S 86 -50.18 53.59 107.51
CA ALA S 86 -50.42 52.31 106.86
C ALA S 86 -50.75 51.22 107.86
N PHE S 87 -49.95 51.08 108.93
CA PHE S 87 -50.20 50.21 110.07
C PHE S 87 -51.60 50.40 110.66
N ARG S 88 -52.09 51.64 110.72
CA ARG S 88 -53.39 51.98 111.26
C ARG S 88 -54.53 51.61 110.32
N VAL S 89 -54.29 51.45 109.00
CA VAL S 89 -55.27 50.86 108.10
C VAL S 89 -55.43 49.36 108.31
N PHE S 90 -54.35 48.63 108.68
CA PHE S 90 -54.47 47.22 109.03
C PHE S 90 -55.11 46.99 110.38
N ASP S 91 -54.85 47.87 111.36
CA ASP S 91 -55.36 47.70 112.71
C ASP S 91 -56.77 48.25 112.80
N LYS S 92 -57.76 47.39 113.01
CA LYS S 92 -59.16 47.72 112.93
C LYS S 92 -59.70 48.12 114.29
N ASP S 93 -59.19 47.52 115.36
CA ASP S 93 -59.63 47.82 116.71
C ASP S 93 -58.75 48.84 117.39
N GLY S 94 -57.59 49.20 116.81
CA GLY S 94 -56.82 50.37 117.20
C GLY S 94 -56.00 50.15 118.42
N ASN S 95 -55.68 48.91 118.73
CA ASN S 95 -54.86 48.52 119.87
C ASN S 95 -53.36 48.53 119.62
N GLY S 96 -52.91 48.75 118.38
CA GLY S 96 -51.49 48.81 118.06
C GLY S 96 -50.93 47.45 117.72
N TYR S 97 -51.81 46.50 117.40
CA TYR S 97 -51.44 45.15 117.03
C TYR S 97 -52.35 44.72 115.90
N ILE S 98 -51.84 43.84 115.02
CA ILE S 98 -52.59 43.31 113.89
C ILE S 98 -52.75 41.81 114.09
N SER S 99 -54.00 41.36 114.24
CA SER S 99 -54.36 39.97 114.43
C SER S 99 -54.61 39.26 113.12
N ALA S 100 -54.89 37.94 113.17
CA ALA S 100 -55.27 37.13 112.03
C ALA S 100 -56.56 37.61 111.39
N ALA S 101 -57.58 37.98 112.19
CA ALA S 101 -58.84 38.49 111.70
C ALA S 101 -58.68 39.85 111.00
N GLU S 102 -57.78 40.71 111.50
CA GLU S 102 -57.51 42.02 110.96
C GLU S 102 -56.72 41.95 109.66
N LEU S 103 -55.78 40.99 109.55
CA LEU S 103 -55.03 40.74 108.33
C LEU S 103 -55.92 40.14 107.25
N ARG S 104 -56.86 39.26 107.61
CA ARG S 104 -57.82 38.66 106.71
C ARG S 104 -58.76 39.67 106.08
N HIS S 105 -59.10 40.75 106.81
CA HIS S 105 -59.98 41.79 106.31
C HIS S 105 -59.32 42.65 105.26
N VAL S 106 -58.01 42.92 105.37
CA VAL S 106 -57.31 43.67 104.33
C VAL S 106 -57.07 42.84 103.08
N MET S 107 -56.78 41.53 103.23
CA MET S 107 -56.64 40.60 102.12
C MET S 107 -57.89 40.48 101.27
N THR S 108 -59.05 40.20 101.90
CA THR S 108 -60.33 40.08 101.22
C THR S 108 -60.81 41.38 100.56
N ASN S 109 -60.49 42.56 101.13
CA ASN S 109 -60.83 43.84 100.53
C ASN S 109 -59.96 44.19 99.34
N LEU S 110 -58.74 43.64 99.25
CA LEU S 110 -57.86 43.86 98.11
C LEU S 110 -58.04 42.76 97.07
N GLY S 111 -58.75 41.67 97.41
CA GLY S 111 -59.11 40.64 96.46
C GLY S 111 -58.21 39.45 96.44
N GLU S 112 -57.38 39.28 97.45
CA GLU S 112 -56.50 38.14 97.56
C GLU S 112 -57.25 36.90 97.94
N LYS S 113 -57.22 35.91 97.41
CA LYS S 113 -57.93 34.70 97.68
C LYS S 113 -57.12 33.77 98.51
N LEU S 114 -57.55 33.48 99.73
CA LEU S 114 -56.85 32.61 100.61
C LEU S 114 -57.73 31.99 101.65
N THR S 115 -57.32 30.90 102.25
CA THR S 115 -58.05 30.12 103.21
C THR S 115 -57.78 30.57 104.63
N ASP S 116 -58.54 30.08 105.61
CA ASP S 116 -58.30 30.38 107.01
C ASP S 116 -56.97 29.84 107.51
N GLU S 117 -56.53 28.67 107.01
CA GLU S 117 -55.26 28.08 107.37
C GLU S 117 -54.08 28.86 106.82
N GLU S 118 -54.25 29.50 105.65
CA GLU S 118 -53.27 30.37 105.04
C GLU S 118 -53.11 31.67 105.79
N VAL S 119 -54.21 32.23 106.34
CA VAL S 119 -54.17 33.42 107.16
C VAL S 119 -53.37 33.20 108.42
N ASP S 120 -53.57 32.06 109.11
CA ASP S 120 -52.77 31.68 110.25
C ASP S 120 -51.30 31.45 109.90
N GLU S 121 -51.01 30.92 108.70
CA GLU S 121 -49.66 30.73 108.20
C GLU S 121 -48.91 32.04 107.95
N MET S 122 -49.61 33.07 107.44
CA MET S 122 -49.05 34.39 107.19
C MET S 122 -48.66 35.13 108.44
N ILE S 123 -49.60 35.30 109.39
CA ILE S 123 -49.34 35.90 110.70
C ILE S 123 -48.15 35.29 111.43
N ARG S 124 -47.99 33.95 111.33
CA ARG S 124 -46.97 33.19 112.02
C ARG S 124 -45.56 33.49 111.56
N GLU S 125 -45.36 33.71 110.24
CA GLU S 125 -44.08 34.10 109.70
C GLU S 125 -43.70 35.53 110.05
N ALA S 126 -44.66 36.47 110.03
CA ALA S 126 -44.42 37.86 110.38
C ALA S 126 -44.13 38.11 111.85
N ASP S 127 -44.67 37.26 112.75
CA ASP S 127 -44.51 37.40 114.18
C ASP S 127 -43.12 36.93 114.63
N ILE S 128 -42.46 37.71 115.50
CA ILE S 128 -41.10 37.45 115.93
C ILE S 128 -41.06 37.17 117.41
N ASP S 129 -41.87 37.88 118.21
CA ASP S 129 -41.82 37.78 119.65
C ASP S 129 -42.66 36.66 120.22
N GLY S 130 -43.53 36.02 119.45
CA GLY S 130 -44.22 34.80 119.84
C GLY S 130 -45.59 35.00 120.42
N ASP S 131 -46.14 36.22 120.38
CA ASP S 131 -47.51 36.46 120.81
C ASP S 131 -48.57 36.18 119.75
N GLY S 132 -48.16 35.99 118.48
CA GLY S 132 -49.06 35.66 117.40
C GLY S 132 -49.78 36.83 116.81
N GLN S 133 -49.36 38.05 117.18
CA GLN S 133 -49.91 39.26 116.66
C GLN S 133 -48.77 40.18 116.28
N VAL S 134 -48.98 40.99 115.23
CA VAL S 134 -47.95 41.79 114.61
C VAL S 134 -48.00 43.22 115.13
N ASN S 135 -47.03 43.60 115.98
CA ASN S 135 -46.84 44.95 116.48
C ASN S 135 -46.05 45.77 115.47
N TYR S 136 -45.93 47.11 115.62
CA TYR S 136 -45.32 47.98 114.62
C TYR S 136 -43.86 47.60 114.31
N GLU S 137 -43.08 47.16 115.32
CA GLU S 137 -41.71 46.70 115.14
C GLU S 137 -41.61 45.50 114.21
N GLU S 138 -42.56 44.55 114.32
CA GLU S 138 -42.58 43.35 113.52
C GLU S 138 -43.13 43.62 112.12
N PHE S 139 -44.06 44.59 111.99
CA PHE S 139 -44.58 45.08 110.73
C PHE S 139 -43.54 45.75 109.84
N VAL S 140 -42.55 46.44 110.44
CA VAL S 140 -41.54 47.16 109.68
C VAL S 140 -40.42 46.24 109.25
N GLN S 141 -40.10 45.19 110.03
CA GLN S 141 -39.13 44.21 109.64
C GLN S 141 -39.62 43.31 108.51
N MET S 142 -40.94 43.12 108.38
CA MET S 142 -41.53 42.43 107.25
C MET S 142 -41.58 43.28 105.98
N MET S 143 -42.03 44.55 106.10
CA MET S 143 -42.03 45.55 105.06
C MET S 143 -40.69 45.81 104.40
N THR S 144 -39.65 46.00 105.23
CA THR S 144 -38.33 46.41 104.84
C THR S 144 -37.58 45.37 104.08
N ALA S 145 -37.49 44.17 104.62
CA ALA S 145 -36.77 43.09 104.06
C ALA S 145 -36.80 42.62 102.82
N GLN T 1 22.14 75.03 -100.09
CA GLN T 1 22.31 74.20 -99.51
C GLN T 1 22.06 72.84 -100.05
N LEU T 2 22.43 71.79 -99.45
CA LEU T 2 22.28 70.44 -99.87
C LEU T 2 21.12 69.76 -99.17
N THR T 3 20.48 68.78 -99.83
CA THR T 3 19.41 67.99 -99.22
C THR T 3 19.95 66.87 -98.36
N GLU T 4 19.11 66.24 -97.51
CA GLU T 4 19.51 65.12 -96.69
C GLU T 4 19.92 63.90 -97.50
N GLU T 5 19.20 63.56 -98.58
CA GLU T 5 19.59 62.49 -99.46
C GLU T 5 20.85 62.78 -100.27
N GLN T 6 21.18 64.06 -100.53
CA GLN T 6 22.44 64.42 -101.16
C GLN T 6 23.62 64.36 -100.20
N ILE T 7 23.41 64.63 -98.90
CA ILE T 7 24.46 64.51 -97.91
C ILE T 7 24.84 63.06 -97.67
N ALA T 8 23.86 62.14 -97.67
CA ALA T 8 24.09 60.72 -97.49
C ALA T 8 24.98 60.08 -98.54
N GLU T 9 24.83 60.45 -99.82
CA GLU T 9 25.65 59.93 -100.90
C GLU T 9 27.06 60.51 -100.91
N PHE T 10 27.22 61.78 -100.48
CA PHE T 10 28.54 62.40 -100.32
C PHE T 10 29.26 61.85 -99.09
N LYS T 11 28.52 61.37 -98.07
CA LYS T 11 29.10 60.77 -96.88
C LYS T 11 29.82 59.46 -97.17
N GLU T 12 29.28 58.64 -98.09
CA GLU T 12 29.97 57.42 -98.52
C GLU T 12 31.12 57.72 -99.47
N ALA T 13 31.03 58.82 -100.24
CA ALA T 13 32.09 59.29 -101.10
C ALA T 13 33.26 59.91 -100.35
N PHE T 14 33.01 60.43 -99.14
CA PHE T 14 34.03 60.98 -98.26
C PHE T 14 34.98 59.90 -97.73
N SER T 15 34.60 58.61 -97.78
CA SER T 15 35.53 57.54 -97.41
C SER T 15 36.61 57.30 -98.44
N LEU T 16 36.44 57.76 -99.68
CA LEU T 16 37.49 57.73 -100.69
C LEU T 16 38.44 58.88 -100.51
N PHE T 17 37.97 60.02 -99.94
CA PHE T 17 38.83 61.10 -99.50
C PHE T 17 39.60 60.74 -98.24
N ASP T 18 38.93 60.12 -97.25
CA ASP T 18 39.51 59.77 -95.98
C ASP T 18 39.73 58.28 -95.88
N LYS T 19 40.84 57.79 -96.37
CA LYS T 19 41.12 56.39 -96.45
C LYS T 19 41.68 55.84 -95.15
N ASP T 20 42.22 56.72 -94.30
CA ASP T 20 42.84 56.43 -93.03
C ASP T 20 41.80 56.22 -91.93
N GLY T 21 40.60 56.81 -92.08
CA GLY T 21 39.47 56.56 -91.24
C GLY T 21 39.40 57.37 -90.00
N ASP T 22 40.11 58.50 -89.92
CA ASP T 22 40.09 59.35 -88.76
C ASP T 22 38.97 60.38 -88.79
N GLY T 23 38.27 60.51 -89.92
CA GLY T 23 37.14 61.40 -90.08
C GLY T 23 37.50 62.77 -90.56
N THR T 24 38.77 63.00 -90.90
CA THR T 24 39.25 64.34 -91.21
C THR T 24 40.34 64.24 -92.24
N ILE T 25 40.44 65.25 -93.12
CA ILE T 25 41.38 65.24 -94.22
C ILE T 25 42.24 66.50 -94.21
N THR T 26 43.48 66.35 -94.66
CA THR T 26 44.46 67.40 -94.80
C THR T 26 44.68 67.73 -96.28
N THR T 27 45.60 68.63 -96.62
CA THR T 27 45.91 68.94 -98.01
C THR T 27 46.75 67.88 -98.67
N LYS T 28 47.38 67.00 -97.89
CA LYS T 28 48.06 65.82 -98.36
C LYS T 28 47.07 64.76 -98.77
N GLU T 29 45.84 64.81 -98.23
CA GLU T 29 44.82 63.82 -98.48
C GLU T 29 43.90 64.35 -99.55
N LEU T 30 43.37 65.57 -99.40
CA LEU T 30 42.53 66.17 -100.41
C LEU T 30 43.26 66.53 -101.70
N GLY T 31 44.59 66.72 -101.67
CA GLY T 31 45.38 66.86 -102.88
C GLY T 31 45.54 65.60 -103.66
N THR T 32 45.77 64.48 -102.96
CA THR T 32 46.04 63.21 -103.63
C THR T 32 44.82 62.61 -104.27
N VAL T 33 43.60 62.94 -103.80
CA VAL T 33 42.41 62.49 -104.48
C VAL T 33 42.12 63.28 -105.74
N MET T 34 42.28 64.61 -105.72
CA MET T 34 42.13 65.41 -106.92
C MET T 34 43.09 65.04 -108.05
N ARG T 35 44.38 64.84 -107.72
CA ARG T 35 45.40 64.47 -108.67
C ARG T 35 45.25 63.07 -109.22
N SER T 36 44.68 62.13 -108.44
CA SER T 36 44.42 60.77 -108.90
C SER T 36 43.24 60.70 -109.86
N LEU T 37 42.36 61.72 -109.84
CA LEU T 37 41.24 61.78 -110.75
C LEU T 37 41.42 62.94 -111.72
N GLY T 38 42.67 63.15 -112.16
CA GLY T 38 43.00 64.01 -113.28
C GLY T 38 43.05 65.48 -113.07
N GLN T 39 42.80 66.04 -111.93
CA GLN T 39 42.79 67.47 -111.69
C GLN T 39 43.97 67.89 -110.85
N ASN T 40 44.76 68.86 -111.28
CA ASN T 40 45.91 69.34 -110.54
C ASN T 40 45.68 70.75 -110.04
N PRO T 41 45.31 71.01 -108.82
CA PRO T 41 45.20 72.36 -108.29
C PRO T 41 46.55 72.82 -107.79
N THR T 42 46.72 74.09 -107.54
CA THR T 42 47.92 74.60 -106.91
C THR T 42 47.66 74.76 -105.44
N GLU T 43 48.66 74.50 -104.61
CA GLU T 43 48.56 74.53 -103.18
C GLU T 43 48.11 75.85 -102.61
N ALA T 44 48.27 76.88 -103.06
CA ALA T 44 47.87 78.17 -102.58
C ALA T 44 46.37 78.38 -102.69
N GLU T 45 45.77 78.02 -103.84
CA GLU T 45 44.35 78.09 -104.06
C GLU T 45 43.53 77.13 -103.21
N LEU T 46 43.99 75.88 -102.99
CA LEU T 46 43.25 74.98 -102.13
C LEU T 46 43.38 75.31 -100.66
N GLN T 47 44.44 76.02 -100.27
CA GLN T 47 44.62 76.60 -98.96
C GLN T 47 43.62 77.70 -98.66
N ASP T 48 43.30 78.52 -99.67
CA ASP T 48 42.41 79.65 -99.54
C ASP T 48 40.97 79.23 -99.27
N MET T 49 40.49 78.15 -99.89
CA MET T 49 39.15 77.67 -99.59
C MET T 49 39.10 76.79 -98.36
N ILE T 50 40.20 76.17 -97.93
CA ILE T 50 40.30 75.61 -96.59
C ILE T 50 40.19 76.67 -95.50
N ASN T 51 40.83 77.83 -95.71
CA ASN T 51 40.79 78.91 -94.74
C ASN T 51 39.43 79.63 -94.70
N GLU T 52 38.54 79.32 -95.65
CA GLU T 52 37.16 79.74 -95.62
C GLU T 52 36.35 78.88 -94.66
N VAL T 53 36.37 77.56 -94.89
CA VAL T 53 35.52 76.63 -94.16
C VAL T 53 36.02 76.23 -92.79
N ASP T 54 37.33 76.05 -92.61
CA ASP T 54 37.88 75.62 -91.34
C ASP T 54 37.86 76.68 -90.29
N ALA T 55 37.11 76.50 -89.32
CA ALA T 55 36.98 77.39 -88.22
C ALA T 55 37.74 76.92 -87.02
N ASP T 56 38.27 75.77 -87.09
CA ASP T 56 38.97 75.19 -86.00
C ASP T 56 40.32 75.70 -85.86
N GLY T 57 40.87 76.16 -86.93
CA GLY T 57 42.15 76.69 -86.96
C GLY T 57 43.21 75.77 -87.12
N ASN T 58 42.86 74.60 -87.43
CA ASN T 58 43.78 73.62 -87.59
C ASN T 58 44.06 73.13 -88.89
N GLY T 59 43.28 73.53 -89.84
CA GLY T 59 43.54 73.23 -91.15
C GLY T 59 43.11 71.89 -91.58
N THR T 60 42.32 71.23 -90.78
CA THR T 60 41.90 69.89 -91.04
C THR T 60 40.42 69.89 -91.33
N ILE T 61 40.04 69.35 -92.47
CA ILE T 61 38.68 69.38 -92.96
C ILE T 61 37.93 68.18 -92.47
N ASP T 62 36.96 68.38 -91.58
CA ASP T 62 36.00 67.40 -91.18
C ASP T 62 34.75 67.47 -92.04
N PHE T 63 33.83 66.50 -91.89
CA PHE T 63 32.71 66.32 -92.79
C PHE T 63 31.76 67.53 -92.92
N PRO T 64 31.19 68.19 -91.90
CA PRO T 64 30.39 69.39 -92.09
C PRO T 64 31.10 70.54 -92.80
N GLU T 65 32.44 70.63 -92.70
CA GLU T 65 33.24 71.62 -93.38
C GLU T 65 33.39 71.26 -94.85
N PHE T 66 33.58 69.97 -95.16
CA PHE T 66 33.59 69.44 -96.52
C PHE T 66 32.28 69.70 -97.29
N LEU T 67 31.13 69.70 -96.59
CA LEU T 67 29.85 70.02 -97.18
C LEU T 67 29.73 71.48 -97.60
N THR T 68 30.20 72.42 -96.76
CA THR T 68 30.16 73.84 -97.11
C THR T 68 31.34 74.25 -97.98
N MET T 69 32.29 73.33 -98.21
CA MET T 69 33.40 73.57 -99.11
C MET T 69 33.01 73.35 -100.55
N MET T 70 32.02 72.50 -100.83
CA MET T 70 31.56 72.30 -102.20
C MET T 70 30.21 72.91 -102.48
N ALA T 71 29.48 73.40 -101.47
CA ALA T 71 28.23 74.07 -101.66
C ALA T 71 28.32 75.49 -102.17
N ARG T 72 27.37 75.90 -103.02
CA ARG T 72 27.27 77.22 -103.58
C ARG T 72 25.96 77.33 -104.33
N LYS T 73 25.27 78.47 -104.32
CA LYS T 73 24.07 78.70 -105.08
C LYS T 73 24.30 78.81 -106.55
N MET T 74 23.87 77.90 -107.29
CA MET T 74 24.09 77.79 -108.68
C MET T 74 22.84 77.84 -109.42
N LYS T 75 22.82 78.11 -110.69
CA LYS T 75 21.67 78.15 -111.53
C LYS T 75 21.28 76.79 -112.04
N ASP T 76 20.07 76.66 -112.57
CA ASP T 76 19.48 75.40 -112.96
C ASP T 76 20.24 74.59 -113.97
N THR T 77 20.82 75.20 -115.00
CA THR T 77 21.47 74.40 -116.03
C THR T 77 22.90 74.15 -115.71
N ASP T 78 23.50 74.97 -114.85
CA ASP T 78 24.79 74.72 -114.25
C ASP T 78 24.90 73.38 -113.55
N SER T 79 23.85 72.96 -112.87
CA SER T 79 23.72 71.69 -112.19
C SER T 79 23.82 70.50 -113.13
N GLU T 80 23.06 70.51 -114.22
CA GLU T 80 23.05 69.47 -115.23
C GLU T 80 24.37 69.34 -115.96
N GLU T 81 25.10 70.46 -116.12
CA GLU T 81 26.40 70.47 -116.74
C GLU T 81 27.47 69.85 -115.86
N GLU T 82 27.27 69.77 -114.54
CA GLU T 82 28.20 69.14 -113.63
C GLU T 82 28.06 67.63 -113.70
N ILE T 83 26.83 67.12 -113.86
CA ILE T 83 26.55 65.70 -114.02
C ILE T 83 27.09 65.17 -115.35
N ARG T 84 26.96 65.97 -116.42
CA ARG T 84 27.54 65.66 -117.72
C ARG T 84 29.06 65.68 -117.72
N GLU T 85 29.69 66.61 -116.97
CA GLU T 85 31.14 66.66 -116.86
C GLU T 85 31.74 65.48 -116.10
N ALA T 86 30.97 64.89 -115.16
CA ALA T 86 31.29 63.68 -114.44
C ALA T 86 31.31 62.46 -115.35
N PHE T 87 30.26 62.28 -116.17
CA PHE T 87 30.17 61.29 -117.23
C PHE T 87 31.39 61.30 -118.16
N ARG T 88 31.91 62.49 -118.48
CA ARG T 88 33.04 62.67 -119.36
C ARG T 88 34.36 62.31 -118.69
N VAL T 89 34.45 62.30 -117.34
CA VAL T 89 35.61 61.73 -116.65
C VAL T 89 35.63 60.21 -116.72
N PHE T 90 34.46 59.54 -116.72
CA PHE T 90 34.41 58.09 -116.91
C PHE T 90 34.68 57.67 -118.35
N ASP T 91 34.23 58.46 -119.33
CA ASP T 91 34.37 58.12 -120.73
C ASP T 91 35.75 58.55 -121.24
N LYS T 92 36.61 57.60 -121.57
CA LYS T 92 38.00 57.82 -121.89
C LYS T 92 38.20 58.04 -123.37
N ASP T 93 37.40 57.37 -124.20
CA ASP T 93 37.50 57.50 -125.64
C ASP T 93 36.52 58.51 -126.20
N GLY T 94 35.57 59.01 -125.40
CA GLY T 94 34.79 60.20 -125.73
C GLY T 94 33.67 59.91 -126.68
N ASN T 95 33.22 58.67 -126.76
CA ASN T 95 32.13 58.25 -127.60
C ASN T 95 30.75 58.40 -126.99
N GLY T 96 30.62 58.77 -125.72
CA GLY T 96 29.34 58.97 -125.07
C GLY T 96 28.81 57.71 -124.45
N TYR T 97 29.70 56.72 -124.25
CA TYR T 97 29.37 55.46 -123.64
C TYR T 97 30.51 55.08 -122.71
N ILE T 98 30.20 54.34 -121.65
CA ILE T 98 31.17 53.86 -120.68
C ILE T 98 31.21 52.34 -120.73
N SER T 99 32.37 51.78 -121.13
CA SER T 99 32.59 50.35 -121.23
C SER T 99 33.13 49.76 -119.95
N ALA T 100 33.32 48.43 -119.92
CA ALA T 100 33.93 47.72 -118.81
C ALA T 100 35.37 48.14 -118.56
N ALA T 101 36.16 48.36 -119.62
CA ALA T 101 37.53 48.83 -119.52
C ALA T 101 37.63 50.25 -118.98
N GLU T 102 36.66 51.12 -119.34
CA GLU T 102 36.61 52.50 -118.91
C GLU T 102 36.18 52.62 -117.46
N LEU T 103 35.24 51.76 -117.01
CA LEU T 103 34.82 51.70 -115.62
C LEU T 103 35.91 51.14 -114.72
N ARG T 104 36.69 50.15 -115.20
CA ARG T 104 37.81 49.58 -114.49
C ARG T 104 38.93 50.58 -114.24
N HIS T 105 39.13 51.54 -115.16
CA HIS T 105 40.16 52.55 -115.01
C HIS T 105 39.83 53.57 -113.94
N VAL T 106 38.54 53.94 -113.76
CA VAL T 106 38.16 54.83 -112.67
C VAL T 106 38.22 54.15 -111.31
N MET T 107 37.83 52.85 -111.22
CA MET T 107 37.92 52.06 -110.02
C MET T 107 39.34 51.94 -109.50
N THR T 108 40.28 51.51 -110.35
CA THR T 108 41.69 51.36 -109.98
C THR T 108 42.38 52.67 -109.63
N ASN T 109 41.98 53.81 -110.24
CA ASN T 109 42.54 55.12 -109.90
C ASN T 109 42.01 55.65 -108.57
N LEU T 110 40.82 55.22 -108.13
CA LEU T 110 40.28 55.61 -106.84
C LEU T 110 40.65 54.62 -105.76
N GLY T 111 41.19 53.45 -106.13
CA GLY T 111 41.74 52.50 -105.18
C GLY T 111 40.82 51.38 -104.80
N GLU T 112 39.75 51.17 -105.55
CA GLU T 112 38.81 50.10 -105.31
C GLU T 112 39.38 48.77 -105.71
N LYS T 113 39.44 47.85 -105.07
CA LYS T 113 40.00 46.57 -105.37
C LYS T 113 38.96 45.62 -105.85
N LEU T 114 39.05 45.18 -107.09
CA LEU T 114 38.11 44.28 -107.67
C LEU T 114 38.67 43.49 -108.81
N THR T 115 38.07 42.37 -109.16
CA THR T 115 38.50 41.44 -110.18
C THR T 115 37.90 41.77 -111.52
N ASP T 116 38.36 41.13 -112.60
CA ASP T 116 37.79 41.30 -113.92
C ASP T 116 36.35 40.81 -114.01
N GLU T 117 36.00 39.74 -113.29
CA GLU T 117 34.65 39.22 -113.24
C GLU T 117 33.68 40.15 -112.53
N GLU T 118 34.17 40.88 -111.52
CA GLU T 118 33.42 41.88 -110.79
C GLU T 118 33.15 43.11 -111.64
N VAL T 119 34.10 43.51 -112.49
CA VAL T 119 33.92 44.62 -113.41
C VAL T 119 32.81 44.34 -114.42
N ASP T 120 32.78 43.11 -114.98
CA ASP T 120 31.70 42.69 -115.85
C ASP T 120 30.35 42.61 -115.11
N GLU T 121 30.35 42.22 -113.82
CA GLU T 121 29.16 42.20 -112.99
C GLU T 121 28.56 43.58 -112.73
N MET T 122 29.42 44.60 -112.52
CA MET T 122 29.00 45.97 -112.30
C MET T 122 28.35 46.61 -113.50
N ILE T 123 29.02 46.61 -114.67
CA ILE T 123 28.47 47.09 -115.93
C ILE T 123 27.10 46.50 -116.27
N ARG T 124 26.91 45.20 -115.99
CA ARG T 124 25.72 44.44 -116.30
C ARG T 124 24.49 44.91 -115.54
N GLU T 125 24.64 45.27 -114.26
CA GLU T 125 23.56 45.81 -113.47
C GLU T 125 23.16 47.22 -113.89
N ALA T 126 24.15 48.09 -114.20
CA ALA T 126 23.90 49.44 -114.65
C ALA T 126 23.26 49.56 -116.03
N ASP T 127 23.51 48.59 -116.92
CA ASP T 127 23.01 48.59 -118.27
C ASP T 127 21.53 48.19 -118.32
N ILE T 128 20.71 48.92 -119.09
CA ILE T 128 19.27 48.73 -119.13
C ILE T 128 18.86 48.30 -120.51
N ASP T 129 19.47 48.87 -121.57
CA ASP T 129 19.05 48.62 -122.92
C ASP T 129 19.67 47.38 -123.55
N GLY T 130 20.65 46.76 -122.94
CA GLY T 130 21.17 45.46 -123.34
C GLY T 130 22.36 45.50 -124.26
N ASP T 131 22.97 46.67 -124.50
CA ASP T 131 24.19 46.75 -125.28
C ASP T 131 25.45 46.50 -124.49
N GLY T 132 25.38 46.48 -123.14
CA GLY T 132 26.51 46.18 -122.29
C GLY T 132 27.41 47.35 -122.03
N GLN T 133 26.97 48.55 -122.43
CA GLN T 133 27.69 49.77 -122.20
C GLN T 133 26.73 50.81 -121.67
N VAL T 134 27.23 51.70 -120.81
CA VAL T 134 26.43 52.64 -120.06
C VAL T 134 26.43 54.00 -120.74
N ASN T 135 25.29 54.37 -121.36
CA ASN T 135 25.06 55.66 -121.95
C ASN T 135 24.58 56.65 -120.89
N TYR T 136 24.51 57.96 -121.15
CA TYR T 136 24.19 58.98 -120.15
C TYR T 136 22.85 58.74 -119.46
N GLU T 137 21.81 58.26 -120.18
CA GLU T 137 20.52 57.94 -119.62
C GLU T 137 20.60 56.85 -118.56
N GLU T 138 21.44 55.82 -118.78
CA GLU T 138 21.60 54.71 -117.87
C GLU T 138 22.49 55.08 -116.69
N PHE T 139 23.48 55.97 -116.92
CA PHE T 139 24.32 56.56 -115.88
C PHE T 139 23.57 57.39 -114.85
N VAL T 140 22.50 58.10 -115.27
CA VAL T 140 21.75 58.97 -114.37
C VAL T 140 20.72 58.19 -113.58
N GLN T 141 20.17 57.09 -114.13
CA GLN T 141 19.28 56.23 -113.39
C GLN T 141 20.00 55.41 -112.32
N MET T 142 21.31 55.14 -112.49
CA MET T 142 22.12 54.53 -111.47
C MET T 142 22.54 55.49 -110.37
N MET T 143 22.99 56.70 -110.74
CA MET T 143 23.31 57.80 -109.85
C MET T 143 22.19 58.23 -108.92
N THR T 144 20.99 58.40 -109.49
CA THR T 144 19.84 58.97 -108.84
C THR T 144 19.24 58.07 -107.81
N ALA T 145 18.97 56.82 -108.16
CA ALA T 145 18.35 55.88 -107.32
C ALA T 145 18.67 55.53 -106.08
#